data_9B41
#
_entry.id   9B41
#
loop_
_entity.id
_entity.type
_entity.pdbx_description
1 polymer 'gp19 Portal'
2 polymer 'gp28 Head-to-tail protein'
#
loop_
_entity_poly.entity_id
_entity_poly.type
_entity_poly.pdbx_seq_one_letter_code
_entity_poly.pdbx_strand_id
1 'polypeptide(L)'
;MFKLSWIFGRKKDNAACSESAPEKVAQIPQHDPLDPMIKLGRIRGWNVEPEKAPVIRSVKDFLEPGLSVAMDSAYGDGPT
PAAKAAAGGQNPYVVPTMLQDWYNSQGFIGYQACAIISQHWLVDKACSMSGEDAARNGWELKSDGRKLSDEQSALIARRD
MEFRVKDNLVELNRFKNVFGVRIALFVVESDDPDYYEKPFNPDGITPGSYKGISQIDPYWAMPQLTAGSTADPSSEHFYE
PDFWIISGKKYHRSHLVVVRGPQPPDILKPTYIFGGIPLTQRIYERVYAAERTANEAPLLAMSKRTSTIHVDVEKAIANE
DAFNARLAFWIANRDNHGVKVLGTDESMEQFDTNLADFDSIIMNQYQLVAAIAKTPATKLLGTSPKGFNATGEHETISYH
EELESIQEHIFDPLLERHYLLLAKSEEIDVQLEIVWNPVDSTSSQQQAELNNKKAATDEIYINSGVVSPDEVRERLRDDP
RSGYNRLTDDQAETEPGMSPENLAEFEKAGAQSAKAKGEAERAEAQAGAVEGAGDPVPAAPRGTKPLAKAAEEGASEAAE
PPSRPDPKAELRNLLVDLLSKLQDLDDIKAPDGVDIEHNDAPGVKRTSKPGVSGMEPSVFSSNRIVGPRDHSELQRIKVN
GITTLIENPRGSIRQGKDGSWRVQMKHHYGFIKGTKGADGDEVDCFVGPNLGSKRVFVVNQVNKEGQFDEHKCMLGFNNI
NDAKSGYLSCFRPGWDGLGSIHEVDLPAFRRWLANGDTTKPFGGE
;
L,A,B,C,D,E,F,G,H,I,J,K
2 'polypeptide(L)'
;MVIFDEHKFRTLFPEFADPAAYPDVRLQMYFDIACEFISDRDSPYRILNGKALEACLYLLTAHLLSLSTMQVQGAAGGGV
TAGGTQGGFITSATVGEVSVAKLAPPAKNGWQWWLSGTPYGQELWALLSVKAVGGFYIGGLPERRGFRKVGGTFW
;
M,N,O,P,Q,R,S,T,U,V,W,X
#
# COMPACT_ATOMS: atom_id res chain seq x y z
N VAL A 94 2.64 -39.04 -30.82
CA VAL A 94 1.25 -39.50 -30.73
C VAL A 94 0.58 -38.84 -29.53
N VAL A 95 -0.74 -38.67 -29.60
CA VAL A 95 -1.48 -38.16 -28.45
C VAL A 95 -1.45 -39.19 -27.33
N PRO A 96 -1.23 -38.80 -26.08
CA PRO A 96 -1.25 -39.78 -24.99
C PRO A 96 -2.66 -40.28 -24.72
N THR A 97 -2.73 -41.43 -24.04
CA THR A 97 -4.02 -42.04 -23.74
C THR A 97 -4.85 -41.16 -22.81
N MET A 98 -4.21 -40.52 -21.82
CA MET A 98 -4.96 -39.73 -20.84
C MET A 98 -5.52 -38.46 -21.46
N LEU A 99 -4.70 -37.73 -22.22
CA LEU A 99 -5.23 -36.57 -22.93
C LEU A 99 -6.27 -36.97 -23.96
N GLN A 100 -6.05 -38.11 -24.62
CA GLN A 100 -6.95 -38.55 -25.68
C GLN A 100 -8.33 -38.87 -25.13
N ASP A 101 -8.41 -39.63 -24.04
CA ASP A 101 -9.72 -39.94 -23.49
C ASP A 101 -10.24 -38.86 -22.56
N TRP A 102 -9.44 -37.83 -22.24
CA TRP A 102 -10.01 -36.63 -21.66
C TRP A 102 -10.72 -35.80 -22.71
N TYR A 103 -10.16 -35.74 -23.93
CA TYR A 103 -10.80 -34.99 -25.00
C TYR A 103 -11.98 -35.75 -25.60
N ASN A 104 -11.88 -37.08 -25.69
CA ASN A 104 -12.94 -37.89 -26.26
C ASN A 104 -14.19 -37.90 -25.38
N SER A 105 -14.04 -37.61 -24.09
CA SER A 105 -15.18 -37.65 -23.18
C SER A 105 -16.18 -36.53 -23.44
N GLN A 106 -15.76 -35.45 -24.11
CA GLN A 106 -16.70 -34.37 -24.48
C GLN A 106 -17.55 -34.81 -25.67
N GLY A 107 -18.39 -35.81 -25.42
CA GLY A 107 -19.29 -36.33 -26.43
C GLY A 107 -20.60 -35.57 -26.47
N PHE A 108 -21.50 -36.05 -27.33
CA PHE A 108 -22.81 -35.43 -27.48
C PHE A 108 -23.71 -35.91 -26.37
N ILE A 109 -24.16 -34.99 -25.51
CA ILE A 109 -24.93 -35.36 -24.33
C ILE A 109 -26.30 -35.89 -24.72
N GLY A 110 -26.94 -35.29 -25.73
CA GLY A 110 -28.26 -35.73 -26.14
C GLY A 110 -29.29 -34.63 -26.08
N TYR A 111 -30.34 -34.73 -26.90
CA TYR A 111 -31.35 -33.68 -26.96
C TYR A 111 -32.15 -33.60 -25.67
N GLN A 112 -32.46 -34.74 -25.07
CA GLN A 112 -33.16 -34.75 -23.78
C GLN A 112 -32.34 -34.06 -22.70
N ALA A 113 -31.04 -34.36 -22.66
CA ALA A 113 -30.15 -33.72 -21.70
C ALA A 113 -30.05 -32.22 -21.95
N CYS A 114 -29.96 -31.82 -23.22
CA CYS A 114 -29.92 -30.40 -23.54
C CYS A 114 -31.18 -29.67 -23.09
N ALA A 115 -32.35 -30.27 -23.36
CA ALA A 115 -33.60 -29.65 -22.95
C ALA A 115 -33.72 -29.57 -21.44
N ILE A 116 -33.28 -30.62 -20.72
CA ILE A 116 -33.36 -30.61 -19.27
C ILE A 116 -32.43 -29.55 -18.68
N ILE A 117 -31.21 -29.46 -19.20
CA ILE A 117 -30.24 -28.49 -18.69
C ILE A 117 -30.65 -27.06 -19.03
N SER A 118 -31.37 -26.87 -20.15
CA SER A 118 -31.73 -25.53 -20.60
C SER A 118 -32.63 -24.78 -19.61
N GLN A 119 -33.23 -25.49 -18.65
CA GLN A 119 -34.05 -24.82 -17.64
C GLN A 119 -33.23 -23.87 -16.75
N HIS A 120 -31.93 -24.12 -16.63
CA HIS A 120 -31.08 -23.28 -15.78
C HIS A 120 -30.98 -21.86 -16.33
N TRP A 121 -30.77 -20.91 -15.43
CA TRP A 121 -30.80 -19.51 -15.80
C TRP A 121 -29.56 -19.09 -16.60
N LEU A 122 -28.39 -19.61 -16.25
CA LEU A 122 -27.16 -19.20 -16.94
C LEU A 122 -27.17 -19.66 -18.39
N VAL A 123 -27.49 -20.92 -18.63
CA VAL A 123 -27.50 -21.44 -19.99
C VAL A 123 -28.61 -20.80 -20.80
N ASP A 124 -29.77 -20.55 -20.17
CA ASP A 124 -30.87 -19.88 -20.88
C ASP A 124 -30.47 -18.47 -21.29
N LYS A 125 -29.83 -17.73 -20.38
CA LYS A 125 -29.40 -16.37 -20.69
C LYS A 125 -28.33 -16.36 -21.77
N ALA A 126 -27.40 -17.32 -21.70
CA ALA A 126 -26.33 -17.41 -22.71
C ALA A 126 -26.89 -17.72 -24.09
N CYS A 127 -27.86 -18.64 -24.16
CA CYS A 127 -28.49 -18.92 -25.45
C CYS A 127 -29.47 -17.85 -25.88
N SER A 128 -29.94 -17.01 -24.96
CA SER A 128 -30.98 -16.03 -25.27
C SER A 128 -30.39 -14.70 -25.75
N MET A 129 -29.58 -14.05 -24.95
CA MET A 129 -29.14 -12.69 -25.29
C MET A 129 -27.89 -12.68 -26.20
N SER A 130 -27.94 -13.49 -27.25
CA SER A 130 -26.91 -13.47 -28.27
C SER A 130 -27.43 -13.02 -29.62
N GLY A 131 -28.49 -13.64 -30.13
CA GLY A 131 -29.10 -13.21 -31.37
C GLY A 131 -30.28 -12.30 -31.14
N GLU A 132 -30.77 -12.25 -29.90
CA GLU A 132 -31.86 -11.35 -29.56
C GLU A 132 -31.44 -9.89 -29.70
N ASP A 133 -30.21 -9.58 -29.28
CA ASP A 133 -29.69 -8.23 -29.45
C ASP A 133 -29.50 -7.89 -30.93
N ALA A 134 -29.09 -8.88 -31.74
CA ALA A 134 -28.98 -8.67 -33.17
C ALA A 134 -30.33 -8.40 -33.80
N ALA A 135 -31.37 -9.09 -33.33
CA ALA A 135 -32.71 -8.94 -33.85
C ALA A 135 -33.41 -7.70 -33.32
N ARG A 136 -32.89 -7.08 -32.26
CA ARG A 136 -33.56 -5.95 -31.64
C ARG A 136 -33.75 -4.78 -32.59
N ASN A 137 -32.66 -4.35 -33.25
CA ASN A 137 -32.72 -3.14 -34.06
C ASN A 137 -33.51 -3.32 -35.35
N GLY A 138 -33.83 -4.55 -35.73
CA GLY A 138 -34.67 -4.78 -36.89
C GLY A 138 -33.91 -4.63 -38.20
N TRP A 139 -34.68 -4.56 -39.28
CA TRP A 139 -34.13 -4.47 -40.62
C TRP A 139 -34.98 -3.50 -41.44
N GLU A 140 -34.47 -3.15 -42.62
CA GLU A 140 -35.19 -2.33 -43.57
C GLU A 140 -35.17 -2.99 -44.93
N LEU A 141 -36.15 -2.62 -45.76
CA LEU A 141 -36.36 -3.25 -47.05
C LEU A 141 -36.04 -2.23 -48.13
N LYS A 142 -35.21 -2.62 -49.11
CA LYS A 142 -34.83 -1.65 -50.13
C LYS A 142 -35.33 -2.01 -51.51
N SER A 143 -35.17 -3.26 -51.94
CA SER A 143 -35.54 -3.75 -53.27
C SER A 143 -34.75 -3.04 -54.36
N ASP A 144 -35.02 -3.39 -55.62
CA ASP A 144 -34.35 -2.71 -56.73
C ASP A 144 -34.73 -1.25 -56.80
N GLY A 145 -36.00 -0.94 -56.55
CA GLY A 145 -36.45 0.44 -56.58
C GLY A 145 -36.01 1.22 -55.36
N ARG A 146 -36.20 2.54 -55.42
CA ARG A 146 -35.86 3.42 -54.30
C ARG A 146 -36.71 3.12 -53.08
N LYS A 147 -38.02 3.33 -53.20
CA LYS A 147 -38.95 3.15 -52.09
C LYS A 147 -40.09 2.26 -52.56
N LEU A 148 -40.43 1.26 -51.73
CA LEU A 148 -41.59 0.44 -52.00
C LEU A 148 -42.85 1.28 -51.89
N SER A 149 -43.85 0.97 -52.72
CA SER A 149 -45.12 1.67 -52.67
C SER A 149 -45.78 1.47 -51.31
N ASP A 150 -46.49 2.50 -50.84
CA ASP A 150 -46.95 2.52 -49.45
C ASP A 150 -47.95 1.40 -49.17
N GLU A 151 -48.81 1.08 -50.14
CA GLU A 151 -49.72 -0.05 -49.95
C GLU A 151 -48.96 -1.36 -49.81
N GLN A 152 -47.91 -1.54 -50.62
CA GLN A 152 -47.08 -2.73 -50.51
C GLN A 152 -46.36 -2.80 -49.17
N SER A 153 -45.87 -1.65 -48.69
CA SER A 153 -45.19 -1.61 -47.40
C SER A 153 -46.16 -1.92 -46.26
N ALA A 154 -47.38 -1.40 -46.32
CA ALA A 154 -48.39 -1.70 -45.30
C ALA A 154 -48.76 -3.17 -45.34
N LEU A 155 -48.91 -3.75 -46.54
CA LEU A 155 -49.19 -5.17 -46.66
C LEU A 155 -48.06 -6.01 -46.08
N ILE A 156 -46.81 -5.62 -46.36
CA ILE A 156 -45.66 -6.34 -45.83
C ILE A 156 -45.64 -6.26 -44.31
N ALA A 157 -45.92 -5.08 -43.75
CA ALA A 157 -45.97 -4.94 -42.29
C ALA A 157 -47.07 -5.81 -41.68
N ARG A 158 -48.25 -5.82 -42.30
CA ARG A 158 -49.35 -6.65 -41.80
C ARG A 158 -48.99 -8.13 -41.83
N ARG A 159 -48.41 -8.59 -42.94
CA ARG A 159 -48.04 -9.99 -43.06
C ARG A 159 -46.93 -10.37 -42.08
N ASP A 160 -45.95 -9.49 -41.91
CA ASP A 160 -44.88 -9.75 -40.95
C ASP A 160 -45.42 -9.82 -39.52
N MET A 161 -46.37 -8.94 -39.18
CA MET A 161 -46.94 -8.99 -37.85
C MET A 161 -47.81 -10.22 -37.65
N GLU A 162 -48.54 -10.64 -38.67
CA GLU A 162 -49.33 -11.86 -38.56
C GLU A 162 -48.45 -13.10 -38.50
N PHE A 163 -47.25 -13.04 -39.08
CA PHE A 163 -46.34 -14.17 -39.05
C PHE A 163 -45.38 -14.13 -37.86
N ARG A 164 -45.36 -13.03 -37.11
CA ARG A 164 -44.48 -12.83 -35.96
C ARG A 164 -43.02 -13.22 -36.27
N VAL A 165 -42.48 -12.56 -37.29
CA VAL A 165 -41.16 -12.93 -37.82
C VAL A 165 -40.07 -12.71 -36.79
N LYS A 166 -40.12 -11.58 -36.07
CA LYS A 166 -39.10 -11.25 -35.07
C LYS A 166 -39.04 -12.32 -33.99
N ASP A 167 -40.19 -12.70 -33.43
CA ASP A 167 -40.23 -13.71 -32.38
C ASP A 167 -39.75 -15.06 -32.90
N ASN A 168 -40.14 -15.43 -34.12
CA ASN A 168 -39.73 -16.71 -34.68
C ASN A 168 -38.22 -16.77 -34.87
N LEU A 169 -37.61 -15.70 -35.37
CA LEU A 169 -36.15 -15.74 -35.63
C LEU A 169 -35.39 -15.67 -34.30
N VAL A 170 -35.91 -14.92 -33.31
CA VAL A 170 -35.29 -14.91 -31.98
C VAL A 170 -35.31 -16.30 -31.38
N GLU A 171 -36.47 -16.97 -31.44
CA GLU A 171 -36.57 -18.34 -30.93
C GLU A 171 -35.69 -19.28 -31.73
N LEU A 172 -35.57 -19.05 -33.03
CA LEU A 172 -34.69 -19.85 -33.89
C LEU A 172 -33.26 -19.79 -33.39
N ASN A 173 -32.72 -18.59 -33.20
CA ASN A 173 -31.35 -18.46 -32.69
C ASN A 173 -31.22 -19.06 -31.30
N ARG A 174 -32.21 -18.80 -30.43
CA ARG A 174 -32.14 -19.26 -29.05
C ARG A 174 -32.06 -20.78 -28.97
N PHE A 175 -32.98 -21.47 -29.63
CA PHE A 175 -32.96 -22.92 -29.56
C PHE A 175 -31.91 -23.54 -30.46
N LYS A 176 -31.40 -22.81 -31.47
CA LYS A 176 -30.21 -23.25 -32.18
C LYS A 176 -29.01 -23.28 -31.25
N ASN A 177 -28.92 -22.31 -30.34
CA ASN A 177 -27.87 -22.35 -29.33
C ASN A 177 -28.14 -23.44 -28.30
N VAL A 178 -29.41 -23.64 -27.94
CA VAL A 178 -29.75 -24.64 -26.93
C VAL A 178 -29.40 -26.04 -27.41
N PHE A 179 -30.02 -26.47 -28.51
CA PHE A 179 -29.71 -27.76 -29.12
C PHE A 179 -28.52 -27.60 -30.06
N GLY A 180 -28.26 -28.61 -30.87
CA GLY A 180 -27.21 -28.49 -31.87
C GLY A 180 -27.67 -27.91 -33.19
N VAL A 181 -28.97 -27.99 -33.48
CA VAL A 181 -29.49 -27.64 -34.79
C VAL A 181 -30.95 -27.27 -34.64
N ARG A 182 -31.41 -26.33 -35.46
CA ARG A 182 -32.83 -25.99 -35.53
C ARG A 182 -33.29 -26.07 -36.98
N ILE A 183 -34.54 -26.47 -37.16
CA ILE A 183 -35.15 -26.62 -38.47
C ILE A 183 -36.35 -25.69 -38.54
N ALA A 184 -36.36 -24.83 -39.55
CA ALA A 184 -37.48 -23.92 -39.80
C ALA A 184 -38.15 -24.33 -41.10
N LEU A 185 -39.44 -24.64 -41.03
CA LEU A 185 -40.20 -25.11 -42.16
C LEU A 185 -41.25 -24.05 -42.51
N PHE A 186 -41.24 -23.60 -43.77
CA PHE A 186 -42.18 -22.60 -44.25
C PHE A 186 -43.42 -23.33 -44.75
N VAL A 187 -44.52 -23.20 -44.01
CA VAL A 187 -45.74 -23.93 -44.36
C VAL A 187 -46.41 -23.24 -45.54
N VAL A 188 -46.82 -24.03 -46.52
CA VAL A 188 -47.46 -23.52 -47.72
C VAL A 188 -48.35 -24.63 -48.28
N GLU A 189 -49.49 -24.26 -48.84
CA GLU A 189 -50.52 -25.21 -49.23
C GLU A 189 -50.46 -25.48 -50.73
N SER A 190 -50.61 -26.75 -51.10
CA SER A 190 -50.65 -27.15 -52.49
C SER A 190 -51.56 -28.36 -52.64
N ASP A 191 -52.04 -28.56 -53.88
CA ASP A 191 -52.98 -29.65 -54.13
C ASP A 191 -52.31 -31.01 -54.02
N ASP A 192 -51.05 -31.10 -54.41
CA ASP A 192 -50.34 -32.38 -54.45
C ASP A 192 -50.03 -32.83 -53.03
N PRO A 193 -50.51 -34.01 -52.59
CA PRO A 193 -50.17 -34.48 -51.24
C PRO A 193 -48.72 -34.92 -51.10
N ASP A 194 -48.00 -35.14 -52.21
CA ASP A 194 -46.56 -35.36 -52.19
C ASP A 194 -45.78 -34.09 -52.50
N TYR A 195 -46.31 -32.93 -52.09
CA TYR A 195 -45.67 -31.66 -52.41
C TYR A 195 -44.30 -31.54 -51.76
N TYR A 196 -44.18 -31.95 -50.49
CA TYR A 196 -42.91 -31.88 -49.78
C TYR A 196 -42.05 -33.11 -50.07
N GLU A 197 -41.91 -33.46 -51.33
CA GLU A 197 -41.07 -34.55 -51.79
C GLU A 197 -40.12 -34.12 -52.89
N LYS A 198 -40.57 -33.27 -53.79
CA LYS A 198 -39.75 -32.74 -54.86
C LYS A 198 -38.84 -31.63 -54.32
N PRO A 199 -37.72 -31.35 -54.99
CA PRO A 199 -36.92 -30.20 -54.58
C PRO A 199 -37.70 -28.90 -54.72
N PHE A 200 -37.45 -27.99 -53.79
CA PHE A 200 -38.18 -26.73 -53.74
C PHE A 200 -37.98 -25.93 -55.02
N ASN A 201 -39.08 -25.39 -55.54
CA ASN A 201 -39.07 -24.62 -56.78
C ASN A 201 -39.79 -23.30 -56.55
N PRO A 202 -39.18 -22.17 -56.92
CA PRO A 202 -39.84 -20.86 -56.74
C PRO A 202 -41.09 -20.71 -57.58
N ASP A 203 -41.29 -21.52 -58.62
CA ASP A 203 -42.47 -21.43 -59.46
C ASP A 203 -43.70 -22.12 -58.86
N GLY A 204 -43.50 -23.11 -58.00
CA GLY A 204 -44.59 -23.84 -57.41
C GLY A 204 -45.31 -23.10 -56.31
N ILE A 205 -46.08 -22.08 -56.68
CA ILE A 205 -46.60 -21.12 -55.72
C ILE A 205 -48.05 -21.36 -55.37
N THR A 206 -48.95 -21.34 -56.38
CA THR A 206 -50.40 -21.23 -56.18
C THR A 206 -50.70 -20.02 -55.30
N PRO A 207 -50.71 -18.81 -55.89
CA PRO A 207 -50.66 -17.57 -55.10
C PRO A 207 -51.67 -17.47 -53.98
N GLY A 208 -51.29 -16.74 -52.93
CA GLY A 208 -52.06 -16.67 -51.70
C GLY A 208 -52.02 -17.93 -50.88
N SER A 209 -50.87 -18.59 -50.81
CA SER A 209 -50.74 -19.86 -50.11
C SER A 209 -49.74 -19.84 -48.97
N TYR A 210 -48.96 -18.78 -48.81
CA TYR A 210 -47.94 -18.70 -47.76
C TYR A 210 -48.65 -18.41 -46.44
N LYS A 211 -48.77 -19.44 -45.60
CA LYS A 211 -49.53 -19.32 -44.36
C LYS A 211 -48.68 -18.97 -43.15
N GLY A 212 -47.38 -19.17 -43.21
CA GLY A 212 -46.50 -18.83 -42.11
C GLY A 212 -45.34 -19.80 -42.03
N ILE A 213 -44.66 -19.78 -40.88
CA ILE A 213 -43.50 -20.62 -40.64
C ILE A 213 -43.68 -21.34 -39.32
N SER A 214 -42.99 -22.47 -39.19
CA SER A 214 -42.95 -23.24 -37.96
C SER A 214 -41.51 -23.66 -37.70
N GLN A 215 -41.21 -23.94 -36.43
CA GLN A 215 -39.89 -24.39 -36.03
C GLN A 215 -40.01 -25.74 -35.35
N ILE A 216 -39.27 -26.73 -35.84
CA ILE A 216 -39.36 -28.11 -35.39
C ILE A 216 -38.13 -28.41 -34.53
N ASP A 217 -38.37 -28.91 -33.33
CA ASP A 217 -37.28 -29.29 -32.44
C ASP A 217 -36.58 -30.54 -32.99
N PRO A 218 -35.29 -30.71 -32.68
CA PRO A 218 -34.54 -31.83 -33.26
C PRO A 218 -35.08 -33.21 -32.92
N TYR A 219 -35.67 -33.42 -31.74
CA TYR A 219 -36.16 -34.75 -31.42
C TYR A 219 -37.45 -35.08 -32.17
N TRP A 220 -38.15 -34.07 -32.70
CA TRP A 220 -39.32 -34.31 -33.52
C TRP A 220 -38.97 -34.57 -34.98
N ALA A 221 -37.70 -34.52 -35.35
CA ALA A 221 -37.28 -34.71 -36.73
C ALA A 221 -36.35 -35.92 -36.83
N MET A 222 -36.08 -36.31 -38.06
CA MET A 222 -35.19 -37.44 -38.36
C MET A 222 -34.52 -37.23 -39.71
N PRO A 223 -33.24 -36.92 -39.75
CA PRO A 223 -32.56 -36.74 -41.04
C PRO A 223 -32.48 -38.04 -41.82
N GLN A 224 -32.54 -37.92 -43.14
CA GLN A 224 -32.46 -39.06 -44.04
C GLN A 224 -31.44 -38.76 -45.12
N LEU A 225 -30.47 -39.66 -45.29
CA LEU A 225 -29.38 -39.48 -46.23
C LEU A 225 -29.55 -40.43 -47.41
N THR A 226 -29.45 -39.88 -48.62
CA THR A 226 -29.49 -40.69 -49.81
C THR A 226 -28.10 -41.26 -50.14
N ALA A 227 -28.10 -42.31 -50.96
CA ALA A 227 -26.85 -42.91 -51.38
C ALA A 227 -25.98 -41.94 -52.17
N GLY A 228 -26.60 -41.06 -52.95
CA GLY A 228 -25.85 -40.02 -53.63
C GLY A 228 -25.29 -38.97 -52.70
N SER A 229 -25.92 -38.77 -51.55
CA SER A 229 -25.43 -37.84 -50.54
C SER A 229 -24.53 -38.50 -49.50
N THR A 230 -24.27 -39.79 -49.64
CA THR A 230 -23.38 -40.49 -48.73
C THR A 230 -22.20 -41.19 -49.39
N ALA A 231 -22.28 -41.53 -50.68
CA ALA A 231 -21.24 -42.36 -51.29
C ALA A 231 -20.01 -41.54 -51.68
N ASP A 232 -20.19 -40.30 -52.10
CA ASP A 232 -19.12 -39.52 -52.71
C ASP A 232 -18.63 -38.42 -51.78
N PRO A 233 -17.43 -38.55 -51.19
CA PRO A 233 -16.86 -37.42 -50.44
C PRO A 233 -16.67 -36.16 -51.28
N SER A 234 -16.41 -36.33 -52.58
CA SER A 234 -16.25 -35.20 -53.47
C SER A 234 -17.55 -34.44 -53.71
N SER A 235 -18.69 -35.04 -53.38
CA SER A 235 -19.97 -34.38 -53.60
C SER A 235 -20.10 -33.16 -52.68
N GLU A 236 -20.74 -32.12 -53.22
CA GLU A 236 -20.95 -30.89 -52.46
C GLU A 236 -21.93 -31.08 -51.32
N HIS A 237 -22.84 -32.05 -51.44
CA HIS A 237 -23.84 -32.32 -50.42
C HIS A 237 -23.48 -33.53 -49.56
N PHE A 238 -22.20 -33.89 -49.49
CA PHE A 238 -21.77 -35.02 -48.67
C PHE A 238 -22.05 -34.75 -47.20
N TYR A 239 -22.64 -35.76 -46.54
CA TYR A 239 -23.04 -35.68 -45.13
C TYR A 239 -23.94 -34.47 -44.88
N GLU A 240 -24.81 -34.20 -45.84
CA GLU A 240 -25.84 -33.16 -45.71
C GLU A 240 -27.19 -33.84 -45.91
N PRO A 241 -28.00 -34.00 -44.85
CA PRO A 241 -29.30 -34.66 -44.98
C PRO A 241 -30.19 -34.11 -46.08
N ASP A 242 -30.52 -34.96 -47.05
CA ASP A 242 -31.37 -34.55 -48.15
C ASP A 242 -32.84 -34.46 -47.75
N PHE A 243 -33.25 -35.24 -46.75
CA PHE A 243 -34.64 -35.25 -46.30
C PHE A 243 -34.67 -35.24 -44.78
N TRP A 244 -35.78 -34.75 -44.25
CA TRP A 244 -36.00 -34.70 -42.80
C TRP A 244 -37.41 -35.23 -42.51
N ILE A 245 -37.49 -36.41 -41.93
CA ILE A 245 -38.77 -36.98 -41.54
C ILE A 245 -39.20 -36.28 -40.25
N ILE A 246 -40.31 -35.53 -40.30
CA ILE A 246 -40.78 -34.80 -39.13
C ILE A 246 -41.97 -35.54 -38.52
N SER A 247 -43.05 -35.66 -39.29
CA SER A 247 -44.23 -36.44 -38.87
C SER A 247 -44.57 -37.37 -40.02
N GLY A 248 -43.93 -38.53 -40.05
CA GLY A 248 -44.15 -39.50 -41.11
C GLY A 248 -43.57 -39.09 -42.44
N LYS A 249 -44.07 -37.99 -42.99
CA LYS A 249 -43.62 -37.51 -44.29
C LYS A 249 -42.21 -36.93 -44.19
N LYS A 250 -41.50 -36.95 -45.32
CA LYS A 250 -40.10 -36.56 -45.39
C LYS A 250 -39.96 -35.25 -46.16
N TYR A 251 -39.70 -34.17 -45.44
CA TYR A 251 -39.53 -32.87 -46.09
C TYR A 251 -38.15 -32.78 -46.71
N HIS A 252 -38.09 -32.19 -47.90
CA HIS A 252 -36.82 -32.07 -48.60
C HIS A 252 -35.95 -30.99 -47.96
N ARG A 253 -34.64 -31.10 -48.17
CA ARG A 253 -33.70 -30.15 -47.60
C ARG A 253 -33.94 -28.73 -48.11
N SER A 254 -34.20 -28.59 -49.41
CA SER A 254 -34.36 -27.25 -49.99
C SER A 254 -35.64 -26.58 -49.52
N HIS A 255 -36.65 -27.35 -49.14
CA HIS A 255 -37.92 -26.77 -48.72
C HIS A 255 -37.79 -25.99 -47.43
N LEU A 256 -36.94 -26.47 -46.51
CA LEU A 256 -36.81 -25.91 -45.18
C LEU A 256 -35.44 -25.28 -44.98
N VAL A 257 -35.35 -24.40 -44.00
CA VAL A 257 -34.12 -23.68 -43.67
C VAL A 257 -33.55 -24.27 -42.38
N VAL A 258 -32.30 -24.71 -42.45
CA VAL A 258 -31.64 -25.36 -41.33
C VAL A 258 -30.51 -24.47 -40.83
N VAL A 259 -30.53 -24.16 -39.54
CA VAL A 259 -29.44 -23.45 -38.87
C VAL A 259 -28.83 -24.40 -37.87
N ARG A 260 -27.51 -24.57 -37.96
CA ARG A 260 -26.79 -25.54 -37.15
C ARG A 260 -25.65 -24.86 -36.42
N GLY A 261 -25.04 -25.60 -35.49
CA GLY A 261 -24.00 -25.09 -34.64
C GLY A 261 -22.65 -25.00 -35.35
N PRO A 262 -21.57 -25.26 -34.60
CA PRO A 262 -20.23 -25.09 -35.15
C PRO A 262 -19.80 -26.12 -36.20
N GLN A 263 -20.71 -27.01 -36.62
CA GLN A 263 -20.46 -27.96 -37.71
C GLN A 263 -19.27 -28.88 -37.43
N PRO A 264 -19.45 -29.91 -36.60
CA PRO A 264 -18.35 -30.82 -36.26
C PRO A 264 -17.77 -31.50 -37.49
N PRO A 265 -16.56 -32.06 -37.38
CA PRO A 265 -15.95 -32.73 -38.54
C PRO A 265 -16.75 -33.93 -39.01
N ASP A 266 -16.34 -34.46 -40.18
CA ASP A 266 -17.16 -35.42 -40.90
C ASP A 266 -17.24 -36.76 -40.19
N ILE A 267 -16.14 -37.26 -39.63
CA ILE A 267 -16.12 -38.61 -39.07
C ILE A 267 -17.07 -38.74 -37.89
N LEU A 268 -17.30 -37.64 -37.16
CA LEU A 268 -18.24 -37.66 -36.05
C LEU A 268 -19.40 -36.70 -36.27
N LYS A 269 -19.65 -36.28 -37.51
CA LYS A 269 -20.89 -35.59 -37.83
C LYS A 269 -22.14 -36.45 -37.60
N PRO A 270 -22.20 -37.73 -38.00
CA PRO A 270 -23.39 -38.52 -37.64
C PRO A 270 -23.61 -38.68 -36.15
N THR A 271 -22.55 -38.61 -35.33
CA THR A 271 -22.71 -38.70 -33.89
C THR A 271 -23.52 -37.54 -33.32
N TYR A 272 -23.59 -36.41 -34.02
CA TYR A 272 -24.41 -35.28 -33.62
C TYR A 272 -25.73 -35.24 -34.36
N ILE A 273 -26.12 -36.35 -35.02
CA ILE A 273 -27.32 -36.47 -35.82
C ILE A 273 -27.27 -35.42 -36.93
N PHE A 274 -26.07 -35.19 -37.47
CA PHE A 274 -25.83 -34.23 -38.55
C PHE A 274 -26.30 -32.83 -38.18
N GLY A 275 -26.10 -32.46 -36.92
CA GLY A 275 -26.47 -31.14 -36.45
C GLY A 275 -25.27 -30.26 -36.16
N GLY A 276 -25.14 -29.82 -34.91
CA GLY A 276 -24.03 -29.02 -34.49
C GLY A 276 -23.68 -29.29 -33.05
N ILE A 277 -22.59 -28.67 -32.60
CA ILE A 277 -22.14 -28.83 -31.21
C ILE A 277 -23.00 -27.93 -30.32
N PRO A 278 -23.70 -28.47 -29.34
CA PRO A 278 -24.62 -27.65 -28.56
C PRO A 278 -23.92 -26.83 -27.48
N LEU A 279 -24.38 -25.58 -27.34
CA LEU A 279 -23.86 -24.71 -26.30
C LEU A 279 -24.23 -25.21 -24.91
N THR A 280 -25.29 -26.02 -24.79
CA THR A 280 -25.58 -26.68 -23.53
C THR A 280 -24.49 -27.71 -23.19
N GLN A 281 -24.04 -28.45 -24.19
CA GLN A 281 -22.89 -29.35 -23.98
C GLN A 281 -21.63 -28.56 -23.66
N ARG A 282 -21.50 -27.34 -24.22
CA ARG A 282 -20.31 -26.54 -23.93
C ARG A 282 -20.34 -25.98 -22.51
N ILE A 283 -21.54 -25.68 -21.99
CA ILE A 283 -21.54 -25.05 -20.63
C ILE A 283 -22.41 -25.76 -19.59
N TYR A 284 -22.57 -27.10 -19.59
CA TYR A 284 -23.27 -27.66 -18.45
C TYR A 284 -22.34 -28.04 -17.30
N GLU A 285 -21.03 -28.09 -17.50
CA GLU A 285 -20.10 -28.34 -16.40
C GLU A 285 -19.54 -27.05 -15.82
N ARG A 286 -19.16 -26.10 -16.69
CA ARG A 286 -18.68 -24.80 -16.25
C ARG A 286 -19.74 -24.06 -15.43
N VAL A 287 -20.99 -24.09 -15.89
CA VAL A 287 -22.09 -23.43 -15.19
C VAL A 287 -22.30 -24.07 -13.82
N TYR A 288 -22.25 -25.40 -13.76
CA TYR A 288 -22.39 -26.09 -12.48
C TYR A 288 -21.28 -25.70 -11.52
N ALA A 289 -20.05 -25.65 -12.00
CA ALA A 289 -18.93 -25.29 -11.14
C ALA A 289 -19.08 -23.88 -10.60
N ALA A 290 -19.46 -22.94 -11.49
CA ALA A 290 -19.66 -21.56 -11.06
C ALA A 290 -20.76 -21.45 -10.02
N GLU A 291 -21.89 -22.13 -10.25
CA GLU A 291 -23.01 -22.04 -9.32
C GLU A 291 -22.70 -22.71 -7.98
N ARG A 292 -21.98 -23.84 -8.01
CA ARG A 292 -21.66 -24.52 -6.76
C ARG A 292 -20.66 -23.71 -5.94
N THR A 293 -19.68 -23.09 -6.61
CA THR A 293 -18.76 -22.20 -5.89
C THR A 293 -19.50 -20.99 -5.33
N ALA A 294 -20.47 -20.46 -6.09
CA ALA A 294 -21.29 -19.37 -5.57
C ALA A 294 -22.11 -19.83 -4.37
N ASN A 295 -22.51 -21.10 -4.33
CA ASN A 295 -23.26 -21.63 -3.20
C ASN A 295 -22.40 -21.82 -1.97
N GLU A 296 -21.15 -22.25 -2.16
CA GLU A 296 -20.35 -22.71 -1.03
C GLU A 296 -20.06 -21.61 -0.02
N ALA A 297 -19.80 -20.39 -0.49
CA ALA A 297 -19.45 -19.31 0.44
C ALA A 297 -20.57 -18.98 1.41
N PRO A 298 -21.85 -18.81 1.00
CA PRO A 298 -22.91 -18.66 2.02
C PRO A 298 -23.05 -19.86 2.93
N LEU A 299 -23.06 -21.06 2.36
CA LEU A 299 -23.33 -22.26 3.14
C LEU A 299 -22.23 -22.51 4.17
N LEU A 300 -20.97 -22.27 3.79
CA LEU A 300 -19.88 -22.42 4.75
C LEU A 300 -19.84 -21.24 5.72
N ALA A 301 -20.22 -20.05 5.26
CA ALA A 301 -20.29 -18.89 6.16
C ALA A 301 -21.32 -19.11 7.26
N MET A 302 -22.35 -19.90 6.98
CA MET A 302 -23.26 -20.33 8.04
C MET A 302 -22.51 -21.09 9.13
N SER A 303 -21.74 -22.11 8.74
CA SER A 303 -20.93 -22.87 9.70
C SER A 303 -19.49 -22.36 9.72
N LYS A 304 -19.36 -21.04 9.84
CA LYS A 304 -18.04 -20.43 9.95
C LYS A 304 -17.42 -20.67 11.32
N ARG A 305 -18.09 -20.23 12.39
CA ARG A 305 -17.54 -20.37 13.73
C ARG A 305 -18.00 -21.68 14.36
N THR A 306 -17.07 -22.37 15.02
CA THR A 306 -17.32 -23.72 15.54
C THR A 306 -16.81 -23.85 16.96
N SER A 307 -17.23 -22.94 17.85
CA SER A 307 -16.80 -22.99 19.25
C SER A 307 -17.25 -24.28 19.93
N THR A 308 -16.32 -24.94 20.62
CA THR A 308 -16.57 -26.18 21.34
C THR A 308 -16.03 -26.09 22.75
N ILE A 309 -16.64 -26.86 23.65
CA ILE A 309 -16.32 -26.84 25.08
C ILE A 309 -15.95 -28.25 25.49
N HIS A 310 -14.94 -28.35 26.36
CA HIS A 310 -14.40 -29.64 26.81
C HIS A 310 -14.83 -29.89 28.25
N VAL A 311 -16.02 -30.47 28.42
CA VAL A 311 -16.58 -30.81 29.72
C VAL A 311 -16.39 -32.31 29.93
N ASP A 312 -16.18 -32.70 31.19
CA ASP A 312 -16.03 -34.12 31.50
C ASP A 312 -17.33 -34.86 31.18
N VAL A 313 -17.29 -35.60 30.07
CA VAL A 313 -18.52 -36.19 29.53
C VAL A 313 -19.02 -37.34 30.40
N GLU A 314 -18.12 -38.10 31.01
CA GLU A 314 -18.58 -39.20 31.85
C GLU A 314 -19.30 -38.71 33.10
N LYS A 315 -18.93 -37.51 33.59
CA LYS A 315 -19.73 -36.88 34.62
C LYS A 315 -21.00 -36.26 34.04
N ALA A 316 -20.94 -35.80 32.79
CA ALA A 316 -22.11 -35.18 32.17
C ALA A 316 -23.24 -36.18 31.93
N ILE A 317 -22.89 -37.43 31.58
CA ILE A 317 -23.91 -38.44 31.29
C ILE A 317 -24.78 -38.72 32.51
N ALA A 318 -24.22 -38.55 33.71
CA ALA A 318 -24.94 -38.88 34.94
C ALA A 318 -26.24 -38.10 35.05
N ASN A 319 -26.18 -36.78 34.87
CA ASN A 319 -27.41 -35.99 34.86
C ASN A 319 -27.91 -35.78 33.43
N GLU A 320 -27.15 -35.02 32.64
CA GLU A 320 -27.35 -34.84 31.19
C GLU A 320 -28.70 -34.20 30.83
N ASP A 321 -29.51 -33.85 31.83
CA ASP A 321 -30.75 -33.12 31.56
C ASP A 321 -30.70 -31.72 32.12
N ALA A 322 -30.28 -31.56 33.37
CA ALA A 322 -29.96 -30.24 33.89
C ALA A 322 -28.80 -29.62 33.13
N PHE A 323 -27.81 -30.45 32.77
CA PHE A 323 -26.68 -29.98 31.98
C PHE A 323 -27.13 -29.50 30.60
N ASN A 324 -28.00 -30.27 29.95
CA ASN A 324 -28.53 -29.88 28.64
C ASN A 324 -29.35 -28.60 28.75
N ALA A 325 -30.16 -28.49 29.81
CA ALA A 325 -30.95 -27.28 30.02
C ALA A 325 -30.07 -26.06 30.23
N ARG A 326 -29.00 -26.22 31.01
CA ARG A 326 -28.08 -25.10 31.26
C ARG A 326 -27.40 -24.67 29.97
N LEU A 327 -26.93 -25.63 29.17
CA LEU A 327 -26.26 -25.26 27.92
C LEU A 327 -27.25 -24.66 26.92
N ALA A 328 -28.48 -25.15 26.90
CA ALA A 328 -29.50 -24.54 26.05
C ALA A 328 -29.81 -23.12 26.48
N PHE A 329 -29.81 -22.88 27.79
CA PHE A 329 -29.99 -21.51 28.30
C PHE A 329 -28.84 -20.61 27.86
N TRP A 330 -27.61 -21.13 27.91
CA TRP A 330 -26.46 -20.34 27.45
C TRP A 330 -26.59 -20.01 25.96
N ILE A 331 -26.91 -21.00 25.14
CA ILE A 331 -27.01 -20.77 23.70
C ILE A 331 -28.16 -19.81 23.39
N ALA A 332 -29.27 -19.92 24.12
CA ALA A 332 -30.38 -19.00 23.91
C ALA A 332 -30.01 -17.57 24.29
N ASN A 333 -29.51 -17.38 25.51
CA ASN A 333 -29.09 -16.05 25.93
C ASN A 333 -27.60 -15.82 25.73
N ARG A 334 -27.09 -16.16 24.55
CA ARG A 334 -25.70 -15.84 24.22
C ARG A 334 -25.57 -14.38 23.80
N ASP A 335 -24.58 -13.70 24.36
CA ASP A 335 -24.35 -12.28 24.09
C ASP A 335 -22.89 -12.01 24.43
N ASN A 336 -22.36 -10.90 23.91
CA ASN A 336 -20.97 -10.54 24.12
C ASN A 336 -20.75 -9.73 25.40
N HIS A 337 -21.64 -9.86 26.37
CA HIS A 337 -21.46 -9.21 27.66
C HIS A 337 -21.54 -10.18 28.83
N GLY A 338 -22.38 -11.20 28.74
CA GLY A 338 -22.41 -12.22 29.77
C GLY A 338 -21.15 -13.07 29.73
N VAL A 339 -20.80 -13.62 30.88
CA VAL A 339 -19.59 -14.42 31.04
C VAL A 339 -20.00 -15.87 31.27
N LYS A 340 -19.19 -16.79 30.76
CA LYS A 340 -19.46 -18.22 30.88
C LYS A 340 -18.51 -18.82 31.91
N VAL A 341 -19.07 -19.41 32.95
CA VAL A 341 -18.29 -20.09 33.98
C VAL A 341 -18.15 -21.55 33.60
N LEU A 342 -16.94 -22.08 33.71
CA LEU A 342 -16.74 -23.50 33.50
C LEU A 342 -15.56 -23.93 34.36
N GLY A 343 -15.64 -25.14 34.90
CA GLY A 343 -14.67 -25.61 35.86
C GLY A 343 -13.28 -25.78 35.25
N THR A 344 -12.32 -26.07 36.14
CA THR A 344 -10.99 -26.38 35.70
C THR A 344 -10.99 -27.71 34.94
N ASP A 345 -9.87 -27.96 34.26
CA ASP A 345 -9.72 -29.08 33.31
C ASP A 345 -10.77 -29.00 32.20
N GLU A 346 -11.10 -27.77 31.80
CA GLU A 346 -12.00 -27.51 30.69
C GLU A 346 -11.43 -26.36 29.86
N SER A 347 -11.52 -26.46 28.54
CA SER A 347 -10.84 -25.53 27.66
C SER A 347 -11.76 -24.55 26.95
N MET A 348 -12.79 -25.03 26.26
CA MET A 348 -13.72 -24.21 25.48
C MET A 348 -12.98 -23.39 24.41
N GLU A 349 -12.47 -24.10 23.42
CA GLU A 349 -11.78 -23.44 22.33
C GLU A 349 -12.75 -23.07 21.21
N GLN A 350 -12.24 -22.35 20.21
CA GLN A 350 -13.07 -21.81 19.15
C GLN A 350 -12.28 -21.80 17.85
N PHE A 351 -12.94 -22.21 16.76
CA PHE A 351 -12.35 -22.23 15.44
C PHE A 351 -13.21 -21.40 14.48
N ASP A 352 -12.55 -20.80 13.49
CA ASP A 352 -13.24 -20.02 12.47
C ASP A 352 -12.53 -20.21 11.13
N THR A 353 -13.28 -20.02 10.05
CA THR A 353 -12.79 -20.27 8.70
C THR A 353 -12.55 -18.96 7.98
N ASN A 354 -11.59 -18.98 7.05
CA ASN A 354 -11.26 -17.81 6.23
C ASN A 354 -11.91 -17.96 4.86
N LEU A 355 -12.71 -16.97 4.47
CA LEU A 355 -13.51 -17.03 3.26
C LEU A 355 -13.21 -15.90 2.27
N ALA A 356 -12.09 -15.20 2.45
CA ALA A 356 -11.77 -14.08 1.57
C ALA A 356 -11.37 -14.53 0.17
N ASP A 357 -11.03 -15.80 -0.01
CA ASP A 357 -10.53 -16.30 -1.29
C ASP A 357 -11.60 -17.00 -2.12
N PHE A 358 -12.84 -17.05 -1.65
CA PHE A 358 -13.91 -17.67 -2.42
C PHE A 358 -14.38 -16.76 -3.56
N ASP A 359 -14.32 -15.45 -3.35
CA ASP A 359 -14.79 -14.50 -4.36
C ASP A 359 -13.98 -14.61 -5.64
N SER A 360 -12.66 -14.76 -5.53
CA SER A 360 -11.82 -14.90 -6.70
C SER A 360 -12.23 -16.12 -7.53
N ILE A 361 -12.50 -17.24 -6.86
CA ILE A 361 -12.92 -18.46 -7.55
C ILE A 361 -14.26 -18.25 -8.25
N ILE A 362 -15.21 -17.65 -7.55
CA ILE A 362 -16.56 -17.47 -8.10
C ILE A 362 -16.52 -16.58 -9.33
N MET A 363 -15.86 -15.43 -9.22
CA MET A 363 -15.85 -14.50 -10.35
C MET A 363 -14.86 -14.91 -11.43
N ASN A 364 -13.96 -15.86 -11.18
CA ASN A 364 -13.22 -16.47 -12.27
C ASN A 364 -14.08 -17.45 -13.05
N GLN A 365 -14.89 -18.24 -12.34
CA GLN A 365 -15.72 -19.22 -13.03
C GLN A 365 -16.84 -18.55 -13.82
N TYR A 366 -17.42 -17.48 -13.29
CA TYR A 366 -18.42 -16.74 -14.07
C TYR A 366 -17.82 -16.07 -15.29
N GLN A 367 -16.58 -15.57 -15.17
CA GLN A 367 -15.88 -15.04 -16.33
C GLN A 367 -15.65 -16.12 -17.37
N LEU A 368 -15.35 -17.34 -16.92
CA LEU A 368 -15.22 -18.45 -17.87
C LEU A 368 -16.55 -18.77 -18.54
N VAL A 369 -17.66 -18.68 -17.80
CA VAL A 369 -18.98 -18.87 -18.39
C VAL A 369 -19.20 -17.86 -19.51
N ALA A 370 -18.86 -16.60 -19.25
CA ALA A 370 -18.95 -15.57 -20.28
C ALA A 370 -18.06 -15.90 -21.47
N ALA A 371 -16.87 -16.43 -21.21
CA ALA A 371 -15.95 -16.83 -22.28
C ALA A 371 -16.57 -17.89 -23.17
N ILE A 372 -17.24 -18.88 -22.57
CA ILE A 372 -17.90 -19.90 -23.40
C ILE A 372 -19.02 -19.26 -24.20
N ALA A 373 -19.83 -18.44 -23.54
CA ALA A 373 -21.01 -17.87 -24.18
C ALA A 373 -20.67 -16.87 -25.28
N LYS A 374 -19.41 -16.41 -25.35
CA LYS A 374 -18.96 -15.40 -26.31
C LYS A 374 -19.69 -14.08 -26.12
N THR A 375 -20.27 -13.88 -24.95
CA THR A 375 -21.05 -12.78 -24.46
C THR A 375 -20.30 -12.10 -23.32
N PRO A 376 -20.28 -10.76 -23.28
CA PRO A 376 -19.55 -10.08 -22.19
C PRO A 376 -20.13 -10.42 -20.83
N ALA A 377 -19.23 -10.48 -19.84
CA ALA A 377 -19.66 -10.66 -18.45
C ALA A 377 -20.54 -9.52 -17.97
N THR A 378 -20.42 -8.35 -18.57
CA THR A 378 -21.36 -7.27 -18.29
C THR A 378 -22.77 -7.65 -18.73
N LYS A 379 -22.91 -8.31 -19.88
CA LYS A 379 -24.23 -8.72 -20.34
C LYS A 379 -24.75 -9.91 -19.54
N LEU A 380 -23.90 -10.90 -19.27
CA LEU A 380 -24.36 -12.10 -18.58
C LEU A 380 -24.54 -11.86 -17.09
N LEU A 381 -23.45 -11.53 -16.40
CA LEU A 381 -23.42 -11.38 -14.95
C LEU A 381 -23.99 -10.04 -14.49
N GLY A 382 -24.28 -9.12 -15.41
CA GLY A 382 -24.75 -7.81 -15.04
C GLY A 382 -23.68 -6.77 -14.84
N THR A 383 -22.42 -7.20 -14.67
CA THR A 383 -21.29 -6.31 -14.53
C THR A 383 -20.01 -7.10 -14.77
N SER A 384 -18.91 -6.39 -14.89
CA SER A 384 -17.61 -7.04 -14.97
C SER A 384 -17.31 -7.75 -13.66
N PRO A 385 -16.69 -8.92 -13.68
CA PRO A 385 -16.40 -9.65 -12.45
C PRO A 385 -15.34 -8.94 -11.61
N LYS A 386 -15.14 -9.48 -10.41
CA LYS A 386 -14.22 -8.90 -9.44
C LYS A 386 -12.80 -8.79 -9.97
N GLY A 387 -12.21 -7.60 -9.79
CA GLY A 387 -10.81 -7.38 -10.12
C GLY A 387 -10.53 -7.11 -11.58
N PHE A 388 -11.32 -7.71 -12.47
CA PHE A 388 -11.08 -7.59 -13.90
C PHE A 388 -11.20 -6.14 -14.36
N ASN A 389 -10.41 -5.79 -15.37
CA ASN A 389 -10.44 -4.45 -15.93
C ASN A 389 -11.83 -4.13 -16.47
N ALA A 390 -12.25 -2.87 -16.29
CA ALA A 390 -13.57 -2.44 -16.71
C ALA A 390 -13.75 -2.65 -18.21
N THR A 391 -14.91 -3.17 -18.58
CA THR A 391 -15.20 -3.51 -19.97
C THR A 391 -15.15 -2.25 -20.83
N GLY A 392 -14.53 -2.37 -22.00
CA GLY A 392 -14.25 -1.20 -22.80
C GLY A 392 -14.58 -1.32 -24.27
N GLU A 393 -13.96 -0.44 -25.06
CA GLU A 393 -14.24 -0.37 -26.49
C GLU A 393 -13.90 -1.68 -27.19
N HIS A 394 -12.85 -2.36 -26.75
CA HIS A 394 -12.46 -3.63 -27.36
C HIS A 394 -13.55 -4.67 -27.20
N GLU A 395 -14.12 -4.80 -26.00
CA GLU A 395 -15.17 -5.79 -25.79
C GLU A 395 -16.47 -5.36 -26.47
N THR A 396 -16.76 -4.05 -26.50
CA THR A 396 -17.98 -3.60 -27.16
C THR A 396 -17.92 -3.86 -28.67
N ILE A 397 -16.75 -3.67 -29.29
CA ILE A 397 -16.66 -3.99 -30.72
C ILE A 397 -16.56 -5.49 -30.93
N SER A 398 -16.02 -6.23 -29.94
CA SER A 398 -15.94 -7.68 -30.06
C SER A 398 -17.31 -8.33 -29.96
N TYR A 399 -18.24 -7.71 -29.24
CA TYR A 399 -19.59 -8.27 -29.10
C TYR A 399 -20.57 -7.63 -30.07
N HIS A 400 -20.74 -6.30 -29.99
CA HIS A 400 -21.77 -5.61 -30.76
C HIS A 400 -21.55 -5.73 -32.26
N GLU A 401 -20.30 -5.85 -32.70
CA GLU A 401 -20.02 -5.91 -34.14
C GLU A 401 -19.78 -7.32 -34.65
N GLU A 402 -19.03 -8.15 -33.91
CA GLU A 402 -18.65 -9.44 -34.47
C GLU A 402 -19.78 -10.47 -34.35
N LEU A 403 -20.13 -10.83 -33.11
CA LEU A 403 -21.08 -11.91 -32.91
C LEU A 403 -22.47 -11.52 -33.38
N GLU A 404 -22.83 -10.24 -33.25
CA GLU A 404 -24.15 -9.80 -33.70
C GLU A 404 -24.27 -9.91 -35.21
N SER A 405 -23.23 -9.54 -35.95
CA SER A 405 -23.24 -9.72 -37.40
C SER A 405 -23.23 -11.20 -37.76
N ILE A 406 -22.59 -12.03 -36.94
CA ILE A 406 -22.64 -13.48 -37.18
C ILE A 406 -24.08 -14.00 -37.04
N GLN A 407 -24.77 -13.61 -35.97
CA GLN A 407 -26.18 -13.97 -35.83
C GLN A 407 -27.03 -13.38 -36.95
N GLU A 408 -26.66 -12.21 -37.46
CA GLU A 408 -27.43 -11.62 -38.55
C GLU A 408 -27.25 -12.41 -39.85
N HIS A 409 -26.04 -12.89 -40.13
CA HIS A 409 -25.88 -13.71 -41.32
C HIS A 409 -26.47 -15.10 -41.13
N ILE A 410 -26.64 -15.53 -39.87
CA ILE A 410 -27.43 -16.73 -39.60
C ILE A 410 -28.92 -16.48 -39.88
N PHE A 411 -29.41 -15.31 -39.47
CA PHE A 411 -30.80 -14.94 -39.72
C PHE A 411 -31.10 -14.76 -41.21
N ASP A 412 -30.10 -14.34 -41.98
CA ASP A 412 -30.31 -13.95 -43.37
C ASP A 412 -30.97 -15.01 -44.24
N PRO A 413 -30.63 -16.31 -44.18
CA PRO A 413 -31.42 -17.29 -44.96
C PRO A 413 -32.90 -17.29 -44.61
N LEU A 414 -33.24 -17.14 -43.33
CA LEU A 414 -34.64 -17.17 -42.91
C LEU A 414 -35.41 -16.00 -43.50
N LEU A 415 -34.89 -14.79 -43.34
CA LEU A 415 -35.56 -13.61 -43.89
C LEU A 415 -35.60 -13.66 -45.41
N GLU A 416 -34.55 -14.18 -46.03
CA GLU A 416 -34.50 -14.25 -47.50
C GLU A 416 -35.58 -15.18 -48.04
N ARG A 417 -35.69 -16.38 -47.48
CA ARG A 417 -36.76 -17.29 -47.91
C ARG A 417 -38.14 -16.75 -47.56
N HIS A 418 -38.27 -16.12 -46.38
CA HIS A 418 -39.55 -15.56 -45.98
C HIS A 418 -40.01 -14.49 -46.94
N TYR A 419 -39.09 -13.61 -47.37
CA TYR A 419 -39.47 -12.58 -48.33
C TYR A 419 -39.63 -13.13 -49.73
N LEU A 420 -38.93 -14.21 -50.08
CA LEU A 420 -39.21 -14.88 -51.35
C LEU A 420 -40.65 -15.36 -51.42
N LEU A 421 -41.08 -16.14 -50.42
CA LEU A 421 -42.43 -16.67 -50.40
C LEU A 421 -43.46 -15.69 -49.87
N LEU A 422 -43.05 -14.49 -49.48
CA LEU A 422 -44.01 -13.43 -49.17
C LEU A 422 -44.21 -12.48 -50.34
N ALA A 423 -43.17 -12.23 -51.13
CA ALA A 423 -43.30 -11.36 -52.28
C ALA A 423 -43.84 -12.13 -53.49
N LYS A 424 -43.12 -13.16 -53.94
CA LYS A 424 -43.46 -13.77 -55.22
C LYS A 424 -44.80 -14.49 -55.11
N SER A 425 -45.12 -15.00 -53.92
CA SER A 425 -46.41 -15.65 -53.71
C SER A 425 -47.58 -14.67 -53.86
N GLU A 426 -47.42 -13.44 -53.40
CA GLU A 426 -48.43 -12.41 -53.56
C GLU A 426 -48.19 -11.64 -54.87
N GLU A 427 -49.14 -10.78 -55.19
CA GLU A 427 -49.09 -10.02 -56.45
C GLU A 427 -48.14 -8.84 -56.27
N ILE A 428 -46.88 -9.03 -56.65
CA ILE A 428 -45.87 -8.00 -56.63
C ILE A 428 -45.29 -7.86 -58.03
N ASP A 429 -44.37 -6.90 -58.18
CA ASP A 429 -43.73 -6.66 -59.46
C ASP A 429 -42.22 -6.71 -59.36
N VAL A 430 -41.67 -6.35 -58.20
CA VAL A 430 -40.23 -6.24 -58.01
C VAL A 430 -39.81 -7.04 -56.79
N GLN A 431 -38.68 -7.74 -56.91
CA GLN A 431 -38.13 -8.55 -55.82
C GLN A 431 -37.68 -7.68 -54.66
N LEU A 432 -37.24 -8.30 -53.57
CA LEU A 432 -36.96 -7.60 -52.33
C LEU A 432 -35.54 -7.89 -51.86
N GLU A 433 -34.97 -6.95 -51.10
CA GLU A 433 -33.67 -7.17 -50.50
C GLU A 433 -33.66 -6.51 -49.12
N ILE A 434 -32.95 -7.15 -48.19
CA ILE A 434 -32.96 -6.80 -46.77
C ILE A 434 -31.64 -6.11 -46.44
N VAL A 435 -31.73 -4.98 -45.76
CA VAL A 435 -30.56 -4.31 -45.20
C VAL A 435 -30.70 -4.29 -43.68
N TRP A 436 -29.57 -4.39 -43.00
CA TRP A 436 -29.54 -4.54 -41.55
C TRP A 436 -29.25 -3.19 -40.89
N ASN A 437 -30.07 -2.84 -39.90
CA ASN A 437 -29.79 -1.66 -39.10
C ASN A 437 -28.53 -1.90 -38.27
N PRO A 438 -27.75 -0.84 -38.00
CA PRO A 438 -26.60 -0.99 -37.10
C PRO A 438 -27.05 -1.40 -35.71
N VAL A 439 -26.27 -2.27 -35.09
CA VAL A 439 -26.60 -2.74 -33.75
C VAL A 439 -25.53 -2.25 -32.77
N ASP A 440 -25.77 -1.08 -32.22
CA ASP A 440 -24.94 -0.43 -31.22
C ASP A 440 -25.75 -0.05 -29.97
N SER A 441 -27.00 0.34 -30.14
CA SER A 441 -27.90 0.74 -29.04
C SER A 441 -27.29 1.85 -28.21
N THR A 442 -26.65 2.81 -28.87
CA THR A 442 -25.96 3.88 -28.17
C THR A 442 -26.96 4.85 -27.55
N SER A 443 -26.49 5.59 -26.55
CA SER A 443 -27.34 6.50 -25.79
C SER A 443 -27.84 7.65 -26.65
N SER A 444 -28.80 8.41 -26.10
CA SER A 444 -29.43 9.50 -26.83
C SER A 444 -28.44 10.63 -27.11
N GLN A 445 -27.58 10.97 -26.14
CA GLN A 445 -26.58 12.00 -26.37
C GLN A 445 -25.61 11.61 -27.47
N GLN A 446 -25.13 10.38 -27.45
CA GLN A 446 -24.25 9.90 -28.51
C GLN A 446 -24.96 9.89 -29.85
N GLN A 447 -26.25 9.51 -29.85
CA GLN A 447 -27.02 9.52 -31.09
C GLN A 447 -27.15 10.93 -31.65
N ALA A 448 -27.38 11.92 -30.78
CA ALA A 448 -27.45 13.30 -31.22
C ALA A 448 -26.12 13.78 -31.78
N GLU A 449 -25.01 13.41 -31.12
CA GLU A 449 -23.69 13.77 -31.63
C GLU A 449 -23.42 13.11 -32.99
N LEU A 450 -23.84 11.85 -33.13
CA LEU A 450 -23.73 11.12 -34.39
C LEU A 450 -24.49 11.82 -35.50
N ASN A 451 -25.73 12.21 -35.22
CA ASN A 451 -26.55 12.94 -36.19
C ASN A 451 -25.92 14.29 -36.54
N ASN A 452 -25.37 14.99 -35.55
CA ASN A 452 -24.75 16.27 -35.82
C ASN A 452 -23.52 16.13 -36.71
N LYS A 453 -22.69 15.11 -36.45
CA LYS A 453 -21.51 14.91 -37.29
C LYS A 453 -21.91 14.51 -38.70
N LYS A 454 -22.93 13.65 -38.84
CA LYS A 454 -23.40 13.30 -40.17
C LYS A 454 -23.98 14.51 -40.90
N ALA A 455 -24.67 15.39 -40.18
CA ALA A 455 -25.18 16.61 -40.78
C ALA A 455 -24.04 17.52 -41.23
N ALA A 456 -22.96 17.58 -40.45
CA ALA A 456 -21.78 18.33 -40.88
C ALA A 456 -21.19 17.75 -42.16
N THR A 457 -21.11 16.42 -42.25
CA THR A 457 -20.63 15.79 -43.48
C THR A 457 -21.54 16.13 -44.66
N ASP A 458 -22.86 16.07 -44.44
CA ASP A 458 -23.80 16.40 -45.49
C ASP A 458 -23.64 17.84 -45.97
N GLU A 459 -23.49 18.78 -45.02
CA GLU A 459 -23.31 20.17 -45.37
C GLU A 459 -22.02 20.39 -46.15
N ILE A 460 -20.94 19.72 -45.73
CA ILE A 460 -19.65 19.85 -46.43
C ILE A 460 -19.78 19.33 -47.85
N TYR A 461 -20.39 18.16 -48.03
CA TYR A 461 -20.52 17.58 -49.37
C TYR A 461 -21.42 18.42 -50.27
N ILE A 462 -22.54 18.91 -49.74
CA ILE A 462 -23.44 19.73 -50.54
C ILE A 462 -22.77 21.05 -50.93
N ASN A 463 -22.08 21.68 -49.98
CA ASN A 463 -21.41 22.94 -50.27
C ASN A 463 -20.30 22.76 -51.29
N SER A 464 -19.54 21.66 -51.18
CA SER A 464 -18.52 21.37 -52.18
C SER A 464 -19.12 20.89 -53.50
N GLY A 465 -20.41 20.58 -53.53
CA GLY A 465 -21.05 20.17 -54.76
C GLY A 465 -20.82 18.72 -55.11
N VAL A 466 -20.81 17.85 -54.11
CA VAL A 466 -20.62 16.42 -54.32
C VAL A 466 -21.98 15.76 -54.44
N VAL A 467 -22.80 15.89 -53.40
CA VAL A 467 -24.10 15.23 -53.33
C VAL A 467 -25.18 16.31 -53.22
N SER A 468 -26.32 16.04 -53.86
CA SER A 468 -27.45 16.94 -53.78
C SER A 468 -28.19 16.75 -52.46
N PRO A 469 -28.91 17.78 -52.00
CA PRO A 469 -29.73 17.61 -50.78
C PRO A 469 -30.82 16.55 -50.91
N ASP A 470 -31.18 16.14 -52.12
CA ASP A 470 -32.17 15.08 -52.28
C ASP A 470 -31.68 13.76 -51.71
N GLU A 471 -30.40 13.44 -51.93
CA GLU A 471 -29.83 12.22 -51.35
C GLU A 471 -29.84 12.29 -49.82
N VAL A 472 -29.53 13.45 -49.26
CA VAL A 472 -29.57 13.61 -47.81
C VAL A 472 -31.01 13.45 -47.29
N ARG A 473 -31.98 14.00 -48.02
CA ARG A 473 -33.38 13.85 -47.67
C ARG A 473 -33.79 12.38 -47.66
N GLU A 474 -33.41 11.66 -48.72
CA GLU A 474 -33.75 10.24 -48.82
C GLU A 474 -33.05 9.42 -47.75
N ARG A 475 -31.81 9.75 -47.42
CA ARG A 475 -31.10 9.06 -46.36
C ARG A 475 -31.77 9.26 -45.01
N LEU A 476 -32.16 10.51 -44.71
CA LEU A 476 -32.86 10.78 -43.47
C LEU A 476 -34.19 10.05 -43.42
N ARG A 477 -34.93 10.02 -44.54
CA ARG A 477 -36.21 9.32 -44.57
C ARG A 477 -36.01 7.82 -44.35
N ASP A 478 -35.12 7.20 -45.12
CA ASP A 478 -34.78 5.79 -44.95
C ASP A 478 -33.56 5.61 -44.06
N ASP A 479 -33.57 6.25 -42.89
CA ASP A 479 -32.56 6.01 -41.86
C ASP A 479 -33.25 6.18 -40.51
N PRO A 480 -33.58 5.09 -39.83
CA PRO A 480 -34.12 5.20 -38.47
C PRO A 480 -33.04 5.67 -37.51
N ARG A 481 -33.49 6.14 -36.34
CA ARG A 481 -32.66 6.73 -35.30
C ARG A 481 -31.89 7.96 -35.81
N SER A 482 -32.39 8.62 -36.85
CA SER A 482 -31.80 9.83 -37.37
C SER A 482 -32.53 11.09 -36.92
N GLY A 483 -33.62 10.94 -36.18
CA GLY A 483 -34.36 12.09 -35.67
C GLY A 483 -35.54 12.43 -36.55
N TYR A 484 -35.34 12.26 -37.86
CA TYR A 484 -36.32 12.65 -38.87
C TYR A 484 -36.76 11.42 -39.65
N ASN A 485 -37.97 10.92 -39.38
CA ASN A 485 -38.57 9.87 -40.19
C ASN A 485 -39.98 10.24 -40.64
N ARG A 486 -40.30 11.54 -40.68
CA ARG A 486 -41.67 11.98 -40.87
C ARG A 486 -41.73 13.23 -41.76
N LEU A 487 -40.80 13.39 -42.70
CA LEU A 487 -40.60 14.70 -43.33
C LEU A 487 -41.77 15.21 -44.14
N THR A 488 -41.97 14.64 -45.33
CA THR A 488 -42.98 15.02 -46.31
C THR A 488 -42.74 14.06 -47.47
N ASP A 489 -43.62 14.11 -48.47
CA ASP A 489 -43.41 13.41 -49.73
C ASP A 489 -42.79 14.31 -50.80
N ASP A 490 -42.38 15.53 -50.45
CA ASP A 490 -41.83 16.46 -51.41
C ASP A 490 -40.42 16.04 -51.82
N GLN A 491 -39.81 16.85 -52.68
CA GLN A 491 -38.49 16.60 -53.22
C GLN A 491 -37.61 17.82 -53.00
N ALA A 492 -36.29 17.59 -53.01
CA ALA A 492 -35.32 18.67 -52.91
C ALA A 492 -34.95 19.15 -54.31
N GLU A 493 -33.85 19.90 -54.41
CA GLU A 493 -33.43 20.45 -55.69
C GLU A 493 -33.11 19.37 -56.71
N THR A 494 -32.40 18.32 -56.27
CA THR A 494 -31.96 17.15 -57.05
C THR A 494 -30.85 17.47 -58.02
N GLU A 495 -30.45 18.76 -58.12
CA GLU A 495 -29.24 19.03 -58.88
C GLU A 495 -28.02 18.79 -57.99
N PRO A 496 -26.92 18.21 -58.52
CA PRO A 496 -25.92 17.58 -57.65
C PRO A 496 -25.10 18.56 -56.82
N GLY A 497 -25.69 19.05 -55.74
CA GLY A 497 -24.97 19.83 -54.76
C GLY A 497 -25.16 21.33 -54.90
N MET A 498 -26.41 21.76 -55.10
CA MET A 498 -26.65 23.18 -55.29
C MET A 498 -26.77 23.92 -53.96
N SER A 499 -27.82 23.62 -53.17
CA SER A 499 -28.23 24.33 -51.95
C SER A 499 -28.65 25.76 -52.26
N PRO A 500 -29.47 26.40 -51.42
CA PRO A 500 -29.88 27.79 -51.72
C PRO A 500 -28.71 28.76 -51.82
N GLU A 501 -27.66 28.56 -51.02
CA GLU A 501 -26.52 29.47 -51.04
C GLU A 501 -25.86 29.49 -52.41
N ASN A 502 -25.47 28.33 -52.93
CA ASN A 502 -24.82 28.31 -54.23
C ASN A 502 -25.81 28.47 -55.38
N LEU A 503 -27.09 28.20 -55.18
CA LEU A 503 -28.08 28.57 -56.19
C LEU A 503 -28.11 30.08 -56.39
N ALA A 504 -28.25 30.84 -55.29
CA ALA A 504 -28.21 32.29 -55.38
C ALA A 504 -26.88 32.79 -55.90
N GLU A 505 -25.78 32.16 -55.46
CA GLU A 505 -24.46 32.55 -55.94
C GLU A 505 -24.31 32.32 -57.43
N PHE A 506 -24.80 31.19 -57.94
CA PHE A 506 -24.70 30.89 -59.36
C PHE A 506 -25.55 31.85 -60.19
N GLU A 507 -26.77 32.13 -59.74
CA GLU A 507 -27.62 33.07 -60.47
C GLU A 507 -27.00 34.47 -60.50
N LYS A 508 -26.54 34.95 -59.34
CA LYS A 508 -25.94 36.28 -59.27
C LYS A 508 -24.64 36.35 -60.07
N ALA A 509 -23.83 35.29 -60.02
CA ALA A 509 -22.57 35.26 -60.75
C ALA A 509 -22.80 35.25 -62.26
N GLY A 510 -23.76 34.46 -62.73
CA GLY A 510 -24.07 34.47 -64.16
C GLY A 510 -24.63 35.80 -64.62
N ALA A 511 -25.45 36.43 -63.79
CA ALA A 511 -26.00 37.74 -64.13
C ALA A 511 -24.91 38.81 -64.20
N GLN A 512 -24.03 38.84 -63.19
CA GLN A 512 -22.91 39.78 -63.23
C GLN A 512 -21.96 39.46 -64.38
N SER A 513 -21.89 38.18 -64.77
CA SER A 513 -21.11 37.82 -65.95
C SER A 513 -21.72 38.42 -67.21
N ALA A 514 -23.05 38.40 -67.31
CA ALA A 514 -23.73 39.05 -68.42
C ALA A 514 -23.44 40.55 -68.43
N LYS A 515 -23.51 41.19 -67.25
CA LYS A 515 -23.14 42.59 -67.10
C LYS A 515 -21.75 42.87 -67.64
N ALA A 516 -20.77 42.10 -67.16
CA ALA A 516 -19.37 42.38 -67.49
C ALA A 516 -19.08 42.11 -68.96
N LYS A 517 -19.65 41.05 -69.52
CA LYS A 517 -19.44 40.76 -70.95
C LYS A 517 -20.10 41.81 -71.82
N GLY A 518 -21.29 42.30 -71.43
CA GLY A 518 -21.92 43.36 -72.18
C GLY A 518 -21.14 44.66 -72.12
N GLU A 519 -20.61 45.00 -70.94
CA GLU A 519 -19.79 46.19 -70.84
C GLU A 519 -18.50 46.05 -71.64
N ALA A 520 -17.94 44.83 -71.70
CA ALA A 520 -16.77 44.59 -72.53
C ALA A 520 -17.07 44.79 -74.01
N GLU A 521 -18.22 44.27 -74.47
CA GLU A 521 -18.59 44.45 -75.86
C GLU A 521 -18.84 45.92 -76.19
N ARG A 522 -19.48 46.65 -75.27
CA ARG A 522 -19.64 48.09 -75.43
C ARG A 522 -18.30 48.79 -75.49
N ALA A 523 -17.34 48.34 -74.68
CA ALA A 523 -16.02 48.95 -74.66
C ALA A 523 -15.28 48.75 -75.96
N GLU A 524 -15.33 47.54 -76.53
CA GLU A 524 -14.72 47.34 -77.84
C GLU A 524 -15.43 48.13 -78.93
N ALA A 525 -16.77 48.23 -78.84
CA ALA A 525 -17.52 49.00 -79.82
C ALA A 525 -17.12 50.48 -79.79
N GLN A 526 -16.98 51.05 -78.59
CA GLN A 526 -16.61 52.46 -78.48
C GLN A 526 -15.13 52.70 -78.78
N ALA A 527 -14.27 51.71 -78.50
CA ALA A 527 -12.85 51.87 -78.79
C ALA A 527 -12.55 51.73 -80.29
N GLY A 528 -13.29 50.87 -80.99
CA GLY A 528 -13.07 50.67 -82.41
C GLY A 528 -13.46 51.88 -83.26
N VAL B 94 26.52 -29.69 -29.91
CA VAL B 94 25.48 -30.60 -30.35
C VAL B 94 24.26 -30.45 -29.43
N VAL B 95 23.09 -30.76 -29.95
CA VAL B 95 21.86 -30.73 -29.15
C VAL B 95 21.93 -31.84 -28.10
N PRO B 96 21.52 -31.59 -26.86
CA PRO B 96 21.49 -32.67 -25.87
C PRO B 96 20.38 -33.66 -26.16
N THR B 97 20.54 -34.87 -25.62
CA THR B 97 19.57 -35.93 -25.85
C THR B 97 18.21 -35.59 -25.25
N MET B 98 18.19 -34.95 -24.07
CA MET B 98 16.93 -34.65 -23.40
C MET B 98 16.15 -33.57 -24.13
N LEU B 99 16.83 -32.48 -24.51
CA LEU B 99 16.17 -31.45 -25.31
C LEU B 99 15.77 -32.00 -26.68
N GLN B 100 16.60 -32.88 -27.23
CA GLN B 100 16.33 -33.44 -28.55
C GLN B 100 15.04 -34.26 -28.56
N ASP B 101 14.91 -35.20 -27.61
CA ASP B 101 13.68 -35.99 -27.62
C ASP B 101 12.53 -35.30 -26.90
N TRP B 102 12.77 -34.15 -26.26
CA TRP B 102 11.65 -33.31 -25.85
C TRP B 102 11.06 -32.59 -27.05
N TYR B 103 11.91 -32.09 -27.96
CA TYR B 103 11.40 -31.41 -29.15
C TYR B 103 10.86 -32.40 -30.16
N ASN B 104 11.46 -33.58 -30.26
CA ASN B 104 11.03 -34.58 -31.24
C ASN B 104 9.66 -35.15 -30.92
N SER B 105 9.23 -35.09 -29.65
CA SER B 105 7.96 -35.69 -29.26
C SER B 105 6.77 -34.90 -29.79
N GLN B 106 6.97 -33.64 -30.18
CA GLN B 106 5.90 -32.87 -30.85
C GLN B 106 5.78 -33.31 -32.31
N GLY B 107 5.33 -34.55 -32.49
CA GLY B 107 5.06 -35.06 -33.81
C GLY B 107 3.62 -34.86 -34.22
N PHE B 108 3.30 -35.32 -35.43
CA PHE B 108 1.94 -35.22 -35.93
C PHE B 108 1.05 -36.19 -35.15
N ILE B 109 -0.11 -35.70 -34.70
CA ILE B 109 -0.95 -36.49 -33.82
C ILE B 109 -1.95 -37.35 -34.60
N GLY B 110 -2.38 -36.91 -35.77
CA GLY B 110 -3.31 -37.68 -36.57
C GLY B 110 -4.62 -36.96 -36.82
N TYR B 111 -5.24 -37.24 -37.98
CA TYR B 111 -6.48 -36.56 -38.34
C TYR B 111 -7.63 -36.98 -37.43
N GLN B 112 -7.67 -38.26 -37.04
CA GLN B 112 -8.67 -38.73 -36.10
C GLN B 112 -8.54 -38.02 -34.76
N ALA B 113 -7.31 -37.88 -34.27
CA ALA B 113 -7.07 -37.18 -33.01
C ALA B 113 -7.45 -35.70 -33.13
N CYS B 114 -7.12 -35.07 -34.25
CA CYS B 114 -7.49 -33.67 -34.46
C CYS B 114 -9.00 -33.49 -34.45
N ALA B 115 -9.72 -34.37 -35.15
CA ALA B 115 -11.18 -34.27 -35.20
C ALA B 115 -11.79 -34.51 -33.82
N ILE B 116 -11.23 -35.47 -33.06
CA ILE B 116 -11.76 -35.75 -31.73
C ILE B 116 -11.51 -34.56 -30.79
N ILE B 117 -10.33 -33.96 -30.86
CA ILE B 117 -10.00 -32.86 -29.96
C ILE B 117 -10.76 -31.60 -30.35
N SER B 118 -11.12 -31.45 -31.62
CA SER B 118 -11.78 -30.23 -32.09
C SER B 118 -13.16 -30.03 -31.48
N GLN B 119 -13.73 -31.05 -30.83
CA GLN B 119 -15.03 -30.87 -30.17
C GLN B 119 -14.95 -29.88 -29.02
N HIS B 120 -13.77 -29.72 -28.41
CA HIS B 120 -13.65 -28.85 -27.25
C HIS B 120 -13.90 -27.39 -27.62
N TRP B 121 -14.47 -26.64 -26.67
CA TRP B 121 -14.90 -25.27 -26.94
C TRP B 121 -13.72 -24.35 -27.25
N LEU B 122 -12.60 -24.51 -26.54
CA LEU B 122 -11.51 -23.56 -26.64
C LEU B 122 -10.77 -23.70 -27.96
N VAL B 123 -10.46 -24.94 -28.36
CA VAL B 123 -9.79 -25.16 -29.64
C VAL B 123 -10.72 -24.78 -30.80
N ASP B 124 -12.01 -25.05 -30.66
CA ASP B 124 -12.98 -24.67 -31.69
C ASP B 124 -13.02 -23.16 -31.84
N LYS B 125 -13.04 -22.43 -30.71
CA LYS B 125 -13.04 -20.98 -30.75
C LYS B 125 -11.77 -20.43 -31.38
N ALA B 126 -10.62 -21.01 -31.02
CA ALA B 126 -9.34 -20.56 -31.57
C ALA B 126 -9.27 -20.78 -33.07
N CYS B 127 -9.74 -21.93 -33.54
CA CYS B 127 -9.77 -22.18 -34.98
C CYS B 127 -10.92 -21.46 -35.70
N SER B 128 -11.89 -20.95 -34.95
CA SER B 128 -13.07 -20.35 -35.58
C SER B 128 -12.91 -18.84 -35.77
N MET B 129 -12.72 -18.09 -34.68
CA MET B 129 -12.70 -16.62 -34.81
C MET B 129 -11.29 -16.11 -35.13
N SER B 130 -10.73 -16.67 -36.19
CA SER B 130 -9.51 -16.15 -36.78
C SER B 130 -9.73 -15.67 -38.21
N GLY B 131 -10.30 -16.52 -39.07
CA GLY B 131 -10.61 -16.12 -40.43
C GLY B 131 -12.05 -15.68 -40.60
N GLU B 132 -12.90 -16.01 -39.63
CA GLU B 132 -14.28 -15.55 -39.69
C GLU B 132 -14.36 -14.03 -39.58
N ASP B 133 -13.56 -13.43 -38.70
CA ASP B 133 -13.52 -11.98 -38.58
C ASP B 133 -12.95 -11.34 -39.84
N ALA B 134 -11.97 -12.00 -40.48
CA ALA B 134 -11.46 -11.50 -41.75
C ALA B 134 -12.53 -11.54 -42.83
N ALA B 135 -13.33 -12.61 -42.86
CA ALA B 135 -14.39 -12.76 -43.84
C ALA B 135 -15.58 -11.83 -43.58
N ARG B 136 -15.72 -11.36 -42.34
CA ARG B 136 -16.85 -10.54 -41.90
C ARG B 136 -17.22 -9.40 -42.85
N ASN B 137 -16.28 -8.49 -43.10
CA ASN B 137 -16.58 -7.29 -43.86
C ASN B 137 -16.78 -7.55 -45.35
N GLY B 138 -16.47 -8.75 -45.83
CA GLY B 138 -16.70 -9.06 -47.22
C GLY B 138 -15.70 -8.40 -48.14
N TRP B 139 -16.05 -8.41 -49.43
CA TRP B 139 -15.19 -7.85 -50.46
C TRP B 139 -16.05 -7.07 -51.44
N GLU B 140 -15.39 -6.41 -52.40
CA GLU B 140 -16.06 -5.70 -53.47
C GLU B 140 -15.41 -6.05 -54.81
N LEU B 141 -16.22 -5.99 -55.85
CA LEU B 141 -15.78 -6.31 -57.21
C LEU B 141 -15.26 -5.03 -57.85
N LYS B 142 -14.02 -5.06 -58.34
CA LYS B 142 -13.41 -3.86 -58.90
C LYS B 142 -13.50 -3.83 -60.43
N SER B 143 -12.93 -4.83 -61.09
CA SER B 143 -12.87 -4.96 -62.54
C SER B 143 -12.11 -3.80 -63.20
N ASP B 144 -11.91 -3.88 -64.51
CA ASP B 144 -11.20 -2.83 -65.22
C ASP B 144 -12.04 -1.57 -65.36
N GLY B 145 -13.36 -1.72 -65.51
CA GLY B 145 -14.23 -0.57 -65.71
C GLY B 145 -14.47 0.21 -64.43
N ARG B 146 -15.11 1.38 -64.61
CA ARG B 146 -15.48 2.20 -63.46
C ARG B 146 -16.47 1.48 -62.56
N LYS B 147 -17.56 0.99 -63.14
CA LYS B 147 -18.58 0.25 -62.41
C LYS B 147 -19.03 -0.93 -63.24
N LEU B 148 -19.27 -2.06 -62.57
CA LEU B 148 -19.80 -3.23 -63.25
C LEU B 148 -21.26 -2.99 -63.62
N SER B 149 -21.69 -3.63 -64.70
CA SER B 149 -23.07 -3.53 -65.15
C SER B 149 -24.02 -4.09 -64.09
N ASP B 150 -25.19 -3.47 -63.97
CA ASP B 150 -26.12 -3.82 -62.90
C ASP B 150 -26.64 -5.24 -63.03
N GLU B 151 -26.95 -5.68 -64.26
CA GLU B 151 -27.39 -7.06 -64.45
C GLU B 151 -26.27 -8.03 -64.14
N GLN B 152 -25.02 -7.68 -64.50
CA GLN B 152 -23.87 -8.50 -64.14
C GLN B 152 -23.73 -8.62 -62.63
N SER B 153 -23.89 -7.51 -61.92
CA SER B 153 -23.78 -7.53 -60.46
C SER B 153 -24.89 -8.35 -59.82
N ALA B 154 -26.12 -8.23 -60.34
CA ALA B 154 -27.23 -9.01 -59.82
C ALA B 154 -27.01 -10.51 -60.05
N LEU B 155 -26.54 -10.87 -61.25
CA LEU B 155 -26.25 -12.28 -61.53
C LEU B 155 -25.12 -12.79 -60.65
N ILE B 156 -24.09 -11.97 -60.43
CA ILE B 156 -22.97 -12.36 -59.58
C ILE B 156 -23.45 -12.58 -58.14
N ALA B 157 -24.31 -11.69 -57.64
CA ALA B 157 -24.86 -11.85 -56.30
C ALA B 157 -25.70 -13.11 -56.19
N ARG B 158 -26.52 -13.39 -57.21
CA ARG B 158 -27.35 -14.59 -57.19
C ARG B 158 -26.48 -15.85 -57.17
N ARG B 159 -25.45 -15.89 -58.02
CA ARG B 159 -24.59 -17.07 -58.08
C ARG B 159 -23.78 -17.23 -56.79
N ASP B 160 -23.30 -16.12 -56.22
CA ASP B 160 -22.58 -16.18 -54.96
C ASP B 160 -23.48 -16.69 -53.84
N MET B 161 -24.74 -16.26 -53.82
CA MET B 161 -25.65 -16.70 -52.78
C MET B 161 -26.02 -18.18 -52.96
N GLU B 162 -26.19 -18.62 -54.20
CA GLU B 162 -26.47 -20.03 -54.45
C GLU B 162 -25.25 -20.90 -54.16
N PHE B 163 -24.05 -20.35 -54.27
CA PHE B 163 -22.84 -21.11 -53.98
C PHE B 163 -22.42 -21.04 -52.52
N ARG B 164 -22.96 -20.09 -51.75
CA ARG B 164 -22.65 -19.91 -50.32
C ARG B 164 -21.15 -19.69 -50.11
N VAL B 165 -20.63 -18.67 -50.81
CA VAL B 165 -19.19 -18.42 -50.83
C VAL B 165 -18.67 -18.06 -49.45
N LYS B 166 -19.40 -17.20 -48.74
CA LYS B 166 -18.98 -16.74 -47.42
C LYS B 166 -18.80 -17.90 -46.44
N ASP B 167 -19.83 -18.74 -46.32
CA ASP B 167 -19.77 -19.89 -45.44
C ASP B 167 -18.70 -20.87 -45.88
N ASN B 168 -18.52 -21.01 -47.20
CA ASN B 168 -17.51 -21.92 -47.71
C ASN B 168 -16.11 -21.50 -47.28
N LEU B 169 -15.75 -20.22 -47.46
CA LEU B 169 -14.41 -19.83 -47.07
C LEU B 169 -14.23 -19.73 -45.56
N VAL B 170 -15.30 -19.43 -44.82
CA VAL B 170 -15.22 -19.48 -43.35
C VAL B 170 -14.92 -20.90 -42.89
N GLU B 171 -15.65 -21.88 -43.42
CA GLU B 171 -15.41 -23.27 -43.08
C GLU B 171 -14.03 -23.72 -43.56
N LEU B 172 -13.59 -23.20 -44.71
CA LEU B 172 -12.25 -23.51 -45.22
C LEU B 172 -11.19 -23.11 -44.23
N ASN B 173 -11.22 -21.85 -43.77
CA ASN B 173 -10.25 -21.40 -42.78
C ASN B 173 -10.37 -22.18 -41.48
N ARG B 174 -11.60 -22.41 -41.02
CA ARG B 174 -11.82 -23.07 -39.73
C ARG B 174 -11.22 -24.47 -39.73
N PHE B 175 -11.56 -25.29 -40.72
CA PHE B 175 -11.03 -26.64 -40.73
C PHE B 175 -9.59 -26.71 -41.22
N LYS B 176 -9.10 -25.68 -41.94
CA LYS B 176 -7.67 -25.60 -42.21
C LYS B 176 -6.89 -25.39 -40.92
N ASN B 177 -7.46 -24.62 -39.99
CA ASN B 177 -6.83 -24.49 -38.67
C ASN B 177 -6.99 -25.77 -37.85
N VAL B 178 -8.15 -26.43 -37.96
CA VAL B 178 -8.39 -27.64 -37.19
C VAL B 178 -7.43 -28.75 -37.61
N PHE B 179 -7.49 -29.16 -38.88
CA PHE B 179 -6.58 -30.16 -39.40
C PHE B 179 -5.30 -29.51 -39.86
N GLY B 180 -4.43 -30.29 -40.50
CA GLY B 180 -3.21 -29.72 -41.04
C GLY B 180 -3.38 -29.02 -42.38
N VAL B 181 -4.42 -29.36 -43.13
CA VAL B 181 -4.57 -28.89 -44.51
C VAL B 181 -6.03 -29.03 -44.89
N ARG B 182 -6.48 -28.22 -45.85
CA ARG B 182 -7.82 -28.34 -46.42
C ARG B 182 -7.73 -28.30 -47.93
N ILE B 183 -8.64 -29.02 -48.58
CA ILE B 183 -8.71 -29.10 -50.03
C ILE B 183 -10.07 -28.59 -50.47
N ALA B 184 -10.07 -27.64 -51.38
CA ALA B 184 -11.29 -27.10 -51.98
C ALA B 184 -11.32 -27.48 -53.44
N LEU B 185 -12.37 -28.19 -53.85
CA LEU B 185 -12.54 -28.68 -55.21
C LEU B 185 -13.70 -27.94 -55.84
N PHE B 186 -13.44 -27.29 -56.97
CA PHE B 186 -14.46 -26.56 -57.72
C PHE B 186 -15.11 -27.55 -58.68
N VAL B 187 -16.34 -27.95 -58.37
CA VAL B 187 -17.01 -28.97 -59.17
C VAL B 187 -17.49 -28.32 -60.46
N VAL B 188 -17.22 -28.97 -61.59
CA VAL B 188 -17.60 -28.49 -62.90
C VAL B 188 -17.79 -29.69 -63.80
N GLU B 189 -18.77 -29.62 -64.70
CA GLU B 189 -19.21 -30.76 -65.49
C GLU B 189 -18.57 -30.70 -66.87
N SER B 190 -18.07 -31.85 -67.33
CA SER B 190 -17.52 -31.97 -68.67
C SER B 190 -17.85 -33.36 -69.21
N ASP B 191 -17.81 -33.48 -70.54
CA ASP B 191 -18.18 -34.73 -71.18
C ASP B 191 -17.19 -35.85 -70.89
N ASP B 192 -15.91 -35.51 -70.74
CA ASP B 192 -14.87 -36.52 -70.61
C ASP B 192 -14.82 -37.06 -69.18
N PRO B 193 -14.95 -38.37 -68.97
CA PRO B 193 -14.75 -38.93 -67.62
C PRO B 193 -13.35 -38.70 -67.07
N ASP B 194 -12.35 -38.55 -67.94
CA ASP B 194 -10.95 -38.38 -67.57
C ASP B 194 -10.61 -36.90 -67.34
N TYR B 195 -11.63 -36.04 -67.25
CA TYR B 195 -11.44 -34.60 -67.19
C TYR B 195 -10.56 -34.17 -66.01
N TYR B 196 -10.76 -34.78 -64.84
CA TYR B 196 -9.93 -34.44 -63.69
C TYR B 196 -8.63 -35.24 -63.67
N GLU B 197 -7.93 -35.29 -64.80
CA GLU B 197 -6.61 -35.87 -64.90
C GLU B 197 -5.61 -34.93 -65.54
N LYS B 198 -6.04 -34.16 -66.54
CA LYS B 198 -5.19 -33.19 -67.21
C LYS B 198 -4.98 -31.97 -66.32
N PRO B 199 -3.90 -31.22 -66.55
CA PRO B 199 -3.75 -29.95 -65.82
C PRO B 199 -4.90 -29.00 -66.16
N PHE B 200 -5.33 -28.24 -65.15
CA PHE B 200 -6.47 -27.36 -65.29
C PHE B 200 -6.20 -26.30 -66.37
N ASN B 201 -7.17 -26.13 -67.27
CA ASN B 201 -7.04 -25.21 -68.38
C ASN B 201 -8.24 -24.26 -68.37
N PRO B 202 -8.01 -22.94 -68.42
CA PRO B 202 -9.13 -22.00 -68.45
C PRO B 202 -9.96 -22.08 -69.73
N ASP B 203 -9.45 -22.70 -70.79
CA ASP B 203 -10.21 -22.84 -72.02
C ASP B 203 -11.24 -23.97 -71.97
N GLY B 204 -11.05 -24.95 -71.08
CA GLY B 204 -11.97 -26.07 -70.96
C GLY B 204 -13.20 -25.71 -70.15
N ILE B 205 -14.14 -25.00 -70.76
CA ILE B 205 -15.24 -24.39 -70.03
C ILE B 205 -16.55 -25.14 -70.19
N THR B 206 -17.04 -25.27 -71.43
CA THR B 206 -18.39 -25.71 -71.75
C THR B 206 -19.40 -24.86 -70.97
N PRO B 207 -19.68 -23.64 -71.43
CA PRO B 207 -20.33 -22.61 -70.58
C PRO B 207 -21.60 -23.07 -69.89
N GLY B 208 -21.85 -22.50 -68.72
CA GLY B 208 -22.94 -22.94 -67.87
C GLY B 208 -22.68 -24.27 -67.18
N SER B 209 -21.44 -24.49 -66.73
CA SER B 209 -21.06 -25.75 -66.11
C SER B 209 -20.56 -25.63 -64.68
N TYR B 210 -20.29 -24.42 -64.21
CA TYR B 210 -19.78 -24.21 -62.85
C TYR B 210 -20.91 -24.42 -61.85
N LYS B 211 -20.92 -25.58 -61.20
CA LYS B 211 -22.03 -25.95 -60.33
C LYS B 211 -21.82 -25.55 -58.88
N GLY B 212 -20.59 -25.33 -58.45
CA GLY B 212 -20.32 -24.93 -57.08
C GLY B 212 -18.96 -25.43 -56.65
N ILE B 213 -18.73 -25.38 -55.33
CA ILE B 213 -17.48 -25.83 -54.75
C ILE B 213 -17.79 -26.77 -53.59
N SER B 214 -16.82 -27.61 -53.26
CA SER B 214 -16.90 -28.52 -52.14
C SER B 214 -15.58 -28.49 -51.40
N GLN B 215 -15.62 -28.87 -50.12
CA GLN B 215 -14.42 -28.93 -49.29
C GLN B 215 -14.27 -30.33 -48.74
N ILE B 216 -13.10 -30.91 -48.94
CA ILE B 216 -12.82 -32.30 -48.61
C ILE B 216 -11.91 -32.35 -47.40
N ASP B 217 -12.31 -33.11 -46.39
CA ASP B 217 -11.48 -33.29 -45.21
C ASP B 217 -10.26 -34.14 -45.57
N PRO B 218 -9.14 -33.96 -44.85
CA PRO B 218 -7.91 -34.68 -45.23
C PRO B 218 -8.02 -36.20 -45.20
N TYR B 219 -8.81 -36.78 -44.29
CA TYR B 219 -8.86 -38.23 -44.25
C TYR B 219 -9.63 -38.82 -45.42
N TRP B 220 -10.39 -38.02 -46.15
CA TRP B 220 -11.07 -38.47 -47.35
C TRP B 220 -10.21 -38.36 -48.60
N ALA B 221 -9.00 -37.82 -48.49
CA ALA B 221 -8.12 -37.59 -49.63
C ALA B 221 -6.84 -38.39 -49.47
N MET B 222 -6.04 -38.40 -50.54
CA MET B 222 -4.77 -39.12 -50.56
C MET B 222 -3.86 -38.46 -51.57
N PRO B 223 -2.87 -37.69 -51.14
CA PRO B 223 -1.88 -37.14 -52.07
C PRO B 223 -1.06 -38.26 -52.70
N GLN B 224 -0.72 -38.07 -53.98
CA GLN B 224 0.14 -39.00 -54.70
C GLN B 224 1.22 -38.21 -55.41
N LEU B 225 2.47 -38.63 -55.26
CA LEU B 225 3.62 -37.92 -55.79
C LEU B 225 4.08 -38.57 -57.09
N THR B 226 4.39 -37.75 -58.08
CA THR B 226 5.02 -38.23 -59.30
C THR B 226 6.53 -38.25 -59.15
N ALA B 227 7.18 -39.05 -60.00
CA ALA B 227 8.63 -39.16 -59.98
C ALA B 227 9.29 -37.83 -60.32
N GLY B 228 8.70 -37.05 -61.23
CA GLY B 228 9.20 -35.73 -61.52
C GLY B 228 8.99 -34.74 -60.39
N SER B 229 7.99 -34.97 -59.55
CA SER B 229 7.73 -34.13 -58.38
C SER B 229 8.41 -34.65 -57.13
N THR B 230 9.19 -35.73 -57.23
CA THR B 230 9.91 -36.25 -56.07
C THR B 230 11.41 -36.39 -56.29
N ALA B 231 11.89 -36.53 -57.53
CA ALA B 231 13.29 -36.83 -57.75
C ALA B 231 14.19 -35.60 -57.64
N ASP B 232 13.68 -34.43 -58.01
CA ASP B 232 14.51 -33.23 -58.17
C ASP B 232 14.27 -32.24 -57.05
N PRO B 233 15.20 -32.08 -56.10
CA PRO B 233 15.05 -30.99 -55.12
C PRO B 233 15.02 -29.61 -55.74
N SER B 234 15.71 -29.42 -56.87
CA SER B 234 15.72 -28.13 -57.54
C SER B 234 14.38 -27.80 -58.18
N SER B 235 13.51 -28.79 -58.38
CA SER B 235 12.20 -28.53 -58.97
C SER B 235 11.35 -27.70 -58.04
N GLU B 236 10.62 -26.74 -58.60
CA GLU B 236 9.75 -25.87 -57.82
C GLU B 236 8.50 -26.60 -57.31
N HIS B 237 8.19 -27.78 -57.86
CA HIS B 237 7.11 -28.61 -57.37
C HIS B 237 7.60 -29.78 -56.52
N PHE B 238 8.85 -29.72 -56.05
CA PHE B 238 9.37 -30.77 -55.18
C PHE B 238 8.56 -30.86 -53.89
N TYR B 239 8.18 -32.09 -53.54
CA TYR B 239 7.34 -32.37 -52.37
C TYR B 239 6.04 -31.57 -52.39
N GLU B 240 5.47 -31.44 -53.59
CA GLU B 240 4.17 -30.81 -53.78
C GLU B 240 3.27 -31.80 -54.48
N PRO B 241 2.24 -32.34 -53.80
CA PRO B 241 1.33 -33.32 -54.42
C PRO B 241 0.76 -32.88 -55.75
N ASP B 242 1.10 -33.62 -56.81
CA ASP B 242 0.59 -33.32 -58.14
C ASP B 242 -0.86 -33.77 -58.31
N PHE B 243 -1.26 -34.82 -57.58
CA PHE B 243 -2.62 -35.35 -57.67
C PHE B 243 -3.14 -35.64 -56.26
N TRP B 244 -4.46 -35.73 -56.14
CA TRP B 244 -5.09 -36.08 -54.88
C TRP B 244 -6.17 -37.11 -55.16
N ILE B 245 -6.00 -38.33 -54.64
CA ILE B 245 -7.02 -39.36 -54.75
C ILE B 245 -8.06 -39.09 -53.67
N ILE B 246 -9.28 -38.78 -54.08
CA ILE B 246 -10.34 -38.47 -53.13
C ILE B 246 -11.31 -39.65 -53.04
N SER B 247 -11.98 -39.96 -54.15
CA SER B 247 -12.86 -41.14 -54.24
C SER B 247 -12.46 -41.89 -55.50
N GLY B 248 -11.47 -42.77 -55.36
CA GLY B 248 -10.99 -43.54 -56.49
C GLY B 248 -10.20 -42.72 -57.50
N LYS B 249 -10.85 -41.74 -58.11
CA LYS B 249 -10.21 -40.89 -59.11
C LYS B 249 -9.23 -39.92 -58.45
N LYS B 250 -8.27 -39.46 -59.25
CA LYS B 250 -7.16 -38.64 -58.77
C LYS B 250 -7.26 -37.24 -59.37
N TYR B 251 -7.73 -36.29 -58.57
CA TYR B 251 -7.85 -34.91 -59.02
C TYR B 251 -6.48 -34.25 -59.10
N HIS B 252 -6.23 -33.51 -60.17
CA HIS B 252 -4.95 -32.87 -60.35
C HIS B 252 -4.81 -31.69 -59.39
N ARG B 253 -3.55 -31.32 -59.12
CA ARG B 253 -3.26 -30.23 -58.19
C ARG B 253 -3.82 -28.91 -58.69
N SER B 254 -3.69 -28.63 -59.99
CA SER B 254 -4.13 -27.35 -60.53
C SER B 254 -5.65 -27.22 -60.50
N HIS B 255 -6.37 -28.34 -60.59
CA HIS B 255 -7.83 -28.29 -60.62
C HIS B 255 -8.41 -27.77 -59.31
N LEU B 256 -7.81 -28.15 -58.19
CA LEU B 256 -8.30 -27.80 -56.87
C LEU B 256 -7.38 -26.79 -56.18
N VAL B 257 -7.90 -26.19 -55.12
CA VAL B 257 -7.19 -25.17 -54.36
C VAL B 257 -6.88 -25.75 -52.98
N VAL B 258 -5.60 -25.72 -52.60
CA VAL B 258 -5.13 -26.27 -51.34
C VAL B 258 -4.68 -25.13 -50.44
N VAL B 259 -5.21 -25.09 -49.22
CA VAL B 259 -4.75 -24.19 -48.17
C VAL B 259 -4.15 -25.03 -47.06
N ARG B 260 -2.93 -24.68 -46.64
CA ARG B 260 -2.17 -25.51 -45.72
C ARG B 260 -1.61 -24.65 -44.59
N GLY B 261 -1.16 -25.32 -43.55
CA GLY B 261 -0.67 -24.65 -42.36
C GLY B 261 0.71 -24.05 -42.52
N PRO B 262 1.50 -24.09 -41.44
CA PRO B 262 2.80 -23.42 -41.44
C PRO B 262 3.88 -24.05 -42.33
N GLN B 263 3.53 -25.10 -43.09
CA GLN B 263 4.42 -25.71 -44.09
C GLN B 263 5.72 -26.21 -43.47
N PRO B 264 5.69 -27.37 -42.81
CA PRO B 264 6.90 -27.89 -42.14
C PRO B 264 8.04 -28.14 -43.12
N PRO B 265 9.27 -28.29 -42.62
CA PRO B 265 10.41 -28.51 -43.54
C PRO B 265 10.28 -29.81 -44.31
N ASP B 266 11.15 -29.94 -45.31
CA ASP B 266 11.00 -30.98 -46.33
C ASP B 266 11.18 -32.38 -45.76
N ILE B 267 12.17 -32.58 -44.89
CA ILE B 267 12.50 -33.94 -44.45
C ILE B 267 11.35 -34.56 -43.66
N LEU B 268 10.54 -33.74 -42.99
CA LEU B 268 9.38 -34.24 -42.26
C LEU B 268 8.07 -33.72 -42.84
N LYS B 269 8.09 -33.21 -44.06
CA LYS B 269 6.85 -32.94 -44.78
C LYS B 269 6.00 -34.18 -45.04
N PRO B 270 6.55 -35.32 -45.49
CA PRO B 270 5.70 -36.51 -45.62
C PRO B 270 5.09 -37.00 -44.32
N THR B 271 5.72 -36.70 -43.18
CA THR B 271 5.15 -37.10 -41.89
C THR B 271 3.83 -36.38 -41.60
N TYR B 272 3.59 -35.24 -42.22
CA TYR B 272 2.32 -34.54 -42.11
C TYR B 272 1.39 -34.80 -43.29
N ILE B 273 1.71 -35.81 -44.10
CA ILE B 273 0.96 -36.19 -45.30
C ILE B 273 0.96 -35.00 -46.25
N PHE B 274 2.09 -34.31 -46.32
CA PHE B 274 2.28 -33.14 -47.18
C PHE B 274 1.24 -32.06 -46.94
N GLY B 275 0.89 -31.87 -45.66
CA GLY B 275 -0.08 -30.86 -45.29
C GLY B 275 0.56 -29.71 -44.55
N GLY B 276 0.17 -29.52 -43.29
CA GLY B 276 0.73 -28.48 -42.46
C GLY B 276 0.62 -28.85 -41.00
N ILE B 277 1.24 -28.03 -40.16
CA ILE B 277 1.22 -28.24 -38.72
C ILE B 277 -0.15 -27.82 -38.20
N PRO B 278 -0.88 -28.70 -37.52
CA PRO B 278 -2.25 -28.35 -37.11
C PRO B 278 -2.30 -27.61 -35.78
N LEU B 279 -3.21 -26.64 -35.71
CA LEU B 279 -3.41 -25.89 -34.49
C LEU B 279 -3.95 -26.76 -33.36
N THR B 280 -4.62 -27.86 -33.70
CA THR B 280 -5.01 -28.84 -32.67
C THR B 280 -3.78 -29.47 -32.03
N GLN B 281 -2.79 -29.84 -32.85
CA GLN B 281 -1.53 -30.35 -32.31
C GLN B 281 -0.80 -29.26 -31.52
N ARG B 282 -0.91 -28.00 -31.95
CA ARG B 282 -0.23 -26.92 -31.24
C ARG B 282 -0.85 -26.67 -29.87
N ILE B 283 -2.19 -26.76 -29.76
CA ILE B 283 -2.78 -26.39 -28.43
C ILE B 283 -3.66 -27.46 -27.77
N TYR B 284 -3.49 -28.77 -28.01
CA TYR B 284 -4.32 -29.67 -27.23
C TYR B 284 -3.78 -29.90 -25.82
N GLU B 285 -2.53 -29.53 -25.55
CA GLU B 285 -1.94 -29.65 -24.22
C GLU B 285 -2.16 -28.42 -23.35
N ARG B 286 -1.92 -27.23 -23.91
CA ARG B 286 -2.12 -25.98 -23.18
C ARG B 286 -3.58 -25.80 -22.79
N VAL B 287 -4.48 -26.14 -23.69
CA VAL B 287 -5.91 -26.05 -23.42
C VAL B 287 -6.29 -26.99 -22.27
N TYR B 288 -5.76 -28.21 -22.29
CA TYR B 288 -6.05 -29.16 -21.22
C TYR B 288 -5.52 -28.65 -19.88
N ALA B 289 -4.30 -28.10 -19.88
CA ALA B 289 -3.73 -27.58 -18.64
C ALA B 289 -4.57 -26.41 -18.10
N ALA B 290 -4.99 -25.50 -18.98
CA ALA B 290 -5.81 -24.38 -18.55
C ALA B 290 -7.14 -24.86 -17.99
N GLU B 291 -7.78 -25.83 -18.66
CA GLU B 291 -9.08 -26.30 -18.20
C GLU B 291 -8.97 -27.07 -16.89
N ARG B 292 -7.89 -27.84 -16.71
CA ARG B 292 -7.74 -28.60 -15.47
C ARG B 292 -7.42 -27.67 -14.30
N THR B 293 -6.62 -26.62 -14.54
CA THR B 293 -6.40 -25.63 -13.50
C THR B 293 -7.68 -24.87 -13.18
N ALA B 294 -8.51 -24.61 -14.19
CA ALA B 294 -9.81 -24.01 -13.95
C ALA B 294 -10.70 -24.93 -13.13
N ASN B 295 -10.57 -26.24 -13.33
CA ASN B 295 -11.29 -27.20 -12.49
C ASN B 295 -10.81 -27.17 -11.06
N GLU B 296 -9.48 -27.12 -10.86
CA GLU B 296 -8.91 -27.44 -9.56
C GLU B 296 -9.29 -26.45 -8.47
N ALA B 297 -9.62 -25.20 -8.82
CA ALA B 297 -9.98 -24.24 -7.77
C ALA B 297 -11.38 -24.50 -7.20
N PRO B 298 -12.44 -24.67 -8.03
CA PRO B 298 -13.73 -25.08 -7.44
C PRO B 298 -13.68 -26.40 -6.70
N LEU B 299 -13.04 -27.42 -7.28
CA LEU B 299 -13.08 -28.75 -6.71
C LEU B 299 -12.34 -28.81 -5.38
N LEU B 300 -11.22 -28.09 -5.27
CA LEU B 300 -10.52 -28.00 -3.99
C LEU B 300 -11.26 -27.10 -3.01
N ALA B 301 -11.93 -26.07 -3.53
CA ALA B 301 -12.75 -25.21 -2.68
C ALA B 301 -13.89 -25.97 -2.05
N MET B 302 -14.40 -27.00 -2.72
CA MET B 302 -15.40 -27.87 -2.11
C MET B 302 -14.86 -28.53 -0.85
N SER B 303 -13.71 -29.18 -0.95
CA SER B 303 -13.03 -29.73 0.23
C SER B 303 -11.96 -28.78 0.75
N LYS B 304 -12.32 -27.51 0.94
CA LYS B 304 -11.40 -26.55 1.56
C LYS B 304 -11.18 -26.87 3.03
N ARG B 305 -12.24 -26.88 3.83
CA ARG B 305 -12.14 -27.08 5.27
C ARG B 305 -12.28 -28.56 5.62
N THR B 306 -11.44 -29.01 6.54
CA THR B 306 -11.34 -30.44 6.88
C THR B 306 -11.32 -30.64 8.40
N SER B 307 -12.28 -30.03 9.09
CA SER B 307 -12.36 -30.18 10.55
C SER B 307 -12.53 -31.63 10.95
N THR B 308 -11.74 -32.08 11.92
CA THR B 308 -11.75 -33.45 12.39
C THR B 308 -11.69 -33.49 13.91
N ILE B 309 -12.19 -34.60 14.46
CA ILE B 309 -12.38 -34.76 15.90
C ILE B 309 -11.63 -36.02 16.34
N HIS B 310 -10.99 -35.93 17.50
CA HIS B 310 -10.18 -37.03 18.04
C HIS B 310 -11.00 -37.74 19.11
N VAL B 311 -11.80 -38.69 18.67
CA VAL B 311 -12.64 -39.50 19.54
C VAL B 311 -11.86 -40.77 19.91
N ASP B 312 -12.07 -41.25 21.14
CA ASP B 312 -11.52 -42.55 21.54
C ASP B 312 -12.24 -43.60 20.70
N VAL B 313 -11.60 -44.01 19.61
CA VAL B 313 -12.26 -44.86 18.62
C VAL B 313 -12.53 -46.25 19.21
N GLU B 314 -11.65 -46.76 20.07
CA GLU B 314 -11.92 -48.06 20.68
C GLU B 314 -13.11 -48.02 21.62
N LYS B 315 -13.51 -46.83 22.09
CA LYS B 315 -14.74 -46.67 22.86
C LYS B 315 -15.95 -46.46 21.95
N ALA B 316 -15.76 -45.75 20.84
CA ALA B 316 -16.83 -45.64 19.84
C ALA B 316 -17.16 -46.98 19.21
N ILE B 317 -16.18 -47.89 19.21
CA ILE B 317 -16.35 -49.24 18.64
C ILE B 317 -17.52 -49.95 19.31
N ALA B 318 -17.62 -49.82 20.63
CA ALA B 318 -18.57 -50.58 21.42
C ALA B 318 -20.02 -50.33 20.98
N ASN B 319 -20.41 -49.05 20.90
CA ASN B 319 -21.76 -48.74 20.44
C ASN B 319 -21.77 -48.44 18.95
N GLU B 320 -21.18 -47.31 18.56
CA GLU B 320 -21.07 -46.85 17.17
C GLU B 320 -22.42 -46.62 16.46
N ASP B 321 -23.55 -46.95 17.09
CA ASP B 321 -24.82 -46.55 16.50
C ASP B 321 -25.32 -45.24 17.10
N ALA B 322 -25.34 -45.14 18.43
CA ALA B 322 -25.64 -43.87 19.08
C ALA B 322 -24.58 -42.83 18.75
N PHE B 323 -23.32 -43.25 18.65
CA PHE B 323 -22.24 -42.33 18.31
C PHE B 323 -22.42 -41.72 16.92
N ASN B 324 -22.66 -42.58 15.92
CA ASN B 324 -22.89 -42.08 14.57
C ASN B 324 -24.17 -41.26 14.48
N ALA B 325 -25.21 -41.67 15.21
CA ALA B 325 -26.45 -40.89 15.22
C ALA B 325 -26.22 -39.50 15.80
N ARG B 326 -25.47 -39.41 16.90
CA ARG B 326 -25.20 -38.12 17.54
C ARG B 326 -24.37 -37.22 16.62
N LEU B 327 -23.32 -37.77 16.01
CA LEU B 327 -22.50 -36.92 15.16
C LEU B 327 -23.20 -36.58 13.85
N ALA B 328 -24.07 -37.46 13.35
CA ALA B 328 -24.90 -37.11 12.21
C ALA B 328 -25.85 -35.98 12.55
N PHE B 329 -26.40 -36.00 13.77
CA PHE B 329 -27.23 -34.89 14.23
C PHE B 329 -26.44 -33.59 14.28
N TRP B 330 -25.19 -33.66 14.77
CA TRP B 330 -24.34 -32.47 14.79
C TRP B 330 -24.09 -31.94 13.38
N ILE B 331 -23.73 -32.82 12.46
CA ILE B 331 -23.43 -32.39 11.09
C ILE B 331 -24.67 -31.84 10.42
N ALA B 332 -25.83 -32.43 10.70
CA ALA B 332 -27.08 -31.91 10.14
C ALA B 332 -27.39 -30.51 10.68
N ASN B 333 -27.41 -30.36 12.00
CA ASN B 333 -27.66 -29.05 12.60
C ASN B 333 -26.37 -28.32 12.95
N ARG B 334 -25.41 -28.27 12.03
CA ARG B 334 -24.21 -27.48 12.26
C ARG B 334 -24.50 -26.00 12.04
N ASP B 335 -24.05 -25.16 12.96
CA ASP B 335 -24.36 -23.74 12.97
C ASP B 335 -23.26 -23.03 13.74
N ASN B 336 -23.14 -21.71 13.54
CA ASN B 336 -22.15 -20.91 14.23
C ASN B 336 -22.66 -20.32 15.54
N HIS B 337 -23.68 -20.93 16.14
CA HIS B 337 -24.15 -20.51 17.46
C HIS B 337 -24.22 -21.70 18.41
N GLY B 338 -24.45 -22.89 17.85
CA GLY B 338 -24.44 -24.09 18.67
C GLY B 338 -23.04 -24.41 19.15
N VAL B 339 -22.97 -25.10 20.29
CA VAL B 339 -21.71 -25.44 20.92
C VAL B 339 -21.58 -26.96 20.95
N LYS B 340 -20.37 -27.45 20.74
CA LYS B 340 -20.08 -28.88 20.70
C LYS B 340 -19.44 -29.29 22.01
N VAL B 341 -20.05 -30.25 22.70
CA VAL B 341 -19.48 -30.83 23.91
C VAL B 341 -18.67 -32.06 23.52
N LEU B 342 -17.43 -32.11 23.98
CA LEU B 342 -16.58 -33.26 23.73
C LEU B 342 -15.63 -33.39 24.91
N GLY B 343 -15.48 -34.60 25.44
CA GLY B 343 -14.79 -34.83 26.69
C GLY B 343 -13.31 -34.50 26.71
N THR B 344 -12.66 -34.77 27.83
CA THR B 344 -11.21 -34.64 27.89
C THR B 344 -10.56 -35.72 27.03
N ASP B 345 -9.26 -35.54 26.78
CA ASP B 345 -8.48 -36.35 25.83
C ASP B 345 -9.14 -36.33 24.44
N GLU B 346 -9.56 -35.13 24.01
CA GLU B 346 -10.25 -34.91 22.75
C GLU B 346 -9.85 -33.53 22.26
N SER B 347 -9.42 -33.44 20.99
CA SER B 347 -8.85 -32.19 20.48
C SER B 347 -9.76 -31.46 19.49
N MET B 348 -10.21 -32.16 18.44
CA MET B 348 -11.01 -31.61 17.34
C MET B 348 -10.27 -30.45 16.65
N GLU B 349 -9.25 -30.80 15.89
CA GLU B 349 -8.55 -29.75 15.16
C GLU B 349 -9.23 -29.49 13.81
N GLN B 350 -8.78 -28.44 13.13
CA GLN B 350 -9.39 -28.04 11.87
C GLN B 350 -8.32 -27.49 10.94
N PHE B 351 -8.39 -27.86 9.67
CA PHE B 351 -7.46 -27.42 8.66
C PHE B 351 -8.21 -26.78 7.51
N ASP B 352 -7.57 -25.84 6.83
CA ASP B 352 -8.15 -25.19 5.66
C ASP B 352 -7.06 -24.91 4.63
N THR B 353 -7.47 -24.81 3.38
CA THR B 353 -6.55 -24.64 2.27
C THR B 353 -6.58 -23.20 1.76
N ASN B 354 -5.43 -22.74 1.27
CA ASN B 354 -5.30 -21.41 0.69
C ASN B 354 -5.39 -21.52 -0.83
N LEU B 355 -6.35 -20.81 -1.41
CA LEU B 355 -6.64 -20.90 -2.85
C LEU B 355 -6.47 -19.58 -3.57
N ALA B 356 -5.79 -18.61 -2.96
CA ALA B 356 -5.68 -17.29 -3.58
C ALA B 356 -4.78 -17.30 -4.81
N ASP B 357 -3.87 -18.27 -4.92
CA ASP B 357 -2.88 -18.29 -5.99
C ASP B 357 -3.31 -19.12 -7.20
N PHE B 358 -4.52 -19.67 -7.21
CA PHE B 358 -4.97 -20.45 -8.36
C PHE B 358 -5.34 -19.56 -9.55
N ASP B 359 -5.84 -18.35 -9.27
CA ASP B 359 -6.29 -17.46 -10.34
C ASP B 359 -5.15 -17.07 -11.27
N SER B 360 -3.98 -16.78 -10.70
CA SER B 360 -2.83 -16.41 -11.50
C SER B 360 -2.43 -17.54 -12.44
N ILE B 361 -2.44 -18.78 -11.95
CA ILE B 361 -2.10 -19.93 -12.77
C ILE B 361 -3.12 -20.10 -13.90
N ILE B 362 -4.41 -20.01 -13.57
CA ILE B 362 -5.46 -20.22 -14.55
C ILE B 362 -5.36 -19.19 -15.67
N MET B 363 -5.24 -17.91 -15.31
CA MET B 363 -5.20 -16.89 -16.34
C MET B 363 -3.87 -16.83 -17.07
N ASN B 364 -2.77 -17.28 -16.46
CA ASN B 364 -1.53 -17.43 -17.21
C ASN B 364 -1.66 -18.50 -18.28
N GLN B 365 -2.35 -19.61 -17.96
CA GLN B 365 -2.51 -20.65 -18.96
C GLN B 365 -3.48 -20.24 -20.06
N TYR B 366 -4.55 -19.52 -19.71
CA TYR B 366 -5.45 -19.02 -20.75
C TYR B 366 -4.76 -17.98 -21.63
N GLN B 367 -3.91 -17.14 -21.04
CA GLN B 367 -3.13 -16.19 -21.83
C GLN B 367 -2.20 -16.92 -22.79
N LEU B 368 -1.62 -18.04 -22.35
CA LEU B 368 -0.79 -18.83 -23.24
C LEU B 368 -1.62 -19.49 -24.35
N VAL B 369 -2.86 -19.90 -24.04
CA VAL B 369 -3.75 -20.41 -25.08
C VAL B 369 -3.94 -19.36 -26.16
N ALA B 370 -4.20 -18.11 -25.75
CA ALA B 370 -4.29 -17.01 -26.70
C ALA B 370 -2.98 -16.82 -27.45
N ALA B 371 -1.85 -17.04 -26.77
CA ALA B 371 -0.55 -16.86 -27.40
C ALA B 371 -0.35 -17.82 -28.57
N ILE B 372 -0.67 -19.10 -28.37
CA ILE B 372 -0.62 -20.04 -29.50
C ILE B 372 -1.67 -19.67 -30.55
N ALA B 373 -2.89 -19.33 -30.11
CA ALA B 373 -3.98 -19.08 -31.05
C ALA B 373 -3.77 -17.83 -31.90
N LYS B 374 -2.81 -16.97 -31.54
CA LYS B 374 -2.52 -15.71 -32.25
C LYS B 374 -3.71 -14.77 -32.26
N THR B 375 -4.64 -14.98 -31.32
CA THR B 375 -5.86 -14.26 -31.13
C THR B 375 -5.84 -13.60 -29.75
N PRO B 376 -6.30 -12.37 -29.60
CA PRO B 376 -6.26 -11.71 -28.29
C PRO B 376 -7.08 -12.44 -27.25
N ALA B 377 -6.59 -12.38 -25.99
CA ALA B 377 -7.33 -12.95 -24.88
C ALA B 377 -8.68 -12.25 -24.69
N THR B 378 -8.80 -11.01 -25.14
CA THR B 378 -10.10 -10.35 -25.16
C THR B 378 -11.06 -11.07 -26.09
N LYS B 379 -10.57 -11.53 -27.24
CA LYS B 379 -11.44 -12.25 -28.17
C LYS B 379 -11.74 -13.66 -27.67
N LEU B 380 -10.73 -14.37 -27.17
CA LEU B 380 -10.95 -15.75 -26.75
C LEU B 380 -11.63 -15.82 -25.38
N LEU B 381 -10.95 -15.33 -24.34
CA LEU B 381 -11.43 -15.40 -22.96
C LEU B 381 -12.56 -14.42 -22.70
N GLY B 382 -12.85 -13.50 -23.62
CA GLY B 382 -13.88 -12.52 -23.41
C GLY B 382 -13.40 -11.23 -22.77
N THR B 383 -12.23 -11.25 -22.16
CA THR B 383 -11.63 -10.06 -21.55
C THR B 383 -10.15 -10.34 -21.34
N SER B 384 -9.43 -9.29 -20.95
CA SER B 384 -8.03 -9.45 -20.57
C SER B 384 -7.93 -10.30 -19.31
N PRO B 385 -6.92 -11.16 -19.20
CA PRO B 385 -6.79 -12.02 -18.01
C PRO B 385 -6.38 -11.25 -16.76
N LYS B 386 -6.21 -11.97 -15.65
CA LYS B 386 -5.92 -11.36 -14.36
C LYS B 386 -4.59 -10.61 -14.37
N GLY B 387 -4.63 -9.36 -13.91
CA GLY B 387 -3.43 -8.58 -13.72
C GLY B 387 -2.77 -8.04 -14.96
N PHE B 388 -3.04 -8.62 -16.13
CA PHE B 388 -2.42 -8.18 -17.36
C PHE B 388 -2.89 -6.77 -17.72
N ASN B 389 -2.01 -6.04 -18.39
CA ASN B 389 -2.33 -4.69 -18.85
C ASN B 389 -3.51 -4.73 -19.81
N ALA B 390 -4.37 -3.72 -19.72
CA ALA B 390 -5.55 -3.65 -20.57
C ALA B 390 -5.14 -3.61 -22.04
N THR B 391 -5.88 -4.35 -22.86
CA THR B 391 -5.56 -4.47 -24.27
C THR B 391 -5.67 -3.11 -24.96
N GLY B 392 -4.76 -2.87 -25.90
CA GLY B 392 -4.65 -1.55 -26.48
C GLY B 392 -4.48 -1.50 -27.99
N GLU B 393 -4.02 -0.34 -28.47
CA GLU B 393 -3.87 -0.11 -29.90
C GLU B 393 -2.88 -1.09 -30.51
N HIS B 394 -1.84 -1.45 -29.76
CA HIS B 394 -0.85 -2.39 -30.27
C HIS B 394 -1.46 -3.75 -30.55
N GLU B 395 -2.27 -4.25 -29.62
CA GLU B 395 -2.89 -5.56 -29.83
C GLU B 395 -3.98 -5.48 -30.90
N THR B 396 -4.71 -4.36 -30.98
CA THR B 396 -5.73 -4.25 -32.01
C THR B 396 -5.10 -4.21 -33.41
N ILE B 397 -3.97 -3.52 -33.57
CA ILE B 397 -3.34 -3.54 -34.89
C ILE B 397 -2.62 -4.88 -35.12
N SER B 398 -2.19 -5.55 -34.05
CA SER B 398 -1.54 -6.85 -34.21
C SER B 398 -2.53 -7.93 -34.62
N TYR B 399 -3.79 -7.81 -34.22
CA TYR B 399 -4.81 -8.78 -34.59
C TYR B 399 -5.58 -8.37 -35.84
N HIS B 400 -6.22 -7.20 -35.80
CA HIS B 400 -7.12 -6.78 -36.86
C HIS B 400 -6.39 -6.62 -38.19
N GLU B 401 -5.18 -6.09 -38.15
CA GLU B 401 -4.45 -5.80 -39.39
C GLU B 401 -3.55 -6.94 -39.85
N GLU B 402 -2.91 -7.68 -38.93
CA GLU B 402 -1.91 -8.65 -39.36
C GLU B 402 -2.52 -10.00 -39.71
N LEU B 403 -3.10 -10.66 -38.71
CA LEU B 403 -3.58 -12.03 -38.89
C LEU B 403 -4.75 -12.07 -39.86
N GLU B 404 -5.60 -11.05 -39.85
CA GLU B 404 -6.75 -11.04 -40.74
C GLU B 404 -6.33 -10.77 -42.18
N SER B 405 -5.27 -9.98 -42.39
CA SER B 405 -4.72 -9.85 -43.74
C SER B 405 -4.09 -11.15 -44.20
N ILE B 406 -3.46 -11.89 -43.29
CA ILE B 406 -2.95 -13.23 -43.63
C ILE B 406 -4.10 -14.13 -44.05
N GLN B 407 -5.20 -14.13 -43.28
CA GLN B 407 -6.35 -14.94 -43.64
C GLN B 407 -6.97 -14.49 -44.96
N GLU B 408 -6.91 -13.19 -45.26
CA GLU B 408 -7.45 -12.71 -46.52
C GLU B 408 -6.60 -13.14 -47.70
N HIS B 409 -5.27 -13.13 -47.56
CA HIS B 409 -4.46 -13.61 -48.68
C HIS B 409 -4.51 -15.12 -48.78
N ILE B 410 -4.92 -15.82 -47.72
CA ILE B 410 -5.24 -17.23 -47.81
C ILE B 410 -6.55 -17.45 -48.56
N PHE B 411 -7.55 -16.61 -48.29
CA PHE B 411 -8.83 -16.68 -49.01
C PHE B 411 -8.67 -16.33 -50.48
N ASP B 412 -7.70 -15.48 -50.81
CA ASP B 412 -7.57 -14.94 -52.17
C ASP B 412 -7.47 -15.98 -53.28
N PRO B 413 -6.71 -17.09 -53.15
CA PRO B 413 -6.80 -18.13 -54.20
C PRO B 413 -8.21 -18.67 -54.41
N LEU B 414 -8.96 -18.87 -53.32
CA LEU B 414 -10.32 -19.40 -53.44
C LEU B 414 -11.22 -18.45 -54.21
N LEU B 415 -11.24 -17.17 -53.81
CA LEU B 415 -12.08 -16.19 -54.50
C LEU B 415 -11.63 -15.98 -55.93
N GLU B 416 -10.31 -16.02 -56.18
CA GLU B 416 -9.81 -15.80 -57.53
C GLU B 416 -10.22 -16.93 -58.47
N ARG B 417 -10.05 -18.18 -58.04
CA ARG B 417 -10.49 -19.30 -58.87
C ARG B 417 -12.01 -19.32 -59.00
N HIS B 418 -12.74 -18.96 -57.94
CA HIS B 418 -14.20 -18.94 -58.01
C HIS B 418 -14.68 -17.89 -59.00
N TYR B 419 -14.07 -16.70 -59.00
CA TYR B 419 -14.48 -15.66 -59.93
C TYR B 419 -14.04 -15.96 -61.35
N LEU B 420 -12.89 -16.64 -61.52
CA LEU B 420 -12.52 -17.12 -62.85
C LEU B 420 -13.56 -18.08 -63.38
N LEU B 421 -13.87 -19.13 -62.60
CA LEU B 421 -14.81 -20.15 -63.04
C LEU B 421 -16.25 -19.67 -63.03
N LEU B 422 -16.54 -18.49 -62.48
CA LEU B 422 -17.87 -17.92 -62.62
C LEU B 422 -17.95 -17.02 -63.85
N ALA B 423 -17.09 -16.00 -63.90
CA ALA B 423 -17.10 -15.04 -65.00
C ALA B 423 -16.85 -15.72 -66.33
N LYS B 424 -15.70 -16.40 -66.48
CA LYS B 424 -15.33 -16.96 -67.77
C LYS B 424 -16.33 -18.03 -68.21
N SER B 425 -16.85 -18.81 -67.25
CA SER B 425 -17.83 -19.83 -67.60
C SER B 425 -19.15 -19.21 -68.08
N GLU B 426 -19.59 -18.12 -67.45
CA GLU B 426 -20.78 -17.46 -67.95
C GLU B 426 -20.43 -16.47 -69.04
N GLU B 427 -21.47 -15.88 -69.64
CA GLU B 427 -21.28 -14.95 -70.75
C GLU B 427 -20.94 -13.57 -70.20
N ILE B 428 -19.66 -13.23 -70.19
CA ILE B 428 -19.16 -11.94 -69.74
C ILE B 428 -18.28 -11.36 -70.85
N ASP B 429 -17.80 -10.14 -70.61
CA ASP B 429 -16.90 -9.46 -71.54
C ASP B 429 -15.60 -9.00 -70.90
N VAL B 430 -15.60 -8.64 -69.62
CA VAL B 430 -14.42 -8.10 -68.95
C VAL B 430 -14.14 -8.95 -67.71
N GLN B 431 -12.86 -9.22 -67.46
CA GLN B 431 -12.46 -10.04 -66.33
C GLN B 431 -12.70 -9.30 -65.02
N LEU B 432 -12.49 -10.01 -63.91
CA LEU B 432 -12.95 -9.57 -62.60
C LEU B 432 -11.78 -9.60 -61.62
N GLU B 433 -11.86 -8.76 -60.59
CA GLU B 433 -10.85 -8.78 -59.55
C GLU B 433 -11.46 -8.26 -58.25
N ILE B 434 -10.79 -8.59 -57.14
CA ILE B 434 -11.37 -8.52 -55.80
C ILE B 434 -10.62 -7.48 -54.99
N VAL B 435 -11.35 -6.59 -54.34
CA VAL B 435 -10.77 -5.65 -53.38
C VAL B 435 -11.35 -5.95 -52.01
N TRP B 436 -10.50 -5.88 -50.99
CA TRP B 436 -10.87 -6.28 -49.64
C TRP B 436 -11.30 -5.05 -48.84
N ASN B 437 -12.46 -5.16 -48.21
CA ASN B 437 -12.91 -4.10 -47.32
C ASN B 437 -12.01 -4.03 -46.08
N PRO B 438 -11.78 -2.84 -45.55
CA PRO B 438 -11.07 -2.74 -44.25
C PRO B 438 -11.88 -3.43 -43.17
N VAL B 439 -11.18 -4.15 -42.30
CA VAL B 439 -11.81 -4.91 -41.22
C VAL B 439 -11.31 -4.35 -39.90
N ASP B 440 -12.02 -3.36 -39.38
CA ASP B 440 -11.73 -2.76 -38.09
C ASP B 440 -12.96 -2.90 -37.20
N SER B 441 -14.14 -2.92 -37.85
CA SER B 441 -15.43 -3.07 -37.17
C SER B 441 -15.63 -2.01 -36.09
N THR B 442 -15.23 -0.77 -36.40
CA THR B 442 -15.26 0.30 -35.43
C THR B 442 -16.70 0.74 -35.16
N SER B 443 -16.90 1.40 -34.03
CA SER B 443 -18.22 1.80 -33.59
C SER B 443 -18.80 2.88 -34.52
N SER B 444 -20.08 3.20 -34.30
CA SER B 444 -20.76 4.17 -35.14
C SER B 444 -20.20 5.58 -34.95
N GLN B 445 -19.86 5.94 -33.72
CA GLN B 445 -19.29 7.26 -33.46
C GLN B 445 -17.96 7.42 -34.17
N GLN B 446 -17.12 6.39 -34.06
CA GLN B 446 -15.82 6.42 -34.74
C GLN B 446 -15.99 6.42 -36.25
N GLN B 447 -16.99 5.68 -36.75
CA GLN B 447 -17.25 5.66 -38.19
C GLN B 447 -17.67 7.04 -38.68
N ALA B 448 -18.51 7.73 -37.91
CA ALA B 448 -18.93 9.08 -38.27
C ALA B 448 -17.74 10.05 -38.25
N GLU B 449 -16.87 9.93 -37.24
CA GLU B 449 -15.69 10.78 -37.20
C GLU B 449 -14.76 10.52 -38.38
N LEU B 450 -14.59 9.24 -38.74
CA LEU B 450 -13.78 8.87 -39.90
C LEU B 450 -14.37 9.45 -41.18
N ASN B 451 -15.69 9.34 -41.35
CA ASN B 451 -16.36 9.90 -42.53
C ASN B 451 -16.22 11.41 -42.57
N ASN B 452 -16.34 12.08 -41.41
CA ASN B 452 -16.20 13.53 -41.39
C ASN B 452 -14.80 13.97 -41.76
N LYS B 453 -13.78 13.27 -41.26
CA LYS B 453 -12.42 13.62 -41.60
C LYS B 453 -12.16 13.38 -43.09
N LYS B 454 -12.68 12.28 -43.65
CA LYS B 454 -12.54 12.02 -45.07
C LYS B 454 -13.26 13.09 -45.90
N ALA B 455 -14.43 13.55 -45.43
CA ALA B 455 -15.13 14.62 -46.11
C ALA B 455 -14.35 15.93 -46.07
N ALA B 456 -13.67 16.19 -44.95
CA ALA B 456 -12.80 17.36 -44.87
C ALA B 456 -11.66 17.26 -45.87
N THR B 457 -11.06 16.07 -46.01
CA THR B 457 -10.02 15.88 -47.02
C THR B 457 -10.56 16.10 -48.42
N ASP B 458 -11.77 15.59 -48.69
CA ASP B 458 -12.38 15.77 -50.00
C ASP B 458 -12.62 17.24 -50.29
N GLU B 459 -13.14 17.99 -49.31
CA GLU B 459 -13.38 19.42 -49.50
C GLU B 459 -12.09 20.17 -49.74
N ILE B 460 -11.04 19.84 -48.98
CA ILE B 460 -9.75 20.50 -49.15
C ILE B 460 -9.20 20.25 -50.55
N TYR B 461 -9.24 18.99 -51.00
CA TYR B 461 -8.71 18.66 -52.33
C TYR B 461 -9.51 19.32 -53.44
N ILE B 462 -10.84 19.32 -53.33
CA ILE B 462 -11.68 19.93 -54.36
C ILE B 462 -11.45 21.43 -54.41
N ASN B 463 -11.38 22.08 -53.25
CA ASN B 463 -11.15 23.52 -53.20
C ASN B 463 -9.79 23.88 -53.76
N SER B 464 -8.76 23.08 -53.45
CA SER B 464 -7.45 23.30 -54.03
C SER B 464 -7.38 22.90 -55.49
N GLY B 465 -8.40 22.22 -56.01
CA GLY B 465 -8.42 21.86 -57.41
C GLY B 465 -7.59 20.64 -57.75
N VAL B 466 -7.59 19.64 -56.87
CA VAL B 466 -6.84 18.41 -57.11
C VAL B 466 -7.77 17.40 -57.76
N VAL B 467 -8.86 17.06 -57.07
CA VAL B 467 -9.79 16.04 -57.55
C VAL B 467 -11.16 16.68 -57.77
N SER B 468 -11.85 16.23 -58.81
CA SER B 468 -13.20 16.68 -59.07
C SER B 468 -14.16 16.04 -58.08
N PRO B 469 -15.34 16.64 -57.87
CA PRO B 469 -16.35 15.99 -57.02
C PRO B 469 -16.86 14.67 -57.57
N ASP B 470 -16.65 14.39 -58.85
CA ASP B 470 -17.09 13.10 -59.40
C ASP B 470 -16.33 11.93 -58.77
N GLU B 471 -15.02 12.09 -58.54
CA GLU B 471 -14.26 11.06 -57.86
C GLU B 471 -14.77 10.83 -56.44
N VAL B 472 -15.11 11.91 -55.74
CA VAL B 472 -15.66 11.77 -54.39
C VAL B 472 -17.01 11.05 -54.44
N ARG B 473 -17.84 11.39 -55.44
CA ARG B 473 -19.12 10.71 -55.62
C ARG B 473 -18.93 9.22 -55.85
N GLU B 474 -17.99 8.86 -56.74
CA GLU B 474 -17.74 7.46 -57.02
C GLU B 474 -17.16 6.74 -55.81
N ARG B 475 -16.31 7.41 -55.03
CA ARG B 475 -15.77 6.81 -53.82
C ARG B 475 -16.87 6.53 -52.80
N LEU B 476 -17.77 7.50 -52.60
CA LEU B 476 -18.88 7.29 -51.68
C LEU B 476 -19.80 6.17 -52.16
N ARG B 477 -20.05 6.12 -53.47
CA ARG B 477 -20.88 5.05 -54.02
C ARG B 477 -20.23 3.69 -53.84
N ASP B 478 -18.98 3.53 -54.26
CA ASP B 478 -18.22 2.30 -54.07
C ASP B 478 -17.37 2.36 -52.79
N ASP B 479 -18.00 2.75 -51.69
CA ASP B 479 -17.38 2.61 -50.37
C ASP B 479 -18.47 2.31 -49.36
N PRO B 480 -18.56 1.09 -48.86
CA PRO B 480 -19.50 0.81 -47.77
C PRO B 480 -19.05 1.48 -46.48
N ARG B 481 -20.00 1.60 -45.55
CA ARG B 481 -19.82 2.28 -44.26
C ARG B 481 -19.47 3.75 -44.44
N SER B 482 -19.80 4.33 -45.59
CA SER B 482 -19.53 5.74 -45.86
C SER B 482 -20.76 6.62 -45.70
N GLY B 483 -21.91 6.04 -45.38
CA GLY B 483 -23.11 6.82 -45.16
C GLY B 483 -24.03 6.84 -46.36
N TYR B 484 -23.47 6.95 -47.56
CA TYR B 484 -24.24 7.04 -48.79
C TYR B 484 -23.77 5.95 -49.75
N ASN B 485 -24.47 4.81 -49.77
CA ASN B 485 -24.24 3.78 -50.78
C ASN B 485 -25.42 3.65 -51.73
N ARG B 486 -26.30 4.65 -51.77
CA ARG B 486 -27.56 4.53 -52.49
C ARG B 486 -27.92 5.83 -53.21
N LEU B 487 -26.93 6.65 -53.57
CA LEU B 487 -27.17 8.05 -53.90
C LEU B 487 -28.09 8.26 -55.11
N THR B 488 -27.58 8.00 -56.31
CA THR B 488 -28.22 8.29 -57.59
C THR B 488 -27.42 7.58 -58.68
N ASP B 489 -27.80 7.80 -59.93
CA ASP B 489 -26.98 7.46 -61.09
C ASP B 489 -26.47 8.69 -61.81
N ASP B 490 -26.66 9.88 -61.26
CA ASP B 490 -26.26 11.11 -61.92
C ASP B 490 -24.74 11.27 -61.88
N GLN B 491 -24.26 12.36 -62.47
CA GLN B 491 -22.84 12.67 -62.54
C GLN B 491 -22.58 14.05 -61.97
N ALA B 492 -21.40 14.22 -61.39
CA ALA B 492 -20.97 15.51 -60.87
C ALA B 492 -20.38 16.35 -62.00
N GLU B 493 -19.67 17.42 -61.63
CA GLU B 493 -19.11 18.33 -62.62
C GLU B 493 -18.08 17.65 -63.51
N THR B 494 -17.26 16.77 -62.93
CA THR B 494 -16.18 15.99 -63.55
C THR B 494 -15.03 16.86 -64.05
N GLU B 495 -15.13 18.18 -63.94
CA GLU B 495 -14.03 19.07 -64.25
C GLU B 495 -13.05 19.09 -63.07
N PRO B 496 -11.74 19.12 -63.33
CA PRO B 496 -10.78 18.68 -62.30
C PRO B 496 -10.68 19.61 -61.11
N GLY B 497 -11.64 19.50 -60.20
CA GLY B 497 -11.63 20.24 -58.95
C GLY B 497 -12.33 21.57 -59.02
N MET B 498 -13.53 21.61 -59.61
CA MET B 498 -14.20 22.88 -59.79
C MET B 498 -14.98 23.29 -58.54
N SER B 499 -16.04 22.53 -58.19
CA SER B 499 -17.04 22.85 -57.16
C SER B 499 -17.84 24.10 -57.54
N PRO B 500 -19.07 24.27 -57.03
CA PRO B 500 -19.86 25.46 -57.40
C PRO B 500 -19.19 26.78 -57.01
N GLU B 501 -18.45 26.80 -55.90
CA GLU B 501 -17.81 28.04 -55.46
C GLU B 501 -16.79 28.53 -56.48
N ASN B 502 -15.85 27.66 -56.87
CA ASN B 502 -14.86 28.09 -57.85
C ASN B 502 -15.44 28.14 -59.26
N LEU B 503 -16.53 27.43 -59.54
CA LEU B 503 -17.21 27.62 -60.82
C LEU B 503 -17.75 29.04 -60.96
N ALA B 504 -18.47 29.50 -59.94
CA ALA B 504 -18.98 30.87 -59.95
C ALA B 504 -17.84 31.88 -59.93
N GLU B 505 -16.79 31.60 -59.15
CA GLU B 505 -15.63 32.48 -59.12
C GLU B 505 -14.95 32.58 -60.48
N PHE B 506 -14.79 31.44 -61.17
CA PHE B 506 -14.16 31.44 -62.48
C PHE B 506 -14.99 32.18 -63.51
N GLU B 507 -16.31 31.97 -63.51
CA GLU B 507 -17.17 32.67 -64.46
C GLU B 507 -17.14 34.18 -64.22
N LYS B 508 -17.29 34.59 -62.95
CA LYS B 508 -17.28 36.01 -62.62
C LYS B 508 -15.93 36.64 -62.92
N ALA B 509 -14.83 35.94 -62.59
CA ALA B 509 -13.50 36.46 -62.86
C ALA B 509 -13.23 36.58 -64.34
N GLY B 510 -13.63 35.60 -65.14
CA GLY B 510 -13.44 35.69 -66.58
C GLY B 510 -14.22 36.81 -67.21
N ALA B 511 -15.48 36.98 -66.80
CA ALA B 511 -16.28 38.08 -67.34
C ALA B 511 -15.73 39.43 -66.91
N GLN B 512 -15.33 39.56 -65.64
CA GLN B 512 -14.74 40.81 -65.16
C GLN B 512 -13.43 41.09 -65.87
N SER B 513 -12.66 40.05 -66.19
CA SER B 513 -11.43 40.23 -66.95
C SER B 513 -11.73 40.73 -68.37
N ALA B 514 -12.79 40.20 -68.99
CA ALA B 514 -13.20 40.69 -70.29
C ALA B 514 -13.59 42.17 -70.21
N LYS B 515 -14.35 42.54 -69.18
CA LYS B 515 -14.75 43.93 -68.99
C LYS B 515 -13.53 44.84 -68.79
N ALA B 516 -12.57 44.39 -67.97
CA ALA B 516 -11.40 45.21 -67.70
C ALA B 516 -10.50 45.34 -68.92
N LYS B 517 -10.34 44.27 -69.69
CA LYS B 517 -9.53 44.35 -70.91
C LYS B 517 -10.20 45.26 -71.94
N GLY B 518 -11.54 45.20 -72.04
CA GLY B 518 -12.24 46.12 -72.91
C GLY B 518 -12.07 47.58 -72.50
N GLU B 519 -12.20 47.84 -71.20
CA GLU B 519 -12.02 49.21 -70.71
C GLU B 519 -10.58 49.69 -70.89
N ALA B 520 -9.60 48.79 -70.75
CA ALA B 520 -8.22 49.14 -71.03
C ALA B 520 -8.02 49.48 -72.50
N GLU B 521 -8.64 48.71 -73.40
CA GLU B 521 -8.57 49.02 -74.82
C GLU B 521 -9.21 50.37 -75.13
N ARG B 522 -10.33 50.67 -74.46
CA ARG B 522 -10.94 52.00 -74.56
C ARG B 522 -9.99 53.08 -74.09
N ALA B 523 -9.26 52.82 -72.99
CA ALA B 523 -8.29 53.77 -72.48
C ALA B 523 -7.16 54.02 -73.49
N GLU B 524 -6.66 52.95 -74.13
CA GLU B 524 -5.67 53.11 -75.19
C GLU B 524 -6.22 53.97 -76.33
N ALA B 525 -7.46 53.67 -76.75
CA ALA B 525 -8.05 54.40 -77.88
C ALA B 525 -8.23 55.88 -77.56
N GLN B 526 -8.69 56.20 -76.35
CA GLN B 526 -8.91 57.60 -75.99
C GLN B 526 -7.61 58.33 -75.70
N ALA B 527 -6.59 57.62 -75.20
CA ALA B 527 -5.30 58.27 -74.95
C ALA B 527 -4.56 58.52 -76.25
N GLY B 528 -4.69 57.64 -77.24
CA GLY B 528 -4.01 57.79 -78.51
C GLY B 528 -4.53 58.96 -79.33
N VAL C 94 43.64 -13.50 -19.87
CA VAL C 94 43.24 -14.62 -20.71
C VAL C 94 41.83 -15.05 -20.33
N VAL C 95 41.11 -15.63 -21.27
CA VAL C 95 39.76 -16.17 -20.99
C VAL C 95 39.89 -17.35 -20.03
N PRO C 96 39.00 -17.49 -19.05
CA PRO C 96 39.05 -18.67 -18.18
C PRO C 96 38.51 -19.89 -18.91
N THR C 97 38.89 -21.07 -18.39
CA THR C 97 38.47 -22.32 -19.01
C THR C 97 36.95 -22.52 -18.93
N MET C 98 36.35 -22.15 -17.80
CA MET C 98 34.91 -22.39 -17.61
C MET C 98 34.08 -21.46 -18.49
N LEU C 99 34.41 -20.18 -18.53
CA LEU C 99 33.71 -19.27 -19.43
C LEU C 99 33.98 -19.65 -20.88
N GLN C 100 35.21 -20.08 -21.17
CA GLN C 100 35.59 -20.39 -22.53
C GLN C 100 34.78 -21.57 -23.08
N ASP C 101 34.71 -22.68 -22.33
CA ASP C 101 33.95 -23.79 -22.86
C ASP C 101 32.45 -23.62 -22.68
N TRP C 102 32.00 -22.77 -21.74
CA TRP C 102 30.58 -22.41 -21.71
C TRP C 102 30.17 -21.68 -22.98
N TYR C 103 31.03 -20.79 -23.47
CA TYR C 103 30.74 -20.12 -24.74
C TYR C 103 30.94 -21.04 -25.93
N ASN C 104 31.92 -21.94 -25.85
CA ASN C 104 32.23 -22.82 -26.95
C ASN C 104 31.20 -23.93 -27.14
N SER C 105 30.46 -24.29 -26.08
CA SER C 105 29.46 -25.34 -26.19
C SER C 105 28.30 -24.96 -27.11
N GLN C 106 28.09 -23.67 -27.38
CA GLN C 106 27.00 -23.24 -28.26
C GLN C 106 27.46 -23.30 -29.72
N GLY C 107 27.68 -24.52 -30.18
CA GLY C 107 28.06 -24.77 -31.56
C GLY C 107 26.84 -24.91 -32.46
N PHE C 108 27.11 -25.33 -33.70
CA PHE C 108 26.06 -25.53 -34.67
C PHE C 108 25.36 -26.86 -34.39
N ILE C 109 24.06 -26.80 -34.12
CA ILE C 109 23.33 -28.00 -33.71
C ILE C 109 23.18 -28.96 -34.89
N GLY C 110 22.84 -28.43 -36.07
CA GLY C 110 22.65 -29.26 -37.24
C GLY C 110 21.32 -28.98 -37.91
N TYR C 111 21.27 -29.23 -39.22
CA TYR C 111 20.07 -28.96 -40.00
C TYR C 111 18.92 -29.87 -39.58
N GLN C 112 19.21 -31.14 -39.31
CA GLN C 112 18.19 -32.07 -38.84
C GLN C 112 17.62 -31.61 -37.50
N ALA C 113 18.48 -31.17 -36.59
CA ALA C 113 18.02 -30.66 -35.30
C ALA C 113 17.18 -29.41 -35.48
N CYS C 114 17.60 -28.51 -36.37
CA CYS C 114 16.82 -27.30 -36.62
C CYS C 114 15.44 -27.63 -37.16
N ALA C 115 15.37 -28.57 -38.11
CA ALA C 115 14.09 -28.95 -38.69
C ALA C 115 13.19 -29.59 -37.65
N ILE C 116 13.75 -30.48 -36.80
CA ILE C 116 12.92 -31.17 -35.83
C ILE C 116 12.48 -30.24 -34.70
N ILE C 117 13.26 -29.19 -34.41
CA ILE C 117 12.86 -28.25 -33.37
C ILE C 117 11.85 -27.24 -33.91
N SER C 118 11.89 -26.95 -35.23
CA SER C 118 11.01 -25.95 -35.82
C SER C 118 9.53 -26.30 -35.70
N GLN C 119 9.20 -27.56 -35.38
CA GLN C 119 7.81 -27.95 -35.20
C GLN C 119 7.14 -27.22 -34.05
N HIS C 120 7.92 -26.79 -33.04
CA HIS C 120 7.35 -26.13 -31.88
C HIS C 120 6.74 -24.79 -32.26
N TRP C 121 5.72 -24.38 -31.51
CA TRP C 121 4.95 -23.20 -31.87
C TRP C 121 5.71 -21.91 -31.60
N LEU C 122 6.49 -21.85 -30.51
CA LEU C 122 7.22 -20.63 -30.19
C LEU C 122 8.27 -20.32 -31.24
N VAL C 123 9.08 -21.32 -31.59
CA VAL C 123 10.15 -21.09 -32.57
C VAL C 123 9.56 -20.85 -33.96
N ASP C 124 8.46 -21.54 -34.29
CA ASP C 124 7.80 -21.30 -35.58
C ASP C 124 7.27 -19.88 -35.66
N LYS C 125 6.64 -19.41 -34.58
CA LYS C 125 6.13 -18.04 -34.54
C LYS C 125 7.27 -17.03 -34.65
N ALA C 126 8.37 -17.29 -33.94
CA ALA C 126 9.52 -16.38 -33.96
C ALA C 126 10.13 -16.29 -35.35
N CYS C 127 10.26 -17.42 -36.04
CA CYS C 127 10.79 -17.41 -37.40
C CYS C 127 9.76 -16.92 -38.42
N SER C 128 8.47 -16.96 -38.09
CA SER C 128 7.43 -16.63 -39.06
C SER C 128 7.08 -15.15 -39.06
N MET C 129 6.66 -14.61 -37.91
CA MET C 129 6.10 -13.26 -37.89
C MET C 129 7.18 -12.17 -37.73
N SER C 130 8.27 -12.34 -38.47
CA SER C 130 9.35 -11.34 -38.48
C SER C 130 9.45 -10.66 -39.84
N GLY C 131 9.58 -11.41 -40.93
CA GLY C 131 9.54 -10.85 -42.27
C GLY C 131 8.20 -10.94 -42.95
N GLU C 132 7.27 -11.69 -42.37
CA GLU C 132 5.92 -11.76 -42.91
C GLU C 132 5.23 -10.40 -42.80
N ASP C 133 5.44 -9.70 -41.68
CA ASP C 133 4.93 -8.35 -41.54
C ASP C 133 5.58 -7.40 -42.54
N ALA C 134 6.88 -7.59 -42.81
CA ALA C 134 7.56 -6.78 -43.81
C ALA C 134 6.98 -6.99 -45.19
N ALA C 135 6.70 -8.24 -45.56
CA ALA C 135 6.13 -8.55 -46.86
C ALA C 135 4.64 -8.28 -46.94
N ARG C 136 3.98 -8.00 -45.81
CA ARG C 136 2.54 -7.77 -45.79
C ARG C 136 2.12 -6.64 -46.72
N ASN C 137 2.61 -5.43 -46.47
CA ASN C 137 2.12 -4.24 -47.16
C ASN C 137 2.49 -4.19 -48.64
N GLY C 138 3.38 -5.05 -49.10
CA GLY C 138 3.67 -5.13 -50.51
C GLY C 138 4.61 -4.03 -50.99
N TRP C 139 4.70 -3.91 -52.31
CA TRP C 139 5.61 -2.97 -52.95
C TRP C 139 4.92 -2.34 -54.15
N GLU C 140 5.57 -1.33 -54.71
CA GLU C 140 5.11 -0.68 -55.94
C GLU C 140 6.27 -0.56 -56.91
N LEU C 141 5.92 -0.39 -58.18
CA LEU C 141 6.88 -0.36 -59.27
C LEU C 141 7.05 1.08 -59.74
N LYS C 142 8.29 1.47 -60.04
CA LYS C 142 8.55 2.84 -60.47
C LYS C 142 9.01 2.94 -61.92
N SER C 143 10.07 2.20 -62.29
CA SER C 143 10.74 2.29 -63.58
C SER C 143 11.30 3.69 -63.83
N ASP C 144 11.95 3.89 -64.98
CA ASP C 144 12.45 5.22 -65.30
C ASP C 144 11.32 6.17 -65.67
N GLY C 145 10.25 5.66 -66.27
CA GLY C 145 9.13 6.48 -66.64
C GLY C 145 8.26 6.85 -65.44
N ARG C 146 7.31 7.75 -65.71
CA ARG C 146 6.39 8.20 -64.66
C ARG C 146 5.50 7.05 -64.19
N LYS C 147 4.68 6.52 -65.09
CA LYS C 147 3.77 5.42 -64.80
C LYS C 147 3.94 4.34 -65.85
N LEU C 148 3.92 3.08 -65.40
CA LEU C 148 3.99 1.96 -66.32
C LEU C 148 2.71 1.85 -67.13
N SER C 149 2.84 1.39 -68.37
CA SER C 149 1.69 1.18 -69.22
C SER C 149 0.79 0.09 -68.63
N ASP C 150 -0.52 0.23 -68.84
CA ASP C 150 -1.49 -0.63 -68.17
C ASP C 150 -1.36 -2.08 -68.62
N GLU C 151 -1.07 -2.32 -69.90
CA GLU C 151 -0.86 -3.69 -70.37
C GLU C 151 0.35 -4.32 -69.70
N GLN C 152 1.44 -3.54 -69.57
CA GLN C 152 2.63 -4.04 -68.89
C GLN C 152 2.35 -4.32 -67.42
N SER C 153 1.59 -3.44 -66.77
CA SER C 153 1.24 -3.66 -65.36
C SER C 153 0.38 -4.90 -65.18
N ALA C 154 -0.59 -5.11 -66.07
CA ALA C 154 -1.43 -6.30 -65.99
C ALA C 154 -0.61 -7.56 -66.23
N LEU C 155 0.30 -7.53 -67.20
CA LEU C 155 1.18 -8.67 -67.46
C LEU C 155 2.07 -8.96 -66.26
N ILE C 156 2.61 -7.91 -65.63
CA ILE C 156 3.47 -8.08 -64.46
C ILE C 156 2.68 -8.68 -63.31
N ALA C 157 1.44 -8.21 -63.09
CA ALA C 157 0.60 -8.77 -62.04
C ALA C 157 0.29 -10.24 -62.31
N ARG C 158 -0.03 -10.58 -63.57
CA ARG C 158 -0.31 -11.97 -63.91
C ARG C 158 0.90 -12.86 -63.67
N ARG C 159 2.09 -12.41 -64.10
CA ARG C 159 3.29 -13.22 -63.92
C ARG C 159 3.65 -13.36 -62.45
N ASP C 160 3.52 -12.28 -61.68
CA ASP C 160 3.80 -12.35 -60.24
C ASP C 160 2.83 -13.31 -59.55
N MET C 161 1.56 -13.28 -59.93
CA MET C 161 0.60 -14.15 -59.28
C MET C 161 0.79 -15.61 -59.68
N GLU C 162 1.17 -15.86 -60.94
CA GLU C 162 1.49 -17.22 -61.36
C GLU C 162 2.76 -17.72 -60.67
N PHE C 163 3.72 -16.84 -60.40
CA PHE C 163 4.94 -17.24 -59.73
C PHE C 163 4.79 -17.31 -58.22
N ARG C 164 3.70 -16.76 -57.67
CA ARG C 164 3.43 -16.74 -56.23
C ARG C 164 4.58 -16.07 -55.47
N VAL C 165 4.86 -14.83 -55.85
CA VAL C 165 6.03 -14.12 -55.33
C VAL C 165 5.91 -13.91 -53.82
N LYS C 166 4.72 -13.49 -53.37
CA LYS C 166 4.51 -13.13 -51.96
C LYS C 166 4.82 -14.30 -51.04
N ASP C 167 4.20 -15.45 -51.30
CA ASP C 167 4.46 -16.65 -50.51
C ASP C 167 5.91 -17.07 -50.61
N ASN C 168 6.53 -16.84 -51.78
CA ASN C 168 7.93 -17.20 -51.97
C ASN C 168 8.85 -16.42 -51.03
N LEU C 169 8.69 -15.09 -50.98
CA LEU C 169 9.62 -14.29 -50.15
C LEU C 169 9.27 -14.47 -48.67
N VAL C 170 8.01 -14.75 -48.33
CA VAL C 170 7.64 -15.03 -46.94
C VAL C 170 8.29 -16.33 -46.48
N GLU C 171 8.17 -17.39 -47.29
CA GLU C 171 8.80 -18.67 -46.96
C GLU C 171 10.32 -18.54 -46.94
N LEU C 172 10.88 -17.72 -47.82
CA LEU C 172 12.31 -17.48 -47.85
C LEU C 172 12.80 -16.93 -46.52
N ASN C 173 12.15 -15.87 -46.03
CA ASN C 173 12.56 -15.30 -44.74
C ASN C 173 12.32 -16.28 -43.61
N ARG C 174 11.18 -16.98 -43.63
CA ARG C 174 10.84 -17.90 -42.54
C ARG C 174 11.87 -19.01 -42.40
N PHE C 175 12.17 -19.71 -43.50
CA PHE C 175 13.13 -20.79 -43.39
C PHE C 175 14.57 -20.31 -43.34
N LYS C 176 14.85 -19.08 -43.77
CA LYS C 176 16.16 -18.49 -43.50
C LYS C 176 16.36 -18.27 -42.01
N ASN C 177 15.29 -17.89 -41.30
CA ASN C 177 15.37 -17.83 -39.85
C ASN C 177 15.45 -19.22 -39.22
N VAL C 178 14.71 -20.18 -39.78
CA VAL C 178 14.68 -21.54 -39.23
C VAL C 178 16.06 -22.19 -39.32
N PHE C 179 16.58 -22.35 -40.53
CA PHE C 179 17.91 -22.88 -40.74
C PHE C 179 18.94 -21.75 -40.65
N GLY C 180 20.19 -22.07 -40.97
CA GLY C 180 21.21 -21.04 -41.00
C GLY C 180 21.27 -20.25 -42.30
N VAL C 181 20.66 -20.77 -43.36
CA VAL C 181 20.81 -20.17 -44.69
C VAL C 181 19.66 -20.69 -45.56
N ARG C 182 19.29 -19.92 -46.57
CA ARG C 182 18.33 -20.37 -47.57
C ARG C 182 18.87 -20.04 -48.95
N ILE C 183 18.55 -20.89 -49.91
CA ILE C 183 18.97 -20.74 -51.30
C ILE C 183 17.74 -20.60 -52.18
N ALA C 184 17.68 -19.53 -52.95
CA ALA C 184 16.61 -19.30 -53.92
C ALA C 184 17.20 -19.42 -55.31
N LEU C 185 16.67 -20.35 -56.10
CA LEU C 185 17.14 -20.60 -57.45
C LEU C 185 16.06 -20.20 -58.44
N PHE C 186 16.41 -19.33 -59.38
CA PHE C 186 15.49 -18.87 -60.40
C PHE C 186 15.58 -19.82 -61.59
N VAL C 187 14.56 -20.65 -61.77
CA VAL C 187 14.60 -21.65 -62.83
C VAL C 187 14.36 -20.97 -64.18
N VAL C 188 15.20 -21.28 -65.16
CA VAL C 188 15.11 -20.72 -66.49
C VAL C 188 15.66 -21.74 -67.47
N GLU C 189 15.09 -21.79 -68.66
CA GLU C 189 15.38 -22.85 -69.62
C GLU C 189 16.34 -22.35 -70.69
N SER C 190 17.34 -23.17 -71.01
CA SER C 190 18.28 -22.86 -72.08
C SER C 190 18.72 -24.17 -72.73
N ASP C 191 19.21 -24.05 -73.97
CA ASP C 191 19.58 -25.23 -74.74
C ASP C 191 20.81 -25.92 -74.16
N ASP C 192 21.75 -25.15 -73.62
CA ASP C 192 23.01 -25.72 -73.13
C ASP C 192 22.76 -26.50 -71.86
N PRO C 193 23.11 -27.79 -71.80
CA PRO C 193 22.93 -28.54 -70.55
C PRO C 193 23.94 -28.17 -69.47
N ASP C 194 25.03 -27.50 -69.83
CA ASP C 194 25.96 -26.93 -68.87
C ASP C 194 25.67 -25.46 -68.60
N TYR C 195 24.39 -25.06 -68.67
CA TYR C 195 24.03 -23.66 -68.52
C TYR C 195 24.36 -23.14 -67.13
N TYR C 196 24.07 -23.93 -66.10
CA TYR C 196 24.32 -23.49 -64.72
C TYR C 196 25.76 -23.79 -64.31
N GLU C 197 26.71 -23.44 -65.16
CA GLU C 197 28.14 -23.58 -64.89
C GLU C 197 28.88 -22.27 -65.08
N LYS C 198 28.53 -21.50 -66.09
CA LYS C 198 29.12 -20.19 -66.34
C LYS C 198 28.57 -19.18 -65.34
N PRO C 199 29.30 -18.09 -65.09
CA PRO C 199 28.73 -17.01 -64.29
C PRO C 199 27.49 -16.43 -64.97
N PHE C 200 26.51 -16.06 -64.15
CA PHE C 200 25.23 -15.60 -64.66
C PHE C 200 25.39 -14.35 -65.49
N ASN C 201 24.75 -14.33 -66.67
CA ASN C 201 24.84 -13.22 -67.59
C ASN C 201 23.43 -12.71 -67.92
N PRO C 202 23.17 -11.41 -67.81
CA PRO C 202 21.83 -10.89 -68.14
C PRO C 202 21.48 -11.01 -69.62
N ASP C 203 22.46 -11.25 -70.49
CA ASP C 203 22.18 -11.40 -71.91
C ASP C 203 21.73 -12.80 -72.30
N GLY C 204 22.06 -13.81 -71.49
CA GLY C 204 21.68 -15.18 -71.79
C GLY C 204 20.24 -15.45 -71.43
N ILE C 205 19.31 -14.96 -72.24
CA ILE C 205 17.89 -14.92 -71.90
C ILE C 205 17.10 -16.00 -72.64
N THR C 206 17.14 -15.99 -73.98
CA THR C 206 16.23 -16.75 -74.84
C THR C 206 14.79 -16.45 -74.44
N PRO C 207 14.26 -15.25 -74.83
CA PRO C 207 13.01 -14.71 -74.25
C PRO C 207 11.84 -15.69 -74.10
N GLY C 208 11.00 -15.43 -73.11
CA GLY C 208 9.95 -16.38 -72.73
C GLY C 208 10.49 -17.65 -72.10
N SER C 209 11.51 -17.54 -71.25
CA SER C 209 12.13 -18.70 -70.62
C SER C 209 12.04 -18.70 -69.10
N TYR C 210 11.69 -17.57 -68.48
CA TYR C 210 11.63 -17.46 -67.03
C TYR C 210 10.40 -18.21 -66.53
N LYS C 211 10.62 -19.42 -65.99
CA LYS C 211 9.52 -20.27 -65.60
C LYS C 211 9.07 -20.07 -64.16
N GLY C 212 9.93 -19.54 -63.31
CA GLY C 212 9.57 -19.31 -61.92
C GLY C 212 10.80 -19.41 -61.04
N ILE C 213 10.56 -19.49 -59.72
CA ILE C 213 11.62 -19.62 -58.74
C ILE C 213 11.31 -20.81 -57.84
N SER C 214 12.36 -21.32 -57.22
CA SER C 214 12.26 -22.39 -56.24
C SER C 214 13.16 -22.06 -55.06
N GLN C 215 12.83 -22.64 -53.91
CA GLN C 215 13.64 -22.48 -52.70
C GLN C 215 14.09 -23.85 -52.23
N ILE C 216 15.40 -23.96 -51.97
CA ILE C 216 16.03 -25.25 -51.71
C ILE C 216 16.55 -25.25 -50.28
N ASP C 217 16.18 -26.27 -49.51
CA ASP C 217 16.61 -26.38 -48.14
C ASP C 217 18.12 -26.67 -48.08
N PRO C 218 18.79 -26.26 -46.99
CA PRO C 218 20.25 -26.44 -46.94
C PRO C 218 20.73 -27.88 -47.01
N TYR C 219 19.98 -28.84 -46.47
CA TYR C 219 20.47 -30.21 -46.52
C TYR C 219 20.39 -30.82 -47.91
N TRP C 220 19.65 -30.21 -48.83
CA TRP C 220 19.61 -30.62 -50.22
C TRP C 220 20.71 -30.01 -51.06
N ALA C 221 21.57 -29.18 -50.47
CA ALA C 221 22.60 -28.48 -51.21
C ALA C 221 23.97 -28.73 -50.57
N MET C 222 25.01 -28.55 -51.37
CA MET C 222 26.39 -28.73 -50.92
C MET C 222 27.26 -27.63 -51.52
N PRO C 223 27.70 -26.67 -50.71
CA PRO C 223 28.61 -25.63 -51.22
C PRO C 223 29.96 -26.22 -51.60
N GLN C 224 30.53 -25.70 -52.67
CA GLN C 224 31.88 -26.08 -53.11
C GLN C 224 32.72 -24.83 -53.26
N LEU C 225 33.92 -24.86 -52.69
CA LEU C 225 34.81 -23.71 -52.66
C LEU C 225 35.97 -23.92 -53.62
N THR C 226 36.21 -22.95 -54.49
CA THR C 226 37.34 -23.01 -55.40
C THR C 226 38.62 -22.57 -54.70
N ALA C 227 39.74 -23.00 -55.28
CA ALA C 227 41.05 -22.62 -54.72
C ALA C 227 41.27 -21.12 -54.79
N GLY C 228 40.75 -20.47 -55.84
CA GLY C 228 40.81 -19.01 -55.90
C GLY C 228 39.95 -18.31 -54.88
N SER C 229 38.88 -18.97 -54.43
CA SER C 229 38.01 -18.42 -53.39
C SER C 229 38.38 -18.90 -52.00
N THR C 230 39.46 -19.68 -51.88
CA THR C 230 39.91 -20.15 -50.57
C THR C 230 41.35 -19.76 -50.25
N ALA C 231 42.21 -19.48 -51.25
CA ALA C 231 43.61 -19.24 -50.98
C ALA C 231 43.88 -17.82 -50.49
N ASP C 232 43.11 -16.84 -50.95
CA ASP C 232 43.45 -15.43 -50.72
C ASP C 232 42.49 -14.78 -49.73
N PRO C 233 42.93 -14.50 -48.50
CA PRO C 233 42.09 -13.69 -47.59
C PRO C 233 41.79 -12.32 -48.14
N SER C 234 42.70 -11.74 -48.92
CA SER C 234 42.45 -10.43 -49.53
C SER C 234 41.33 -10.45 -50.55
N SER C 235 41.02 -11.62 -51.12
CA SER C 235 39.95 -11.72 -52.10
C SER C 235 38.61 -11.44 -51.45
N GLU C 236 37.76 -10.70 -52.18
CA GLU C 236 36.43 -10.36 -51.67
C GLU C 236 35.47 -11.55 -51.69
N HIS C 237 35.83 -12.65 -52.36
CA HIS C 237 35.04 -13.87 -52.36
C HIS C 237 35.61 -14.93 -51.44
N PHE C 238 36.50 -14.57 -50.52
CA PHE C 238 37.05 -15.52 -49.57
C PHE C 238 35.95 -16.10 -48.69
N TYR C 239 35.94 -17.44 -48.58
CA TYR C 239 34.93 -18.18 -47.83
C TYR C 239 33.52 -17.85 -48.28
N GLU C 240 33.38 -17.59 -49.59
CA GLU C 240 32.07 -17.41 -50.23
C GLU C 240 31.92 -18.50 -51.27
N PRO C 241 31.06 -19.51 -51.03
CA PRO C 241 30.89 -20.61 -51.99
C PRO C 241 30.61 -20.17 -53.42
N ASP C 242 31.54 -20.49 -54.32
CA ASP C 242 31.39 -20.15 -55.72
C ASP C 242 30.40 -21.04 -56.44
N PHE C 243 30.13 -22.23 -55.90
CA PHE C 243 29.19 -23.17 -56.51
C PHE C 243 28.38 -23.84 -55.42
N TRP C 244 27.25 -24.43 -55.83
CA TRP C 244 26.38 -25.16 -54.91
C TRP C 244 25.90 -26.42 -55.62
N ILE C 245 26.38 -27.57 -55.17
CA ILE C 245 25.90 -28.86 -55.68
C ILE C 245 24.54 -29.13 -55.03
N ILE C 246 23.49 -29.15 -55.83
CA ILE C 246 22.13 -29.31 -55.31
C ILE C 246 21.61 -30.70 -55.65
N SER C 247 21.49 -31.00 -56.93
CA SER C 247 21.13 -32.34 -57.41
C SER C 247 22.14 -32.74 -58.47
N GLY C 248 23.28 -33.28 -58.03
CA GLY C 248 24.34 -33.69 -58.93
C GLY C 248 25.07 -32.52 -59.57
N LYS C 249 24.35 -31.70 -60.32
CA LYS C 249 24.93 -30.54 -60.99
C LYS C 249 25.22 -29.44 -59.98
N LYS C 250 26.16 -28.56 -60.36
CA LYS C 250 26.68 -27.53 -59.47
C LYS C 250 26.27 -26.15 -59.98
N TYR C 251 25.35 -25.51 -59.28
CA TYR C 251 24.88 -24.19 -59.67
C TYR C 251 25.87 -23.13 -59.23
N HIS C 252 26.10 -22.14 -60.09
CA HIS C 252 27.04 -21.08 -59.77
C HIS C 252 26.42 -20.12 -58.76
N ARG C 253 27.30 -19.40 -58.04
CA ARG C 253 26.84 -18.46 -57.02
C ARG C 253 26.00 -17.34 -57.61
N SER C 254 26.40 -16.81 -58.77
CA SER C 254 25.70 -15.69 -59.36
C SER C 254 24.32 -16.09 -59.88
N HIS C 255 24.14 -17.35 -60.27
CA HIS C 255 22.86 -17.79 -60.81
C HIS C 255 21.75 -17.77 -59.77
N LEU C 256 22.10 -18.07 -58.52
CA LEU C 256 21.12 -18.19 -57.43
C LEU C 256 21.30 -17.07 -56.41
N VAL C 257 20.27 -16.87 -55.60
CA VAL C 257 20.26 -15.84 -54.57
C VAL C 257 20.29 -16.51 -53.21
N VAL C 258 21.27 -16.13 -52.39
CA VAL C 258 21.50 -16.74 -51.09
C VAL C 258 21.22 -15.71 -50.01
N VAL C 259 20.38 -16.07 -49.06
CA VAL C 259 20.11 -15.27 -47.87
C VAL C 259 20.58 -16.06 -46.66
N ARG C 260 21.36 -15.42 -45.80
CA ARG C 260 22.01 -16.10 -44.69
C ARG C 260 21.81 -15.31 -43.41
N GLY C 261 22.14 -15.96 -42.29
CA GLY C 261 21.94 -15.38 -40.98
C GLY C 261 22.98 -14.35 -40.61
N PRO C 262 23.35 -14.30 -39.33
CA PRO C 262 24.25 -13.25 -38.83
C PRO C 262 25.69 -13.34 -39.30
N GLN C 263 26.02 -14.31 -40.18
CA GLN C 263 27.34 -14.40 -40.80
C GLN C 263 28.47 -14.55 -39.79
N PRO C 264 28.66 -15.75 -39.24
CA PRO C 264 29.70 -15.97 -38.21
C PRO C 264 31.09 -15.66 -38.73
N PRO C 265 32.08 -15.48 -37.85
CA PRO C 265 33.43 -15.15 -38.30
C PRO C 265 34.06 -16.24 -39.15
N ASP C 266 35.22 -15.91 -39.72
CA ASP C 266 35.79 -16.73 -40.78
C ASP C 266 36.28 -18.08 -40.27
N ILE C 267 36.93 -18.11 -39.11
CA ILE C 267 37.59 -19.34 -38.63
C ILE C 267 36.56 -20.44 -38.37
N LEU C 268 35.33 -20.08 -38.03
CA LEU C 268 34.27 -21.06 -37.83
C LEU C 268 33.11 -20.87 -38.81
N LYS C 269 33.34 -20.14 -39.89
CA LYS C 269 32.37 -20.12 -40.99
C LYS C 269 32.17 -21.48 -41.65
N PRO C 270 33.20 -22.29 -41.95
CA PRO C 270 32.92 -23.64 -42.47
C PRO C 270 32.17 -24.52 -41.51
N THR C 271 32.27 -24.28 -40.20
CA THR C 271 31.53 -25.09 -39.24
C THR C 271 30.03 -24.91 -39.37
N TYR C 272 29.57 -23.80 -39.95
CA TYR C 272 28.17 -23.57 -40.24
C TYR C 272 27.81 -23.91 -41.67
N ILE C 273 28.69 -24.63 -42.38
CA ILE C 273 28.55 -25.00 -43.79
C ILE C 273 28.40 -23.73 -44.61
N PHE C 274 29.16 -22.69 -44.23
CA PHE C 274 29.19 -21.40 -44.94
C PHE C 274 27.79 -20.77 -45.03
N GLY C 275 27.03 -20.90 -43.95
CA GLY C 275 25.70 -20.32 -43.89
C GLY C 275 25.62 -19.20 -42.86
N GLY C 276 24.77 -19.37 -41.86
CA GLY C 276 24.64 -18.39 -40.81
C GLY C 276 24.24 -19.06 -39.51
N ILE C 277 24.20 -18.25 -38.46
CA ILE C 277 23.79 -18.73 -37.14
C ILE C 277 22.28 -18.89 -37.13
N PRO C 278 21.76 -20.08 -36.82
CA PRO C 278 20.30 -20.28 -36.92
C PRO C 278 19.56 -19.84 -35.67
N LEU C 279 18.40 -19.23 -35.89
CA LEU C 279 17.53 -18.81 -34.79
C LEU C 279 17.01 -20.00 -33.99
N THR C 280 16.99 -21.19 -34.59
CA THR C 280 16.68 -22.40 -33.82
C THR C 280 17.79 -22.71 -32.82
N GLN C 281 19.04 -22.55 -33.24
CA GLN C 281 20.15 -22.68 -32.30
C GLN C 281 20.10 -21.57 -31.24
N ARG C 282 19.59 -20.39 -31.60
CA ARG C 282 19.53 -19.30 -30.62
C ARG C 282 18.41 -19.53 -29.60
N ILE C 283 17.34 -20.22 -29.99
CA ILE C 283 16.23 -20.36 -29.00
C ILE C 283 15.73 -21.80 -28.74
N TYR C 284 16.54 -22.87 -28.92
CA TYR C 284 15.96 -24.14 -28.55
C TYR C 284 16.05 -24.43 -27.06
N GLU C 285 16.96 -23.80 -26.32
CA GLU C 285 17.01 -24.00 -24.88
C GLU C 285 16.12 -23.04 -24.11
N ARG C 286 16.11 -21.76 -24.50
CA ARG C 286 15.29 -20.77 -23.83
C ARG C 286 13.81 -21.07 -23.99
N VAL C 287 13.40 -21.50 -25.18
CA VAL C 287 12.01 -21.89 -25.41
C VAL C 287 11.63 -23.08 -24.55
N TYR C 288 12.53 -24.06 -24.44
CA TYR C 288 12.27 -25.22 -23.59
C TYR C 288 12.11 -24.81 -22.13
N ALA C 289 12.98 -23.92 -21.65
CA ALA C 289 12.89 -23.45 -20.26
C ALA C 289 11.58 -22.72 -20.02
N ALA C 290 11.19 -21.85 -20.95
CA ALA C 290 9.94 -21.11 -20.82
C ALA C 290 8.74 -22.05 -20.79
N GLU C 291 8.72 -23.03 -21.69
CA GLU C 291 7.57 -23.94 -21.76
C GLU C 291 7.52 -24.87 -20.54
N ARG C 292 8.68 -25.31 -20.05
CA ARG C 292 8.67 -26.19 -18.89
C ARG C 292 8.24 -25.44 -17.63
N THR C 293 8.66 -24.17 -17.50
CA THR C 293 8.17 -23.36 -16.39
C THR C 293 6.68 -23.10 -16.52
N ALA C 294 6.20 -22.89 -17.76
CA ALA C 294 4.77 -22.74 -17.97
C ALA C 294 4.02 -24.00 -17.57
N ASN C 295 4.62 -25.17 -17.80
CA ASN C 295 4.04 -26.41 -17.31
C ASN C 295 4.00 -26.50 -15.79
N GLU C 296 5.10 -26.12 -15.14
CA GLU C 296 5.32 -26.55 -13.76
C GLU C 296 4.30 -25.97 -12.78
N ALA C 297 3.77 -24.77 -13.05
CA ALA C 297 2.76 -24.21 -12.14
C ALA C 297 1.45 -24.99 -12.17
N PRO C 298 0.86 -25.34 -13.33
CA PRO C 298 -0.28 -26.26 -13.29
C PRO C 298 0.03 -27.61 -12.67
N LEU C 299 1.17 -28.21 -13.02
CA LEU C 299 1.45 -29.57 -12.60
C LEU C 299 1.68 -29.64 -11.10
N LEU C 300 2.35 -28.63 -10.55
CA LEU C 300 2.52 -28.56 -9.10
C LEU C 300 1.20 -28.18 -8.40
N ALA C 301 0.41 -27.31 -9.04
CA ALA C 301 -0.90 -26.96 -8.50
C ALA C 301 -1.81 -28.17 -8.42
N MET C 302 -1.60 -29.14 -9.31
CA MET C 302 -2.36 -30.38 -9.22
C MET C 302 -2.13 -31.07 -7.89
N SER C 303 -0.87 -31.29 -7.54
CA SER C 303 -0.50 -31.80 -6.21
C SER C 303 -0.07 -30.67 -5.29
N LYS C 304 -0.93 -29.67 -5.16
CA LYS C 304 -0.71 -28.59 -4.20
C LYS C 304 -0.83 -29.10 -2.76
N ARG C 305 -2.00 -29.60 -2.38
CA ARG C 305 -2.24 -30.00 -1.00
C ARG C 305 -1.93 -31.49 -0.82
N THR C 306 -1.33 -31.83 0.32
CA THR C 306 -0.81 -33.17 0.58
C THR C 306 -1.22 -33.63 1.97
N SER C 307 -2.51 -33.55 2.28
CA SER C 307 -3.03 -33.99 3.58
C SER C 307 -2.68 -35.45 3.85
N THR C 308 -2.16 -35.73 5.04
CA THR C 308 -1.71 -37.07 5.39
C THR C 308 -2.14 -37.40 6.81
N ILE C 309 -2.36 -38.69 7.07
CA ILE C 309 -2.94 -39.16 8.32
C ILE C 309 -1.99 -40.18 8.93
N HIS C 310 -1.83 -40.11 10.25
CA HIS C 310 -0.91 -40.97 11.01
C HIS C 310 -1.73 -42.01 11.77
N VAL C 311 -1.98 -43.14 11.13
CA VAL C 311 -2.72 -44.25 11.70
C VAL C 311 -1.74 -45.36 12.02
N ASP C 312 -2.02 -46.12 13.09
CA ASP C 312 -1.16 -47.24 13.45
C ASP C 312 -1.20 -48.28 12.33
N VAL C 313 -0.11 -48.30 11.54
CA VAL C 313 -0.07 -49.15 10.37
C VAL C 313 0.01 -50.62 10.76
N GLU C 314 0.71 -50.95 11.86
CA GLU C 314 0.81 -52.36 12.24
C GLU C 314 -0.52 -52.94 12.66
N LYS C 315 -1.47 -52.11 13.07
CA LYS C 315 -2.83 -52.56 13.33
C LYS C 315 -3.70 -52.52 12.07
N ALA C 316 -3.49 -51.53 11.20
CA ALA C 316 -4.23 -51.50 9.94
C ALA C 316 -3.84 -52.66 9.03
N ILE C 317 -2.63 -53.20 9.22
CA ILE C 317 -2.15 -54.35 8.46
C ILE C 317 -3.06 -55.55 8.65
N ALA C 318 -3.55 -55.75 9.88
CA ALA C 318 -4.34 -56.93 10.21
C ALA C 318 -5.62 -57.01 9.39
N ASN C 319 -6.30 -55.88 9.21
CA ASN C 319 -7.55 -55.89 8.44
C ASN C 319 -7.28 -55.61 6.96
N GLU C 320 -6.72 -54.44 6.64
CA GLU C 320 -6.24 -54.04 5.32
C GLU C 320 -7.36 -53.89 4.28
N ASP C 321 -8.58 -54.32 4.57
CA ASP C 321 -9.70 -54.18 3.63
C ASP C 321 -10.81 -53.31 4.18
N ALA C 322 -11.22 -53.53 5.42
CA ALA C 322 -12.17 -52.62 6.05
C ALA C 322 -11.57 -51.21 6.17
N PHE C 323 -10.29 -51.13 6.53
CA PHE C 323 -9.63 -49.85 6.71
C PHE C 323 -9.57 -49.05 5.41
N ASN C 324 -9.07 -49.68 4.33
CA ASN C 324 -8.93 -48.93 3.08
C ASN C 324 -10.29 -48.72 2.42
N ALA C 325 -11.26 -49.61 2.66
CA ALA C 325 -12.62 -49.34 2.21
C ALA C 325 -13.19 -48.11 2.89
N ARG C 326 -12.99 -47.99 4.21
CA ARG C 326 -13.48 -46.83 4.95
C ARG C 326 -12.81 -45.55 4.46
N LEU C 327 -11.49 -45.60 4.25
CA LEU C 327 -10.80 -44.40 3.80
C LEU C 327 -11.16 -44.04 2.36
N ALA C 328 -11.42 -45.04 1.51
CA ALA C 328 -11.90 -44.77 0.16
C ALA C 328 -13.26 -44.10 0.21
N PHE C 329 -14.13 -44.55 1.12
CA PHE C 329 -15.42 -43.88 1.30
C PHE C 329 -15.24 -42.44 1.76
N TRP C 330 -14.30 -42.20 2.67
CA TRP C 330 -14.03 -40.84 3.13
C TRP C 330 -13.55 -39.96 1.97
N ILE C 331 -12.62 -40.46 1.17
CA ILE C 331 -12.11 -39.67 0.05
C ILE C 331 -13.18 -39.43 -0.99
N ALA C 332 -14.06 -40.43 -1.22
CA ALA C 332 -15.15 -40.26 -2.17
C ALA C 332 -16.15 -39.22 -1.70
N ASN C 333 -16.44 -39.18 -0.40
CA ASN C 333 -17.44 -38.26 0.14
C ASN C 333 -16.84 -37.07 0.86
N ARG C 334 -15.58 -36.72 0.55
CA ARG C 334 -14.93 -35.57 1.20
C ARG C 334 -15.68 -34.27 0.92
N ASP C 335 -15.88 -33.49 1.98
CA ASP C 335 -16.64 -32.25 1.93
C ASP C 335 -16.19 -31.40 3.11
N ASN C 336 -16.49 -30.10 3.05
CA ASN C 336 -16.15 -29.18 4.12
C ASN C 336 -17.24 -29.05 5.17
N HIS C 337 -18.10 -30.06 5.32
CA HIS C 337 -19.09 -30.08 6.40
C HIS C 337 -18.99 -31.37 7.19
N GLY C 338 -18.58 -32.45 6.53
CA GLY C 338 -18.39 -33.70 7.22
C GLY C 338 -17.20 -33.66 8.15
N VAL C 339 -17.25 -34.50 9.18
CA VAL C 339 -16.19 -34.58 10.18
C VAL C 339 -15.63 -35.99 10.16
N LYS C 340 -14.30 -36.09 10.28
CA LYS C 340 -13.60 -37.36 10.26
C LYS C 340 -13.20 -37.72 11.68
N VAL C 341 -13.78 -38.80 12.20
CA VAL C 341 -13.40 -39.32 13.51
C VAL C 341 -12.11 -40.11 13.36
N LEU C 342 -11.15 -39.85 14.23
CA LEU C 342 -9.91 -40.62 14.24
C LEU C 342 -9.39 -40.68 15.67
N GLY C 343 -8.85 -41.83 16.04
CA GLY C 343 -8.48 -42.11 17.42
C GLY C 343 -7.37 -41.26 17.99
N THR C 344 -7.06 -41.47 19.25
CA THR C 344 -5.89 -40.86 19.84
C THR C 344 -4.62 -41.48 19.26
N ASP C 345 -3.49 -40.81 19.48
CA ASP C 345 -2.20 -41.13 18.87
C ASP C 345 -2.28 -41.10 17.34
N GLU C 346 -3.13 -40.22 16.81
CA GLU C 346 -3.26 -39.96 15.38
C GLU C 346 -3.28 -38.45 15.17
N SER C 347 -2.48 -37.96 14.23
CA SER C 347 -2.30 -36.52 14.05
C SER C 347 -3.05 -35.96 12.84
N MET C 348 -2.85 -36.56 11.66
CA MET C 348 -3.46 -36.13 10.40
C MET C 348 -3.10 -34.68 10.07
N GLU C 349 -1.84 -34.48 9.72
CA GLU C 349 -1.39 -33.14 9.36
C GLU C 349 -1.66 -32.87 7.88
N GLN C 350 -1.37 -31.63 7.46
CA GLN C 350 -1.65 -31.22 6.09
C GLN C 350 -0.63 -30.19 5.65
N PHE C 351 -0.13 -30.34 4.43
CA PHE C 351 0.85 -29.43 3.86
C PHE C 351 0.33 -28.88 2.54
N ASP C 352 0.71 -27.64 2.23
CA ASP C 352 0.34 -27.01 0.98
C ASP C 352 1.51 -26.22 0.44
N THR C 353 1.55 -26.08 -0.89
CA THR C 353 2.65 -25.44 -1.58
C THR C 353 2.28 -24.02 -2.00
N ASN C 354 3.29 -23.15 -2.05
CA ASN C 354 3.10 -21.76 -2.46
C ASN C 354 3.54 -21.60 -3.90
N LEU C 355 2.64 -21.06 -4.73
CA LEU C 355 2.85 -20.98 -6.17
C LEU C 355 2.78 -19.57 -6.71
N ALA C 356 2.80 -18.55 -5.85
CA ALA C 356 2.64 -17.18 -6.30
C ALA C 356 3.83 -16.68 -7.09
N ASP C 357 5.01 -17.30 -6.96
CA ASP C 357 6.22 -16.84 -7.59
C ASP C 357 6.52 -17.52 -8.93
N PHE C 358 5.64 -18.40 -9.40
CA PHE C 358 5.88 -19.05 -10.69
C PHE C 358 5.57 -18.14 -11.87
N ASP C 359 4.61 -17.23 -11.71
CA ASP C 359 4.22 -16.34 -12.80
C ASP C 359 5.36 -15.42 -13.21
N SER C 360 6.10 -14.89 -12.23
CA SER C 360 7.24 -14.04 -12.54
C SER C 360 8.29 -14.78 -13.35
N ILE C 361 8.56 -16.03 -12.99
CA ILE C 361 9.53 -16.84 -13.73
C ILE C 361 9.05 -17.08 -15.16
N ILE C 362 7.77 -17.45 -15.30
CA ILE C 362 7.24 -17.80 -16.62
C ILE C 362 7.29 -16.59 -17.55
N MET C 363 6.81 -15.44 -17.09
CA MET C 363 6.79 -14.29 -17.97
C MET C 363 8.11 -13.53 -18.00
N ASN C 364 9.11 -13.92 -17.20
CA ASN C 364 10.47 -13.50 -17.48
C ASN C 364 11.09 -14.33 -18.60
N GLN C 365 10.83 -15.64 -18.61
CA GLN C 365 11.41 -16.48 -19.64
C GLN C 365 10.77 -16.21 -21.00
N TYR C 366 9.46 -15.96 -21.03
CA TYR C 366 8.84 -15.60 -22.31
C TYR C 366 9.34 -14.25 -22.83
N GLN C 367 9.61 -13.31 -21.93
CA GLN C 367 10.22 -12.05 -22.33
C GLN C 367 11.62 -12.28 -22.91
N LEU C 368 12.36 -13.22 -22.33
CA LEU C 368 13.67 -13.57 -22.90
C LEU C 368 13.53 -14.18 -24.29
N VAL C 369 12.50 -15.02 -24.48
CA VAL C 369 12.23 -15.59 -25.81
C VAL C 369 11.97 -14.48 -26.83
N ALA C 370 11.17 -13.50 -26.44
CA ALA C 370 10.93 -12.34 -27.31
C ALA C 370 12.23 -11.59 -27.60
N ALA C 371 13.09 -11.47 -26.58
CA ALA C 371 14.39 -10.82 -26.77
C ALA C 371 15.24 -11.56 -27.80
N ILE C 372 15.22 -12.89 -27.77
CA ILE C 372 15.91 -13.67 -28.78
C ILE C 372 15.31 -13.39 -30.15
N ALA C 373 13.98 -13.43 -30.24
CA ALA C 373 13.29 -13.31 -31.52
C ALA C 373 13.37 -11.93 -32.13
N LYS C 374 13.80 -10.92 -31.36
CA LYS C 374 13.84 -9.52 -31.81
C LYS C 374 12.45 -9.00 -32.16
N THR C 375 11.42 -9.65 -31.62
CA THR C 375 10.01 -9.44 -31.86
C THR C 375 9.35 -9.08 -30.54
N PRO C 376 8.43 -8.12 -30.52
CA PRO C 376 7.79 -7.74 -29.25
C PRO C 376 6.99 -8.88 -28.64
N ALA C 377 6.97 -8.90 -27.30
CA ALA C 377 6.17 -9.87 -26.57
C ALA C 377 4.69 -9.70 -26.86
N THR C 378 4.28 -8.49 -27.25
CA THR C 378 2.90 -8.29 -27.72
C THR C 378 2.64 -9.10 -28.99
N LYS C 379 3.63 -9.19 -29.89
CA LYS C 379 3.45 -9.99 -31.09
C LYS C 379 3.54 -11.48 -30.79
N LEU C 380 4.52 -11.89 -29.98
CA LEU C 380 4.69 -13.32 -29.73
C LEU C 380 3.68 -13.87 -28.72
N LEU C 381 3.74 -13.39 -27.48
CA LEU C 381 2.87 -13.87 -26.41
C LEU C 381 1.44 -13.39 -26.57
N GLY C 382 1.18 -12.43 -27.45
CA GLY C 382 -0.13 -11.85 -27.58
C GLY C 382 -0.38 -10.62 -26.74
N THR C 383 0.45 -10.39 -25.73
CA THR C 383 0.37 -9.20 -24.89
C THR C 383 1.70 -9.02 -24.18
N SER C 384 1.85 -7.87 -23.52
CA SER C 384 3.01 -7.65 -22.69
C SER C 384 3.02 -8.62 -21.51
N PRO C 385 4.19 -9.12 -21.09
CA PRO C 385 4.22 -10.08 -19.99
C PRO C 385 3.89 -9.45 -18.63
N LYS C 386 3.81 -10.30 -17.60
CA LYS C 386 3.43 -9.84 -16.27
C LYS C 386 4.41 -8.83 -15.70
N GLY C 387 3.87 -7.72 -15.20
CA GLY C 387 4.65 -6.74 -14.47
C GLY C 387 5.42 -5.76 -15.34
N PHE C 388 5.76 -6.16 -16.55
CA PHE C 388 6.53 -5.30 -17.45
C PHE C 388 5.70 -4.08 -17.86
N ASN C 389 6.41 -2.99 -18.15
CA ASN C 389 5.75 -1.77 -18.61
C ASN C 389 5.04 -2.02 -19.93
N ALA C 390 3.90 -1.34 -20.10
CA ALA C 390 3.10 -1.50 -21.31
C ALA C 390 3.89 -1.09 -22.54
N THR C 391 3.76 -1.88 -23.60
CA THR C 391 4.51 -1.63 -24.83
C THR C 391 4.15 -0.29 -25.45
N GLY C 392 5.16 0.43 -25.91
CA GLY C 392 4.95 1.79 -26.35
C GLY C 392 5.56 2.14 -27.69
N GLU C 393 5.68 3.45 -27.94
CA GLU C 393 6.19 3.93 -29.22
C GLU C 393 7.63 3.51 -29.45
N HIS C 394 8.42 3.35 -28.38
CA HIS C 394 9.80 2.91 -28.53
C HIS C 394 9.88 1.51 -29.11
N GLU C 395 9.11 0.57 -28.56
CA GLU C 395 9.10 -0.78 -29.10
C GLU C 395 8.44 -0.80 -30.48
N THR C 396 7.43 0.05 -30.68
CA THR C 396 6.75 0.10 -31.97
C THR C 396 7.70 0.53 -33.08
N ILE C 397 8.52 1.55 -32.83
CA ILE C 397 9.49 1.97 -33.85
C ILE C 397 10.64 0.97 -33.93
N SER C 398 10.98 0.33 -32.80
CA SER C 398 12.07 -0.64 -32.81
C SER C 398 11.74 -1.88 -33.64
N TYR C 399 10.46 -2.23 -33.72
CA TYR C 399 10.05 -3.39 -34.50
C TYR C 399 9.56 -3.00 -35.90
N HIS C 400 8.58 -2.10 -35.97
CA HIS C 400 7.95 -1.77 -37.25
C HIS C 400 8.91 -1.08 -38.20
N GLU C 401 9.80 -0.23 -37.68
CA GLU C 401 10.70 0.53 -38.55
C GLU C 401 12.05 -0.12 -38.75
N GLU C 402 12.57 -0.86 -37.76
CA GLU C 402 13.93 -1.37 -37.87
C GLU C 402 13.99 -2.78 -38.46
N LEU C 403 13.37 -3.74 -37.78
CA LEU C 403 13.48 -5.13 -38.19
C LEU C 403 12.80 -5.36 -39.53
N GLU C 404 11.67 -4.70 -39.76
CA GLU C 404 11.00 -4.83 -41.06
C GLU C 404 11.85 -4.26 -42.18
N SER C 405 12.58 -3.17 -41.91
CA SER C 405 13.51 -2.64 -42.90
C SER C 405 14.65 -3.63 -43.18
N ILE C 406 15.14 -4.30 -42.14
CA ILE C 406 16.17 -5.33 -42.35
C ILE C 406 15.64 -6.47 -43.21
N GLN C 407 14.43 -6.95 -42.91
CA GLN C 407 13.83 -7.99 -43.74
C GLN C 407 13.58 -7.50 -45.16
N GLU C 408 13.25 -6.23 -45.34
CA GLU C 408 13.01 -5.71 -46.68
C GLU C 408 14.31 -5.62 -47.48
N HIS C 409 15.41 -5.25 -46.82
CA HIS C 409 16.70 -5.23 -47.53
C HIS C 409 17.23 -6.64 -47.76
N ILE C 410 16.77 -7.61 -46.97
CA ILE C 410 17.03 -9.01 -47.28
C ILE C 410 16.22 -9.45 -48.50
N PHE C 411 14.97 -9.01 -48.57
CA PHE C 411 14.09 -9.34 -49.70
C PHE C 411 14.57 -8.71 -51.00
N ASP C 412 15.20 -7.54 -50.92
CA ASP C 412 15.53 -6.76 -52.11
C ASP C 412 16.36 -7.49 -53.16
N PRO C 413 17.39 -8.31 -52.83
CA PRO C 413 18.01 -9.11 -53.89
C PRO C 413 17.05 -10.03 -54.63
N LEU C 414 16.11 -10.64 -53.90
CA LEU C 414 15.15 -11.55 -54.54
C LEU C 414 14.27 -10.83 -55.54
N LEU C 415 13.66 -9.72 -55.13
CA LEU C 415 12.80 -8.98 -56.05
C LEU C 415 13.60 -8.35 -57.18
N GLU C 416 14.83 -7.90 -56.90
CA GLU C 416 15.66 -7.32 -57.94
C GLU C 416 15.98 -8.34 -59.02
N ARG C 417 16.41 -9.54 -58.64
CA ARG C 417 16.68 -10.57 -59.64
C ARG C 417 15.41 -11.05 -60.31
N HIS C 418 14.30 -11.13 -59.57
CA HIS C 418 13.03 -11.56 -60.17
C HIS C 418 12.58 -10.59 -61.25
N TYR C 419 12.70 -9.29 -61.00
CA TYR C 419 12.31 -8.32 -62.02
C TYR C 419 13.33 -8.23 -63.15
N LEU C 420 14.62 -8.44 -62.85
CA LEU C 420 15.62 -8.51 -63.90
C LEU C 420 15.34 -9.66 -64.85
N LEU C 421 14.91 -10.80 -64.32
CA LEU C 421 14.64 -11.97 -65.13
C LEU C 421 13.19 -12.06 -65.58
N LEU C 422 12.34 -11.12 -65.19
CA LEU C 422 10.99 -11.04 -65.73
C LEU C 422 10.88 -9.99 -66.83
N ALA C 423 11.20 -8.72 -66.50
CA ALA C 423 11.06 -7.64 -67.46
C ALA C 423 11.97 -7.85 -68.67
N LYS C 424 13.28 -7.97 -68.42
CA LYS C 424 14.24 -8.10 -69.51
C LYS C 424 14.01 -9.39 -70.30
N SER C 425 13.58 -10.46 -69.63
CA SER C 425 13.27 -11.70 -70.35
C SER C 425 12.07 -11.53 -71.27
N GLU C 426 11.04 -10.81 -70.83
CA GLU C 426 9.93 -10.53 -71.72
C GLU C 426 10.22 -9.29 -72.56
N GLU C 427 9.29 -8.98 -73.47
CA GLU C 427 9.47 -7.84 -74.36
C GLU C 427 9.11 -6.56 -73.63
N ILE C 428 10.12 -5.79 -73.25
CA ILE C 428 9.96 -4.51 -72.56
C ILE C 428 10.86 -3.48 -73.24
N ASP C 429 10.77 -2.24 -72.76
CA ASP C 429 11.57 -1.15 -73.29
C ASP C 429 12.35 -0.45 -72.18
N VAL C 430 11.80 -0.45 -70.97
CA VAL C 430 12.35 0.30 -69.85
C VAL C 430 12.54 -0.63 -68.66
N GLN C 431 13.66 -0.45 -67.95
CA GLN C 431 13.96 -1.27 -66.78
C GLN C 431 13.01 -0.96 -65.63
N LEU C 432 13.17 -1.69 -64.53
CA LEU C 432 12.22 -1.66 -63.43
C LEU C 432 12.95 -1.42 -62.12
N GLU C 433 12.23 -0.83 -61.16
CA GLU C 433 12.77 -0.65 -59.82
C GLU C 433 11.63 -0.66 -58.82
N ILE C 434 11.95 -1.00 -57.58
CA ILE C 434 10.97 -1.37 -56.56
C ILE C 434 11.00 -0.33 -55.45
N VAL C 435 9.82 0.11 -55.02
CA VAL C 435 9.68 0.97 -53.86
C VAL C 435 8.82 0.24 -52.83
N TRP C 436 9.19 0.40 -51.56
CA TRP C 436 8.58 -0.34 -50.48
C TRP C 436 7.50 0.51 -49.81
N ASN C 437 6.32 -0.09 -49.62
CA ASN C 437 5.26 0.59 -48.91
C ASN C 437 5.62 0.73 -47.43
N PRO C 438 5.11 1.77 -46.77
CA PRO C 438 5.31 1.86 -45.32
C PRO C 438 4.65 0.71 -44.59
N VAL C 439 5.30 0.24 -43.54
CA VAL C 439 4.79 -0.85 -42.72
C VAL C 439 4.53 -0.32 -41.31
N ASP C 440 3.30 0.14 -41.09
CA ASP C 440 2.87 0.64 -39.79
C ASP C 440 1.57 -0.05 -39.40
N SER C 441 0.76 -0.39 -40.41
CA SER C 441 -0.52 -1.08 -40.23
C SER C 441 -1.42 -0.33 -39.26
N THR C 442 -1.41 0.99 -39.35
CA THR C 442 -2.13 1.82 -38.41
C THR C 442 -3.64 1.76 -38.67
N SER C 443 -4.41 2.12 -37.65
CA SER C 443 -5.86 1.98 -37.69
C SER C 443 -6.48 2.96 -38.69
N SER C 444 -7.79 2.81 -38.91
CA SER C 444 -8.49 3.62 -39.91
C SER C 444 -8.55 5.09 -39.50
N GLN C 445 -8.79 5.37 -38.21
CA GLN C 445 -8.81 6.76 -37.76
C GLN C 445 -7.44 7.41 -37.90
N GLN C 446 -6.38 6.69 -37.53
CA GLN C 446 -5.04 7.24 -37.68
C GLN C 446 -4.70 7.44 -39.15
N GLN C 447 -5.16 6.53 -40.01
CA GLN C 447 -4.96 6.70 -41.45
C GLN C 447 -5.68 7.92 -41.98
N ALA C 448 -6.92 8.15 -41.50
CA ALA C 448 -7.68 9.33 -41.92
C ALA C 448 -7.01 10.61 -41.45
N GLU C 449 -6.50 10.62 -40.22
CA GLU C 449 -5.78 11.79 -39.72
C GLU C 449 -4.51 12.03 -40.52
N LEU C 450 -3.80 10.96 -40.87
CA LEU C 450 -2.61 11.05 -41.72
C LEU C 450 -2.96 11.65 -43.08
N ASN C 451 -4.05 11.18 -43.69
CA ASN C 451 -4.49 11.70 -44.97
C ASN C 451 -4.89 13.16 -44.87
N ASN C 452 -5.57 13.54 -43.79
CA ASN C 452 -5.98 14.93 -43.62
C ASN C 452 -4.78 15.84 -43.45
N LYS C 453 -3.79 15.41 -42.67
CA LYS C 453 -2.60 16.23 -42.50
C LYS C 453 -1.82 16.36 -43.79
N LYS C 454 -1.70 15.26 -44.57
CA LYS C 454 -1.04 15.34 -45.86
C LYS C 454 -1.81 16.24 -46.82
N ALA C 455 -3.14 16.22 -46.76
CA ALA C 455 -3.95 17.11 -47.58
C ALA C 455 -3.73 18.57 -47.17
N ALA C 456 -3.58 18.83 -45.88
CA ALA C 456 -3.25 20.18 -45.43
C ALA C 456 -1.91 20.63 -45.97
N THR C 457 -0.91 19.74 -45.94
CA THR C 457 0.39 20.07 -46.53
C THR C 457 0.28 20.36 -48.01
N ASP C 458 -0.50 19.54 -48.73
CA ASP C 458 -0.71 19.75 -50.16
C ASP C 458 -1.36 21.09 -50.44
N GLU C 459 -2.39 21.44 -49.67
CA GLU C 459 -3.08 22.71 -49.85
C GLU C 459 -2.16 23.89 -49.57
N ILE C 460 -1.35 23.79 -48.50
CA ILE C 460 -0.42 24.86 -48.16
C ILE C 460 0.60 25.05 -49.27
N TYR C 461 1.17 23.95 -49.77
CA TYR C 461 2.18 24.05 -50.82
C TYR C 461 1.60 24.59 -52.12
N ILE C 462 0.41 24.13 -52.50
CA ILE C 462 -0.22 24.60 -53.73
C ILE C 462 -0.56 26.09 -53.63
N ASN C 463 -1.13 26.50 -52.48
CA ASN C 463 -1.48 27.90 -52.28
C ASN C 463 -0.24 28.79 -52.28
N SER C 464 0.84 28.33 -51.66
CA SER C 464 2.09 29.06 -51.71
C SER C 464 2.78 28.95 -53.06
N GLY C 465 2.30 28.10 -53.95
CA GLY C 465 2.87 28.01 -55.29
C GLY C 465 4.15 27.22 -55.34
N VAL C 466 4.24 26.13 -54.57
CA VAL C 466 5.41 25.28 -54.58
C VAL C 466 5.18 24.11 -55.52
N VAL C 467 4.12 23.35 -55.27
CA VAL C 467 3.81 22.16 -56.08
C VAL C 467 2.49 22.39 -56.80
N SER C 468 2.44 21.95 -58.06
CA SER C 468 1.22 21.98 -58.82
C SER C 468 0.27 20.88 -58.32
N PRO C 469 -1.04 21.04 -58.55
CA PRO C 469 -1.98 19.97 -58.15
C PRO C 469 -1.77 18.63 -58.85
N ASP C 470 -1.07 18.60 -59.99
CA ASP C 470 -0.87 17.31 -60.66
C ASP C 470 0.08 16.40 -59.89
N GLU C 471 1.06 16.97 -59.17
CA GLU C 471 1.88 16.14 -58.29
C GLU C 471 1.05 15.52 -57.18
N VAL C 472 0.11 16.27 -56.61
CA VAL C 472 -0.78 15.71 -55.60
C VAL C 472 -1.67 14.64 -56.19
N ARG C 473 -2.17 14.87 -57.41
CA ARG C 473 -2.97 13.86 -58.10
C ARG C 473 -2.20 12.57 -58.31
N GLU C 474 -0.96 12.69 -58.81
CA GLU C 474 -0.15 11.49 -59.05
C GLU C 474 0.26 10.82 -57.74
N ARG C 475 0.48 11.59 -56.68
CA ARG C 475 0.78 11.00 -55.38
C ARG C 475 -0.40 10.19 -54.86
N LEU C 476 -1.60 10.75 -54.96
CA LEU C 476 -2.80 10.00 -54.55
C LEU C 476 -2.99 8.76 -55.40
N ARG C 477 -2.76 8.86 -56.72
CA ARG C 477 -2.90 7.71 -57.59
C ARG C 477 -1.89 6.62 -57.24
N ASP C 478 -0.61 6.98 -57.19
CA ASP C 478 0.45 6.04 -56.78
C ASP C 478 0.77 6.16 -55.29
N ASP C 479 -0.27 6.11 -54.46
CA ASP C 479 -0.11 5.99 -53.02
C ASP C 479 -1.28 5.17 -52.50
N PRO C 480 -1.06 3.90 -52.18
CA PRO C 480 -2.13 3.10 -51.54
C PRO C 480 -2.42 3.60 -50.14
N ARG C 481 -3.57 3.18 -49.61
CA ARG C 481 -4.08 3.58 -48.30
C ARG C 481 -4.27 5.10 -48.20
N SER C 482 -4.50 5.76 -49.34
CA SER C 482 -4.72 7.20 -49.36
C SER C 482 -6.18 7.57 -49.64
N GLY C 483 -7.05 6.58 -49.80
CA GLY C 483 -8.46 6.82 -50.05
C GLY C 483 -8.85 6.86 -51.52
N TYR C 484 -8.02 7.51 -52.34
CA TYR C 484 -8.27 7.64 -53.77
C TYR C 484 -7.22 6.82 -54.51
N ASN C 485 -7.66 5.76 -55.16
CA ASN C 485 -6.76 4.90 -55.93
C ASN C 485 -7.30 4.53 -57.30
N ARG C 486 -8.46 5.05 -57.69
CA ARG C 486 -9.11 4.72 -58.95
C ARG C 486 -9.72 5.97 -59.59
N LEU C 487 -9.07 7.12 -59.39
CA LEU C 487 -9.68 8.42 -59.60
C LEU C 487 -10.17 8.66 -61.02
N THR C 488 -9.25 8.82 -61.96
CA THR C 488 -9.48 9.14 -63.36
C THR C 488 -8.16 8.94 -64.10
N ASP C 489 -8.20 9.17 -65.41
CA ASP C 489 -7.00 9.31 -66.22
C ASP C 489 -6.74 10.75 -66.62
N ASP C 490 -7.52 11.69 -66.09
CA ASP C 490 -7.42 13.10 -66.47
C ASP C 490 -6.16 13.73 -65.87
N GLN C 491 -5.96 15.00 -66.17
CA GLN C 491 -4.80 15.74 -65.70
C GLN C 491 -5.26 17.01 -64.99
N ALA C 492 -4.44 17.47 -64.04
CA ALA C 492 -4.70 18.69 -63.30
C ALA C 492 -4.17 19.88 -64.10
N GLU C 493 -4.02 21.03 -63.43
CA GLU C 493 -3.58 22.25 -64.09
C GLU C 493 -2.18 22.10 -64.67
N THR C 494 -1.28 21.42 -63.96
CA THR C 494 0.13 21.18 -64.27
C THR C 494 0.97 22.45 -64.27
N GLU C 495 0.36 23.60 -64.04
CA GLU C 495 1.06 24.88 -63.91
C GLU C 495 1.59 25.02 -62.49
N PRO C 496 2.76 25.68 -62.30
CA PRO C 496 3.50 25.50 -61.04
C PRO C 496 2.82 26.08 -59.82
N GLY C 497 1.81 25.36 -59.31
CA GLY C 497 1.13 25.73 -58.08
C GLY C 497 0.08 26.79 -58.28
N MET C 498 -0.74 26.66 -59.33
CA MET C 498 -1.71 27.69 -59.62
C MET C 498 -3.00 27.51 -58.83
N SER C 499 -3.73 26.39 -59.04
CA SER C 499 -5.02 26.07 -58.43
C SER C 499 -6.10 27.04 -58.89
N PRO C 500 -7.40 26.69 -58.79
CA PRO C 500 -8.44 27.63 -59.27
C PRO C 500 -8.44 28.98 -58.56
N GLU C 501 -8.13 29.03 -57.27
CA GLU C 501 -8.19 30.28 -56.54
C GLU C 501 -7.17 31.28 -57.08
N ASN C 502 -5.90 30.88 -57.16
CA ASN C 502 -4.89 31.79 -57.69
C ASN C 502 -4.97 31.92 -59.20
N LEU C 503 -5.58 30.95 -59.89
CA LEU C 503 -5.88 31.15 -61.31
C LEU C 503 -6.81 32.34 -61.52
N ALA C 504 -7.93 32.35 -60.78
CA ALA C 504 -8.86 33.47 -60.87
C ALA C 504 -8.22 34.76 -60.39
N GLU C 505 -7.42 34.68 -59.31
CA GLU C 505 -6.73 35.86 -58.80
C GLU C 505 -5.75 36.43 -59.83
N PHE C 506 -5.00 35.55 -60.50
CA PHE C 506 -4.04 36.00 -61.50
C PHE C 506 -4.73 36.62 -62.70
N GLU C 507 -5.82 36.00 -63.18
CA GLU C 507 -6.55 36.58 -64.31
C GLU C 507 -7.14 37.94 -63.96
N LYS C 508 -7.77 38.04 -62.79
CA LYS C 508 -8.37 39.29 -62.36
C LYS C 508 -7.30 40.36 -62.14
N ALA C 509 -6.17 39.98 -61.55
CA ALA C 509 -5.09 40.94 -61.30
C ALA C 509 -4.49 41.44 -62.60
N GLY C 510 -4.29 40.55 -63.58
CA GLY C 510 -3.79 40.98 -64.87
C GLY C 510 -4.74 41.92 -65.58
N ALA C 511 -6.03 41.61 -65.54
CA ALA C 511 -7.03 42.48 -66.17
C ALA C 511 -7.09 43.85 -65.50
N GLN C 512 -7.10 43.88 -64.16
CA GLN C 512 -7.10 45.15 -63.46
C GLN C 512 -5.80 45.91 -63.68
N SER C 513 -4.69 45.21 -63.86
CA SER C 513 -3.43 45.88 -64.19
C SER C 513 -3.51 46.53 -65.56
N ALA C 514 -4.13 45.84 -66.53
CA ALA C 514 -4.34 46.43 -67.84
C ALA C 514 -5.20 47.69 -67.74
N LYS C 515 -6.28 47.61 -66.95
CA LYS C 515 -7.15 48.77 -66.74
C LYS C 515 -6.39 49.94 -66.13
N ALA C 516 -5.62 49.67 -65.08
CA ALA C 516 -4.93 50.75 -64.37
C ALA C 516 -3.83 51.37 -65.22
N LYS C 517 -3.07 50.53 -65.95
CA LYS C 517 -2.05 51.07 -66.84
C LYS C 517 -2.66 51.89 -67.96
N GLY C 518 -3.79 51.43 -68.52
CA GLY C 518 -4.46 52.21 -69.56
C GLY C 518 -4.97 53.55 -69.05
N GLU C 519 -5.60 53.55 -67.88
CA GLU C 519 -6.10 54.81 -67.33
C GLU C 519 -4.94 55.73 -66.93
N ALA C 520 -3.81 55.17 -66.50
CA ALA C 520 -2.63 55.98 -66.24
C ALA C 520 -2.10 56.62 -67.52
N GLU C 521 -2.06 55.86 -68.61
CA GLU C 521 -1.63 56.43 -69.88
C GLU C 521 -2.58 57.52 -70.36
N ARG C 522 -3.89 57.31 -70.15
CA ARG C 522 -4.87 58.35 -70.43
C ARG C 522 -4.62 59.59 -69.59
N ALA C 523 -4.26 59.40 -68.31
CA ALA C 523 -3.95 60.53 -67.44
C ALA C 523 -2.73 61.30 -67.95
N GLU C 524 -1.69 60.59 -68.39
CA GLU C 524 -0.53 61.25 -68.99
C GLU C 524 -0.93 62.04 -70.23
N ALA C 525 -1.74 61.44 -71.10
CA ALA C 525 -2.13 62.10 -72.34
C ALA C 525 -2.96 63.35 -72.07
N GLN C 526 -3.88 63.28 -71.10
CA GLN C 526 -4.73 64.43 -70.81
C GLN C 526 -3.98 65.51 -70.05
N ALA C 527 -3.05 65.13 -69.18
CA ALA C 527 -2.28 66.12 -68.44
C ALA C 527 -1.27 66.83 -69.33
N GLY C 528 -0.68 66.11 -70.29
CA GLY C 528 0.29 66.69 -71.19
C GLY C 528 -0.29 67.70 -72.15
N VAL D 94 49.37 5.20 -3.48
CA VAL D 94 49.64 4.19 -4.49
C VAL D 94 48.43 3.27 -4.61
N VAL D 95 48.24 2.70 -5.80
CA VAL D 95 47.16 1.73 -6.00
C VAL D 95 47.46 0.48 -5.18
N PRO D 96 46.48 -0.12 -4.51
CA PRO D 96 46.74 -1.36 -3.78
C PRO D 96 47.00 -2.51 -4.73
N THR D 97 47.66 -3.55 -4.20
CA THR D 97 47.96 -4.73 -5.00
C THR D 97 46.68 -5.43 -5.47
N MET D 98 45.66 -5.50 -4.60
CA MET D 98 44.44 -6.23 -4.94
C MET D 98 43.65 -5.49 -6.02
N LEU D 99 43.46 -4.18 -5.87
CA LEU D 99 42.79 -3.41 -6.91
C LEU D 99 43.61 -3.41 -8.20
N GLN D 100 44.93 -3.35 -8.07
CA GLN D 100 45.80 -3.28 -9.24
C GLN D 100 45.72 -4.55 -10.06
N ASP D 101 45.79 -5.72 -9.42
CA ASP D 101 45.70 -6.94 -10.21
C ASP D 101 44.27 -7.38 -10.46
N TRP D 102 43.28 -6.71 -9.85
CA TRP D 102 41.92 -6.87 -10.33
C TRP D 102 41.70 -6.12 -11.63
N TYR D 103 42.30 -4.93 -11.76
CA TYR D 103 42.18 -4.17 -12.99
C TYR D 103 43.07 -4.73 -14.09
N ASN D 104 44.26 -5.21 -13.74
CA ASN D 104 45.19 -5.76 -14.73
C ASN D 104 44.68 -7.06 -15.33
N SER D 105 43.78 -7.76 -14.65
CA SER D 105 43.29 -9.04 -15.15
C SER D 105 42.40 -8.88 -16.39
N GLN D 106 41.84 -7.69 -16.61
CA GLN D 106 41.06 -7.46 -17.82
C GLN D 106 41.96 -7.26 -19.02
N GLY D 107 42.67 -8.31 -19.43
CA GLY D 107 43.57 -8.25 -20.56
C GLY D 107 42.88 -8.58 -21.86
N PHE D 108 43.67 -8.65 -22.92
CA PHE D 108 43.15 -8.96 -24.25
C PHE D 108 42.95 -10.47 -24.36
N ILE D 109 41.68 -10.88 -24.54
CA ILE D 109 41.36 -12.30 -24.53
C ILE D 109 41.93 -13.00 -25.76
N GLY D 110 41.90 -12.35 -26.92
CA GLY D 110 42.42 -12.96 -28.13
C GLY D 110 41.37 -13.06 -29.23
N TYR D 111 41.83 -13.07 -30.48
CA TYR D 111 40.90 -13.08 -31.62
C TYR D 111 40.13 -14.39 -31.70
N GLN D 112 40.78 -15.51 -31.40
CA GLN D 112 40.08 -16.79 -31.37
C GLN D 112 38.99 -16.81 -30.32
N ALA D 113 39.29 -16.28 -29.12
CA ALA D 113 38.29 -16.20 -28.07
C ALA D 113 37.14 -15.28 -28.45
N CYS D 114 37.46 -14.15 -29.09
CA CYS D 114 36.42 -13.23 -29.54
C CYS D 114 35.50 -13.89 -30.55
N ALA D 115 36.07 -14.59 -31.53
CA ALA D 115 35.27 -15.26 -32.54
C ALA D 115 34.41 -16.37 -31.93
N ILE D 116 34.97 -17.12 -30.97
CA ILE D 116 34.21 -18.19 -30.34
C ILE D 116 33.05 -17.62 -29.52
N ILE D 117 33.31 -16.55 -28.76
CA ILE D 117 32.27 -15.97 -27.91
C ILE D 117 31.20 -15.28 -28.76
N SER D 118 31.57 -14.78 -29.95
CA SER D 118 30.63 -14.03 -30.79
C SER D 118 29.44 -14.86 -31.25
N GLN D 119 29.50 -16.19 -31.13
CA GLN D 119 28.36 -17.03 -31.49
C GLN D 119 27.16 -16.78 -30.58
N HIS D 120 27.37 -16.28 -29.37
CA HIS D 120 26.27 -16.05 -28.44
C HIS D 120 25.34 -14.96 -28.95
N TRP D 121 24.07 -15.06 -28.56
CA TRP D 121 23.05 -14.16 -29.10
C TRP D 121 23.19 -12.74 -28.54
N LEU D 122 23.51 -12.61 -27.25
CA LEU D 122 23.60 -11.29 -26.63
C LEU D 122 24.74 -10.47 -27.23
N VAL D 123 25.92 -11.06 -27.32
CA VAL D 123 27.07 -10.33 -27.87
C VAL D 123 26.87 -10.05 -29.35
N ASP D 124 26.25 -10.98 -30.09
CA ASP D 124 25.99 -10.77 -31.50
C ASP D 124 25.02 -9.61 -31.69
N LYS D 125 23.95 -9.58 -30.88
CA LYS D 125 22.98 -8.49 -30.99
C LYS D 125 23.59 -7.15 -30.60
N ALA D 126 24.42 -7.15 -29.56
CA ALA D 126 25.09 -5.92 -29.13
C ALA D 126 26.03 -5.38 -30.19
N CYS D 127 26.80 -6.26 -30.83
CA CYS D 127 27.67 -5.81 -31.92
C CYS D 127 26.91 -5.54 -33.20
N SER D 128 25.70 -6.06 -33.35
CA SER D 128 24.96 -5.92 -34.61
C SER D 128 24.11 -4.65 -34.65
N MET D 129 23.19 -4.49 -33.71
CA MET D 129 22.23 -3.38 -33.82
C MET D 129 22.76 -2.08 -33.20
N SER D 130 23.98 -1.73 -33.56
CA SER D 130 24.57 -0.46 -33.18
C SER D 130 24.84 0.43 -34.38
N GLY D 131 25.56 -0.06 -35.37
CA GLY D 131 25.81 0.69 -36.59
C GLY D 131 24.85 0.32 -37.70
N GLU D 132 24.17 -0.82 -37.54
CA GLU D 132 23.16 -1.22 -38.52
C GLU D 132 22.01 -0.23 -38.54
N ASP D 133 21.56 0.22 -37.37
CA ASP D 133 20.51 1.23 -37.31
C ASP D 133 20.97 2.55 -37.88
N ALA D 134 22.24 2.91 -37.66
CA ALA D 134 22.79 4.13 -38.24
C ALA D 134 22.83 4.03 -39.77
N ALA D 135 23.15 2.86 -40.29
CA ALA D 135 23.23 2.63 -41.72
C ALA D 135 21.88 2.44 -42.39
N ARG D 136 20.82 2.21 -41.60
CA ARG D 136 19.51 1.92 -42.15
C ARG D 136 19.00 3.04 -43.05
N ASN D 137 19.02 4.28 -42.56
CA ASN D 137 18.39 5.38 -43.29
C ASN D 137 19.15 5.79 -44.54
N GLY D 138 20.38 5.32 -44.71
CA GLY D 138 21.12 5.60 -45.93
C GLY D 138 21.71 7.00 -45.96
N TRP D 139 22.15 7.38 -47.15
CA TRP D 139 22.81 8.67 -47.36
C TRP D 139 22.36 9.24 -48.69
N GLU D 140 22.67 10.52 -48.90
CA GLU D 140 22.43 11.19 -50.16
C GLU D 140 23.71 11.86 -50.64
N LEU D 141 23.75 12.12 -51.94
CA LEU D 141 24.94 12.62 -52.60
C LEU D 141 24.66 14.04 -53.07
N LYS D 142 25.57 14.96 -52.76
CA LYS D 142 25.32 16.36 -53.13
C LYS D 142 26.27 16.90 -54.19
N SER D 143 27.58 16.70 -54.02
CA SER D 143 28.62 17.21 -54.89
C SER D 143 28.65 18.74 -54.90
N ASP D 144 29.61 19.32 -55.63
CA ASP D 144 29.65 20.78 -55.74
C ASP D 144 28.44 21.32 -56.47
N GLY D 145 27.98 20.62 -57.50
CA GLY D 145 26.79 21.03 -58.21
C GLY D 145 25.53 20.76 -57.42
N ARG D 146 24.43 21.35 -57.91
CA ARG D 146 23.13 21.18 -57.27
C ARG D 146 22.65 19.73 -57.31
N LYS D 147 22.41 19.21 -58.52
CA LYS D 147 21.92 17.86 -58.71
C LYS D 147 22.83 17.14 -59.69
N LEU D 148 23.22 15.92 -59.33
CA LEU D 148 24.00 15.09 -60.23
C LEU D 148 23.15 14.72 -61.44
N SER D 149 23.80 14.63 -62.60
CA SER D 149 23.11 14.24 -63.82
C SER D 149 22.55 12.83 -63.67
N ASP D 150 21.39 12.60 -64.29
CA ASP D 150 20.63 11.37 -64.04
C ASP D 150 21.37 10.12 -64.48
N GLU D 151 22.10 10.21 -65.60
CA GLU D 151 22.92 9.07 -66.02
C GLU D 151 24.02 8.77 -65.00
N GLN D 152 24.65 9.82 -64.46
CA GLN D 152 25.67 9.62 -63.44
C GLN D 152 25.06 9.02 -62.17
N SER D 153 23.87 9.47 -61.78
CA SER D 153 23.20 8.93 -60.60
C SER D 153 22.84 7.46 -60.80
N ALA D 154 22.33 7.11 -61.99
CA ALA D 154 22.02 5.72 -62.28
C ALA D 154 23.27 4.85 -62.29
N LEU D 155 24.36 5.36 -62.84
CA LEU D 155 25.63 4.63 -62.81
C LEU D 155 26.11 4.43 -61.38
N ILE D 156 25.99 5.46 -60.55
CA ILE D 156 26.40 5.37 -59.15
C ILE D 156 25.55 4.33 -58.42
N ALA D 157 24.24 4.33 -58.67
CA ALA D 157 23.36 3.35 -58.05
C ALA D 157 23.70 1.93 -58.48
N ARG D 158 23.98 1.73 -59.77
CA ARG D 158 24.36 0.41 -60.27
C ARG D 158 25.66 -0.06 -59.63
N ARG D 159 26.66 0.82 -59.54
CA ARG D 159 27.94 0.44 -58.96
C ARG D 159 27.80 0.16 -57.47
N ASP D 160 26.99 0.94 -56.76
CA ASP D 160 26.77 0.70 -55.34
C ASP D 160 26.05 -0.63 -55.11
N MET D 161 25.07 -0.95 -55.96
CA MET D 161 24.39 -2.24 -55.84
C MET D 161 25.33 -3.40 -56.15
N GLU D 162 26.20 -3.24 -57.15
CA GLU D 162 27.15 -4.29 -57.47
C GLU D 162 28.22 -4.45 -56.40
N PHE D 163 28.55 -3.37 -55.69
CA PHE D 163 29.55 -3.43 -54.64
C PHE D 163 28.97 -3.75 -53.27
N ARG D 164 27.64 -3.76 -53.14
CA ARG D 164 26.93 -4.02 -51.88
C ARG D 164 27.52 -3.21 -50.71
N VAL D 165 27.51 -1.89 -50.90
CA VAL D 165 28.18 -0.99 -49.97
C VAL D 165 27.53 -1.03 -48.58
N LYS D 166 26.20 -1.03 -48.55
CA LYS D 166 25.47 -1.05 -47.28
C LYS D 166 25.83 -2.28 -46.46
N ASP D 167 25.79 -3.46 -47.08
CA ASP D 167 26.12 -4.69 -46.39
C ASP D 167 27.56 -4.70 -45.91
N ASN D 168 28.49 -4.21 -46.75
CA ASN D 168 29.89 -4.19 -46.37
C ASN D 168 30.13 -3.28 -45.16
N LEU D 169 29.49 -2.11 -45.14
CA LEU D 169 29.75 -1.17 -44.02
C LEU D 169 29.06 -1.68 -42.75
N VAL D 170 27.88 -2.30 -42.89
CA VAL D 170 27.22 -2.90 -41.73
C VAL D 170 28.09 -4.00 -41.13
N GLU D 171 28.62 -4.88 -41.98
CA GLU D 171 29.52 -5.93 -41.52
C GLU D 171 30.79 -5.34 -40.93
N LEU D 172 31.28 -4.24 -41.51
CA LEU D 172 32.45 -3.55 -40.99
C LEU D 172 32.23 -3.11 -39.55
N ASN D 173 31.13 -2.40 -39.29
CA ASN D 173 30.84 -1.98 -37.92
C ASN D 173 30.64 -3.17 -37.00
N ARG D 174 29.92 -4.18 -37.47
CA ARG D 174 29.60 -5.34 -36.64
C ARG D 174 30.87 -6.07 -36.18
N PHE D 175 31.75 -6.41 -37.12
CA PHE D 175 32.95 -7.12 -36.74
C PHE D 175 34.00 -6.21 -36.13
N LYS D 176 33.92 -4.88 -36.36
CA LYS D 176 34.74 -3.95 -35.59
C LYS D 176 34.35 -3.99 -34.11
N ASN D 177 33.06 -4.13 -33.84
CA ASN D 177 32.63 -4.31 -32.45
C ASN D 177 33.02 -5.68 -31.93
N VAL D 178 32.93 -6.71 -32.78
CA VAL D 178 33.25 -8.08 -32.36
C VAL D 178 34.72 -8.20 -31.97
N PHE D 179 35.61 -7.94 -32.91
CA PHE D 179 37.05 -7.94 -32.64
C PHE D 179 37.46 -6.56 -32.13
N GLY D 180 38.77 -6.31 -32.06
CA GLY D 180 39.24 -5.00 -31.69
C GLY D 180 39.39 -4.04 -32.84
N VAL D 181 39.54 -4.56 -34.06
CA VAL D 181 39.88 -3.73 -35.20
C VAL D 181 39.40 -4.45 -36.46
N ARG D 182 39.00 -3.69 -37.47
CA ARG D 182 38.66 -4.22 -38.77
C ARG D 182 39.45 -3.48 -39.85
N ILE D 183 39.81 -4.20 -40.89
CA ILE D 183 40.58 -3.67 -42.00
C ILE D 183 39.74 -3.82 -43.27
N ALA D 184 39.54 -2.72 -43.97
CA ALA D 184 38.83 -2.71 -45.25
C ALA D 184 39.80 -2.33 -46.34
N LEU D 185 39.95 -3.21 -47.33
CA LEU D 185 40.90 -3.04 -48.42
C LEU D 185 40.11 -2.85 -49.71
N PHE D 186 40.38 -1.74 -50.41
CA PHE D 186 39.71 -1.43 -51.66
C PHE D 186 40.51 -2.08 -52.79
N VAL D 187 39.97 -3.14 -53.38
CA VAL D 187 40.71 -3.87 -54.40
C VAL D 187 40.69 -3.07 -55.70
N VAL D 188 41.84 -2.95 -56.33
CA VAL D 188 41.99 -2.20 -57.57
C VAL D 188 43.18 -2.79 -58.33
N GLU D 189 43.08 -2.82 -59.65
CA GLU D 189 44.04 -3.53 -60.49
C GLU D 189 45.04 -2.56 -61.10
N SER D 190 46.30 -2.97 -61.12
CA SER D 190 47.37 -2.18 -61.72
C SER D 190 48.43 -3.12 -62.28
N ASP D 191 49.21 -2.59 -63.24
CA ASP D 191 50.22 -3.41 -63.89
C ASP D 191 51.37 -3.76 -62.96
N ASP D 192 51.72 -2.85 -62.06
CA ASP D 192 52.87 -3.05 -61.18
C ASP D 192 52.54 -4.10 -60.14
N PRO D 193 53.29 -5.21 -60.05
CA PRO D 193 53.02 -6.20 -59.01
C PRO D 193 53.40 -5.74 -57.61
N ASP D 194 54.19 -4.67 -57.48
CA ASP D 194 54.46 -4.03 -56.21
C ASP D 194 53.59 -2.80 -55.99
N TYR D 195 52.35 -2.84 -56.51
CA TYR D 195 51.47 -1.68 -56.43
C TYR D 195 51.10 -1.36 -54.98
N TYR D 196 50.81 -2.38 -54.18
CA TYR D 196 50.46 -2.18 -52.77
C TYR D 196 51.71 -2.09 -51.90
N GLU D 197 52.66 -1.29 -52.32
CA GLU D 197 53.88 -1.02 -51.56
C GLU D 197 54.14 0.47 -51.39
N LYS D 198 53.85 1.26 -52.40
CA LYS D 198 53.99 2.70 -52.34
C LYS D 198 52.82 3.31 -51.57
N PRO D 199 52.98 4.50 -51.02
CA PRO D 199 51.84 5.18 -50.41
C PRO D 199 50.76 5.46 -51.44
N PHE D 200 49.50 5.37 -51.00
CA PHE D 200 48.37 5.52 -51.88
C PHE D 200 48.34 6.91 -52.52
N ASN D 201 48.08 6.95 -53.82
CA ASN D 201 48.08 8.18 -54.59
C ASN D 201 46.78 8.26 -55.38
N PRO D 202 46.04 9.37 -55.29
CA PRO D 202 44.81 9.50 -56.09
C PRO D 202 45.04 9.54 -57.58
N ASP D 203 46.26 9.85 -58.03
CA ASP D 203 46.56 9.85 -59.46
C ASP D 203 46.75 8.46 -60.04
N GLY D 204 47.05 7.48 -59.21
CA GLY D 204 47.24 6.11 -59.68
C GLY D 204 45.92 5.43 -59.97
N ILE D 205 45.29 5.82 -61.08
CA ILE D 205 43.91 5.43 -61.36
C ILE D 205 43.84 4.22 -62.28
N THR D 206 44.36 4.33 -63.52
CA THR D 206 44.16 3.37 -64.60
C THR D 206 42.67 3.13 -64.76
N PRO D 207 41.94 4.05 -65.40
CA PRO D 207 40.47 4.10 -65.27
C PRO D 207 39.77 2.78 -65.59
N GLY D 208 38.63 2.58 -64.92
CA GLY D 208 37.91 1.32 -65.00
C GLY D 208 38.59 0.18 -64.27
N SER D 209 39.17 0.45 -63.10
CA SER D 209 39.90 -0.57 -62.34
C SER D 209 39.33 -0.84 -60.96
N TYR D 210 38.40 -0.02 -60.47
CA TYR D 210 37.85 -0.20 -59.13
C TYR D 210 36.89 -1.38 -59.16
N LYS D 211 37.34 -2.52 -58.63
CA LYS D 211 36.56 -3.75 -58.70
C LYS D 211 35.68 -4.00 -57.48
N GLY D 212 35.96 -3.35 -56.36
CA GLY D 212 35.15 -3.51 -55.18
C GLY D 212 36.00 -3.40 -53.92
N ILE D 213 35.43 -3.83 -52.80
CA ILE D 213 36.10 -3.78 -51.51
C ILE D 213 36.01 -5.15 -50.86
N SER D 214 36.95 -5.39 -49.94
CA SER D 214 36.97 -6.60 -49.14
C SER D 214 37.28 -6.21 -47.70
N GLN D 215 36.88 -7.08 -46.78
CA GLN D 215 37.14 -6.87 -45.36
C GLN D 215 37.93 -8.05 -44.82
N ILE D 216 39.06 -7.76 -44.20
CA ILE D 216 40.01 -8.77 -43.74
C ILE D 216 39.90 -8.87 -42.23
N ASP D 217 39.70 -10.08 -41.74
CA ASP D 217 39.63 -10.31 -40.30
C ASP D 217 41.01 -10.13 -39.67
N PRO D 218 41.07 -9.74 -38.40
CA PRO D 218 42.38 -9.45 -37.78
C PRO D 218 43.36 -10.61 -37.76
N TYR D 219 42.89 -11.85 -37.63
CA TYR D 219 43.84 -12.96 -37.57
C TYR D 219 44.44 -13.27 -38.93
N TRP D 220 43.82 -12.80 -40.02
CA TRP D 220 44.37 -12.95 -41.35
C TRP D 220 45.38 -11.86 -41.70
N ALA D 221 45.57 -10.88 -40.83
CA ALA D 221 46.47 -9.77 -41.08
C ALA D 221 47.62 -9.77 -40.07
N MET D 222 48.61 -8.93 -40.34
CA MET D 222 49.76 -8.77 -39.47
C MET D 222 50.32 -7.36 -39.60
N PRO D 223 50.16 -6.50 -38.61
CA PRO D 223 50.71 -5.14 -38.69
C PRO D 223 52.22 -5.15 -38.70
N GLN D 224 52.80 -4.19 -39.41
CA GLN D 224 54.24 -4.04 -39.51
C GLN D 224 54.59 -2.58 -39.23
N LEU D 225 55.51 -2.37 -38.29
CA LEU D 225 55.90 -1.04 -37.86
C LEU D 225 57.31 -0.73 -38.34
N THR D 226 57.47 0.44 -38.97
CA THR D 226 58.78 0.88 -39.39
C THR D 226 59.50 1.59 -38.23
N ALA D 227 60.83 1.69 -38.39
CA ALA D 227 61.64 2.38 -37.39
C ALA D 227 61.26 3.84 -37.27
N GLY D 228 60.87 4.48 -38.37
CA GLY D 228 60.38 5.84 -38.30
C GLY D 228 59.03 5.97 -37.63
N SER D 229 58.23 4.90 -37.65
CA SER D 229 56.94 4.88 -36.96
C SER D 229 57.02 4.31 -35.56
N THR D 230 58.22 3.95 -35.10
CA THR D 230 58.39 3.45 -33.74
C THR D 230 59.40 4.23 -32.91
N ALA D 231 60.36 4.93 -33.52
CA ALA D 231 61.44 5.56 -32.75
C ALA D 231 61.00 6.85 -32.07
N ASP D 232 60.14 7.64 -32.72
CA ASP D 232 59.87 9.00 -32.27
C ASP D 232 58.48 9.10 -31.67
N PRO D 233 58.35 9.26 -30.34
CA PRO D 233 57.02 9.54 -29.77
C PRO D 233 56.39 10.82 -30.30
N SER D 234 57.21 11.80 -30.67
CA SER D 234 56.70 13.05 -31.23
C SER D 234 56.12 12.88 -32.63
N SER D 235 56.40 11.75 -33.30
CA SER D 235 55.86 11.53 -34.63
C SER D 235 54.35 11.38 -34.59
N GLU D 236 53.69 11.92 -35.61
CA GLU D 236 52.24 11.84 -35.71
C GLU D 236 51.76 10.41 -35.94
N HIS D 237 52.60 9.57 -36.57
CA HIS D 237 52.25 8.18 -36.86
C HIS D 237 52.86 7.21 -35.86
N PHE D 238 53.21 7.68 -34.66
CA PHE D 238 53.77 6.80 -33.64
C PHE D 238 52.77 5.73 -33.23
N TYR D 239 53.25 4.49 -33.18
CA TYR D 239 52.44 3.31 -32.86
C TYR D 239 51.22 3.20 -33.77
N GLU D 240 51.43 3.55 -35.05
CA GLU D 240 50.43 3.39 -36.09
C GLU D 240 51.04 2.51 -37.17
N PRO D 241 50.58 1.25 -37.30
CA PRO D 241 51.14 0.34 -38.32
C PRO D 241 51.18 0.91 -39.72
N ASP D 242 52.40 1.03 -40.26
CA ASP D 242 52.56 1.55 -41.61
C ASP D 242 52.18 0.53 -42.67
N PHE D 243 52.33 -0.76 -42.37
CA PHE D 243 52.03 -1.82 -43.32
C PHE D 243 51.24 -2.92 -42.63
N TRP D 244 50.47 -3.66 -43.42
CA TRP D 244 49.67 -4.78 -42.92
C TRP D 244 49.89 -5.96 -43.85
N ILE D 245 50.60 -6.98 -43.36
CA ILE D 245 50.81 -8.20 -44.13
C ILE D 245 49.52 -9.02 -44.03
N ILE D 246 48.85 -9.22 -45.16
CA ILE D 246 47.60 -9.97 -45.18
C ILE D 246 47.84 -11.37 -45.72
N SER D 247 48.28 -11.46 -46.98
CA SER D 247 48.65 -12.73 -47.59
C SER D 247 50.03 -12.53 -48.22
N GLY D 248 51.07 -12.71 -47.41
CA GLY D 248 52.42 -12.53 -47.89
C GLY D 248 52.81 -11.08 -48.12
N LYS D 249 52.12 -10.44 -49.07
CA LYS D 249 52.41 -9.06 -49.42
C LYS D 249 51.94 -8.12 -48.32
N LYS D 250 52.58 -6.95 -48.25
CA LYS D 250 52.37 -5.98 -47.20
C LYS D 250 51.65 -4.75 -47.75
N TYR D 251 50.36 -4.63 -47.45
CA TYR D 251 49.59 -3.47 -47.91
C TYR D 251 49.93 -2.25 -47.07
N HIS D 252 50.03 -1.10 -47.72
CA HIS D 252 50.37 0.13 -47.02
C HIS D 252 49.16 0.63 -46.23
N ARG D 253 49.43 1.42 -45.19
CA ARG D 253 48.38 1.95 -44.34
C ARG D 253 47.42 2.85 -45.12
N SER D 254 47.95 3.70 -45.99
CA SER D 254 47.10 4.65 -46.72
C SER D 254 46.21 3.94 -47.74
N HIS D 255 46.61 2.77 -48.22
CA HIS D 255 45.82 2.08 -49.24
C HIS D 255 44.49 1.58 -48.67
N LEU D 256 44.49 1.17 -47.41
CA LEU D 256 43.33 0.55 -46.80
C LEU D 256 42.77 1.42 -45.68
N VAL D 257 41.50 1.19 -45.35
CA VAL D 257 40.80 1.93 -44.32
C VAL D 257 40.68 1.05 -43.09
N VAL D 258 41.15 1.56 -41.95
CA VAL D 258 41.18 0.81 -40.70
C VAL D 258 40.23 1.47 -39.72
N VAL D 259 39.29 0.68 -39.18
CA VAL D 259 38.40 1.12 -38.12
C VAL D 259 38.73 0.30 -36.88
N ARG D 260 38.99 0.98 -35.77
CA ARG D 260 39.45 0.34 -34.55
C ARG D 260 38.56 0.75 -33.39
N GLY D 261 38.74 0.05 -32.27
CA GLY D 261 37.92 0.26 -31.10
C GLY D 261 38.29 1.50 -30.31
N PRO D 262 38.19 1.42 -28.99
CA PRO D 262 38.41 2.61 -28.14
C PRO D 262 39.85 3.09 -28.05
N GLN D 263 40.78 2.51 -28.81
CA GLN D 263 42.17 2.97 -28.91
C GLN D 263 42.88 2.98 -27.56
N PRO D 264 43.32 1.82 -27.08
CA PRO D 264 43.98 1.74 -25.76
C PRO D 264 45.23 2.61 -25.70
N PRO D 265 45.73 2.91 -24.50
CA PRO D 265 46.93 3.75 -24.38
C PRO D 265 48.16 3.11 -25.01
N ASP D 266 49.23 3.90 -25.10
CA ASP D 266 50.38 3.55 -25.92
C ASP D 266 51.16 2.38 -25.33
N ILE D 267 51.36 2.34 -24.01
CA ILE D 267 52.22 1.33 -23.42
C ILE D 267 51.67 -0.08 -23.62
N LEU D 268 50.35 -0.22 -23.72
CA LEU D 268 49.74 -1.51 -23.97
C LEU D 268 48.96 -1.53 -25.29
N LYS D 269 49.24 -0.58 -26.19
CA LYS D 269 48.74 -0.70 -27.56
C LYS D 269 49.28 -1.92 -28.29
N PRO D 270 50.57 -2.27 -28.24
CA PRO D 270 51.01 -3.52 -28.90
C PRO D 270 50.35 -4.77 -28.32
N THR D 271 49.93 -4.75 -27.05
CA THR D 271 49.26 -5.90 -26.48
C THR D 271 47.93 -6.20 -27.15
N TYR D 272 47.32 -5.22 -27.81
CA TYR D 272 46.09 -5.41 -28.57
C TYR D 272 46.37 -5.57 -30.05
N ILE D 273 47.63 -5.80 -30.44
CA ILE D 273 48.09 -5.95 -31.82
C ILE D 273 47.75 -4.64 -32.56
N PHE D 274 47.91 -3.51 -31.85
CA PHE D 274 47.66 -2.18 -32.39
C PHE D 274 46.24 -2.04 -32.93
N GLY D 275 45.29 -2.66 -32.25
CA GLY D 275 43.90 -2.57 -32.64
C GLY D 275 43.07 -1.74 -31.69
N GLY D 276 42.05 -2.36 -31.09
CA GLY D 276 41.22 -1.69 -30.12
C GLY D 276 40.72 -2.66 -29.07
N ILE D 277 40.02 -2.11 -28.08
CA ILE D 277 39.47 -2.93 -27.00
C ILE D 277 38.19 -3.59 -27.52
N PRO D 278 38.11 -4.92 -27.51
CA PRO D 278 36.95 -5.58 -28.11
C PRO D 278 35.74 -5.60 -27.19
N LEU D 279 34.58 -5.35 -27.80
CA LEU D 279 33.32 -5.42 -27.06
C LEU D 279 33.01 -6.84 -26.59
N THR D 280 33.59 -7.86 -27.25
CA THR D 280 33.49 -9.22 -26.72
C THR D 280 34.25 -9.35 -25.41
N GLN D 281 35.43 -8.74 -25.31
CA GLN D 281 36.14 -8.70 -24.05
C GLN D 281 35.38 -7.88 -23.01
N ARG D 282 34.65 -6.85 -23.45
CA ARG D 282 33.88 -6.06 -22.50
C ARG D 282 32.67 -6.83 -21.96
N ILE D 283 32.07 -7.69 -22.79
CA ILE D 283 30.83 -8.35 -22.28
C ILE D 283 30.86 -9.90 -22.36
N TYR D 284 31.99 -10.59 -22.20
CA TYR D 284 31.85 -12.03 -22.12
C TYR D 284 31.63 -12.54 -20.70
N GLU D 285 31.86 -11.73 -19.68
CA GLU D 285 31.56 -12.15 -18.31
C GLU D 285 30.18 -11.68 -17.85
N ARG D 286 29.82 -10.43 -18.16
CA ARG D 286 28.52 -9.90 -17.77
C ARG D 286 27.39 -10.66 -18.47
N VAL D 287 27.58 -10.99 -19.76
CA VAL D 287 26.59 -11.76 -20.50
C VAL D 287 26.43 -13.14 -19.88
N TYR D 288 27.53 -13.78 -19.51
CA TYR D 288 27.46 -15.09 -18.86
C TYR D 288 26.70 -15.00 -17.55
N ALA D 289 26.98 -13.98 -16.74
CA ALA D 289 26.29 -13.83 -15.46
C ALA D 289 24.79 -13.64 -15.67
N ALA D 290 24.41 -12.79 -16.62
CA ALA D 290 23.01 -12.56 -16.91
C ALA D 290 22.31 -13.84 -17.38
N GLU D 291 22.96 -14.59 -18.28
CA GLU D 291 22.34 -15.80 -18.79
C GLU D 291 22.26 -16.89 -17.74
N ARG D 292 23.27 -17.00 -16.87
CA ARG D 292 23.22 -18.03 -15.85
C ARG D 292 22.17 -17.70 -14.79
N THR D 293 22.02 -16.43 -14.44
CA THR D 293 20.94 -16.04 -13.53
C THR D 293 19.58 -16.27 -14.16
N ALA D 294 19.46 -16.02 -15.47
CA ALA D 294 18.22 -16.33 -16.18
C ALA D 294 17.96 -17.83 -16.19
N ASN D 295 19.01 -18.64 -16.18
CA ASN D 295 18.86 -20.10 -16.15
C ASN D 295 18.44 -20.59 -14.78
N GLU D 296 18.97 -19.98 -13.72
CA GLU D 296 18.83 -20.55 -12.38
C GLU D 296 17.38 -20.61 -11.93
N ALA D 297 16.58 -19.58 -12.22
CA ALA D 297 15.20 -19.57 -11.73
C ALA D 297 14.35 -20.70 -12.29
N PRO D 298 14.35 -21.00 -13.60
CA PRO D 298 13.63 -22.22 -14.04
C PRO D 298 14.17 -23.51 -13.45
N LEU D 299 15.50 -23.66 -13.45
CA LEU D 299 16.10 -24.91 -13.02
C LEU D 299 15.85 -25.17 -11.54
N LEU D 300 15.92 -24.13 -10.72
CA LEU D 300 15.62 -24.29 -9.29
C LEU D 300 14.12 -24.40 -9.05
N ALA D 301 13.31 -23.71 -9.87
CA ALA D 301 11.86 -23.85 -9.77
C ALA D 301 11.40 -25.26 -10.06
N MET D 302 12.17 -26.00 -10.89
CA MET D 302 11.91 -27.41 -11.06
C MET D 302 12.05 -28.17 -9.74
N SER D 303 13.15 -27.95 -9.03
CA SER D 303 13.35 -28.56 -7.71
C SER D 303 12.99 -27.58 -6.60
N LYS D 304 11.81 -26.96 -6.74
CA LYS D 304 11.31 -26.06 -5.71
C LYS D 304 10.83 -26.81 -4.47
N ARG D 305 9.87 -27.72 -4.64
CA ARG D 305 9.33 -28.45 -3.51
C ARG D 305 10.11 -29.75 -3.30
N THR D 306 10.43 -30.06 -2.04
CA THR D 306 11.29 -31.18 -1.69
C THR D 306 10.71 -31.98 -0.53
N SER D 307 9.45 -32.41 -0.67
CA SER D 307 8.80 -33.20 0.38
C SER D 307 9.53 -34.51 0.62
N THR D 308 9.80 -34.81 1.90
CA THR D 308 10.48 -36.03 2.33
C THR D 308 9.71 -36.68 3.45
N ILE D 309 9.89 -38.00 3.57
CA ILE D 309 9.16 -38.82 4.52
C ILE D 309 10.16 -39.57 5.38
N HIS D 310 9.87 -39.69 6.68
CA HIS D 310 10.76 -40.32 7.64
C HIS D 310 10.21 -41.69 8.03
N VAL D 311 10.55 -42.70 7.23
CA VAL D 311 10.13 -44.07 7.46
C VAL D 311 11.30 -44.82 8.08
N ASP D 312 11.00 -45.81 8.93
CA ASP D 312 12.05 -46.63 9.52
C ASP D 312 12.76 -47.42 8.43
N VAL D 313 13.97 -46.95 8.08
CA VAL D 313 14.66 -47.49 6.91
C VAL D 313 15.13 -48.92 7.17
N GLU D 314 15.52 -49.26 8.40
CA GLU D 314 15.96 -50.62 8.66
C GLU D 314 14.81 -51.62 8.55
N LYS D 315 13.58 -51.16 8.77
CA LYS D 315 12.43 -52.00 8.43
C LYS D 315 12.18 -52.00 6.93
N ALA D 316 12.45 -50.87 6.26
CA ALA D 316 12.24 -50.79 4.82
C ALA D 316 13.18 -51.70 4.04
N ILE D 317 14.40 -51.91 4.55
CA ILE D 317 15.41 -52.68 3.82
C ILE D 317 14.97 -54.14 3.69
N ALA D 318 14.25 -54.65 4.70
CA ALA D 318 13.88 -56.06 4.73
C ALA D 318 13.06 -56.46 3.49
N ASN D 319 12.03 -55.68 3.17
CA ASN D 319 11.30 -55.93 1.93
C ASN D 319 11.83 -55.10 0.78
N GLU D 320 11.64 -53.78 0.86
CA GLU D 320 12.28 -52.78 -0.01
C GLU D 320 11.89 -52.95 -1.49
N ASP D 321 11.01 -53.90 -1.80
CA ASP D 321 10.44 -54.03 -3.13
C ASP D 321 8.95 -53.74 -3.15
N ALA D 322 8.19 -54.33 -2.22
CA ALA D 322 6.81 -53.95 -2.05
C ALA D 322 6.70 -52.51 -1.55
N PHE D 323 7.63 -52.11 -0.67
CA PHE D 323 7.68 -50.73 -0.21
C PHE D 323 7.96 -49.77 -1.36
N ASN D 324 8.91 -50.13 -2.23
CA ASN D 324 9.21 -49.32 -3.39
C ASN D 324 8.02 -49.23 -4.34
N ALA D 325 7.32 -50.36 -4.54
CA ALA D 325 6.14 -50.37 -5.40
C ALA D 325 5.04 -49.49 -4.84
N ARG D 326 4.82 -49.55 -3.51
CA ARG D 326 3.80 -48.72 -2.88
C ARG D 326 4.12 -47.25 -3.01
N LEU D 327 5.38 -46.87 -2.79
CA LEU D 327 5.74 -45.45 -2.91
C LEU D 327 5.68 -44.99 -4.36
N ALA D 328 6.04 -45.86 -5.30
CA ALA D 328 5.91 -45.52 -6.71
C ALA D 328 4.44 -45.33 -7.09
N PHE D 329 3.56 -46.15 -6.52
CA PHE D 329 2.13 -45.97 -6.74
C PHE D 329 1.64 -44.63 -6.19
N TRP D 330 2.14 -44.25 -5.00
CA TRP D 330 1.77 -42.95 -4.43
C TRP D 330 2.22 -41.81 -5.35
N ILE D 331 3.49 -41.86 -5.79
CA ILE D 331 4.03 -40.78 -6.62
C ILE D 331 3.29 -40.72 -7.96
N ALA D 332 2.95 -41.89 -8.52
CA ALA D 332 2.21 -41.91 -9.77
C ALA D 332 0.82 -41.32 -9.59
N ASN D 333 0.05 -41.81 -8.63
CA ASN D 333 -1.29 -41.29 -8.37
C ASN D 333 -1.27 -40.24 -7.27
N ARG D 334 -0.35 -39.28 -7.33
CA ARG D 334 -0.38 -38.15 -6.41
C ARG D 334 -1.39 -37.11 -6.87
N ASP D 335 -2.22 -36.66 -5.94
CA ASP D 335 -3.28 -35.71 -6.22
C ASP D 335 -3.62 -35.06 -4.88
N ASN D 336 -4.25 -33.89 -4.94
CA ASN D 336 -4.57 -33.14 -3.74
C ASN D 336 -5.91 -33.53 -3.13
N HIS D 337 -6.36 -34.75 -3.35
CA HIS D 337 -7.56 -35.27 -2.72
C HIS D 337 -7.35 -36.59 -2.00
N GLY D 338 -6.48 -37.45 -2.52
CA GLY D 338 -6.13 -38.66 -1.81
C GLY D 338 -5.32 -38.37 -0.57
N VAL D 339 -5.43 -39.25 0.41
CA VAL D 339 -4.76 -39.09 1.70
C VAL D 339 -3.65 -40.14 1.80
N LYS D 340 -2.56 -39.78 2.46
CA LYS D 340 -1.42 -40.67 2.62
C LYS D 340 -1.40 -41.19 4.05
N VAL D 341 -1.43 -42.50 4.20
CA VAL D 341 -1.34 -43.14 5.51
C VAL D 341 0.11 -43.46 5.79
N LEU D 342 0.57 -43.17 7.00
CA LEU D 342 1.91 -43.57 7.40
C LEU D 342 1.89 -43.76 8.91
N GLY D 343 2.66 -44.72 9.39
CA GLY D 343 2.63 -45.10 10.79
C GLY D 343 3.15 -44.00 11.70
N THR D 344 3.00 -44.26 13.00
CA THR D 344 3.57 -43.38 14.00
C THR D 344 5.10 -43.45 13.94
N ASP D 345 5.72 -42.48 14.63
CA ASP D 345 7.17 -42.26 14.55
C ASP D 345 7.62 -41.98 13.11
N GLU D 346 6.76 -41.30 12.36
CA GLU D 346 7.05 -40.87 10.99
C GLU D 346 6.51 -39.46 10.82
N SER D 347 7.27 -38.60 10.13
CA SER D 347 6.96 -37.18 10.07
C SER D 347 6.42 -36.72 8.72
N MET D 348 7.14 -37.00 7.63
CA MET D 348 6.79 -36.56 6.28
C MET D 348 6.69 -35.03 6.20
N GLU D 349 7.84 -34.39 6.33
CA GLU D 349 7.88 -32.94 6.23
C GLU D 349 8.08 -32.49 4.78
N GLN D 350 8.00 -31.18 4.56
CA GLN D 350 8.05 -30.62 3.22
C GLN D 350 8.75 -29.28 3.26
N PHE D 351 9.63 -29.06 2.28
CA PHE D 351 10.37 -27.80 2.15
C PHE D 351 10.11 -27.19 0.78
N ASP D 352 10.13 -25.86 0.73
CA ASP D 352 9.95 -25.15 -0.53
C ASP D 352 10.84 -23.91 -0.53
N THR D 353 11.20 -23.46 -1.73
CA THR D 353 12.13 -22.36 -1.90
C THR D 353 11.40 -21.10 -2.35
N ASN D 354 11.95 -19.94 -2.00
CA ASN D 354 11.40 -18.65 -2.39
C ASN D 354 12.19 -18.07 -3.55
N LEU D 355 11.49 -17.77 -4.64
CA LEU D 355 12.13 -17.36 -5.89
C LEU D 355 11.68 -15.98 -6.37
N ALA D 356 11.05 -15.19 -5.51
CA ALA D 356 10.57 -13.87 -5.93
C ALA D 356 11.69 -12.88 -6.14
N ASP D 357 12.90 -13.15 -5.64
CA ASP D 357 14.02 -12.21 -5.73
C ASP D 357 14.99 -12.52 -6.87
N PHE D 358 14.70 -13.53 -7.69
CA PHE D 358 15.56 -13.83 -8.82
C PHE D 358 15.36 -12.86 -9.97
N ASP D 359 14.13 -12.37 -10.13
CA ASP D 359 13.80 -11.47 -11.22
C ASP D 359 14.60 -10.16 -11.13
N SER D 360 14.75 -9.63 -9.92
CA SER D 360 15.54 -8.40 -9.74
C SER D 360 16.97 -8.60 -10.20
N ILE D 361 17.57 -9.75 -9.85
CA ILE D 361 18.95 -10.03 -10.25
C ILE D 361 19.05 -10.15 -11.77
N ILE D 362 18.11 -10.88 -12.38
CA ILE D 362 18.17 -11.12 -13.82
C ILE D 362 18.04 -9.82 -14.60
N MET D 363 17.04 -9.00 -14.25
CA MET D 363 16.83 -7.78 -14.99
C MET D 363 17.79 -6.66 -14.59
N ASN D 364 18.53 -6.82 -13.48
CA ASN D 364 19.66 -5.93 -13.24
C ASN D 364 20.85 -6.30 -14.12
N GLN D 365 21.11 -7.59 -14.28
CA GLN D 365 22.27 -8.00 -15.08
C GLN D 365 22.04 -7.72 -16.56
N TYR D 366 20.81 -7.91 -17.04
CA TYR D 366 20.53 -7.55 -18.44
C TYR D 366 20.62 -6.04 -18.67
N GLN D 367 20.20 -5.24 -17.69
CA GLN D 367 20.38 -3.80 -17.78
C GLN D 367 21.86 -3.44 -17.83
N LEU D 368 22.69 -4.15 -17.06
CA LEU D 368 24.13 -3.93 -17.14
C LEU D 368 24.68 -4.31 -18.52
N VAL D 369 24.16 -5.39 -19.12
CA VAL D 369 24.58 -5.75 -20.48
C VAL D 369 24.26 -4.61 -21.44
N ALA D 370 23.06 -4.04 -21.32
CA ALA D 370 22.69 -2.89 -22.14
C ALA D 370 23.65 -1.71 -21.89
N ALA D 371 24.03 -1.51 -20.63
CA ALA D 371 24.97 -0.45 -20.29
C ALA D 371 26.31 -0.63 -20.99
N ILE D 372 26.81 -1.87 -21.03
CA ILE D 372 28.05 -2.13 -21.75
C ILE D 372 27.86 -1.85 -23.23
N ALA D 373 26.76 -2.36 -23.80
CA ALA D 373 26.54 -2.26 -25.23
C ALA D 373 26.28 -0.83 -25.70
N LYS D 374 25.99 0.09 -24.77
CA LYS D 374 25.64 1.49 -25.08
C LYS D 374 24.36 1.58 -25.91
N THR D 375 23.57 0.52 -25.88
CA THR D 375 22.32 0.28 -26.57
C THR D 375 21.20 0.18 -25.54
N PRO D 376 20.04 0.78 -25.81
CA PRO D 376 18.94 0.71 -24.85
C PRO D 376 18.49 -0.73 -24.59
N ALA D 377 18.07 -0.98 -23.35
CA ALA D 377 17.51 -2.27 -23.00
C ALA D 377 16.23 -2.56 -23.78
N THR D 378 15.54 -1.51 -24.25
CA THR D 378 14.42 -1.72 -25.16
C THR D 378 14.89 -2.33 -26.47
N LYS D 379 16.04 -1.89 -26.98
CA LYS D 379 16.55 -2.45 -28.22
C LYS D 379 17.13 -3.85 -28.01
N LEU D 380 17.89 -4.05 -26.93
CA LEU D 380 18.54 -5.34 -26.71
C LEU D 380 17.55 -6.38 -26.20
N LEU D 381 16.98 -6.15 -25.02
CA LEU D 381 16.10 -7.08 -24.33
C LEU D 381 14.68 -7.08 -24.90
N GLY D 382 14.36 -6.17 -25.80
CA GLY D 382 13.02 -6.07 -26.34
C GLY D 382 12.09 -5.16 -25.57
N THR D 383 12.43 -4.82 -24.33
CA THR D 383 11.65 -3.91 -23.51
C THR D 383 12.54 -3.43 -22.36
N SER D 384 12.05 -2.42 -21.65
CA SER D 384 12.72 -1.98 -20.44
C SER D 384 12.67 -3.08 -19.40
N PRO D 385 13.72 -3.27 -18.61
CA PRO D 385 13.73 -4.34 -17.60
C PRO D 385 12.76 -4.04 -16.46
N LYS D 386 12.61 -5.04 -15.59
CA LYS D 386 11.66 -4.97 -14.49
C LYS D 386 11.91 -3.78 -13.57
N GLY D 387 10.84 -3.05 -13.26
CA GLY D 387 10.90 -1.98 -12.30
C GLY D 387 11.43 -0.66 -12.82
N PHE D 388 12.36 -0.73 -13.78
CA PHE D 388 13.02 0.47 -14.29
C PHE D 388 12.01 1.41 -14.94
N ASN D 389 12.27 2.71 -14.85
CA ASN D 389 11.41 3.71 -15.45
C ASN D 389 11.34 3.50 -16.96
N ALA D 390 10.15 3.75 -17.51
CA ALA D 390 9.93 3.54 -18.94
C ALA D 390 10.86 4.41 -19.75
N THR D 391 11.44 3.81 -20.80
CA THR D 391 12.42 4.50 -21.63
C THR D 391 11.80 5.72 -22.30
N GLY D 392 12.54 6.82 -22.30
CA GLY D 392 11.97 8.08 -22.72
C GLY D 392 12.82 8.89 -23.68
N GLU D 393 12.50 10.18 -23.76
CA GLU D 393 13.16 11.08 -24.70
C GLU D 393 14.66 11.15 -24.46
N HIS D 394 15.09 11.08 -23.19
CA HIS D 394 16.50 11.14 -22.87
C HIS D 394 17.26 9.95 -23.47
N GLU D 395 16.71 8.74 -23.32
CA GLU D 395 17.38 7.58 -23.88
C GLU D 395 17.29 7.55 -25.41
N THR D 396 16.17 8.02 -25.97
CA THR D 396 16.06 8.06 -27.43
C THR D 396 17.06 9.03 -28.04
N ILE D 397 17.28 10.19 -27.40
CA ILE D 397 18.29 11.09 -27.94
C ILE D 397 19.70 10.59 -27.60
N SER D 398 19.85 9.83 -26.51
CA SER D 398 21.15 9.28 -26.16
C SER D 398 21.58 8.19 -27.13
N TYR D 399 20.63 7.47 -27.72
CA TYR D 399 20.96 6.40 -28.65
C TYR D 399 20.84 6.84 -30.10
N HIS D 400 19.68 7.37 -30.49
CA HIS D 400 19.43 7.70 -31.89
C HIS D 400 20.35 8.81 -32.38
N GLU D 401 20.70 9.75 -31.51
CA GLU D 401 21.51 10.88 -31.92
C GLU D 401 22.99 10.72 -31.63
N GLU D 402 23.37 10.19 -30.46
CA GLU D 402 24.78 10.19 -30.10
C GLU D 402 25.53 9.03 -30.75
N LEU D 403 25.19 7.80 -30.35
CA LEU D 403 25.96 6.64 -30.77
C LEU D 403 25.85 6.39 -32.27
N GLU D 404 24.68 6.64 -32.84
CA GLU D 404 24.50 6.40 -34.27
C GLU D 404 25.27 7.42 -35.10
N SER D 405 25.36 8.67 -34.64
CA SER D 405 26.22 9.63 -35.32
C SER D 405 27.69 9.26 -35.17
N ILE D 406 28.06 8.66 -34.02
CA ILE D 406 29.41 8.14 -33.87
C ILE D 406 29.70 7.04 -34.89
N GLN D 407 28.76 6.10 -35.06
CA GLN D 407 28.92 5.07 -36.08
C GLN D 407 28.96 5.68 -37.47
N GLU D 408 28.24 6.79 -37.68
CA GLU D 408 28.25 7.43 -38.99
C GLU D 408 29.60 8.08 -39.28
N HIS D 409 30.23 8.70 -38.28
CA HIS D 409 31.55 9.26 -38.54
C HIS D 409 32.60 8.17 -38.62
N ILE D 410 32.32 6.99 -38.07
CA ILE D 410 33.16 5.82 -38.33
C ILE D 410 33.00 5.35 -39.78
N PHE D 411 31.76 5.34 -40.27
CA PHE D 411 31.49 4.95 -41.65
C PHE D 411 32.08 5.93 -42.66
N ASP D 412 32.17 7.20 -42.28
CA ASP D 412 32.55 8.26 -43.22
C ASP D 412 33.87 8.03 -43.95
N PRO D 413 34.97 7.57 -43.33
CA PRO D 413 36.15 7.24 -44.13
C PRO D 413 35.89 6.22 -45.22
N LEU D 414 35.09 5.19 -44.92
CA LEU D 414 34.81 4.13 -45.90
C LEU D 414 34.07 4.69 -47.10
N LEU D 415 32.99 5.43 -46.87
CA LEU D 415 32.23 6.00 -47.98
C LEU D 415 33.04 7.03 -48.73
N GLU D 416 33.87 7.80 -48.02
CA GLU D 416 34.67 8.82 -48.67
C GLU D 416 35.70 8.21 -49.62
N ARG D 417 36.41 7.19 -49.16
CA ARG D 417 37.36 6.51 -50.05
C ARG D 417 36.63 5.77 -51.17
N HIS D 418 35.48 5.16 -50.87
CA HIS D 418 34.72 4.46 -51.89
C HIS D 418 34.28 5.40 -52.99
N TYR D 419 33.80 6.59 -52.63
CA TYR D 419 33.39 7.55 -53.66
C TYR D 419 34.59 8.20 -54.33
N LEU D 420 35.72 8.30 -53.64
CA LEU D 420 36.94 8.75 -54.31
C LEU D 420 37.33 7.81 -55.45
N LEU D 421 37.43 6.51 -55.15
CA LEU D 421 37.79 5.55 -56.18
C LEU D 421 36.61 5.08 -57.03
N LEU D 422 35.41 5.61 -56.79
CA LEU D 422 34.31 5.39 -57.72
C LEU D 422 34.12 6.55 -58.68
N ALA D 423 34.40 7.77 -58.24
CA ALA D 423 34.31 8.93 -59.12
C ALA D 423 35.58 9.09 -59.94
N LYS D 424 36.73 9.24 -59.26
CA LYS D 424 37.98 9.54 -59.97
C LYS D 424 38.38 8.40 -60.90
N SER D 425 38.04 7.16 -60.54
CA SER D 425 38.37 6.03 -61.40
C SER D 425 37.56 6.06 -62.70
N GLU D 426 36.29 6.44 -62.62
CA GLU D 426 35.44 6.53 -63.81
C GLU D 426 35.49 7.94 -64.39
N GLU D 427 34.83 8.09 -65.53
CA GLU D 427 34.84 9.37 -66.26
C GLU D 427 33.79 10.29 -65.63
N ILE D 428 34.24 11.17 -64.74
CA ILE D 428 33.40 12.17 -64.10
C ILE D 428 34.03 13.53 -64.32
N ASP D 429 33.33 14.57 -63.86
CA ASP D 429 33.82 15.94 -63.98
C ASP D 429 33.90 16.64 -62.64
N VAL D 430 33.02 16.26 -61.70
CA VAL D 430 32.89 16.94 -60.42
C VAL D 430 33.00 15.92 -59.28
N GLN D 431 33.71 16.30 -58.22
CA GLN D 431 33.87 15.44 -57.06
C GLN D 431 32.54 15.28 -56.33
N LEU D 432 32.55 14.46 -55.29
CA LEU D 432 31.34 14.04 -54.61
C LEU D 432 31.43 14.32 -53.12
N GLU D 433 30.27 14.49 -52.48
CA GLU D 433 30.24 14.63 -51.03
C GLU D 433 28.97 13.97 -50.52
N ILE D 434 29.08 13.36 -49.34
CA ILE D 434 28.05 12.52 -48.74
C ILE D 434 27.37 13.29 -47.63
N VAL D 435 26.04 13.31 -47.65
CA VAL D 435 25.26 13.85 -46.54
C VAL D 435 24.43 12.73 -45.95
N TRP D 436 24.22 12.80 -44.64
CA TRP D 436 23.60 11.72 -43.88
C TRP D 436 22.14 12.04 -43.63
N ASN D 437 21.27 11.08 -43.93
CA ASN D 437 19.86 11.20 -43.59
C ASN D 437 19.68 11.20 -42.08
N PRO D 438 18.70 11.93 -41.57
CA PRO D 438 18.37 11.82 -40.14
C PRO D 438 17.91 10.41 -39.80
N VAL D 439 18.39 9.90 -38.69
CA VAL D 439 18.06 8.54 -38.25
C VAL D 439 17.26 8.66 -36.96
N ASP D 440 15.94 8.74 -37.12
CA ASP D 440 15.01 8.77 -35.99
C ASP D 440 14.02 7.62 -36.14
N SER D 441 13.71 7.27 -37.38
CA SER D 441 12.78 6.20 -37.73
C SER D 441 11.41 6.41 -37.08
N THR D 442 10.97 7.67 -37.06
CA THR D 442 9.73 8.02 -36.39
C THR D 442 8.52 7.49 -37.16
N SER D 443 7.40 7.38 -36.45
CA SER D 443 6.18 6.80 -37.00
C SER D 443 5.60 7.67 -38.11
N SER D 444 4.59 7.12 -38.79
CA SER D 444 3.99 7.81 -39.93
C SER D 444 3.24 9.07 -39.52
N GLN D 445 2.51 9.01 -38.40
CA GLN D 445 1.82 10.20 -37.91
C GLN D 445 2.80 11.31 -37.54
N GLN D 446 3.88 10.95 -36.85
CA GLN D 446 4.88 11.95 -36.50
C GLN D 446 5.57 12.49 -37.75
N GLN D 447 5.78 11.64 -38.75
CA GLN D 447 6.36 12.11 -40.00
C GLN D 447 5.43 13.10 -40.71
N ALA D 448 4.12 12.82 -40.69
CA ALA D 448 3.16 13.75 -41.28
C ALA D 448 3.13 15.07 -40.54
N GLU D 449 3.19 15.03 -39.21
CA GLU D 449 3.24 16.26 -38.42
C GLU D 449 4.52 17.04 -38.70
N LEU D 450 5.64 16.32 -38.84
CA LEU D 450 6.91 16.92 -39.21
C LEU D 450 6.81 17.65 -40.55
N ASN D 451 6.25 16.98 -41.55
CA ASN D 451 6.07 17.58 -42.86
C ASN D 451 5.15 18.78 -42.81
N ASN D 452 4.07 18.69 -42.02
CA ASN D 452 3.13 19.81 -41.92
C ASN D 452 3.79 21.03 -41.28
N LYS D 453 4.57 20.82 -40.22
CA LYS D 453 5.23 21.94 -39.57
C LYS D 453 6.28 22.55 -40.49
N LYS D 454 7.03 21.72 -41.22
CA LYS D 454 7.99 22.24 -42.18
C LYS D 454 7.31 23.01 -43.31
N ALA D 455 6.14 22.54 -43.75
CA ALA D 455 5.36 23.26 -44.75
C ALA D 455 4.89 24.61 -44.22
N ALA D 456 4.51 24.66 -42.94
CA ALA D 456 4.15 25.93 -42.33
C ALA D 456 5.33 26.89 -42.30
N THR D 457 6.52 26.38 -41.97
CA THR D 457 7.72 27.22 -42.01
C THR D 457 7.99 27.73 -43.42
N ASP D 458 7.85 26.85 -44.41
CA ASP D 458 8.06 27.25 -45.80
C ASP D 458 7.08 28.33 -46.22
N GLU D 459 5.79 28.16 -45.86
CA GLU D 459 4.79 29.16 -46.20
C GLU D 459 5.08 30.50 -45.54
N ILE D 460 5.48 30.47 -44.27
CA ILE D 460 5.80 31.71 -43.55
C ILE D 460 6.98 32.42 -44.22
N TYR D 461 8.03 31.67 -44.55
CA TYR D 461 9.21 32.29 -45.17
C TYR D 461 8.89 32.85 -46.55
N ILE D 462 8.14 32.09 -47.36
CA ILE D 462 7.79 32.57 -48.71
C ILE D 462 6.91 33.81 -48.62
N ASN D 463 5.92 33.80 -47.72
CA ASN D 463 5.03 34.94 -47.58
C ASN D 463 5.78 36.18 -47.09
N SER D 464 6.71 35.99 -46.15
CA SER D 464 7.54 37.10 -45.72
C SER D 464 8.61 37.48 -46.75
N GLY D 465 8.78 36.68 -47.79
CA GLY D 465 9.75 37.00 -48.82
C GLY D 465 11.17 36.72 -48.41
N VAL D 466 11.41 35.62 -47.71
CA VAL D 466 12.75 35.23 -47.32
C VAL D 466 13.30 34.28 -48.35
N VAL D 467 12.64 33.14 -48.54
CA VAL D 467 13.08 32.11 -49.47
C VAL D 467 12.04 31.95 -50.57
N SER D 468 12.51 31.65 -51.77
CA SER D 468 11.67 31.47 -52.94
C SER D 468 11.15 30.03 -53.00
N PRO D 469 10.01 29.80 -53.67
CA PRO D 469 9.45 28.43 -53.70
C PRO D 469 10.33 27.39 -54.40
N ASP D 470 11.28 27.77 -55.24
CA ASP D 470 12.14 26.77 -55.87
C ASP D 470 13.05 26.10 -54.86
N GLU D 471 13.49 26.84 -53.84
CA GLU D 471 14.28 26.22 -52.78
C GLU D 471 13.46 25.17 -52.03
N VAL D 472 12.18 25.46 -51.77
CA VAL D 472 11.31 24.48 -51.13
C VAL D 472 11.11 23.28 -52.05
N ARG D 473 10.95 23.53 -53.35
CA ARG D 473 10.82 22.45 -54.32
C ARG D 473 12.05 21.56 -54.32
N GLU D 474 13.25 22.16 -54.34
CA GLU D 474 14.48 21.38 -54.35
C GLU D 474 14.67 20.64 -53.04
N ARG D 475 14.27 21.24 -51.90
CA ARG D 475 14.35 20.55 -50.63
C ARG D 475 13.45 19.32 -50.60
N LEU D 476 12.21 19.47 -51.08
CA LEU D 476 11.29 18.34 -51.15
C LEU D 476 11.82 17.26 -52.08
N ARG D 477 12.37 17.65 -53.23
CA ARG D 477 12.91 16.67 -54.16
C ARG D 477 14.10 15.92 -53.56
N ASP D 478 15.08 16.65 -53.03
CA ASP D 478 16.23 16.07 -52.35
C ASP D 478 15.99 16.01 -50.83
N ASP D 479 14.84 15.48 -50.44
CA ASP D 479 14.57 15.17 -49.03
C ASP D 479 13.68 13.93 -49.01
N PRO D 480 14.23 12.77 -48.71
CA PRO D 480 13.40 11.58 -48.51
C PRO D 480 12.53 11.72 -47.26
N ARG D 481 11.50 10.87 -47.21
CA ARG D 481 10.52 10.88 -46.12
C ARG D 481 9.81 12.23 -46.01
N SER D 482 9.70 12.94 -47.14
CA SER D 482 9.00 14.22 -47.19
C SER D 482 7.69 14.15 -47.96
N GLY D 483 7.38 13.02 -48.57
CA GLY D 483 6.12 12.85 -49.27
C GLY D 483 6.23 13.02 -50.77
N TYR D 484 7.04 13.98 -51.21
CA TYR D 484 7.17 14.31 -52.63
C TYR D 484 8.59 14.03 -53.07
N ASN D 485 8.82 12.86 -53.66
CA ASN D 485 10.11 12.51 -54.25
C ASN D 485 9.98 12.14 -55.72
N ARG D 486 8.92 12.63 -56.38
CA ARG D 486 8.56 12.18 -57.71
C ARG D 486 8.10 13.37 -58.57
N LEU D 487 8.25 14.60 -58.07
CA LEU D 487 7.36 15.70 -58.44
C LEU D 487 7.29 16.02 -59.92
N THR D 488 8.35 16.62 -60.48
CA THR D 488 8.46 17.01 -61.89
C THR D 488 9.88 17.55 -62.05
N ASP D 489 10.31 17.82 -63.29
CA ASP D 489 11.58 18.49 -63.53
C ASP D 489 11.44 19.98 -63.79
N ASP D 490 10.24 20.54 -63.60
CA ASP D 490 10.02 21.96 -63.86
C ASP D 490 10.63 22.82 -62.75
N GLN D 491 10.43 24.13 -62.88
CA GLN D 491 11.01 25.10 -61.97
C GLN D 491 9.90 26.00 -61.41
N ALA D 492 10.19 26.60 -60.27
CA ALA D 492 9.27 27.55 -59.64
C ALA D 492 9.58 28.96 -60.13
N GLU D 493 9.08 29.97 -59.40
CA GLU D 493 9.21 31.35 -59.83
C GLU D 493 10.68 31.79 -59.89
N THR D 494 11.48 31.41 -58.90
CA THR D 494 12.89 31.70 -58.66
C THR D 494 13.12 33.16 -58.22
N GLU D 495 12.09 33.98 -58.14
CA GLU D 495 12.33 35.28 -57.51
C GLU D 495 12.18 35.15 -56.00
N PRO D 496 13.01 35.84 -55.20
CA PRO D 496 13.19 35.43 -53.80
C PRO D 496 11.99 35.68 -52.90
N GLY D 497 11.00 34.79 -53.00
CA GLY D 497 9.88 34.80 -52.09
C GLY D 497 8.66 35.53 -52.62
N MET D 498 8.19 35.16 -53.81
CA MET D 498 7.03 35.83 -54.38
C MET D 498 5.73 35.11 -54.05
N SER D 499 5.54 33.89 -54.57
CA SER D 499 4.30 33.10 -54.52
C SER D 499 3.21 33.79 -55.36
N PRO D 500 2.16 33.06 -55.81
CA PRO D 500 1.12 33.73 -56.62
C PRO D 500 0.42 34.87 -55.89
N GLU D 501 0.25 34.76 -54.57
CA GLU D 501 -0.43 35.81 -53.81
C GLU D 501 0.30 37.14 -53.91
N ASN D 502 1.59 37.17 -53.58
CA ASN D 502 2.31 38.43 -53.66
C ASN D 502 2.69 38.79 -55.09
N LEU D 503 2.72 37.83 -56.02
CA LEU D 503 2.87 38.18 -57.43
C LEU D 503 1.68 39.02 -57.89
N ALA D 504 0.47 38.53 -57.65
CA ALA D 504 -0.73 39.29 -58.01
C ALA D 504 -0.80 40.60 -57.24
N GLU D 505 -0.42 40.58 -55.95
CA GLU D 505 -0.44 41.79 -55.15
C GLU D 505 0.54 42.83 -55.69
N PHE D 506 1.74 42.40 -56.09
CA PHE D 506 2.74 43.32 -56.62
C PHE D 506 2.29 43.90 -57.96
N GLU D 507 1.76 43.06 -58.85
CA GLU D 507 1.28 43.57 -60.13
C GLU D 507 0.14 44.57 -59.96
N LYS D 508 -0.84 44.22 -59.11
CA LYS D 508 -1.98 45.11 -58.88
C LYS D 508 -1.54 46.39 -58.19
N ALA D 509 -0.61 46.30 -57.23
CA ALA D 509 -0.13 47.47 -56.52
C ALA D 509 0.64 48.41 -57.44
N GLY D 510 1.50 47.86 -58.30
CA GLY D 510 2.21 48.70 -59.25
C GLY D 510 1.28 49.35 -60.25
N ALA D 511 0.26 48.62 -60.71
CA ALA D 511 -0.70 49.20 -61.64
C ALA D 511 -1.51 50.31 -60.99
N GLN D 512 -2.00 50.09 -59.77
CA GLN D 512 -2.72 51.15 -59.05
C GLN D 512 -1.78 52.31 -58.72
N SER D 513 -0.49 52.04 -58.56
CA SER D 513 0.48 53.10 -58.38
C SER D 513 0.58 53.97 -59.63
N ALA D 514 0.62 53.33 -60.80
CA ALA D 514 0.60 54.08 -62.05
C ALA D 514 -0.66 54.92 -62.17
N LYS D 515 -1.82 54.32 -61.83
CA LYS D 515 -3.08 55.05 -61.79
C LYS D 515 -3.01 56.30 -60.92
N ALA D 516 -2.53 56.14 -59.69
CA ALA D 516 -2.55 57.24 -58.72
C ALA D 516 -1.55 58.32 -59.10
N LYS D 517 -0.36 57.93 -59.58
CA LYS D 517 0.61 58.92 -60.04
C LYS D 517 0.09 59.69 -61.24
N GLY D 518 -0.60 59.00 -62.16
CA GLY D 518 -1.19 59.70 -63.29
C GLY D 518 -2.29 60.66 -62.89
N GLU D 519 -3.13 60.26 -61.94
CA GLU D 519 -4.15 61.17 -61.43
C GLU D 519 -3.52 62.37 -60.73
N ALA D 520 -2.42 62.16 -60.02
CA ALA D 520 -1.71 63.27 -59.39
C ALA D 520 -1.15 64.23 -60.43
N GLU D 521 -0.56 63.70 -61.51
CA GLU D 521 -0.03 64.58 -62.55
C GLU D 521 -1.14 65.35 -63.25
N ARG D 522 -2.28 64.69 -63.48
CA ARG D 522 -3.44 65.40 -64.02
C ARG D 522 -3.91 66.50 -63.08
N ALA D 523 -3.87 66.23 -61.77
CA ALA D 523 -4.26 67.24 -60.79
C ALA D 523 -3.32 68.44 -60.82
N GLU D 524 -2.02 68.19 -60.92
CA GLU D 524 -1.06 69.30 -61.08
C GLU D 524 -1.36 70.10 -62.35
N ALA D 525 -1.62 69.41 -63.47
CA ALA D 525 -1.87 70.09 -64.73
C ALA D 525 -3.13 70.96 -64.66
N GLN D 526 -4.19 70.44 -64.05
CA GLN D 526 -5.44 71.19 -63.97
C GLN D 526 -5.39 72.29 -62.92
N ALA D 527 -4.64 72.10 -61.84
CA ALA D 527 -4.53 73.13 -60.82
C ALA D 527 -3.61 74.27 -61.24
N GLY D 528 -2.57 73.98 -62.02
CA GLY D 528 -1.65 75.00 -62.48
C GLY D 528 -2.28 75.98 -63.46
N VAL E 94 42.31 21.57 14.97
CA VAL E 94 43.25 20.90 14.09
C VAL E 94 42.57 19.68 13.47
N VAL E 95 43.04 19.28 12.29
CA VAL E 95 42.53 18.07 11.64
C VAL E 95 42.94 16.85 12.45
N PRO E 96 42.07 15.87 12.66
CA PRO E 96 42.48 14.65 13.37
C PRO E 96 43.41 13.81 12.51
N THR E 97 44.17 12.95 13.19
CA THR E 97 45.15 12.11 12.49
C THR E 97 44.46 11.12 11.54
N MET E 98 43.32 10.56 11.95
CA MET E 98 42.65 9.55 11.13
C MET E 98 42.05 10.17 9.88
N LEU E 99 41.35 11.30 10.02
CA LEU E 99 40.84 11.99 8.84
C LEU E 99 41.99 12.50 7.98
N GLN E 100 43.08 12.93 8.61
CA GLN E 100 44.22 13.47 7.88
C GLN E 100 44.85 12.42 6.98
N ASP E 101 45.15 11.24 7.53
CA ASP E 101 45.77 10.23 6.68
C ASP E 101 44.74 9.42 5.88
N TRP E 102 43.45 9.62 6.13
CA TRP E 102 42.46 9.11 5.18
C TRP E 102 42.41 9.99 3.94
N TYR E 103 42.50 11.32 4.11
CA TYR E 103 42.50 12.21 2.97
C TYR E 103 43.84 12.18 2.23
N ASN E 104 44.94 12.02 2.97
CA ASN E 104 46.26 12.02 2.37
C ASN E 104 46.50 10.78 1.51
N SER E 105 45.76 9.70 1.75
CA SER E 105 45.97 8.47 1.02
C SER E 105 45.54 8.57 -0.45
N GLN E 106 44.68 9.54 -0.78
CA GLN E 106 44.29 9.77 -2.17
C GLN E 106 45.41 10.55 -2.89
N GLY E 107 46.54 9.87 -3.06
CA GLY E 107 47.66 10.43 -3.79
C GLY E 107 47.60 10.07 -5.26
N PHE E 108 48.63 10.52 -5.98
CA PHE E 108 48.72 10.22 -7.40
C PHE E 108 49.11 8.75 -7.58
N ILE E 109 48.36 8.05 -8.43
CA ILE E 109 48.55 6.60 -8.55
C ILE E 109 49.63 6.25 -9.56
N GLY E 110 49.83 7.06 -10.59
CA GLY E 110 50.85 6.78 -11.58
C GLY E 110 50.31 6.59 -12.98
N TYR E 111 51.10 6.95 -13.99
CA TYR E 111 50.64 6.87 -15.36
C TYR E 111 50.47 5.42 -15.81
N GLN E 112 51.36 4.53 -15.35
CA GLN E 112 51.22 3.11 -15.65
C GLN E 112 49.93 2.56 -15.06
N ALA E 113 49.63 2.92 -13.81
CA ALA E 113 48.39 2.48 -13.18
C ALA E 113 47.17 3.05 -13.90
N CYS E 114 47.24 4.31 -14.32
CA CYS E 114 46.12 4.92 -15.06
C CYS E 114 45.87 4.19 -16.37
N ALA E 115 46.94 3.90 -17.11
CA ALA E 115 46.80 3.19 -18.38
C ALA E 115 46.28 1.77 -18.18
N ILE E 116 46.72 1.10 -17.12
CA ILE E 116 46.25 -0.26 -16.85
C ILE E 116 44.77 -0.24 -16.48
N ILE E 117 44.35 0.71 -15.65
CA ILE E 117 42.96 0.76 -15.19
C ILE E 117 42.04 1.21 -16.32
N SER E 118 42.55 2.00 -17.27
CA SER E 118 41.71 2.54 -18.34
C SER E 118 41.14 1.46 -19.26
N GLN E 119 41.65 0.23 -19.20
CA GLN E 119 41.09 -0.85 -20.01
C GLN E 119 39.65 -1.16 -19.62
N HIS E 120 39.26 -0.90 -18.37
CA HIS E 120 37.93 -1.25 -17.90
C HIS E 120 36.86 -0.45 -18.64
N TRP E 121 35.71 -1.08 -18.84
CA TRP E 121 34.65 -0.49 -19.66
C TRP E 121 34.08 0.78 -19.02
N LEU E 122 33.91 0.79 -17.71
CA LEU E 122 33.21 1.89 -17.06
C LEU E 122 34.05 3.15 -17.03
N VAL E 123 35.33 3.02 -16.67
CA VAL E 123 36.22 4.18 -16.66
C VAL E 123 36.45 4.69 -18.07
N ASP E 124 36.54 3.77 -19.04
CA ASP E 124 36.68 4.17 -20.44
C ASP E 124 35.47 4.95 -20.91
N LYS E 125 34.27 4.49 -20.56
CA LYS E 125 33.04 5.19 -20.92
C LYS E 125 32.98 6.57 -20.28
N ALA E 126 33.35 6.65 -18.99
CA ALA E 126 33.32 7.92 -18.27
C ALA E 126 34.29 8.93 -18.88
N CYS E 127 35.50 8.48 -19.25
CA CYS E 127 36.45 9.36 -19.90
C CYS E 127 36.14 9.60 -21.37
N SER E 128 35.29 8.78 -21.98
CA SER E 128 35.03 8.89 -23.41
C SER E 128 33.85 9.81 -23.72
N MET E 129 32.66 9.49 -23.22
CA MET E 129 31.47 10.24 -23.63
C MET E 129 31.23 11.46 -22.74
N SER E 130 32.29 12.25 -22.58
CA SER E 130 32.19 13.56 -21.94
C SER E 130 32.51 14.69 -22.90
N GLY E 131 33.65 14.62 -23.59
CA GLY E 131 33.99 15.63 -24.58
C GLY E 131 33.63 15.21 -25.99
N GLU E 132 33.37 13.91 -26.18
CA GLU E 132 32.95 13.44 -27.50
C GLU E 132 31.59 14.02 -27.89
N ASP E 133 30.66 14.06 -26.93
CA ASP E 133 29.36 14.67 -27.20
C ASP E 133 29.48 16.17 -27.45
N ALA E 134 30.41 16.83 -26.77
CA ALA E 134 30.67 18.24 -27.05
C ALA E 134 31.21 18.42 -28.47
N ALA E 135 32.11 17.54 -28.88
CA ALA E 135 32.70 17.61 -30.21
C ALA E 135 31.72 17.24 -31.32
N ARG E 136 30.67 16.48 -30.98
CA ARG E 136 29.70 15.96 -31.94
C ARG E 136 29.20 16.98 -32.97
N ASN E 137 28.58 18.07 -32.49
CA ASN E 137 27.92 19.01 -33.38
C ASN E 137 28.91 19.85 -34.19
N GLY E 138 30.20 19.80 -33.89
CA GLY E 138 31.16 20.53 -34.70
C GLY E 138 31.12 22.03 -34.45
N TRP E 139 31.76 22.75 -35.36
CA TRP E 139 31.89 24.21 -35.26
C TRP E 139 31.63 24.83 -36.63
N GLU E 140 31.56 26.15 -36.66
CA GLU E 140 31.43 26.90 -37.90
C GLU E 140 32.48 28.01 -37.95
N LEU E 141 32.83 28.38 -39.18
CA LEU E 141 34.00 29.18 -39.49
C LEU E 141 33.50 30.56 -39.89
N LYS E 142 33.75 31.57 -39.06
CA LYS E 142 33.13 32.87 -39.29
C LYS E 142 34.08 33.91 -39.89
N SER E 143 35.24 34.11 -39.27
CA SER E 143 36.21 35.13 -39.63
C SER E 143 35.63 36.53 -39.46
N ASP E 144 36.40 37.56 -39.84
CA ASP E 144 35.90 38.93 -39.75
C ASP E 144 34.73 39.15 -40.71
N GLY E 145 34.80 38.56 -41.91
CA GLY E 145 33.76 38.75 -42.90
C GLY E 145 32.52 37.90 -42.66
N ARG E 146 31.52 38.12 -43.51
CA ARG E 146 30.28 37.37 -43.43
C ARG E 146 30.48 35.91 -43.81
N LYS E 147 30.89 35.66 -45.05
CA LYS E 147 31.07 34.31 -45.56
C LYS E 147 32.47 34.19 -46.14
N LEU E 148 33.17 33.12 -45.78
CA LEU E 148 34.46 32.84 -46.39
C LEU E 148 34.29 32.47 -47.86
N SER E 149 35.34 32.73 -48.64
CA SER E 149 35.32 32.37 -50.06
C SER E 149 35.19 30.86 -50.21
N ASP E 150 34.53 30.44 -51.29
CA ASP E 150 34.20 29.02 -51.46
C ASP E 150 35.45 28.17 -51.63
N GLU E 151 36.44 28.66 -52.38
CA GLU E 151 37.70 27.93 -52.50
C GLU E 151 38.43 27.86 -51.17
N GLN E 152 38.36 28.95 -50.38
CA GLN E 152 38.96 28.93 -49.04
C GLN E 152 38.29 27.89 -48.16
N SER E 153 36.96 27.81 -48.20
CA SER E 153 36.23 26.84 -47.39
C SER E 153 36.54 25.41 -47.84
N ALA E 154 36.62 25.18 -49.15
CA ALA E 154 36.97 23.85 -49.65
C ALA E 154 38.38 23.45 -49.22
N LEU E 155 39.33 24.38 -49.31
CA LEU E 155 40.70 24.10 -48.86
C LEU E 155 40.74 23.82 -47.36
N ILE E 156 39.98 24.59 -46.58
CA ILE E 156 39.95 24.40 -45.14
C ILE E 156 39.36 23.03 -44.80
N ALA E 157 38.29 22.63 -45.49
CA ALA E 157 37.70 21.32 -45.27
C ALA E 157 38.68 20.20 -45.64
N ARG E 158 39.38 20.36 -46.77
CA ARG E 158 40.36 19.35 -47.17
C ARG E 158 41.47 19.20 -46.15
N ARG E 159 42.01 20.33 -45.68
CA ARG E 159 43.08 20.28 -44.70
C ARG E 159 42.61 19.72 -43.37
N ASP E 160 41.39 20.08 -42.94
CA ASP E 160 40.82 19.52 -41.72
C ASP E 160 40.64 18.02 -41.82
N MET E 161 40.19 17.54 -42.97
CA MET E 161 40.00 16.10 -43.14
C MET E 161 41.32 15.37 -43.22
N GLU E 162 42.33 15.98 -43.84
CA GLU E 162 43.66 15.35 -43.88
C GLU E 162 44.32 15.39 -42.51
N PHE E 163 43.97 16.35 -41.67
CA PHE E 163 44.55 16.42 -40.33
C PHE E 163 43.76 15.65 -39.29
N ARG E 164 42.52 15.26 -39.59
CA ARG E 164 41.65 14.49 -38.69
C ARG E 164 41.44 15.24 -37.37
N VAL E 165 40.95 16.49 -37.50
CA VAL E 165 40.84 17.39 -36.36
C VAL E 165 39.85 16.84 -35.33
N LYS E 166 38.69 16.35 -35.81
CA LYS E 166 37.64 15.84 -34.93
C LYS E 166 38.16 14.71 -34.04
N ASP E 167 38.75 13.70 -34.67
CA ASP E 167 39.28 12.55 -33.92
C ASP E 167 40.41 12.99 -33.00
N ASN E 168 41.23 13.94 -33.44
CA ASN E 168 42.32 14.43 -32.61
C ASN E 168 41.82 15.07 -31.33
N LEU E 169 40.84 15.96 -31.41
CA LEU E 169 40.38 16.60 -30.18
C LEU E 169 39.53 15.66 -29.32
N VAL E 170 38.82 14.71 -29.94
CA VAL E 170 38.12 13.69 -29.16
C VAL E 170 39.11 12.86 -28.35
N GLU E 171 40.19 12.40 -29.01
CA GLU E 171 41.22 11.64 -28.31
C GLU E 171 41.92 12.50 -27.26
N LEU E 172 42.09 13.79 -27.57
CA LEU E 172 42.69 14.73 -26.61
C LEU E 172 41.89 14.78 -25.32
N ASN E 173 40.58 14.99 -25.43
CA ASN E 173 39.72 15.00 -24.25
C ASN E 173 39.74 13.65 -23.54
N ARG E 174 39.64 12.56 -24.32
CA ARG E 174 39.54 11.23 -23.73
C ARG E 174 40.77 10.90 -22.88
N PHE E 175 41.96 11.05 -23.46
CA PHE E 175 43.15 10.72 -22.70
C PHE E 175 43.54 11.81 -21.70
N LYS E 176 43.05 13.04 -21.87
CA LYS E 176 43.21 14.04 -20.82
C LYS E 176 42.40 13.64 -19.59
N ASN E 177 41.24 13.02 -19.80
CA ASN E 177 40.49 12.50 -18.67
C ASN E 177 41.14 11.23 -18.11
N VAL E 178 41.69 10.39 -18.98
CA VAL E 178 42.32 9.15 -18.53
C VAL E 178 43.54 9.45 -17.66
N PHE E 179 44.54 10.12 -18.22
CA PHE E 179 45.72 10.51 -17.47
C PHE E 179 45.46 11.83 -16.75
N GLY E 180 46.51 12.40 -16.15
CA GLY E 180 46.37 13.69 -15.51
C GLY E 180 46.46 14.87 -16.46
N VAL E 181 47.08 14.69 -17.62
CA VAL E 181 47.37 15.81 -18.52
C VAL E 181 47.60 15.23 -19.91
N ARG E 182 47.38 16.06 -20.93
CA ARG E 182 47.69 15.69 -22.31
C ARG E 182 48.44 16.82 -22.98
N ILE E 183 49.34 16.47 -23.89
CA ILE E 183 50.16 17.42 -24.63
C ILE E 183 49.86 17.25 -26.11
N ALA E 184 49.50 18.34 -26.76
CA ALA E 184 49.29 18.36 -28.20
C ALA E 184 50.37 19.22 -28.84
N LEU E 185 51.13 18.63 -29.76
CA LEU E 185 52.24 19.29 -30.41
C LEU E 185 51.89 19.46 -31.89
N PHE E 186 51.95 20.69 -32.37
CA PHE E 186 51.65 21.01 -33.76
C PHE E 186 52.93 20.88 -34.56
N VAL E 187 53.05 19.82 -35.35
CA VAL E 187 54.28 19.57 -36.08
C VAL E 187 54.36 20.53 -37.26
N VAL E 188 55.52 21.18 -37.40
CA VAL E 188 55.75 22.14 -38.47
C VAL E 188 57.25 22.12 -38.78
N GLU E 189 57.59 22.27 -40.06
CA GLU E 189 58.95 22.08 -40.53
C GLU E 189 59.65 23.42 -40.67
N SER E 190 60.90 23.48 -40.19
CA SER E 190 61.72 24.67 -40.33
C SER E 190 63.17 24.25 -40.54
N ASP E 191 63.96 25.16 -41.09
CA ASP E 191 65.34 24.84 -41.45
C ASP E 191 66.20 24.63 -40.20
N ASP E 192 65.94 25.39 -39.14
CA ASP E 192 66.79 25.39 -37.96
C ASP E 192 66.56 24.13 -37.13
N PRO E 193 67.60 23.33 -36.84
CA PRO E 193 67.41 22.18 -35.95
C PRO E 193 66.95 22.56 -34.56
N ASP E 194 67.31 23.76 -34.07
CA ASP E 194 66.90 24.24 -32.76
C ASP E 194 65.61 25.06 -32.82
N TYR E 195 64.73 24.73 -33.75
CA TYR E 195 63.49 25.50 -33.93
C TYR E 195 62.60 25.41 -32.69
N TYR E 196 62.47 24.22 -32.11
CA TYR E 196 61.65 24.04 -30.92
C TYR E 196 62.41 24.37 -29.65
N GLU E 197 63.08 25.51 -29.64
CA GLU E 197 63.79 26.03 -28.47
C GLU E 197 63.39 27.45 -28.14
N LYS E 198 63.16 28.28 -29.15
CA LYS E 198 62.72 29.64 -28.97
C LYS E 198 61.24 29.68 -28.64
N PRO E 199 60.76 30.75 -27.99
CA PRO E 199 59.31 30.89 -27.81
C PRO E 199 58.60 30.96 -29.15
N PHE E 200 57.41 30.37 -29.21
CA PHE E 200 56.67 30.27 -30.45
C PHE E 200 56.32 31.66 -30.99
N ASN E 201 56.59 31.87 -32.27
CA ASN E 201 56.38 33.15 -32.92
C ASN E 201 55.50 32.96 -34.14
N PRO E 202 54.41 33.71 -34.27
CA PRO E 202 53.56 33.58 -35.47
C PRO E 202 54.23 34.00 -36.76
N ASP E 203 55.33 34.74 -36.70
CA ASP E 203 56.04 35.15 -37.90
C ASP E 203 56.91 34.04 -38.48
N GLY E 204 57.29 33.04 -37.67
CA GLY E 204 58.13 31.96 -38.13
C GLY E 204 57.35 30.89 -38.87
N ILE E 205 57.02 31.16 -40.13
CA ILE E 205 56.05 30.34 -40.85
C ILE E 205 56.71 29.41 -41.86
N THR E 206 57.43 29.98 -42.84
CA THR E 206 57.89 29.27 -44.04
C THR E 206 56.71 28.59 -44.71
N PRO E 207 55.87 29.34 -45.45
CA PRO E 207 54.52 28.85 -45.82
C PRO E 207 54.49 27.48 -46.47
N GLY E 208 53.38 26.78 -46.25
CA GLY E 208 53.25 25.39 -46.65
C GLY E 208 54.05 24.43 -45.80
N SER E 209 54.08 24.65 -44.48
CA SER E 209 54.88 23.84 -43.58
C SER E 209 54.06 23.14 -42.50
N TYR E 210 52.80 23.51 -42.31
CA TYR E 210 51.95 22.92 -41.27
C TYR E 210 51.56 21.51 -41.72
N LYS E 211 52.20 20.51 -41.13
CA LYS E 211 52.01 19.13 -41.57
C LYS E 211 50.93 18.39 -40.78
N GLY E 212 50.59 18.85 -39.59
CA GLY E 212 49.56 18.22 -38.80
C GLY E 212 49.85 18.39 -37.32
N ILE E 213 49.13 17.61 -36.50
CA ILE E 213 49.30 17.64 -35.06
C ILE E 213 49.49 16.22 -34.56
N SER E 214 50.10 16.13 -33.37
CA SER E 214 50.29 14.86 -32.69
C SER E 214 49.95 15.05 -31.22
N GLN E 215 49.62 13.94 -30.56
CA GLN E 215 49.30 13.96 -29.14
C GLN E 215 50.23 13.00 -28.41
N ILE E 216 50.89 13.49 -27.37
CA ILE E 216 51.94 12.76 -26.66
C ILE E 216 51.40 12.37 -25.30
N ASP E 217 51.49 11.08 -24.98
CA ASP E 217 51.10 10.61 -23.67
C ASP E 217 52.09 11.10 -22.61
N PRO E 218 51.63 11.28 -21.36
CA PRO E 218 52.51 11.87 -20.33
C PRO E 218 53.78 11.09 -20.05
N TYR E 219 53.76 9.76 -20.15
CA TYR E 219 54.98 9.02 -19.84
C TYR E 219 56.05 9.17 -20.92
N TRP E 220 55.69 9.67 -22.10
CA TRP E 220 56.66 9.95 -23.15
C TRP E 220 57.25 11.34 -23.04
N ALA E 221 56.80 12.16 -22.09
CA ALA E 221 57.25 13.53 -21.94
C ALA E 221 57.92 13.72 -20.59
N MET E 222 58.53 14.89 -20.43
CA MET E 222 59.24 15.24 -19.18
C MET E 222 59.24 16.75 -19.06
N PRO E 223 58.39 17.32 -18.19
CA PRO E 223 58.42 18.76 -17.97
C PRO E 223 59.74 19.18 -17.33
N GLN E 224 60.21 20.36 -17.72
CA GLN E 224 61.45 20.93 -17.19
C GLN E 224 61.18 22.36 -16.76
N LEU E 225 61.60 22.70 -15.53
CA LEU E 225 61.34 24.00 -14.95
C LEU E 225 62.58 24.87 -15.03
N THR E 226 62.40 26.12 -15.46
CA THR E 226 63.49 27.09 -15.40
C THR E 226 63.51 27.76 -14.03
N ALA E 227 64.68 28.32 -13.71
CA ALA E 227 64.86 29.03 -12.45
C ALA E 227 63.94 30.23 -12.35
N GLY E 228 63.71 30.92 -13.47
CA GLY E 228 62.75 32.01 -13.48
C GLY E 228 61.31 31.56 -13.34
N SER E 229 61.02 30.32 -13.73
CA SER E 229 59.69 29.76 -13.57
C SER E 229 59.52 28.99 -12.27
N THR E 230 60.55 28.96 -11.42
CA THR E 230 60.44 28.30 -10.13
C THR E 230 60.77 29.19 -8.93
N ALA E 231 61.54 30.25 -9.11
CA ALA E 231 62.00 31.03 -7.96
C ALA E 231 60.94 31.99 -7.43
N ASP E 232 60.10 32.54 -8.31
CA ASP E 232 59.21 33.63 -7.94
C ASP E 232 57.78 33.16 -7.84
N PRO E 233 57.21 33.06 -6.64
CA PRO E 233 55.76 32.78 -6.53
C PRO E 233 54.89 33.84 -7.18
N SER E 234 55.35 35.10 -7.18
CA SER E 234 54.59 36.18 -7.81
C SER E 234 54.55 36.08 -9.32
N SER E 235 55.46 35.30 -9.92
CA SER E 235 55.46 35.14 -11.36
C SER E 235 54.22 34.41 -11.84
N GLU E 236 53.65 34.87 -12.95
CA GLU E 236 52.45 34.25 -13.51
C GLU E 236 52.75 32.89 -14.14
N HIS E 237 54.01 32.57 -14.39
CA HIS E 237 54.42 31.27 -14.88
C HIS E 237 55.00 30.38 -13.78
N PHE E 238 54.78 30.74 -12.52
CA PHE E 238 55.27 29.92 -11.42
C PHE E 238 54.63 28.54 -11.45
N TYR E 239 55.47 27.51 -11.33
CA TYR E 239 55.06 26.10 -11.40
C TYR E 239 54.30 25.81 -12.69
N GLU E 240 54.77 26.41 -13.78
CA GLU E 240 54.26 26.15 -15.11
C GLU E 240 55.41 25.70 -15.99
N PRO E 241 55.47 24.43 -16.40
CA PRO E 241 56.58 23.93 -17.22
C PRO E 241 56.87 24.77 -18.46
N ASP E 242 58.06 25.36 -18.51
CA ASP E 242 58.47 26.16 -19.66
C ASP E 242 58.88 25.28 -20.82
N PHE E 243 59.36 24.06 -20.55
CA PHE E 243 59.81 23.15 -21.59
C PHE E 243 59.27 21.76 -21.31
N TRP E 244 59.27 20.92 -22.34
CA TRP E 244 58.86 19.53 -22.22
C TRP E 244 59.80 18.67 -23.04
N ILE E 245 60.61 17.85 -22.37
CA ILE E 245 61.49 16.91 -23.07
C ILE E 245 60.63 15.72 -23.49
N ILE E 246 60.50 15.51 -24.80
CA ILE E 246 59.67 14.42 -25.31
C ILE E 246 60.57 13.30 -25.81
N SER E 247 61.38 13.58 -26.84
CA SER E 247 62.37 12.64 -27.35
C SER E 247 63.69 13.38 -27.44
N GLY E 248 64.42 13.41 -26.34
CA GLY E 248 65.71 14.10 -26.29
C GLY E 248 65.59 15.62 -26.31
N LYS E 249 65.02 16.15 -27.39
CA LYS E 249 64.86 17.59 -27.52
C LYS E 249 63.76 18.10 -26.60
N LYS E 250 63.84 19.39 -26.28
CA LYS E 250 62.96 20.03 -25.30
C LYS E 250 62.06 21.04 -26.00
N TYR E 251 60.79 20.69 -26.17
CA TYR E 251 59.84 21.60 -26.81
C TYR E 251 59.42 22.68 -25.83
N HIS E 252 59.34 23.91 -26.33
CA HIS E 252 58.94 25.03 -25.49
C HIS E 252 57.45 24.96 -25.18
N ARG E 253 57.06 25.61 -24.08
CA ARG E 253 55.67 25.59 -23.65
C ARG E 253 54.76 26.25 -24.68
N SER E 254 55.19 27.38 -25.25
CA SER E 254 54.33 28.11 -26.19
C SER E 254 54.12 27.35 -27.49
N HIS E 255 55.08 26.52 -27.89
CA HIS E 255 54.97 25.79 -29.15
C HIS E 255 53.81 24.81 -29.13
N LEU E 256 53.59 24.14 -28.00
CA LEU E 256 52.58 23.11 -27.86
C LEU E 256 51.42 23.57 -26.99
N VAL E 257 50.32 22.83 -27.07
CA VAL E 257 49.10 23.14 -26.32
C VAL E 257 48.91 22.05 -25.27
N VAL E 258 48.76 22.47 -24.01
CA VAL E 258 48.61 21.57 -22.88
C VAL E 258 47.20 21.70 -22.33
N VAL E 259 46.51 20.57 -22.21
CA VAL E 259 45.22 20.49 -21.52
C VAL E 259 45.40 19.62 -20.29
N ARG E 260 44.97 20.14 -19.14
CA ARG E 260 45.24 19.51 -17.86
C ARG E 260 43.96 19.40 -17.05
N GLY E 261 44.01 18.60 -16.00
CA GLY E 261 42.87 18.31 -15.17
C GLY E 261 42.51 19.44 -14.22
N PRO E 262 42.03 19.07 -13.03
CA PRO E 262 41.53 20.08 -12.09
C PRO E 262 42.59 20.99 -11.46
N GLN E 263 43.86 20.86 -11.87
CA GLN E 263 44.94 21.76 -11.46
C GLN E 263 45.14 21.78 -9.94
N PRO E 264 45.79 20.76 -9.38
CA PRO E 264 45.96 20.67 -7.92
C PRO E 264 46.73 21.86 -7.37
N PRO E 265 46.67 22.10 -6.05
CA PRO E 265 47.39 23.24 -5.47
C PRO E 265 48.90 23.12 -5.65
N ASP E 266 49.58 24.24 -5.36
CA ASP E 266 50.98 24.40 -5.75
C ASP E 266 51.90 23.44 -4.99
N ILE E 267 51.68 23.26 -3.69
CA ILE E 267 52.62 22.49 -2.87
C ILE E 267 52.69 21.03 -3.32
N LEU E 268 51.59 20.50 -3.88
CA LEU E 268 51.58 19.14 -4.39
C LEU E 268 51.37 19.10 -5.90
N LYS E 269 51.56 20.21 -6.59
CA LYS E 269 51.62 20.20 -8.06
C LYS E 269 52.77 19.35 -8.60
N PRO E 270 54.01 19.43 -8.09
CA PRO E 270 55.06 18.51 -8.60
C PRO E 270 54.75 17.05 -8.38
N THR E 271 53.96 16.71 -7.36
CA THR E 271 53.59 15.31 -7.14
C THR E 271 52.76 14.74 -8.27
N TYR E 272 52.08 15.58 -9.05
CA TYR E 272 51.35 15.15 -10.23
C TYR E 272 52.13 15.38 -11.52
N ILE E 273 53.44 15.66 -11.41
CA ILE E 273 54.34 15.93 -12.52
C ILE E 273 53.80 17.16 -13.26
N PHE E 274 53.30 18.13 -12.49
CA PHE E 274 52.77 19.39 -13.01
C PHE E 274 51.66 19.16 -14.04
N GLY E 275 50.82 18.15 -13.77
CA GLY E 275 49.71 17.85 -14.65
C GLY E 275 48.38 18.19 -14.03
N GLY E 276 47.57 17.16 -13.77
CA GLY E 276 46.27 17.36 -13.15
C GLY E 276 45.83 16.10 -12.45
N ILE E 277 44.73 16.22 -11.70
CA ILE E 277 44.17 15.08 -10.98
C ILE E 277 43.46 14.17 -11.98
N PRO E 278 43.83 12.90 -12.08
CA PRO E 278 43.26 12.05 -13.12
C PRO E 278 41.93 11.42 -12.71
N LEU E 279 41.02 11.35 -13.68
CA LEU E 279 39.72 10.72 -13.45
C LEU E 279 39.86 9.23 -13.18
N THR E 280 40.95 8.59 -13.63
CA THR E 280 41.21 7.21 -13.25
C THR E 280 41.49 7.11 -11.76
N GLN E 281 42.27 8.05 -11.21
CA GLN E 281 42.46 8.09 -9.77
C GLN E 281 41.16 8.42 -9.04
N ARG E 282 40.30 9.24 -9.65
CA ARG E 282 39.04 9.58 -8.99
C ARG E 282 38.07 8.40 -8.96
N ILE E 283 38.08 7.58 -10.02
CA ILE E 283 37.06 6.47 -10.05
C ILE E 283 37.65 5.06 -10.26
N TYR E 284 38.83 4.72 -9.74
CA TYR E 284 39.22 3.33 -9.84
C TYR E 284 38.74 2.50 -8.66
N GLU E 285 38.33 3.12 -7.56
CA GLU E 285 37.85 2.41 -6.38
C GLU E 285 36.34 2.25 -6.40
N ARG E 286 35.62 3.32 -6.72
CA ARG E 286 34.16 3.27 -6.77
C ARG E 286 33.69 2.35 -7.89
N VAL E 287 34.38 2.37 -9.02
CA VAL E 287 34.06 1.47 -10.13
C VAL E 287 34.24 0.02 -9.71
N TYR E 288 35.34 -0.28 -9.01
CA TYR E 288 35.56 -1.64 -8.52
C TYR E 288 34.46 -2.06 -7.57
N ALA E 289 34.07 -1.18 -6.64
CA ALA E 289 33.02 -1.52 -5.68
C ALA E 289 31.71 -1.80 -6.39
N ALA E 290 31.35 -0.96 -7.36
CA ALA E 290 30.12 -1.17 -8.11
C ALA E 290 30.15 -2.48 -8.88
N GLU E 291 31.27 -2.78 -9.53
CA GLU E 291 31.35 -4.00 -10.33
C GLU E 291 31.34 -5.24 -9.44
N ARG E 292 32.00 -5.20 -8.28
CA ARG E 292 32.00 -6.39 -7.44
C ARG E 292 30.65 -6.61 -6.79
N THR E 293 29.94 -5.53 -6.44
CA THR E 293 28.56 -5.69 -5.96
C THR E 293 27.66 -6.23 -7.06
N ALA E 294 27.90 -5.80 -8.31
CA ALA E 294 27.17 -6.36 -9.43
C ALA E 294 27.46 -7.84 -9.61
N ASN E 295 28.69 -8.26 -9.30
CA ASN E 295 29.05 -9.68 -9.35
C ASN E 295 28.39 -10.46 -8.24
N GLU E 296 28.30 -9.87 -7.03
CA GLU E 296 27.95 -10.64 -5.84
C GLU E 296 26.54 -11.21 -5.90
N ALA E 297 25.60 -10.52 -6.55
CA ALA E 297 24.23 -11.02 -6.57
C ALA E 297 24.08 -12.28 -7.41
N PRO E 298 24.57 -12.36 -8.66
CA PRO E 298 24.52 -13.64 -9.38
C PRO E 298 25.28 -14.76 -8.68
N LEU E 299 26.47 -14.46 -8.16
CA LEU E 299 27.32 -15.50 -7.60
C LEU E 299 26.71 -16.07 -6.33
N LEU E 300 26.09 -15.21 -5.51
CA LEU E 300 25.40 -15.69 -4.32
C LEU E 300 24.09 -16.37 -4.68
N ALA E 301 23.42 -15.89 -5.73
CA ALA E 301 22.20 -16.53 -6.20
C ALA E 301 22.46 -17.95 -6.69
N MET E 302 23.67 -18.20 -7.21
CA MET E 302 24.05 -19.57 -7.55
C MET E 302 24.00 -20.48 -6.34
N SER E 303 24.67 -20.09 -5.25
CA SER E 303 24.58 -20.82 -3.99
C SER E 303 23.54 -20.22 -3.06
N LYS E 304 22.35 -19.95 -3.57
CA LYS E 304 21.26 -19.45 -2.73
C LYS E 304 20.79 -20.52 -1.74
N ARG E 305 20.33 -21.65 -2.26
CA ARG E 305 19.76 -22.72 -1.44
C ARG E 305 20.84 -23.73 -1.04
N THR E 306 20.79 -24.16 0.22
CA THR E 306 21.83 -25.01 0.80
C THR E 306 21.22 -26.17 1.59
N SER E 307 20.28 -26.89 0.97
CA SER E 307 19.65 -28.03 1.63
C SER E 307 20.69 -29.09 2.00
N THR E 308 20.61 -29.57 3.25
CA THR E 308 21.56 -30.53 3.78
C THR E 308 20.81 -31.60 4.58
N ILE E 309 21.46 -32.76 4.72
CA ILE E 309 20.85 -33.96 5.27
C ILE E 309 21.73 -34.47 6.40
N HIS E 310 21.11 -34.88 7.50
CA HIS E 310 21.81 -35.35 8.69
C HIS E 310 21.82 -36.88 8.67
N VAL E 311 22.83 -37.44 8.04
CA VAL E 311 23.04 -38.88 7.92
C VAL E 311 24.04 -39.31 8.98
N ASP E 312 23.83 -40.49 9.56
CA ASP E 312 24.81 -41.06 10.48
C ASP E 312 26.07 -41.36 9.68
N VAL E 313 27.08 -40.49 9.85
CA VAL E 313 28.26 -40.55 8.99
C VAL E 313 29.12 -41.77 9.33
N GLU E 314 29.15 -42.18 10.60
CA GLU E 314 29.92 -43.38 10.93
C GLU E 314 29.30 -44.64 10.35
N LYS E 315 28.00 -44.61 10.06
CA LYS E 315 27.38 -45.71 9.33
C LYS E 315 27.58 -45.58 7.83
N ALA E 316 27.51 -44.35 7.31
CA ALA E 316 27.71 -44.13 5.87
C ALA E 316 29.13 -44.47 5.46
N ILE E 317 30.08 -44.29 6.36
CA ILE E 317 31.50 -44.56 6.08
C ILE E 317 31.71 -46.05 5.82
N ALA E 318 30.94 -46.91 6.51
CA ALA E 318 31.15 -48.35 6.45
C ALA E 318 31.03 -48.87 5.02
N ASN E 319 29.97 -48.47 4.30
CA ASN E 319 29.86 -48.86 2.89
C ASN E 319 30.48 -47.77 2.02
N GLU E 320 29.89 -46.58 2.03
CA GLU E 320 30.36 -45.34 1.43
C GLU E 320 30.35 -45.33 -0.11
N ASP E 321 30.16 -46.47 -0.77
CA ASP E 321 29.98 -46.44 -2.22
C ASP E 321 28.50 -46.45 -2.60
N ALA E 322 27.73 -47.36 -2.02
CA ALA E 322 26.30 -47.42 -2.28
C ALA E 322 25.60 -46.16 -1.79
N PHE E 323 26.06 -45.61 -0.67
CA PHE E 323 25.51 -44.36 -0.15
C PHE E 323 25.69 -43.22 -1.13
N ASN E 324 26.92 -43.04 -1.63
CA ASN E 324 27.19 -41.98 -2.60
C ASN E 324 26.44 -42.23 -3.89
N ALA E 325 26.34 -43.49 -4.33
CA ALA E 325 25.58 -43.79 -5.54
C ALA E 325 24.11 -43.43 -5.38
N ARG E 326 23.52 -43.76 -4.24
CA ARG E 326 22.11 -43.46 -3.99
C ARG E 326 21.86 -41.96 -3.95
N LEU E 327 22.73 -41.22 -3.25
CA LEU E 327 22.50 -39.79 -3.14
C LEU E 327 22.82 -39.07 -4.46
N ALA E 328 23.79 -39.59 -5.24
CA ALA E 328 24.03 -39.04 -6.56
C ALA E 328 22.83 -39.28 -7.46
N PHE E 329 22.19 -40.45 -7.33
CA PHE E 329 20.94 -40.70 -8.06
C PHE E 329 19.86 -39.72 -7.66
N TRP E 330 19.74 -39.43 -6.37
CA TRP E 330 18.77 -38.44 -5.90
C TRP E 330 19.05 -37.06 -6.51
N ILE E 331 20.30 -36.62 -6.44
CA ILE E 331 20.66 -35.30 -6.95
C ILE E 331 20.45 -35.23 -8.45
N ALA E 332 20.74 -36.32 -9.17
CA ALA E 332 20.53 -36.34 -10.61
C ALA E 332 19.05 -36.25 -10.95
N ASN E 333 18.22 -37.13 -10.39
CA ASN E 333 16.78 -37.06 -10.62
C ASN E 333 16.06 -36.30 -9.51
N ARG E 334 16.54 -35.12 -9.13
CA ARG E 334 15.81 -34.27 -8.20
C ARG E 334 14.65 -33.59 -8.90
N ASP E 335 13.47 -33.64 -8.28
CA ASP E 335 12.24 -33.13 -8.87
C ASP E 335 11.30 -32.76 -7.72
N ASN E 336 10.30 -31.93 -8.03
CA ASN E 336 9.31 -31.52 -7.04
C ASN E 336 8.11 -32.46 -6.96
N HIS E 337 8.26 -33.71 -7.40
CA HIS E 337 7.20 -34.70 -7.26
C HIS E 337 7.73 -35.94 -6.57
N GLY E 338 9.00 -36.27 -6.81
CA GLY E 338 9.61 -37.39 -6.12
C GLY E 338 9.74 -37.13 -4.63
N VAL E 339 9.70 -38.21 -3.86
CA VAL E 339 9.75 -38.14 -2.40
C VAL E 339 11.04 -38.80 -1.92
N LYS E 340 11.64 -38.22 -0.90
CA LYS E 340 12.89 -38.70 -0.33
C LYS E 340 12.61 -39.48 0.94
N VAL E 341 13.03 -40.73 0.97
CA VAL E 341 12.93 -41.55 2.19
C VAL E 341 14.24 -41.42 2.96
N LEU E 342 14.13 -41.12 4.24
CA LEU E 342 15.29 -41.03 5.11
C LEU E 342 14.86 -41.43 6.52
N GLY E 343 15.67 -42.25 7.18
CA GLY E 343 15.27 -42.89 8.40
C GLY E 343 15.05 -41.93 9.55
N THR E 344 14.68 -42.50 10.69
CA THR E 344 14.60 -41.73 11.92
C THR E 344 15.99 -41.29 12.35
N ASP E 345 16.03 -40.39 13.34
CA ASP E 345 17.25 -39.69 13.76
C ASP E 345 17.93 -38.99 12.57
N GLU E 346 17.11 -38.40 11.70
CA GLU E 346 17.57 -37.72 10.50
C GLU E 346 16.66 -36.52 10.26
N SER E 347 17.23 -35.37 9.91
CA SER E 347 16.48 -34.13 9.85
C SER E 347 16.33 -33.58 8.43
N MET E 348 17.44 -33.40 7.71
CA MET E 348 17.49 -32.79 6.37
C MET E 348 16.91 -31.37 6.39
N GLU E 349 17.66 -30.46 6.99
CA GLU E 349 17.18 -29.07 6.98
C GLU E 349 17.60 -28.36 5.70
N GLN E 350 17.08 -27.15 5.51
CA GLN E 350 17.34 -26.40 4.30
C GLN E 350 17.41 -24.91 4.63
N PHE E 351 18.37 -24.22 4.03
CA PHE E 351 18.57 -22.80 4.23
C PHE E 351 18.57 -22.09 2.89
N ASP E 352 18.15 -20.83 2.89
CA ASP E 352 18.17 -20.01 1.69
C ASP E 352 18.51 -18.57 2.06
N THR E 353 19.05 -17.84 1.08
CA THR E 353 19.53 -16.49 1.29
C THR E 353 18.57 -15.48 0.70
N ASN E 354 18.50 -14.31 1.31
CA ASN E 354 17.66 -13.21 0.83
C ASN E 354 18.54 -12.24 0.05
N LEU E 355 18.17 -12.00 -1.22
CA LEU E 355 18.98 -11.19 -2.13
C LEU E 355 18.23 -9.97 -2.64
N ALA E 356 17.14 -9.57 -1.97
CA ALA E 356 16.33 -8.48 -2.47
C ALA E 356 17.03 -7.12 -2.32
N ASP E 357 17.96 -7.01 -1.37
CA ASP E 357 18.59 -5.74 -1.06
C ASP E 357 19.88 -5.48 -1.83
N PHE E 358 20.29 -6.40 -2.71
CA PHE E 358 21.52 -6.18 -3.47
C PHE E 358 21.35 -5.13 -4.56
N ASP E 359 20.15 -5.04 -5.14
CA ASP E 359 19.91 -4.10 -6.23
C ASP E 359 20.10 -2.65 -5.80
N SER E 360 19.64 -2.31 -4.60
CA SER E 360 19.81 -0.96 -4.08
C SER E 360 21.28 -0.61 -3.94
N ILE E 361 22.08 -1.55 -3.43
CA ILE E 361 23.51 -1.29 -3.27
C ILE E 361 24.17 -1.11 -4.63
N ILE E 362 23.85 -1.98 -5.59
CA ILE E 362 24.49 -1.93 -6.90
C ILE E 362 24.19 -0.61 -7.59
N MET E 363 22.92 -0.21 -7.62
CA MET E 363 22.57 1.03 -8.30
C MET E 363 22.99 2.27 -7.52
N ASN E 364 23.10 2.18 -6.19
CA ASN E 364 23.65 3.29 -5.42
C ASN E 364 25.12 3.50 -5.75
N GLN E 365 25.86 2.43 -6.00
CA GLN E 365 27.27 2.60 -6.36
C GLN E 365 27.43 3.07 -7.81
N TYR E 366 26.59 2.58 -8.73
CA TYR E 366 26.65 3.08 -10.09
C TYR E 366 26.26 4.55 -10.18
N GLN E 367 25.31 4.98 -9.35
CA GLN E 367 24.96 6.39 -9.31
C GLN E 367 26.14 7.24 -8.86
N LEU E 368 26.93 6.72 -7.91
CA LEU E 368 28.12 7.43 -7.47
C LEU E 368 29.20 7.46 -8.54
N VAL E 369 29.31 6.39 -9.33
CA VAL E 369 30.22 6.40 -10.48
C VAL E 369 29.83 7.52 -11.44
N ALA E 370 28.53 7.64 -11.73
CA ALA E 370 28.06 8.72 -12.58
C ALA E 370 28.34 10.09 -11.94
N ALA E 371 28.18 10.19 -10.62
CA ALA E 371 28.42 11.43 -9.91
C ALA E 371 29.86 11.88 -10.06
N ILE E 372 30.80 10.95 -9.88
CA ILE E 372 32.21 11.30 -10.02
C ILE E 372 32.54 11.62 -11.48
N ALA E 373 31.95 10.87 -12.42
CA ALA E 373 32.18 11.11 -13.83
C ALA E 373 31.54 12.40 -14.34
N LYS E 374 30.68 13.05 -13.55
CA LYS E 374 29.97 14.27 -13.92
C LYS E 374 29.08 14.07 -15.15
N THR E 375 28.72 12.83 -15.43
CA THR E 375 27.92 12.39 -16.55
C THR E 375 26.66 11.72 -16.02
N PRO E 376 25.49 11.96 -16.63
CA PRO E 376 24.26 11.36 -16.11
C PRO E 376 24.28 9.84 -16.15
N ALA E 377 23.61 9.24 -15.16
CA ALA E 377 23.47 7.79 -15.12
C ALA E 377 22.70 7.27 -16.32
N THR E 378 21.86 8.09 -16.94
CA THR E 378 21.23 7.71 -18.19
C THR E 378 22.27 7.54 -19.29
N LYS E 379 23.28 8.41 -19.32
CA LYS E 379 24.32 8.29 -20.33
C LYS E 379 25.25 7.12 -20.04
N LEU E 380 25.67 6.97 -18.78
CA LEU E 380 26.62 5.91 -18.46
C LEU E 380 25.94 4.54 -18.35
N LEU E 381 25.03 4.39 -17.38
CA LEU E 381 24.36 3.13 -17.11
C LEU E 381 23.31 2.79 -18.17
N GLY E 382 22.99 3.71 -19.06
CA GLY E 382 21.98 3.48 -20.06
C GLY E 382 20.57 3.86 -19.65
N THR E 383 20.33 4.04 -18.36
CA THR E 383 19.03 4.46 -17.84
C THR E 383 19.24 4.98 -16.42
N SER E 384 18.19 5.57 -15.87
CA SER E 384 18.22 5.98 -14.48
C SER E 384 18.30 4.74 -13.59
N PRO E 385 19.05 4.80 -12.47
CA PRO E 385 19.17 3.63 -11.61
C PRO E 385 17.90 3.31 -10.83
N LYS E 386 17.95 2.27 -10.00
CA LYS E 386 16.78 1.79 -9.27
C LYS E 386 16.21 2.85 -8.34
N GLY E 387 14.92 3.09 -8.46
CA GLY E 387 14.20 3.93 -7.52
C GLY E 387 14.39 5.42 -7.69
N PHE E 388 15.50 5.82 -8.31
CA PHE E 388 15.79 7.24 -8.50
C PHE E 388 14.74 7.90 -9.39
N ASN E 389 14.50 9.18 -9.13
CA ASN E 389 13.57 9.96 -9.94
C ASN E 389 14.05 10.01 -11.38
N ALA E 390 13.08 9.97 -12.30
CA ALA E 390 13.39 9.98 -13.73
C ALA E 390 14.13 11.25 -14.11
N THR E 391 15.15 11.08 -14.95
CA THR E 391 16.01 12.19 -15.33
C THR E 391 15.22 13.25 -16.10
N GLY E 392 15.53 14.52 -15.83
CA GLY E 392 14.71 15.59 -16.32
C GLY E 392 15.45 16.78 -16.88
N GLU E 393 14.72 17.90 -17.00
CA GLU E 393 15.27 19.11 -17.60
C GLU E 393 16.47 19.63 -16.83
N HIS E 394 16.46 19.50 -15.50
CA HIS E 394 17.59 19.95 -14.68
C HIS E 394 18.86 19.19 -15.03
N GLU E 395 18.76 17.86 -15.15
CA GLU E 395 19.95 17.08 -15.48
C GLU E 395 20.38 17.30 -16.93
N THR E 396 19.41 17.48 -17.85
CA THR E 396 19.79 17.73 -19.23
C THR E 396 20.51 19.06 -19.38
N ILE E 397 20.07 20.11 -18.67
CA ILE E 397 20.80 21.37 -18.75
C ILE E 397 22.10 21.29 -17.96
N SER E 398 22.16 20.46 -16.92
CA SER E 398 23.39 20.31 -16.14
C SER E 398 24.46 19.59 -16.92
N TYR E 399 24.08 18.68 -17.82
CA TYR E 399 25.06 17.95 -18.63
C TYR E 399 25.30 18.61 -19.98
N HIS E 400 24.24 18.77 -20.78
CA HIS E 400 24.38 19.25 -22.15
C HIS E 400 24.96 20.66 -22.21
N GLU E 401 24.57 21.52 -21.28
CA GLU E 401 25.00 22.92 -21.34
C GLU E 401 26.25 23.20 -20.52
N GLU E 402 26.43 22.57 -19.37
CA GLU E 402 27.53 22.97 -18.50
C GLU E 402 28.85 22.27 -18.84
N LEU E 403 28.87 20.94 -18.70
CA LEU E 403 30.11 20.20 -18.87
C LEU E 403 30.59 20.26 -20.31
N GLU E 404 29.66 20.24 -21.26
CA GLU E 404 30.06 20.27 -22.66
C GLU E 404 30.57 21.65 -23.06
N SER E 405 30.05 22.72 -22.46
CA SER E 405 30.65 24.03 -22.67
C SER E 405 32.05 24.11 -22.07
N ILE E 406 32.25 23.47 -20.92
CA ILE E 406 33.60 23.37 -20.36
C ILE E 406 34.53 22.64 -21.32
N GLN E 407 34.07 21.53 -21.89
CA GLN E 407 34.89 20.78 -22.83
C GLN E 407 35.15 21.58 -24.10
N GLU E 408 34.18 22.39 -24.53
CA GLU E 408 34.40 23.22 -25.71
C GLU E 408 35.42 24.33 -25.45
N HIS E 409 35.39 24.92 -24.25
CA HIS E 409 36.41 25.92 -23.93
C HIS E 409 37.77 25.26 -23.69
N ILE E 410 37.80 23.97 -23.37
CA ILE E 410 39.06 23.23 -23.35
C ILE E 410 39.56 22.99 -24.78
N PHE E 411 38.64 22.66 -25.69
CA PHE E 411 39.00 22.43 -27.09
C PHE E 411 39.47 23.72 -27.76
N ASP E 412 38.96 24.87 -27.31
CA ASP E 412 39.21 26.14 -27.99
C ASP E 412 40.69 26.49 -28.20
N PRO E 413 41.61 26.29 -27.24
CA PRO E 413 43.03 26.50 -27.57
C PRO E 413 43.52 25.66 -28.74
N LEU E 414 43.09 24.39 -28.81
CA LEU E 414 43.52 23.51 -29.88
C LEU E 414 43.06 24.01 -31.24
N LEU E 415 41.76 24.30 -31.37
CA LEU E 415 41.24 24.79 -32.64
C LEU E 415 41.82 26.16 -32.99
N GLU E 416 42.05 27.01 -32.00
CA GLU E 416 42.58 28.33 -32.27
C GLU E 416 44.01 28.26 -32.80
N ARG E 417 44.87 27.47 -32.16
CA ARG E 417 46.23 27.30 -32.67
C ARG E 417 46.23 26.58 -34.01
N HIS E 418 45.33 25.61 -34.19
CA HIS E 418 45.24 24.89 -35.46
C HIS E 418 44.86 25.83 -36.60
N TYR E 419 43.87 26.70 -36.36
CA TYR E 419 43.45 27.63 -37.41
C TYR E 419 44.47 28.73 -37.63
N LEU E 420 45.19 29.15 -36.59
CA LEU E 420 46.31 30.06 -36.79
C LEU E 420 47.35 29.44 -37.71
N LEU E 421 47.84 28.24 -37.35
CA LEU E 421 48.87 27.58 -38.13
C LEU E 421 48.38 27.02 -39.46
N LEU E 422 47.07 27.03 -39.69
CA LEU E 422 46.57 26.66 -41.02
C LEU E 422 46.41 27.91 -41.89
N ALA E 423 45.59 28.86 -41.42
CA ALA E 423 45.33 30.08 -42.19
C ALA E 423 46.60 30.85 -42.47
N LYS E 424 47.31 31.27 -41.41
CA LYS E 424 48.45 32.17 -41.61
C LYS E 424 49.56 31.47 -42.40
N SER E 425 49.73 30.16 -42.18
CA SER E 425 50.73 29.42 -42.94
C SER E 425 50.38 29.32 -44.41
N GLU E 426 49.10 29.13 -44.74
CA GLU E 426 48.72 29.13 -46.15
C GLU E 426 48.45 30.56 -46.62
N GLU E 427 48.22 30.70 -47.91
CA GLU E 427 48.00 32.02 -48.51
C GLU E 427 46.57 32.44 -48.26
N ILE E 428 46.38 33.30 -47.26
CA ILE E 428 45.08 33.87 -46.91
C ILE E 428 45.20 35.38 -46.84
N ASP E 429 44.08 36.05 -46.57
CA ASP E 429 44.07 37.49 -46.45
C ASP E 429 43.49 37.97 -45.13
N VAL E 430 42.52 37.21 -44.58
CA VAL E 430 41.78 37.63 -43.39
C VAL E 430 41.89 36.55 -42.33
N GLN E 431 42.08 36.97 -41.08
CA GLN E 431 42.17 36.05 -39.96
C GLN E 431 40.81 35.39 -39.71
N LEU E 432 40.79 34.46 -38.77
CA LEU E 432 39.71 33.49 -38.67
C LEU E 432 39.20 33.39 -37.24
N GLU E 433 37.92 33.05 -37.10
CA GLU E 433 37.36 32.83 -35.77
C GLU E 433 36.32 31.70 -35.84
N ILE E 434 36.07 31.11 -34.68
CA ILE E 434 35.31 29.87 -34.55
C ILE E 434 34.06 30.14 -33.73
N VAL E 435 32.93 29.62 -34.18
CA VAL E 435 31.69 29.65 -33.40
C VAL E 435 31.25 28.21 -33.17
N TRP E 436 30.69 27.95 -31.99
CA TRP E 436 30.32 26.60 -31.58
C TRP E 436 28.84 26.37 -31.83
N ASN E 437 28.54 25.24 -32.48
CA ASN E 437 27.16 24.86 -32.69
C ASN E 437 26.50 24.50 -31.36
N PRO E 438 25.21 24.79 -31.20
CA PRO E 438 24.49 24.30 -30.01
C PRO E 438 24.47 22.78 -30.00
N VAL E 439 24.64 22.21 -28.81
CA VAL E 439 24.68 20.77 -28.64
C VAL E 439 23.53 20.37 -27.71
N ASP E 440 22.39 20.07 -28.32
CA ASP E 440 21.23 19.59 -27.59
C ASP E 440 20.82 18.23 -28.16
N SER E 441 21.12 18.03 -29.45
CA SER E 441 20.83 16.77 -30.17
C SER E 441 19.35 16.42 -30.08
N THR E 442 18.49 17.42 -30.20
CA THR E 442 17.06 17.22 -30.05
C THR E 442 16.49 16.47 -31.24
N SER E 443 15.33 15.85 -31.03
CA SER E 443 14.69 15.01 -32.03
C SER E 443 14.20 15.85 -33.22
N SER E 444 13.71 15.16 -34.25
CA SER E 444 13.27 15.84 -35.47
C SER E 444 12.01 16.65 -35.24
N GLN E 445 11.05 16.12 -34.47
CA GLN E 445 9.84 16.88 -34.14
C GLN E 445 10.18 18.15 -33.37
N GLN E 446 11.05 18.03 -32.37
CA GLN E 446 11.46 19.18 -31.60
C GLN E 446 12.23 20.18 -32.46
N GLN E 447 13.06 19.68 -33.38
CA GLN E 447 13.79 20.55 -34.28
C GLN E 447 12.85 21.32 -35.20
N ALA E 448 11.82 20.65 -35.70
CA ALA E 448 10.82 21.32 -36.54
C ALA E 448 10.06 22.38 -35.76
N GLU E 449 9.70 22.08 -34.50
CA GLU E 449 9.04 23.07 -33.66
C GLU E 449 9.96 24.28 -33.42
N LEU E 450 11.25 24.01 -33.18
CA LEU E 450 12.22 25.07 -32.99
C LEU E 450 12.31 25.96 -34.23
N ASN E 451 12.40 25.34 -35.41
CA ASN E 451 12.46 26.09 -36.66
C ASN E 451 11.20 26.89 -36.89
N ASN E 452 10.03 26.32 -36.57
CA ASN E 452 8.78 27.04 -36.76
C ASN E 452 8.69 28.25 -35.84
N LYS E 453 9.11 28.11 -34.59
CA LYS E 453 9.08 29.24 -33.68
C LYS E 453 10.06 30.33 -34.12
N LYS E 454 11.25 29.93 -34.58
CA LYS E 454 12.21 30.91 -35.08
C LYS E 454 11.67 31.61 -36.33
N ALA E 455 10.96 30.87 -37.19
CA ALA E 455 10.37 31.48 -38.37
C ALA E 455 9.27 32.47 -37.98
N ALA E 456 8.51 32.15 -36.93
CA ALA E 456 7.52 33.10 -36.43
C ALA E 456 8.19 34.37 -35.92
N THR E 457 9.31 34.23 -35.20
CA THR E 457 10.06 35.40 -34.77
C THR E 457 10.56 36.22 -35.95
N ASP E 458 11.06 35.53 -36.98
CA ASP E 458 11.54 36.21 -38.18
C ASP E 458 10.42 37.00 -38.85
N GLU E 459 9.25 36.37 -38.99
CA GLU E 459 8.12 37.02 -39.62
C GLU E 459 7.66 38.23 -38.81
N ILE E 460 7.62 38.10 -37.49
CA ILE E 460 7.22 39.22 -36.63
C ILE E 460 8.19 40.39 -36.78
N TYR E 461 9.49 40.09 -36.74
CA TYR E 461 10.50 41.16 -36.85
C TYR E 461 10.45 41.83 -38.22
N ILE E 462 10.33 41.04 -39.28
CA ILE E 462 10.29 41.62 -40.63
C ILE E 462 9.04 42.47 -40.81
N ASN E 463 7.88 41.98 -40.34
CA ASN E 463 6.65 42.73 -40.47
C ASN E 463 6.70 44.03 -39.66
N SER E 464 7.29 43.98 -38.46
CA SER E 464 7.48 45.20 -37.69
C SER E 464 8.59 46.08 -38.24
N GLY E 465 9.38 45.58 -39.18
CA GLY E 465 10.41 46.40 -39.79
C GLY E 465 11.67 46.50 -38.97
N VAL E 466 12.05 45.42 -38.29
CA VAL E 466 13.27 45.42 -37.48
C VAL E 466 14.43 44.93 -38.33
N VAL E 467 14.32 43.70 -38.84
CA VAL E 467 15.39 43.08 -39.61
C VAL E 467 14.87 42.81 -41.03
N SER E 468 15.76 42.96 -42.01
CA SER E 468 15.43 42.65 -43.38
C SER E 468 15.40 41.14 -43.58
N PRO E 469 14.70 40.66 -44.62
CA PRO E 469 14.76 39.22 -44.93
C PRO E 469 16.15 38.72 -45.32
N ASP E 470 17.07 39.62 -45.68
CA ASP E 470 18.44 39.19 -46.00
C ASP E 470 19.14 38.61 -44.79
N GLU E 471 18.95 39.20 -43.61
CA GLU E 471 19.52 38.63 -42.39
C GLU E 471 18.95 37.25 -42.09
N VAL E 472 17.66 37.07 -42.31
CA VAL E 472 17.05 35.75 -42.11
C VAL E 472 17.61 34.74 -43.11
N ARG E 473 17.79 35.16 -44.36
CA ARG E 473 18.41 34.31 -45.36
C ARG E 473 19.82 33.89 -44.96
N GLU E 474 20.62 34.86 -44.49
CA GLU E 474 21.98 34.55 -44.07
C GLU E 474 22.00 33.65 -42.84
N ARG E 475 21.06 33.85 -41.91
CA ARG E 475 20.97 32.99 -40.73
C ARG E 475 20.63 31.55 -41.13
N LEU E 476 19.64 31.39 -42.02
CA LEU E 476 19.29 30.06 -42.48
C LEU E 476 20.45 29.40 -43.22
N ARG E 477 21.17 30.16 -44.05
CA ARG E 477 22.31 29.61 -44.76
C ARG E 477 23.41 29.19 -43.80
N ASP E 478 23.82 30.10 -42.91
CA ASP E 478 24.82 29.78 -41.89
C ASP E 478 24.17 29.36 -40.57
N ASP E 479 23.23 28.42 -40.65
CA ASP E 479 22.68 27.76 -39.47
C ASP E 479 22.36 26.33 -39.86
N PRO E 480 23.15 25.36 -39.42
CA PRO E 480 22.79 23.95 -39.62
C PRO E 480 21.58 23.58 -38.79
N ARG E 481 20.95 22.46 -39.17
CA ARG E 481 19.72 21.94 -38.56
C ARG E 481 18.56 22.93 -38.69
N SER E 482 18.64 23.85 -39.65
CA SER E 482 17.59 24.83 -39.87
C SER E 482 16.68 24.49 -41.05
N GLY E 483 16.96 23.40 -41.75
CA GLY E 483 16.12 22.97 -42.85
C GLY E 483 16.68 23.34 -44.21
N TYR E 484 17.27 24.53 -44.31
CA TYR E 484 17.79 25.03 -45.58
C TYR E 484 19.24 25.45 -45.40
N ASN E 485 20.17 24.56 -45.73
CA ASN E 485 21.58 24.91 -45.83
C ASN E 485 22.08 24.84 -47.27
N ARG E 486 21.16 24.91 -48.24
CA ARG E 486 21.45 24.64 -49.64
C ARG E 486 20.71 25.60 -50.57
N LEU E 487 20.31 26.77 -50.06
CA LEU E 487 19.29 27.58 -50.71
C LEU E 487 19.67 28.06 -52.11
N THR E 488 20.59 29.02 -52.18
CA THR E 488 20.98 29.74 -53.39
C THR E 488 22.19 30.62 -53.12
N ASP E 489 22.60 31.39 -54.11
CA ASP E 489 23.55 32.49 -53.93
C ASP E 489 22.91 33.85 -54.13
N ASP E 490 21.59 33.91 -54.27
CA ASP E 490 20.88 35.16 -54.53
C ASP E 490 20.82 36.01 -53.26
N GLN E 491 20.21 37.19 -53.40
CA GLN E 491 20.07 38.12 -52.31
C GLN E 491 18.61 38.49 -52.12
N ALA E 492 18.24 38.80 -50.88
CA ALA E 492 16.89 39.25 -50.57
C ALA E 492 16.78 40.75 -50.82
N GLU E 493 15.72 41.36 -50.28
CA GLU E 493 15.48 42.79 -50.49
C GLU E 493 16.59 43.65 -49.90
N THR E 494 17.09 43.26 -48.72
CA THR E 494 18.15 43.91 -47.94
C THR E 494 17.76 45.28 -47.40
N GLU E 495 16.59 45.79 -47.76
CA GLU E 495 16.06 47.02 -47.18
C GLU E 495 15.48 46.70 -45.80
N PRO E 496 15.64 47.60 -44.81
CA PRO E 496 15.53 47.17 -43.41
C PRO E 496 14.11 46.79 -42.99
N GLY E 497 13.70 45.58 -43.37
CA GLY E 497 12.44 45.03 -42.93
C GLY E 497 11.27 45.33 -43.85
N MET E 498 11.46 45.16 -45.16
CA MET E 498 10.42 45.53 -46.10
C MET E 498 9.37 44.43 -46.26
N SER E 499 9.78 43.26 -46.79
CA SER E 499 8.91 42.14 -47.20
C SER E 499 7.98 42.54 -48.34
N PRO E 500 7.51 41.59 -49.17
CA PRO E 500 6.63 41.98 -50.29
C PRO E 500 5.34 42.67 -49.85
N GLU E 501 4.78 42.28 -48.69
CA GLU E 501 3.53 42.87 -48.23
C GLU E 501 3.68 44.36 -47.97
N ASN E 502 4.67 44.75 -47.16
CA ASN E 502 4.86 46.16 -46.90
C ASN E 502 5.52 46.89 -48.06
N LEU E 503 6.23 46.18 -48.95
CA LEU E 503 6.69 46.82 -50.18
C LEU E 503 5.51 47.29 -51.03
N ALA E 504 4.55 46.39 -51.28
CA ALA E 504 3.36 46.75 -52.02
C ALA E 504 2.56 47.81 -51.29
N GLU E 505 2.46 47.69 -49.96
CA GLU E 505 1.74 48.70 -49.17
C GLU E 505 2.40 50.06 -49.27
N PHE E 506 3.73 50.12 -49.21
CA PHE E 506 4.45 51.38 -49.29
C PHE E 506 4.29 52.01 -50.67
N GLU E 507 4.40 51.22 -51.74
CA GLU E 507 4.23 51.76 -53.08
C GLU E 507 2.81 52.29 -53.28
N LYS E 508 1.81 51.50 -52.89
CA LYS E 508 0.42 51.93 -53.04
C LYS E 508 0.12 53.16 -52.20
N ALA E 509 0.62 53.20 -50.96
CA ALA E 509 0.39 54.34 -50.08
C ALA E 509 1.06 55.59 -50.61
N GLY E 510 2.29 55.47 -51.11
CA GLY E 510 2.97 56.63 -51.66
C GLY E 510 2.28 57.19 -52.89
N ALA E 511 1.86 56.30 -53.79
CA ALA E 511 1.16 56.76 -54.99
C ALA E 511 -0.19 57.38 -54.64
N GLN E 512 -0.95 56.76 -53.73
CA GLN E 512 -2.22 57.32 -53.32
C GLN E 512 -2.04 58.64 -52.58
N SER E 513 -0.93 58.78 -51.85
CA SER E 513 -0.62 60.05 -51.22
C SER E 513 -0.33 61.12 -52.26
N ALA E 514 0.37 60.76 -53.34
CA ALA E 514 0.59 61.69 -54.43
C ALA E 514 -0.75 62.13 -55.04
N LYS E 515 -1.64 61.16 -55.28
CA LYS E 515 -2.96 61.49 -55.82
C LYS E 515 -3.75 62.41 -54.88
N ALA E 516 -3.72 62.13 -53.58
CA ALA E 516 -4.48 62.92 -52.63
C ALA E 516 -3.91 64.33 -52.48
N LYS E 517 -2.58 64.46 -52.45
CA LYS E 517 -1.98 65.79 -52.39
C LYS E 517 -2.28 66.58 -53.66
N GLY E 518 -2.30 65.91 -54.81
CA GLY E 518 -2.67 66.58 -56.04
C GLY E 518 -4.11 67.06 -56.04
N GLU E 519 -5.04 66.20 -55.59
CA GLU E 519 -6.44 66.60 -55.53
C GLU E 519 -6.65 67.70 -54.51
N ALA E 520 -5.88 67.71 -53.42
CA ALA E 520 -5.93 68.82 -52.47
C ALA E 520 -5.45 70.12 -53.11
N GLU E 521 -4.38 70.06 -53.90
CA GLU E 521 -3.90 71.26 -54.59
C GLU E 521 -4.93 71.75 -55.60
N ARG E 522 -5.60 70.83 -56.29
CA ARG E 522 -6.71 71.19 -57.17
C ARG E 522 -7.83 71.86 -56.38
N ALA E 523 -8.13 71.36 -55.19
CA ALA E 523 -9.15 71.96 -54.34
C ALA E 523 -8.77 73.38 -53.93
N GLU E 524 -7.50 73.60 -53.57
CA GLU E 524 -7.03 74.96 -53.29
C GLU E 524 -7.20 75.87 -54.50
N ALA E 525 -6.81 75.38 -55.68
CA ALA E 525 -6.88 76.19 -56.89
C ALA E 525 -8.33 76.56 -57.23
N GLN E 526 -9.25 75.61 -57.11
CA GLN E 526 -10.64 75.89 -57.45
C GLN E 526 -11.34 76.71 -56.37
N ALA E 527 -10.93 76.57 -55.11
CA ALA E 527 -11.53 77.38 -54.05
C ALA E 527 -11.05 78.82 -54.12
N GLY E 528 -9.79 79.03 -54.46
CA GLY E 528 -9.23 80.37 -54.55
C GLY E 528 -9.82 81.21 -55.68
N VAL F 94 24.30 31.05 30.54
CA VAL F 94 25.67 30.92 30.05
C VAL F 94 25.75 29.69 29.14
N VAL F 95 26.70 29.72 28.21
CA VAL F 95 26.90 28.56 27.33
C VAL F 95 27.43 27.39 28.16
N PRO F 96 26.99 26.16 27.91
CA PRO F 96 27.56 25.01 28.64
C PRO F 96 28.95 24.67 28.11
N THR F 97 29.70 23.97 28.95
CA THR F 97 31.08 23.61 28.59
C THR F 97 31.10 22.65 27.40
N MET F 98 30.18 21.68 27.34
CA MET F 98 30.20 20.68 26.28
C MET F 98 29.82 21.29 24.93
N LEU F 99 28.75 22.08 24.89
CA LEU F 99 28.40 22.77 23.65
C LEU F 99 29.49 23.77 23.28
N GLN F 100 30.08 24.43 24.27
CA GLN F 100 31.07 25.45 24.01
C GLN F 100 32.31 24.87 23.35
N ASP F 101 32.86 23.78 23.91
CA ASP F 101 34.05 23.24 23.26
C ASP F 101 33.73 22.39 22.04
N TRP F 102 32.49 21.89 21.91
CA TRP F 102 32.09 21.27 20.65
C TRP F 102 32.10 22.30 19.52
N TYR F 103 31.64 23.51 19.81
CA TYR F 103 31.70 24.56 18.80
C TYR F 103 33.11 25.10 18.61
N ASN F 104 33.90 25.12 19.68
CA ASN F 104 35.25 25.68 19.62
C ASN F 104 36.22 24.75 18.91
N SER F 105 35.94 23.44 18.88
CA SER F 105 36.84 22.50 18.21
C SER F 105 36.89 22.71 16.69
N GLN F 106 35.92 23.41 16.11
CA GLN F 106 35.91 23.68 14.67
C GLN F 106 36.76 24.92 14.37
N GLY F 107 38.05 24.79 14.62
CA GLY F 107 39.00 25.82 14.33
C GLY F 107 39.54 25.74 12.91
N PHE F 108 40.52 26.59 12.64
CA PHE F 108 41.15 26.63 11.32
C PHE F 108 42.11 25.45 11.18
N ILE F 109 41.83 24.58 10.19
CA ILE F 109 42.62 23.36 10.05
C ILE F 109 44.04 23.68 9.57
N GLY F 110 44.18 24.57 8.61
CA GLY F 110 45.48 24.93 8.08
C GLY F 110 45.52 24.83 6.56
N TYR F 111 46.41 25.61 5.95
CA TYR F 111 46.50 25.65 4.50
C TYR F 111 47.00 24.33 3.93
N GLN F 112 47.97 23.70 4.61
CA GLN F 112 48.45 22.40 4.20
C GLN F 112 47.35 21.35 4.24
N ALA F 113 46.55 21.37 5.31
CA ALA F 113 45.43 20.44 5.42
C ALA F 113 44.40 20.70 4.33
N CYS F 114 44.11 21.97 4.04
CA CYS F 114 43.16 22.30 2.98
C CYS F 114 43.64 21.79 1.64
N ALA F 115 44.93 22.00 1.34
CA ALA F 115 45.48 21.55 0.07
C ALA F 115 45.45 20.03 -0.04
N ILE F 116 45.80 19.32 1.04
CA ILE F 116 45.85 17.87 0.97
C ILE F 116 44.44 17.28 0.92
N ILE F 117 43.44 17.96 1.48
CA ILE F 117 42.08 17.45 1.42
C ILE F 117 41.43 17.77 0.07
N SER F 118 41.86 18.85 -0.59
CA SER F 118 41.26 19.26 -1.86
C SER F 118 41.42 18.23 -2.97
N GLN F 119 42.31 17.25 -2.80
CA GLN F 119 42.47 16.20 -3.80
C GLN F 119 41.21 15.37 -3.97
N HIS F 120 40.37 15.27 -2.93
CA HIS F 120 39.17 14.45 -3.00
C HIS F 120 38.18 15.01 -4.02
N TRP F 121 37.40 14.12 -4.61
CA TRP F 121 36.53 14.50 -5.72
C TRP F 121 35.33 15.31 -5.26
N LEU F 122 34.77 14.99 -4.09
CA LEU F 122 33.60 15.71 -3.60
C LEU F 122 33.93 17.15 -3.28
N VAL F 123 35.02 17.38 -2.54
CA VAL F 123 35.39 18.75 -2.16
C VAL F 123 35.86 19.53 -3.38
N ASP F 124 36.57 18.87 -4.31
CA ASP F 124 36.99 19.53 -5.53
C ASP F 124 35.78 19.96 -6.36
N LYS F 125 34.79 19.08 -6.48
CA LYS F 125 33.56 19.42 -7.21
C LYS F 125 32.82 20.56 -6.54
N ALA F 126 32.74 20.53 -5.20
CA ALA F 126 32.03 21.58 -4.46
C ALA F 126 32.71 22.93 -4.64
N CYS F 127 34.04 22.96 -4.59
CA CYS F 127 34.75 24.21 -4.81
C CYS F 127 34.81 24.61 -6.28
N SER F 128 34.61 23.68 -7.20
CA SER F 128 34.77 23.96 -8.62
C SER F 128 33.47 24.45 -9.27
N MET F 129 32.41 23.65 -9.21
CA MET F 129 31.20 23.97 -9.98
C MET F 129 30.27 24.94 -9.24
N SER F 130 30.87 25.99 -8.69
CA SER F 130 30.12 27.07 -8.07
C SER F 130 30.27 28.39 -8.80
N GLY F 131 31.50 28.84 -9.03
CA GLY F 131 31.74 30.04 -9.79
C GLY F 131 32.00 29.76 -11.25
N GLU F 132 32.26 28.49 -11.57
CA GLU F 132 32.45 28.10 -12.95
C GLU F 132 31.18 28.32 -13.77
N ASP F 133 30.03 27.99 -13.19
CA ASP F 133 28.75 28.26 -13.86
C ASP F 133 28.51 29.76 -13.99
N ALA F 134 28.91 30.55 -12.99
CA ALA F 134 28.77 32.00 -13.08
C ALA F 134 29.62 32.56 -14.21
N ALA F 135 30.86 32.09 -14.34
CA ALA F 135 31.75 32.57 -15.38
C ALA F 135 31.49 31.93 -16.75
N ARG F 136 30.63 30.92 -16.81
CA ARG F 136 30.34 30.24 -18.08
C ARG F 136 29.82 31.19 -19.14
N ASN F 137 28.67 31.84 -18.88
CA ASN F 137 28.00 32.63 -19.89
C ASN F 137 28.74 33.89 -20.27
N GLY F 138 29.78 34.27 -19.53
CA GLY F 138 30.60 35.39 -19.93
C GLY F 138 29.96 36.74 -19.63
N TRP F 139 30.55 37.78 -20.23
CA TRP F 139 30.11 39.14 -19.99
C TRP F 139 30.16 39.91 -21.30
N GLU F 140 29.59 41.12 -21.28
CA GLU F 140 29.66 42.04 -22.40
C GLU F 140 30.12 43.40 -21.92
N LEU F 141 30.63 44.19 -22.85
CA LEU F 141 31.22 45.49 -22.56
C LEU F 141 30.29 46.56 -23.10
N LYS F 142 30.00 47.57 -22.30
CA LYS F 142 29.11 48.63 -22.76
C LYS F 142 29.78 49.98 -22.90
N SER F 143 30.57 50.41 -21.91
CA SER F 143 31.19 51.73 -21.86
C SER F 143 30.14 52.83 -21.84
N ASP F 144 30.59 54.09 -21.86
CA ASP F 144 29.63 55.20 -21.93
C ASP F 144 28.89 55.21 -23.25
N GLY F 145 29.57 54.84 -24.34
CA GLY F 145 28.97 54.87 -25.66
C GLY F 145 28.08 53.68 -25.95
N ARG F 146 27.39 53.76 -27.09
CA ARG F 146 26.54 52.66 -27.55
C ARG F 146 27.36 51.42 -27.86
N LYS F 147 28.23 51.50 -28.86
CA LYS F 147 29.04 50.36 -29.28
C LYS F 147 30.51 50.77 -29.34
N LEU F 148 31.37 49.90 -28.85
CA LEU F 148 32.81 50.14 -28.97
C LEU F 148 33.24 49.99 -30.42
N SER F 149 34.28 50.74 -30.78
CA SER F 149 34.83 50.63 -32.13
C SER F 149 35.40 49.23 -32.35
N ASP F 150 35.29 48.76 -33.60
CA ASP F 150 35.59 47.36 -33.90
C ASP F 150 37.07 47.04 -33.66
N GLU F 151 37.97 47.96 -34.00
CA GLU F 151 39.38 47.74 -33.72
C GLU F 151 39.65 47.65 -32.22
N GLN F 152 38.98 48.51 -31.43
CA GLN F 152 39.12 48.44 -29.98
C GLN F 152 38.58 47.14 -29.43
N SER F 153 37.45 46.67 -29.96
CA SER F 153 36.88 45.40 -29.51
C SER F 153 37.80 44.23 -29.85
N ALA F 154 38.37 44.23 -31.05
CA ALA F 154 39.30 43.18 -31.44
C ALA F 154 40.56 43.19 -30.57
N LEU F 155 41.07 44.39 -30.28
CA LEU F 155 42.22 44.50 -29.39
C LEU F 155 41.89 44.00 -28.00
N ILE F 156 40.71 44.32 -27.49
CA ILE F 156 40.29 43.87 -26.17
C ILE F 156 40.18 42.35 -26.14
N ALA F 157 39.60 41.77 -27.19
CA ALA F 157 39.49 40.32 -27.26
C ALA F 157 40.86 39.65 -27.32
N ARG F 158 41.78 40.22 -28.10
CA ARG F 158 43.13 39.67 -28.18
C ARG F 158 43.84 39.73 -26.83
N ARG F 159 43.74 40.87 -26.15
CA ARG F 159 44.41 41.01 -24.85
C ARG F 159 43.79 40.09 -23.81
N ASP F 160 42.45 39.97 -23.81
CA ASP F 160 41.79 39.06 -22.87
C ASP F 160 42.20 37.62 -23.12
N MET F 161 42.30 37.22 -24.38
CA MET F 161 42.67 35.85 -24.69
C MET F 161 44.13 35.57 -24.37
N GLU F 162 45.01 36.55 -24.59
CA GLU F 162 46.41 36.39 -24.20
C GLU F 162 46.56 36.34 -22.69
N PHE F 163 45.71 37.07 -21.96
CA PHE F 163 45.78 37.06 -20.51
C PHE F 163 45.05 35.87 -19.89
N ARG F 164 44.24 35.16 -20.67
CA ARG F 164 43.46 34.00 -20.21
C ARG F 164 42.57 34.37 -19.04
N VAL F 165 41.72 35.38 -19.27
CA VAL F 165 40.91 35.95 -18.20
C VAL F 165 39.95 34.91 -17.63
N LYS F 166 39.29 34.16 -18.51
CA LYS F 166 38.25 33.21 -18.10
C LYS F 166 38.78 32.18 -17.12
N ASP F 167 39.87 31.51 -17.50
CA ASP F 167 40.50 30.52 -16.62
C ASP F 167 41.00 31.18 -15.34
N ASN F 168 41.44 32.44 -15.43
CA ASN F 168 41.92 33.15 -14.26
C ASN F 168 40.82 33.34 -13.21
N LEU F 169 39.65 33.83 -13.63
CA LEU F 169 38.58 34.10 -12.63
C LEU F 169 37.95 32.78 -12.17
N VAL F 170 37.95 31.74 -13.01
CA VAL F 170 37.46 30.43 -12.59
C VAL F 170 38.37 29.85 -11.52
N GLU F 171 39.69 29.86 -11.77
CA GLU F 171 40.65 29.38 -10.78
C GLU F 171 40.62 30.23 -9.51
N LEU F 172 40.40 31.53 -9.66
CA LEU F 172 40.29 32.42 -8.51
C LEU F 172 39.17 31.98 -7.59
N ASN F 173 37.97 31.80 -8.13
CA ASN F 173 36.85 31.36 -7.31
C ASN F 173 37.09 29.98 -6.73
N ARG F 174 37.63 29.07 -7.55
CA ARG F 174 37.83 27.69 -7.11
C ARG F 174 38.76 27.62 -5.91
N PHE F 175 39.95 28.22 -6.02
CA PHE F 175 40.88 28.15 -4.91
C PHE F 175 40.51 29.11 -3.77
N LYS F 176 39.69 30.13 -4.03
CA LYS F 176 39.12 30.91 -2.93
C LYS F 176 38.18 30.06 -2.10
N ASN F 177 37.44 29.16 -2.75
CA ASN F 177 36.64 28.21 -2.00
C ASN F 177 37.51 27.16 -1.31
N VAL F 178 38.58 26.72 -1.97
CA VAL F 178 39.46 25.68 -1.42
C VAL F 178 40.14 26.18 -0.14
N PHE F 179 40.93 27.24 -0.25
CA PHE F 179 41.57 27.85 0.90
C PHE F 179 40.61 28.85 1.55
N GLY F 180 41.12 29.60 2.53
CA GLY F 180 40.31 30.64 3.14
C GLY F 180 40.31 31.95 2.38
N VAL F 181 41.27 32.15 1.48
CA VAL F 181 41.45 33.44 0.82
C VAL F 181 42.28 33.21 -0.44
N ARG F 182 42.12 34.09 -1.43
CA ARG F 182 42.96 34.09 -2.61
C ARG F 182 43.42 35.50 -2.90
N ILE F 183 44.62 35.62 -3.44
CA ILE F 183 45.22 36.90 -3.78
C ILE F 183 45.49 36.92 -5.28
N ALA F 184 44.98 37.94 -5.94
CA ALA F 184 45.22 38.17 -7.36
C ALA F 184 46.07 39.42 -7.51
N LEU F 185 47.24 39.26 -8.12
CA LEU F 185 48.18 40.36 -8.31
C LEU F 185 48.28 40.67 -9.80
N PHE F 186 48.04 41.92 -10.14
CA PHE F 186 48.12 42.38 -11.53
C PHE F 186 49.56 42.82 -11.79
N VAL F 187 50.30 42.03 -12.56
CA VAL F 187 51.70 42.35 -12.80
C VAL F 187 51.80 43.49 -13.81
N VAL F 188 52.61 44.48 -13.49
CA VAL F 188 52.82 45.64 -14.34
C VAL F 188 54.22 46.17 -14.10
N GLU F 189 54.85 46.68 -15.15
CA GLU F 189 56.26 47.03 -15.12
C GLU F 189 56.45 48.52 -14.94
N SER F 190 57.36 48.90 -14.05
CA SER F 190 57.71 50.30 -13.84
C SER F 190 59.18 50.40 -13.49
N ASP F 191 59.74 51.59 -13.69
CA ASP F 191 61.18 51.79 -13.47
C ASP F 191 61.53 51.71 -11.99
N ASP F 192 60.66 52.18 -11.12
CA ASP F 192 60.96 52.25 -9.68
C ASP F 192 60.95 50.84 -9.10
N PRO F 193 62.06 50.39 -8.48
CA PRO F 193 62.05 49.06 -7.86
C PRO F 193 61.24 49.00 -6.57
N ASP F 194 60.89 50.15 -5.99
CA ASP F 194 59.97 50.22 -4.86
C ASP F 194 58.55 50.56 -5.32
N TYR F 195 58.18 50.11 -6.53
CA TYR F 195 56.88 50.46 -7.09
C TYR F 195 55.73 49.89 -6.27
N TYR F 196 55.86 48.64 -5.84
CA TYR F 196 54.80 48.00 -5.05
C TYR F 196 54.93 48.34 -3.57
N GLU F 197 55.11 49.61 -3.26
CA GLU F 197 55.18 50.12 -1.90
C GLU F 197 54.19 51.23 -1.66
N LYS F 198 54.03 52.13 -2.62
CA LYS F 198 53.08 53.22 -2.54
C LYS F 198 51.67 52.70 -2.77
N PRO F 199 50.64 53.40 -2.29
CA PRO F 199 49.28 53.03 -2.65
C PRO F 199 49.07 53.12 -4.14
N PHE F 200 48.27 52.18 -4.67
CA PHE F 200 48.07 52.08 -6.11
C PHE F 200 47.43 53.34 -6.67
N ASN F 201 47.99 53.83 -7.77
CA ASN F 201 47.51 55.06 -8.40
C ASN F 201 47.17 54.77 -9.85
N PRO F 202 45.98 55.16 -10.32
CA PRO F 202 45.64 54.93 -11.74
C PRO F 202 46.48 55.74 -12.71
N ASP F 203 47.20 56.76 -12.25
CA ASP F 203 48.04 57.56 -13.13
C ASP F 203 49.40 56.94 -13.38
N GLY F 204 49.89 56.09 -12.47
CA GLY F 204 51.18 55.46 -12.63
C GLY F 204 51.15 54.32 -13.61
N ILE F 205 51.08 54.64 -14.90
CA ILE F 205 50.80 53.64 -15.93
C ILE F 205 52.05 53.24 -16.70
N THR F 206 52.73 54.23 -17.31
CA THR F 206 53.78 54.01 -18.32
C THR F 206 53.22 53.10 -19.41
N PRO F 207 52.37 53.64 -20.33
CA PRO F 207 51.54 52.81 -21.24
C PRO F 207 52.24 51.64 -21.93
N GLY F 208 51.47 50.61 -22.22
CA GLY F 208 52.02 49.35 -22.70
C GLY F 208 52.82 48.60 -21.66
N SER F 209 52.34 48.59 -20.42
CA SER F 209 53.04 47.93 -19.32
C SER F 209 52.25 46.81 -18.66
N TYR F 210 50.96 46.70 -18.93
CA TYR F 210 50.10 45.69 -18.31
C TYR F 210 50.43 44.33 -18.93
N LYS F 211 51.19 43.50 -18.20
CA LYS F 211 51.67 42.24 -18.75
C LYS F 211 50.72 41.08 -18.48
N GLY F 212 49.87 41.18 -17.47
CA GLY F 212 48.94 40.11 -17.16
C GLY F 212 48.64 40.09 -15.67
N ILE F 213 48.02 38.99 -15.23
CA ILE F 213 47.70 38.80 -13.83
C ILE F 213 48.22 37.44 -13.38
N SER F 214 48.40 37.32 -12.07
CA SER F 214 48.80 36.07 -11.45
C SER F 214 47.97 35.87 -10.19
N GLN F 215 47.85 34.62 -9.78
CA GLN F 215 47.13 34.27 -8.56
C GLN F 215 48.09 33.54 -7.63
N ILE F 216 48.14 33.98 -6.37
CA ILE F 216 49.14 33.54 -5.41
C ILE F 216 48.42 32.80 -4.28
N ASP F 217 48.89 31.58 -3.99
CA ASP F 217 48.30 30.79 -2.94
C ASP F 217 48.60 31.41 -1.57
N PRO F 218 47.73 31.19 -0.58
CA PRO F 218 47.93 31.84 0.73
C PRO F 218 49.23 31.48 1.43
N TYR F 219 49.73 30.26 1.28
CA TYR F 219 50.96 29.92 2.00
C TYR F 219 52.19 30.58 1.40
N TRP F 220 52.09 31.13 0.19
CA TRP F 220 53.17 31.90 -0.41
C TRP F 220 53.14 33.37 -0.03
N ALA F 221 52.17 33.78 0.79
CA ALA F 221 52.02 35.18 1.14
C ALA F 221 51.98 35.33 2.66
N MET F 222 52.30 36.54 3.12
CA MET F 222 52.30 36.86 4.53
C MET F 222 51.71 38.26 4.73
N PRO F 223 50.50 38.37 5.27
CA PRO F 223 49.92 39.69 5.55
C PRO F 223 50.71 40.40 6.64
N GLN F 224 50.84 41.71 6.50
CA GLN F 224 51.47 42.56 7.50
C GLN F 224 50.52 43.69 7.86
N LEU F 225 50.32 43.92 9.15
CA LEU F 225 49.37 44.90 9.65
C LEU F 225 50.13 46.09 10.22
N THR F 226 49.74 47.29 9.79
CA THR F 226 50.34 48.50 10.32
C THR F 226 49.66 48.89 11.64
N ALA F 227 50.39 49.71 12.41
CA ALA F 227 49.86 50.18 13.68
C ALA F 227 48.62 51.04 13.48
N GLY F 228 48.56 51.81 12.39
CA GLY F 228 47.36 52.56 12.08
C GLY F 228 46.19 51.70 11.68
N SER F 229 46.46 50.51 11.14
CA SER F 229 45.41 49.56 10.78
C SER F 229 45.13 48.56 11.88
N THR F 230 45.79 48.68 13.03
CA THR F 230 45.54 47.78 14.15
C THR F 230 45.12 48.50 15.43
N ALA F 231 45.45 49.78 15.60
CA ALA F 231 45.19 50.46 16.87
C ALA F 231 43.74 50.89 17.00
N ASP F 232 43.08 51.27 15.91
CA ASP F 232 41.79 51.93 15.97
C ASP F 232 40.67 51.03 15.49
N PRO F 233 39.82 50.51 16.37
CA PRO F 233 38.61 49.79 15.91
C PRO F 233 37.69 50.65 15.07
N SER F 234 37.66 51.97 15.33
CA SER F 234 36.83 52.87 14.53
C SER F 234 37.32 53.00 13.09
N SER F 235 38.60 52.69 12.84
CA SER F 235 39.12 52.78 11.48
C SER F 235 38.48 51.73 10.59
N GLU F 236 38.17 52.14 9.35
CA GLU F 236 37.55 51.23 8.38
C GLU F 236 38.51 50.19 7.84
N HIS F 237 39.82 50.34 8.09
CA HIS F 237 40.82 49.36 7.70
C HIS F 237 41.28 48.51 8.87
N PHE F 238 40.55 48.50 9.99
CA PHE F 238 40.91 47.68 11.13
C PHE F 238 40.89 46.21 10.76
N TYR F 239 41.97 45.50 11.11
CA TYR F 239 42.17 44.09 10.79
C TYR F 239 42.04 43.81 9.30
N GLU F 240 42.48 44.78 8.50
CA GLU F 240 42.57 44.63 7.05
C GLU F 240 44.04 44.79 6.67
N PRO F 241 44.73 43.69 6.29
CA PRO F 241 46.16 43.78 5.94
C PRO F 241 46.49 44.85 4.92
N ASP F 242 47.29 45.83 5.34
CA ASP F 242 47.71 46.91 4.47
C ASP F 242 48.79 46.48 3.49
N PHE F 243 49.51 45.40 3.79
CA PHE F 243 50.57 44.90 2.93
C PHE F 243 50.54 43.38 2.92
N TRP F 244 51.18 42.81 1.90
CA TRP F 244 51.29 41.35 1.78
C TRP F 244 52.71 41.01 1.34
N ILE F 245 53.49 40.41 2.22
CA ILE F 245 54.83 39.94 1.86
C ILE F 245 54.64 38.63 1.10
N ILE F 246 55.02 38.62 -0.18
CA ILE F 246 54.80 37.46 -1.03
C ILE F 246 56.14 36.78 -1.31
N SER F 247 57.05 37.49 -1.96
CA SER F 247 58.42 37.01 -2.19
C SER F 247 59.37 38.12 -1.74
N GLY F 248 59.67 38.15 -0.45
CA GLY F 248 60.54 39.17 0.10
C GLY F 248 59.91 40.55 0.16
N LYS F 249 59.56 41.09 -1.01
CA LYS F 249 58.95 42.40 -1.10
C LYS F 249 57.49 42.35 -0.63
N LYS F 250 56.99 43.53 -0.23
CA LYS F 250 55.69 43.65 0.40
C LYS F 250 54.75 44.43 -0.52
N TYR F 251 53.78 43.73 -1.10
CA TYR F 251 52.83 44.38 -1.99
C TYR F 251 51.75 45.08 -1.19
N HIS F 252 51.37 46.27 -1.63
CA HIS F 252 50.34 47.04 -0.94
C HIS F 252 48.97 46.42 -1.20
N ARG F 253 48.03 46.72 -0.28
CA ARG F 253 46.68 46.18 -0.39
C ARG F 253 45.97 46.68 -1.65
N SER F 254 46.14 47.96 -1.99
CA SER F 254 45.45 48.53 -3.14
C SER F 254 45.97 47.98 -4.46
N HIS F 255 47.25 47.58 -4.51
CA HIS F 255 47.82 47.09 -5.75
C HIS F 255 47.22 45.76 -6.19
N LEU F 256 46.84 44.92 -5.22
CA LEU F 256 46.33 43.58 -5.50
C LEU F 256 44.86 43.46 -5.11
N VAL F 257 44.22 42.43 -5.64
CA VAL F 257 42.80 42.17 -5.40
C VAL F 257 42.68 40.91 -4.56
N VAL F 258 41.98 41.03 -3.43
CA VAL F 258 41.85 39.95 -2.47
C VAL F 258 40.39 39.51 -2.43
N VAL F 259 40.17 38.21 -2.60
CA VAL F 259 38.85 37.60 -2.44
C VAL F 259 38.93 36.61 -1.27
N ARG F 260 37.98 36.72 -0.35
CA ARG F 260 38.03 35.96 0.88
C ARG F 260 36.68 35.31 1.16
N GLY F 261 36.67 34.40 2.12
CA GLY F 261 35.50 33.63 2.45
C GLY F 261 34.48 34.40 3.28
N PRO F 262 33.81 33.69 4.19
CA PRO F 262 32.70 34.31 4.94
C PRO F 262 33.10 35.37 5.96
N GLN F 263 34.40 35.72 6.04
CA GLN F 263 34.89 36.83 6.88
C GLN F 263 34.56 36.63 8.35
N PRO F 264 35.31 35.80 9.06
CA PRO F 264 35.02 35.51 10.47
C PRO F 264 35.09 36.77 11.32
N PRO F 265 34.55 36.74 12.56
CA PRO F 265 34.57 37.94 13.40
C PRO F 265 35.99 38.36 13.78
N ASP F 266 36.07 39.54 14.40
CA ASP F 266 37.35 40.22 14.57
C ASP F 266 38.27 39.49 15.55
N ILE F 267 37.73 38.99 16.66
CA ILE F 267 38.57 38.43 17.72
C ILE F 267 39.32 37.19 17.24
N LEU F 268 38.77 36.46 16.28
CA LEU F 268 39.45 35.31 15.71
C LEU F 268 39.72 35.47 14.22
N LYS F 269 39.67 36.71 13.72
CA LYS F 269 40.16 36.98 12.36
C LYS F 269 41.65 36.70 12.19
N PRO F 270 42.55 37.10 13.11
CA PRO F 270 43.96 36.70 12.93
C PRO F 270 44.18 35.19 12.97
N THR F 271 43.31 34.43 13.64
CA THR F 271 43.45 32.98 13.65
C THR F 271 43.28 32.37 12.27
N TYR F 272 42.60 33.05 11.36
CA TYR F 272 42.46 32.61 9.97
C TYR F 272 43.48 33.30 9.06
N ILE F 273 44.51 33.93 9.64
CA ILE F 273 45.55 34.67 8.93
C ILE F 273 44.87 35.77 8.11
N PHE F 274 43.85 36.39 8.69
CA PHE F 274 43.11 37.50 8.08
C PHE F 274 42.55 37.12 6.71
N GLY F 275 42.06 35.89 6.60
CA GLY F 275 41.45 35.42 5.37
C GLY F 275 39.97 35.18 5.53
N GLY F 276 39.55 33.92 5.34
CA GLY F 276 38.16 33.56 5.52
C GLY F 276 38.05 32.12 5.96
N ILE F 277 36.82 31.71 6.23
CA ILE F 277 36.52 30.33 6.63
C ILE F 277 36.56 29.45 5.39
N PRO F 278 37.41 28.42 5.36
CA PRO F 278 37.56 27.62 4.13
C PRO F 278 36.50 26.53 4.01
N LEU F 279 36.00 26.37 2.78
CA LEU F 279 35.03 25.32 2.49
C LEU F 279 35.60 23.92 2.72
N THR F 280 36.93 23.78 2.69
CA THR F 280 37.53 22.50 3.08
C THR F 280 37.34 22.25 4.57
N GLN F 281 37.48 23.28 5.39
CA GLN F 281 37.15 23.14 6.80
C GLN F 281 35.67 22.90 7.00
N ARG F 282 34.83 23.45 6.12
CA ARG F 282 33.38 23.24 6.23
C ARG F 282 33.00 21.80 5.89
N ILE F 283 33.71 21.18 4.95
CA ILE F 283 33.28 19.81 4.53
C ILE F 283 34.37 18.73 4.54
N TYR F 284 35.39 18.76 5.42
CA TYR F 284 36.26 17.60 5.42
C TYR F 284 35.74 16.46 6.28
N GLU F 285 34.91 16.73 7.28
CA GLU F 285 34.35 15.63 8.07
C GLU F 285 33.06 15.09 7.46
N ARG F 286 32.20 15.97 6.96
CA ARG F 286 30.93 15.55 6.38
C ARG F 286 31.16 14.75 5.11
N VAL F 287 32.13 15.17 4.28
CA VAL F 287 32.46 14.43 3.07
C VAL F 287 33.00 13.04 3.43
N TYR F 288 33.85 12.96 4.46
CA TYR F 288 34.36 11.67 4.91
C TYR F 288 33.23 10.77 5.38
N ALA F 289 32.29 11.31 6.15
CA ALA F 289 31.17 10.52 6.65
C ALA F 289 30.31 10.01 5.49
N ALA F 290 30.02 10.88 4.53
CA ALA F 290 29.21 10.50 3.38
C ALA F 290 29.89 9.40 2.56
N GLU F 291 31.20 9.58 2.30
CA GLU F 291 31.93 8.60 1.52
C GLU F 291 32.03 7.27 2.24
N ARG F 292 32.34 7.29 3.54
CA ARG F 292 32.48 6.04 4.28
C ARG F 292 31.14 5.31 4.42
N THR F 293 30.04 6.06 4.52
CA THR F 293 28.74 5.41 4.58
C THR F 293 28.33 4.84 3.23
N ALA F 294 28.62 5.56 2.15
CA ALA F 294 28.43 5.02 0.80
C ALA F 294 29.39 3.88 0.50
N ASN F 295 30.41 3.72 1.34
CA ASN F 295 31.50 2.78 1.14
C ASN F 295 31.29 1.48 1.89
N GLU F 296 30.71 1.56 3.09
CA GLU F 296 30.57 0.38 3.93
C GLU F 296 29.56 -0.62 3.36
N ALA F 297 28.53 -0.13 2.67
CA ALA F 297 27.48 -1.01 2.17
C ALA F 297 27.99 -2.06 1.19
N PRO F 298 28.85 -1.75 0.20
CA PRO F 298 29.47 -2.85 -0.56
C PRO F 298 30.32 -3.77 0.31
N LEU F 299 31.14 -3.20 1.18
CA LEU F 299 32.05 -4.00 1.99
C LEU F 299 31.27 -4.89 2.95
N LEU F 300 30.19 -4.37 3.52
CA LEU F 300 29.34 -5.18 4.39
C LEU F 300 28.54 -6.20 3.58
N ALA F 301 28.17 -5.84 2.35
CA ALA F 301 27.45 -6.78 1.49
C ALA F 301 28.33 -7.95 1.05
N MET F 302 29.65 -7.73 1.02
CA MET F 302 30.56 -8.83 0.70
C MET F 302 30.44 -9.96 1.71
N SER F 303 30.51 -9.64 2.99
CA SER F 303 30.32 -10.63 4.05
C SER F 303 28.88 -10.62 4.56
N LYS F 304 27.95 -10.86 3.64
CA LYS F 304 26.54 -10.85 4.01
C LYS F 304 26.15 -12.16 4.71
N ARG F 305 26.30 -13.28 4.01
CA ARG F 305 25.95 -14.58 4.56
C ARG F 305 27.16 -15.22 5.24
N THR F 306 26.92 -15.83 6.39
CA THR F 306 27.99 -16.36 7.24
C THR F 306 27.64 -17.77 7.70
N SER F 307 27.34 -18.65 6.76
CA SER F 307 27.02 -20.04 7.09
C SER F 307 28.20 -20.71 7.79
N THR F 308 27.92 -21.35 8.93
CA THR F 308 28.92 -22.06 9.72
C THR F 308 28.40 -23.41 10.14
N ILE F 309 29.33 -24.34 10.36
CA ILE F 309 29.02 -25.75 10.59
C ILE F 309 29.63 -26.15 11.93
N HIS F 310 28.87 -26.88 12.74
CA HIS F 310 29.29 -27.27 14.09
C HIS F 310 29.74 -28.73 14.09
N VAL F 311 30.98 -28.95 13.66
CA VAL F 311 31.59 -30.28 13.60
C VAL F 311 32.46 -30.46 14.83
N ASP F 312 32.54 -31.70 15.34
CA ASP F 312 33.37 -32.00 16.50
C ASP F 312 34.82 -31.70 16.17
N VAL F 313 35.31 -30.58 16.70
CA VAL F 313 36.65 -30.13 16.37
C VAL F 313 37.70 -31.06 16.95
N GLU F 314 37.47 -31.56 18.17
CA GLU F 314 38.46 -32.45 18.80
C GLU F 314 38.63 -33.75 18.02
N LYS F 315 37.64 -34.15 17.23
CA LYS F 315 37.80 -35.29 16.34
C LYS F 315 38.39 -34.89 15.00
N ALA F 316 38.02 -33.71 14.48
CA ALA F 316 38.64 -33.20 13.26
C ALA F 316 40.13 -32.92 13.44
N ILE F 317 40.56 -32.73 14.69
CA ILE F 317 41.97 -32.48 15.01
C ILE F 317 42.85 -33.61 14.50
N ALA F 318 42.40 -34.86 14.68
CA ALA F 318 43.25 -36.01 14.41
C ALA F 318 43.67 -36.07 12.95
N ASN F 319 42.74 -35.86 12.03
CA ASN F 319 43.09 -35.88 10.60
C ASN F 319 43.42 -34.47 10.13
N GLU F 320 42.43 -33.58 10.12
CA GLU F 320 42.54 -32.15 9.84
C GLU F 320 43.16 -31.85 8.46
N ASP F 321 43.47 -32.87 7.66
CA ASP F 321 43.88 -32.69 6.27
C ASP F 321 42.87 -33.30 5.31
N ALA F 322 42.40 -34.52 5.58
CA ALA F 322 41.26 -35.05 4.85
C ALA F 322 40.03 -34.19 5.10
N PHE F 323 39.85 -33.74 6.34
CA PHE F 323 38.69 -32.92 6.69
C PHE F 323 38.67 -31.60 5.93
N ASN F 324 39.78 -30.84 5.98
CA ASN F 324 39.77 -29.55 5.31
C ASN F 324 39.87 -29.71 3.80
N ALA F 325 40.44 -30.81 3.31
CA ALA F 325 40.37 -31.10 1.87
C ALA F 325 38.93 -31.33 1.42
N ARG F 326 38.16 -32.10 2.20
CA ARG F 326 36.77 -32.34 1.88
C ARG F 326 35.95 -31.05 1.92
N LEU F 327 36.18 -30.23 2.94
CA LEU F 327 35.42 -28.99 3.04
C LEU F 327 35.84 -27.98 1.96
N ALA F 328 37.11 -27.98 1.57
CA ALA F 328 37.54 -27.15 0.45
C ALA F 328 36.87 -27.60 -0.84
N PHE F 329 36.73 -28.91 -1.03
CA PHE F 329 36.00 -29.42 -2.19
C PHE F 329 34.53 -28.97 -2.16
N TRP F 330 33.91 -29.02 -0.98
CA TRP F 330 32.52 -28.56 -0.85
C TRP F 330 32.39 -27.09 -1.20
N ILE F 331 33.29 -26.25 -0.69
CA ILE F 331 33.23 -24.82 -0.96
C ILE F 331 33.49 -24.54 -2.44
N ALA F 332 34.40 -25.30 -3.04
CA ALA F 332 34.70 -25.12 -4.47
C ALA F 332 33.51 -25.52 -5.33
N ASN F 333 32.78 -26.57 -4.96
CA ASN F 333 31.67 -27.06 -5.77
C ASN F 333 30.31 -26.69 -5.19
N ARG F 334 30.24 -25.66 -4.35
CA ARG F 334 28.96 -25.24 -3.76
C ARG F 334 27.96 -24.85 -4.83
N ASP F 335 26.72 -25.32 -4.67
CA ASP F 335 25.66 -25.12 -5.64
C ASP F 335 24.35 -25.32 -4.89
N ASN F 336 23.25 -24.84 -5.48
CA ASN F 336 21.93 -24.99 -4.90
C ASN F 336 21.20 -26.26 -5.35
N HIS F 337 21.95 -27.29 -5.76
CA HIS F 337 21.35 -28.59 -6.07
C HIS F 337 22.06 -29.69 -5.30
N GLY F 338 23.35 -29.49 -5.04
CA GLY F 338 24.09 -30.47 -4.25
C GLY F 338 23.63 -30.48 -2.81
N VAL F 339 23.82 -31.63 -2.17
CA VAL F 339 23.42 -31.80 -0.78
C VAL F 339 24.68 -32.15 0.03
N LYS F 340 24.76 -31.59 1.22
CA LYS F 340 25.91 -31.79 2.11
C LYS F 340 25.48 -32.75 3.22
N VAL F 341 26.10 -33.92 3.23
CA VAL F 341 25.89 -34.88 4.31
C VAL F 341 26.73 -34.46 5.50
N LEU F 342 26.12 -34.43 6.68
CA LEU F 342 26.86 -34.13 7.91
C LEU F 342 26.21 -34.89 9.04
N GLY F 343 27.04 -35.46 9.91
CA GLY F 343 26.58 -36.37 10.93
C GLY F 343 25.68 -35.77 11.99
N THR F 344 25.19 -36.61 12.90
CA THR F 344 24.43 -36.13 14.03
C THR F 344 25.37 -35.36 14.97
N ASP F 345 24.75 -34.61 15.89
CA ASP F 345 25.43 -33.62 16.74
C ASP F 345 26.15 -32.57 15.90
N GLU F 346 25.56 -32.23 14.75
CA GLU F 346 26.05 -31.17 13.88
C GLU F 346 24.86 -30.32 13.46
N SER F 347 24.99 -28.99 13.54
CA SER F 347 23.87 -28.10 13.29
C SER F 347 23.96 -27.35 11.98
N MET F 348 25.10 -26.69 11.72
CA MET F 348 25.35 -25.92 10.50
C MET F 348 24.32 -24.81 10.32
N GLU F 349 24.42 -23.80 11.18
CA GLU F 349 23.49 -22.68 11.07
C GLU F 349 24.01 -21.66 10.05
N GLN F 350 23.18 -20.66 9.78
CA GLN F 350 23.50 -19.64 8.78
C GLN F 350 22.90 -18.31 9.21
N PHE F 351 23.69 -17.26 9.11
CA PHE F 351 23.27 -15.91 9.45
C PHE F 351 23.42 -15.00 8.23
N ASP F 352 22.54 -14.00 8.14
CA ASP F 352 22.60 -13.03 7.06
C ASP F 352 22.28 -11.64 7.60
N THR F 353 22.85 -10.63 6.96
CA THR F 353 22.74 -9.25 7.41
C THR F 353 21.72 -8.50 6.56
N ASN F 354 21.07 -7.52 7.17
CA ASN F 354 20.08 -6.68 6.50
C ASN F 354 20.71 -5.35 6.14
N LEU F 355 20.63 -4.99 4.85
CA LEU F 355 21.32 -3.82 4.32
C LEU F 355 20.37 -2.83 3.66
N ALA F 356 19.05 -2.98 3.86
CA ALA F 356 18.09 -2.11 3.20
C ALA F 356 18.11 -0.69 3.74
N ASP F 357 18.62 -0.48 4.95
CA ASP F 357 18.60 0.83 5.58
C ASP F 357 19.88 1.64 5.36
N PHE F 358 20.84 1.12 4.59
CA PHE F 358 22.06 1.87 4.35
C PHE F 358 21.85 3.00 3.34
N ASP F 359 20.96 2.78 2.36
CA ASP F 359 20.76 3.75 1.30
C ASP F 359 20.24 5.08 1.83
N SER F 360 19.31 5.03 2.79
CA SER F 360 18.77 6.25 3.37
C SER F 360 19.86 7.07 4.03
N ILE F 361 20.75 6.42 4.77
CA ILE F 361 21.84 7.12 5.43
C ILE F 361 22.79 7.72 4.40
N ILE F 362 23.11 6.96 3.35
CA ILE F 362 24.05 7.42 2.33
C ILE F 362 23.52 8.69 1.66
N MET F 363 22.27 8.65 1.20
CA MET F 363 21.74 9.80 0.48
C MET F 363 21.20 10.88 1.40
N ASN F 364 21.18 10.66 2.72
CA ASN F 364 21.05 11.78 3.64
C ASN F 364 22.38 12.51 3.79
N GLN F 365 23.49 11.76 3.87
CA GLN F 365 24.78 12.41 4.06
C GLN F 365 25.22 13.15 2.79
N TYR F 366 24.93 12.59 1.62
CA TYR F 366 25.25 13.33 0.38
C TYR F 366 24.41 14.60 0.25
N GLN F 367 23.15 14.55 0.69
CA GLN F 367 22.34 15.76 0.72
C GLN F 367 22.92 16.79 1.68
N LEU F 368 23.47 16.33 2.80
CA LEU F 368 24.14 17.26 3.72
C LEU F 368 25.38 17.88 3.08
N VAL F 369 26.14 17.08 2.32
CA VAL F 369 27.30 17.62 1.60
C VAL F 369 26.88 18.71 0.63
N ALA F 370 25.79 18.46 -0.10
CA ALA F 370 25.25 19.48 -0.99
C ALA F 370 24.82 20.73 -0.23
N ALA F 371 24.24 20.54 0.97
CA ALA F 371 23.85 21.66 1.81
C ALA F 371 25.06 22.50 2.20
N ILE F 372 26.18 21.85 2.52
CA ILE F 372 27.41 22.59 2.81
C ILE F 372 27.84 23.36 1.57
N ALA F 373 27.86 22.68 0.43
CA ALA F 373 28.39 23.27 -0.80
C ALA F 373 27.52 24.39 -1.36
N LYS F 374 26.28 24.55 -0.85
CA LYS F 374 25.31 25.52 -1.36
C LYS F 374 24.97 25.27 -2.82
N THR F 375 25.19 24.04 -3.28
CA THR F 375 25.04 23.57 -4.63
C THR F 375 24.03 22.44 -4.64
N PRO F 376 23.14 22.38 -5.64
CA PRO F 376 22.13 21.31 -5.66
C PRO F 376 22.75 19.93 -5.77
N ALA F 377 22.08 18.96 -5.15
CA ALA F 377 22.50 17.57 -5.26
C ALA F 377 22.40 17.07 -6.70
N THR F 378 21.54 17.70 -7.51
CA THR F 378 21.54 17.41 -8.94
C THR F 378 22.86 17.79 -9.58
N LYS F 379 23.45 18.91 -9.17
CA LYS F 379 24.74 19.30 -9.71
C LYS F 379 25.87 18.45 -9.15
N LEU F 380 25.88 18.21 -7.84
CA LEU F 380 26.99 17.47 -7.25
C LEU F 380 26.87 15.97 -7.50
N LEU F 381 25.83 15.35 -6.94
CA LEU F 381 25.62 13.91 -7.03
C LEU F 381 25.14 13.47 -8.41
N GLY F 382 24.80 14.41 -9.30
CA GLY F 382 24.32 14.08 -10.61
C GLY F 382 22.83 13.90 -10.71
N THR F 383 22.14 13.73 -9.58
CA THR F 383 20.69 13.62 -9.53
C THR F 383 20.26 13.91 -8.11
N SER F 384 18.95 14.06 -7.93
CA SER F 384 18.40 14.18 -6.59
C SER F 384 18.63 12.88 -5.82
N PRO F 385 18.89 12.95 -4.52
CA PRO F 385 19.13 11.73 -3.74
C PRO F 385 17.85 10.94 -3.53
N LYS F 386 18.02 9.78 -2.90
CA LYS F 386 16.92 8.84 -2.70
C LYS F 386 15.80 9.44 -1.87
N GLY F 387 14.57 9.27 -2.35
CA GLY F 387 13.39 9.62 -1.60
C GLY F 387 13.03 11.10 -1.60
N PHE F 388 14.03 11.95 -1.78
CA PHE F 388 13.80 13.39 -1.74
C PHE F 388 12.94 13.85 -2.91
N ASN F 389 12.20 14.94 -2.67
CA ASN F 389 11.37 15.51 -3.71
C ASN F 389 12.21 15.96 -4.90
N ALA F 390 11.66 15.80 -6.10
CA ALA F 390 12.39 16.12 -7.31
C ALA F 390 12.72 17.60 -7.34
N THR F 391 13.95 17.90 -7.77
CA THR F 391 14.43 19.28 -7.77
C THR F 391 13.60 20.15 -8.71
N GLY F 392 13.30 21.36 -8.25
CA GLY F 392 12.33 22.18 -8.97
C GLY F 392 12.76 23.62 -9.16
N GLU F 393 11.77 24.46 -9.48
CA GLU F 393 12.03 25.86 -9.76
C GLU F 393 12.61 26.60 -8.56
N HIS F 394 12.23 26.18 -7.35
CA HIS F 394 12.74 26.82 -6.14
C HIS F 394 14.24 26.62 -6.02
N GLU F 395 14.72 25.38 -6.16
CA GLU F 395 16.16 25.13 -6.12
C GLU F 395 16.85 25.75 -7.32
N THR F 396 16.19 25.74 -8.48
CA THR F 396 16.79 26.32 -9.68
C THR F 396 17.03 27.81 -9.52
N ILE F 397 16.08 28.54 -8.94
CA ILE F 397 16.31 29.96 -8.71
C ILE F 397 17.25 30.17 -7.53
N SER F 398 17.24 29.26 -6.55
CA SER F 398 18.13 29.40 -5.41
C SER F 398 19.59 29.23 -5.80
N TYR F 399 19.87 28.45 -6.83
CA TYR F 399 21.24 28.26 -7.28
C TYR F 399 21.60 29.16 -8.45
N HIS F 400 20.82 29.11 -9.53
CA HIS F 400 21.16 29.85 -10.75
C HIS F 400 21.10 31.35 -10.54
N GLU F 401 20.13 31.83 -9.77
CA GLU F 401 19.98 33.28 -9.61
C GLU F 401 20.73 33.84 -8.41
N GLU F 402 20.89 33.07 -7.33
CA GLU F 402 21.47 33.62 -6.12
C GLU F 402 22.99 33.42 -6.04
N LEU F 403 23.43 32.16 -6.02
CA LEU F 403 24.84 31.88 -5.79
C LEU F 403 25.69 32.35 -6.94
N GLU F 404 25.19 32.24 -8.18
CA GLU F 404 25.93 32.74 -9.32
C GLU F 404 26.06 34.26 -9.26
N SER F 405 25.04 34.95 -8.76
CA SER F 405 25.15 36.39 -8.55
C SER F 405 26.20 36.73 -7.50
N ILE F 406 26.28 35.92 -6.43
CA ILE F 406 27.31 36.11 -5.42
C ILE F 406 28.71 35.94 -6.03
N GLN F 407 28.89 34.87 -6.81
CA GLN F 407 30.16 34.66 -7.49
C GLN F 407 30.46 35.78 -8.48
N GLU F 408 29.44 36.34 -9.12
CA GLU F 408 29.67 37.42 -10.08
C GLU F 408 30.09 38.71 -9.38
N HIS F 409 29.50 39.01 -8.21
CA HIS F 409 29.95 40.20 -7.51
C HIS F 409 31.30 39.99 -6.85
N ILE F 410 31.68 38.73 -6.61
CA ILE F 410 33.06 38.42 -6.23
C ILE F 410 34.00 38.66 -7.41
N PHE F 411 33.58 38.26 -8.61
CA PHE F 411 34.39 38.45 -9.81
C PHE F 411 34.54 39.91 -10.17
N ASP F 412 33.54 40.74 -9.87
CA ASP F 412 33.50 42.12 -10.33
C ASP F 412 34.72 42.96 -9.97
N PRO F 413 35.31 42.90 -8.75
CA PRO F 413 36.57 43.61 -8.54
C PRO F 413 37.67 43.20 -9.50
N LEU F 414 37.78 41.90 -9.81
CA LEU F 414 38.83 41.42 -10.70
C LEU F 414 38.68 42.01 -12.09
N LEU F 415 37.48 41.91 -12.67
CA LEU F 415 37.26 42.44 -14.02
C LEU F 415 37.36 43.96 -14.03
N GLU F 416 36.89 44.62 -12.97
CA GLU F 416 36.99 46.08 -12.89
C GLU F 416 38.44 46.54 -12.91
N ARG F 417 39.29 45.94 -12.07
CA ARG F 417 40.70 46.32 -12.08
C ARG F 417 41.39 45.89 -13.37
N HIS F 418 41.01 44.74 -13.94
CA HIS F 418 41.62 44.29 -15.18
C HIS F 418 41.33 45.26 -16.31
N TYR F 419 40.08 45.75 -16.41
CA TYR F 419 39.77 46.72 -17.46
C TYR F 419 40.34 48.10 -17.15
N LEU F 420 40.43 48.47 -15.87
CA LEU F 420 41.09 49.73 -15.50
C LEU F 420 42.54 49.73 -15.92
N LEU F 421 43.22 48.59 -15.77
CA LEU F 421 44.63 48.50 -16.13
C LEU F 421 44.85 47.99 -17.55
N LEU F 422 43.78 47.71 -18.30
CA LEU F 422 43.90 47.40 -19.71
C LEU F 422 43.56 48.62 -20.58
N ALA F 423 42.34 49.13 -20.44
CA ALA F 423 41.90 50.25 -21.27
C ALA F 423 42.75 51.48 -21.03
N LYS F 424 42.80 51.94 -19.78
CA LYS F 424 43.53 53.17 -19.46
C LYS F 424 45.02 53.01 -19.73
N SER F 425 45.57 51.81 -19.53
CA SER F 425 46.98 51.58 -19.85
C SER F 425 47.24 51.68 -21.35
N GLU F 426 46.34 51.15 -22.18
CA GLU F 426 46.50 51.33 -23.61
C GLU F 426 45.89 52.66 -24.06
N GLU F 427 46.03 52.94 -25.35
CA GLU F 427 45.53 54.20 -25.90
C GLU F 427 44.03 54.07 -26.15
N ILE F 428 43.23 54.70 -25.28
CA ILE F 428 41.78 54.71 -25.38
C ILE F 428 41.29 56.14 -25.19
N ASP F 429 39.98 56.33 -25.32
CA ASP F 429 39.36 57.64 -25.14
C ASP F 429 38.25 57.58 -24.10
N VAL F 430 37.59 56.43 -23.98
CA VAL F 430 36.41 56.29 -23.14
C VAL F 430 36.60 55.09 -22.20
N GLN F 431 36.15 55.25 -20.95
CA GLN F 431 36.26 54.19 -19.95
C GLN F 431 35.34 53.03 -20.31
N LEU F 432 35.37 51.99 -19.48
CA LEU F 432 34.72 50.72 -19.78
C LEU F 432 33.84 50.29 -18.61
N GLU F 433 32.77 49.55 -18.92
CA GLU F 433 31.94 48.99 -17.87
C GLU F 433 31.43 47.64 -18.34
N ILE F 434 31.25 46.73 -17.37
CA ILE F 434 30.96 45.33 -17.61
C ILE F 434 29.50 45.06 -17.30
N VAL F 435 28.83 44.31 -18.16
CA VAL F 435 27.48 43.82 -17.92
C VAL F 435 27.51 42.29 -17.97
N TRP F 436 26.74 41.67 -17.09
CA TRP F 436 26.77 40.22 -16.90
C TRP F 436 25.64 39.58 -17.70
N ASN F 437 25.99 38.54 -18.47
CA ASN F 437 24.97 37.79 -19.19
C ASN F 437 24.11 36.99 -18.20
N PRO F 438 22.85 36.74 -18.55
CA PRO F 438 22.02 35.87 -17.71
C PRO F 438 22.61 34.47 -17.64
N VAL F 439 22.51 33.86 -16.47
CA VAL F 439 23.00 32.50 -16.26
C VAL F 439 21.80 31.62 -15.93
N ASP F 440 21.24 31.02 -16.98
CA ASP F 440 20.11 30.10 -16.84
C ASP F 440 20.43 28.81 -17.58
N SER F 441 21.19 28.94 -18.68
CA SER F 441 21.61 27.82 -19.51
C SER F 441 20.43 26.99 -19.97
N THR F 442 19.34 27.67 -20.31
CA THR F 442 18.10 26.98 -20.64
C THR F 442 18.19 26.34 -22.02
N SER F 443 17.32 25.37 -22.27
CA SER F 443 17.37 24.56 -23.48
C SER F 443 17.03 25.41 -24.71
N SER F 444 17.20 24.80 -25.89
CA SER F 444 16.98 25.49 -27.15
C SER F 444 15.52 25.86 -27.34
N GLN F 445 14.59 24.96 -26.99
CA GLN F 445 13.17 25.26 -27.10
C GLN F 445 12.75 26.39 -26.17
N GLN F 446 13.25 26.36 -24.94
CA GLN F 446 12.95 27.43 -24.01
C GLN F 446 13.54 28.76 -24.48
N GLN F 447 14.73 28.70 -25.07
CA GLN F 447 15.35 29.91 -25.63
C GLN F 447 14.53 30.44 -26.80
N ALA F 448 14.02 29.56 -27.67
CA ALA F 448 13.19 29.99 -28.79
C ALA F 448 11.88 30.60 -28.31
N GLU F 449 11.27 30.01 -27.28
CA GLU F 449 10.05 30.59 -26.71
C GLU F 449 10.33 31.95 -26.07
N LEU F 450 11.49 32.07 -25.40
CA LEU F 450 11.92 33.34 -24.83
C LEU F 450 12.06 34.40 -25.92
N ASN F 451 12.73 34.04 -27.03
CA ASN F 451 12.91 34.96 -28.15
C ASN F 451 11.57 35.35 -28.76
N ASN F 452 10.65 34.39 -28.91
CA ASN F 452 9.36 34.69 -29.50
C ASN F 452 8.56 35.62 -28.61
N LYS F 453 8.59 35.41 -27.29
CA LYS F 453 7.85 36.29 -26.39
C LYS F 453 8.46 37.69 -26.39
N LYS F 454 9.79 37.78 -26.41
CA LYS F 454 10.44 39.09 -26.49
C LYS F 454 10.11 39.79 -27.81
N ALA F 455 10.03 39.03 -28.89
CA ALA F 455 9.64 39.60 -30.18
C ALA F 455 8.20 40.10 -30.15
N ALA F 456 7.32 39.38 -29.46
CA ALA F 456 5.95 39.85 -29.29
C ALA F 456 5.91 41.16 -28.50
N THR F 457 6.72 41.26 -27.44
CA THR F 457 6.82 42.51 -26.70
C THR F 457 7.32 43.65 -27.58
N ASP F 458 8.35 43.36 -28.39
CA ASP F 458 8.90 44.36 -29.30
C ASP F 458 7.85 44.83 -30.29
N GLU F 459 7.10 43.90 -30.88
CA GLU F 459 6.06 44.26 -31.84
C GLU F 459 4.97 45.09 -31.19
N ILE F 460 4.55 44.71 -29.98
CA ILE F 460 3.51 45.48 -29.28
C ILE F 460 3.99 46.89 -28.99
N TYR F 461 5.22 47.04 -28.49
CA TYR F 461 5.73 48.36 -28.17
C TYR F 461 5.91 49.22 -29.41
N ILE F 462 6.42 48.65 -30.50
CA ILE F 462 6.61 49.42 -31.73
C ILE F 462 5.26 49.84 -32.30
N ASN F 463 4.29 48.92 -32.32
CA ASN F 463 2.97 49.24 -32.87
C ASN F 463 2.29 50.32 -32.03
N SER F 464 2.41 50.24 -30.70
CA SER F 464 1.87 51.28 -29.84
C SER F 464 2.68 52.56 -29.89
N GLY F 465 3.87 52.53 -30.49
CA GLY F 465 4.66 53.75 -30.61
C GLY F 465 5.45 54.09 -29.38
N VAL F 466 6.05 53.09 -28.74
CA VAL F 466 6.85 53.31 -27.54
C VAL F 466 8.31 53.35 -27.94
N VAL F 467 8.80 52.26 -28.52
CA VAL F 467 10.19 52.13 -28.92
C VAL F 467 10.25 52.00 -30.45
N SER F 468 11.29 52.59 -31.03
CA SER F 468 11.55 52.45 -32.44
C SER F 468 12.15 51.08 -32.72
N PRO F 469 12.05 50.57 -33.96
CA PRO F 469 12.74 49.32 -34.30
C PRO F 469 14.25 49.40 -34.18
N ASP F 470 14.83 50.60 -34.12
CA ASP F 470 16.28 50.72 -33.95
C ASP F 470 16.73 50.18 -32.60
N GLU F 471 15.97 50.45 -31.54
CA GLU F 471 16.31 49.89 -30.23
C GLU F 471 16.22 48.37 -30.24
N VAL F 472 15.22 47.81 -30.93
CA VAL F 472 15.12 46.36 -31.04
C VAL F 472 16.30 45.79 -31.81
N ARG F 473 16.71 46.48 -32.88
CA ARG F 473 17.89 46.08 -33.65
C ARG F 473 19.13 46.07 -32.76
N GLU F 474 19.32 47.13 -31.99
CA GLU F 474 20.50 47.22 -31.12
C GLU F 474 20.44 46.18 -30.00
N ARG F 475 19.25 45.89 -29.47
CA ARG F 475 19.11 44.85 -28.46
C ARG F 475 19.50 43.49 -29.02
N LEU F 476 19.00 43.17 -30.22
CA LEU F 476 19.37 41.91 -30.86
C LEU F 476 20.86 41.83 -31.14
N ARG F 477 21.45 42.93 -31.60
CA ARG F 477 22.89 42.94 -31.87
C ARG F 477 23.70 42.74 -30.59
N ASP F 478 23.43 43.54 -29.57
CA ASP F 478 24.07 43.39 -28.26
C ASP F 478 23.23 42.54 -27.31
N ASP F 479 22.78 41.38 -27.79
CA ASP F 479 22.16 40.38 -26.92
C ASP F 479 22.53 39.01 -27.48
N PRO F 480 23.46 38.30 -26.85
CA PRO F 480 23.75 36.92 -27.27
C PRO F 480 22.59 36.00 -26.96
N ARG F 481 22.63 34.82 -27.59
CA ARG F 481 21.57 33.80 -27.49
C ARG F 481 20.22 34.31 -27.97
N SER F 482 20.20 35.36 -28.77
CA SER F 482 18.97 35.92 -29.32
C SER F 482 18.75 35.53 -30.77
N GLY F 483 19.57 34.67 -31.33
CA GLY F 483 19.43 34.24 -32.71
C GLY F 483 20.16 35.10 -33.72
N TYR F 484 20.01 36.42 -33.62
CA TYR F 484 20.63 37.36 -34.54
C TYR F 484 21.73 38.10 -33.78
N ASN F 485 22.99 37.76 -34.07
CA ASN F 485 24.12 38.50 -33.53
C ASN F 485 25.13 38.86 -34.61
N ARG F 486 24.75 38.78 -35.88
CA ARG F 486 25.65 39.00 -37.01
C ARG F 486 24.98 39.80 -38.11
N LEU F 487 23.99 40.63 -37.75
CA LEU F 487 22.95 41.07 -38.67
C LEU F 487 23.50 41.87 -39.85
N THR F 488 23.92 43.10 -39.58
CA THR F 488 24.34 44.13 -40.56
C THR F 488 24.96 45.26 -39.77
N ASP F 489 25.39 46.30 -40.50
CA ASP F 489 25.74 47.58 -39.91
C ASP F 489 24.72 48.67 -40.22
N ASP F 490 23.60 48.33 -40.84
CA ASP F 490 22.61 49.31 -41.26
C ASP F 490 21.84 49.84 -40.06
N GLN F 491 20.91 50.76 -40.33
CA GLN F 491 20.10 51.38 -39.29
C GLN F 491 18.62 51.22 -39.63
N ALA F 492 17.80 51.19 -38.59
CA ALA F 492 16.36 51.09 -38.74
C ALA F 492 15.78 52.50 -38.89
N GLU F 493 14.46 52.63 -38.69
CA GLU F 493 13.79 53.91 -38.89
C GLU F 493 14.30 54.97 -37.93
N THR F 494 14.51 54.60 -36.66
CA THR F 494 14.93 55.43 -35.53
C THR F 494 13.89 56.48 -35.15
N GLU F 495 12.79 56.58 -35.87
CA GLU F 495 11.70 57.47 -35.53
C GLU F 495 10.85 56.83 -34.44
N PRO F 496 10.25 57.65 -33.54
CA PRO F 496 9.79 57.10 -32.25
C PRO F 496 8.62 56.14 -32.38
N GLY F 497 8.92 54.90 -32.79
CA GLY F 497 7.94 53.83 -32.87
C GLY F 497 7.07 53.92 -34.11
N MET F 498 7.70 54.01 -35.28
CA MET F 498 6.92 54.18 -36.51
C MET F 498 6.60 52.85 -37.18
N SER F 499 7.62 52.11 -37.63
CA SER F 499 7.50 50.84 -38.37
C SER F 499 6.85 51.06 -39.75
N PRO F 500 7.04 50.16 -40.72
CA PRO F 500 6.42 50.38 -42.04
C PRO F 500 4.90 50.51 -42.02
N GLU F 501 4.22 49.77 -41.14
CA GLU F 501 2.76 49.80 -41.12
C GLU F 501 2.24 51.19 -40.75
N ASN F 502 2.71 51.73 -39.63
CA ASN F 502 2.25 53.07 -39.24
C ASN F 502 2.92 54.15 -40.07
N LEU F 503 4.06 53.87 -40.71
CA LEU F 503 4.61 54.81 -41.69
C LEU F 503 3.63 55.01 -42.85
N ALA F 504 3.19 53.90 -43.45
CA ALA F 504 2.21 53.98 -44.54
C ALA F 504 0.91 54.57 -44.05
N GLU F 505 0.47 54.20 -42.84
CA GLU F 505 -0.76 54.75 -42.29
C GLU F 505 -0.66 56.26 -42.08
N PHE F 506 0.47 56.74 -41.58
CA PHE F 506 0.67 58.17 -41.35
C PHE F 506 0.70 58.93 -42.66
N GLU F 507 1.41 58.42 -43.67
CA GLU F 507 1.45 59.10 -44.97
C GLU F 507 0.07 59.14 -45.60
N LYS F 508 -0.65 58.01 -45.57
CA LYS F 508 -1.99 57.96 -46.13
C LYS F 508 -2.94 58.89 -45.39
N ALA F 509 -2.86 58.91 -44.05
CA ALA F 509 -3.74 59.76 -43.26
C ALA F 509 -3.45 61.24 -43.50
N GLY F 510 -2.17 61.61 -43.60
CA GLY F 510 -1.85 63.00 -43.91
C GLY F 510 -2.33 63.43 -45.28
N ALA F 511 -2.16 62.57 -46.28
CA ALA F 511 -2.64 62.90 -47.62
C ALA F 511 -4.16 63.00 -47.69
N GLN F 512 -4.87 62.07 -47.05
CA GLN F 512 -6.32 62.15 -47.01
C GLN F 512 -6.80 63.35 -46.21
N SER F 513 -6.05 63.74 -45.17
CA SER F 513 -6.39 64.95 -44.44
C SER F 513 -6.22 66.18 -45.33
N ALA F 514 -5.17 66.22 -46.15
CA ALA F 514 -5.00 67.30 -47.10
C ALA F 514 -6.17 67.36 -48.07
N LYS F 515 -6.57 66.20 -48.61
CA LYS F 515 -7.72 66.13 -49.50
C LYS F 515 -8.98 66.66 -48.83
N ALA F 516 -9.24 66.21 -47.61
CA ALA F 516 -10.48 66.57 -46.93
C ALA F 516 -10.50 68.04 -46.56
N LYS F 517 -9.37 68.58 -46.08
CA LYS F 517 -9.31 70.01 -45.77
C LYS F 517 -9.47 70.85 -47.03
N GLY F 518 -8.89 70.41 -48.15
CA GLY F 518 -9.07 71.13 -49.40
C GLY F 518 -10.52 71.13 -49.87
N GLU F 519 -11.17 69.97 -49.82
CA GLU F 519 -12.57 69.90 -50.23
C GLU F 519 -13.47 70.68 -49.28
N ALA F 520 -13.13 70.72 -47.99
CA ALA F 520 -13.87 71.55 -47.05
C ALA F 520 -13.72 73.03 -47.38
N GLU F 521 -12.50 73.47 -47.70
CA GLU F 521 -12.30 74.87 -48.09
C GLU F 521 -13.04 75.20 -49.38
N ARG F 522 -13.07 74.25 -50.32
CA ARG F 522 -13.87 74.42 -51.52
C ARG F 522 -15.35 74.56 -51.19
N ALA F 523 -15.84 73.78 -50.21
CA ALA F 523 -17.22 73.89 -49.78
C ALA F 523 -17.51 75.25 -49.16
N GLU F 524 -16.59 75.75 -48.34
CA GLU F 524 -16.73 77.11 -47.79
C GLU F 524 -16.80 78.15 -48.90
N ALA F 525 -15.93 78.02 -49.90
CA ALA F 525 -15.91 78.99 -50.99
C ALA F 525 -17.20 78.94 -51.81
N GLN F 526 -17.69 77.74 -52.10
CA GLN F 526 -18.85 77.59 -52.97
C GLN F 526 -20.16 77.91 -52.25
N ALA F 527 -20.24 77.69 -50.94
CA ALA F 527 -21.49 77.93 -50.21
C ALA F 527 -21.83 79.42 -50.15
N GLY F 528 -20.84 80.29 -50.20
CA GLY F 528 -21.07 81.72 -50.14
C GLY F 528 -21.76 82.29 -51.37
N VAL G 94 0.13 31.11 38.89
CA VAL G 94 1.53 31.50 38.86
C VAL G 94 2.30 30.53 37.97
N VAL G 95 3.39 31.00 37.37
CA VAL G 95 4.26 30.12 36.58
C VAL G 95 4.92 29.12 37.52
N PRO G 96 5.03 27.84 37.15
CA PRO G 96 5.73 26.89 38.01
C PRO G 96 7.23 27.15 38.03
N THR G 97 7.87 26.65 39.08
CA THR G 97 9.31 26.84 39.23
C THR G 97 10.09 26.17 38.11
N MET G 98 9.65 24.98 37.68
CA MET G 98 10.39 24.23 36.65
C MET G 98 10.29 24.90 35.29
N LEU G 99 9.08 25.31 34.90
CA LEU G 99 8.92 26.06 33.65
C LEU G 99 9.63 27.40 33.73
N GLN G 100 9.59 28.03 34.90
CA GLN G 100 10.18 29.36 35.05
C GLN G 100 11.69 29.32 34.89
N ASP G 101 12.36 28.35 35.53
CA ASP G 101 13.81 28.30 35.37
C ASP G 101 14.23 27.50 34.13
N TRP G 102 13.29 26.87 33.42
CA TRP G 102 13.59 26.41 32.08
C TRP G 102 13.61 27.57 31.10
N TYR G 103 12.69 28.53 31.27
CA TYR G 103 12.65 29.69 30.39
C TYR G 103 13.75 30.70 30.74
N ASN G 104 14.06 30.84 32.04
CA ASN G 104 15.06 31.80 32.47
C ASN G 104 16.47 31.40 32.04
N SER G 105 16.69 30.10 31.78
CA SER G 105 18.04 29.64 31.44
C SER G 105 18.47 30.07 30.04
N GLN G 106 17.52 30.48 29.18
CA GLN G 106 17.89 31.03 27.87
C GLN G 106 18.38 32.48 28.04
N GLY G 107 19.53 32.59 28.70
CA GLY G 107 20.16 33.88 28.93
C GLY G 107 21.06 34.29 27.78
N PHE G 108 21.70 35.44 27.96
CA PHE G 108 22.62 35.97 26.95
C PHE G 108 23.96 35.24 27.06
N ILE G 109 24.32 34.51 26.01
CA ILE G 109 25.52 33.68 26.06
C ILE G 109 26.79 34.53 26.11
N GLY G 110 26.81 35.64 25.38
CA GLY G 110 27.99 36.49 25.37
C GLY G 110 28.58 36.68 23.99
N TYR G 111 29.26 37.81 23.77
CA TYR G 111 29.80 38.11 22.44
C TYR G 111 30.91 37.15 22.05
N GLN G 112 31.76 36.76 23.01
CA GLN G 112 32.80 35.79 22.74
C GLN G 112 32.21 34.44 22.32
N ALA G 113 31.16 34.01 23.03
CA ALA G 113 30.49 32.76 22.67
C ALA G 113 29.83 32.86 21.30
N CYS G 114 29.21 34.00 21.00
CA CYS G 114 28.60 34.18 19.68
C CYS G 114 29.63 34.11 18.57
N ALA G 115 30.77 34.78 18.75
CA ALA G 115 31.82 34.77 17.75
C ALA G 115 32.40 33.37 17.57
N ILE G 116 32.58 32.63 18.67
CA ILE G 116 33.13 31.28 18.59
C ILE G 116 32.16 30.35 17.88
N ILE G 117 30.86 30.44 18.20
CA ILE G 117 29.87 29.57 17.59
C ILE G 117 29.65 29.92 16.12
N SER G 118 29.86 31.19 15.75
CA SER G 118 29.61 31.63 14.38
C SER G 118 30.49 30.94 13.34
N GLN G 119 31.57 30.29 13.77
CA GLN G 119 32.41 29.55 12.82
C GLN G 119 31.66 28.38 12.18
N HIS G 120 30.64 27.84 12.85
CA HIS G 120 29.92 26.69 12.32
C HIS G 120 29.15 27.07 11.06
N TRP G 121 28.94 26.07 10.20
CA TRP G 121 28.40 26.32 8.88
C TRP G 121 26.91 26.66 8.91
N LEU G 122 26.15 25.99 9.77
CA LEU G 122 24.70 26.21 9.81
C LEU G 122 24.37 27.61 10.29
N VAL G 123 24.98 28.04 11.39
CA VAL G 123 24.71 29.37 11.91
C VAL G 123 25.23 30.45 10.97
N ASP G 124 26.38 30.20 10.32
CA ASP G 124 26.91 31.15 9.36
C ASP G 124 25.97 31.32 8.18
N LYS G 125 25.46 30.20 7.65
CA LYS G 125 24.54 30.27 6.53
C LYS G 125 23.22 30.94 6.92
N ALA G 126 22.72 30.64 8.12
CA ALA G 126 21.49 31.25 8.60
C ALA G 126 21.63 32.75 8.76
N CYS G 127 22.76 33.21 9.31
CA CYS G 127 22.98 34.65 9.42
C CYS G 127 23.37 35.29 8.10
N SER G 128 23.83 34.51 7.12
CA SER G 128 24.32 35.08 5.87
C SER G 128 23.21 35.24 4.83
N MET G 129 22.54 34.16 4.45
CA MET G 129 21.59 34.25 3.34
C MET G 129 20.20 34.68 3.78
N SER G 130 20.15 35.76 4.56
CA SER G 130 18.89 36.39 4.92
C SER G 130 18.77 37.81 4.36
N GLY G 131 19.75 38.67 4.63
CA GLY G 131 19.75 40.01 4.09
C GLY G 131 20.57 40.11 2.82
N GLU G 132 21.44 39.12 2.59
CA GLU G 132 22.22 39.08 1.37
C GLU G 132 21.32 38.93 0.14
N ASP G 133 20.30 38.07 0.24
CA ASP G 133 19.36 37.92 -0.86
C ASP G 133 18.53 39.18 -1.07
N ALA G 134 18.19 39.87 0.03
CA ALA G 134 17.47 41.14 -0.08
C ALA G 134 18.33 42.20 -0.76
N ALA G 135 19.63 42.20 -0.47
CA ALA G 135 20.55 43.16 -1.04
C ALA G 135 21.00 42.82 -2.46
N ARG G 136 20.74 41.59 -2.91
CA ARG G 136 21.18 41.16 -4.22
C ARG G 136 20.66 42.04 -5.34
N ASN G 137 19.35 42.27 -5.38
CA ASN G 137 18.74 42.97 -6.51
C ASN G 137 19.08 44.45 -6.56
N GLY G 138 19.64 45.01 -5.49
CA GLY G 138 20.07 46.39 -5.51
C GLY G 138 18.92 47.37 -5.35
N TRP G 139 19.23 48.63 -5.63
CA TRP G 139 18.27 49.71 -5.48
C TRP G 139 18.43 50.70 -6.64
N GLU G 140 17.47 51.61 -6.76
CA GLU G 140 17.54 52.68 -7.73
C GLU G 140 17.29 54.01 -7.04
N LEU G 141 17.76 55.08 -7.68
CA LEU G 141 17.73 56.42 -7.11
C LEU G 141 16.75 57.24 -7.92
N LYS G 142 15.87 57.97 -7.25
CA LYS G 142 14.87 58.73 -7.99
C LYS G 142 14.98 60.24 -7.78
N SER G 143 15.13 60.69 -6.53
CA SER G 143 15.16 62.11 -6.16
C SER G 143 13.84 62.79 -6.50
N ASP G 144 13.76 64.10 -6.25
CA ASP G 144 12.56 64.85 -6.61
C ASP G 144 12.39 64.92 -8.13
N GLY G 145 13.50 65.06 -8.85
CA GLY G 145 13.43 65.18 -10.30
C GLY G 145 13.15 63.86 -11.00
N ARG G 146 12.91 63.98 -12.31
CA ARG G 146 12.66 62.81 -13.14
C ARG G 146 13.89 61.89 -13.18
N LYS G 147 14.99 62.37 -13.73
CA LYS G 147 16.22 61.60 -13.86
C LYS G 147 17.38 62.45 -13.36
N LEU G 148 18.25 61.83 -12.57
CA LEU G 148 19.47 62.50 -12.16
C LEU G 148 20.37 62.74 -13.36
N SER G 149 21.08 63.87 -13.35
CA SER G 149 22.00 64.18 -14.43
C SER G 149 23.10 63.14 -14.50
N ASP G 150 23.56 62.84 -15.73
CA ASP G 150 24.42 61.68 -15.96
C ASP G 150 25.76 61.82 -15.26
N GLU G 151 26.31 63.04 -15.20
CA GLU G 151 27.54 63.24 -14.44
C GLU G 151 27.34 62.96 -12.96
N GLN G 152 26.21 63.40 -12.41
CA GLN G 152 25.89 63.11 -11.02
C GLN G 152 25.73 61.61 -10.77
N SER G 153 25.08 60.92 -11.70
CA SER G 153 24.90 59.48 -11.57
C SER G 153 26.23 58.74 -11.64
N ALA G 154 27.12 59.17 -12.55
CA ALA G 154 28.44 58.56 -12.64
C ALA G 154 29.25 58.82 -11.37
N LEU G 155 29.16 60.04 -10.83
CA LEU G 155 29.84 60.35 -9.58
C LEU G 155 29.30 59.49 -8.43
N ILE G 156 27.99 59.32 -8.38
CA ILE G 156 27.37 58.49 -7.34
C ILE G 156 27.83 57.05 -7.47
N ALA G 157 27.88 56.53 -8.70
CA ALA G 157 28.36 55.16 -8.92
C ALA G 157 29.81 54.99 -8.50
N ARG G 158 30.66 55.97 -8.85
CA ARG G 158 32.06 55.91 -8.45
C ARG G 158 32.21 55.92 -6.93
N ARG G 159 31.47 56.80 -6.26
CA ARG G 159 31.57 56.89 -4.81
C ARG G 159 31.04 55.62 -4.14
N ASP G 160 29.95 55.05 -4.67
CA ASP G 160 29.41 53.82 -4.12
C ASP G 160 30.39 52.66 -4.30
N MET G 161 31.05 52.59 -5.46
CA MET G 161 32.06 51.56 -5.68
C MET G 161 33.26 51.74 -4.76
N GLU G 162 33.69 52.98 -4.55
CA GLU G 162 34.81 53.22 -3.65
C GLU G 162 34.45 52.96 -2.20
N PHE G 163 33.18 53.14 -1.83
CA PHE G 163 32.75 52.89 -0.47
C PHE G 163 32.29 51.46 -0.22
N ARG G 164 32.14 50.66 -1.28
CA ARG G 164 31.68 49.27 -1.21
C ARG G 164 30.42 49.12 -0.35
N VAL G 165 29.39 49.87 -0.75
CA VAL G 165 28.17 49.98 0.06
C VAL G 165 27.46 48.64 0.18
N LYS G 166 27.37 47.90 -0.93
CA LYS G 166 26.69 46.61 -0.93
C LYS G 166 27.34 45.64 0.05
N ASP G 167 28.67 45.52 -0.01
CA ASP G 167 29.38 44.63 0.89
C ASP G 167 29.22 45.05 2.35
N ASN G 168 29.29 46.36 2.61
CA ASN G 168 29.15 46.85 3.98
C ASN G 168 27.77 46.54 4.55
N LEU G 169 26.72 46.73 3.74
CA LEU G 169 25.35 46.51 4.28
C LEU G 169 25.10 45.00 4.42
N VAL G 170 25.64 44.19 3.51
CA VAL G 170 25.52 42.73 3.64
C VAL G 170 26.19 42.27 4.92
N GLU G 171 27.42 42.74 5.17
CA GLU G 171 28.13 42.40 6.40
C GLU G 171 27.39 42.93 7.62
N LEU G 172 26.77 44.11 7.49
CA LEU G 172 25.97 44.69 8.56
C LEU G 172 24.85 43.76 8.97
N ASN G 173 24.06 43.31 8.01
CA ASN G 173 22.97 42.38 8.32
C ASN G 173 23.50 41.06 8.87
N ARG G 174 24.58 40.55 8.27
CA ARG G 174 25.12 39.26 8.67
C ARG G 174 25.58 39.28 10.12
N PHE G 175 26.40 40.24 10.50
CA PHE G 175 26.88 40.28 11.87
C PHE G 175 25.83 40.84 12.84
N LYS G 176 24.83 41.57 12.35
CA LYS G 176 23.68 41.89 13.19
C LYS G 176 22.93 40.62 13.58
N ASN G 177 22.82 39.67 12.65
CA ASN G 177 22.25 38.37 13.00
C ASN G 177 23.18 37.57 13.90
N VAL G 178 24.50 37.65 13.66
CA VAL G 178 25.46 36.89 14.45
C VAL G 178 25.45 37.33 15.90
N PHE G 179 25.76 38.60 16.15
CA PHE G 179 25.71 39.17 17.49
C PHE G 179 24.29 39.65 17.76
N GLY G 180 24.12 40.42 18.84
CA GLY G 180 22.82 41.01 19.11
C GLY G 180 22.61 42.36 18.45
N VAL G 181 23.69 43.06 18.13
CA VAL G 181 23.59 44.45 17.67
C VAL G 181 24.83 44.74 16.83
N ARG G 182 24.66 45.60 15.82
CA ARG G 182 25.78 46.09 15.04
C ARG G 182 25.74 47.62 15.02
N ILE G 183 26.92 48.22 14.99
CA ILE G 183 27.07 49.67 14.99
C ILE G 183 27.81 50.06 13.71
N ALA G 184 27.22 50.95 12.94
CA ALA G 184 27.81 51.48 11.72
C ALA G 184 28.11 52.96 11.93
N LEU G 185 29.39 53.32 11.79
CA LEU G 185 29.85 54.69 12.02
C LEU G 185 30.31 55.27 10.70
N PHE G 186 29.75 56.41 10.33
CA PHE G 186 30.09 57.11 9.09
C PHE G 186 31.26 58.03 9.38
N VAL G 187 32.45 57.67 8.89
CA VAL G 187 33.64 58.45 9.18
C VAL G 187 33.63 59.73 8.35
N VAL G 188 33.91 60.85 9.00
CA VAL G 188 33.92 62.15 8.35
C VAL G 188 34.88 63.05 9.13
N GLU G 189 35.58 63.93 8.42
CA GLU G 189 36.67 64.69 8.99
C GLU G 189 36.21 66.11 9.32
N SER G 190 36.65 66.61 10.47
CA SER G 190 36.33 67.97 10.90
C SER G 190 37.49 68.49 11.74
N ASP G 191 37.57 69.82 11.83
CA ASP G 191 38.68 70.45 12.56
C ASP G 191 38.56 70.23 14.06
N ASP G 192 37.34 70.20 14.58
CA ASP G 192 37.11 70.10 16.01
C ASP G 192 37.46 68.68 16.48
N PRO G 193 38.40 68.52 17.43
CA PRO G 193 38.70 67.17 17.93
C PRO G 193 37.61 66.61 18.82
N ASP G 194 36.67 67.42 19.30
CA ASP G 194 35.49 66.95 19.99
C ASP G 194 34.28 66.90 19.06
N TYR G 195 34.51 66.59 17.78
CA TYR G 195 33.42 66.59 16.80
C TYR G 195 32.38 65.53 17.12
N TYR G 196 32.83 64.33 17.49
CA TYR G 196 31.91 63.24 17.81
C TYR G 196 31.45 63.32 19.26
N GLU G 197 31.04 64.51 19.70
CA GLU G 197 30.49 64.74 21.03
C GLU G 197 29.14 65.42 20.97
N LYS G 198 28.97 66.39 20.08
CA LYS G 198 27.71 67.08 19.89
C LYS G 198 26.74 66.18 19.13
N PRO G 199 25.43 66.43 19.26
CA PRO G 199 24.47 65.69 18.43
C PRO G 199 24.71 65.97 16.96
N PHE G 200 24.48 64.95 16.13
CA PHE G 200 24.74 65.05 14.71
C PHE G 200 23.88 66.13 14.06
N ASN G 201 24.52 66.95 13.23
CA ASN G 201 23.85 68.06 12.56
C ASN G 201 24.11 67.94 11.06
N PRO G 202 23.07 68.04 10.22
CA PRO G 202 23.29 67.96 8.77
C PRO G 202 24.08 69.13 8.21
N ASP G 203 24.24 70.22 8.95
CA ASP G 203 24.95 71.39 8.46
C ASP G 203 26.46 71.31 8.68
N GLY G 204 26.89 70.56 9.69
CA GLY G 204 28.30 70.46 10.01
C GLY G 204 29.06 69.54 9.08
N ILE G 205 29.28 69.99 7.84
CA ILE G 205 29.78 69.11 6.79
C ILE G 205 31.25 69.35 6.50
N THR G 206 31.64 70.60 6.20
CA THR G 206 32.92 70.93 5.58
C THR G 206 33.10 70.11 4.30
N PRO G 207 32.49 70.55 3.19
CA PRO G 207 32.31 69.69 2.00
C PRO G 207 33.57 68.97 1.53
N GLY G 208 33.36 67.82 0.90
CA GLY G 208 34.43 66.92 0.53
C GLY G 208 35.09 66.23 1.71
N SER G 209 34.30 65.82 2.70
CA SER G 209 34.83 65.22 3.91
C SER G 209 34.33 63.81 4.18
N TYR G 210 33.34 63.34 3.43
CA TYR G 210 32.77 62.00 3.64
C TYR G 210 33.76 60.97 3.10
N LYS G 211 34.47 60.29 4.01
CA LYS G 211 35.52 59.36 3.60
C LYS G 211 35.04 57.92 3.49
N GLY G 212 33.95 57.55 4.12
CA GLY G 212 33.43 56.21 4.04
C GLY G 212 32.73 55.83 5.32
N ILE G 213 32.49 54.53 5.48
CA ILE G 213 31.82 53.99 6.66
C ILE G 213 32.64 52.85 7.22
N SER G 214 32.43 52.58 8.50
CA SER G 214 33.05 51.46 9.19
C SER G 214 31.99 50.78 10.05
N GLN G 215 32.24 49.52 10.36
CA GLN G 215 31.34 48.74 11.21
C GLN G 215 32.12 48.24 12.42
N ILE G 216 31.62 48.53 13.61
CA ILE G 216 32.30 48.24 14.86
C ILE G 216 31.60 47.06 15.52
N ASP G 217 32.37 46.04 15.86
CA ASP G 217 31.83 44.89 16.55
C ASP G 217 31.42 45.26 17.97
N PRO G 218 30.44 44.55 18.55
CA PRO G 218 29.95 44.95 19.89
C PRO G 218 30.99 44.92 21.00
N TYR G 219 31.95 44.00 20.94
CA TYR G 219 32.92 43.95 22.04
C TYR G 219 33.92 45.10 21.95
N TRP G 220 34.05 45.75 20.80
CA TRP G 220 34.90 46.92 20.67
C TRP G 220 34.20 48.21 21.10
N ALA G 221 32.92 48.14 21.45
CA ALA G 221 32.16 49.32 21.84
C ALA G 221 31.70 49.21 23.29
N MET G 222 31.16 50.31 23.79
CA MET G 222 30.64 50.38 25.15
C MET G 222 29.53 51.42 25.22
N PRO G 223 28.27 51.00 25.35
CA PRO G 223 27.18 51.97 25.46
C PRO G 223 27.27 52.78 26.74
N GLN G 224 26.87 54.04 26.66
CA GLN G 224 26.90 54.95 27.80
C GLN G 224 25.54 55.63 27.90
N LEU G 225 24.93 55.56 29.08
CA LEU G 225 23.58 56.08 29.30
C LEU G 225 23.65 57.31 30.19
N THR G 226 22.98 58.37 29.76
CA THR G 226 22.88 59.57 30.57
C THR G 226 21.73 59.47 31.56
N ALA G 227 21.79 60.32 32.59
CA ALA G 227 20.74 60.37 33.60
C ALA G 227 19.40 60.75 32.99
N GLY G 228 19.40 61.63 31.99
CA GLY G 228 18.17 61.95 31.29
C GLY G 228 17.64 60.81 30.44
N SER G 229 18.51 59.90 30.00
CA SER G 229 18.11 58.73 29.24
C SER G 229 17.87 57.51 30.12
N THR G 230 18.02 57.65 31.44
CA THR G 230 17.76 56.55 32.36
C THR G 230 16.72 56.85 33.43
N ALA G 231 16.48 58.12 33.77
CA ALA G 231 15.61 58.43 34.91
C ALA G 231 14.13 58.33 34.55
N ASP G 232 13.75 58.68 33.33
CA ASP G 232 12.35 58.86 32.97
C ASP G 232 11.86 57.73 32.06
N PRO G 233 11.03 56.81 32.57
CA PRO G 233 10.40 55.83 31.66
C PRO G 233 9.55 56.47 30.57
N SER G 234 8.94 57.62 30.86
CA SER G 234 8.14 58.32 29.88
C SER G 234 8.97 58.88 28.72
N SER G 235 10.27 59.04 28.91
CA SER G 235 11.13 59.55 27.85
C SER G 235 11.19 58.56 26.68
N GLU G 236 11.15 59.10 25.47
CA GLU G 236 11.20 58.27 24.27
C GLU G 236 12.59 57.69 24.02
N HIS G 237 13.61 58.21 24.70
CA HIS G 237 14.96 57.66 24.63
C HIS G 237 15.31 56.82 25.85
N PHE G 238 14.32 56.38 26.61
CA PHE G 238 14.57 55.55 27.79
C PHE G 238 15.22 54.22 27.38
N TYR G 239 16.29 53.87 28.09
CA TYR G 239 17.09 52.67 27.81
C TYR G 239 17.56 52.64 26.37
N GLU G 240 17.93 53.81 25.85
CA GLU G 240 18.54 53.95 24.53
C GLU G 240 19.89 54.63 24.73
N PRO G 241 21.00 53.91 24.56
CA PRO G 241 22.34 54.50 24.75
C PRO G 241 22.58 55.79 23.99
N ASP G 242 22.82 56.87 24.72
CA ASP G 242 23.07 58.16 24.09
C ASP G 242 24.48 58.25 23.51
N PHE G 243 25.42 57.49 24.07
CA PHE G 243 26.80 57.52 23.60
C PHE G 243 27.33 56.10 23.52
N TRP G 244 28.36 55.92 22.69
CA TRP G 244 29.02 54.63 22.52
C TRP G 244 30.53 54.86 22.54
N ILE G 245 31.18 54.42 23.62
CA ILE G 245 32.63 54.51 23.71
C ILE G 245 33.20 53.37 22.85
N ILE G 246 33.92 53.73 21.78
CA ILE G 246 34.48 52.73 20.88
C ILE G 246 35.98 52.59 21.16
N SER G 247 36.73 53.68 20.94
CA SER G 247 38.15 53.73 21.25
C SER G 247 38.39 54.99 22.06
N GLY G 248 38.19 54.89 23.37
CA GLY G 248 38.37 56.03 24.25
C GLY G 248 37.28 57.06 24.12
N LYS G 249 37.17 57.68 22.94
CA LYS G 249 36.18 58.71 22.69
C LYS G 249 34.78 58.11 22.60
N LYS G 250 33.79 58.95 22.89
CA LYS G 250 32.40 58.53 23.00
C LYS G 250 31.59 59.13 21.85
N TYR G 251 31.25 58.29 20.87
CA TYR G 251 30.46 58.74 19.73
C TYR G 251 29.00 58.89 20.14
N HIS G 252 28.36 59.93 19.62
CA HIS G 252 26.96 60.17 19.96
C HIS G 252 26.06 59.20 19.20
N ARG G 253 24.86 58.99 19.76
CA ARG G 253 23.91 58.07 19.15
C ARG G 253 23.48 58.52 17.76
N SER G 254 23.24 59.82 17.59
CA SER G 254 22.76 60.32 16.30
C SER G 254 23.83 60.24 15.21
N HIS G 255 25.11 60.26 15.60
CA HIS G 255 26.19 60.24 14.61
C HIS G 255 26.24 58.91 13.87
N LEU G 256 25.94 57.82 14.56
CA LEU G 256 26.09 56.48 14.03
C LEU G 256 24.74 55.80 13.88
N VAL G 257 24.69 54.78 13.03
CA VAL G 257 23.49 54.02 12.76
C VAL G 257 23.60 52.68 13.45
N VAL G 258 22.62 52.35 14.28
CA VAL G 258 22.60 51.13 15.07
C VAL G 258 21.48 50.24 14.59
N VAL G 259 21.82 49.00 14.23
CA VAL G 259 20.85 47.97 13.89
C VAL G 259 20.93 46.88 14.96
N ARG G 260 19.80 46.56 15.55
CA ARG G 260 19.74 45.64 16.67
C ARG G 260 18.74 44.53 16.39
N GLY G 261 18.78 43.50 17.24
CA GLY G 261 17.95 42.33 17.06
C GLY G 261 16.50 42.55 17.46
N PRO G 262 15.89 41.51 18.04
CA PRO G 262 14.45 41.57 18.36
C PRO G 262 14.07 42.50 19.50
N GLN G 263 15.02 43.27 20.05
CA GLN G 263 14.74 44.28 21.07
C GLN G 263 14.08 43.71 22.33
N PRO G 264 14.84 43.07 23.20
CA PRO G 264 14.28 42.45 24.41
C PRO G 264 13.57 43.47 25.29
N PRO G 265 12.72 43.03 26.22
CA PRO G 265 12.01 43.96 27.10
C PRO G 265 12.96 44.76 27.99
N ASP G 266 12.38 45.76 28.66
CA ASP G 266 13.17 46.79 29.32
C ASP G 266 13.92 46.24 30.53
N ILE G 267 13.29 45.39 31.34
CA ILE G 267 13.90 44.96 32.60
C ILE G 267 15.17 44.16 32.36
N LEU G 268 15.26 43.46 31.23
CA LEU G 268 16.47 42.72 30.89
C LEU G 268 17.11 43.24 29.61
N LYS G 269 16.78 44.46 29.19
CA LYS G 269 17.55 45.11 28.13
C LYS G 269 19.01 45.36 28.52
N PRO G 270 19.35 45.85 29.72
CA PRO G 270 20.79 45.96 30.06
C PRO G 270 21.53 44.63 30.08
N THR G 271 20.84 43.52 30.33
CA THR G 271 21.48 42.21 30.31
C THR G 271 22.01 41.85 28.92
N TYR G 272 21.47 42.45 27.87
CA TYR G 272 21.96 42.25 26.51
C TYR G 272 22.88 43.38 26.06
N ILE G 273 23.35 44.21 27.00
CA ILE G 273 24.21 45.37 26.76
C ILE G 273 23.46 46.31 25.82
N PHE G 274 22.14 46.42 26.02
CA PHE G 274 21.26 47.30 25.26
C PHE G 274 21.34 47.02 23.76
N GLY G 275 21.44 45.74 23.41
CA GLY G 275 21.49 45.33 22.03
C GLY G 275 20.24 44.60 21.59
N GLY G 276 20.41 43.36 21.14
CA GLY G 276 19.29 42.53 20.73
C GLY G 276 19.57 41.08 21.07
N ILE G 277 18.57 40.24 20.84
CA ILE G 277 18.70 38.81 21.09
C ILE G 277 19.45 38.18 19.92
N PRO G 278 20.58 37.51 20.16
CA PRO G 278 21.39 37.01 19.05
C PRO G 278 20.85 35.71 18.46
N LEU G 279 20.88 35.63 17.13
CA LEU G 279 20.47 34.40 16.45
C LEU G 279 21.43 33.26 16.74
N THR G 280 22.67 33.55 17.15
CA THR G 280 23.56 32.50 17.64
C THR G 280 23.02 31.90 18.94
N GLN G 281 22.51 32.75 19.83
CA GLN G 281 21.87 32.23 21.04
C GLN G 281 20.59 31.49 20.70
N ARG G 282 19.89 31.90 19.64
CA ARG G 282 18.66 31.19 19.25
C ARG G 282 18.97 29.82 18.66
N ILE G 283 20.13 29.69 17.98
CA ILE G 283 20.37 28.36 17.33
C ILE G 283 21.72 27.72 17.66
N TYR G 284 22.30 27.86 18.87
CA TYR G 284 23.48 27.05 19.12
C TYR G 284 23.17 25.68 19.71
N GLU G 285 21.96 25.45 20.20
CA GLU G 285 21.60 24.12 20.70
C GLU G 285 20.86 23.28 19.65
N ARG G 286 19.93 23.90 18.92
CA ARG G 286 19.23 23.20 17.84
C ARG G 286 20.19 22.74 16.76
N VAL G 287 21.14 23.60 16.39
CA VAL G 287 22.14 23.25 15.38
C VAL G 287 22.99 22.08 15.85
N TYR G 288 23.40 22.10 17.12
CA TYR G 288 24.18 20.99 17.68
C TYR G 288 23.38 19.70 17.65
N ALA G 289 22.10 19.76 18.03
CA ALA G 289 21.28 18.55 18.01
C ALA G 289 21.13 17.99 16.61
N ALA G 290 20.88 18.86 15.64
CA ALA G 290 20.75 18.42 14.25
C ALA G 290 22.04 17.79 13.74
N GLU G 291 23.18 18.43 14.02
CA GLU G 291 24.45 17.91 13.53
C GLU G 291 24.83 16.61 14.22
N ARG G 292 24.54 16.48 15.52
CA ARG G 292 24.88 15.25 16.21
C ARG G 292 24.00 14.09 15.77
N THR G 293 22.72 14.35 15.51
CA THR G 293 21.85 13.32 14.95
C THR G 293 22.31 12.92 13.55
N ALA G 294 22.72 13.89 12.75
CA ALA G 294 23.28 13.57 11.44
C ALA G 294 24.58 12.77 11.57
N ASN G 295 25.32 12.99 12.65
CA ASN G 295 26.56 12.27 12.88
C ASN G 295 26.32 10.83 13.29
N GLU G 296 25.28 10.60 14.11
CA GLU G 296 25.12 9.31 14.76
C GLU G 296 24.86 8.19 13.76
N ALA G 297 24.06 8.45 12.73
CA ALA G 297 23.67 7.36 11.82
C ALA G 297 24.85 6.76 11.06
N PRO G 298 25.78 7.52 10.47
CA PRO G 298 26.98 6.87 9.90
C PRO G 298 27.83 6.16 10.94
N LEU G 299 28.05 6.81 12.08
CA LEU G 299 28.93 6.27 13.11
C LEU G 299 28.38 4.96 13.67
N LEU G 300 27.07 4.89 13.90
CA LEU G 300 26.47 3.66 14.38
C LEU G 300 26.35 2.63 13.25
N ALA G 301 26.17 3.09 12.02
CA ALA G 301 26.14 2.17 10.88
C ALA G 301 27.48 1.48 10.70
N MET G 302 28.57 2.13 11.10
CA MET G 302 29.86 1.45 11.14
C MET G 302 29.83 0.26 12.10
N SER G 303 29.31 0.46 13.31
CA SER G 303 29.14 -0.63 14.26
C SER G 303 27.71 -1.17 14.25
N LYS G 304 27.18 -1.42 13.04
CA LYS G 304 25.86 -2.01 12.91
C LYS G 304 25.85 -3.48 13.28
N ARG G 305 26.66 -4.29 12.61
CA ARG G 305 26.68 -5.74 12.86
C ARG G 305 27.73 -6.09 13.90
N THR G 306 27.37 -6.97 14.83
CA THR G 306 28.21 -7.29 15.99
C THR G 306 28.25 -8.80 16.24
N SER G 307 28.59 -9.57 15.21
CA SER G 307 28.68 -11.02 15.35
C SER G 307 29.73 -11.42 16.39
N THR G 308 29.33 -12.28 17.33
CA THR G 308 30.21 -12.79 18.38
C THR G 308 30.16 -14.30 18.44
N ILE G 309 31.24 -14.88 18.95
CA ILE G 309 31.45 -16.32 18.95
C ILE G 309 31.74 -16.77 20.38
N HIS G 310 31.14 -17.88 20.78
CA HIS G 310 31.22 -18.40 22.14
C HIS G 310 32.17 -19.61 22.16
N VAL G 311 33.46 -19.33 22.35
CA VAL G 311 34.49 -20.34 22.43
C VAL G 311 34.89 -20.49 23.89
N ASP G 312 35.25 -21.73 24.29
CA ASP G 312 35.68 -21.96 25.66
C ASP G 312 36.96 -21.18 25.94
N VAL G 313 36.81 -20.09 26.69
CA VAL G 313 37.90 -19.14 26.84
C VAL G 313 39.02 -19.71 27.71
N GLU G 314 38.67 -20.53 28.71
CA GLU G 314 39.72 -21.09 29.56
C GLU G 314 40.59 -22.08 28.80
N LYS G 315 40.04 -22.73 27.78
CA LYS G 315 40.88 -23.50 26.87
C LYS G 315 41.62 -22.60 25.90
N ALA G 316 41.00 -21.47 25.52
CA ALA G 316 41.64 -20.56 24.57
C ALA G 316 42.88 -19.88 25.16
N ILE G 317 42.87 -19.61 26.47
CA ILE G 317 43.99 -18.91 27.10
C ILE G 317 45.26 -19.74 27.02
N ALA G 318 45.13 -21.07 27.01
CA ALA G 318 46.28 -21.95 27.03
C ALA G 318 47.22 -21.70 25.85
N ASN G 319 46.68 -21.64 24.64
CA ASN G 319 47.50 -21.29 23.48
C ASN G 319 47.41 -19.80 23.19
N GLU G 320 46.23 -19.32 22.79
CA GLU G 320 45.88 -17.91 22.66
C GLU G 320 46.72 -17.15 21.62
N ASP G 321 47.70 -17.82 21.00
CA ASP G 321 48.45 -17.23 19.91
C ASP G 321 48.10 -17.87 18.57
N ALA G 322 48.10 -19.20 18.52
CA ALA G 322 47.58 -19.89 17.34
C ALA G 322 46.09 -19.63 17.16
N PHE G 323 45.35 -19.57 18.27
CA PHE G 323 43.93 -19.23 18.22
C PHE G 323 43.72 -17.83 17.67
N ASN G 324 44.52 -16.86 18.14
CA ASN G 324 44.43 -15.50 17.63
C ASN G 324 44.79 -15.44 16.15
N ALA G 325 45.82 -16.18 15.75
CA ALA G 325 46.20 -16.21 14.33
C ALA G 325 45.09 -16.80 13.47
N ARG G 326 44.45 -17.87 13.94
CA ARG G 326 43.36 -18.48 13.19
C ARG G 326 42.19 -17.53 13.03
N LEU G 327 41.81 -16.85 14.12
CA LEU G 327 40.70 -15.92 14.04
C LEU G 327 41.03 -14.71 13.18
N ALA G 328 42.28 -14.24 13.24
CA ALA G 328 42.71 -13.15 12.37
C ALA G 328 42.67 -13.58 10.91
N PHE G 329 43.02 -14.84 10.63
CA PHE G 329 42.91 -15.35 9.27
C PHE G 329 41.45 -15.38 8.81
N TRP G 330 40.54 -15.79 9.70
CA TRP G 330 39.13 -15.78 9.36
C TRP G 330 38.65 -14.36 9.04
N ILE G 331 38.98 -13.41 9.90
CA ILE G 331 38.53 -12.03 9.71
C ILE G 331 39.13 -11.44 8.43
N ALA G 332 40.39 -11.76 8.15
CA ALA G 332 41.02 -11.27 6.93
C ALA G 332 40.35 -11.86 5.70
N ASN G 333 40.24 -13.19 5.63
CA ASN G 333 39.58 -13.84 4.50
C ASN G 333 38.12 -14.13 4.80
N ARG G 334 37.38 -13.15 5.31
CA ARG G 334 35.94 -13.30 5.48
C ARG G 334 35.22 -13.06 4.17
N ASP G 335 34.28 -13.95 3.84
CA ASP G 335 33.51 -13.86 2.61
C ASP G 335 32.24 -14.66 2.81
N ASN G 336 31.27 -14.46 1.92
CA ASN G 336 29.98 -15.14 2.03
C ASN G 336 29.94 -16.47 1.28
N HIS G 337 31.08 -17.10 1.09
CA HIS G 337 31.14 -18.43 0.49
C HIS G 337 31.91 -19.42 1.34
N GLY G 338 32.96 -18.98 2.03
CA GLY G 338 33.65 -19.86 2.95
C GLY G 338 32.81 -20.21 4.15
N VAL G 339 33.13 -21.35 4.75
CA VAL G 339 32.40 -21.87 5.90
C VAL G 339 33.32 -21.87 7.11
N LYS G 340 32.78 -21.53 8.27
CA LYS G 340 33.53 -21.48 9.51
C LYS G 340 33.22 -22.71 10.34
N VAL G 341 34.26 -23.48 10.67
CA VAL G 341 34.10 -24.63 11.54
C VAL G 341 34.28 -24.19 12.98
N LEU G 342 33.35 -24.59 13.84
CA LEU G 342 33.46 -24.31 15.27
C LEU G 342 32.79 -25.44 16.02
N GLY G 343 33.44 -25.92 17.08
CA GLY G 343 33.02 -27.13 17.74
C GLY G 343 31.69 -27.00 18.46
N THR G 344 31.24 -28.14 19.00
CA THR G 344 30.06 -28.17 19.83
C THR G 344 30.30 -27.37 21.11
N ASP G 345 29.19 -27.08 21.80
CA ASP G 345 29.16 -26.16 22.94
C ASP G 345 29.66 -24.76 22.54
N GLU G 346 29.39 -24.37 21.30
CA GLU G 346 29.72 -23.04 20.78
C GLU G 346 28.54 -22.56 19.94
N SER G 347 28.22 -21.27 20.05
CA SER G 347 26.99 -20.74 19.46
C SER G 347 27.24 -19.78 18.31
N MET G 348 28.04 -18.74 18.54
CA MET G 348 28.33 -17.66 17.58
C MET G 348 27.04 -16.97 17.12
N GLU G 349 26.49 -16.16 18.01
CA GLU G 349 25.31 -15.40 17.61
C GLU G 349 25.72 -14.11 16.91
N GLN G 350 24.72 -13.44 16.32
CA GLN G 350 24.97 -12.21 15.56
C GLN G 350 23.85 -11.22 15.83
N PHE G 351 24.23 -9.95 16.03
CA PHE G 351 23.27 -8.89 16.28
C PHE G 351 23.44 -7.79 15.25
N ASP G 352 22.34 -7.11 14.94
CA ASP G 352 22.36 -5.98 14.03
C ASP G 352 21.35 -4.93 14.48
N THR G 353 21.61 -3.68 14.10
CA THR G 353 20.81 -2.55 14.55
C THR G 353 19.92 -2.04 13.42
N ASN G 354 18.78 -1.46 13.79
CA ASN G 354 17.84 -0.89 12.84
C ASN G 354 18.00 0.62 12.82
N LEU G 355 18.26 1.17 11.62
CA LEU G 355 18.58 2.58 11.46
C LEU G 355 17.62 3.32 10.55
N ALA G 356 16.45 2.74 10.23
CA ALA G 356 15.51 3.39 9.33
C ALA G 356 14.83 4.60 9.95
N ASP G 357 14.89 4.76 11.27
CA ASP G 357 14.19 5.85 11.95
C ASP G 357 15.10 7.02 12.29
N PHE G 358 16.36 7.00 11.87
CA PHE G 358 17.25 8.12 12.13
C PHE G 358 17.02 9.28 11.17
N ASP G 359 16.60 8.97 9.94
CA ASP G 359 16.38 10.00 8.94
C ASP G 359 15.27 10.96 9.35
N SER G 360 14.20 10.43 9.93
CA SER G 360 13.11 11.28 10.40
C SER G 360 13.59 12.27 11.45
N ILE G 361 14.41 11.81 12.39
CA ILE G 361 14.94 12.68 13.44
C ILE G 361 15.83 13.76 12.84
N ILE G 362 16.74 13.36 11.94
CA ILE G 362 17.69 14.31 11.36
C ILE G 362 16.96 15.39 10.58
N MET G 363 16.03 14.99 9.71
CA MET G 363 15.35 15.95 8.87
C MET G 363 14.24 16.71 9.59
N ASN G 364 13.83 16.25 10.78
CA ASN G 364 13.01 17.10 11.63
C ASN G 364 13.84 18.17 12.31
N GLN G 365 15.04 17.83 12.77
CA GLN G 365 15.86 18.83 13.45
C GLN G 365 16.37 19.88 12.48
N TYR G 366 16.72 19.49 11.25
CA TYR G 366 17.11 20.49 10.25
C TYR G 366 15.95 21.39 9.87
N GLN G 367 14.74 20.84 9.79
CA GLN G 367 13.57 21.67 9.56
C GLN G 367 13.37 22.67 10.69
N LEU G 368 13.63 22.23 11.93
CA LEU G 368 13.56 23.16 13.05
C LEU G 368 14.63 24.25 12.95
N VAL G 369 15.84 23.90 12.47
CA VAL G 369 16.86 24.92 12.23
C VAL G 369 16.36 25.96 11.25
N ALA G 370 15.74 25.51 10.17
CA ALA G 370 15.13 26.44 9.21
C ALA G 370 14.07 27.30 9.86
N ALA G 371 13.28 26.70 10.75
CA ALA G 371 12.23 27.44 11.47
C ALA G 371 12.83 28.56 12.31
N ILE G 372 13.94 28.30 12.99
CA ILE G 372 14.60 29.35 13.76
C ILE G 372 15.12 30.42 12.82
N ALA G 373 15.78 30.01 11.74
CA ALA G 373 16.42 30.96 10.85
C ALA G 373 15.43 31.80 10.06
N LYS G 374 14.14 31.43 10.05
CA LYS G 374 13.09 32.10 9.28
C LYS G 374 13.37 32.06 7.79
N THR G 375 14.22 31.13 7.38
CA THR G 375 14.72 30.85 6.05
C THR G 375 14.21 29.48 5.61
N PRO G 376 13.77 29.33 4.36
CA PRO G 376 13.27 28.03 3.92
C PRO G 376 14.32 26.95 3.99
N ALA G 377 13.87 25.72 4.28
CA ALA G 377 14.77 24.58 4.28
C ALA G 377 15.35 24.33 2.90
N THR G 378 14.66 24.78 1.84
CA THR G 378 15.24 24.74 0.51
C THR G 378 16.46 25.63 0.41
N LYS G 379 16.42 26.80 1.04
CA LYS G 379 17.57 27.70 1.01
C LYS G 379 18.68 27.20 1.93
N LEU G 380 18.34 26.74 3.13
CA LEU G 380 19.36 26.33 4.09
C LEU G 380 19.94 24.96 3.74
N LEU G 381 19.09 23.93 3.77
CA LEU G 381 19.49 22.55 3.57
C LEU G 381 19.71 22.19 2.11
N GLY G 382 19.36 23.08 1.19
CA GLY G 382 19.48 22.80 -0.22
C GLY G 382 18.25 22.19 -0.85
N THR G 383 17.34 21.64 -0.05
CA THR G 383 16.08 21.08 -0.53
C THR G 383 15.14 20.94 0.66
N SER G 384 13.88 20.63 0.35
CA SER G 384 12.92 20.34 1.39
C SER G 384 13.32 19.05 2.11
N PRO G 385 13.11 18.96 3.44
CA PRO G 385 13.54 17.77 4.18
C PRO G 385 12.69 16.54 3.89
N LYS G 386 12.98 15.46 4.61
CA LYS G 386 12.37 14.17 4.34
C LYS G 386 10.85 14.23 4.53
N GLY G 387 10.12 13.77 3.51
CA GLY G 387 8.69 13.60 3.65
C GLY G 387 7.85 14.86 3.55
N PHE G 388 8.41 15.99 3.96
CA PHE G 388 7.69 17.26 4.01
C PHE G 388 7.17 17.63 2.63
N ASN G 389 6.01 18.31 2.63
CA ASN G 389 5.40 18.76 1.39
C ASN G 389 6.34 19.69 0.64
N ALA G 390 6.35 19.58 -0.68
CA ALA G 390 7.24 20.38 -1.51
C ALA G 390 6.99 21.86 -1.30
N THR G 391 8.08 22.62 -1.17
CA THR G 391 7.99 24.04 -0.88
C THR G 391 7.28 24.76 -2.02
N GLY G 392 6.40 25.70 -1.65
CA GLY G 392 5.49 26.27 -2.62
C GLY G 392 5.33 27.78 -2.56
N GLU G 393 4.24 28.25 -3.16
CA GLU G 393 3.98 29.68 -3.27
C GLU G 393 3.87 30.34 -1.91
N HIS G 394 3.32 29.63 -0.93
CA HIS G 394 3.18 30.19 0.42
C HIS G 394 4.54 30.46 1.04
N GLU G 395 5.48 29.51 0.92
CA GLU G 395 6.80 29.73 1.49
C GLU G 395 7.58 30.77 0.70
N THR G 396 7.40 30.80 -0.62
CA THR G 396 8.10 31.81 -1.42
C THR G 396 7.62 33.21 -1.09
N ILE G 397 6.32 33.40 -0.85
CA ILE G 397 5.87 34.73 -0.46
C ILE G 397 6.17 35.01 1.00
N SER G 398 6.34 33.96 1.82
CA SER G 398 6.70 34.17 3.21
C SER G 398 8.17 34.56 3.37
N TYR G 399 9.03 34.12 2.45
CA TYR G 399 10.45 34.46 2.52
C TYR G 399 10.82 35.63 1.61
N HIS G 400 10.50 35.52 0.31
CA HIS G 400 10.91 36.53 -0.66
C HIS G 400 10.27 37.88 -0.38
N GLU G 401 9.06 37.90 0.17
CA GLU G 401 8.35 39.15 0.40
C GLU G 401 8.44 39.65 1.84
N GLU G 402 8.34 38.76 2.84
CA GLU G 402 8.24 39.25 4.22
C GLU G 402 9.60 39.56 4.81
N LEU G 403 10.43 38.53 4.98
CA LEU G 403 11.69 38.70 5.69
C LEU G 403 12.65 39.59 4.93
N GLU G 404 12.64 39.50 3.60
CA GLU G 404 13.53 40.34 2.81
C GLU G 404 13.12 41.80 2.85
N SER G 405 11.81 42.08 2.94
CA SER G 405 11.38 43.46 3.17
C SER G 405 11.77 43.94 4.56
N ILE G 406 11.76 43.02 5.54
CA ILE G 406 12.27 43.38 6.87
C ILE G 406 13.74 43.78 6.79
N GLN G 407 14.54 42.96 6.09
CA GLN G 407 15.96 43.30 5.92
C GLN G 407 16.13 44.60 5.15
N GLU G 408 15.23 44.88 4.20
CA GLU G 408 15.34 46.12 3.44
C GLU G 408 15.02 47.34 4.30
N HIS G 409 14.02 47.25 5.16
CA HIS G 409 13.75 48.40 6.03
C HIS G 409 14.80 48.50 7.13
N ILE G 410 15.52 47.42 7.43
CA ILE G 410 16.70 47.52 8.28
C ILE G 410 17.82 48.24 7.55
N PHE G 411 18.02 47.93 6.25
CA PHE G 411 19.04 48.58 5.45
C PHE G 411 18.74 50.06 5.24
N ASP G 412 17.46 50.43 5.21
CA ASP G 412 17.06 51.78 4.83
C ASP G 412 17.70 52.90 5.63
N PRO G 413 17.83 52.83 6.98
CA PRO G 413 18.59 53.90 7.67
C PRO G 413 20.02 54.05 7.17
N LEU G 414 20.70 52.94 6.88
CA LEU G 414 22.09 53.00 6.43
C LEU G 414 22.19 53.72 5.09
N LEU G 415 21.39 53.30 4.11
CA LEU G 415 21.42 53.95 2.80
C LEU G 415 20.97 55.39 2.88
N GLU G 416 20.00 55.69 3.75
CA GLU G 416 19.50 57.05 3.89
C GLU G 416 20.57 57.99 4.43
N ARG G 417 21.26 57.59 5.50
CA ARG G 417 22.35 58.41 6.02
C ARG G 417 23.51 58.49 5.04
N HIS G 418 23.81 57.37 4.36
CA HIS G 418 24.89 57.36 3.39
C HIS G 418 24.63 58.34 2.26
N TYR G 419 23.39 58.38 1.76
CA TYR G 419 23.07 59.33 0.69
C TYR G 419 22.93 60.75 1.22
N LEU G 420 22.56 60.93 2.49
CA LEU G 420 22.59 62.28 3.07
C LEU G 420 24.00 62.83 3.04
N LEU G 421 24.96 62.09 3.59
CA LEU G 421 26.34 62.55 3.65
C LEU G 421 27.13 62.30 2.37
N LEU G 422 26.50 61.71 1.35
CA LEU G 422 27.10 61.65 0.03
C LEU G 422 26.58 62.73 -0.89
N ALA G 423 25.31 63.10 -0.76
CA ALA G 423 24.75 64.18 -1.57
C ALA G 423 25.11 65.54 -1.01
N LYS G 424 24.65 65.85 0.21
CA LYS G 424 24.75 67.24 0.67
C LYS G 424 26.20 67.61 0.94
N SER G 425 27.02 66.63 1.28
CA SER G 425 28.45 66.88 1.47
C SER G 425 29.12 67.30 0.18
N GLU G 426 28.70 66.74 -0.95
CA GLU G 426 29.22 67.16 -2.25
C GLU G 426 28.33 68.24 -2.85
N GLU G 427 28.80 68.81 -3.95
CA GLU G 427 28.10 69.91 -4.60
C GLU G 427 26.94 69.34 -5.40
N ILE G 428 25.75 69.34 -4.79
CA ILE G 428 24.52 68.89 -5.42
C ILE G 428 23.49 70.00 -5.29
N ASP G 429 22.32 69.77 -5.89
CA ASP G 429 21.25 70.76 -5.85
C ASP G 429 19.96 70.17 -5.30
N VAL G 430 19.74 68.87 -5.50
CA VAL G 430 18.49 68.21 -5.15
C VAL G 430 18.79 66.99 -4.29
N GLN G 431 17.97 66.78 -3.26
CA GLN G 431 18.10 65.64 -2.36
C GLN G 431 17.80 64.33 -3.08
N LEU G 432 17.97 63.21 -2.38
CA LEU G 432 17.90 61.90 -3.01
C LEU G 432 16.90 61.02 -2.28
N GLU G 433 16.35 60.04 -3.01
CA GLU G 433 15.48 59.05 -2.40
C GLU G 433 15.72 57.71 -3.07
N ILE G 434 15.61 56.65 -2.26
CA ILE G 434 15.96 55.30 -2.65
C ILE G 434 14.69 54.49 -2.87
N VAL G 435 14.60 53.81 -4.00
CA VAL G 435 13.54 52.85 -4.27
C VAL G 435 14.16 51.47 -4.39
N TRP G 436 13.41 50.47 -3.95
CA TRP G 436 13.91 49.10 -3.86
C TRP G 436 13.43 48.29 -5.06
N ASN G 437 14.35 47.59 -5.70
CA ASN G 437 13.98 46.67 -6.76
C ASN G 437 13.18 45.50 -6.19
N PRO G 438 12.24 44.95 -6.97
CA PRO G 438 11.58 43.72 -6.54
C PRO G 438 12.59 42.59 -6.41
N VAL G 439 12.44 41.80 -5.36
CA VAL G 439 13.35 40.69 -5.09
C VAL G 439 12.54 39.40 -5.18
N ASP G 440 12.55 38.82 -6.37
CA ASP G 440 11.88 37.55 -6.62
C ASP G 440 12.85 36.60 -7.29
N SER G 441 13.82 37.17 -8.01
CA SER G 441 14.87 36.41 -8.72
C SER G 441 14.26 35.37 -9.66
N THR G 442 13.18 35.76 -10.35
CA THR G 442 12.43 34.82 -11.16
C THR G 442 13.22 34.45 -12.42
N SER G 443 12.87 33.29 -12.99
CA SER G 443 13.60 32.75 -14.13
C SER G 443 13.40 33.62 -15.37
N SER G 444 14.15 33.30 -16.42
CA SER G 444 14.12 34.10 -17.65
C SER G 444 12.78 33.98 -18.37
N GLN G 445 12.20 32.78 -18.43
CA GLN G 445 10.89 32.62 -19.06
C GLN G 445 9.81 33.39 -18.31
N GLN G 446 9.82 33.30 -16.98
CA GLN G 446 8.85 34.05 -16.20
C GLN G 446 9.07 35.54 -16.34
N GLN G 447 10.32 35.97 -16.45
CA GLN G 447 10.60 37.39 -16.67
C GLN G 447 10.06 37.85 -18.02
N ALA G 448 10.22 37.01 -19.05
CA ALA G 448 9.67 37.34 -20.36
C ALA G 448 8.15 37.42 -20.33
N GLU G 449 7.50 36.49 -19.63
CA GLU G 449 6.04 36.54 -19.49
C GLU G 449 5.61 37.77 -18.72
N LEU G 450 6.36 38.13 -17.68
CA LEU G 450 6.12 39.37 -16.93
C LEU G 450 6.18 40.59 -17.84
N ASN G 451 7.23 40.68 -18.64
CA ASN G 451 7.38 41.80 -19.57
C ASN G 451 6.26 41.81 -20.60
N ASN G 452 5.86 40.64 -21.10
CA ASN G 452 4.81 40.58 -22.10
C ASN G 452 3.47 41.04 -21.53
N LYS G 453 3.15 40.61 -20.31
CA LYS G 453 1.89 41.03 -19.70
C LYS G 453 1.91 42.52 -19.39
N LYS G 454 3.05 43.04 -18.93
CA LYS G 454 3.15 44.47 -18.68
C LYS G 454 3.04 45.27 -19.98
N ALA G 455 3.59 44.73 -21.08
CA ALA G 455 3.45 45.39 -22.37
C ALA G 455 2.01 45.37 -22.85
N ALA G 456 1.28 44.29 -22.56
CA ALA G 456 -0.15 44.25 -22.86
C ALA G 456 -0.90 45.32 -22.09
N THR G 457 -0.56 45.49 -20.79
CA THR G 457 -1.18 46.56 -20.00
C THR G 457 -0.86 47.93 -20.59
N ASP G 458 0.39 48.13 -21.00
CA ASP G 458 0.79 49.40 -21.61
C ASP G 458 0.00 49.68 -22.88
N GLU G 459 -0.15 48.66 -23.74
CA GLU G 459 -0.89 48.83 -24.98
C GLU G 459 -2.36 49.13 -24.70
N ILE G 460 -2.95 48.44 -23.73
CA ILE G 460 -4.35 48.67 -23.39
C ILE G 460 -4.56 50.09 -22.89
N TYR G 461 -3.69 50.56 -21.98
CA TYR G 461 -3.84 51.90 -21.44
C TYR G 461 -3.62 52.97 -22.50
N ILE G 462 -2.60 52.80 -23.35
CA ILE G 462 -2.34 53.79 -24.40
C ILE G 462 -3.49 53.83 -25.40
N ASN G 463 -3.99 52.66 -25.79
CA ASN G 463 -5.10 52.62 -26.75
C ASN G 463 -6.37 53.24 -26.16
N SER G 464 -6.62 53.00 -24.87
CA SER G 464 -7.74 53.65 -24.20
C SER G 464 -7.46 55.11 -23.87
N GLY G 465 -6.25 55.58 -24.09
CA GLY G 465 -5.93 56.98 -23.84
C GLY G 465 -5.83 57.32 -22.37
N VAL G 466 -5.23 56.44 -21.59
CA VAL G 466 -5.02 56.70 -20.16
C VAL G 466 -3.65 57.32 -19.97
N VAL G 467 -2.61 56.58 -20.36
CA VAL G 467 -1.23 57.01 -20.19
C VAL G 467 -0.57 57.14 -21.55
N SER G 468 0.32 58.11 -21.68
CA SER G 468 1.07 58.30 -22.91
C SER G 468 2.23 57.31 -22.98
N PRO G 469 2.68 56.98 -24.21
CA PRO G 469 3.87 56.13 -24.33
C PRO G 469 5.14 56.70 -23.74
N ASP G 470 5.18 58.02 -23.46
CA ASP G 470 6.34 58.59 -22.79
C ASP G 470 6.53 58.01 -21.40
N GLU G 471 5.44 57.83 -20.66
CA GLU G 471 5.53 57.19 -19.35
C GLU G 471 6.01 55.75 -19.47
N VAL G 472 5.56 55.03 -20.50
CA VAL G 472 6.02 53.66 -20.71
C VAL G 472 7.51 53.64 -21.03
N ARG G 473 7.97 54.59 -21.85
CA ARG G 473 9.38 54.72 -22.17
C ARG G 473 10.20 54.99 -20.92
N GLU G 474 9.73 55.91 -20.08
CA GLU G 474 10.45 56.23 -18.85
C GLU G 474 10.46 55.05 -17.89
N ARG G 475 9.35 54.30 -17.82
CA ARG G 475 9.30 53.11 -16.96
C ARG G 475 10.29 52.06 -17.43
N LEU G 476 10.33 51.81 -18.75
CA LEU G 476 11.28 50.84 -19.27
C LEU G 476 12.72 51.28 -19.02
N ARG G 477 13.01 52.57 -19.21
CA ARG G 477 14.35 53.08 -18.97
C ARG G 477 14.74 52.94 -17.50
N ASP G 478 13.89 53.43 -16.59
CA ASP G 478 14.10 53.26 -15.16
C ASP G 478 13.37 52.02 -14.62
N ASP G 479 13.56 50.89 -15.28
CA ASP G 479 13.09 49.60 -14.77
C ASP G 479 14.07 48.53 -15.23
N PRO G 480 14.93 48.04 -14.35
CA PRO G 480 15.79 46.91 -14.70
C PRO G 480 14.98 45.63 -14.87
N ARG G 481 15.62 44.64 -15.49
CA ARG G 481 14.99 43.36 -15.82
C ARG G 481 13.75 43.54 -16.70
N SER G 482 13.74 44.59 -17.51
CA SER G 482 12.63 44.87 -18.41
C SER G 482 13.01 44.75 -19.88
N GLY G 483 14.23 44.33 -20.17
CA GLY G 483 14.66 44.16 -21.55
C GLY G 483 15.34 45.37 -22.15
N TYR G 484 14.72 46.54 -22.00
CA TYR G 484 15.22 47.78 -22.59
C TYR G 484 15.66 48.70 -21.45
N ASN G 485 16.97 48.80 -21.23
CA ASN G 485 17.53 49.75 -20.27
C ASN G 485 18.61 50.62 -20.90
N ARG G 486 18.70 50.64 -22.23
CA ARG G 486 19.75 51.33 -22.95
C ARG G 486 19.21 52.04 -24.19
N LEU G 487 17.92 52.34 -24.21
CA LEU G 487 17.18 52.63 -25.43
C LEU G 487 17.72 53.81 -26.22
N THR G 488 17.52 55.02 -25.71
CA THR G 488 17.86 56.29 -26.36
C THR G 488 17.71 57.39 -25.34
N ASP G 489 17.94 58.63 -25.80
CA ASP G 489 17.60 59.83 -25.04
C ASP G 489 16.44 60.59 -25.66
N ASP G 490 15.79 60.02 -26.67
CA ASP G 490 14.70 60.69 -27.36
C ASP G 490 13.45 60.72 -26.48
N GLN G 491 12.39 61.31 -27.02
CA GLN G 491 11.12 61.44 -26.32
C GLN G 491 10.00 60.87 -27.19
N ALA G 492 8.93 60.45 -26.53
CA ALA G 492 7.73 59.99 -27.22
C ALA G 492 6.83 61.19 -27.49
N GLU G 493 5.58 60.90 -27.88
CA GLU G 493 4.63 61.96 -28.21
C GLU G 493 4.30 62.83 -27.01
N THR G 494 4.16 62.22 -25.83
CA THR G 494 3.88 62.83 -24.52
C THR G 494 2.45 63.37 -24.42
N GLU G 495 1.66 63.28 -25.51
CA GLU G 495 0.24 63.55 -25.34
C GLU G 495 -0.46 62.33 -24.75
N PRO G 496 -1.41 62.52 -23.81
CA PRO G 496 -1.79 61.42 -22.91
C PRO G 496 -2.56 60.30 -23.59
N GLY G 497 -1.83 59.43 -24.28
CA GLY G 497 -2.40 58.21 -24.81
C GLY G 497 -2.82 58.30 -26.26
N MET G 498 -1.97 58.87 -27.10
CA MET G 498 -2.32 58.97 -28.51
C MET G 498 -1.97 57.71 -29.28
N SER G 499 -0.67 57.38 -29.39
CA SER G 499 -0.09 56.32 -30.24
C SER G 499 -0.29 56.65 -31.72
N PRO G 500 0.52 56.09 -32.63
CA PRO G 500 0.33 56.42 -34.06
C PRO G 500 -1.05 56.05 -34.60
N GLU G 501 -1.65 54.98 -34.09
CA GLU G 501 -2.96 54.55 -34.56
C GLU G 501 -4.01 55.63 -34.32
N ASN G 502 -4.15 56.09 -33.08
CA ASN G 502 -5.15 57.11 -32.81
C ASN G 502 -4.69 58.50 -33.25
N LEU G 503 -3.39 58.72 -33.44
CA LEU G 503 -2.96 59.96 -34.09
C LEU G 503 -3.51 60.05 -35.51
N ALA G 504 -3.28 59.00 -36.30
CA ALA G 504 -3.80 58.98 -37.66
C ALA G 504 -5.33 59.00 -37.66
N GLU G 505 -5.95 58.29 -36.72
CA GLU G 505 -7.40 58.28 -36.63
C GLU G 505 -7.95 59.67 -36.31
N PHE G 506 -7.30 60.38 -35.38
CA PHE G 506 -7.75 61.72 -35.00
C PHE G 506 -7.58 62.71 -36.15
N GLU G 507 -6.44 62.66 -36.83
CA GLU G 507 -6.23 63.57 -37.97
C GLU G 507 -7.23 63.30 -39.08
N LYS G 508 -7.43 62.03 -39.44
CA LYS G 508 -8.38 61.68 -40.49
C LYS G 508 -9.80 62.03 -40.09
N ALA G 509 -10.17 61.78 -38.83
CA ALA G 509 -11.51 62.08 -38.35
C ALA G 509 -11.78 63.58 -38.35
N GLY G 510 -10.82 64.39 -37.90
CA GLY G 510 -11.00 65.83 -37.93
C GLY G 510 -11.10 66.37 -39.35
N ALA G 511 -10.30 65.82 -40.26
CA ALA G 511 -10.38 66.26 -41.66
C ALA G 511 -11.72 65.88 -42.29
N GLN G 512 -12.19 64.65 -42.05
CA GLN G 512 -13.50 64.26 -42.54
C GLN G 512 -14.60 65.07 -41.89
N SER G 513 -14.40 65.48 -40.63
CA SER G 513 -15.35 66.37 -39.98
C SER G 513 -15.41 67.72 -40.67
N ALA G 514 -14.26 68.25 -41.06
CA ALA G 514 -14.23 69.50 -41.83
C ALA G 514 -14.98 69.34 -43.15
N LYS G 515 -14.74 68.22 -43.85
CA LYS G 515 -15.46 67.93 -45.09
C LYS G 515 -16.96 67.90 -44.88
N ALA G 516 -17.40 67.20 -43.83
CA ALA G 516 -18.83 67.01 -43.64
C ALA G 516 -19.52 68.31 -43.21
N LYS G 517 -18.87 69.09 -42.34
CA LYS G 517 -19.43 70.40 -41.97
C LYS G 517 -19.50 71.33 -43.17
N GLY G 518 -18.46 71.32 -44.01
CA GLY G 518 -18.49 72.15 -45.20
C GLY G 518 -19.56 71.75 -46.18
N GLU G 519 -19.72 70.44 -46.40
CA GLU G 519 -20.77 69.97 -47.30
C GLU G 519 -22.16 70.24 -46.73
N ALA G 520 -22.31 70.18 -45.41
CA ALA G 520 -23.58 70.54 -44.78
C ALA G 520 -23.89 72.02 -44.99
N GLU G 521 -22.87 72.87 -44.86
CA GLU G 521 -23.07 74.30 -45.13
C GLU G 521 -23.44 74.54 -46.59
N ARG G 522 -22.78 73.81 -47.50
CA ARG G 522 -23.15 73.90 -48.92
C ARG G 522 -24.58 73.46 -49.16
N ALA G 523 -25.01 72.37 -48.52
CA ALA G 523 -26.38 71.89 -48.68
C ALA G 523 -27.38 72.89 -48.13
N GLU G 524 -27.07 73.51 -46.99
CA GLU G 524 -27.95 74.55 -46.46
C GLU G 524 -28.04 75.74 -47.41
N ALA G 525 -26.91 76.15 -47.99
CA ALA G 525 -26.92 77.26 -48.94
C ALA G 525 -27.73 76.95 -50.19
N GLN G 526 -27.59 75.73 -50.71
CA GLN G 526 -28.34 75.34 -51.91
C GLN G 526 -29.82 75.13 -51.61
N ALA G 527 -30.15 74.74 -50.37
CA ALA G 527 -31.56 74.58 -50.00
C ALA G 527 -32.23 75.92 -49.77
N GLY G 528 -31.50 76.90 -49.24
CA GLY G 528 -32.05 78.22 -48.98
C GLY G 528 -32.41 78.99 -50.23
N VAL H 94 -23.75 21.81 37.94
CA VAL H 94 -22.68 22.63 38.47
C VAL H 94 -21.35 22.17 37.89
N VAL H 95 -20.38 23.07 37.82
CA VAL H 95 -19.04 22.71 37.36
C VAL H 95 -18.38 21.79 38.39
N PRO H 96 -17.68 20.74 37.96
CA PRO H 96 -16.98 19.89 38.93
C PRO H 96 -15.78 20.60 39.52
N THR H 97 -15.35 20.10 40.68
CA THR H 97 -14.21 20.71 41.37
C THR H 97 -12.93 20.56 40.57
N MET H 98 -12.73 19.41 39.92
CA MET H 98 -11.48 19.16 39.19
C MET H 98 -11.40 20.02 37.94
N LEU H 99 -12.47 20.07 37.15
CA LEU H 99 -12.48 20.96 35.99
C LEU H 99 -12.40 22.42 36.43
N GLN H 100 -13.04 22.75 37.56
CA GLN H 100 -13.06 24.11 38.04
C GLN H 100 -11.66 24.60 38.40
N ASP H 101 -10.92 23.82 39.19
CA ASP H 101 -9.58 24.29 39.53
C ASP H 101 -8.55 23.94 38.47
N TRP H 102 -8.92 23.18 37.45
CA TRP H 102 -8.07 23.08 36.27
C TRP H 102 -8.17 24.36 35.43
N TYR H 103 -9.38 24.90 35.30
CA TYR H 103 -9.55 26.14 34.54
C TYR H 103 -9.08 27.35 35.32
N ASN H 104 -9.28 27.34 36.65
CA ASN H 104 -8.90 28.47 37.48
C ASN H 104 -7.39 28.64 37.57
N SER H 105 -6.62 27.58 37.34
CA SER H 105 -5.17 27.67 37.49
C SER H 105 -4.51 28.44 36.36
N GLN H 106 -5.21 28.63 35.23
CA GLN H 106 -4.69 29.53 34.20
C GLN H 106 -4.90 30.99 34.59
N GLY H 107 -4.20 31.44 35.64
CA GLY H 107 -4.27 32.82 36.05
C GLY H 107 -3.21 33.66 35.38
N PHE H 108 -3.19 34.95 35.76
CA PHE H 108 -2.18 35.85 35.25
C PHE H 108 -0.81 35.49 35.83
N ILE H 109 0.19 35.41 34.97
CA ILE H 109 1.50 34.92 35.41
C ILE H 109 2.40 36.03 35.92
N GLY H 110 2.25 37.25 35.41
CA GLY H 110 3.07 38.35 35.86
C GLY H 110 3.92 38.97 34.77
N TYR H 111 4.17 40.27 34.87
CA TYR H 111 4.93 40.97 33.83
C TYR H 111 6.39 40.52 33.82
N GLN H 112 6.95 40.26 35.00
CA GLN H 112 8.31 39.74 35.07
C GLN H 112 8.41 38.38 34.38
N ALA H 113 7.44 37.50 34.65
CA ALA H 113 7.42 36.19 34.01
C ALA H 113 7.24 36.32 32.49
N CYS H 114 6.37 37.23 32.05
CA CYS H 114 6.17 37.44 30.62
C CYS H 114 7.46 37.91 29.95
N ALA H 115 8.15 38.87 30.57
CA ALA H 115 9.39 39.37 30.00
C ALA H 115 10.47 38.29 29.98
N ILE H 116 10.54 37.46 31.02
CA ILE H 116 11.53 36.40 31.06
C ILE H 116 11.24 35.35 29.99
N ILE H 117 9.97 34.98 29.82
CA ILE H 117 9.62 33.94 28.85
C ILE H 117 9.77 34.46 27.42
N SER H 118 9.60 35.77 27.21
CA SER H 118 9.65 36.34 25.86
C SER H 118 11.01 36.20 25.19
N GLN H 119 12.06 35.85 25.94
CA GLN H 119 13.37 35.64 25.32
C GLN H 119 13.36 34.45 24.37
N HIS H 120 12.48 33.48 24.58
CA HIS H 120 12.48 32.28 23.76
C HIS H 120 12.10 32.60 22.32
N TRP H 121 12.68 31.84 21.39
CA TRP H 121 12.52 32.14 19.96
C TRP H 121 11.08 31.98 19.50
N LEU H 122 10.38 30.95 20.00
CA LEU H 122 9.06 30.62 19.46
C LEU H 122 8.02 31.64 19.89
N VAL H 123 8.01 32.00 21.18
CA VAL H 123 7.06 33.00 21.65
C VAL H 123 7.39 34.36 21.04
N ASP H 124 8.67 34.67 20.87
CA ASP H 124 9.07 35.93 20.22
C ASP H 124 8.56 35.97 18.79
N LYS H 125 8.71 34.87 18.05
CA LYS H 125 8.23 34.81 16.67
C LYS H 125 6.71 34.95 16.61
N ALA H 126 6.00 34.26 17.52
CA ALA H 126 4.55 34.32 17.55
C ALA H 126 4.05 35.73 17.85
N CYS H 127 4.68 36.42 18.80
CA CYS H 127 4.30 37.80 19.08
C CYS H 127 4.83 38.78 18.06
N SER H 128 5.81 38.39 17.24
CA SER H 128 6.43 39.33 16.31
C SER H 128 5.72 39.35 14.95
N MET H 129 5.67 38.21 14.27
CA MET H 129 5.19 38.22 12.87
C MET H 129 3.67 38.06 12.79
N SER H 130 2.99 38.87 13.59
CA SER H 130 1.53 38.98 13.52
C SER H 130 1.08 40.35 13.06
N GLY H 131 1.55 41.42 13.70
CA GLY H 131 1.23 42.76 13.26
C GLY H 131 2.30 43.35 12.38
N GLU H 132 3.49 42.74 12.39
CA GLU H 132 4.57 43.21 11.54
C GLU H 132 4.22 43.04 10.07
N ASP H 133 3.62 41.90 9.71
CA ASP H 133 3.18 41.69 8.34
C ASP H 133 2.07 42.66 7.96
N ALA H 134 1.18 42.97 8.91
CA ALA H 134 0.13 43.95 8.65
C ALA H 134 0.71 45.33 8.39
N ALA H 135 1.73 45.71 9.17
CA ALA H 135 2.37 47.01 9.01
C ALA H 135 3.36 47.06 7.84
N ARG H 136 3.68 45.91 7.26
CA ARG H 136 4.64 45.86 6.14
C ARG H 136 4.22 46.73 4.97
N ASN H 137 3.03 46.48 4.42
CA ASN H 137 2.59 47.16 3.20
C ASN H 137 2.34 48.65 3.40
N GLY H 138 2.24 49.11 4.64
CA GLY H 138 2.11 50.53 4.89
C GLY H 138 0.71 51.06 4.60
N TRP H 139 0.61 52.38 4.58
CA TRP H 139 -0.64 53.07 4.39
C TRP H 139 -0.46 54.19 3.38
N GLU H 140 -1.57 54.70 2.88
CA GLU H 140 -1.57 55.87 2.00
C GLU H 140 -2.47 56.94 2.58
N LEU H 141 -2.19 58.18 2.20
CA LEU H 141 -2.71 59.35 2.90
C LEU H 141 -3.69 60.03 1.94
N LYS H 142 -4.93 60.21 2.39
CA LYS H 142 -5.97 60.64 1.45
C LYS H 142 -6.51 62.04 1.74
N SER H 143 -6.94 62.31 2.97
CA SER H 143 -7.55 63.57 3.38
C SER H 143 -8.85 63.83 2.63
N ASP H 144 -9.49 64.96 2.90
CA ASP H 144 -10.74 65.29 2.20
C ASP H 144 -10.48 65.53 0.71
N GLY H 145 -9.36 66.17 0.37
CA GLY H 145 -9.05 66.43 -1.02
C GLY H 145 -8.55 65.21 -1.76
N ARG H 146 -8.45 65.37 -3.09
CA ARG H 146 -7.95 64.30 -3.94
C ARG H 146 -6.49 63.98 -3.62
N LYS H 147 -5.60 64.94 -3.85
CA LYS H 147 -4.17 64.76 -3.62
C LYS H 147 -3.66 65.84 -2.69
N LEU H 148 -2.86 65.44 -1.70
CA LEU H 148 -2.23 66.40 -0.82
C LEU H 148 -1.19 67.20 -1.59
N SER H 149 -0.94 68.43 -1.12
CA SER H 149 0.10 69.27 -1.72
C SER H 149 1.46 68.60 -1.56
N ASP H 150 2.34 68.82 -2.55
CA ASP H 150 3.62 68.12 -2.56
C ASP H 150 4.50 68.51 -1.39
N GLU H 151 4.53 69.80 -1.03
CA GLU H 151 5.28 70.21 0.14
C GLU H 151 4.70 69.62 1.41
N GLN H 152 3.37 69.54 1.50
CA GLN H 152 2.72 68.89 2.63
C GLN H 152 3.13 67.43 2.74
N SER H 153 3.14 66.72 1.61
CA SER H 153 3.52 65.31 1.61
C SER H 153 4.98 65.13 2.00
N ALA H 154 5.86 65.99 1.49
CA ALA H 154 7.27 65.91 1.85
C ALA H 154 7.48 66.18 3.34
N LEU H 155 6.79 67.18 3.88
CA LEU H 155 6.88 67.46 5.32
C LEU H 155 6.35 66.30 6.14
N ILE H 156 5.23 65.71 5.71
CA ILE H 156 4.65 64.57 6.42
C ILE H 156 5.60 63.39 6.41
N ALA H 157 6.23 63.12 5.27
CA ALA H 157 7.20 62.04 5.18
C ALA H 157 8.40 62.30 6.08
N ARG H 158 8.90 63.54 6.10
CA ARG H 158 10.03 63.88 6.96
C ARG H 158 9.69 63.68 8.43
N ARG H 159 8.51 64.15 8.85
CA ARG H 159 8.11 64.00 10.25
C ARG H 159 7.87 62.55 10.62
N ASP H 160 7.26 61.77 9.70
CA ASP H 160 7.07 60.35 9.96
C ASP H 160 8.39 59.63 10.10
N MET H 161 9.38 59.99 9.28
CA MET H 161 10.67 59.34 9.34
C MET H 161 11.42 59.73 10.61
N GLU H 162 11.30 60.99 11.03
CA GLU H 162 11.93 61.41 12.27
C GLU H 162 11.24 60.82 13.49
N PHE H 163 9.95 60.48 13.37
CA PHE H 163 9.23 59.88 14.49
C PHE H 163 9.31 58.36 14.50
N ARG H 164 9.73 57.74 13.39
CA ARG H 164 9.87 56.28 13.27
C ARG H 164 8.54 55.58 13.55
N VAL H 165 7.54 55.91 12.73
CA VAL H 165 6.18 55.46 12.97
C VAL H 165 6.06 53.95 12.76
N LYS H 166 6.67 53.45 11.68
CA LYS H 166 6.57 52.04 11.34
C LYS H 166 7.15 51.16 12.44
N ASP H 167 8.38 51.45 12.85
CA ASP H 167 8.99 50.71 13.95
C ASP H 167 8.17 50.87 15.23
N ASN H 168 7.58 52.05 15.42
CA ASN H 168 6.80 52.32 16.63
C ASN H 168 5.59 51.40 16.74
N LEU H 169 4.79 51.32 15.66
CA LEU H 169 3.56 50.49 15.73
C LEU H 169 3.94 49.01 15.69
N VAL H 170 5.02 48.64 14.99
CA VAL H 170 5.47 47.25 15.02
C VAL H 170 5.83 46.83 16.44
N GLU H 171 6.61 47.67 17.14
CA GLU H 171 6.95 47.38 18.53
C GLU H 171 5.71 47.40 19.42
N LEU H 172 4.77 48.30 19.11
CA LEU H 172 3.51 48.37 19.86
C LEU H 172 2.77 47.04 19.79
N ASN H 173 2.57 46.52 18.59
CA ASN H 173 1.90 45.22 18.45
C ASN H 173 2.71 44.11 19.11
N ARG H 174 4.03 44.11 18.90
CA ARG H 174 4.86 43.02 19.41
C ARG H 174 4.78 42.93 20.94
N PHE H 175 5.01 44.04 21.62
CA PHE H 175 4.97 43.99 23.08
C PHE H 175 3.55 43.99 23.63
N LYS H 176 2.54 44.41 22.85
CA LYS H 176 1.17 44.20 23.26
C LYS H 176 0.83 42.72 23.27
N ASN H 177 1.39 41.96 22.32
CA ASN H 177 1.23 40.51 22.36
C ASN H 177 2.05 39.89 23.47
N VAL H 178 3.26 40.42 23.71
CA VAL H 178 4.13 39.86 24.76
C VAL H 178 3.48 40.03 26.14
N PHE H 179 3.25 41.28 26.55
CA PHE H 179 2.60 41.55 27.82
C PHE H 179 1.09 41.52 27.63
N GLY H 180 0.36 41.88 28.69
CA GLY H 180 -1.09 41.96 28.58
C GLY H 180 -1.60 43.22 27.92
N VAL H 181 -0.81 44.30 27.93
CA VAL H 181 -1.29 45.60 27.49
C VAL H 181 -0.06 46.45 27.14
N ARG H 182 -0.26 47.44 26.27
CA ARG H 182 0.78 48.40 25.96
C ARG H 182 0.19 49.81 26.01
N ILE H 183 1.02 50.77 26.40
CA ILE H 183 0.62 52.17 26.51
C ILE H 183 1.52 52.99 25.59
N ALA H 184 0.90 53.78 24.74
CA ALA H 184 1.62 54.69 23.86
C ALA H 184 1.29 56.12 24.26
N LEU H 185 2.32 56.89 24.59
CA LEU H 185 2.16 58.26 25.06
C LEU H 185 2.75 59.19 24.01
N PHE H 186 1.92 60.12 23.52
CA PHE H 186 2.35 61.10 22.53
C PHE H 186 2.93 62.29 23.27
N VAL H 187 4.25 62.42 23.24
CA VAL H 187 4.91 63.48 24.00
C VAL H 187 4.70 64.80 23.29
N VAL H 188 4.30 65.81 24.04
CA VAL H 188 4.04 67.15 23.51
C VAL H 188 4.31 68.15 24.61
N GLU H 189 4.86 69.31 24.25
CA GLU H 189 5.35 70.29 25.21
C GLU H 189 4.32 71.39 25.40
N SER H 190 4.10 71.77 26.66
CA SER H 190 3.22 72.88 27.00
C SER H 190 3.77 73.56 28.23
N ASP H 191 3.33 74.81 28.44
CA ASP H 191 3.86 75.61 29.54
C ASP H 191 3.43 75.08 30.90
N ASP H 192 2.23 74.51 30.99
CA ASP H 192 1.67 74.13 32.28
C ASP H 192 2.27 72.80 32.75
N PRO H 193 2.88 72.75 33.93
CA PRO H 193 3.35 71.44 34.47
C PRO H 193 2.22 70.46 34.71
N ASP H 194 1.00 70.93 34.90
CA ASP H 194 -0.17 70.12 35.20
C ASP H 194 -0.88 69.65 33.92
N TYR H 195 -0.24 69.89 32.76
CA TYR H 195 -0.87 69.65 31.46
C TYR H 195 -1.38 68.22 31.32
N TYR H 196 -0.62 67.23 31.77
CA TYR H 196 -1.09 65.85 31.69
C TYR H 196 -1.97 65.48 32.88
N GLU H 197 -2.95 66.32 33.20
CA GLU H 197 -3.97 66.02 34.20
C GLU H 197 -5.38 66.22 33.64
N LYS H 198 -5.57 67.25 32.82
CA LYS H 198 -6.85 67.53 32.22
C LYS H 198 -7.14 66.53 31.11
N PRO H 199 -8.41 66.33 30.76
CA PRO H 199 -8.72 65.51 29.59
C PRO H 199 -8.13 66.12 28.33
N PHE H 200 -7.66 65.25 27.44
CA PHE H 200 -6.98 65.70 26.22
C PHE H 200 -7.92 66.54 25.36
N ASN H 201 -7.43 67.69 24.93
CA ASN H 201 -8.20 68.64 24.14
C ASN H 201 -7.45 68.95 22.85
N PRO H 202 -8.10 68.83 21.69
CA PRO H 202 -7.42 69.15 20.43
C PRO H 202 -7.08 70.62 20.27
N ASP H 203 -7.68 71.51 21.07
CA ASP H 203 -7.36 72.94 20.99
C ASP H 203 -6.07 73.29 21.71
N GLY H 204 -5.62 72.47 22.66
CA GLY H 204 -4.41 72.74 23.41
C GLY H 204 -3.16 72.35 22.63
N ILE H 205 -2.76 73.18 21.68
CA ILE H 205 -1.75 72.80 20.71
C ILE H 205 -0.38 73.44 20.98
N THR H 206 -0.33 74.77 20.99
CA THR H 206 0.92 75.54 20.97
C THR H 206 1.78 75.07 19.81
N PRO H 207 1.48 75.50 18.58
CA PRO H 207 2.00 74.83 17.36
C PRO H 207 3.51 74.63 17.36
N GLY H 208 3.93 73.57 16.67
CA GLY H 208 5.32 73.14 16.70
C GLY H 208 5.75 72.52 18.00
N SER H 209 4.88 71.71 18.62
CA SER H 209 5.17 71.11 19.91
C SER H 209 5.16 69.58 19.90
N TYR H 210 4.69 68.95 18.83
CA TYR H 210 4.60 67.49 18.76
C TYR H 210 6.01 66.93 18.54
N LYS H 211 6.60 66.39 19.60
CA LYS H 211 7.99 65.96 19.54
C LYS H 211 8.16 64.49 19.17
N GLY H 212 7.14 63.67 19.36
CA GLY H 212 7.21 62.28 19.02
C GLY H 212 6.32 61.46 19.93
N ILE H 213 6.52 60.14 19.89
CA ILE H 213 5.76 59.22 20.71
C ILE H 213 6.72 58.31 21.45
N SER H 214 6.24 57.74 22.55
CA SER H 214 6.98 56.78 23.34
C SER H 214 6.05 55.64 23.71
N GLN H 215 6.63 54.49 24.01
CA GLN H 215 5.87 53.31 24.40
C GLN H 215 6.37 52.83 25.75
N ILE H 216 5.46 52.70 26.72
CA ILE H 216 5.79 52.41 28.10
C ILE H 216 5.39 50.97 28.40
N ASP H 217 6.33 50.20 28.94
CA ASP H 217 6.04 48.84 29.35
C ASP H 217 5.11 48.85 30.57
N PRO H 218 4.30 47.80 30.75
CA PRO H 218 3.31 47.81 31.85
C PRO H 218 3.91 47.93 33.24
N TYR H 219 5.10 47.38 33.49
CA TYR H 219 5.64 47.45 34.84
C TYR H 219 6.13 48.85 35.20
N TRP H 220 6.30 49.73 34.22
CA TRP H 220 6.65 51.12 34.47
C TRP H 220 5.44 52.01 34.68
N ALA H 221 4.23 51.46 34.58
CA ALA H 221 3.00 52.24 34.70
C ALA H 221 2.17 51.73 35.87
N MET H 222 1.13 52.48 36.19
CA MET H 222 0.20 52.13 37.26
C MET H 222 -1.16 52.74 37.00
N PRO H 223 -2.15 51.95 36.59
CA PRO H 223 -3.52 52.47 36.45
C PRO H 223 -4.09 52.88 37.80
N GLN H 224 -4.87 53.96 37.78
CA GLN H 224 -5.57 54.43 38.97
C GLN H 224 -7.01 54.70 38.61
N LEU H 225 -7.93 54.16 39.41
CA LEU H 225 -9.36 54.24 39.12
C LEU H 225 -9.97 55.37 39.93
N THR H 226 -10.83 56.16 39.27
CA THR H 226 -11.62 57.15 39.97
C THR H 226 -12.91 56.52 40.50
N ALA H 227 -13.49 57.18 41.51
CA ALA H 227 -14.73 56.69 42.09
C ALA H 227 -15.87 56.70 41.08
N GLY H 228 -15.90 57.68 40.20
CA GLY H 228 -16.89 57.69 39.13
C GLY H 228 -16.65 56.62 38.07
N SER H 229 -15.40 56.17 37.93
CA SER H 229 -15.07 55.08 37.01
C SER H 229 -15.09 53.71 37.68
N THR H 230 -15.45 53.65 38.96
CA THR H 230 -15.55 52.36 39.65
C THR H 230 -16.91 52.10 40.29
N ALA H 231 -17.70 53.13 40.62
CA ALA H 231 -18.93 52.93 41.37
C ALA H 231 -20.07 52.42 40.51
N ASP H 232 -20.14 52.85 39.25
CA ASP H 232 -21.32 52.63 38.42
C ASP H 232 -21.05 51.57 37.36
N PRO H 233 -21.61 50.37 37.48
CA PRO H 233 -21.50 49.40 36.37
C PRO H 233 -22.13 49.90 35.08
N SER H 234 -23.18 50.71 35.17
CA SER H 234 -23.83 51.25 33.97
C SER H 234 -22.96 52.27 33.25
N SER H 235 -21.93 52.81 33.90
CA SER H 235 -21.05 53.77 33.25
C SER H 235 -20.26 53.10 32.14
N GLU H 236 -20.11 53.81 31.02
CA GLU H 236 -19.36 53.28 29.88
C GLU H 236 -17.85 53.26 30.14
N HIS H 237 -17.38 53.97 31.17
CA HIS H 237 -15.99 53.93 31.58
C HIS H 237 -15.76 53.05 32.80
N PHE H 238 -16.73 52.20 33.15
CA PHE H 238 -16.56 51.29 34.28
C PHE H 238 -15.40 50.34 34.05
N TYR H 239 -14.54 50.22 35.06
CA TYR H 239 -13.33 49.41 35.00
C TYR H 239 -12.44 49.80 33.82
N GLU H 240 -12.36 51.10 33.56
CA GLU H 240 -11.48 51.66 32.53
C GLU H 240 -10.59 52.68 33.20
N PRO H 241 -9.28 52.41 33.34
CA PRO H 241 -8.37 53.36 33.99
C PRO H 241 -8.44 54.79 33.45
N ASP H 242 -8.84 55.72 34.31
CA ASP H 242 -8.93 57.11 33.91
C ASP H 242 -7.56 57.78 33.86
N PHE H 243 -6.62 57.31 34.67
CA PHE H 243 -5.28 57.86 34.73
C PHE H 243 -4.26 56.73 34.78
N TRP H 244 -3.02 57.05 34.41
CA TRP H 244 -1.92 56.09 34.49
C TRP H 244 -0.72 56.79 35.12
N ILE H 245 -0.32 56.33 36.30
CA ILE H 245 0.89 56.84 36.94
C ILE H 245 2.07 56.14 36.30
N ILE H 246 2.93 56.89 35.61
CA ILE H 246 4.08 56.33 34.93
C ILE H 246 5.35 56.65 35.72
N SER H 247 5.68 57.93 35.84
CA SER H 247 6.81 58.38 36.65
C SER H 247 6.29 59.50 37.55
N GLY H 248 5.74 59.13 38.69
CA GLY H 248 5.19 60.09 39.63
C GLY H 248 3.90 60.73 39.17
N LYS H 249 3.94 61.43 38.04
CA LYS H 249 2.78 62.10 37.50
C LYS H 249 1.81 61.09 36.88
N LYS H 250 0.55 61.50 36.79
CA LYS H 250 -0.54 60.62 36.37
C LYS H 250 -1.11 61.11 35.04
N TYR H 251 -0.75 60.44 33.96
CA TYR H 251 -1.24 60.81 32.64
C TYR H 251 -2.68 60.39 32.47
N HIS H 252 -3.50 61.26 31.89
CA HIS H 252 -4.90 60.97 31.72
C HIS H 252 -5.10 59.92 30.61
N ARG H 253 -6.24 59.23 30.68
CA ARG H 253 -6.54 58.18 29.71
C ARG H 253 -6.64 58.73 28.29
N SER H 254 -7.28 59.89 28.12
CA SER H 254 -7.48 60.44 26.79
C SER H 254 -6.16 60.91 26.17
N HIS H 255 -5.19 61.31 26.98
CA HIS H 255 -3.93 61.81 26.46
C HIS H 255 -3.15 60.72 25.72
N LEU H 256 -3.19 59.50 26.23
CA LEU H 256 -2.42 58.38 25.70
C LEU H 256 -3.34 57.36 25.03
N VAL H 257 -2.73 56.48 24.24
CA VAL H 257 -3.43 55.44 23.50
C VAL H 257 -3.07 54.09 24.11
N VAL H 258 -4.08 53.33 24.48
CA VAL H 258 -3.91 52.02 25.12
C VAL H 258 -4.40 50.95 24.16
N VAL H 259 -3.55 49.96 23.90
CA VAL H 259 -3.92 48.75 23.17
C VAL H 259 -3.79 47.58 24.12
N ARG H 260 -4.85 46.78 24.21
CA ARG H 260 -4.93 45.71 25.19
C ARG H 260 -5.36 44.42 24.51
N GLY H 261 -5.19 43.31 25.23
CA GLY H 261 -5.45 42.00 24.70
C GLY H 261 -6.92 41.67 24.61
N PRO H 262 -7.25 40.38 24.85
CA PRO H 262 -8.65 39.92 24.67
C PRO H 262 -9.66 40.49 25.65
N GLN H 263 -9.24 41.37 26.58
CA GLN H 263 -10.13 42.07 27.50
C GLN H 263 -10.93 41.10 28.37
N PRO H 264 -10.32 40.53 29.41
CA PRO H 264 -11.00 39.54 30.26
C PRO H 264 -12.26 40.12 30.91
N PRO H 265 -13.15 39.28 31.43
CA PRO H 265 -14.38 39.78 32.05
C PRO H 265 -14.09 40.65 33.27
N ASP H 266 -15.16 41.33 33.71
CA ASP H 266 -15.02 42.42 34.68
C ASP H 266 -14.55 41.94 36.04
N ILE H 267 -15.06 40.80 36.52
CA ILE H 267 -14.77 40.36 37.89
C ILE H 267 -13.28 40.05 38.06
N LEU H 268 -12.60 39.63 37.00
CA LEU H 268 -11.18 39.36 37.06
C LEU H 268 -10.38 40.30 36.16
N LYS H 269 -10.97 41.40 35.73
CA LYS H 269 -10.20 42.46 35.08
C LYS H 269 -9.12 43.06 35.98
N PRO H 270 -9.38 43.40 37.26
CA PRO H 270 -8.28 43.89 38.10
C PRO H 270 -7.15 42.90 38.30
N THR H 271 -7.43 41.59 38.20
CA THR H 271 -6.37 40.59 38.33
C THR H 271 -5.34 40.69 37.21
N TYR H 272 -5.70 41.28 36.07
CA TYR H 272 -4.77 41.53 34.99
C TYR H 272 -4.25 42.96 34.97
N ILE H 273 -4.48 43.70 36.06
CA ILE H 273 -4.08 45.10 36.23
C ILE H 273 -4.77 45.91 35.14
N PHE H 274 -6.04 45.56 34.85
CA PHE H 274 -6.87 46.22 33.86
C PHE H 274 -6.20 46.25 32.49
N GLY H 275 -5.54 45.15 32.14
CA GLY H 275 -4.89 45.04 30.85
C GLY H 275 -5.58 44.05 29.93
N GLY H 276 -4.89 42.96 29.60
CA GLY H 276 -5.46 41.92 28.77
C GLY H 276 -4.75 40.61 29.02
N ILE H 277 -5.30 39.56 28.41
CA ILE H 277 -4.73 38.22 28.54
C ILE H 277 -3.48 38.14 27.67
N PRO H 278 -2.31 37.82 28.23
CA PRO H 278 -1.08 37.85 27.43
C PRO H 278 -0.85 36.55 26.67
N LEU H 279 -0.32 36.71 25.45
CA LEU H 279 0.02 35.56 24.62
C LEU H 279 1.16 34.75 25.22
N THR H 280 2.00 35.36 26.06
CA THR H 280 2.99 34.60 26.81
C THR H 280 2.32 33.63 27.80
N GLN H 281 1.30 34.12 28.49
CA GLN H 281 0.52 33.23 29.36
C GLN H 281 -0.21 32.17 28.56
N ARG H 282 -0.67 32.51 27.35
CA ARG H 282 -1.38 31.54 26.53
C ARG H 282 -0.45 30.43 26.03
N ILE H 283 0.80 30.78 25.68
CA ILE H 283 1.65 29.69 25.09
C ILE H 283 2.99 29.42 25.79
N TYR H 284 3.17 29.70 27.09
CA TYR H 284 4.45 29.29 27.66
C TYR H 284 4.51 27.81 27.97
N GLU H 285 3.37 27.10 27.95
CA GLU H 285 3.33 25.67 28.22
C GLU H 285 3.41 24.83 26.95
N ARG H 286 2.61 25.20 25.94
CA ARG H 286 2.65 24.50 24.66
C ARG H 286 4.01 24.58 24.01
N VAL H 287 4.64 25.76 24.09
CA VAL H 287 5.97 25.96 23.54
C VAL H 287 6.98 25.07 24.25
N TYR H 288 6.90 25.00 25.58
CA TYR H 288 7.81 24.15 26.33
C TYR H 288 7.63 22.68 25.97
N ALA H 289 6.38 22.23 25.85
CA ALA H 289 6.13 20.84 25.49
C ALA H 289 6.66 20.53 24.10
N ALA H 290 6.44 21.43 23.15
CA ALA H 290 6.94 21.22 21.79
C ALA H 290 8.47 21.16 21.76
N GLU H 291 9.13 22.06 22.50
CA GLU H 291 10.59 22.07 22.49
C GLU H 291 11.16 20.85 23.21
N ARG H 292 10.52 20.40 24.29
CA ARG H 292 11.05 19.23 24.98
C ARG H 292 10.84 17.97 24.16
N THR H 293 9.70 17.86 23.47
CA THR H 293 9.53 16.73 22.56
C THR H 293 10.49 16.80 21.39
N ALA H 294 10.83 18.01 20.93
CA ALA H 294 11.85 18.14 19.91
C ALA H 294 13.21 17.68 20.41
N ASN H 295 13.47 17.90 21.71
CA ASN H 295 14.69 17.36 22.32
C ASN H 295 14.67 15.85 22.38
N GLU H 296 13.54 15.27 22.78
CA GLU H 296 13.52 13.87 23.22
C GLU H 296 13.87 12.89 22.11
N ALA H 297 13.75 13.28 20.84
CA ALA H 297 14.14 12.32 19.81
C ALA H 297 15.66 12.28 19.62
N PRO H 298 16.38 13.41 19.44
CA PRO H 298 17.86 13.31 19.40
C PRO H 298 18.49 12.72 20.64
N LEU H 299 18.03 13.14 21.82
CA LEU H 299 18.69 12.72 23.05
C LEU H 299 18.51 11.23 23.29
N LEU H 300 17.33 10.70 22.97
CA LEU H 300 17.10 9.26 23.09
C LEU H 300 17.80 8.50 21.96
N ALA H 301 17.88 9.11 20.77
CA ALA H 301 18.61 8.50 19.67
C ALA H 301 20.09 8.35 19.98
N MET H 302 20.63 9.24 20.80
CA MET H 302 22.00 9.06 21.28
C MET H 302 22.16 7.76 22.04
N SER H 303 21.30 7.53 23.03
CA SER H 303 21.28 6.24 23.73
C SER H 303 20.21 5.31 23.16
N LYS H 304 20.18 5.15 21.85
CA LYS H 304 19.26 4.20 21.22
C LYS H 304 19.65 2.77 21.54
N ARG H 305 20.85 2.36 21.17
CA ARG H 305 21.31 0.99 21.34
C ARG H 305 22.02 0.82 22.67
N THR H 306 21.69 -0.26 23.39
CA THR H 306 22.12 -0.45 24.77
C THR H 306 22.65 -1.87 24.98
N SER H 307 23.59 -2.29 24.12
CA SER H 307 24.16 -3.63 24.21
C SER H 307 24.81 -3.88 25.57
N THR H 308 24.54 -5.05 26.15
CA THR H 308 25.03 -5.43 27.46
C THR H 308 25.62 -6.83 27.39
N ILE H 309 26.69 -7.07 28.15
CA ILE H 309 27.42 -8.33 28.14
C ILE H 309 27.35 -8.93 29.53
N HIS H 310 27.12 -10.24 29.60
CA HIS H 310 26.99 -10.97 30.87
C HIS H 310 28.31 -11.65 31.20
N VAL H 311 29.17 -10.92 31.89
CA VAL H 311 30.47 -11.40 32.33
C VAL H 311 30.35 -11.83 33.79
N ASP H 312 31.07 -12.90 34.16
CA ASP H 312 31.13 -13.31 35.56
C ASP H 312 31.87 -12.22 36.33
N VAL H 313 31.11 -11.40 37.05
CA VAL H 313 31.68 -10.19 37.66
C VAL H 313 32.59 -10.55 38.82
N GLU H 314 32.28 -11.62 39.57
CA GLU H 314 33.15 -11.99 40.68
C GLU H 314 34.51 -12.49 40.17
N LYS H 315 34.57 -12.98 38.93
CA LYS H 315 35.85 -13.26 38.31
C LYS H 315 36.48 -11.99 37.75
N ALA H 316 35.65 -11.06 37.26
CA ALA H 316 36.16 -9.83 36.67
C ALA H 316 36.85 -8.95 37.71
N ILE H 317 36.30 -8.89 38.93
CA ILE H 317 36.89 -8.08 39.99
C ILE H 317 38.28 -8.55 40.35
N ALA H 318 38.56 -9.85 40.18
CA ALA H 318 39.83 -10.43 40.63
C ALA H 318 41.03 -9.74 39.98
N ASN H 319 40.98 -9.54 38.66
CA ASN H 319 42.00 -8.73 37.99
C ASN H 319 41.51 -7.29 37.86
N GLU H 320 40.45 -7.09 37.06
CA GLU H 320 39.72 -5.83 36.89
C GLU H 320 40.53 -4.73 36.21
N ASP H 321 41.83 -4.92 35.97
CA ASP H 321 42.56 -3.97 35.11
C ASP H 321 42.69 -4.49 33.69
N ALA H 322 43.12 -5.74 33.53
CA ALA H 322 43.22 -6.34 32.20
C ALA H 322 41.86 -6.48 31.55
N PHE H 323 40.84 -6.79 32.35
CA PHE H 323 39.47 -6.88 31.84
C PHE H 323 39.00 -5.55 31.27
N ASN H 324 39.18 -4.47 32.03
CA ASN H 324 38.79 -3.15 31.55
C ASN H 324 39.61 -2.73 30.35
N ALA H 325 40.90 -3.06 30.33
CA ALA H 325 41.74 -2.73 29.18
C ALA H 325 41.27 -3.46 27.93
N ARG H 326 40.94 -4.74 28.06
CA ARG H 326 40.48 -5.52 26.92
C ARG H 326 39.16 -5.00 26.37
N LEU H 327 38.21 -4.71 27.27
CA LEU H 327 36.93 -4.23 26.79
C LEU H 327 37.01 -2.79 26.26
N ALA H 328 37.90 -1.98 26.83
CA ALA H 328 38.15 -0.65 26.27
C ALA H 328 38.74 -0.75 24.87
N PHE H 329 39.63 -1.73 24.66
CA PHE H 329 40.16 -1.99 23.33
C PHE H 329 39.04 -2.40 22.36
N TRP H 330 38.12 -3.25 22.82
CA TRP H 330 36.99 -3.63 21.98
C TRP H 330 36.13 -2.42 21.62
N ILE H 331 35.80 -1.59 22.61
CA ILE H 331 34.94 -0.43 22.35
C ILE H 331 35.65 0.57 21.44
N ALA H 332 36.97 0.71 21.59
CA ALA H 332 37.72 1.61 20.73
C ALA H 332 37.73 1.11 19.29
N ASN H 333 38.14 -0.14 19.07
CA ASN H 333 38.11 -0.70 17.72
C ASN H 333 36.85 -1.53 17.46
N ARG H 334 35.68 -0.98 17.78
CA ARG H 334 34.43 -1.65 17.42
C ARG H 334 34.14 -1.44 15.94
N ASP H 335 33.80 -2.54 15.25
CA ASP H 335 33.59 -2.53 13.81
C ASP H 335 32.63 -3.67 13.49
N ASN H 336 32.02 -3.61 12.30
CA ASN H 336 31.11 -4.65 11.84
C ASN H 336 31.80 -5.77 11.08
N HIS H 337 33.11 -5.95 11.29
CA HIS H 337 33.82 -7.07 10.68
C HIS H 337 34.59 -7.84 11.74
N GLY H 338 35.01 -7.16 12.80
CA GLY H 338 35.65 -7.83 13.89
C GLY H 338 34.69 -8.72 14.65
N VAL H 339 35.24 -9.77 15.27
CA VAL H 339 34.44 -10.74 16.00
C VAL H 339 34.86 -10.72 17.46
N LYS H 340 33.87 -10.85 18.34
CA LYS H 340 34.09 -10.82 19.78
C LYS H 340 34.03 -12.24 20.34
N VAL H 341 35.09 -12.64 21.02
CA VAL H 341 35.12 -13.94 21.69
C VAL H 341 34.70 -13.74 23.14
N LEU H 342 33.76 -14.56 23.59
CA LEU H 342 33.32 -14.53 24.98
C LEU H 342 32.91 -15.95 25.35
N GLY H 343 33.33 -16.39 26.54
CA GLY H 343 33.21 -17.79 26.92
C GLY H 343 31.79 -18.30 27.10
N THR H 344 31.68 -19.56 27.50
CA THR H 344 30.36 -20.09 27.85
C THR H 344 29.85 -19.40 29.12
N ASP H 345 28.55 -19.60 29.38
CA ASP H 345 27.81 -18.86 30.41
C ASP H 345 27.96 -17.34 30.22
N GLU H 346 27.84 -16.89 28.97
CA GLU H 346 27.94 -15.49 28.60
C GLU H 346 26.96 -15.25 27.47
N SER H 347 26.12 -14.21 27.59
CA SER H 347 25.04 -13.98 26.64
C SER H 347 25.31 -12.82 25.69
N MET H 348 25.58 -11.63 26.24
CA MET H 348 25.76 -10.39 25.48
C MET H 348 24.51 -10.07 24.64
N GLU H 349 23.46 -9.69 25.33
CA GLU H 349 22.24 -9.30 24.62
C GLU H 349 22.31 -7.83 24.21
N GLN H 350 21.34 -7.42 23.40
CA GLN H 350 21.34 -6.07 22.86
C GLN H 350 19.90 -5.57 22.77
N PHE H 351 19.69 -4.31 23.14
CA PHE H 351 18.39 -3.68 23.10
C PHE H 351 18.47 -2.41 22.27
N ASP H 352 17.36 -2.06 21.63
CA ASP H 352 17.27 -0.83 20.86
C ASP H 352 15.88 -0.24 20.99
N THR H 353 15.79 1.07 20.79
CA THR H 353 14.56 1.81 20.98
C THR H 353 13.95 2.20 19.63
N ASN H 354 12.62 2.26 19.59
CA ASN H 354 11.89 2.67 18.41
C ASN H 354 11.50 4.14 18.55
N LEU H 355 11.93 4.94 17.57
CA LEU H 355 11.75 6.40 17.63
C LEU H 355 10.93 6.93 16.46
N ALA H 356 10.19 6.06 15.77
CA ALA H 356 9.47 6.49 14.58
C ALA H 356 8.26 7.37 14.92
N ASP H 357 7.74 7.26 16.14
CA ASP H 357 6.52 7.96 16.52
C ASP H 357 6.76 9.30 17.20
N PHE H 358 8.01 9.74 17.33
CA PHE H 358 8.28 11.03 17.96
C PHE H 358 7.93 12.20 17.05
N ASP H 359 8.06 12.02 15.73
CA ASP H 359 7.82 13.10 14.78
C ASP H 359 6.37 13.57 14.82
N SER H 360 5.43 12.63 14.93
CA SER H 360 4.02 12.99 15.01
C SER H 360 3.74 13.84 16.23
N ILE H 361 4.32 13.46 17.38
CA ILE H 361 4.12 14.23 18.61
C ILE H 361 4.70 15.64 18.46
N ILE H 362 5.92 15.72 17.92
CA ILE H 362 6.60 17.02 17.81
C ILE H 362 5.80 17.95 16.91
N MET H 363 5.39 17.47 15.74
CA MET H 363 4.68 18.35 14.83
C MET H 363 3.24 18.61 15.24
N ASN H 364 2.62 17.70 16.01
CA ASN H 364 1.32 18.02 16.60
C ASN H 364 1.44 19.16 17.61
N GLN H 365 2.50 19.16 18.42
CA GLN H 365 2.66 20.24 19.39
C GLN H 365 3.02 21.56 18.70
N TYR H 366 3.84 21.52 17.65
CA TYR H 366 4.14 22.75 16.92
C TYR H 366 2.90 23.29 16.20
N GLN H 367 2.08 22.39 15.66
CA GLN H 367 0.81 22.82 15.06
C GLN H 367 -0.09 23.47 16.08
N LEU H 368 -0.08 22.95 17.32
CA LEU H 368 -0.86 23.60 18.37
C LEU H 368 -0.27 24.95 18.77
N VAL H 369 1.07 25.09 18.73
CA VAL H 369 1.69 26.40 18.93
C VAL H 369 1.14 27.40 17.93
N ALA H 370 1.10 27.00 16.66
CA ALA H 370 0.48 27.84 15.63
C ALA H 370 -0.98 28.10 15.92
N ALA H 371 -1.69 27.11 16.49
CA ALA H 371 -3.10 27.26 16.79
C ALA H 371 -3.35 28.37 17.80
N ILE H 372 -2.59 28.39 18.90
CA ILE H 372 -2.69 29.51 19.83
C ILE H 372 -2.23 30.80 19.18
N ALA H 373 -1.12 30.77 18.45
CA ALA H 373 -0.56 31.99 17.88
C ALA H 373 -1.42 32.63 16.82
N LYS H 374 -2.44 31.92 16.31
CA LYS H 374 -3.34 32.40 15.25
C LYS H 374 -2.60 32.72 13.96
N THR H 375 -1.40 32.15 13.81
CA THR H 375 -0.48 32.32 12.71
C THR H 375 -0.27 30.96 12.05
N PRO H 376 -0.21 30.89 10.72
CA PRO H 376 -0.03 29.58 10.07
C PRO H 376 1.28 28.92 10.44
N ALA H 377 1.24 27.58 10.50
CA ALA H 377 2.44 26.81 10.76
C ALA H 377 3.47 27.00 9.65
N THR H 378 3.04 27.37 8.45
CA THR H 378 3.98 27.75 7.40
C THR H 378 4.74 29.01 7.79
N LYS H 379 4.08 29.97 8.43
CA LYS H 379 4.76 31.18 8.85
C LYS H 379 5.66 30.93 10.07
N LEU H 380 5.16 30.18 11.05
CA LEU H 380 5.95 29.96 12.26
C LEU H 380 7.04 28.90 12.05
N LEU H 381 6.62 27.66 11.78
CA LEU H 381 7.52 26.53 11.64
C LEU H 381 8.31 26.57 10.32
N GLY H 382 7.95 27.45 9.40
CA GLY H 382 8.61 27.52 8.12
C GLY H 382 7.98 26.66 7.04
N THR H 383 7.15 25.70 7.43
CA THR H 383 6.43 24.85 6.48
C THR H 383 5.28 24.18 7.22
N SER H 384 4.43 23.51 6.45
CA SER H 384 3.37 22.71 7.06
C SER H 384 3.98 21.55 7.85
N PRO H 385 3.40 21.20 9.00
CA PRO H 385 3.97 20.09 9.80
C PRO H 385 3.76 18.72 9.14
N LYS H 386 4.24 17.68 9.83
CA LYS H 386 4.21 16.32 9.29
C LYS H 386 2.79 15.85 9.04
N GLY H 387 2.55 15.31 7.83
CA GLY H 387 1.30 14.67 7.50
C GLY H 387 0.12 15.60 7.26
N PHE H 388 0.18 16.83 7.76
CA PHE H 388 -0.94 17.77 7.59
C PHE H 388 -1.10 18.14 6.12
N ASN H 389 -2.35 18.42 5.74
CA ASN H 389 -2.65 18.86 4.39
C ASN H 389 -1.91 20.16 4.09
N ALA H 390 -1.45 20.28 2.83
CA ALA H 390 -0.71 21.46 2.41
C ALA H 390 -1.57 22.72 2.57
N THR H 391 -0.94 23.78 3.07
CA THR H 391 -1.64 25.02 3.35
C THR H 391 -2.21 25.63 2.08
N GLY H 392 -3.40 26.20 2.18
CA GLY H 392 -4.11 26.62 1.00
C GLY H 392 -4.79 27.97 1.08
N GLU H 393 -5.73 28.18 0.16
CA GLU H 393 -6.43 29.46 0.05
C GLU H 393 -7.19 29.80 1.32
N HIS H 394 -7.75 28.79 1.99
CA HIS H 394 -8.48 29.03 3.23
C HIS H 394 -7.59 29.60 4.31
N GLU H 395 -6.39 29.03 4.47
CA GLU H 395 -5.48 29.54 5.50
C GLU H 395 -4.90 30.89 5.10
N THR H 396 -4.64 31.10 3.80
CA THR H 396 -4.12 32.39 3.37
C THR H 396 -5.15 33.50 3.59
N ILE H 397 -6.43 33.24 3.35
CA ILE H 397 -7.43 34.28 3.63
C ILE H 397 -7.69 34.37 5.13
N SER H 398 -7.48 33.28 5.88
CA SER H 398 -7.66 33.34 7.32
C SER H 398 -6.57 34.16 8.00
N TYR H 399 -5.36 34.19 7.44
CA TYR H 399 -4.26 34.94 8.03
C TYR H 399 -4.09 36.32 7.39
N HIS H 400 -3.93 36.36 6.06
CA HIS H 400 -3.64 37.61 5.37
C HIS H 400 -4.79 38.61 5.50
N GLU H 401 -6.03 38.12 5.55
CA GLU H 401 -7.18 39.01 5.59
C GLU H 401 -7.75 39.22 6.98
N GLU H 402 -7.86 38.18 7.81
CA GLU H 402 -8.60 38.34 9.06
C GLU H 402 -7.74 38.98 10.15
N LEU H 403 -6.70 38.26 10.58
CA LEU H 403 -5.91 38.71 11.72
C LEU H 403 -5.17 40.00 11.40
N GLU H 404 -4.71 40.14 10.16
CA GLU H 404 -3.96 41.34 9.79
C GLU H 404 -4.86 42.57 9.71
N SER H 405 -6.12 42.40 9.29
CA SER H 405 -7.07 43.51 9.37
C SER H 405 -7.38 43.86 10.82
N ILE H 406 -7.45 42.85 11.70
CA ILE H 406 -7.60 43.14 13.13
C ILE H 406 -6.42 43.96 13.64
N GLN H 407 -5.19 43.57 13.25
CA GLN H 407 -4.02 44.33 13.68
C GLN H 407 -4.02 45.73 13.10
N GLU H 408 -4.54 45.89 11.89
CA GLU H 408 -4.63 47.23 11.30
C GLU H 408 -5.64 48.10 12.04
N HIS H 409 -6.77 47.52 12.45
CA HIS H 409 -7.72 48.30 13.23
C HIS H 409 -7.22 48.56 14.64
N ILE H 410 -6.29 47.74 15.13
CA ILE H 410 -5.60 48.05 16.38
C ILE H 410 -4.63 49.21 16.17
N PHE H 411 -3.92 49.21 15.04
CA PHE H 411 -2.98 50.29 14.73
C PHE H 411 -3.71 51.61 14.50
N ASP H 412 -4.95 51.56 14.03
CA ASP H 412 -5.67 52.77 13.61
C ASP H 412 -5.77 53.86 14.68
N PRO H 413 -6.06 53.59 15.96
CA PRO H 413 -5.98 54.67 16.95
C PRO H 413 -4.63 55.36 17.01
N LEU H 414 -3.54 54.60 16.92
CA LEU H 414 -2.21 55.18 16.97
C LEU H 414 -1.96 56.14 15.80
N LEU H 415 -2.23 55.68 14.58
CA LEU H 415 -2.03 56.53 13.41
C LEU H 415 -2.96 57.72 13.43
N GLU H 416 -4.20 57.54 13.91
CA GLU H 416 -5.16 58.62 13.92
C GLU H 416 -4.75 59.72 14.89
N ARG H 417 -4.35 59.35 16.12
CA ARG H 417 -3.87 60.37 17.05
C ARG H 417 -2.57 60.99 16.58
N HIS H 418 -1.67 60.19 15.97
CA HIS H 418 -0.42 60.72 15.46
C HIS H 418 -0.66 61.74 14.36
N TYR H 419 -1.58 61.45 13.44
CA TYR H 419 -1.85 62.39 12.36
C TYR H 419 -2.65 63.59 12.82
N LEU H 420 -3.50 63.43 13.84
CA LEU H 420 -4.12 64.61 14.47
C LEU H 420 -3.06 65.52 15.05
N LEU H 421 -2.20 64.97 15.92
CA LEU H 421 -1.17 65.77 16.58
C LEU H 421 -0.05 66.20 15.64
N LEU H 422 0.00 65.68 14.42
CA LEU H 422 0.96 66.18 13.45
C LEU H 422 0.33 67.28 12.61
N ALA H 423 -0.77 66.97 11.93
CA ALA H 423 -1.44 67.93 11.05
C ALA H 423 -1.88 69.17 11.82
N LYS H 424 -2.74 68.99 12.83
CA LYS H 424 -3.33 70.15 13.49
C LYS H 424 -2.25 70.97 14.20
N SER H 425 -1.24 70.30 14.75
CA SER H 425 -0.16 71.03 15.41
C SER H 425 0.66 71.85 14.42
N GLU H 426 0.91 71.31 13.23
CA GLU H 426 1.61 72.11 12.23
C GLU H 426 0.61 72.95 11.44
N GLU H 427 1.15 73.82 10.59
CA GLU H 427 0.32 74.74 9.82
C GLU H 427 -0.26 73.99 8.63
N ILE H 428 -1.53 73.60 8.74
CA ILE H 428 -2.25 72.91 7.68
C ILE H 428 -3.59 73.63 7.47
N ASP H 429 -4.36 73.15 6.50
CA ASP H 429 -5.66 73.74 6.21
C ASP H 429 -6.78 72.71 6.24
N VAL H 430 -6.49 71.48 5.86
CA VAL H 430 -7.50 70.43 5.70
C VAL H 430 -7.12 69.23 6.55
N GLN H 431 -8.12 68.63 7.19
CA GLN H 431 -7.90 67.44 8.01
C GLN H 431 -7.54 66.25 7.13
N LEU H 432 -7.26 65.12 7.76
CA LEU H 432 -6.51 64.04 7.13
C LEU H 432 -7.14 62.70 7.44
N GLU H 433 -6.99 61.74 6.53
CA GLU H 433 -7.49 60.40 6.74
C GLU H 433 -6.55 59.39 6.09
N ILE H 434 -6.67 58.14 6.55
CA ILE H 434 -5.71 57.07 6.26
C ILE H 434 -6.44 55.96 5.51
N VAL H 435 -5.81 55.44 4.47
CA VAL H 435 -6.28 54.24 3.79
C VAL H 435 -5.20 53.17 3.89
N TRP H 436 -5.63 51.93 4.03
CA TRP H 436 -4.73 50.80 4.25
C TRP H 436 -4.48 50.09 2.92
N ASN H 437 -3.22 49.85 2.61
CA ASN H 437 -2.87 49.09 1.42
C ASN H 437 -3.32 47.63 1.59
N PRO H 438 -3.70 46.98 0.50
CA PRO H 438 -3.95 45.52 0.58
C PRO H 438 -2.68 44.79 0.97
N VAL H 439 -2.83 43.79 1.82
CA VAL H 439 -1.70 43.01 2.33
C VAL H 439 -1.90 41.57 1.85
N ASP H 440 -1.31 41.26 0.71
CA ASP H 440 -1.37 39.93 0.14
C ASP H 440 0.04 39.45 -0.16
N SER H 441 0.93 40.41 -0.47
CA SER H 441 2.34 40.16 -0.75
C SER H 441 2.51 39.15 -1.89
N THR H 442 1.66 39.26 -2.91
CA THR H 442 1.65 38.31 -4.01
C THR H 442 2.88 38.50 -4.89
N SER H 443 3.23 37.43 -5.61
CA SER H 443 4.44 37.42 -6.43
C SER H 443 4.32 38.39 -7.61
N SER H 444 5.42 38.53 -8.34
CA SER H 444 5.47 39.49 -9.45
C SER H 444 4.58 39.06 -10.61
N GLN H 445 4.57 37.76 -10.94
CA GLN H 445 3.68 37.26 -11.98
C GLN H 445 2.22 37.49 -11.63
N GLN H 446 1.85 37.17 -10.38
CA GLN H 446 0.49 37.40 -9.95
C GLN H 446 0.14 38.88 -9.94
N GLN H 447 1.10 39.73 -9.55
CA GLN H 447 0.86 41.16 -9.56
C GLN H 447 0.63 41.67 -10.98
N ALA H 448 1.40 41.16 -11.94
CA ALA H 448 1.20 41.55 -13.34
C ALA H 448 -0.15 41.08 -13.85
N GLU H 449 -0.57 39.86 -13.49
CA GLU H 449 -1.88 39.38 -13.89
C GLU H 449 -2.99 40.23 -13.29
N LEU H 450 -2.83 40.61 -12.02
CA LEU H 450 -3.78 41.49 -11.35
C LEU H 450 -3.90 42.84 -12.06
N ASN H 451 -2.74 43.42 -12.40
CA ASN H 451 -2.72 44.69 -13.12
C ASN H 451 -3.37 44.57 -14.49
N ASN H 452 -3.11 43.46 -15.20
CA ASN H 452 -3.69 43.28 -16.52
C ASN H 452 -5.21 43.15 -16.44
N LYS H 453 -5.70 42.40 -15.45
CA LYS H 453 -7.15 42.26 -15.32
C LYS H 453 -7.79 43.59 -14.95
N LYS H 454 -7.15 44.36 -14.07
CA LYS H 454 -7.67 45.68 -13.73
C LYS H 454 -7.65 46.62 -14.94
N ALA H 455 -6.62 46.51 -15.78
CA ALA H 455 -6.57 47.31 -17.00
C ALA H 455 -7.67 46.91 -17.96
N ALA H 456 -7.99 45.61 -18.03
CA ALA H 456 -9.12 45.18 -18.85
C ALA H 456 -10.43 45.75 -18.34
N THR H 457 -10.62 45.77 -17.01
CA THR H 457 -11.81 46.41 -16.44
C THR H 457 -11.86 47.88 -16.78
N ASP H 458 -10.72 48.57 -16.69
CA ASP H 458 -10.66 49.98 -17.02
C ASP H 458 -11.04 50.23 -18.48
N GLU H 459 -10.50 49.41 -19.39
CA GLU H 459 -10.81 49.57 -20.80
C GLU H 459 -12.29 49.31 -21.08
N ILE H 460 -12.85 48.29 -20.44
CA ILE H 460 -14.27 47.98 -20.63
C ILE H 460 -15.14 49.13 -20.15
N TYR H 461 -14.84 49.67 -18.96
CA TYR H 461 -15.63 50.77 -18.42
C TYR H 461 -15.51 52.03 -19.27
N ILE H 462 -14.29 52.36 -19.71
CA ILE H 462 -14.09 53.56 -20.53
C ILE H 462 -14.80 53.42 -21.86
N ASN H 463 -14.68 52.25 -22.50
CA ASN H 463 -15.34 52.02 -23.78
C ASN H 463 -16.85 52.08 -23.65
N SER H 464 -17.40 51.52 -22.57
CA SER H 464 -18.83 51.63 -22.32
C SER H 464 -19.24 53.01 -21.84
N GLY H 465 -18.28 53.88 -21.52
CA GLY H 465 -18.62 55.23 -21.14
C GLY H 465 -19.08 55.36 -19.70
N VAL H 466 -18.43 54.63 -18.78
CA VAL H 466 -18.79 54.70 -17.37
C VAL H 466 -17.86 55.67 -16.68
N VAL H 467 -16.56 55.40 -16.72
CA VAL H 467 -15.56 56.22 -16.05
C VAL H 467 -14.63 56.82 -17.10
N SER H 468 -14.22 58.07 -16.86
CA SER H 468 -13.27 58.72 -17.73
C SER H 468 -11.87 58.15 -17.50
N PRO H 469 -10.96 58.29 -18.48
CA PRO H 469 -9.57 57.88 -18.24
C PRO H 469 -8.87 58.67 -17.14
N ASP H 470 -9.40 59.82 -16.73
CA ASP H 470 -8.79 60.58 -15.64
C ASP H 470 -8.88 59.82 -14.33
N GLU H 471 -10.01 59.15 -14.06
CA GLU H 471 -10.12 58.33 -12.86
C GLU H 471 -9.12 57.17 -12.87
N VAL H 472 -8.92 56.56 -14.04
CA VAL H 472 -7.94 55.48 -14.14
C VAL H 472 -6.53 56.03 -13.91
N ARG H 473 -6.25 57.21 -14.45
CA ARG H 473 -4.96 57.86 -14.21
C ARG H 473 -4.73 58.12 -12.72
N GLU H 474 -5.75 58.65 -12.05
CA GLU H 474 -5.63 58.93 -10.62
C GLU H 474 -5.49 57.65 -9.81
N ARG H 475 -6.20 56.59 -10.21
CA ARG H 475 -6.08 55.31 -9.52
C ARG H 475 -4.67 54.74 -9.65
N LEU H 476 -4.13 54.78 -10.87
CA LEU H 476 -2.76 54.30 -11.07
C LEU H 476 -1.76 55.14 -10.29
N ARG H 477 -1.94 56.46 -10.27
CA ARG H 477 -1.03 57.33 -9.52
C ARG H 477 -1.10 57.04 -8.03
N ASP H 478 -2.31 57.05 -7.46
CA ASP H 478 -2.51 56.70 -6.06
C ASP H 478 -2.85 55.23 -5.89
N ASP H 479 -2.06 54.36 -6.51
CA ASP H 479 -2.13 52.92 -6.23
C ASP H 479 -0.73 52.35 -6.37
N PRO H 480 -0.08 52.00 -5.27
CA PRO H 480 1.21 51.30 -5.36
C PRO H 480 1.03 49.89 -5.90
N ARG H 481 2.15 49.31 -6.34
CA ARG H 481 2.20 47.98 -6.97
C ARG H 481 1.37 47.92 -8.24
N SER H 482 1.10 49.06 -8.86
CA SER H 482 0.32 49.12 -10.09
C SER H 482 1.17 49.31 -11.33
N GLY H 483 2.49 49.36 -11.18
CA GLY H 483 3.38 49.52 -12.31
C GLY H 483 3.76 50.96 -12.58
N TYR H 484 2.81 51.88 -12.38
CA TYR H 484 3.02 53.29 -12.65
C TYR H 484 2.67 54.09 -11.40
N ASN H 485 3.69 54.50 -10.65
CA ASN H 485 3.48 55.44 -9.55
C ASN H 485 4.21 56.76 -9.79
N ARG H 486 4.63 57.02 -11.02
CA ARG H 486 5.56 58.10 -11.32
C ARG H 486 5.23 58.81 -12.63
N LEU H 487 3.98 58.74 -13.09
CA LEU H 487 3.65 59.07 -14.47
C LEU H 487 3.98 60.50 -14.90
N THR H 488 3.20 61.47 -14.43
CA THR H 488 3.25 62.87 -14.86
C THR H 488 2.42 63.68 -13.88
N ASP H 489 2.28 64.97 -14.18
CA ASP H 489 1.30 65.84 -13.56
C ASP H 489 0.19 66.26 -14.52
N ASP H 490 0.16 65.69 -15.73
CA ASP H 490 -0.81 66.08 -16.73
C ASP H 490 -2.20 65.54 -16.38
N GLN H 491 -3.16 65.85 -17.23
CA GLN H 491 -4.55 65.43 -17.03
C GLN H 491 -5.04 64.70 -18.28
N ALA H 492 -5.96 63.77 -18.07
CA ALA H 492 -6.58 63.04 -19.16
C ALA H 492 -7.74 63.85 -19.72
N GLU H 493 -8.60 63.19 -20.52
CA GLU H 493 -9.71 63.88 -21.16
C GLU H 493 -10.70 64.43 -20.14
N THR H 494 -10.95 63.69 -19.06
CA THR H 494 -11.86 63.98 -17.95
C THR H 494 -13.33 64.00 -18.36
N GLU H 495 -13.63 63.82 -19.64
CA GLU H 495 -15.02 63.68 -20.07
C GLU H 495 -15.50 62.27 -19.79
N PRO H 496 -16.77 62.10 -19.37
CA PRO H 496 -17.19 60.83 -18.75
C PRO H 496 -17.11 59.61 -19.66
N GLY H 497 -15.90 59.12 -19.87
CA GLY H 497 -15.69 57.88 -20.59
C GLY H 497 -15.54 58.05 -22.09
N MET H 498 -14.70 59.00 -22.52
CA MET H 498 -14.58 59.26 -23.95
C MET H 498 -13.61 58.31 -24.63
N SER H 499 -12.31 58.40 -24.28
CA SER H 499 -11.18 57.73 -24.95
C SER H 499 -11.02 58.25 -26.38
N PRO H 500 -9.82 58.17 -26.98
CA PRO H 500 -9.66 58.68 -28.35
C PRO H 500 -10.54 57.99 -29.38
N GLU H 501 -10.83 56.69 -29.19
CA GLU H 501 -11.66 55.97 -30.15
C GLU H 501 -13.06 56.56 -30.23
N ASN H 502 -13.74 56.69 -29.08
CA ASN H 502 -15.08 57.27 -29.11
C ASN H 502 -15.06 58.78 -29.31
N LEU H 503 -13.94 59.46 -29.00
CA LEU H 503 -13.83 60.87 -29.36
C LEU H 503 -13.88 61.05 -30.86
N ALA H 504 -13.04 60.30 -31.59
CA ALA H 504 -13.05 60.35 -33.06
C ALA H 504 -14.39 59.88 -33.61
N GLU H 505 -14.96 58.84 -33.01
CA GLU H 505 -16.27 58.35 -33.47
C GLU H 505 -17.35 59.40 -33.28
N PHE H 506 -17.36 60.09 -32.14
CA PHE H 506 -18.36 61.12 -31.88
C PHE H 506 -18.20 62.30 -32.82
N GLU H 507 -16.96 62.75 -33.05
CA GLU H 507 -16.74 63.85 -33.99
C GLU H 507 -17.20 63.48 -35.40
N LYS H 508 -16.79 62.29 -35.87
CA LYS H 508 -17.17 61.86 -37.20
C LYS H 508 -18.68 61.66 -37.32
N ALA H 509 -19.31 61.10 -36.28
CA ALA H 509 -20.75 60.88 -36.31
C ALA H 509 -21.52 62.20 -36.31
N GLY H 510 -21.10 63.16 -35.50
CA GLY H 510 -21.75 64.47 -35.51
C GLY H 510 -21.59 65.18 -36.83
N ALA H 511 -20.40 65.12 -37.41
CA ALA H 511 -20.18 65.74 -38.72
C ALA H 511 -21.02 65.07 -39.81
N GLN H 512 -21.06 63.73 -39.81
CA GLN H 512 -21.87 63.03 -40.80
C GLN H 512 -23.36 63.29 -40.57
N SER H 513 -23.77 63.50 -39.32
CA SER H 513 -25.14 63.88 -39.05
C SER H 513 -25.45 65.25 -39.64
N ALA H 514 -24.50 66.19 -39.52
CA ALA H 514 -24.65 67.49 -40.17
C ALA H 514 -24.79 67.33 -41.68
N LYS H 515 -23.94 66.49 -42.27
CA LYS H 515 -24.03 66.15 -43.70
C LYS H 515 -25.42 65.67 -44.07
N ALA H 516 -25.92 64.68 -43.34
CA ALA H 516 -27.18 64.04 -43.72
C ALA H 516 -28.37 64.96 -43.49
N LYS H 517 -28.36 65.74 -42.40
CA LYS H 517 -29.45 66.68 -42.16
C LYS H 517 -29.47 67.79 -43.21
N GLY H 518 -28.29 68.29 -43.60
CA GLY H 518 -28.25 69.28 -44.67
C GLY H 518 -28.72 68.73 -46.00
N GLU H 519 -28.30 67.52 -46.35
CA GLU H 519 -28.72 66.92 -47.61
C GLU H 519 -30.22 66.60 -47.59
N ALA H 520 -30.76 66.21 -46.43
CA ALA H 520 -32.19 66.00 -46.32
C ALA H 520 -32.96 67.31 -46.47
N GLU H 521 -32.46 68.39 -45.90
CA GLU H 521 -33.12 69.69 -46.07
C GLU H 521 -33.09 70.12 -47.54
N ARG H 522 -31.96 69.87 -48.21
CA ARG H 522 -31.90 70.13 -49.65
C ARG H 522 -32.89 69.27 -50.42
N ALA H 523 -33.07 68.02 -49.98
CA ALA H 523 -34.06 67.14 -50.62
C ALA H 523 -35.47 67.68 -50.46
N GLU H 524 -35.81 68.17 -49.25
CA GLU H 524 -37.11 68.81 -49.05
C GLU H 524 -37.27 70.02 -49.96
N ALA H 525 -36.22 70.85 -50.05
CA ALA H 525 -36.30 72.06 -50.86
C ALA H 525 -36.51 71.73 -52.34
N GLN H 526 -35.80 70.72 -52.84
CA GLN H 526 -35.93 70.37 -54.26
C GLN H 526 -37.24 69.65 -54.55
N ALA H 527 -37.71 68.81 -53.61
CA ALA H 527 -38.97 68.11 -53.82
C ALA H 527 -40.16 69.06 -53.76
N GLY H 528 -40.11 70.05 -52.88
CA GLY H 528 -41.20 71.01 -52.75
C GLY H 528 -41.36 71.92 -53.95
N VAL I 94 -40.88 5.58 27.94
CA VAL I 94 -40.43 6.58 28.89
C VAL I 94 -38.90 6.70 28.81
N VAL I 95 -38.38 7.86 29.18
CA VAL I 95 -36.93 8.08 29.21
C VAL I 95 -36.33 7.22 30.32
N PRO I 96 -35.18 6.59 30.12
CA PRO I 96 -34.53 5.86 31.21
C PRO I 96 -33.91 6.81 32.22
N THR I 97 -33.70 6.29 33.43
CA THR I 97 -33.13 7.10 34.49
C THR I 97 -31.70 7.53 34.19
N MET I 98 -30.90 6.64 33.60
CA MET I 98 -29.49 6.95 33.34
C MET I 98 -29.34 7.98 32.23
N LEU I 99 -30.07 7.80 31.12
CA LEU I 99 -30.04 8.82 30.08
C LEU I 99 -30.63 10.13 30.57
N GLN I 100 -31.69 10.03 31.40
CA GLN I 100 -32.37 11.22 31.88
C GLN I 100 -31.45 12.08 32.74
N ASP I 101 -30.78 11.47 33.73
CA ASP I 101 -29.92 12.31 34.56
C ASP I 101 -28.59 12.61 33.89
N TRP I 102 -28.16 11.81 32.90
CA TRP I 102 -27.00 12.22 32.09
C TRP I 102 -27.31 13.49 31.33
N TYR I 103 -28.52 13.61 30.79
CA TYR I 103 -28.90 14.85 30.11
C TYR I 103 -29.17 15.97 31.09
N ASN I 104 -29.71 15.65 32.27
CA ASN I 104 -30.08 16.65 33.25
C ASN I 104 -28.87 17.25 33.96
N SER I 105 -27.76 16.52 34.02
CA SER I 105 -26.57 17.02 34.69
C SER I 105 -25.96 18.24 34.00
N GLN I 106 -26.33 18.50 32.74
CA GLN I 106 -25.81 19.65 32.01
C GLN I 106 -26.64 20.89 32.30
N GLY I 107 -26.58 21.33 33.56
CA GLY I 107 -27.26 22.53 33.99
C GLY I 107 -26.44 23.77 33.73
N PHE I 108 -26.95 24.89 34.20
CA PHE I 108 -26.28 26.17 34.07
C PHE I 108 -25.13 26.24 35.08
N ILE I 109 -23.90 26.38 34.57
CA ILE I 109 -22.73 26.32 35.45
C ILE I 109 -22.65 27.55 36.34
N GLY I 110 -22.94 28.73 35.79
CA GLY I 110 -22.88 29.97 36.55
C GLY I 110 -22.02 31.00 35.87
N TYR I 111 -22.34 32.27 36.14
CA TYR I 111 -21.61 33.38 35.51
C TYR I 111 -20.16 33.42 35.97
N GLN I 112 -19.92 33.17 37.25
CA GLN I 112 -18.56 33.11 37.77
C GLN I 112 -17.75 32.01 37.10
N ALA I 113 -18.36 30.83 36.94
CA ALA I 113 -17.69 29.73 36.26
C ALA I 113 -17.41 30.07 34.80
N CYS I 114 -18.37 30.71 34.12
CA CYS I 114 -18.15 31.11 32.74
C CYS I 114 -17.00 32.09 32.61
N ALA I 115 -16.95 33.08 33.51
CA ALA I 115 -15.88 34.06 33.47
C ALA I 115 -14.52 33.43 33.74
N ILE I 116 -14.46 32.52 34.73
CA ILE I 116 -13.18 31.92 35.07
C ILE I 116 -12.72 30.93 34.00
N ILE I 117 -13.66 30.32 33.26
CA ILE I 117 -13.27 29.40 32.20
C ILE I 117 -12.88 30.16 30.93
N SER I 118 -13.44 31.37 30.72
CA SER I 118 -13.18 32.14 29.51
C SER I 118 -11.71 32.53 29.35
N GLN I 119 -10.91 32.43 30.42
CA GLN I 119 -9.49 32.74 30.32
C GLN I 119 -8.76 31.81 29.35
N HIS I 120 -9.25 30.59 29.18
CA HIS I 120 -8.57 29.62 28.31
C HIS I 120 -8.60 30.08 26.86
N TRP I 121 -7.57 29.67 26.11
CA TRP I 121 -7.39 30.17 24.76
C TRP I 121 -8.39 29.58 23.78
N LEU I 122 -8.75 28.30 23.94
CA LEU I 122 -9.68 27.66 23.02
C LEU I 122 -11.06 28.29 23.12
N VAL I 123 -11.58 28.43 24.34
CA VAL I 123 -12.92 28.99 24.52
C VAL I 123 -12.93 30.48 24.15
N ASP I 124 -11.85 31.19 24.45
CA ASP I 124 -11.77 32.60 24.06
C ASP I 124 -11.77 32.75 22.54
N LYS I 125 -11.02 31.90 21.85
CA LYS I 125 -11.00 31.93 20.39
C LYS I 125 -12.37 31.57 19.82
N ALA I 126 -13.03 30.56 20.40
CA ALA I 126 -14.35 30.16 19.92
C ALA I 126 -15.38 31.26 20.09
N CYS I 127 -15.36 31.95 21.24
CA CYS I 127 -16.27 33.06 21.44
C CYS I 127 -15.86 34.32 20.69
N SER I 128 -14.58 34.44 20.29
CA SER I 128 -14.09 35.65 19.67
C SER I 128 -14.26 35.66 18.16
N MET I 129 -13.67 34.68 17.47
CA MET I 129 -13.63 34.73 16.01
C MET I 129 -14.89 34.12 15.36
N SER I 130 -16.04 34.53 15.89
CA SER I 130 -17.33 34.16 15.30
C SER I 130 -18.05 35.37 14.74
N GLY I 131 -18.32 36.39 15.55
CA GLY I 131 -18.89 37.63 15.07
C GLY I 131 -17.88 38.71 14.73
N GLU I 132 -16.63 38.51 15.12
CA GLU I 132 -15.58 39.44 14.75
C GLU I 132 -15.38 39.45 13.23
N ASP I 133 -15.43 38.27 12.60
CA ASP I 133 -15.37 38.19 11.15
C ASP I 133 -16.58 38.85 10.51
N ALA I 134 -17.76 38.70 11.13
CA ALA I 134 -18.96 39.36 10.61
C ALA I 134 -18.83 40.88 10.66
N ALA I 135 -18.30 41.41 11.76
CA ALA I 135 -18.13 42.85 11.92
C ALA I 135 -16.92 43.38 11.17
N ARG I 136 -16.05 42.51 10.66
CA ARG I 136 -14.84 42.93 9.95
C ARG I 136 -15.15 43.86 8.77
N ASN I 137 -15.90 43.36 7.79
CA ASN I 137 -16.10 44.09 6.54
C ASN I 137 -16.92 45.35 6.68
N GLY I 138 -17.58 45.56 7.82
CA GLY I 138 -18.28 46.79 8.05
C GLY I 138 -19.62 46.86 7.35
N TRP I 139 -20.16 48.08 7.29
CA TRP I 139 -21.48 48.30 6.73
C TRP I 139 -21.47 49.61 5.95
N GLU I 140 -22.56 49.86 5.23
CA GLU I 140 -22.77 51.11 4.51
C GLU I 140 -24.16 51.64 4.83
N LEU I 141 -24.31 52.95 4.65
CA LEU I 141 -25.53 53.66 5.01
C LEU I 141 -26.27 54.04 3.73
N LYS I 142 -27.59 53.87 3.73
CA LYS I 142 -28.34 54.14 2.50
C LYS I 142 -29.29 55.32 2.62
N SER I 143 -30.14 55.34 3.65
CA SER I 143 -31.21 56.31 3.83
C SER I 143 -32.24 56.25 2.70
N ASP I 144 -33.31 57.02 2.81
CA ASP I 144 -34.30 57.07 1.73
C ASP I 144 -33.72 57.69 0.47
N GLY I 145 -32.86 58.70 0.63
CA GLY I 145 -32.22 59.33 -0.50
C GLY I 145 -31.14 58.46 -1.12
N ARG I 146 -30.67 58.91 -2.29
CA ARG I 146 -29.62 58.21 -3.00
C ARG I 146 -28.31 58.21 -2.21
N LYS I 147 -27.75 59.39 -1.98
CA LYS I 147 -26.50 59.54 -1.25
C LYS I 147 -26.68 60.56 -0.13
N LEU I 148 -26.11 60.26 1.02
CA LEU I 148 -26.12 61.20 2.13
C LEU I 148 -25.21 62.37 1.85
N SER I 149 -25.59 63.54 2.37
CA SER I 149 -24.76 64.73 2.22
C SER I 149 -23.43 64.53 2.92
N ASP I 150 -22.38 65.15 2.36
CA ASP I 150 -21.02 64.87 2.80
C ASP I 150 -20.78 65.33 4.24
N GLU I 151 -21.34 66.48 4.62
CA GLU I 151 -21.22 66.93 6.00
C GLU I 151 -21.91 65.96 6.96
N GLN I 152 -23.09 65.45 6.58
CA GLN I 152 -23.77 64.47 7.40
C GLN I 152 -22.97 63.18 7.51
N SER I 153 -22.36 62.74 6.41
CA SER I 153 -21.53 61.54 6.44
C SER I 153 -20.31 61.71 7.33
N ALA I 154 -19.66 62.88 7.24
CA ALA I 154 -18.50 63.15 8.09
C ALA I 154 -18.90 63.21 9.56
N LEU I 155 -20.04 63.84 9.86
CA LEU I 155 -20.54 63.87 11.23
C LEU I 155 -20.84 62.47 11.75
N ILE I 156 -21.46 61.64 10.91
CA ILE I 156 -21.77 60.27 11.30
C ILE I 156 -20.50 59.48 11.57
N ALA I 157 -19.49 59.64 10.71
CA ALA I 157 -18.21 58.95 10.93
C ALA I 157 -17.55 59.41 12.22
N ARG I 158 -17.56 60.73 12.49
CA ARG I 158 -16.97 61.25 13.72
C ARG I 158 -17.69 60.70 14.94
N ARG I 159 -19.03 60.69 14.93
CA ARG I 159 -19.78 60.20 16.09
C ARG I 159 -19.58 58.70 16.27
N ASP I 160 -19.56 57.93 15.19
CA ASP I 160 -19.32 56.50 15.29
C ASP I 160 -17.93 56.21 15.85
N MET I 161 -16.94 56.98 15.43
CA MET I 161 -15.58 56.73 15.90
C MET I 161 -15.41 57.16 17.36
N GLU I 162 -16.08 58.26 17.76
CA GLU I 162 -16.06 58.65 19.16
C GLU I 162 -16.80 57.65 20.03
N PHE I 163 -17.85 57.02 19.51
CA PHE I 163 -18.58 56.02 20.27
C PHE I 163 -17.93 54.65 20.23
N ARG I 164 -16.96 54.44 19.33
CA ARG I 164 -16.26 53.17 19.17
C ARG I 164 -17.25 52.03 18.89
N VAL I 165 -17.97 52.18 17.78
CA VAL I 165 -19.05 51.25 17.45
C VAL I 165 -18.50 49.87 17.16
N LYS I 166 -17.43 49.78 16.36
CA LYS I 166 -16.90 48.51 15.89
C LYS I 166 -16.49 47.61 17.05
N ASP I 167 -15.64 48.14 17.95
CA ASP I 167 -15.24 47.39 19.13
C ASP I 167 -16.43 47.07 20.01
N ASN I 168 -17.43 47.95 20.02
CA ASN I 168 -18.62 47.72 20.84
C ASN I 168 -19.39 46.48 20.39
N LEU I 169 -19.66 46.38 19.09
CA LEU I 169 -20.47 45.23 18.61
C LEU I 169 -19.62 43.95 18.61
N VAL I 170 -18.29 44.07 18.44
CA VAL I 170 -17.41 42.90 18.54
C VAL I 170 -17.42 42.35 19.96
N GLU I 171 -17.23 43.24 20.95
CA GLU I 171 -17.26 42.83 22.35
C GLU I 171 -18.64 42.30 22.74
N LEU I 172 -19.70 42.90 22.18
CA LEU I 172 -21.05 42.44 22.42
C LEU I 172 -21.22 40.98 22.03
N ASN I 173 -20.85 40.64 20.79
CA ASN I 173 -20.97 39.26 20.34
C ASN I 173 -20.05 38.33 21.14
N ARG I 174 -18.83 38.78 21.42
CA ARG I 174 -17.86 37.94 22.12
C ARG I 174 -18.37 37.56 23.50
N PHE I 175 -18.77 38.54 24.31
CA PHE I 175 -19.23 38.21 25.65
C PHE I 175 -20.65 37.65 25.66
N LYS I 176 -21.44 37.87 24.60
CA LYS I 176 -22.71 37.15 24.47
C LYS I 176 -22.46 35.66 24.28
N ASN I 177 -21.40 35.32 23.54
CA ASN I 177 -21.00 33.92 23.45
C ASN I 177 -20.42 33.41 24.76
N VAL I 178 -19.64 34.25 25.45
CA VAL I 178 -18.99 33.83 26.70
C VAL I 178 -20.04 33.52 27.77
N PHE I 179 -20.85 34.51 28.13
CA PHE I 179 -21.92 34.31 29.09
C PHE I 179 -23.16 33.80 28.37
N GLY I 180 -24.28 33.72 29.10
CA GLY I 180 -25.52 33.35 28.46
C GLY I 180 -26.26 34.48 27.79
N VAL I 181 -25.92 35.73 28.12
CA VAL I 181 -26.67 36.89 27.65
C VAL I 181 -25.78 38.11 27.79
N ARG I 182 -26.02 39.13 26.98
CA ARG I 182 -25.36 40.42 27.12
C ARG I 182 -26.40 41.52 27.04
N ILE I 183 -26.15 42.60 27.78
CA ILE I 183 -27.03 43.75 27.83
C ILE I 183 -26.26 44.97 27.34
N ALA I 184 -26.82 45.66 26.34
CA ALA I 184 -26.27 46.89 25.82
C ALA I 184 -27.21 48.03 26.17
N LEU I 185 -26.71 49.01 26.91
CA LEU I 185 -27.50 50.16 27.35
C LEU I 185 -26.99 51.40 26.66
N PHE I 186 -27.90 52.10 25.98
CA PHE I 186 -27.58 53.34 25.28
C PHE I 186 -27.74 54.49 26.27
N VAL I 187 -26.62 55.07 26.71
CA VAL I 187 -26.69 56.12 27.71
C VAL I 187 -27.14 57.42 27.03
N VAL I 188 -28.11 58.09 27.64
CA VAL I 188 -28.65 59.34 27.14
C VAL I 188 -29.15 60.15 28.32
N GLU I 189 -29.01 61.47 28.23
CA GLU I 189 -29.24 62.36 29.35
C GLU I 189 -30.60 63.02 29.25
N SER I 190 -31.33 63.05 30.36
CA SER I 190 -32.61 63.74 30.42
C SER I 190 -32.79 64.31 31.83
N ASP I 191 -33.68 65.30 31.92
CA ASP I 191 -33.89 66.00 33.20
C ASP I 191 -34.57 65.11 34.23
N ASP I 192 -35.46 64.24 33.79
CA ASP I 192 -36.24 63.41 34.72
C ASP I 192 -35.34 62.34 35.33
N PRO I 193 -35.20 62.28 36.66
CA PRO I 193 -34.39 61.22 37.26
C PRO I 193 -35.05 59.84 37.20
N ASP I 194 -36.35 59.78 36.94
CA ASP I 194 -37.04 58.53 36.67
C ASP I 194 -37.17 58.25 35.18
N TYR I 195 -36.19 58.70 34.39
CA TYR I 195 -36.27 58.58 32.94
C TYR I 195 -36.27 57.13 32.50
N TYR I 196 -35.42 56.30 33.10
CA TYR I 196 -35.34 54.89 32.73
C TYR I 196 -36.38 54.06 33.47
N GLU I 197 -37.61 54.53 33.48
CA GLU I 197 -38.75 53.83 34.08
C GLU I 197 -39.89 53.65 33.09
N LYS I 198 -40.17 54.67 32.29
CA LYS I 198 -41.20 54.61 31.27
C LYS I 198 -40.71 53.78 30.09
N PRO I 199 -41.63 53.22 29.29
CA PRO I 199 -41.20 52.57 28.05
C PRO I 199 -40.51 53.56 27.13
N PHE I 200 -39.49 53.08 26.43
CA PHE I 200 -38.67 53.95 25.59
C PHE I 200 -39.50 54.58 24.47
N ASN I 201 -39.33 55.89 24.30
CA ASN I 201 -40.07 56.66 23.31
C ASN I 201 -39.09 57.37 22.39
N PRO I 202 -39.26 57.26 21.08
CA PRO I 202 -38.36 57.97 20.16
C PRO I 202 -38.50 59.49 20.21
N ASP I 203 -39.57 60.01 20.81
CA ASP I 203 -39.75 61.46 20.91
C ASP I 203 -39.01 62.06 22.09
N GLY I 204 -38.72 61.28 23.12
CA GLY I 204 -38.04 61.79 24.29
C GLY I 204 -36.55 61.94 24.07
N ILE I 205 -36.16 62.97 23.31
CA ILE I 205 -34.80 63.10 22.80
C ILE I 205 -33.99 64.13 23.58
N THR I 206 -34.47 65.38 23.65
CA THR I 206 -33.71 66.55 24.10
C THR I 206 -32.40 66.62 23.32
N PRO I 207 -32.44 67.07 22.03
CA PRO I 207 -31.31 66.88 21.09
C PRO I 207 -29.92 67.20 21.61
N GLY I 208 -28.91 66.52 21.05
CA GLY I 208 -27.56 66.57 21.59
C GLY I 208 -27.41 65.90 22.94
N SER I 209 -28.08 64.76 23.14
CA SER I 209 -28.04 64.05 24.41
C SER I 209 -27.46 62.65 24.32
N TYR I 210 -27.31 62.10 23.12
CA TYR I 210 -26.80 60.74 22.94
C TYR I 210 -25.30 60.72 23.23
N LYS I 211 -24.93 60.23 24.40
CA LYS I 211 -23.54 60.28 24.84
C LYS I 211 -22.73 59.05 24.45
N GLY I 212 -23.39 57.92 24.19
CA GLY I 212 -22.69 56.72 23.80
C GLY I 212 -23.45 55.49 24.27
N ILE I 213 -22.78 54.34 24.21
CA ILE I 213 -23.34 53.09 24.65
C ILE I 213 -22.39 52.42 25.62
N SER I 214 -22.95 51.53 26.44
CA SER I 214 -22.19 50.73 27.38
C SER I 214 -22.69 49.30 27.31
N GLN I 215 -21.85 48.36 27.71
CA GLN I 215 -22.21 46.96 27.76
C GLN I 215 -22.01 46.45 29.19
N ILE I 216 -23.04 45.80 29.72
CA ILE I 216 -23.10 45.45 31.13
C ILE I 216 -23.09 43.93 31.25
N ASP I 217 -22.18 43.41 32.06
CA ASP I 217 -22.08 41.98 32.26
C ASP I 217 -23.29 41.45 33.03
N PRO I 218 -23.66 40.17 32.81
CA PRO I 218 -24.89 39.67 33.46
C PRO I 218 -24.87 39.69 34.97
N TYR I 219 -23.72 39.49 35.61
CA TYR I 219 -23.72 39.48 37.07
C TYR I 219 -23.91 40.86 37.67
N TRP I 220 -23.76 41.92 36.89
CA TRP I 220 -24.04 43.28 37.33
C TRP I 220 -25.50 43.67 37.14
N ALA I 221 -26.34 42.77 36.61
CA ALA I 221 -27.72 43.08 36.34
C ALA I 221 -28.63 42.05 37.00
N MET I 222 -29.89 42.45 37.21
CA MET I 222 -30.90 41.60 37.81
C MET I 222 -32.23 41.79 37.09
N PRO I 223 -32.66 40.82 36.29
CA PRO I 223 -33.97 40.92 35.64
C PRO I 223 -35.09 40.89 36.65
N GLN I 224 -36.13 41.68 36.39
CA GLN I 224 -37.34 41.68 37.21
C GLN I 224 -38.54 41.45 36.32
N LEU I 225 -39.42 40.54 36.72
CA LEU I 225 -40.56 40.13 35.93
C LEU I 225 -41.84 40.67 36.55
N THR I 226 -42.66 41.34 35.75
CA THR I 226 -43.93 41.83 36.22
C THR I 226 -44.99 40.72 36.20
N ALA I 227 -46.04 40.93 37.00
CA ALA I 227 -47.13 39.97 37.04
C ALA I 227 -47.83 39.86 35.70
N GLY I 228 -47.93 40.96 34.96
CA GLY I 228 -48.48 40.89 33.62
C GLY I 228 -47.61 40.14 32.63
N SER I 229 -46.30 40.12 32.87
CA SER I 229 -45.36 39.38 32.03
C SER I 229 -45.08 37.99 32.56
N THR I 230 -45.74 37.58 33.63
CA THR I 230 -45.57 36.23 34.17
C THR I 230 -46.86 35.43 34.27
N ALA I 231 -48.03 36.09 34.33
CA ALA I 231 -49.27 35.36 34.56
C ALA I 231 -49.80 34.69 33.30
N ASP I 232 -49.60 35.29 32.13
CA ASP I 232 -50.27 34.87 30.91
C ASP I 232 -49.31 34.21 29.94
N PRO I 233 -49.37 32.88 29.77
CA PRO I 233 -48.60 32.24 28.70
C PRO I 233 -48.94 32.75 27.31
N SER I 234 -50.19 33.15 27.10
CA SER I 234 -50.61 33.70 25.81
C SER I 234 -49.95 35.04 25.51
N SER I 235 -49.49 35.75 26.53
CA SER I 235 -48.84 37.04 26.31
C SER I 235 -47.51 36.84 25.57
N GLU I 236 -47.24 37.74 24.62
CA GLU I 236 -46.01 37.69 23.85
C GLU I 236 -44.79 38.10 24.64
N HIS I 237 -44.96 38.69 25.82
CA HIS I 237 -43.86 39.03 26.71
C HIS I 237 -43.71 38.07 27.88
N PHE I 238 -44.31 36.88 27.78
CA PHE I 238 -44.18 35.87 28.83
C PHE I 238 -42.73 35.45 28.98
N TYR I 239 -42.25 35.45 30.23
CA TYR I 239 -40.87 35.12 30.57
C TYR I 239 -39.87 35.98 29.81
N GLU I 240 -40.26 37.24 29.57
CA GLU I 240 -39.38 38.25 28.99
C GLU I 240 -39.24 39.37 30.01
N PRO I 241 -38.07 39.50 30.67
CA PRO I 241 -37.88 40.54 31.68
C PRO I 241 -38.26 41.94 31.23
N ASP I 242 -39.26 42.51 31.88
CA ASP I 242 -39.71 43.86 31.56
C ASP I 242 -38.77 44.92 32.11
N PHE I 243 -37.97 44.59 33.11
CA PHE I 243 -37.04 45.54 33.71
C PHE I 243 -35.74 44.83 34.03
N TRP I 244 -34.68 45.62 34.23
CA TRP I 244 -33.37 45.09 34.60
C TRP I 244 -32.77 46.01 35.66
N ILE I 245 -32.66 45.52 36.89
CA ILE I 245 -32.00 46.26 37.95
C ILE I 245 -30.50 46.09 37.73
N ILE I 246 -29.81 47.20 37.44
CA ILE I 246 -28.39 47.15 37.12
C ILE I 246 -27.59 47.75 38.28
N SER I 247 -27.81 49.02 38.57
CA SER I 247 -27.21 49.69 39.72
C SER I 247 -28.33 50.39 40.48
N GLY I 248 -29.00 49.65 41.35
CA GLY I 248 -30.11 50.19 42.12
C GLY I 248 -31.35 50.45 41.29
N LYS I 249 -31.23 51.34 40.30
CA LYS I 249 -32.34 51.69 39.44
C LYS I 249 -32.63 50.56 38.45
N LYS I 250 -33.86 50.55 37.94
CA LYS I 250 -34.38 49.47 37.11
C LYS I 250 -34.62 49.98 35.69
N TYR I 251 -33.79 49.55 34.75
CA TYR I 251 -33.93 49.99 33.37
C TYR I 251 -35.01 49.17 32.67
N HIS I 252 -35.82 49.83 31.86
CA HIS I 252 -36.89 49.15 31.14
C HIS I 252 -36.31 48.33 29.99
N ARG I 253 -37.09 47.32 29.57
CA ARG I 253 -36.65 46.43 28.50
C ARG I 253 -36.48 47.18 27.19
N SER I 254 -37.40 48.10 26.88
CA SER I 254 -37.34 48.81 25.60
C SER I 254 -36.15 49.76 25.53
N HIS I 255 -35.71 50.29 26.67
CA HIS I 255 -34.61 51.25 26.67
C HIS I 255 -33.31 50.60 26.23
N LEU I 256 -33.06 49.36 26.67
CA LEU I 256 -31.81 48.67 26.42
C LEU I 256 -31.99 47.57 25.38
N VAL I 257 -30.87 47.11 24.83
CA VAL I 257 -30.86 46.08 23.80
C VAL I 257 -30.21 44.83 24.39
N VAL I 258 -30.93 43.72 24.31
CA VAL I 258 -30.51 42.45 24.91
C VAL I 258 -30.25 41.44 23.80
N VAL I 259 -29.06 40.84 23.83
CA VAL I 259 -28.70 39.75 22.94
C VAL I 259 -28.45 38.52 23.79
N ARG I 260 -29.07 37.40 23.40
CA ARG I 260 -29.06 36.20 24.21
C ARG I 260 -28.71 34.99 23.35
N GLY I 261 -28.42 33.88 24.02
CA GLY I 261 -28.00 32.67 23.36
C GLY I 261 -29.14 31.91 22.72
N PRO I 262 -29.05 30.57 22.75
CA PRO I 262 -30.03 29.73 22.03
C PRO I 262 -31.43 29.72 22.61
N GLN I 263 -31.70 30.51 23.67
CA GLN I 263 -33.05 30.67 24.22
C GLN I 263 -33.67 29.37 24.70
N PRO I 264 -33.26 28.88 25.87
CA PRO I 264 -33.77 27.58 26.37
C PRO I 264 -35.28 27.60 26.55
N PRO I 265 -35.91 26.43 26.69
CA PRO I 265 -37.38 26.39 26.84
C PRO I 265 -37.85 27.07 28.11
N ASP I 266 -39.18 27.22 28.21
CA ASP I 266 -39.78 28.09 29.21
C ASP I 266 -39.60 27.55 30.62
N ILE I 267 -39.78 26.23 30.82
CA ILE I 267 -39.80 25.68 32.18
C ILE I 267 -38.45 25.84 32.87
N LEU I 268 -37.37 25.89 32.11
CA LEU I 268 -36.04 26.12 32.68
C LEU I 268 -35.40 27.40 32.15
N LYS I 269 -36.20 28.31 31.57
CA LYS I 269 -35.71 29.65 31.28
C LYS I 269 -35.30 30.43 32.52
N PRO I 270 -36.06 30.45 33.64
CA PRO I 270 -35.54 31.13 34.84
C PRO I 270 -34.26 30.53 35.39
N THR I 271 -34.01 29.24 35.15
CA THR I 271 -32.76 28.64 35.61
C THR I 271 -31.54 29.23 34.94
N TYR I 272 -31.69 29.84 33.77
CA TYR I 272 -30.62 30.55 33.11
C TYR I 272 -30.67 32.05 33.36
N ILE I 273 -31.45 32.48 34.36
CA ILE I 273 -31.67 33.88 34.73
C ILE I 273 -32.22 34.61 33.50
N PHE I 274 -33.11 33.94 32.77
CA PHE I 274 -33.79 34.50 31.59
C PHE I 274 -32.78 35.00 30.55
N GLY I 275 -31.71 34.23 30.37
CA GLY I 275 -30.70 34.56 29.38
C GLY I 275 -30.65 33.54 28.26
N GLY I 276 -29.51 32.89 28.10
CA GLY I 276 -29.37 31.86 27.09
C GLY I 276 -28.37 30.82 27.54
N ILE I 277 -28.24 29.77 26.73
CA ILE I 277 -27.29 28.69 26.99
C ILE I 277 -25.90 29.19 26.64
N PRO I 278 -24.94 29.18 27.57
CA PRO I 278 -23.62 29.75 27.27
C PRO I 278 -22.69 28.78 26.56
N LEU I 279 -21.92 29.33 25.62
CA LEU I 279 -20.93 28.53 24.90
C LEU I 279 -19.83 28.04 25.83
N THR I 280 -19.62 28.68 26.97
CA THR I 280 -18.70 28.14 27.97
C THR I 280 -19.24 26.87 28.59
N GLN I 281 -20.55 26.85 28.88
CA GLN I 281 -21.17 25.61 29.31
C GLN I 281 -21.15 24.56 28.21
N ARG I 282 -21.19 24.99 26.95
CA ARG I 282 -21.18 24.04 25.84
C ARG I 282 -19.79 23.43 25.65
N ILE I 283 -18.73 24.19 25.97
CA ILE I 283 -17.37 23.63 25.71
C ILE I 283 -16.39 23.70 26.89
N TYR I 284 -16.81 23.61 28.17
CA TYR I 284 -15.76 23.54 29.17
C TYR I 284 -15.25 22.14 29.41
N GLU I 285 -16.01 21.09 29.06
CA GLU I 285 -15.51 19.73 29.23
C GLU I 285 -14.77 19.23 27.99
N ARG I 286 -15.31 19.50 26.80
CA ARG I 286 -14.68 19.04 25.57
C ARG I 286 -13.32 19.70 25.36
N VAL I 287 -13.21 20.99 25.68
CA VAL I 287 -11.94 21.69 25.60
C VAL I 287 -10.92 21.09 26.57
N TYR I 288 -11.35 20.77 27.78
CA TYR I 288 -10.47 20.13 28.74
C TYR I 288 -9.98 18.79 28.24
N ALA I 289 -10.89 17.98 27.68
CA ALA I 289 -10.50 16.67 27.16
C ALA I 289 -9.49 16.81 26.03
N ALA I 290 -9.74 17.75 25.11
CA ALA I 290 -8.82 17.97 24.00
C ALA I 290 -7.45 18.42 24.48
N GLU I 291 -7.41 19.34 25.43
CA GLU I 291 -6.13 19.85 25.92
C GLU I 291 -5.38 18.79 26.71
N ARG I 292 -6.08 17.98 27.50
CA ARG I 292 -5.39 16.95 28.28
C ARG I 292 -4.86 15.85 27.37
N THR I 293 -5.61 15.50 26.32
CA THR I 293 -5.08 14.54 25.34
C THR I 293 -3.88 15.12 24.60
N ALA I 294 -3.92 16.42 24.30
CA ALA I 294 -2.76 17.06 23.68
C ALA I 294 -1.56 17.02 24.63
N ASN I 295 -1.81 16.99 25.93
CA ASN I 295 -0.70 17.01 26.89
C ASN I 295 -0.23 15.58 27.22
N GLU I 296 -1.03 14.56 26.91
CA GLU I 296 -0.60 13.23 27.36
C GLU I 296 0.46 12.61 26.45
N ALA I 297 0.47 12.95 25.16
CA ALA I 297 1.48 12.37 24.28
C ALA I 297 2.89 12.88 24.60
N PRO I 298 3.16 14.18 24.77
CA PRO I 298 4.49 14.58 25.26
C PRO I 298 4.85 14.01 26.63
N LEU I 299 3.91 14.06 27.57
CA LEU I 299 4.22 13.65 28.94
C LEU I 299 4.54 12.17 29.01
N LEU I 300 3.82 11.35 28.25
CA LEU I 300 4.11 9.92 28.19
C LEU I 300 5.36 9.65 27.36
N ALA I 301 5.62 10.47 26.34
CA ALA I 301 6.82 10.33 25.53
C ALA I 301 8.08 10.61 26.34
N MET I 302 7.98 11.46 27.37
CA MET I 302 9.10 11.64 28.29
C MET I 302 9.47 10.32 28.96
N SER I 303 8.47 9.63 29.51
CA SER I 303 8.69 8.30 30.09
C SER I 303 8.27 7.21 29.12
N LYS I 304 8.76 7.32 27.88
CA LYS I 304 8.55 6.28 26.88
C LYS I 304 9.31 4.99 27.23
N ARG I 305 10.64 5.07 27.31
CA ARG I 305 11.46 3.88 27.56
C ARG I 305 11.73 3.74 29.05
N THR I 306 11.66 2.50 29.53
CA THR I 306 11.74 2.19 30.97
C THR I 306 12.70 1.04 31.22
N SER I 307 13.92 1.14 30.67
CA SER I 307 14.92 0.10 30.87
C SER I 307 15.23 -0.09 32.35
N THR I 308 15.39 -1.35 32.75
CA THR I 308 15.64 -1.71 34.15
C THR I 308 16.86 -2.62 34.22
N ILE I 309 17.10 -3.17 35.40
CA ILE I 309 18.18 -4.12 35.62
C ILE I 309 17.86 -4.91 36.88
N HIS I 310 18.12 -6.22 36.85
CA HIS I 310 17.76 -7.12 37.93
C HIS I 310 19.02 -7.56 38.67
N VAL I 311 19.46 -6.71 39.61
CA VAL I 311 20.66 -6.94 40.39
C VAL I 311 20.25 -7.41 41.78
N ASP I 312 21.07 -8.29 42.38
CA ASP I 312 20.79 -8.79 43.72
C ASP I 312 20.79 -7.65 44.72
N VAL I 313 19.59 -7.25 45.14
CA VAL I 313 19.45 -6.09 46.01
C VAL I 313 19.99 -6.38 47.40
N GLU I 314 19.87 -7.63 47.88
CA GLU I 314 20.39 -7.94 49.21
C GLU I 314 21.90 -7.84 49.29
N LYS I 315 22.59 -7.94 48.14
CA LYS I 315 24.02 -7.72 48.10
C LYS I 315 24.35 -6.26 47.82
N ALA I 316 23.55 -5.58 47.00
CA ALA I 316 23.77 -4.15 46.77
C ALA I 316 23.51 -3.33 48.04
N ILE I 317 22.69 -3.87 48.94
CA ILE I 317 22.37 -3.22 50.22
C ILE I 317 23.64 -3.02 51.05
N ALA I 318 24.54 -4.00 51.03
CA ALA I 318 25.73 -3.95 51.88
C ALA I 318 26.62 -2.76 51.55
N ASN I 319 26.79 -2.46 50.26
CA ASN I 319 27.62 -1.33 49.88
C ASN I 319 26.81 -0.04 49.76
N GLU I 320 25.84 -0.01 48.84
CA GLU I 320 24.86 1.06 48.66
C GLU I 320 25.46 2.38 48.19
N ASP I 321 26.79 2.54 48.19
CA ASP I 321 27.41 3.77 47.74
C ASP I 321 28.30 3.57 46.53
N ALA I 322 29.14 2.53 46.54
CA ALA I 322 29.89 2.18 45.34
C ALA I 322 28.95 1.77 44.22
N PHE I 323 27.90 1.01 44.56
CA PHE I 323 26.95 0.53 43.56
C PHE I 323 26.21 1.68 42.89
N ASN I 324 25.61 2.57 43.67
CA ASN I 324 24.84 3.65 43.06
C ASN I 324 25.76 4.71 42.44
N ALA I 325 26.98 4.86 42.95
CA ALA I 325 27.95 5.71 42.27
C ALA I 325 28.30 5.16 40.89
N ARG I 326 28.52 3.84 40.79
CA ARG I 326 28.81 3.21 39.51
C ARG I 326 27.64 3.35 38.55
N LEU I 327 26.42 3.13 39.04
CA LEU I 327 25.26 3.24 38.16
C LEU I 327 24.98 4.68 37.76
N ALA I 328 25.25 5.65 38.65
CA ALA I 328 25.14 7.05 38.27
C ALA I 328 26.14 7.41 37.20
N PHE I 329 27.36 6.85 37.29
CA PHE I 329 28.34 7.05 36.24
C PHE I 329 27.86 6.46 34.91
N TRP I 330 27.26 5.27 34.96
CA TRP I 330 26.72 4.65 33.74
C TRP I 330 25.64 5.51 33.12
N ILE I 331 24.71 6.02 33.93
CA ILE I 331 23.63 6.84 33.41
C ILE I 331 24.15 8.16 32.86
N ALA I 332 25.17 8.71 33.52
CA ALA I 332 25.77 9.96 33.04
C ALA I 332 26.48 9.77 31.71
N ASN I 333 27.15 8.63 31.52
CA ASN I 333 27.92 8.39 30.31
C ASN I 333 27.24 7.42 29.35
N ARG I 334 25.91 7.27 29.45
CA ARG I 334 25.19 6.37 28.56
C ARG I 334 25.34 6.78 27.10
N ASP I 335 25.59 5.79 26.25
CA ASP I 335 25.87 6.00 24.84
C ASP I 335 25.57 4.68 24.13
N ASN I 336 25.41 4.75 22.81
CA ASN I 336 25.15 3.56 22.00
C ASN I 336 26.44 2.91 21.48
N HIS I 337 27.57 3.11 22.15
CA HIS I 337 28.80 2.42 21.78
C HIS I 337 29.39 1.74 23.01
N GLY I 338 29.17 2.32 24.19
CA GLY I 338 29.62 1.68 25.41
C GLY I 338 28.84 0.42 25.71
N VAL I 339 29.47 -0.48 26.44
CA VAL I 339 28.88 -1.76 26.79
C VAL I 339 28.80 -1.87 28.30
N LYS I 340 27.70 -2.43 28.80
CA LYS I 340 27.45 -2.56 30.22
C LYS I 340 27.76 -3.99 30.64
N VAL I 341 28.75 -4.15 31.50
CA VAL I 341 29.05 -5.45 32.09
C VAL I 341 28.14 -5.66 33.28
N LEU I 342 27.45 -6.80 33.31
CA LEU I 342 26.61 -7.14 34.45
C LEU I 342 26.64 -8.65 34.63
N GLY I 343 26.72 -9.08 35.88
CA GLY I 343 26.98 -10.47 36.19
C GLY I 343 25.84 -11.39 35.79
N THR I 344 26.09 -12.68 36.00
CA THR I 344 25.04 -13.67 35.81
C THR I 344 23.96 -13.49 36.87
N ASP I 345 22.80 -14.10 36.61
CA ASP I 345 21.57 -13.87 37.37
C ASP I 345 21.17 -12.40 37.36
N GLU I 346 21.47 -11.72 36.26
CA GLU I 346 21.03 -10.35 36.01
C GLU I 346 20.49 -10.30 34.58
N SER I 347 19.38 -9.59 34.38
CA SER I 347 18.64 -9.69 33.13
C SER I 347 18.46 -8.39 32.36
N MET I 348 18.83 -7.24 32.93
CA MET I 348 18.65 -5.92 32.33
C MET I 348 17.18 -5.69 31.99
N GLU I 349 16.78 -5.95 30.73
CA GLU I 349 15.41 -5.94 30.22
C GLU I 349 14.86 -4.52 30.12
N GLN I 350 14.05 -4.25 29.09
CA GLN I 350 13.67 -2.90 28.73
C GLN I 350 12.28 -2.89 28.12
N PHE I 351 11.50 -1.83 28.38
CA PHE I 351 10.18 -1.66 27.82
C PHE I 351 10.08 -0.30 27.14
N ASP I 352 9.21 -0.23 26.13
CA ASP I 352 8.90 1.03 25.46
C ASP I 352 7.42 1.09 25.17
N THR I 353 6.89 2.31 25.10
CA THR I 353 5.47 2.53 24.92
C THR I 353 5.18 2.95 23.47
N ASN I 354 3.98 2.63 23.01
CA ASN I 354 3.54 2.97 21.67
C ASN I 354 2.63 4.19 21.73
N LEU I 355 2.97 5.22 20.95
CA LEU I 355 2.26 6.49 21.00
C LEU I 355 1.70 6.92 19.66
N ALA I 356 1.64 6.01 18.68
CA ALA I 356 1.18 6.38 17.34
C ALA I 356 -0.31 6.70 17.29
N ASP I 357 -1.09 6.22 18.26
CA ASP I 357 -2.54 6.39 18.23
C ASP I 357 -3.04 7.60 19.01
N PHE I 358 -2.13 8.40 19.59
CA PHE I 358 -2.55 9.58 20.34
C PHE I 358 -2.98 10.72 19.43
N ASP I 359 -2.36 10.83 18.25
CA ASP I 359 -2.67 11.91 17.33
C ASP I 359 -4.12 11.87 16.85
N SER I 360 -4.62 10.66 16.56
CA SER I 360 -6.01 10.52 16.12
C SER I 360 -6.96 11.00 17.20
N ILE I 361 -6.68 10.66 18.46
CA ILE I 361 -7.52 11.11 19.57
C ILE I 361 -7.49 12.63 19.69
N ILE I 362 -6.28 13.21 19.63
CA ILE I 362 -6.14 14.65 19.83
C ILE I 362 -6.89 15.43 18.75
N MET I 363 -6.67 15.07 17.49
CA MET I 363 -7.34 15.82 16.43
C MET I 363 -8.76 15.36 16.16
N ASN I 364 -9.24 14.30 16.83
CA ASN I 364 -10.68 14.09 16.89
C ASN I 364 -11.33 15.01 17.91
N GLN I 365 -10.68 15.19 19.06
CA GLN I 365 -11.26 16.05 20.10
C GLN I 365 -11.23 17.51 19.68
N TYR I 366 -10.17 17.95 19.01
CA TYR I 366 -10.15 19.34 18.52
C TYR I 366 -11.21 19.56 17.43
N GLN I 367 -11.45 18.55 16.59
CA GLN I 367 -12.54 18.64 15.63
C GLN I 367 -13.88 18.76 16.32
N LEU I 368 -14.06 18.03 17.43
CA LEU I 368 -15.28 18.16 18.21
C LEU I 368 -15.41 19.57 18.80
N VAL I 369 -14.30 20.15 19.26
CA VAL I 369 -14.32 21.52 19.76
C VAL I 369 -14.78 22.49 18.68
N ALA I 370 -14.26 22.31 17.45
CA ALA I 370 -14.71 23.12 16.33
C ALA I 370 -16.19 22.92 16.05
N ALA I 371 -16.66 21.68 16.18
CA ALA I 371 -18.08 21.38 16.00
C ALA I 371 -18.94 22.13 17.00
N ILE I 372 -18.50 22.20 18.26
CA ILE I 372 -19.21 23.00 19.26
C ILE I 372 -19.21 24.46 18.85
N ALA I 373 -18.04 24.98 18.47
CA ALA I 373 -17.88 26.39 18.19
C ALA I 373 -18.59 26.85 16.92
N LYS I 374 -19.05 25.91 16.08
CA LYS I 374 -19.68 26.20 14.79
C LYS I 374 -18.74 26.95 13.85
N THR I 375 -17.43 26.83 14.11
CA THR I 375 -16.34 27.49 13.45
C THR I 375 -15.43 26.44 12.85
N PRO I 376 -14.92 26.64 11.63
CA PRO I 376 -14.05 25.63 11.02
C PRO I 376 -12.77 25.40 11.81
N ALA I 377 -12.32 24.15 11.76
CA ALA I 377 -11.04 23.79 12.39
C ALA I 377 -9.88 24.53 11.75
N THR I 378 -10.04 24.94 10.48
CA THR I 378 -9.05 25.81 9.86
C THR I 378 -8.96 27.15 10.59
N LYS I 379 -10.10 27.68 11.04
CA LYS I 379 -10.09 28.93 11.77
C LYS I 379 -9.58 28.73 13.20
N LEU I 380 -10.04 27.69 13.88
CA LEU I 380 -9.65 27.50 15.28
C LEU I 380 -8.25 26.92 15.41
N LEU I 381 -8.05 25.69 14.94
CA LEU I 381 -6.77 25.01 15.06
C LEU I 381 -5.71 25.59 14.15
N GLY I 382 -6.08 26.43 13.18
CA GLY I 382 -5.15 26.94 12.22
C GLY I 382 -5.06 26.13 10.94
N THR I 383 -5.54 24.89 10.95
CA THR I 383 -5.57 24.04 9.77
C THR I 383 -6.57 22.93 10.02
N SER I 384 -6.86 22.17 8.96
CA SER I 384 -7.70 20.99 9.10
C SER I 384 -6.98 19.96 9.97
N PRO I 385 -7.72 19.21 10.81
CA PRO I 385 -7.07 18.23 11.69
C PRO I 385 -6.54 17.01 10.93
N LYS I 386 -5.86 16.13 11.65
CA LYS I 386 -5.22 14.97 11.05
C LYS I 386 -6.22 14.04 10.38
N GLY I 387 -5.93 13.64 9.15
CA GLY I 387 -6.69 12.65 8.43
C GLY I 387 -8.00 13.13 7.84
N PHE I 388 -8.58 14.22 8.36
CA PHE I 388 -9.83 14.73 7.83
C PHE I 388 -9.64 15.29 6.42
N ASN I 389 -10.72 15.27 5.65
CA ASN I 389 -10.68 15.82 4.30
C ASN I 389 -10.39 17.31 4.35
N ALA I 390 -9.66 17.79 3.35
CA ALA I 390 -9.31 19.20 3.28
C ALA I 390 -10.56 20.07 3.20
N THR I 391 -10.55 21.17 3.95
CA THR I 391 -11.71 22.05 4.01
C THR I 391 -11.99 22.67 2.66
N GLY I 392 -13.27 22.75 2.31
CA GLY I 392 -13.65 23.15 0.98
C GLY I 392 -14.76 24.17 0.90
N GLU I 393 -15.39 24.26 -0.28
CA GLU I 393 -16.43 25.25 -0.53
C GLU I 393 -17.63 25.03 0.37
N HIS I 394 -17.92 23.78 0.74
CA HIS I 394 -19.06 23.51 1.61
C HIS I 394 -18.86 24.14 2.98
N GLU I 395 -17.70 23.93 3.59
CA GLU I 395 -17.42 24.56 4.88
C GLU I 395 -17.29 26.06 4.74
N THR I 396 -16.74 26.53 3.62
CA THR I 396 -16.59 27.97 3.39
C THR I 396 -17.94 28.67 3.33
N ILE I 397 -18.92 28.08 2.64
CA ILE I 397 -20.24 28.70 2.61
C ILE I 397 -20.98 28.44 3.93
N SER I 398 -20.68 27.34 4.62
CA SER I 398 -21.34 27.06 5.89
C SER I 398 -20.92 28.04 6.96
N TYR I 399 -19.69 28.58 6.88
CA TYR I 399 -19.22 29.53 7.87
C TYR I 399 -19.36 30.97 7.40
N HIS I 400 -18.81 31.30 6.23
CA HIS I 400 -18.80 32.67 5.76
C HIS I 400 -20.19 33.20 5.46
N GLU I 401 -21.06 32.37 4.89
CA GLU I 401 -22.38 32.83 4.51
C GLU I 401 -23.43 32.65 5.59
N GLU I 402 -23.32 31.61 6.42
CA GLU I 402 -24.41 31.33 7.36
C GLU I 402 -24.18 31.97 8.72
N LEU I 403 -23.09 31.59 9.40
CA LEU I 403 -22.88 32.04 10.77
C LEU I 403 -22.64 33.54 10.83
N GLU I 404 -21.95 34.09 9.85
CA GLU I 404 -21.74 35.53 9.81
C GLU I 404 -23.06 36.26 9.59
N SER I 405 -23.98 35.68 8.82
CA SER I 405 -25.31 36.27 8.67
C SER I 405 -26.08 36.23 9.99
N ILE I 406 -25.94 35.14 10.75
CA ILE I 406 -26.56 35.06 12.07
C ILE I 406 -26.00 36.15 12.99
N GLN I 407 -24.68 36.30 13.02
CA GLN I 407 -24.08 37.36 13.82
C GLN I 407 -24.51 38.74 13.34
N GLU I 408 -24.71 38.91 12.04
CA GLU I 408 -25.13 40.21 11.53
C GLU I 408 -26.57 40.54 11.92
N HIS I 409 -27.46 39.54 11.91
CA HIS I 409 -28.82 39.84 12.34
C HIS I 409 -28.90 39.98 13.86
N ILE I 410 -27.92 39.43 14.59
CA ILE I 410 -27.78 39.75 16.01
C ILE I 410 -27.31 41.19 16.18
N PHE I 411 -26.37 41.63 15.34
CA PHE I 411 -25.86 43.00 15.40
C PHE I 411 -26.92 44.03 15.02
N ASP I 412 -27.83 43.67 14.13
CA ASP I 412 -28.77 44.62 13.56
C ASP I 412 -29.61 45.41 14.58
N PRO I 413 -30.15 44.83 15.66
CA PRO I 413 -30.81 45.68 16.67
C PRO I 413 -29.88 46.76 17.25
N LEU I 414 -28.61 46.42 17.49
CA LEU I 414 -27.68 47.38 18.07
C LEU I 414 -27.47 48.57 17.14
N LEU I 415 -27.15 48.29 15.87
CA LEU I 415 -26.91 49.38 14.92
C LEU I 415 -28.18 50.16 14.64
N GLU I 416 -29.33 49.48 14.61
CA GLU I 416 -30.60 50.16 14.34
C GLU I 416 -30.94 51.13 15.46
N ARG I 417 -30.82 50.70 16.72
CA ARG I 417 -31.07 51.62 17.82
C ARG I 417 -30.01 52.71 17.89
N HIS I 418 -28.76 52.37 17.57
CA HIS I 418 -27.70 53.37 17.58
C HIS I 418 -27.96 54.48 16.57
N TYR I 419 -28.41 54.12 15.36
CA TYR I 419 -28.71 55.14 14.36
C TYR I 419 -30.02 55.85 14.66
N LEU I 420 -30.98 55.16 15.28
CA LEU I 420 -32.21 55.83 15.71
C LEU I 420 -31.91 56.91 16.75
N LEU I 421 -30.98 56.63 17.66
CA LEU I 421 -30.63 57.59 18.70
C LEU I 421 -29.46 58.48 18.31
N LEU I 422 -28.90 58.30 17.12
CA LEU I 422 -27.90 59.24 16.61
C LEU I 422 -28.51 60.23 15.63
N ALA I 423 -29.09 59.73 14.54
CA ALA I 423 -29.64 60.60 13.51
C ALA I 423 -30.77 61.45 14.06
N LYS I 424 -31.81 60.81 14.59
CA LYS I 424 -32.98 61.53 15.08
C LYS I 424 -32.62 62.45 16.25
N SER I 425 -31.67 62.04 17.09
CA SER I 425 -31.23 62.91 18.18
C SER I 425 -30.53 64.15 17.66
N GLU I 426 -29.71 64.02 16.63
CA GLU I 426 -29.10 65.20 16.02
C GLU I 426 -30.05 65.81 14.98
N GLU I 427 -29.63 66.93 14.41
CA GLU I 427 -30.45 67.64 13.43
C GLU I 427 -30.29 66.96 12.08
N ILE I 428 -31.32 66.20 11.67
CA ILE I 428 -31.35 65.51 10.39
C ILE I 428 -32.70 65.78 9.74
N ASP I 429 -32.87 65.25 8.52
CA ASP I 429 -34.12 65.40 7.78
C ASP I 429 -34.67 64.04 7.35
N VAL I 430 -33.78 63.08 7.12
CA VAL I 430 -34.15 61.79 6.55
C VAL I 430 -33.59 60.67 7.42
N GLN I 431 -34.38 59.61 7.59
CA GLN I 431 -33.98 58.46 8.40
C GLN I 431 -32.87 57.68 7.72
N LEU I 432 -32.44 56.60 8.37
CA LEU I 432 -31.24 55.87 7.98
C LEU I 432 -31.54 54.38 7.93
N GLU I 433 -30.83 53.67 7.06
CA GLU I 433 -30.90 52.21 7.06
C GLU I 433 -29.51 51.66 6.74
N ILE I 434 -29.23 50.48 7.29
CA ILE I 434 -27.91 49.85 7.26
C ILE I 434 -27.93 48.74 6.23
N VAL I 435 -26.91 48.69 5.38
CA VAL I 435 -26.71 47.58 4.45
C VAL I 435 -25.37 46.93 4.79
N TRP I 436 -25.33 45.61 4.70
CA TRP I 436 -24.18 44.82 5.15
C TRP I 436 -23.29 44.49 3.97
N ASN I 437 -21.99 44.74 4.13
CA ASN I 437 -21.03 44.37 3.11
C ASN I 437 -20.91 42.85 3.03
N PRO I 438 -20.57 42.31 1.86
CA PRO I 438 -20.30 40.87 1.76
C PRO I 438 -19.11 40.48 2.62
N VAL I 439 -19.19 39.30 3.22
CA VAL I 439 -18.13 38.79 4.08
C VAL I 439 -17.60 37.50 3.45
N ASP I 440 -16.60 37.68 2.58
CA ASP I 440 -15.95 36.55 1.93
C ASP I 440 -14.45 36.66 2.13
N SER I 441 -13.95 37.89 2.20
CA SER I 441 -12.53 38.19 2.41
C SER I 441 -11.65 37.50 1.38
N THR I 442 -12.13 37.46 0.14
CA THR I 442 -11.45 36.72 -0.91
C THR I 442 -10.18 37.43 -1.34
N SER I 443 -9.28 36.66 -1.96
CA SER I 443 -7.95 37.16 -2.30
C SER I 443 -8.03 38.26 -3.37
N SER I 444 -6.87 38.89 -3.62
CA SER I 444 -6.81 40.02 -4.55
C SER I 444 -7.12 39.58 -5.98
N GLN I 445 -6.59 38.44 -6.41
CA GLN I 445 -6.88 37.94 -7.76
C GLN I 445 -8.34 37.57 -7.91
N GLN I 446 -8.92 36.94 -6.89
CA GLN I 446 -10.34 36.61 -6.95
C GLN I 446 -11.20 37.86 -6.99
N GLN I 447 -10.78 38.90 -6.24
CA GLN I 447 -11.50 40.16 -6.27
C GLN I 447 -11.40 40.82 -7.65
N ALA I 448 -10.22 40.74 -8.28
CA ALA I 448 -10.06 41.29 -9.63
C ALA I 448 -10.91 40.54 -10.64
N GLU I 449 -10.96 39.22 -10.54
CA GLU I 449 -11.82 38.43 -11.43
C GLU I 449 -13.29 38.76 -11.22
N LEU I 450 -13.69 38.94 -9.95
CA LEU I 450 -15.05 39.33 -9.61
C LEU I 450 -15.39 40.68 -10.24
N ASN I 451 -14.48 41.65 -10.12
CA ASN I 451 -14.68 42.97 -10.70
C ASN I 451 -14.77 42.89 -12.22
N ASN I 452 -13.93 42.07 -12.84
CA ASN I 452 -13.95 41.95 -14.29
C ASN I 452 -15.26 41.33 -14.78
N LYS I 453 -15.74 40.31 -14.08
CA LYS I 453 -17.00 39.69 -14.48
C LYS I 453 -18.17 40.66 -14.29
N LYS I 454 -18.16 41.42 -13.19
CA LYS I 454 -19.20 42.42 -12.99
C LYS I 454 -19.14 43.52 -14.06
N ALA I 455 -17.92 43.89 -14.47
CA ALA I 455 -17.77 44.86 -15.54
C ALA I 455 -18.30 44.32 -16.86
N ALA I 456 -18.09 43.01 -17.12
CA ALA I 456 -18.66 42.39 -18.31
C ALA I 456 -20.19 42.43 -18.27
N THR I 457 -20.78 42.15 -17.10
CA THR I 457 -22.23 42.25 -16.96
C THR I 457 -22.71 43.68 -17.21
N ASP I 458 -21.98 44.66 -16.67
CA ASP I 458 -22.35 46.06 -16.88
C ASP I 458 -22.30 46.42 -18.35
N GLU I 459 -21.24 46.01 -19.04
CA GLU I 459 -21.10 46.31 -20.47
C GLU I 459 -22.21 45.65 -21.27
N ILE I 460 -22.54 44.40 -20.97
CA ILE I 460 -23.60 43.70 -21.68
C ILE I 460 -24.93 44.40 -21.48
N TYR I 461 -25.25 44.76 -20.24
CA TYR I 461 -26.53 45.42 -19.96
C TYR I 461 -26.62 46.80 -20.61
N ILE I 462 -25.54 47.57 -20.55
CA ILE I 462 -25.55 48.90 -21.17
C ILE I 462 -25.68 48.79 -22.69
N ASN I 463 -24.94 47.87 -23.30
CA ASN I 463 -25.02 47.70 -24.74
C ASN I 463 -26.40 47.23 -25.17
N SER I 464 -27.00 46.32 -24.41
CA SER I 464 -28.37 45.91 -24.69
C SER I 464 -29.39 46.96 -24.31
N GLY I 465 -28.98 48.02 -23.63
CA GLY I 465 -29.90 49.10 -23.31
C GLY I 465 -30.80 48.80 -22.13
N VAL I 466 -30.27 48.12 -21.11
CA VAL I 466 -31.04 47.81 -19.92
C VAL I 466 -30.78 48.88 -18.87
N VAL I 467 -29.52 49.05 -18.49
CA VAL I 467 -29.14 49.99 -17.45
C VAL I 467 -28.27 51.08 -18.05
N SER I 468 -28.47 52.31 -17.60
CA SER I 468 -27.63 53.42 -17.99
C SER I 468 -26.28 53.30 -17.30
N PRO I 469 -25.22 53.90 -17.89
CA PRO I 469 -23.93 53.92 -17.21
C PRO I 469 -23.93 54.67 -15.88
N ASP I 470 -24.93 55.50 -15.61
CA ASP I 470 -24.99 56.21 -14.33
C ASP I 470 -25.21 55.24 -13.17
N GLU I 471 -26.03 54.21 -13.35
CA GLU I 471 -26.20 53.19 -12.32
C GLU I 471 -24.90 52.44 -12.06
N VAL I 472 -24.12 52.15 -13.10
CA VAL I 472 -22.83 51.50 -12.92
C VAL I 472 -21.87 52.42 -12.16
N ARG I 473 -21.90 53.72 -12.50
CA ARG I 473 -21.09 54.70 -11.79
C ARG I 473 -21.45 54.73 -10.31
N GLU I 474 -22.75 54.77 -10.00
CA GLU I 474 -23.18 54.82 -8.61
C GLU I 474 -22.87 53.53 -7.87
N ARG I 475 -22.97 52.38 -8.57
CA ARG I 475 -22.61 51.11 -7.95
C ARG I 475 -21.12 51.08 -7.60
N LEU I 476 -20.27 51.52 -8.52
CA LEU I 476 -18.84 51.58 -8.23
C LEU I 476 -18.55 52.54 -7.09
N ARG I 477 -19.22 53.70 -7.06
CA ARG I 477 -19.00 54.65 -5.99
C ARG I 477 -19.43 54.08 -4.64
N ASP I 478 -20.66 53.58 -4.55
CA ASP I 478 -21.15 52.92 -3.34
C ASP I 478 -20.97 51.41 -3.40
N ASP I 479 -19.76 50.97 -3.74
CA ASP I 479 -19.38 49.56 -3.61
C ASP I 479 -17.91 49.52 -3.25
N PRO I 480 -17.58 49.24 -1.99
CA PRO I 480 -16.17 49.05 -1.62
C PRO I 480 -15.60 47.78 -2.24
N ARG I 481 -14.28 47.71 -2.24
CA ARG I 481 -13.51 46.61 -2.83
C ARG I 481 -13.78 46.46 -4.33
N SER I 482 -14.26 47.51 -4.98
CA SER I 482 -14.53 47.50 -6.41
C SER I 482 -13.47 48.23 -7.22
N GLY I 483 -12.40 48.67 -6.57
CA GLY I 483 -11.32 49.38 -7.27
C GLY I 483 -11.50 50.88 -7.32
N TYR I 484 -12.68 51.34 -7.73
CA TYR I 484 -12.97 52.76 -7.86
C TYR I 484 -13.92 53.16 -6.74
N ASN I 485 -13.42 53.88 -5.74
CA ASN I 485 -14.27 54.43 -4.69
C ASN I 485 -14.00 55.91 -4.43
N ARG I 486 -13.27 56.57 -5.33
CA ARG I 486 -12.88 57.97 -5.16
C ARG I 486 -13.01 58.74 -6.46
N LEU I 487 -13.95 58.32 -7.32
CA LEU I 487 -13.93 58.63 -8.75
C LEU I 487 -14.00 60.13 -9.03
N THR I 488 -15.18 60.72 -8.79
CA THR I 488 -15.53 62.10 -9.12
C THR I 488 -16.90 62.43 -8.55
N ASP I 489 -17.35 63.67 -8.75
CA ASP I 489 -18.72 64.06 -8.47
C ASP I 489 -19.54 64.24 -9.74
N ASP I 490 -18.98 63.90 -10.90
CA ASP I 490 -19.64 64.12 -12.17
C ASP I 490 -20.76 63.10 -12.37
N GLN I 491 -21.45 63.20 -13.50
CA GLN I 491 -22.56 62.32 -13.84
C GLN I 491 -22.33 61.71 -15.21
N ALA I 492 -22.88 60.51 -15.40
CA ALA I 492 -22.80 59.81 -16.67
C ALA I 492 -23.93 60.30 -17.58
N GLU I 493 -24.20 59.52 -18.64
CA GLU I 493 -25.22 59.91 -19.61
C GLU I 493 -26.60 60.00 -18.97
N THR I 494 -26.92 59.08 -18.05
CA THR I 494 -28.19 58.92 -17.33
C THR I 494 -29.35 58.55 -18.24
N GLU I 495 -29.14 58.46 -19.54
CA GLU I 495 -30.14 58.01 -20.49
C GLU I 495 -30.18 56.48 -20.52
N PRO I 496 -31.38 55.87 -20.69
CA PRO I 496 -31.54 54.45 -20.34
C PRO I 496 -30.75 53.49 -21.20
N GLY I 497 -29.44 53.41 -20.95
CA GLY I 497 -28.58 52.45 -21.61
C GLY I 497 -28.09 52.90 -22.96
N MET I 498 -27.53 54.12 -23.03
CA MET I 498 -27.10 54.65 -24.31
C MET I 498 -25.64 54.34 -24.61
N SER I 499 -24.71 54.87 -23.79
CA SER I 499 -23.25 54.76 -23.96
C SER I 499 -22.78 55.48 -25.23
N PRO I 500 -21.50 55.85 -25.34
CA PRO I 500 -21.06 56.57 -26.55
C PRO I 500 -21.28 55.80 -27.85
N GLU I 501 -21.14 54.47 -27.84
CA GLU I 501 -21.28 53.69 -29.06
C GLU I 501 -22.69 53.81 -29.63
N ASN I 502 -23.71 53.53 -28.82
CA ASN I 502 -25.07 53.64 -29.32
C ASN I 502 -25.54 55.09 -29.41
N LEU I 503 -24.90 56.02 -28.69
CA LEU I 503 -25.16 57.43 -28.93
C LEU I 503 -24.79 57.82 -30.35
N ALA I 504 -23.56 57.49 -30.77
CA ALA I 504 -23.13 57.77 -32.12
C ALA I 504 -23.97 57.01 -33.15
N GLU I 505 -24.29 55.75 -32.84
CA GLU I 505 -25.12 54.95 -33.75
C GLU I 505 -26.51 55.56 -33.91
N PHE I 506 -27.12 56.01 -32.81
CA PHE I 506 -28.45 56.61 -32.88
C PHE I 506 -28.43 57.92 -33.65
N GLU I 507 -27.44 58.76 -33.40
CA GLU I 507 -27.36 60.03 -34.14
C GLU I 507 -27.16 59.78 -35.63
N LYS I 508 -26.23 58.89 -35.99
CA LYS I 508 -25.99 58.59 -37.39
C LYS I 508 -27.20 57.95 -38.05
N ALA I 509 -27.87 57.05 -37.33
CA ALA I 509 -29.06 56.38 -37.88
C ALA I 509 -30.19 57.37 -38.10
N GLY I 510 -30.42 58.27 -37.16
CA GLY I 510 -31.45 59.28 -37.34
C GLY I 510 -31.15 60.22 -38.49
N ALA I 511 -29.89 60.62 -38.62
CA ALA I 511 -29.51 61.49 -39.74
C ALA I 511 -29.67 60.80 -41.08
N GLN I 512 -29.21 59.55 -41.19
CA GLN I 512 -29.39 58.79 -42.43
C GLN I 512 -30.85 58.51 -42.70
N SER I 513 -31.68 58.38 -41.66
CA SER I 513 -33.11 58.22 -41.87
C SER I 513 -33.72 59.48 -42.43
N ALA I 514 -33.29 60.65 -41.95
CA ALA I 514 -33.74 61.91 -42.53
C ALA I 514 -33.34 62.01 -43.99
N LYS I 515 -32.10 61.65 -44.30
CA LYS I 515 -31.63 61.65 -45.69
C LYS I 515 -32.46 60.73 -46.57
N ALA I 516 -32.72 59.51 -46.08
CA ALA I 516 -33.44 58.53 -46.90
C ALA I 516 -34.90 58.93 -47.10
N LYS I 517 -35.54 59.47 -46.07
CA LYS I 517 -36.90 59.95 -46.22
C LYS I 517 -36.96 61.13 -47.20
N GLY I 518 -35.96 62.02 -47.14
CA GLY I 518 -35.91 63.11 -48.09
C GLY I 518 -35.72 62.64 -49.52
N GLU I 519 -34.83 61.68 -49.73
CA GLU I 519 -34.62 61.11 -51.06
C GLU I 519 -35.87 60.41 -51.55
N ALA I 520 -36.59 59.73 -50.66
CA ALA I 520 -37.84 59.07 -51.04
C ALA I 520 -38.89 60.08 -51.47
N GLU I 521 -39.03 61.18 -50.71
CA GLU I 521 -39.99 62.21 -51.07
C GLU I 521 -39.63 62.87 -52.39
N ARG I 522 -38.33 63.10 -52.62
CA ARG I 522 -37.86 63.63 -53.90
C ARG I 522 -38.20 62.66 -55.03
N ALA I 523 -38.02 61.36 -54.79
CA ALA I 523 -38.32 60.36 -55.81
C ALA I 523 -39.81 60.34 -56.15
N GLU I 524 -40.68 60.40 -55.14
CA GLU I 524 -42.11 60.47 -55.42
C GLU I 524 -42.48 61.75 -56.17
N ALA I 525 -41.88 62.87 -55.79
CA ALA I 525 -42.17 64.14 -56.46
C ALA I 525 -41.75 64.10 -57.92
N GLN I 526 -40.57 63.53 -58.21
CA GLN I 526 -40.11 63.46 -59.59
C GLN I 526 -40.90 62.44 -60.40
N ALA I 527 -41.33 61.34 -59.76
CA ALA I 527 -42.10 60.32 -60.47
C ALA I 527 -43.51 60.82 -60.78
N GLY I 528 -44.10 61.60 -59.88
CA GLY I 528 -45.44 62.10 -60.08
C GLY I 528 -45.55 63.13 -61.20
N VAL J 94 -46.60 -13.14 11.56
CA VAL J 94 -46.86 -12.19 12.63
C VAL J 94 -45.53 -11.59 13.10
N VAL J 95 -45.58 -10.36 13.60
CA VAL J 95 -44.39 -9.74 14.18
C VAL J 95 -43.99 -10.51 15.44
N PRO J 96 -42.70 -10.79 15.66
CA PRO J 96 -42.30 -11.47 16.89
C PRO J 96 -42.45 -10.58 18.11
N THR J 97 -42.51 -11.22 19.28
CA THR J 97 -42.65 -10.47 20.52
C THR J 97 -41.43 -9.58 20.77
N MET J 98 -40.22 -10.06 20.45
CA MET J 98 -39.02 -9.30 20.75
C MET J 98 -38.88 -8.08 19.84
N LEU J 99 -39.10 -8.26 18.54
CA LEU J 99 -39.10 -7.10 17.64
C LEU J 99 -40.25 -6.16 17.97
N GLN J 100 -41.40 -6.72 18.34
CA GLN J 100 -42.58 -5.90 18.61
C GLN J 100 -42.37 -5.00 19.81
N ASP J 101 -41.84 -5.54 20.91
CA ASP J 101 -41.62 -4.68 22.07
C ASP J 101 -40.29 -3.95 22.02
N TRP J 102 -39.42 -4.26 21.04
CA TRP J 102 -38.33 -3.34 20.75
C TRP J 102 -38.82 -2.10 20.03
N TYR J 103 -39.77 -2.27 19.11
CA TYR J 103 -40.33 -1.12 18.40
C TYR J 103 -41.30 -0.32 19.25
N ASN J 104 -42.07 -1.01 20.10
CA ASN J 104 -43.05 -0.35 20.96
C ASN J 104 -42.39 0.52 22.03
N SER J 105 -41.13 0.23 22.37
CA SER J 105 -40.45 0.96 23.43
C SER J 105 -40.13 2.40 23.01
N GLN J 106 -40.11 2.71 21.71
CA GLN J 106 -39.90 4.07 21.25
C GLN J 106 -41.18 4.88 21.44
N GLY J 107 -41.55 5.09 22.70
CA GLY J 107 -42.73 5.85 23.04
C GLY J 107 -42.43 7.33 23.17
N PHE J 108 -43.48 8.07 23.53
CA PHE J 108 -43.35 9.51 23.69
C PHE J 108 -42.72 9.81 25.04
N ILE J 109 -41.53 10.42 25.01
CA ILE J 109 -40.77 10.64 26.25
C ILE J 109 -41.46 11.66 27.15
N GLY J 110 -42.03 12.70 26.56
CA GLY J 110 -42.68 13.72 27.35
C GLY J 110 -42.10 15.11 27.14
N TYR J 111 -42.91 16.15 27.36
CA TYR J 111 -42.46 17.51 27.10
C TYR J 111 -41.37 17.94 28.08
N GLN J 112 -41.48 17.53 29.34
CA GLN J 112 -40.45 17.83 30.32
C GLN J 112 -39.12 17.18 29.92
N ALA J 113 -39.17 15.92 29.49
CA ALA J 113 -37.97 15.24 29.03
C ALA J 113 -37.37 15.91 27.80
N CYS J 114 -38.24 16.32 26.86
CA CYS J 114 -37.74 17.02 25.67
C CYS J 114 -37.05 18.31 26.04
N ALA J 115 -37.65 19.11 26.93
CA ALA J 115 -37.05 20.37 27.33
C ALA J 115 -35.73 20.15 28.06
N ILE J 116 -35.67 19.13 28.92
CA ILE J 116 -34.43 18.85 29.65
C ILE J 116 -33.32 18.40 28.71
N ILE J 117 -33.66 17.52 27.75
CA ILE J 117 -32.65 17.02 26.82
C ILE J 117 -32.21 18.11 25.84
N SER J 118 -33.07 19.08 25.55
CA SER J 118 -32.75 20.12 24.57
C SER J 118 -31.56 20.98 24.98
N GLN J 119 -31.15 20.94 26.25
CA GLN J 119 -29.98 21.71 26.68
C GLN J 119 -28.70 21.24 26.01
N HIS J 120 -28.64 19.98 25.57
CA HIS J 120 -27.43 19.45 24.94
C HIS J 120 -27.16 20.16 23.62
N TRP J 121 -25.88 20.21 23.26
CA TRP J 121 -25.46 20.98 22.09
C TRP J 121 -25.85 20.31 20.78
N LEU J 122 -25.76 18.98 20.71
CA LEU J 122 -26.06 18.27 19.46
C LEU J 122 -27.53 18.41 19.09
N VAL J 123 -28.42 18.16 20.05
CA VAL J 123 -29.85 18.25 19.77
C VAL J 123 -30.26 19.70 19.50
N ASP J 124 -29.65 20.65 20.22
CA ASP J 124 -29.95 22.06 19.98
C ASP J 124 -29.53 22.47 18.58
N LYS J 125 -28.34 22.06 18.16
CA LYS J 125 -27.86 22.40 16.82
C LYS J 125 -28.71 21.74 15.75
N ALA J 126 -29.11 20.48 15.97
CA ALA J 126 -29.94 19.77 15.01
C ALA J 126 -31.31 20.43 14.85
N CYS J 127 -31.91 20.85 15.96
CA CYS J 127 -33.19 21.55 15.88
C CYS J 127 -33.04 22.99 15.42
N SER J 128 -31.84 23.56 15.52
CA SER J 128 -31.64 24.97 15.20
C SER J 128 -31.31 25.21 13.73
N MET J 129 -30.23 24.61 13.23
CA MET J 129 -29.78 24.94 11.87
C MET J 129 -30.46 24.08 10.81
N SER J 130 -31.79 24.00 10.90
CA SER J 130 -32.59 23.37 9.86
C SER J 130 -33.51 24.35 9.16
N GLY J 131 -34.33 25.08 9.91
CA GLY J 131 -35.19 26.09 9.34
C GLY J 131 -34.58 27.46 9.40
N GLU J 132 -33.55 27.62 10.23
CA GLU J 132 -32.86 28.90 10.32
C GLU J 132 -32.16 29.22 9.00
N ASP J 133 -31.52 28.22 8.38
CA ASP J 133 -30.90 28.42 7.08
C ASP J 133 -31.94 28.73 6.00
N ALA J 134 -33.10 28.08 6.08
CA ALA J 134 -34.18 28.37 5.14
C ALA J 134 -34.69 29.80 5.31
N ALA J 135 -34.75 30.28 6.55
CA ALA J 135 -35.22 31.62 6.84
C ALA J 135 -34.18 32.70 6.60
N ARG J 136 -32.90 32.31 6.44
CA ARG J 136 -31.83 33.28 6.29
C ARG J 136 -32.03 34.20 5.10
N ASN J 137 -32.29 33.64 3.92
CA ASN J 137 -32.33 34.45 2.71
C ASN J 137 -33.56 35.35 2.63
N GLY J 138 -34.56 35.15 3.48
CA GLY J 138 -35.71 36.03 3.51
C GLY J 138 -36.69 35.76 2.39
N TRP J 139 -37.60 36.71 2.22
CA TRP J 139 -38.66 36.59 1.23
C TRP J 139 -38.89 37.96 0.59
N GLU J 140 -39.68 37.95 -0.49
CA GLU J 140 -40.08 39.17 -1.16
C GLU J 140 -41.59 39.17 -1.35
N LEU J 141 -42.15 40.36 -1.50
CA LEU J 141 -43.59 40.56 -1.56
C LEU J 141 -43.94 41.01 -2.97
N LYS J 142 -44.94 40.37 -3.57
CA LYS J 142 -45.27 40.72 -4.95
C LYS J 142 -46.65 41.32 -5.11
N SER J 143 -47.68 40.73 -4.48
CA SER J 143 -49.07 41.14 -4.61
C SER J 143 -49.57 41.00 -6.05
N ASP J 144 -50.81 41.40 -6.30
CA ASP J 144 -51.34 41.36 -7.66
C ASP J 144 -50.63 42.39 -8.55
N GLY J 145 -50.31 43.55 -8.00
CA GLY J 145 -49.68 44.60 -8.77
C GLY J 145 -48.21 44.34 -9.05
N ARG J 146 -47.64 45.19 -9.90
CA ARG J 146 -46.22 45.10 -10.23
C ARG J 146 -45.35 45.36 -9.01
N LYS J 147 -45.43 46.57 -8.45
CA LYS J 147 -44.63 46.96 -7.30
C LYS J 147 -45.55 47.61 -6.28
N LEU J 148 -45.38 47.22 -5.01
CA LEU J 148 -46.10 47.89 -3.94
C LEU J 148 -45.62 49.33 -3.81
N SER J 149 -46.55 50.22 -3.47
CA SER J 149 -46.22 51.62 -3.27
C SER J 149 -45.21 51.76 -2.14
N ASP J 150 -44.31 52.75 -2.28
CA ASP J 150 -43.15 52.83 -1.38
C ASP J 150 -43.55 53.10 0.06
N GLU J 151 -44.60 53.92 0.26
CA GLU J 151 -45.09 54.13 1.63
C GLU J 151 -45.63 52.84 2.22
N GLN J 152 -46.35 52.05 1.43
CA GLN J 152 -46.84 50.76 1.91
C GLN J 152 -45.70 49.81 2.23
N SER J 153 -44.66 49.80 1.38
CA SER J 153 -43.50 48.94 1.63
C SER J 153 -42.77 49.37 2.91
N ALA J 154 -42.60 50.67 3.12
CA ALA J 154 -41.97 51.16 4.34
C ALA J 154 -42.79 50.81 5.57
N LEU J 155 -44.13 50.95 5.47
CA LEU J 155 -45.00 50.56 6.58
C LEU J 155 -44.89 49.06 6.87
N ILE J 156 -44.85 48.24 5.82
CA ILE J 156 -44.71 46.80 5.99
C ILE J 156 -43.39 46.46 6.66
N ALA J 157 -42.30 47.12 6.24
CA ALA J 157 -41.00 46.89 6.86
C ALA J 157 -41.00 47.29 8.33
N ARG J 158 -41.60 48.44 8.65
CA ARG J 158 -41.68 48.88 10.04
C ARG J 158 -42.47 47.89 10.89
N ARG J 159 -43.62 47.43 10.39
CA ARG J 159 -44.45 46.50 11.15
C ARG J 159 -43.76 45.15 11.32
N ASP J 160 -43.08 44.68 10.26
CA ASP J 160 -42.35 43.42 10.35
C ASP J 160 -41.22 43.52 11.36
N MET J 161 -40.52 44.65 11.40
CA MET J 161 -39.43 44.81 12.37
C MET J 161 -39.98 44.94 13.78
N GLU J 162 -41.11 45.62 13.96
CA GLU J 162 -41.71 45.69 15.29
C GLU J 162 -42.26 44.35 15.75
N PHE J 163 -42.66 43.50 14.81
CA PHE J 163 -43.18 42.18 15.15
C PHE J 163 -42.10 41.10 15.21
N ARG J 164 -40.88 41.41 14.78
CA ARG J 164 -39.75 40.48 14.73
C ARG J 164 -40.13 39.13 14.11
N VAL J 165 -40.61 39.21 12.87
CA VAL J 165 -41.18 38.04 12.20
C VAL J 165 -40.13 36.96 11.98
N LYS J 166 -38.93 37.36 11.55
CA LYS J 166 -37.85 36.41 11.28
C LYS J 166 -37.50 35.61 12.52
N ASP J 167 -37.29 36.29 13.64
CA ASP J 167 -36.95 35.61 14.89
C ASP J 167 -38.08 34.69 15.35
N ASN J 168 -39.32 35.15 15.23
CA ASN J 168 -40.45 34.33 15.66
C ASN J 168 -40.56 33.05 14.83
N LEU J 169 -40.38 33.15 13.51
CA LEU J 169 -40.54 31.95 12.66
C LEU J 169 -39.33 31.02 12.86
N VAL J 170 -38.15 31.57 13.07
CA VAL J 170 -36.97 30.73 13.37
C VAL J 170 -37.19 29.97 14.67
N GLU J 171 -37.66 30.66 15.71
CA GLU J 171 -37.96 30.01 16.98
C GLU J 171 -39.09 28.99 16.82
N LEU J 172 -40.06 29.30 15.96
CA LEU J 172 -41.15 28.39 15.67
C LEU J 172 -40.63 27.07 15.13
N ASN J 173 -39.80 27.13 14.09
CA ASN J 173 -39.22 25.89 13.55
C ASN J 173 -38.35 25.18 14.57
N ARG J 174 -37.54 25.94 15.31
CA ARG J 174 -36.61 25.34 16.26
C ARG J 174 -37.35 24.56 17.34
N PHE J 175 -38.33 25.18 17.99
CA PHE J 175 -39.04 24.48 19.04
C PHE J 175 -40.07 23.49 18.50
N LYS J 176 -40.50 23.64 17.25
CA LYS J 176 -41.27 22.58 16.60
C LYS J 176 -40.44 21.32 16.45
N ASN J 177 -39.15 21.49 16.14
CA ASN J 177 -38.25 20.34 16.11
C ASN J 177 -37.97 19.82 17.53
N VAL J 178 -37.85 20.73 18.50
CA VAL J 178 -37.54 20.33 19.87
C VAL J 178 -38.67 19.49 20.47
N PHE J 179 -39.86 20.07 20.55
CA PHE J 179 -41.04 19.35 21.01
C PHE J 179 -41.68 18.63 19.84
N GLY J 180 -42.90 18.13 20.03
CA GLY J 180 -43.62 17.52 18.92
C GLY J 180 -44.45 18.49 18.11
N VAL J 181 -44.82 19.63 18.71
CA VAL J 181 -45.77 20.54 18.09
C VAL J 181 -45.52 21.93 18.66
N ARG J 182 -45.75 22.95 17.83
CA ARG J 182 -45.70 24.33 18.29
C ARG J 182 -47.00 25.03 17.89
N ILE J 183 -47.43 25.96 18.74
CA ILE J 183 -48.66 26.71 18.52
C ILE J 183 -48.29 28.18 18.44
N ALA J 184 -48.69 28.83 17.35
CA ALA J 184 -48.49 30.26 17.16
C ALA J 184 -49.84 30.95 17.17
N LEU J 185 -50.01 31.90 18.09
CA LEU J 185 -51.28 32.60 18.27
C LEU J 185 -51.06 34.06 17.89
N PHE J 186 -51.88 34.55 16.96
CA PHE J 186 -51.81 35.93 16.51
C PHE J 186 -52.68 36.77 17.42
N VAL J 187 -52.06 37.59 18.26
CA VAL J 187 -52.81 38.37 19.24
C VAL J 187 -53.48 39.54 18.52
N VAL J 188 -54.75 39.75 18.82
CA VAL J 188 -55.53 40.82 18.22
C VAL J 188 -56.64 41.20 19.20
N GLU J 189 -56.99 42.48 19.24
CA GLU J 189 -57.88 43.01 20.26
C GLU J 189 -59.28 43.18 19.71
N SER J 190 -60.28 42.83 20.51
CA SER J 190 -61.68 42.99 20.13
C SER J 190 -62.50 43.25 21.39
N ASP J 191 -63.68 43.85 21.19
CA ASP J 191 -64.53 44.20 22.32
C ASP J 191 -65.12 42.98 23.00
N ASP J 192 -65.43 41.94 22.22
CA ASP J 192 -66.09 40.76 22.75
C ASP J 192 -65.12 39.96 23.60
N PRO J 193 -65.39 39.72 24.88
CA PRO J 193 -64.49 38.89 25.69
C PRO J 193 -64.52 37.41 25.32
N ASP J 194 -65.53 36.96 24.58
CA ASP J 194 -65.54 35.63 24.01
C ASP J 194 -65.09 35.61 22.56
N TYR J 195 -64.16 36.51 22.20
CA TYR J 195 -63.72 36.63 20.81
C TYR J 195 -63.02 35.35 20.33
N TYR J 196 -62.17 34.78 21.17
CA TYR J 196 -61.46 33.55 20.81
C TYR J 196 -62.30 32.32 21.10
N GLU J 197 -63.56 32.34 20.68
CA GLU J 197 -64.47 31.21 20.80
C GLU J 197 -65.12 30.85 19.48
N LYS J 198 -65.46 31.85 18.67
CA LYS J 198 -66.02 31.63 17.36
C LYS J 198 -64.93 31.24 16.37
N PRO J 199 -65.28 30.57 15.26
CA PRO J 199 -64.28 30.32 14.22
C PRO J 199 -63.75 31.62 13.65
N PHE J 200 -62.47 31.61 13.31
CA PHE J 200 -61.80 32.81 12.82
C PHE J 200 -62.45 33.31 11.54
N ASN J 201 -62.66 34.63 11.47
CA ASN J 201 -63.29 35.26 10.33
C ASN J 201 -62.43 36.43 9.86
N PRO J 202 -62.12 36.51 8.57
CA PRO J 202 -61.32 37.64 8.07
C PRO J 202 -62.02 39.00 8.20
N ASP J 203 -63.34 39.01 8.38
CA ASP J 203 -64.07 40.27 8.52
C ASP J 203 -64.00 40.85 9.92
N GLY J 204 -63.78 40.02 10.94
CA GLY J 204 -63.74 40.48 12.31
C GLY J 204 -62.45 41.19 12.68
N ILE J 205 -62.28 42.41 12.17
CA ILE J 205 -60.98 43.07 12.22
C ILE J 205 -60.89 44.12 13.31
N THR J 206 -61.79 45.13 13.27
CA THR J 206 -61.65 46.37 14.04
C THR J 206 -60.28 46.99 13.75
N PRO J 207 -60.14 47.69 12.62
CA PRO J 207 -58.81 48.04 12.09
C PRO J 207 -57.85 48.68 13.08
N GLY J 208 -56.57 48.46 12.87
CA GLY J 208 -55.52 48.87 13.80
C GLY J 208 -55.51 48.05 15.08
N SER J 209 -55.73 46.74 14.98
CA SER J 209 -55.81 45.88 16.15
C SER J 209 -54.77 44.77 16.17
N TYR J 210 -54.03 44.56 15.09
CA TYR J 210 -53.04 43.48 15.02
C TYR J 210 -51.81 43.91 15.81
N LYS J 211 -51.65 43.34 17.01
CA LYS J 211 -50.58 43.76 17.91
C LYS J 211 -49.32 42.92 17.80
N GLY J 212 -49.41 41.72 17.25
CA GLY J 212 -48.24 40.87 17.09
C GLY J 212 -48.63 39.41 17.21
N ILE J 213 -47.61 38.57 17.39
CA ILE J 213 -47.80 37.13 17.52
C ILE J 213 -47.06 36.65 18.75
N SER J 214 -47.51 35.50 19.25
CA SER J 214 -46.87 34.83 20.38
C SER J 214 -46.80 33.34 20.06
N GLN J 215 -45.86 32.66 20.72
CA GLN J 215 -45.69 31.23 20.55
C GLN J 215 -45.83 30.55 21.90
N ILE J 216 -46.73 29.57 21.98
CA ILE J 216 -47.08 28.91 23.22
C ILE J 216 -46.44 27.52 23.22
N ASP J 217 -45.71 27.21 24.27
CA ASP J 217 -45.10 25.90 24.41
C ASP J 217 -46.18 24.84 24.66
N PRO J 218 -45.94 23.59 24.28
CA PRO J 218 -46.99 22.57 24.40
C PRO J 218 -47.46 22.31 25.82
N TYR J 219 -46.61 22.44 26.84
CA TYR J 219 -47.08 22.17 28.19
C TYR J 219 -47.95 23.28 28.73
N TRP J 220 -47.91 24.47 28.13
CA TRP J 220 -48.79 25.56 28.50
C TRP J 220 -50.15 25.48 27.82
N ALA J 221 -50.35 24.52 26.93
CA ALA J 221 -51.60 24.38 26.19
C ALA J 221 -52.28 23.06 26.53
N MET J 222 -53.52 22.93 26.07
CA MET J 222 -54.30 21.73 26.26
C MET J 222 -55.30 21.56 25.12
N PRO J 223 -55.09 20.62 24.22
CA PRO J 223 -56.06 20.41 23.13
C PRO J 223 -57.40 19.92 23.64
N GLN J 224 -58.46 20.34 22.95
CA GLN J 224 -59.82 19.95 23.29
C GLN J 224 -60.51 19.47 22.03
N LEU J 225 -61.08 18.26 22.10
CA LEU J 225 -61.72 17.62 20.95
C LEU J 225 -63.23 17.61 21.14
N THR J 226 -63.94 18.06 20.11
CA THR J 226 -65.40 17.99 20.14
C THR J 226 -65.88 16.62 19.67
N ALA J 227 -67.14 16.33 20.02
CA ALA J 227 -67.76 15.08 19.61
C ALA J 227 -67.86 14.97 18.10
N GLY J 228 -68.08 16.10 17.41
CA GLY J 228 -68.07 16.09 15.96
C GLY J 228 -66.69 15.87 15.36
N SER J 229 -65.64 16.23 16.10
CA SER J 229 -64.27 16.01 15.67
C SER J 229 -63.69 14.70 16.18
N THR J 230 -64.48 13.90 16.89
CA THR J 230 -64.03 12.61 17.38
C THR J 230 -64.89 11.43 16.95
N ALA J 231 -66.16 11.65 16.62
CA ALA J 231 -67.07 10.52 16.37
C ALA J 231 -66.89 9.93 14.98
N ASP J 232 -66.59 10.75 13.97
CA ASP J 232 -66.64 10.32 12.58
C ASP J 232 -65.23 10.19 12.01
N PRO J 233 -64.74 8.97 11.76
CA PRO J 233 -63.46 8.83 11.03
C PRO J 233 -63.49 9.44 9.65
N SER J 234 -64.66 9.45 8.99
CA SER J 234 -64.80 10.06 7.68
C SER J 234 -64.70 11.57 7.70
N SER J 235 -64.78 12.20 8.88
CA SER J 235 -64.71 13.65 8.97
C SER J 235 -63.33 14.15 8.55
N GLU J 236 -63.31 15.33 7.92
CA GLU J 236 -62.06 15.93 7.48
C GLU J 236 -61.19 16.36 8.67
N HIS J 237 -61.82 16.69 9.79
CA HIS J 237 -61.11 17.16 10.98
C HIS J 237 -61.04 16.09 12.06
N PHE J 238 -61.09 14.82 11.69
CA PHE J 238 -60.98 13.74 12.68
C PHE J 238 -59.62 13.75 13.34
N TYR J 239 -59.62 13.65 14.68
CA TYR J 239 -58.42 13.70 15.51
C TYR J 239 -57.62 14.97 15.25
N GLU J 240 -58.33 16.08 15.04
CA GLU J 240 -57.74 17.40 14.89
C GLU J 240 -58.34 18.29 15.97
N PRO J 241 -57.57 18.66 17.00
CA PRO J 241 -58.10 19.50 18.09
C PRO J 241 -58.80 20.77 17.62
N ASP J 242 -60.08 20.88 17.93
CA ASP J 242 -60.85 22.07 17.55
C ASP J 242 -60.53 23.27 18.43
N PHE J 243 -60.13 23.03 19.68
CA PHE J 243 -59.83 24.10 20.61
C PHE J 243 -58.55 23.78 21.36
N TRP J 244 -57.90 24.84 21.84
CA TRP J 244 -56.66 24.71 22.62
C TRP J 244 -56.78 25.59 23.84
N ILE J 245 -56.91 24.99 25.01
CA ILE J 245 -56.95 25.73 26.26
C ILE J 245 -55.51 26.12 26.60
N ILE J 246 -55.23 27.42 26.61
CA ILE J 246 -53.88 27.90 26.91
C ILE J 246 -53.83 28.43 28.34
N SER J 247 -54.60 29.48 28.61
CA SER J 247 -54.72 30.03 29.97
C SER J 247 -56.21 30.16 30.25
N GLY J 248 -56.81 29.08 30.74
CA GLY J 248 -58.23 29.07 31.03
C GLY J 248 -59.11 29.07 29.80
N LYS J 249 -59.04 30.13 29.01
CA LYS J 249 -59.85 30.27 27.81
C LYS J 249 -59.37 29.31 26.72
N LYS J 250 -60.29 28.96 25.83
CA LYS J 250 -60.06 27.96 24.80
C LYS J 250 -60.02 28.62 23.43
N TYR J 251 -58.82 28.74 22.87
CA TYR J 251 -58.66 29.34 21.55
C TYR J 251 -59.07 28.34 20.47
N HIS J 252 -59.76 28.84 19.45
CA HIS J 252 -60.21 27.98 18.37
C HIS J 252 -59.05 27.59 17.48
N ARG J 253 -59.21 26.46 16.77
CA ARG J 253 -58.17 25.96 15.89
C ARG J 253 -57.86 26.94 14.76
N SER J 254 -58.90 27.53 14.17
CA SER J 254 -58.69 28.43 13.03
C SER J 254 -58.01 29.72 13.43
N HIS J 255 -58.15 30.14 14.69
CA HIS J 255 -57.56 31.40 15.13
C HIS J 255 -56.04 31.34 15.13
N LEU J 256 -55.48 30.18 15.46
CA LEU J 256 -54.05 30.02 15.65
C LEU J 256 -53.47 29.09 14.59
N VAL J 257 -52.16 29.20 14.38
CA VAL J 257 -51.44 28.40 13.40
C VAL J 257 -50.64 27.35 14.15
N VAL J 258 -50.84 26.09 13.79
CA VAL J 258 -50.21 24.95 14.44
C VAL J 258 -49.26 24.29 13.47
N VAL J 259 -47.99 24.14 13.88
CA VAL J 259 -46.99 23.40 13.13
C VAL J 259 -46.61 22.18 13.97
N ARG J 260 -46.70 21.01 13.37
CA ARG J 260 -46.50 19.76 14.07
C ARG J 260 -45.46 18.92 13.35
N GLY J 261 -45.02 17.86 14.02
CA GLY J 261 -43.97 17.00 13.51
C GLY J 261 -44.44 16.04 12.43
N PRO J 262 -43.89 14.83 12.43
CA PRO J 262 -44.19 13.87 11.35
C PRO J 262 -45.59 13.29 11.36
N GLN J 263 -46.48 13.75 12.26
CA GLN J 263 -47.89 13.35 12.27
C GLN J 263 -48.08 11.85 12.45
N PRO J 264 -47.95 11.34 13.67
CA PRO J 264 -48.08 9.89 13.92
C PRO J 264 -49.44 9.36 13.50
N PRO J 265 -49.58 8.05 13.33
CA PRO J 265 -50.88 7.47 12.94
C PRO J 265 -51.96 7.72 13.98
N ASP J 266 -53.19 7.39 13.57
CA ASP J 266 -54.37 7.82 14.33
C ASP J 266 -54.49 7.11 15.67
N ILE J 267 -54.21 5.80 15.72
CA ILE J 267 -54.46 5.03 16.94
C ILE J 267 -53.57 5.51 18.09
N LEU J 268 -52.39 6.04 17.78
CA LEU J 268 -51.51 6.57 18.81
C LEU J 268 -51.25 8.07 18.62
N LYS J 269 -52.11 8.75 17.85
CA LYS J 269 -52.08 10.21 17.85
C LYS J 269 -52.40 10.83 19.21
N PRO J 270 -53.42 10.37 19.97
CA PRO J 270 -53.61 10.96 21.31
C PRO J 270 -52.44 10.72 22.25
N THR J 271 -51.65 9.66 22.05
CA THR J 271 -50.49 9.43 22.89
C THR J 271 -49.45 10.51 22.76
N TYR J 272 -49.44 11.26 21.66
CA TYR J 272 -48.55 12.39 21.47
C TYR J 272 -49.23 13.71 21.76
N ILE J 273 -50.40 13.68 22.42
CA ILE J 273 -51.22 14.85 22.75
C ILE J 273 -51.58 15.55 21.44
N PHE J 274 -51.86 14.75 20.41
CA PHE J 274 -52.27 15.25 19.09
C PHE J 274 -51.24 16.21 18.50
N GLY J 275 -49.97 15.92 18.71
CA GLY J 275 -48.90 16.75 18.19
C GLY J 275 -48.11 16.05 17.09
N GLY J 276 -46.82 15.88 17.31
CA GLY J 276 -45.97 15.19 16.36
C GLY J 276 -44.89 14.43 17.10
N ILE J 277 -44.10 13.67 16.34
CA ILE J 277 -42.99 12.91 16.91
C ILE J 277 -41.81 13.85 17.12
N PRO J 278 -41.30 13.97 18.35
CA PRO J 278 -40.25 14.96 18.61
C PRO J 278 -38.87 14.47 18.18
N LEU J 279 -38.12 15.40 17.57
CA LEU J 279 -36.74 15.11 17.19
C LEU J 279 -35.86 14.88 18.41
N THR J 280 -36.24 15.38 19.57
CA THR J 280 -35.54 15.03 20.81
C THR J 280 -35.73 13.54 21.13
N GLN J 281 -36.94 13.03 20.93
CA GLN J 281 -37.15 11.60 21.10
C GLN J 281 -36.42 10.80 20.02
N ARG J 282 -36.27 11.37 18.82
CA ARG J 282 -35.53 10.67 17.77
C ARG J 282 -34.03 10.62 18.07
N ILE J 283 -33.50 11.67 18.72
CA ILE J 283 -32.02 11.65 18.92
C ILE J 283 -31.56 11.83 20.38
N TYR J 284 -32.27 11.34 21.41
CA TYR J 284 -31.63 11.43 22.71
C TYR J 284 -30.80 10.21 23.04
N GLU J 285 -30.88 9.13 22.26
CA GLU J 285 -30.04 7.96 22.51
C GLU J 285 -28.82 7.91 21.59
N ARG J 286 -29.00 8.21 20.31
CA ARG J 286 -27.88 8.29 19.38
C ARG J 286 -26.88 9.37 19.79
N VAL J 287 -27.39 10.52 20.22
CA VAL J 287 -26.52 11.61 20.68
C VAL J 287 -25.72 11.17 21.91
N TYR J 288 -26.38 10.49 22.85
CA TYR J 288 -25.68 10.00 24.03
C TYR J 288 -24.59 9.00 23.66
N ALA J 289 -24.89 8.08 22.74
CA ALA J 289 -23.90 7.09 22.34
C ALA J 289 -22.70 7.76 21.68
N ALA J 290 -22.96 8.71 20.78
CA ALA J 290 -21.88 9.43 20.12
C ALA J 290 -21.02 10.19 21.13
N GLU J 291 -21.65 10.89 22.08
CA GLU J 291 -20.88 11.67 23.04
C GLU J 291 -20.10 10.78 24.01
N ARG J 292 -20.68 9.64 24.40
CA ARG J 292 -19.97 8.77 25.34
C ARG J 292 -18.79 8.09 24.65
N THR J 293 -18.95 7.70 23.38
CA THR J 293 -17.81 7.17 22.63
C THR J 293 -16.74 8.23 22.43
N ALA J 294 -17.15 9.48 22.19
CA ALA J 294 -16.19 10.56 22.12
C ALA J 294 -15.48 10.79 23.44
N ASN J 295 -16.16 10.51 24.56
CA ASN J 295 -15.55 10.63 25.87
C ASN J 295 -14.55 9.51 26.14
N GLU J 296 -14.86 8.30 25.68
CA GLU J 296 -14.10 7.12 26.11
C GLU J 296 -12.65 7.18 25.69
N ALA J 297 -12.37 7.64 24.46
CA ALA J 297 -11.00 7.62 23.96
C ALA J 297 -10.05 8.51 24.77
N PRO J 298 -10.38 9.77 25.12
CA PRO J 298 -9.49 10.50 26.04
C PRO J 298 -9.36 9.86 27.41
N LEU J 299 -10.49 9.43 27.99
CA LEU J 299 -10.49 8.92 29.36
C LEU J 299 -9.69 7.62 29.44
N LEU J 300 -9.81 6.75 28.44
CA LEU J 300 -9.03 5.51 28.44
C LEU J 300 -7.58 5.78 28.05
N ALA J 301 -7.35 6.76 27.17
CA ALA J 301 -5.98 7.13 26.82
C ALA J 301 -5.23 7.66 28.02
N MET J 302 -5.95 8.26 28.98
CA MET J 302 -5.32 8.61 30.25
C MET J 302 -4.77 7.39 30.95
N SER J 303 -5.58 6.33 31.07
CA SER J 303 -5.12 5.06 31.63
C SER J 303 -4.73 4.06 30.55
N LYS J 304 -3.94 4.53 29.58
CA LYS J 304 -3.45 3.65 28.52
C LYS J 304 -2.37 2.70 29.05
N ARG J 305 -1.27 3.23 29.58
CA ARG J 305 -0.19 2.38 30.06
C ARG J 305 -0.39 2.03 31.53
N THR J 306 -0.15 0.77 31.88
CA THR J 306 -0.45 0.25 33.21
C THR J 306 0.71 -0.61 33.73
N SER J 307 1.93 -0.04 33.71
CA SER J 307 3.10 -0.76 34.21
C SER J 307 2.95 -1.12 35.69
N THR J 308 3.22 -2.39 36.01
CA THR J 308 3.15 -2.90 37.38
C THR J 308 4.43 -3.66 37.71
N ILE J 309 4.75 -3.70 39.01
CA ILE J 309 5.97 -4.28 39.51
C ILE J 309 5.62 -5.37 40.51
N HIS J 310 6.32 -6.51 40.42
CA HIS J 310 6.06 -7.67 41.26
C HIS J 310 7.13 -7.74 42.35
N VAL J 311 6.87 -7.05 43.45
CA VAL J 311 7.75 -7.03 44.63
C VAL J 311 7.12 -7.92 45.69
N ASP J 312 7.98 -8.58 46.48
CA ASP J 312 7.50 -9.40 47.58
C ASP J 312 6.77 -8.53 48.60
N VAL J 313 5.44 -8.61 48.60
CA VAL J 313 4.63 -7.72 49.41
C VAL J 313 4.79 -8.03 50.89
N GLU J 314 4.99 -9.30 51.26
CA GLU J 314 5.19 -9.59 52.68
C GLU J 314 6.52 -9.07 53.19
N LYS J 315 7.47 -8.76 52.30
CA LYS J 315 8.68 -8.05 52.70
C LYS J 315 8.45 -6.54 52.72
N ALA J 316 7.70 -6.02 51.75
CA ALA J 316 7.38 -4.59 51.75
C ALA J 316 6.50 -4.20 52.92
N ILE J 317 5.75 -5.15 53.46
CA ILE J 317 4.79 -4.88 54.53
C ILE J 317 5.51 -4.45 55.81
N ALA J 318 6.68 -5.04 56.07
CA ALA J 318 7.40 -4.76 57.31
C ALA J 318 7.76 -3.28 57.45
N ASN J 319 8.35 -2.70 56.40
CA ASN J 319 8.67 -1.28 56.46
C ASN J 319 7.56 -0.43 55.86
N GLU J 320 7.36 -0.55 54.54
CA GLU J 320 6.23 0.04 53.80
C GLU J 320 6.21 1.57 53.85
N ASP J 321 7.19 2.19 54.52
CA ASP J 321 7.31 3.64 54.51
C ASP J 321 8.54 4.11 53.74
N ALA J 322 9.70 3.51 54.01
CA ALA J 322 10.86 3.73 53.17
C ALA J 322 10.61 3.19 51.77
N PHE J 323 9.93 2.05 51.67
CA PHE J 323 9.56 1.49 50.38
C PHE J 323 8.64 2.43 49.61
N ASN J 324 7.63 2.97 50.29
CA ASN J 324 6.72 3.92 49.65
C ASN J 324 7.45 5.18 49.23
N ALA J 325 8.35 5.67 50.07
CA ALA J 325 9.13 6.86 49.74
C ALA J 325 10.01 6.63 48.51
N ARG J 326 10.66 5.45 48.44
CA ARG J 326 11.50 5.13 47.31
C ARG J 326 10.69 5.05 46.02
N LEU J 327 9.52 4.39 46.07
CA LEU J 327 8.71 4.29 44.87
C LEU J 327 8.12 5.64 44.46
N ALA J 328 7.77 6.47 45.44
CA ALA J 328 7.31 7.82 45.12
C ALA J 328 8.42 8.64 44.48
N PHE J 329 9.66 8.45 44.94
CA PHE J 329 10.80 9.12 44.30
C PHE J 329 10.97 8.65 42.87
N TRP J 330 10.81 7.35 42.62
CA TRP J 330 10.90 6.83 41.25
C TRP J 330 9.82 7.44 40.37
N ILE J 331 8.58 7.46 40.84
CA ILE J 331 7.48 7.99 40.03
C ILE J 331 7.67 9.47 39.79
N ALA J 332 8.16 10.20 40.80
CA ALA J 332 8.41 11.63 40.61
C ALA J 332 9.51 11.87 39.59
N ASN J 333 10.67 11.25 39.77
CA ASN J 333 11.76 11.40 38.83
C ASN J 333 11.79 10.27 37.79
N ARG J 334 10.64 9.96 37.20
CA ARG J 334 10.60 9.01 36.10
C ARG J 334 11.02 9.67 34.80
N ASP J 335 11.91 9.02 34.07
CA ASP J 335 12.44 9.54 32.81
C ASP J 335 12.97 8.35 32.03
N ASN J 336 13.15 8.54 30.72
CA ASN J 336 13.61 7.47 29.86
C ASN J 336 15.13 7.37 29.77
N HIS J 337 15.84 7.82 30.80
CA HIS J 337 17.28 7.66 30.87
C HIS J 337 17.74 7.00 32.16
N GLY J 338 17.07 7.27 33.27
CA GLY J 338 17.39 6.58 34.51
C GLY J 338 17.01 5.11 34.44
N VAL J 339 17.66 4.32 35.27
CA VAL J 339 17.46 2.89 35.30
C VAL J 339 16.89 2.50 36.66
N LYS J 340 15.96 1.54 36.65
CA LYS J 340 15.31 1.07 37.86
C LYS J 340 15.92 -0.27 38.27
N VAL J 341 16.50 -0.31 39.45
CA VAL J 341 17.04 -1.54 40.00
C VAL J 341 15.95 -2.25 40.78
N LEU J 342 15.75 -3.53 40.52
CA LEU J 342 14.82 -4.34 41.29
C LEU J 342 15.40 -5.74 41.38
N GLY J 343 15.28 -6.34 42.56
CA GLY J 343 15.94 -7.61 42.83
C GLY J 343 15.41 -8.75 41.99
N THR J 344 16.05 -9.90 42.17
CA THR J 344 15.60 -11.12 41.54
C THR J 344 14.24 -11.54 42.12
N ASP J 345 13.58 -12.47 41.42
CA ASP J 345 12.20 -12.86 41.70
C ASP J 345 11.26 -11.67 41.64
N GLU J 346 11.52 -10.76 40.70
CA GLU J 346 10.69 -9.58 40.45
C GLU J 346 10.62 -9.38 38.94
N SER J 347 9.43 -9.06 38.42
CA SER J 347 9.21 -9.02 36.98
C SER J 347 9.05 -7.61 36.42
N MET J 348 8.14 -6.82 36.98
CA MET J 348 7.81 -5.47 36.51
C MET J 348 7.35 -5.48 35.05
N GLU J 349 6.17 -6.05 34.83
CA GLU J 349 5.65 -6.06 33.47
C GLU J 349 4.88 -4.78 33.17
N GLN J 350 4.50 -4.63 31.90
CA GLN J 350 3.86 -3.41 31.43
C GLN J 350 2.81 -3.76 30.39
N PHE J 351 1.64 -3.12 30.50
CA PHE J 351 0.55 -3.32 29.57
C PHE J 351 0.14 -1.99 28.95
N ASP J 352 -0.35 -2.04 27.71
CA ASP J 352 -0.84 -0.86 27.02
C ASP J 352 -2.02 -1.24 26.15
N THR J 353 -2.88 -0.26 25.89
CA THR J 353 -4.13 -0.47 25.17
C THR J 353 -4.03 0.10 23.76
N ASN J 354 -4.77 -0.50 22.83
CA ASN J 354 -4.82 -0.06 21.45
C ASN J 354 -6.10 0.74 21.22
N LEU J 355 -5.94 1.97 20.73
CA LEU J 355 -7.05 2.91 20.61
C LEU J 355 -7.26 3.40 19.18
N ALA J 356 -6.68 2.73 18.19
CA ALA J 356 -6.82 3.18 16.81
C ALA J 356 -8.21 2.96 16.25
N ASP J 357 -9.03 2.12 16.89
CA ASP J 357 -10.35 1.77 16.38
C ASP J 357 -11.48 2.55 17.03
N PHE J 358 -11.17 3.49 17.93
CA PHE J 358 -12.22 4.29 18.55
C PHE J 358 -12.73 5.39 17.60
N ASP J 359 -11.85 5.89 16.74
CA ASP J 359 -12.23 6.96 15.82
C ASP J 359 -13.32 6.52 14.86
N SER J 360 -13.22 5.29 14.35
CA SER J 360 -14.25 4.78 13.45
C SER J 360 -15.61 4.75 14.12
N ILE J 361 -15.67 4.31 15.38
CA ILE J 361 -16.92 4.27 16.12
C ILE J 361 -17.47 5.67 16.32
N ILE J 362 -16.61 6.61 16.74
CA ILE J 362 -17.07 7.97 17.04
C ILE J 362 -17.63 8.64 15.79
N MET J 363 -16.89 8.58 14.68
CA MET J 363 -17.34 9.26 13.48
C MET J 363 -18.42 8.48 12.73
N ASN J 364 -18.66 7.21 13.08
CA ASN J 364 -19.86 6.55 12.60
C ASN J 364 -21.10 7.01 13.37
N GLN J 365 -20.96 7.18 14.69
CA GLN J 365 -22.11 7.58 15.48
C GLN J 365 -22.51 9.03 15.21
N TYR J 366 -21.52 9.91 15.01
CA TYR J 366 -21.84 11.28 14.64
C TYR J 366 -22.50 11.35 13.26
N GLN J 367 -22.05 10.52 12.33
CA GLN J 367 -22.70 10.43 11.03
C GLN J 367 -24.15 9.97 11.17
N LEU J 368 -24.40 9.03 12.08
CA LEU J 368 -25.77 8.60 12.33
C LEU J 368 -26.60 9.73 12.92
N VAL J 369 -26.02 10.53 13.81
CA VAL J 369 -26.73 11.69 14.36
C VAL J 369 -27.12 12.65 13.24
N ALA J 370 -26.19 12.90 12.30
CA ALA J 370 -26.50 13.72 11.14
C ALA J 370 -27.64 13.10 10.31
N ALA J 371 -27.62 11.77 10.18
CA ALA J 371 -28.67 11.08 9.46
C ALA J 371 -30.03 11.30 10.09
N ILE J 372 -30.10 11.26 11.43
CA ILE J 372 -31.37 11.54 12.10
C ILE J 372 -31.78 12.98 11.85
N ALA J 373 -30.83 13.90 11.99
CA ALA J 373 -31.14 15.32 11.89
C ALA J 373 -31.51 15.76 10.48
N LYS J 374 -31.26 14.91 9.48
CA LYS J 374 -31.50 15.21 8.07
C LYS J 374 -30.66 16.40 7.59
N THR J 375 -29.61 16.71 8.32
CA THR J 375 -28.65 17.78 8.18
C THR J 375 -27.29 17.19 7.85
N PRO J 376 -26.55 17.79 6.92
CA PRO J 376 -25.24 17.23 6.57
C PRO J 376 -24.28 17.24 7.75
N ALA J 377 -23.42 16.23 7.79
CA ALA J 377 -22.38 16.17 8.81
C ALA J 377 -21.42 17.35 8.70
N THR J 378 -21.30 17.94 7.51
CA THR J 378 -20.54 19.18 7.37
C THR J 378 -21.19 20.31 8.15
N LYS J 379 -22.53 20.38 8.14
CA LYS J 379 -23.21 21.42 8.89
C LYS J 379 -23.19 21.14 10.38
N LEU J 380 -23.44 19.89 10.78
CA LEU J 380 -23.53 19.57 12.20
C LEU J 380 -22.14 19.49 12.84
N LEU J 381 -21.32 18.54 12.37
CA LEU J 381 -20.02 18.25 12.95
C LEU J 381 -18.94 19.26 12.51
N GLY J 382 -19.25 20.14 11.56
CA GLY J 382 -18.28 21.06 11.05
C GLY J 382 -17.49 20.57 9.86
N THR J 383 -17.49 19.26 9.60
CA THR J 383 -16.82 18.68 8.45
C THR J 383 -17.38 17.27 8.25
N SER J 384 -17.05 16.70 7.11
CA SER J 384 -17.39 15.30 6.86
C SER J 384 -16.64 14.41 7.85
N PRO J 385 -17.24 13.33 8.34
CA PRO J 385 -16.56 12.47 9.31
C PRO J 385 -15.43 11.70 8.67
N LYS J 386 -14.69 10.97 9.52
CA LYS J 386 -13.50 10.24 9.10
C LYS J 386 -13.81 9.20 8.04
N GLY J 387 -13.00 9.20 6.98
CA GLY J 387 -13.08 8.18 5.96
C GLY J 387 -14.15 8.43 4.91
N PHE J 388 -15.28 9.01 5.31
CA PHE J 388 -16.41 9.20 4.42
C PHE J 388 -16.03 10.09 3.24
N ASN J 389 -16.67 9.81 2.09
CA ASN J 389 -16.42 10.59 0.89
C ASN J 389 -16.79 12.05 1.11
N ALA J 390 -16.01 12.93 0.50
CA ALA J 390 -16.21 14.37 0.67
C ALA J 390 -17.61 14.77 0.20
N THR J 391 -18.26 15.60 1.01
CA THR J 391 -19.64 16.01 0.73
C THR J 391 -19.71 16.77 -0.59
N GLY J 392 -20.74 16.49 -1.37
CA GLY J 392 -20.79 16.98 -2.73
C GLY J 392 -22.13 17.52 -3.18
N GLU J 393 -22.29 17.56 -4.51
CA GLU J 393 -23.48 18.15 -5.12
C GLU J 393 -24.75 17.43 -4.70
N HIS J 394 -24.68 16.11 -4.52
CA HIS J 394 -25.85 15.34 -4.11
C HIS J 394 -26.34 15.76 -2.74
N GLU J 395 -25.41 15.91 -1.78
CA GLU J 395 -25.81 16.31 -0.44
C GLU J 395 -26.25 17.78 -0.41
N THR J 396 -25.60 18.64 -1.21
CA THR J 396 -26.01 20.04 -1.23
C THR J 396 -27.41 20.20 -1.82
N ILE J 397 -27.76 19.41 -2.84
CA ILE J 397 -29.12 19.52 -3.35
C ILE J 397 -30.10 18.76 -2.45
N SER J 398 -29.62 17.80 -1.67
CA SER J 398 -30.50 17.10 -0.74
C SER J 398 -30.84 17.95 0.49
N TYR J 399 -29.94 18.86 0.86
CA TYR J 399 -30.18 19.72 2.01
C TYR J 399 -30.69 21.11 1.61
N HIS J 400 -29.94 21.81 0.76
CA HIS J 400 -30.29 23.18 0.39
C HIS J 400 -31.62 23.26 -0.33
N GLU J 401 -31.99 22.23 -1.08
CA GLU J 401 -33.22 22.26 -1.85
C GLU J 401 -34.38 21.52 -1.20
N GLU J 402 -34.15 20.34 -0.61
CA GLU J 402 -35.27 19.53 -0.16
C GLU J 402 -35.78 19.97 1.22
N LEU J 403 -34.93 19.81 2.24
CA LEU J 403 -35.37 20.06 3.61
C LEU J 403 -35.68 21.52 3.84
N GLU J 404 -34.92 22.42 3.22
CA GLU J 404 -35.18 23.84 3.41
C GLU J 404 -36.47 24.27 2.73
N SER J 405 -36.82 23.65 1.61
CA SER J 405 -38.15 23.91 1.03
C SER J 405 -39.25 23.34 1.91
N ILE J 406 -38.98 22.22 2.59
CA ILE J 406 -39.94 21.70 3.57
C ILE J 406 -40.15 22.72 4.69
N GLN J 407 -39.06 23.26 5.23
CA GLN J 407 -39.17 24.30 6.25
C GLN J 407 -39.87 25.54 5.72
N GLU J 408 -39.68 25.86 4.44
CA GLU J 408 -40.33 27.04 3.87
C GLU J 408 -41.83 26.83 3.74
N HIS J 409 -42.27 25.63 3.33
CA HIS J 409 -43.72 25.42 3.26
C HIS J 409 -44.32 25.23 4.65
N ILE J 410 -43.49 24.90 5.65
CA ILE J 410 -43.95 24.97 7.03
C ILE J 410 -44.12 26.43 7.46
N PHE J 411 -43.19 27.29 7.08
CA PHE J 411 -43.28 28.71 7.41
C PHE J 411 -44.44 29.38 6.70
N ASP J 412 -44.81 28.89 5.52
CA ASP J 412 -45.80 29.59 4.68
C ASP J 412 -47.14 29.87 5.36
N PRO J 413 -47.77 28.95 6.12
CA PRO J 413 -48.98 29.36 6.85
C PRO J 413 -48.78 30.54 7.78
N LEU J 414 -47.64 30.60 8.47
CA LEU J 414 -47.38 31.68 9.41
C LEU J 414 -47.30 33.02 8.69
N LEU J 415 -46.48 33.10 7.64
CA LEU J 415 -46.37 34.34 6.89
C LEU J 415 -47.68 34.72 6.20
N GLU J 416 -48.43 33.71 5.74
CA GLU J 416 -49.68 33.99 5.07
C GLU J 416 -50.70 34.61 6.01
N ARG J 417 -50.87 34.02 7.21
CA ARG J 417 -51.78 34.60 8.18
C ARG J 417 -51.27 35.95 8.68
N HIS J 418 -49.96 36.08 8.87
CA HIS J 418 -49.39 37.35 9.33
C HIS J 418 -49.67 38.46 8.33
N TYR J 419 -49.50 38.18 7.04
CA TYR J 419 -49.78 39.20 6.04
C TYR J 419 -51.28 39.42 5.84
N LEU J 420 -52.11 38.40 6.09
CA LEU J 420 -53.55 38.62 6.08
C LEU J 420 -53.95 39.64 7.14
N LEU J 421 -53.54 39.42 8.38
CA LEU J 421 -53.89 40.33 9.46
C LEU J 421 -52.97 41.53 9.56
N LEU J 422 -51.99 41.66 8.68
CA LEU J 422 -51.22 42.89 8.58
C LEU J 422 -51.70 43.78 7.43
N ALA J 423 -52.19 43.18 6.34
CA ALA J 423 -52.71 43.97 5.24
C ALA J 423 -54.15 44.35 5.48
N LYS J 424 -55.04 43.36 5.62
CA LYS J 424 -56.47 43.67 5.61
C LYS J 424 -56.84 44.45 6.86
N SER J 425 -56.13 44.21 7.97
CA SER J 425 -56.37 44.96 9.19
C SER J 425 -56.05 46.45 9.04
N GLU J 426 -54.97 46.77 8.33
CA GLU J 426 -54.63 48.15 8.05
C GLU J 426 -55.30 48.60 6.75
N GLU J 427 -55.15 49.89 6.45
CA GLU J 427 -55.80 50.48 5.28
C GLU J 427 -54.97 50.16 4.04
N ILE J 428 -55.39 49.13 3.30
CA ILE J 428 -54.76 48.71 2.06
C ILE J 428 -55.83 48.61 0.99
N ASP J 429 -55.39 48.32 -0.24
CA ASP J 429 -56.31 48.17 -1.36
C ASP J 429 -56.15 46.82 -2.04
N VAL J 430 -54.95 46.25 -2.00
CA VAL J 430 -54.64 45.03 -2.74
C VAL J 430 -54.03 44.01 -1.78
N GLN J 431 -54.42 42.75 -1.93
CA GLN J 431 -53.91 41.66 -1.11
C GLN J 431 -52.43 41.42 -1.42
N LEU J 432 -51.83 40.50 -0.67
CA LEU J 432 -50.39 40.29 -0.72
C LEU J 432 -50.07 38.84 -1.02
N GLU J 433 -48.89 38.61 -1.59
CA GLU J 433 -48.41 37.25 -1.81
C GLU J 433 -46.90 37.23 -1.63
N ILE J 434 -46.41 36.10 -1.10
CA ILE J 434 -45.03 35.94 -0.66
C ILE J 434 -44.30 35.06 -1.66
N VAL J 435 -43.13 35.49 -2.09
CA VAL J 435 -42.24 34.67 -2.91
C VAL J 435 -40.96 34.45 -2.13
N TRP J 436 -40.37 33.28 -2.31
CA TRP J 436 -39.22 32.84 -1.53
C TRP J 436 -37.94 33.06 -2.33
N ASN J 437 -36.95 33.68 -1.70
CA ASN J 437 -35.64 33.82 -2.31
C ASN J 437 -34.98 32.46 -2.43
N PRO J 438 -34.16 32.25 -3.47
CA PRO J 438 -33.36 31.02 -3.53
C PRO J 438 -32.41 30.95 -2.36
N VAL J 439 -32.26 29.76 -1.80
CA VAL J 439 -31.40 29.54 -0.64
C VAL J 439 -30.29 28.59 -1.08
N ASP J 440 -29.17 29.17 -1.51
CA ASP J 440 -28.00 28.42 -1.91
C ASP J 440 -26.79 28.95 -1.17
N SER J 441 -26.82 30.25 -0.87
CA SER J 441 -25.75 30.96 -0.15
C SER J 441 -24.41 30.78 -0.84
N THR J 442 -24.42 30.83 -2.16
CA THR J 442 -23.22 30.58 -2.95
C THR J 442 -22.23 31.74 -2.82
N SER J 443 -20.97 31.44 -3.12
CA SER J 443 -19.88 32.39 -2.94
C SER J 443 -20.02 33.57 -3.92
N SER J 444 -19.18 34.59 -3.71
CA SER J 444 -19.25 35.81 -4.49
C SER J 444 -18.88 35.58 -5.95
N GLN J 445 -17.83 34.78 -6.20
CA GLN J 445 -17.44 34.47 -7.57
C GLN J 445 -18.53 33.70 -8.30
N GLN J 446 -19.12 32.71 -7.63
CA GLN J 446 -20.22 31.97 -8.24
C GLN J 446 -21.41 32.88 -8.49
N GLN J 447 -21.68 33.81 -7.57
CA GLN J 447 -22.78 34.76 -7.78
C GLN J 447 -22.51 35.65 -8.99
N ALA J 448 -21.26 36.09 -9.16
CA ALA J 448 -20.90 36.89 -10.33
C ALA J 448 -21.06 36.10 -11.61
N GLU J 449 -20.64 34.84 -11.61
CA GLU J 449 -20.81 33.99 -12.79
C GLU J 449 -22.30 33.76 -13.09
N LEU J 450 -23.10 33.59 -12.04
CA LEU J 450 -24.55 33.45 -12.17
C LEU J 450 -25.15 34.69 -12.83
N ASN J 451 -24.78 35.87 -12.33
CA ASN J 451 -25.26 37.12 -12.90
C ASN J 451 -24.81 37.29 -14.35
N ASN J 452 -23.56 36.90 -14.65
CA ASN J 452 -23.06 37.03 -16.02
C ASN J 452 -23.83 36.13 -16.98
N LYS J 453 -24.10 34.89 -16.56
CA LYS J 453 -24.85 33.98 -17.43
C LYS J 453 -26.28 34.46 -17.61
N LYS J 454 -26.90 34.98 -16.55
CA LYS J 454 -28.25 35.53 -16.68
C LYS J 454 -28.25 36.75 -17.59
N ALA J 455 -27.20 37.58 -17.52
CA ALA J 455 -27.10 38.72 -18.42
C ALA J 455 -26.93 38.28 -19.86
N ALA J 456 -26.19 37.19 -20.08
CA ALA J 456 -26.08 36.63 -21.43
C ALA J 456 -27.45 36.17 -21.94
N THR J 457 -28.24 35.52 -21.07
CA THR J 457 -29.59 35.12 -21.46
C THR J 457 -30.44 36.34 -21.79
N ASP J 458 -30.33 37.39 -20.97
CA ASP J 458 -31.09 38.63 -21.22
C ASP J 458 -30.71 39.22 -22.57
N GLU J 459 -29.42 39.29 -22.86
CA GLU J 459 -28.96 39.85 -24.14
C GLU J 459 -29.45 39.02 -25.31
N ILE J 460 -29.39 37.69 -25.19
CA ILE J 460 -29.84 36.81 -26.26
C ILE J 460 -31.33 37.01 -26.53
N TYR J 461 -32.13 37.03 -25.45
CA TYR J 461 -33.57 37.19 -25.63
C TYR J 461 -33.94 38.55 -26.20
N ILE J 462 -33.30 39.63 -25.71
CA ILE J 462 -33.59 40.96 -26.22
C ILE J 462 -33.19 41.08 -27.68
N ASN J 463 -32.01 40.57 -28.03
CA ASN J 463 -31.54 40.64 -29.42
C ASN J 463 -32.44 39.84 -30.35
N SER J 464 -32.89 38.66 -29.91
CA SER J 464 -33.83 37.88 -30.70
C SER J 464 -35.23 38.47 -30.68
N GLY J 465 -35.50 39.44 -29.81
CA GLY J 465 -36.80 40.09 -29.80
C GLY J 465 -37.85 39.30 -29.05
N VAL J 466 -37.47 38.65 -27.95
CA VAL J 466 -38.40 37.88 -27.14
C VAL J 466 -38.93 38.78 -26.02
N VAL J 467 -38.02 39.29 -25.19
CA VAL J 467 -38.39 40.09 -24.03
C VAL J 467 -37.78 41.48 -24.18
N SER J 468 -38.52 42.49 -23.72
CA SER J 468 -38.04 43.86 -23.73
C SER J 468 -37.06 44.08 -22.59
N PRO J 469 -36.16 45.07 -22.71
CA PRO J 469 -35.28 45.39 -21.58
C PRO J 469 -36.00 45.88 -20.34
N ASP J 470 -37.27 46.28 -20.44
CA ASP J 470 -38.02 46.68 -19.25
C ASP J 470 -38.22 45.51 -18.30
N GLU J 471 -38.50 44.32 -18.84
CA GLU J 471 -38.63 43.13 -17.98
C GLU J 471 -37.31 42.81 -17.29
N VAL J 472 -36.18 42.98 -18.00
CA VAL J 472 -34.89 42.72 -17.39
C VAL J 472 -34.61 43.75 -16.30
N ARG J 473 -34.98 45.01 -16.53
CA ARG J 473 -34.84 46.05 -15.51
C ARG J 473 -35.66 45.72 -14.27
N GLU J 474 -36.91 45.30 -14.47
CA GLU J 474 -37.79 44.96 -13.35
C GLU J 474 -37.27 43.74 -12.61
N ARG J 475 -36.73 42.75 -13.33
CA ARG J 475 -36.17 41.57 -12.69
C ARG J 475 -34.97 41.94 -11.83
N LEU J 476 -34.07 42.78 -12.37
CA LEU J 476 -32.91 43.21 -11.60
C LEU J 476 -33.35 44.00 -10.37
N ARG J 477 -34.33 44.88 -10.52
CA ARG J 477 -34.83 45.65 -9.38
C ARG J 477 -35.42 44.74 -8.30
N ASP J 478 -36.35 43.88 -8.70
CA ASP J 478 -36.94 42.89 -7.79
C ASP J 478 -36.20 41.56 -7.86
N ASP J 479 -34.87 41.60 -7.75
CA ASP J 479 -34.07 40.39 -7.60
C ASP J 479 -32.87 40.75 -6.74
N PRO J 480 -32.87 40.37 -5.47
CA PRO J 480 -31.67 40.55 -4.63
C PRO J 480 -30.55 39.65 -5.08
N ARG J 481 -29.34 39.98 -4.62
CA ARG J 481 -28.10 39.29 -4.98
C ARG J 481 -27.86 39.31 -6.50
N SER J 482 -28.36 40.35 -7.16
CA SER J 482 -28.18 40.52 -8.60
C SER J 482 -27.28 41.69 -8.94
N GLY J 483 -26.68 42.33 -7.96
CA GLY J 483 -25.80 43.46 -8.20
C GLY J 483 -26.48 44.81 -8.19
N TYR J 484 -27.59 44.93 -8.91
CA TYR J 484 -28.33 46.18 -9.03
C TYR J 484 -29.64 46.05 -8.29
N ASN J 485 -29.80 46.80 -7.20
CA ASN J 485 -31.05 46.83 -6.45
C ASN J 485 -31.43 48.25 -6.04
N ARG J 486 -30.84 49.26 -6.70
CA ARG J 486 -31.00 50.65 -6.33
C ARG J 486 -31.18 51.54 -7.56
N LEU J 487 -31.39 50.94 -8.73
CA LEU J 487 -30.97 51.50 -10.02
C LEU J 487 -31.47 52.91 -10.28
N THR J 488 -32.76 53.07 -10.54
CA THR J 488 -33.41 54.34 -10.86
C THR J 488 -34.90 53.99 -10.97
N ASP J 489 -35.76 55.01 -11.01
CA ASP J 489 -37.20 54.81 -11.16
C ASP J 489 -37.69 55.01 -12.60
N ASP J 490 -36.78 55.23 -13.54
CA ASP J 490 -37.17 55.41 -14.93
C ASP J 490 -37.57 54.07 -15.56
N GLN J 491 -37.88 54.12 -16.85
CA GLN J 491 -38.39 52.97 -17.59
C GLN J 491 -37.51 52.73 -18.81
N ALA J 492 -37.54 51.49 -19.30
CA ALA J 492 -36.83 51.13 -20.51
C ALA J 492 -37.73 51.38 -21.71
N GLU J 493 -37.36 50.81 -22.87
CA GLU J 493 -38.12 51.02 -24.09
C GLU J 493 -39.55 50.48 -23.97
N THR J 494 -39.70 49.29 -23.37
CA THR J 494 -40.95 48.55 -23.13
C THR J 494 -41.54 47.99 -24.42
N GLU J 495 -40.91 48.26 -25.57
CA GLU J 495 -41.33 47.52 -26.77
C GLU J 495 -40.63 46.16 -26.79
N PRO J 496 -41.33 45.08 -27.19
CA PRO J 496 -40.87 43.73 -26.84
C PRO J 496 -39.61 43.28 -27.56
N GLY J 497 -38.46 43.76 -27.08
CA GLY J 497 -37.18 43.27 -27.54
C GLY J 497 -36.50 44.13 -28.57
N MET J 498 -36.50 45.45 -28.36
CA MET J 498 -35.88 46.34 -29.33
C MET J 498 -34.38 46.47 -29.11
N SER J 499 -33.97 47.09 -27.98
CA SER J 499 -32.59 47.51 -27.67
C SER J 499 -32.13 48.59 -28.64
N PRO J 500 -31.14 49.42 -28.27
CA PRO J 500 -30.69 50.47 -29.21
C PRO J 500 -30.18 49.95 -30.54
N GLU J 501 -29.56 48.77 -30.55
CA GLU J 501 -29.03 48.20 -31.79
C GLU J 501 -30.15 47.96 -32.81
N ASN J 502 -31.19 47.22 -32.42
CA ASN J 502 -32.27 46.96 -33.37
C ASN J 502 -33.19 48.17 -33.53
N LEU J 503 -33.21 49.10 -32.57
CA LEU J 503 -33.92 50.36 -32.81
C LEU J 503 -33.31 51.13 -33.97
N ALA J 504 -31.98 51.32 -33.92
CA ALA J 504 -31.28 51.99 -35.02
C ALA J 504 -31.39 51.19 -36.30
N GLU J 505 -31.30 49.86 -36.21
CA GLU J 505 -31.41 49.02 -37.39
C GLU J 505 -32.79 49.13 -38.03
N PHE J 506 -33.85 49.14 -37.20
CA PHE J 506 -35.21 49.25 -37.73
C PHE J 506 -35.44 50.60 -38.38
N GLU J 507 -34.99 51.68 -37.72
CA GLU J 507 -35.15 53.01 -38.31
C GLU J 507 -34.40 53.13 -39.64
N LYS J 508 -33.14 52.70 -39.66
CA LYS J 508 -32.35 52.79 -40.88
C LYS J 508 -32.91 51.89 -41.98
N ALA J 509 -33.38 50.69 -41.62
CA ALA J 509 -33.93 49.77 -42.60
C ALA J 509 -35.23 50.31 -43.20
N GLY J 510 -36.11 50.86 -42.37
CA GLY J 510 -37.33 51.46 -42.90
C GLY J 510 -37.05 52.67 -43.78
N ALA J 511 -36.06 53.47 -43.39
CA ALA J 511 -35.69 54.63 -44.20
C ALA J 511 -35.11 54.21 -45.56
N GLN J 512 -34.19 53.24 -45.56
CA GLN J 512 -33.67 52.74 -46.82
C GLN J 512 -34.75 52.05 -47.63
N SER J 513 -35.75 51.47 -46.96
CA SER J 513 -36.90 50.94 -47.67
C SER J 513 -37.68 52.03 -48.37
N ALA J 514 -37.84 53.18 -47.71
CA ALA J 514 -38.49 54.32 -48.35
C ALA J 514 -37.69 54.78 -49.56
N LYS J 515 -36.37 54.89 -49.41
CA LYS J 515 -35.46 55.16 -50.53
C LYS J 515 -35.72 54.23 -51.71
N ALA J 516 -35.65 52.92 -51.46
CA ALA J 516 -35.71 51.95 -52.54
C ALA J 516 -37.08 51.92 -53.20
N LYS J 517 -38.15 52.05 -52.42
CA LYS J 517 -39.49 52.08 -53.00
C LYS J 517 -39.71 53.34 -53.82
N GLY J 518 -39.21 54.48 -53.36
CA GLY J 518 -39.30 55.69 -54.16
C GLY J 518 -38.53 55.59 -55.47
N GLU J 519 -37.32 55.02 -55.40
CA GLU J 519 -36.54 54.83 -56.62
C GLU J 519 -37.22 53.84 -57.58
N ALA J 520 -37.88 52.82 -57.03
CA ALA J 520 -38.64 51.89 -57.86
C ALA J 520 -39.79 52.59 -58.55
N GLU J 521 -40.53 53.43 -57.82
CA GLU J 521 -41.63 54.18 -58.41
C GLU J 521 -41.13 55.12 -59.51
N ARG J 522 -40.00 55.79 -59.26
CA ARG J 522 -39.39 56.64 -60.28
C ARG J 522 -38.97 55.82 -61.50
N ALA J 523 -38.46 54.61 -61.28
CA ALA J 523 -38.03 53.76 -62.37
C ALA J 523 -39.21 53.33 -63.24
N GLU J 524 -40.32 52.94 -62.62
CA GLU J 524 -41.51 52.61 -63.42
C GLU J 524 -42.04 53.84 -64.15
N ALA J 525 -42.01 55.00 -63.50
CA ALA J 525 -42.47 56.24 -64.15
C ALA J 525 -41.63 56.57 -65.38
N GLN J 526 -40.31 56.43 -65.28
CA GLN J 526 -39.45 56.75 -66.41
C GLN J 526 -39.49 55.67 -67.48
N ALA J 527 -39.73 54.41 -67.09
CA ALA J 527 -39.80 53.33 -68.08
C ALA J 527 -41.11 53.38 -68.85
N GLY J 528 -42.19 53.79 -68.20
CA GLY J 528 -43.49 53.88 -68.86
C GLY J 528 -43.56 54.95 -69.93
N VAL K 94 -39.57 -29.46 -6.95
CA VAL K 94 -40.48 -28.89 -5.97
C VAL K 94 -39.68 -27.99 -5.01
N VAL K 95 -40.36 -27.01 -4.43
CA VAL K 95 -39.73 -26.13 -3.44
C VAL K 95 -39.41 -26.94 -2.19
N PRO K 96 -38.25 -26.76 -1.57
CA PRO K 96 -37.97 -27.46 -0.31
C PRO K 96 -38.82 -26.90 0.82
N THR K 97 -38.98 -27.73 1.86
CA THR K 97 -39.80 -27.34 3.00
C THR K 97 -39.19 -26.15 3.76
N MET K 98 -37.86 -26.13 3.88
CA MET K 98 -37.22 -25.06 4.65
C MET K 98 -37.30 -23.72 3.92
N LEU K 99 -37.00 -23.70 2.62
CA LEU K 99 -37.17 -22.48 1.85
C LEU K 99 -38.63 -22.08 1.79
N GLN K 100 -39.53 -23.07 1.71
CA GLN K 100 -40.96 -22.80 1.61
C GLN K 100 -41.47 -22.08 2.85
N ASP K 101 -41.18 -22.60 4.04
CA ASP K 101 -41.68 -21.93 5.23
C ASP K 101 -40.77 -20.78 5.69
N TRP K 102 -39.60 -20.60 5.05
CA TRP K 102 -38.88 -19.35 5.23
C TRP K 102 -39.54 -18.24 4.44
N TYR K 103 -40.00 -18.52 3.23
CA TYR K 103 -40.68 -17.51 2.42
C TYR K 103 -42.10 -17.25 2.92
N ASN K 104 -42.79 -18.31 3.37
CA ASN K 104 -44.16 -18.17 3.82
C ASN K 104 -44.29 -17.32 5.09
N SER K 105 -43.23 -17.27 5.90
CA SER K 105 -43.30 -16.54 7.16
C SER K 105 -43.27 -15.02 6.97
N GLN K 106 -42.94 -14.52 5.77
CA GLN K 106 -43.12 -13.09 5.47
C GLN K 106 -44.59 -12.81 5.19
N GLY K 107 -45.40 -12.94 6.23
CA GLY K 107 -46.81 -12.67 6.13
C GLY K 107 -47.15 -11.23 6.49
N PHE K 108 -48.44 -10.93 6.41
CA PHE K 108 -48.91 -9.59 6.79
C PHE K 108 -48.84 -9.44 8.30
N ILE K 109 -48.24 -8.34 8.75
CA ILE K 109 -47.99 -8.18 10.18
C ILE K 109 -49.17 -7.54 10.91
N GLY K 110 -49.94 -6.70 10.24
CA GLY K 110 -51.09 -6.08 10.88
C GLY K 110 -51.01 -4.58 10.93
N TYR K 111 -52.17 -3.91 10.89
CA TYR K 111 -52.19 -2.45 10.88
C TYR K 111 -51.71 -1.87 12.20
N GLN K 112 -52.06 -2.53 13.31
CA GLN K 112 -51.57 -2.10 14.62
C GLN K 112 -50.05 -2.19 14.69
N ALA K 113 -49.49 -3.29 14.19
CA ALA K 113 -48.04 -3.46 14.17
C ALA K 113 -47.38 -2.43 13.27
N CYS K 114 -48.00 -2.14 12.11
CA CYS K 114 -47.44 -1.13 11.21
C CYS K 114 -47.42 0.24 11.87
N ALA K 115 -48.52 0.61 12.51
CA ALA K 115 -48.59 1.91 13.19
C ALA K 115 -47.59 2.00 14.33
N ILE K 116 -47.42 0.90 15.08
CA ILE K 116 -46.47 0.91 16.19
C ILE K 116 -45.04 1.03 15.68
N ILE K 117 -44.71 0.31 14.61
CA ILE K 117 -43.34 0.33 14.09
C ILE K 117 -43.04 1.66 13.40
N SER K 118 -44.06 2.33 12.87
CA SER K 118 -43.85 3.57 12.12
C SER K 118 -43.31 4.71 12.98
N GLN K 119 -43.33 4.57 14.31
CA GLN K 119 -42.76 5.60 15.17
C GLN K 119 -41.24 5.73 14.98
N HIS K 120 -40.58 4.66 14.56
CA HIS K 120 -39.13 4.67 14.43
C HIS K 120 -38.69 5.66 13.36
N TRP K 121 -37.52 6.27 13.59
CA TRP K 121 -37.05 7.34 12.71
C TRP K 121 -36.76 6.84 11.30
N LEU K 122 -36.17 5.63 11.18
CA LEU K 122 -35.69 5.17 9.88
C LEU K 122 -36.84 4.78 8.97
N VAL K 123 -37.81 4.02 9.51
CA VAL K 123 -38.97 3.65 8.70
C VAL K 123 -39.81 4.87 8.36
N ASP K 124 -39.90 5.82 9.29
CA ASP K 124 -40.62 7.06 9.02
C ASP K 124 -39.95 7.85 7.91
N LYS K 125 -38.62 7.93 7.94
CA LYS K 125 -37.89 8.63 6.88
C LYS K 125 -38.07 7.94 5.53
N ALA K 126 -37.98 6.60 5.53
CA ALA K 126 -38.14 5.84 4.30
C ALA K 126 -39.52 6.01 3.69
N CYS K 127 -40.56 6.00 4.51
CA CYS K 127 -41.91 6.22 4.02
C CYS K 127 -42.20 7.70 3.74
N SER K 128 -41.39 8.61 4.27
CA SER K 128 -41.68 10.04 4.15
C SER K 128 -41.04 10.66 2.90
N MET K 129 -39.72 10.57 2.78
CA MET K 129 -39.04 11.31 1.70
C MET K 129 -38.97 10.49 0.41
N SER K 130 -40.13 9.93 0.05
CA SER K 130 -40.27 9.22 -1.21
C SER K 130 -41.23 9.93 -2.16
N GLY K 131 -42.44 10.27 -1.69
CA GLY K 131 -43.36 11.04 -2.49
C GLY K 131 -43.32 12.51 -2.17
N GLU K 132 -42.71 12.85 -1.03
CA GLU K 132 -42.59 14.26 -0.66
C GLU K 132 -41.70 15.01 -1.66
N ASP K 133 -40.59 14.38 -2.08
CA ASP K 133 -39.73 14.99 -3.10
C ASP K 133 -40.45 15.11 -4.43
N ALA K 134 -41.27 14.10 -4.77
CA ALA K 134 -42.05 14.18 -6.00
C ALA K 134 -43.05 15.32 -5.96
N ALA K 135 -43.69 15.52 -4.80
CA ALA K 135 -44.68 16.58 -4.66
C ALA K 135 -44.05 17.96 -4.48
N ARG K 136 -42.76 18.02 -4.15
CA ARG K 136 -42.10 19.29 -3.85
C ARG K 136 -42.24 20.32 -4.96
N ASN K 137 -41.87 19.95 -6.19
CA ASN K 137 -41.84 20.93 -7.28
C ASN K 137 -43.22 21.37 -7.72
N GLY K 138 -44.26 20.66 -7.31
CA GLY K 138 -45.62 21.08 -7.63
C GLY K 138 -45.99 20.76 -9.06
N TRP K 139 -47.13 21.30 -9.47
CA TRP K 139 -47.67 21.08 -10.80
C TRP K 139 -48.13 22.42 -11.38
N GLU K 140 -48.55 22.38 -12.64
CA GLU K 140 -49.12 23.54 -13.31
C GLU K 140 -50.40 23.14 -14.03
N LEU K 141 -51.32 24.09 -14.11
CA LEU K 141 -52.60 23.87 -14.79
C LEU K 141 -52.43 24.19 -16.27
N LYS K 142 -53.00 23.35 -17.12
CA LYS K 142 -52.84 23.52 -18.56
C LYS K 142 -54.15 23.87 -19.25
N SER K 143 -55.19 23.04 -19.11
CA SER K 143 -56.50 23.20 -19.72
C SER K 143 -56.44 23.18 -21.26
N ASP K 144 -57.60 23.11 -21.90
CA ASP K 144 -57.65 23.18 -23.35
C ASP K 144 -57.16 24.54 -23.85
N GLY K 145 -57.55 25.61 -23.17
CA GLY K 145 -57.05 26.93 -23.51
C GLY K 145 -55.58 27.10 -23.15
N ARG K 146 -54.96 28.12 -23.76
CA ARG K 146 -53.56 28.41 -23.51
C ARG K 146 -53.33 28.82 -22.06
N LYS K 147 -53.90 29.96 -21.66
CA LYS K 147 -53.76 30.48 -20.31
C LYS K 147 -55.14 30.57 -19.68
N LEU K 148 -55.26 30.04 -18.47
CA LEU K 148 -56.51 30.18 -17.72
C LEU K 148 -56.73 31.63 -17.35
N SER K 149 -58.01 32.01 -17.25
CA SER K 149 -58.36 33.37 -16.85
C SER K 149 -57.83 33.67 -15.46
N ASP K 150 -57.44 34.92 -15.24
CA ASP K 150 -56.75 35.28 -14.00
C ASP K 150 -57.64 35.09 -12.78
N GLU K 151 -58.92 35.45 -12.88
CA GLU K 151 -59.85 35.22 -11.78
C GLU K 151 -60.03 33.73 -11.52
N GLN K 152 -60.06 32.93 -12.60
CA GLN K 152 -60.14 31.47 -12.44
C GLN K 152 -58.92 30.93 -11.72
N SER K 153 -57.73 31.42 -12.07
CA SER K 153 -56.50 30.96 -11.43
C SER K 153 -56.46 31.38 -9.96
N ALA K 154 -56.89 32.61 -9.66
CA ALA K 154 -56.92 33.07 -8.28
C ALA K 154 -57.90 32.24 -7.44
N LEU K 155 -59.09 31.95 -7.99
CA LEU K 155 -60.05 31.11 -7.30
C LEU K 155 -59.51 29.70 -7.10
N ILE K 156 -58.83 29.16 -8.11
CA ILE K 156 -58.25 27.82 -8.01
C ILE K 156 -57.19 27.78 -6.92
N ALA K 157 -56.34 28.80 -6.86
CA ALA K 157 -55.32 28.88 -5.83
C ALA K 157 -55.94 28.99 -4.44
N ARG K 158 -57.00 29.81 -4.31
CA ARG K 158 -57.67 29.95 -3.01
C ARG K 158 -58.27 28.63 -2.56
N ARG K 159 -58.95 27.92 -3.47
CA ARG K 159 -59.58 26.65 -3.11
C ARG K 159 -58.53 25.59 -2.80
N ASP K 160 -57.43 25.56 -3.56
CA ASP K 160 -56.35 24.61 -3.28
C ASP K 160 -55.73 24.88 -1.92
N MET K 161 -55.57 26.15 -1.57
CA MET K 161 -54.96 26.48 -0.28
C MET K 161 -55.90 26.16 0.87
N GLU K 162 -57.20 26.40 0.68
CA GLU K 162 -58.18 26.03 1.69
C GLU K 162 -58.34 24.52 1.83
N PHE K 163 -58.07 23.76 0.76
CA PHE K 163 -58.16 22.32 0.82
C PHE K 163 -56.86 21.64 1.25
N ARG K 164 -55.74 22.36 1.23
CA ARG K 164 -54.42 21.86 1.62
C ARG K 164 -54.04 20.63 0.79
N VAL K 165 -53.95 20.84 -0.52
CA VAL K 165 -53.74 19.72 -1.45
C VAL K 165 -52.34 19.14 -1.30
N LYS K 166 -51.33 20.01 -1.14
CA LYS K 166 -49.94 19.57 -1.03
C LYS K 166 -49.75 18.66 0.17
N ASP K 167 -50.16 19.13 1.35
CA ASP K 167 -50.08 18.30 2.54
C ASP K 167 -50.92 17.05 2.41
N ASN K 168 -52.06 17.14 1.72
CA ASN K 168 -52.94 16.00 1.56
C ASN K 168 -52.27 14.87 0.79
N LEU K 169 -51.68 15.19 -0.37
CA LEU K 169 -51.07 14.10 -1.19
C LEU K 169 -49.76 13.64 -0.54
N VAL K 170 -49.03 14.54 0.14
CA VAL K 170 -47.83 14.11 0.85
C VAL K 170 -48.19 13.09 1.93
N GLU K 171 -49.21 13.40 2.73
CA GLU K 171 -49.67 12.46 3.76
C GLU K 171 -50.22 11.18 3.13
N LEU K 172 -50.88 11.32 1.97
CA LEU K 172 -51.40 10.15 1.25
C LEU K 172 -50.29 9.19 0.90
N ASN K 173 -49.23 9.69 0.27
CA ASN K 173 -48.08 8.83 -0.05
C ASN K 173 -47.42 8.28 1.20
N ARG K 174 -47.24 9.12 2.23
CA ARG K 174 -46.54 8.70 3.43
C ARG K 174 -47.24 7.53 4.10
N PHE K 175 -48.54 7.67 4.37
CA PHE K 175 -49.23 6.60 5.05
C PHE K 175 -49.60 5.45 4.12
N LYS K 176 -49.62 5.67 2.79
CA LYS K 176 -49.73 4.56 1.87
C LYS K 176 -48.48 3.68 1.93
N ASN K 177 -47.32 4.30 2.14
CA ASN K 177 -46.11 3.52 2.35
C ASN K 177 -46.09 2.88 3.73
N VAL K 178 -46.60 3.58 4.74
CA VAL K 178 -46.61 3.05 6.11
C VAL K 178 -47.50 1.81 6.18
N PHE K 179 -48.79 1.97 5.90
CA PHE K 179 -49.70 0.85 5.89
C PHE K 179 -49.67 0.16 4.53
N GLY K 180 -50.57 -0.80 4.33
CA GLY K 180 -50.66 -1.45 3.04
C GLY K 180 -51.42 -0.68 1.99
N VAL K 181 -52.31 0.23 2.41
CA VAL K 181 -53.23 0.90 1.49
C VAL K 181 -53.70 2.18 2.16
N ARG K 182 -54.12 3.16 1.35
CA ARG K 182 -54.72 4.38 1.85
C ARG K 182 -55.98 4.69 1.05
N ILE K 183 -56.96 5.28 1.73
CA ILE K 183 -58.23 5.65 1.12
C ILE K 183 -58.40 7.15 1.24
N ALA K 184 -58.67 7.79 0.11
CA ALA K 184 -58.96 9.22 0.07
C ALA K 184 -60.41 9.41 -0.35
N LEU K 185 -61.19 10.07 0.51
CA LEU K 185 -62.60 10.30 0.27
C LEU K 185 -62.84 11.78 0.05
N PHE K 186 -63.44 12.12 -1.08
CA PHE K 186 -63.74 13.51 -1.42
C PHE K 186 -65.10 13.85 -0.84
N VAL K 187 -65.12 14.65 0.23
CA VAL K 187 -66.37 14.94 0.91
C VAL K 187 -67.16 15.96 0.07
N VAL K 188 -68.43 15.67 -0.15
CA VAL K 188 -69.31 16.52 -0.93
C VAL K 188 -70.72 16.34 -0.41
N GLU K 189 -71.50 17.42 -0.40
CA GLU K 189 -72.80 17.44 0.26
C GLU K 189 -73.91 17.24 -0.77
N SER K 190 -74.87 16.39 -0.43
CA SER K 190 -76.03 16.15 -1.28
C SER K 190 -77.24 15.91 -0.39
N ASP K 191 -78.42 16.12 -0.98
CA ASP K 191 -79.66 16.02 -0.20
C ASP K 191 -79.95 14.59 0.23
N ASP K 192 -79.60 13.61 -0.59
CA ASP K 192 -79.98 12.22 -0.36
C ASP K 192 -79.09 11.61 0.71
N PRO K 193 -79.66 11.06 1.80
CA PRO K 193 -78.83 10.35 2.79
C PRO K 193 -78.08 9.17 2.22
N ASP K 194 -78.63 8.51 1.19
CA ASP K 194 -77.98 7.36 0.55
C ASP K 194 -77.12 7.77 -0.64
N TYR K 195 -76.55 8.97 -0.60
CA TYR K 195 -75.76 9.47 -1.72
C TYR K 195 -74.53 8.60 -1.99
N TYR K 196 -73.84 8.19 -0.93
CA TYR K 196 -72.66 7.36 -1.07
C TYR K 196 -73.02 5.88 -1.19
N GLU K 197 -73.99 5.57 -2.04
CA GLU K 197 -74.39 4.19 -2.34
C GLU K 197 -74.38 3.91 -3.83
N LYS K 198 -74.78 4.87 -4.64
CA LYS K 198 -74.79 4.75 -6.09
C LYS K 198 -73.37 4.91 -6.61
N PRO K 199 -73.07 4.38 -7.80
CA PRO K 199 -71.77 4.67 -8.43
C PRO K 199 -71.61 6.16 -8.68
N PHE K 200 -70.38 6.64 -8.50
CA PHE K 200 -70.10 8.07 -8.61
C PHE K 200 -70.42 8.57 -10.01
N ASN K 201 -71.16 9.67 -10.07
CA ASN K 201 -71.61 10.26 -11.32
C ASN K 201 -71.17 11.71 -11.39
N PRO K 202 -70.49 12.14 -12.46
CA PRO K 202 -70.09 13.55 -12.57
C PRO K 202 -71.25 14.52 -12.69
N ASP K 203 -72.45 14.04 -13.03
CA ASP K 203 -73.61 14.93 -13.13
C ASP K 203 -74.20 15.27 -11.77
N GLY K 204 -73.96 14.46 -10.75
CA GLY K 204 -74.50 14.70 -9.43
C GLY K 204 -73.71 15.73 -8.65
N ILE K 205 -73.91 17.01 -8.96
CA ILE K 205 -73.03 18.06 -8.48
C ILE K 205 -73.64 18.87 -7.35
N THR K 206 -74.79 19.51 -7.61
CA THR K 206 -75.36 20.55 -6.74
C THR K 206 -74.32 21.61 -6.46
N PRO K 207 -74.06 22.53 -7.41
CA PRO K 207 -72.83 23.36 -7.40
C PRO K 207 -72.57 24.07 -6.08
N GLY K 208 -71.29 24.28 -5.80
CA GLY K 208 -70.86 24.81 -4.52
C GLY K 208 -70.97 23.81 -3.38
N SER K 209 -70.64 22.55 -3.63
CA SER K 209 -70.78 21.49 -2.63
C SER K 209 -69.47 20.80 -2.29
N TYR K 210 -68.41 21.01 -3.05
CA TYR K 210 -67.13 20.36 -2.81
C TYR K 210 -66.46 21.00 -1.60
N LYS K 211 -66.48 20.30 -0.47
CA LYS K 211 -66.01 20.89 0.79
C LYS K 211 -64.56 20.55 1.09
N GLY K 212 -64.01 19.50 0.50
CA GLY K 212 -62.63 19.13 0.73
C GLY K 212 -62.46 17.63 0.60
N ILE K 213 -61.30 17.15 1.06
CA ILE K 213 -60.99 15.73 1.03
C ILE K 213 -60.53 15.29 2.42
N SER K 214 -60.66 14.00 2.67
CA SER K 214 -60.19 13.39 3.90
C SER K 214 -59.46 12.11 3.55
N GLN K 215 -58.59 11.68 4.45
CA GLN K 215 -57.83 10.45 4.26
C GLN K 215 -58.09 9.54 5.45
N ILE K 216 -58.52 8.31 5.17
CA ILE K 216 -58.97 7.37 6.19
C ILE K 216 -57.91 6.28 6.33
N ASP K 217 -57.47 6.04 7.56
CA ASP K 217 -56.55 4.96 7.83
C ASP K 217 -57.24 3.61 7.63
N PRO K 218 -56.47 2.57 7.27
CA PRO K 218 -57.10 1.27 6.96
C PRO K 218 -57.89 0.65 8.11
N TYR K 219 -57.47 0.84 9.37
CA TYR K 219 -58.21 0.20 10.45
C TYR K 219 -59.55 0.86 10.71
N TRP K 220 -59.80 2.05 10.16
CA TRP K 220 -61.09 2.70 10.26
C TRP K 220 -62.04 2.31 9.14
N ALA K 221 -61.59 1.49 8.19
CA ALA K 221 -62.39 1.10 7.03
C ALA K 221 -62.59 -0.40 7.03
N MET K 222 -63.45 -0.86 6.11
CA MET K 222 -63.75 -2.27 5.95
C MET K 222 -64.19 -2.50 4.52
N PRO K 223 -63.34 -3.12 3.69
CA PRO K 223 -63.73 -3.42 2.31
C PRO K 223 -64.88 -4.41 2.28
N GLN K 224 -65.76 -4.25 1.28
CA GLN K 224 -66.92 -5.10 1.11
C GLN K 224 -66.92 -5.64 -0.32
N LEU K 225 -67.10 -6.94 -0.45
CA LEU K 225 -67.09 -7.61 -1.75
C LEU K 225 -68.50 -8.00 -2.15
N THR K 226 -68.89 -7.66 -3.37
CA THR K 226 -70.14 -8.14 -3.91
C THR K 226 -69.94 -9.49 -4.60
N ALA K 227 -71.06 -10.20 -4.77
CA ALA K 227 -71.00 -11.50 -5.44
C ALA K 227 -70.55 -11.37 -6.89
N GLY K 228 -70.95 -10.29 -7.57
CA GLY K 228 -70.45 -10.05 -8.90
C GLY K 228 -68.98 -9.67 -8.96
N SER K 229 -68.45 -9.12 -7.87
CA SER K 229 -67.03 -8.79 -7.77
C SER K 229 -66.20 -9.91 -7.17
N THR K 230 -66.82 -11.04 -6.83
CA THR K 230 -66.09 -12.18 -6.29
C THR K 230 -66.27 -13.48 -7.07
N ALA K 231 -67.36 -13.64 -7.82
CA ALA K 231 -67.65 -14.93 -8.45
C ALA K 231 -66.83 -15.16 -9.72
N ASP K 232 -66.56 -14.10 -10.47
CA ASP K 232 -66.01 -14.24 -11.83
C ASP K 232 -64.55 -13.84 -11.86
N PRO K 233 -63.61 -14.78 -12.00
CA PRO K 233 -62.20 -14.39 -12.21
C PRO K 233 -62.00 -13.57 -13.48
N SER K 234 -62.80 -13.81 -14.52
CA SER K 234 -62.69 -13.06 -15.76
C SER K 234 -63.13 -11.61 -15.62
N SER K 235 -63.88 -11.28 -14.56
CA SER K 235 -64.31 -9.91 -14.35
C SER K 235 -63.13 -9.00 -14.06
N GLU K 236 -63.14 -7.80 -14.63
CA GLU K 236 -62.06 -6.84 -14.42
C GLU K 236 -62.09 -6.24 -13.01
N HIS K 237 -63.20 -6.38 -12.29
CA HIS K 237 -63.30 -5.96 -10.90
C HIS K 237 -63.16 -7.11 -9.92
N PHE K 238 -62.67 -8.27 -10.37
CA PHE K 238 -62.47 -9.40 -9.48
C PHE K 238 -61.46 -9.06 -8.39
N TYR K 239 -61.84 -9.37 -7.15
CA TYR K 239 -61.05 -9.06 -5.95
C TYR K 239 -60.72 -7.58 -5.87
N GLU K 240 -61.69 -6.75 -6.24
CA GLU K 240 -61.59 -5.30 -6.12
C GLU K 240 -62.76 -4.83 -5.28
N PRO K 241 -62.54 -4.37 -4.03
CA PRO K 241 -63.64 -3.92 -3.17
C PRO K 241 -64.57 -2.91 -3.80
N ASP K 242 -65.85 -3.30 -3.95
CA ASP K 242 -66.84 -2.41 -4.52
C ASP K 242 -67.32 -1.37 -3.51
N PHE K 243 -67.33 -1.72 -2.23
CA PHE K 243 -67.78 -0.82 -1.18
C PHE K 243 -66.78 -0.84 -0.03
N TRP K 244 -66.76 0.24 0.74
CA TRP K 244 -65.90 0.37 1.91
C TRP K 244 -66.73 0.90 3.06
N ILE K 245 -66.91 0.08 4.10
CA ILE K 245 -67.61 0.53 5.31
C ILE K 245 -66.61 1.29 6.15
N ILE K 246 -66.85 2.59 6.36
CA ILE K 246 -65.94 3.42 7.13
C ILE K 246 -66.53 3.69 8.50
N SER K 247 -67.67 4.37 8.53
CA SER K 247 -68.41 4.61 9.78
C SER K 247 -69.86 4.20 9.51
N GLY K 248 -70.16 2.92 9.69
CA GLY K 248 -71.50 2.41 9.46
C GLY K 248 -71.89 2.35 8.00
N LYS K 249 -71.92 3.51 7.34
CA LYS K 249 -72.29 3.58 5.93
C LYS K 249 -71.16 3.03 5.05
N LYS K 250 -71.54 2.60 3.85
CA LYS K 250 -70.65 1.92 2.93
C LYS K 250 -70.41 2.79 1.70
N TYR K 251 -69.24 3.39 1.61
CA TYR K 251 -68.90 4.24 0.47
C TYR K 251 -68.55 3.38 -0.73
N HIS K 252 -69.06 3.78 -1.90
CA HIS K 252 -68.79 3.03 -3.11
C HIS K 252 -67.34 3.24 -3.55
N ARG K 253 -66.84 2.27 -4.34
CA ARG K 253 -65.46 2.33 -4.80
C ARG K 253 -65.21 3.54 -5.69
N SER K 254 -66.14 3.86 -6.58
CA SER K 254 -65.93 4.96 -7.51
C SER K 254 -65.92 6.31 -6.82
N HIS K 255 -66.63 6.44 -5.69
CA HIS K 255 -66.71 7.72 -5.01
C HIS K 255 -65.36 8.15 -4.45
N LEU K 256 -64.58 7.20 -3.94
CA LEU K 256 -63.30 7.47 -3.30
C LEU K 256 -62.14 6.99 -4.15
N VAL K 257 -60.95 7.49 -3.83
CA VAL K 257 -59.72 7.16 -4.54
C VAL K 257 -58.85 6.32 -3.64
N VAL K 258 -58.44 5.16 -4.13
CA VAL K 258 -57.64 4.20 -3.37
C VAL K 258 -56.25 4.12 -3.98
N VAL K 259 -55.23 4.30 -3.14
CA VAL K 259 -53.84 4.09 -3.52
C VAL K 259 -53.31 2.93 -2.70
N ARG K 260 -52.70 1.96 -3.36
CA ARG K 260 -52.32 0.71 -2.73
C ARG K 260 -50.88 0.36 -3.09
N GLY K 261 -50.32 -0.59 -2.34
CA GLY K 261 -48.94 -0.96 -2.50
C GLY K 261 -48.67 -1.83 -3.72
N PRO K 262 -47.73 -2.78 -3.57
CA PRO K 262 -47.31 -3.59 -4.72
C PRO K 262 -48.34 -4.58 -5.26
N GLN K 263 -49.56 -4.60 -4.70
CA GLN K 263 -50.67 -5.41 -5.21
C GLN K 263 -50.35 -6.89 -5.22
N PRO K 264 -50.41 -7.57 -4.07
CA PRO K 264 -50.04 -8.99 -3.99
C PRO K 264 -50.94 -9.85 -4.87
N PRO K 265 -50.53 -11.09 -5.16
CA PRO K 265 -51.35 -11.96 -6.02
C PRO K 265 -52.70 -12.27 -5.41
N ASP K 266 -53.57 -12.84 -6.25
CA ASP K 266 -54.99 -12.95 -5.93
C ASP K 266 -55.25 -13.88 -4.75
N ILE K 267 -54.57 -15.03 -4.70
CA ILE K 267 -54.88 -16.04 -3.69
C ILE K 267 -54.61 -15.53 -2.28
N LEU K 268 -53.66 -14.61 -2.12
CA LEU K 268 -53.37 -14.03 -0.82
C LEU K 268 -53.67 -12.53 -0.79
N LYS K 269 -54.43 -12.02 -1.75
CA LYS K 269 -54.96 -10.66 -1.66
C LYS K 269 -55.89 -10.46 -0.46
N PRO K 270 -56.84 -11.35 -0.14
CA PRO K 270 -57.64 -11.14 1.08
C PRO K 270 -56.82 -11.14 2.36
N THR K 271 -55.67 -11.81 2.37
CA THR K 271 -54.82 -11.81 3.56
C THR K 271 -54.27 -10.42 3.88
N TYR K 272 -54.20 -9.54 2.89
CA TYR K 272 -53.80 -8.16 3.10
C TYR K 272 -54.99 -7.21 3.19
N ILE K 273 -56.20 -7.76 3.36
CA ILE K 273 -57.45 -7.02 3.45
C ILE K 273 -57.63 -6.23 2.15
N PHE K 274 -57.25 -6.87 1.03
CA PHE K 274 -57.37 -6.30 -0.31
C PHE K 274 -56.64 -4.95 -0.41
N GLY K 275 -55.49 -4.86 0.24
CA GLY K 275 -54.69 -3.65 0.19
C GLY K 275 -53.41 -3.84 -0.60
N GLY K 276 -52.27 -3.72 0.07
CA GLY K 276 -50.98 -3.91 -0.56
C GLY K 276 -49.95 -4.33 0.46
N ILE K 277 -48.77 -4.69 -0.05
CA ILE K 277 -47.67 -5.10 0.81
C ILE K 277 -47.09 -3.86 1.48
N PRO K 278 -47.02 -3.80 2.81
CA PRO K 278 -46.59 -2.57 3.47
C PRO K 278 -45.07 -2.49 3.61
N LEU K 279 -44.56 -1.27 3.41
CA LEU K 279 -43.13 -1.03 3.57
C LEU K 279 -42.67 -1.21 5.00
N THR K 280 -43.58 -1.08 5.98
CA THR K 280 -43.24 -1.43 7.35
C THR K 280 -42.96 -2.92 7.49
N GLN K 281 -43.78 -3.76 6.85
CA GLN K 281 -43.50 -5.18 6.83
C GLN K 281 -42.21 -5.48 6.07
N ARG K 282 -41.92 -4.69 5.03
CA ARG K 282 -40.70 -4.91 4.27
C ARG K 282 -39.44 -4.57 5.07
N ILE K 283 -39.52 -3.50 5.88
CA ILE K 283 -38.26 -3.10 6.58
C ILE K 283 -38.34 -3.01 8.11
N TYR K 284 -39.17 -3.80 8.81
CA TYR K 284 -39.05 -3.72 10.25
C TYR K 284 -37.96 -4.62 10.82
N GLU K 285 -37.45 -5.57 10.04
CA GLU K 285 -36.36 -6.45 10.48
C GLU K 285 -34.99 -5.90 10.11
N ARG K 286 -34.83 -5.45 8.86
CA ARG K 286 -33.56 -4.89 8.41
C ARG K 286 -33.21 -3.63 9.20
N VAL K 287 -34.21 -2.79 9.47
CA VAL K 287 -33.99 -1.58 10.26
C VAL K 287 -33.53 -1.94 11.67
N TYR K 288 -34.17 -2.95 12.27
CA TYR K 288 -33.77 -3.38 13.62
C TYR K 288 -32.35 -3.90 13.61
N ALA K 289 -31.99 -4.70 12.60
CA ALA K 289 -30.63 -5.23 12.54
C ALA K 289 -29.60 -4.11 12.37
N ALA K 290 -29.89 -3.14 11.51
CA ALA K 290 -28.98 -2.02 11.31
C ALA K 290 -28.82 -1.21 12.60
N GLU K 291 -29.92 -0.93 13.28
CA GLU K 291 -29.86 -0.15 14.52
C GLU K 291 -29.13 -0.91 15.62
N ARG K 292 -29.35 -2.22 15.73
CA ARG K 292 -28.69 -2.97 16.78
C ARG K 292 -27.19 -3.12 16.51
N THR K 293 -26.81 -3.26 15.24
CA THR K 293 -25.38 -3.28 14.91
C THR K 293 -24.74 -1.92 15.17
N ALA K 294 -25.46 -0.84 14.87
CA ALA K 294 -24.97 0.49 15.23
C ALA K 294 -24.88 0.67 16.74
N ASN K 295 -25.71 -0.05 17.47
CA ASN K 295 -25.68 0.00 18.94
C ASN K 295 -24.47 -0.74 19.48
N GLU K 296 -24.16 -1.91 18.89
CA GLU K 296 -23.20 -2.82 19.48
C GLU K 296 -21.79 -2.29 19.53
N ALA K 297 -21.42 -1.36 18.62
CA ALA K 297 -20.04 -0.87 18.63
C ALA K 297 -19.78 0.07 19.81
N PRO K 298 -20.61 1.10 20.09
CA PRO K 298 -20.39 1.88 21.31
C PRO K 298 -20.46 1.06 22.59
N LEU K 299 -21.45 0.17 22.69
CA LEU K 299 -21.68 -0.55 23.93
C LEU K 299 -20.54 -1.52 24.22
N LEU K 300 -20.00 -2.16 23.18
CA LEU K 300 -18.84 -3.02 23.37
C LEU K 300 -17.58 -2.21 23.59
N ALA K 301 -17.49 -1.03 22.95
CA ALA K 301 -16.35 -0.15 23.17
C ALA K 301 -16.28 0.34 24.61
N MET K 302 -17.43 0.46 25.27
CA MET K 302 -17.44 0.79 26.69
C MET K 302 -16.71 -0.28 27.50
N SER K 303 -17.08 -1.54 27.33
CA SER K 303 -16.34 -2.64 27.94
C SER K 303 -15.33 -3.25 26.98
N LYS K 304 -14.52 -2.39 26.34
CA LYS K 304 -13.44 -2.88 25.49
C LYS K 304 -12.35 -3.57 26.31
N ARG K 305 -11.74 -2.85 27.25
CA ARG K 305 -10.61 -3.36 28.02
C ARG K 305 -11.10 -4.01 29.30
N THR K 306 -10.51 -5.16 29.64
CA THR K 306 -10.98 -5.99 30.75
C THR K 306 -9.80 -6.46 31.61
N SER K 307 -8.94 -5.51 32.01
CA SER K 307 -7.80 -5.85 32.86
C SER K 307 -8.26 -6.46 34.17
N THR K 308 -7.64 -7.58 34.55
CA THR K 308 -7.98 -8.32 35.76
C THR K 308 -6.72 -8.77 36.48
N ILE K 309 -6.84 -8.92 37.79
CA ILE K 309 -5.72 -9.20 38.68
C ILE K 309 -5.96 -10.52 39.38
N HIS K 310 -4.90 -11.32 39.53
CA HIS K 310 -4.98 -12.63 40.18
C HIS K 310 -4.49 -12.50 41.62
N VAL K 311 -5.40 -12.10 42.49
CA VAL K 311 -5.13 -11.97 43.92
C VAL K 311 -5.45 -13.30 44.59
N ASP K 312 -4.68 -13.65 45.63
CA ASP K 312 -4.99 -14.81 46.46
C ASP K 312 -6.30 -14.49 47.18
N VAL K 313 -7.41 -15.01 46.63
CA VAL K 313 -8.73 -14.61 47.11
C VAL K 313 -8.98 -15.14 48.52
N GLU K 314 -8.48 -16.33 48.85
CA GLU K 314 -8.68 -16.83 50.20
C GLU K 314 -7.91 -16.04 51.24
N LYS K 315 -6.90 -15.27 50.81
CA LYS K 315 -6.25 -14.32 51.71
C LYS K 315 -6.98 -12.99 51.76
N ALA K 316 -7.54 -12.55 50.62
CA ALA K 316 -8.38 -11.36 50.62
C ALA K 316 -9.65 -11.57 51.46
N ILE K 317 -10.07 -12.83 51.60
CA ILE K 317 -11.25 -13.19 52.37
C ILE K 317 -11.14 -12.66 53.80
N ALA K 318 -9.96 -12.82 54.40
CA ALA K 318 -9.79 -12.52 55.82
C ALA K 318 -10.11 -11.07 56.14
N ASN K 319 -9.52 -10.14 55.38
CA ASN K 319 -9.80 -8.72 55.63
C ASN K 319 -10.95 -8.23 54.74
N GLU K 320 -10.69 -8.14 53.44
CA GLU K 320 -11.66 -7.72 52.42
C GLU K 320 -12.20 -6.29 52.60
N ASP K 321 -11.84 -5.59 53.69
CA ASP K 321 -12.19 -4.18 53.75
C ASP K 321 -11.01 -3.30 53.34
N ALA K 322 -9.84 -3.54 53.93
CA ALA K 322 -8.63 -2.83 53.50
C ALA K 322 -8.28 -3.17 52.07
N PHE K 323 -8.51 -4.43 51.66
CA PHE K 323 -8.24 -4.84 50.28
C PHE K 323 -9.11 -4.08 49.30
N ASN K 324 -10.42 -4.06 49.54
CA ASN K 324 -11.32 -3.32 48.67
C ASN K 324 -11.04 -1.82 48.69
N ALA K 325 -10.70 -1.27 49.86
CA ALA K 325 -10.35 0.14 49.94
C ALA K 325 -9.11 0.45 49.12
N ARG K 326 -8.08 -0.40 49.20
CA ARG K 326 -6.85 -0.17 48.46
C ARG K 326 -7.09 -0.25 46.96
N LEU K 327 -7.84 -1.26 46.51
CA LEU K 327 -8.07 -1.37 45.07
C LEU K 327 -9.02 -0.31 44.57
N ALA K 328 -9.97 0.15 45.41
CA ALA K 328 -10.80 1.28 45.04
C ALA K 328 -9.96 2.54 44.89
N PHE K 329 -8.97 2.72 45.77
CA PHE K 329 -8.03 3.83 45.63
C PHE K 329 -7.26 3.74 44.32
N TRP K 330 -6.81 2.54 43.96
CA TRP K 330 -6.11 2.34 42.69
C TRP K 330 -7.01 2.71 41.50
N ILE K 331 -8.24 2.20 41.50
CA ILE K 331 -9.15 2.46 40.39
C ILE K 331 -9.50 3.94 40.31
N ALA K 332 -9.64 4.60 41.47
CA ALA K 332 -9.90 6.03 41.48
C ALA K 332 -8.72 6.82 40.90
N ASN K 333 -7.52 6.60 41.43
CA ASN K 333 -6.34 7.28 40.91
C ASN K 333 -5.59 6.43 39.90
N ARG K 334 -6.28 5.85 38.93
CA ARG K 334 -5.60 5.13 37.85
C ARG K 334 -5.03 6.12 36.85
N ASP K 335 -3.76 5.89 36.48
CA ASP K 335 -3.03 6.82 35.63
C ASP K 335 -1.94 6.02 34.93
N ASN K 336 -1.41 6.59 33.83
CA ASN K 336 -0.33 5.96 33.08
C ASN K 336 1.06 6.37 33.56
N HIS K 337 1.18 6.81 34.81
CA HIS K 337 2.49 7.11 35.38
C HIS K 337 2.65 6.39 36.71
N GLY K 338 1.55 6.18 37.42
CA GLY K 338 1.60 5.42 38.65
C GLY K 338 1.91 3.96 38.39
N VAL K 339 2.53 3.33 39.39
CA VAL K 339 2.95 1.94 39.28
C VAL K 339 2.19 1.13 40.32
N LYS K 340 1.78 -0.09 39.93
CA LYS K 340 1.02 -0.98 40.79
C LYS K 340 1.95 -2.03 41.38
N VAL K 341 2.02 -2.09 42.70
CA VAL K 341 2.77 -3.14 43.38
C VAL K 341 1.82 -4.29 43.65
N LEU K 342 2.24 -5.50 43.28
CA LEU K 342 1.46 -6.69 43.56
C LEU K 342 2.43 -7.84 43.75
N GLY K 343 2.18 -8.65 44.77
CA GLY K 343 3.12 -9.67 45.20
C GLY K 343 3.41 -10.77 44.19
N THR K 344 4.29 -11.70 44.55
CA THR K 344 4.49 -12.87 43.74
C THR K 344 3.24 -13.75 43.75
N ASP K 345 3.23 -14.74 42.83
CA ASP K 345 2.05 -15.55 42.55
C ASP K 345 0.84 -14.67 42.21
N GLU K 346 1.08 -13.66 41.38
CA GLU K 346 0.07 -12.70 40.95
C GLU K 346 0.41 -12.26 39.53
N SER K 347 -0.58 -12.28 38.64
CA SER K 347 -0.32 -12.05 37.21
C SER K 347 -0.82 -10.70 36.72
N MET K 348 -2.10 -10.38 36.94
CA MET K 348 -2.78 -9.19 36.42
C MET K 348 -2.70 -9.12 34.89
N GLU K 349 -3.44 -10.03 34.25
CA GLU K 349 -3.49 -9.99 32.80
C GLU K 349 -4.53 -8.98 32.32
N GLN K 350 -4.51 -8.73 31.02
CA GLN K 350 -5.38 -7.72 30.44
C GLN K 350 -5.82 -8.18 29.05
N PHE K 351 -7.09 -7.96 28.74
CA PHE K 351 -7.66 -8.33 27.45
C PHE K 351 -8.35 -7.11 26.84
N ASP K 352 -8.38 -7.07 25.52
CA ASP K 352 -9.06 -6.01 24.80
C ASP K 352 -9.72 -6.57 23.54
N THR K 353 -10.74 -5.88 23.08
CA THR K 353 -11.55 -6.32 21.95
C THR K 353 -11.21 -5.52 20.71
N ASN K 354 -11.31 -6.17 19.54
CA ASN K 354 -11.08 -5.53 18.26
C ASN K 354 -12.43 -5.15 17.65
N LEU K 355 -12.59 -3.86 17.36
CA LEU K 355 -13.86 -3.32 16.89
C LEU K 355 -13.77 -2.68 15.51
N ALA K 356 -12.71 -2.95 14.77
CA ALA K 356 -12.53 -2.30 13.47
C ALA K 356 -13.53 -2.79 12.42
N ASP K 357 -14.07 -3.99 12.60
CA ASP K 357 -14.93 -4.59 11.60
C ASP K 357 -16.41 -4.33 11.82
N PHE K 358 -16.79 -3.55 12.83
CA PHE K 358 -18.20 -3.26 13.07
C PHE K 358 -18.75 -2.25 12.07
N ASP K 359 -17.91 -1.32 11.59
CA ASP K 359 -18.37 -0.28 10.68
C ASP K 359 -18.86 -0.87 9.37
N SER K 360 -18.16 -1.87 8.85
CA SER K 360 -18.59 -2.52 7.61
C SER K 360 -19.95 -3.15 7.77
N ILE K 361 -20.20 -3.82 8.89
CA ILE K 361 -21.50 -4.45 9.14
C ILE K 361 -22.59 -3.39 9.22
N ILE K 362 -22.32 -2.31 9.97
CA ILE K 362 -23.34 -1.28 10.18
C ILE K 362 -23.73 -0.64 8.85
N MET K 363 -22.74 -0.24 8.05
CA MET K 363 -23.08 0.42 6.79
C MET K 363 -23.58 -0.56 5.74
N ASN K 364 -23.21 -1.84 5.83
CA ASN K 364 -23.80 -2.83 4.93
C ASN K 364 -25.29 -3.02 5.23
N GLN K 365 -25.68 -2.94 6.50
CA GLN K 365 -27.09 -3.04 6.82
C GLN K 365 -27.85 -1.77 6.47
N TYR K 366 -27.25 -0.59 6.68
CA TYR K 366 -27.92 0.65 6.28
C TYR K 366 -28.08 0.74 4.77
N GLN K 367 -27.12 0.23 4.01
CA GLN K 367 -27.24 0.21 2.56
C GLN K 367 -28.42 -0.66 2.14
N LEU K 368 -28.65 -1.77 2.84
CA LEU K 368 -29.80 -2.61 2.55
C LEU K 368 -31.11 -1.94 2.96
N VAL K 369 -31.08 -1.14 4.03
CA VAL K 369 -32.25 -0.32 4.37
C VAL K 369 -32.61 0.58 3.20
N ALA K 370 -31.60 1.27 2.64
CA ALA K 370 -31.82 2.13 1.49
C ALA K 370 -32.31 1.34 0.28
N ALA K 371 -31.76 0.13 0.10
CA ALA K 371 -32.15 -0.72 -1.02
C ALA K 371 -33.63 -1.09 -0.95
N ILE K 372 -34.09 -1.49 0.23
CA ILE K 372 -35.50 -1.84 0.39
C ILE K 372 -36.36 -0.61 0.24
N ALA K 373 -35.93 0.53 0.79
CA ALA K 373 -36.68 1.77 0.70
C ALA K 373 -36.72 2.36 -0.70
N LYS K 374 -35.89 1.85 -1.63
CA LYS K 374 -35.79 2.34 -3.01
C LYS K 374 -35.35 3.80 -3.06
N THR K 375 -34.71 4.28 -2.00
CA THR K 375 -34.23 5.62 -1.80
C THR K 375 -32.72 5.58 -1.62
N PRO K 376 -31.97 6.52 -2.20
CA PRO K 376 -30.51 6.47 -2.06
C PRO K 376 -30.04 6.61 -0.62
N ALA K 377 -28.93 5.94 -0.33
CA ALA K 377 -28.32 6.06 1.00
C ALA K 377 -27.86 7.48 1.29
N THR K 378 -27.59 8.28 0.25
CA THR K 378 -27.33 9.69 0.45
C THR K 378 -28.56 10.40 1.01
N LYS K 379 -29.75 10.03 0.52
CA LYS K 379 -30.97 10.65 1.02
C LYS K 379 -31.32 10.16 2.42
N LEU K 380 -31.22 8.85 2.65
CA LEU K 380 -31.60 8.31 3.96
C LEU K 380 -30.52 8.54 5.01
N LEU K 381 -29.34 7.93 4.81
CA LEU K 381 -28.24 7.99 5.76
C LEU K 381 -27.55 9.36 5.78
N GLY K 382 -27.87 10.24 4.84
CA GLY K 382 -27.23 11.53 4.78
C GLY K 382 -25.98 11.57 3.93
N THR K 383 -25.40 10.41 3.62
CA THR K 383 -24.21 10.31 2.79
C THR K 383 -24.09 8.87 2.31
N SER K 384 -23.16 8.65 1.39
CA SER K 384 -22.86 7.29 0.96
C SER K 384 -22.24 6.52 2.12
N PRO K 385 -22.55 5.23 2.26
CA PRO K 385 -21.99 4.44 3.38
C PRO K 385 -20.51 4.16 3.22
N LYS K 386 -19.94 3.42 4.18
CA LYS K 386 -18.51 3.15 4.21
C LYS K 386 -18.05 2.37 2.99
N GLY K 387 -16.99 2.88 2.35
CA GLY K 387 -16.34 2.17 1.26
C GLY K 387 -17.08 2.16 -0.05
N PHE K 388 -18.38 2.40 -0.05
CA PHE K 388 -19.15 2.38 -1.29
C PHE K 388 -18.73 3.49 -2.23
N ASN K 389 -18.87 3.23 -3.52
CA ASN K 389 -18.56 4.24 -4.53
C ASN K 389 -19.47 5.45 -4.36
N ALA K 390 -18.90 6.63 -4.60
CA ALA K 390 -19.65 7.87 -4.45
C ALA K 390 -20.85 7.89 -5.39
N THR K 391 -21.99 8.36 -4.86
CA THR K 391 -23.23 8.34 -5.61
C THR K 391 -23.13 9.23 -6.85
N GLY K 392 -23.72 8.77 -7.94
CA GLY K 392 -23.50 9.43 -9.21
C GLY K 392 -24.74 9.65 -10.06
N GLU K 393 -24.50 9.90 -11.35
CA GLU K 393 -25.57 10.21 -12.28
C GLU K 393 -26.56 9.06 -12.39
N HIS K 394 -26.07 7.82 -12.31
CA HIS K 394 -26.94 6.65 -12.39
C HIS K 394 -27.93 6.62 -11.24
N GLU K 395 -27.48 6.88 -10.02
CA GLU K 395 -28.39 6.86 -8.88
C GLU K 395 -29.30 8.08 -8.90
N THR K 396 -28.80 9.24 -9.35
CA THR K 396 -29.67 10.41 -9.42
C THR K 396 -30.79 10.23 -10.44
N ILE K 397 -30.50 9.58 -11.58
CA ILE K 397 -31.59 9.33 -12.53
C ILE K 397 -32.46 8.17 -12.06
N SER K 398 -31.89 7.24 -11.28
CA SER K 398 -32.68 6.13 -10.76
C SER K 398 -33.68 6.60 -9.70
N TYR K 399 -33.34 7.66 -8.97
CA TYR K 399 -34.23 8.18 -7.92
C TYR K 399 -35.07 9.35 -8.41
N HIS K 400 -34.42 10.42 -8.89
CA HIS K 400 -35.11 11.65 -9.24
C HIS K 400 -36.09 11.44 -10.40
N GLU K 401 -35.79 10.52 -11.30
CA GLU K 401 -36.63 10.31 -12.48
C GLU K 401 -37.57 9.12 -12.34
N GLU K 402 -37.12 7.99 -11.80
CA GLU K 402 -37.95 6.80 -11.85
C GLU K 402 -39.01 6.81 -10.74
N LEU K 403 -38.56 6.80 -9.49
CA LEU K 403 -39.47 6.64 -8.36
C LEU K 403 -40.37 7.85 -8.20
N GLU K 404 -39.85 9.05 -8.48
CA GLU K 404 -40.70 10.24 -8.39
C GLU K 404 -41.75 10.27 -9.49
N SER K 405 -41.44 9.76 -10.68
CA SER K 405 -42.47 9.65 -11.71
C SER K 405 -43.54 8.64 -11.32
N ILE K 406 -43.13 7.54 -10.66
CA ILE K 406 -44.10 6.58 -10.16
C ILE K 406 -45.00 7.23 -9.11
N GLN K 407 -44.40 7.98 -8.19
CA GLN K 407 -45.21 8.65 -7.16
C GLN K 407 -46.12 9.71 -7.78
N GLU K 408 -45.67 10.37 -8.85
CA GLU K 408 -46.51 11.35 -9.51
C GLU K 408 -47.69 10.70 -10.22
N HIS K 409 -47.47 9.53 -10.85
CA HIS K 409 -48.60 8.83 -11.46
C HIS K 409 -49.51 8.22 -10.40
N ILE K 410 -49.00 7.99 -9.18
CA ILE K 410 -49.86 7.62 -8.06
C ILE K 410 -50.70 8.81 -7.62
N PHE K 411 -50.07 9.99 -7.55
CA PHE K 411 -50.78 11.21 -7.17
C PHE K 411 -51.84 11.61 -8.19
N ASP K 412 -51.62 11.26 -9.46
CA ASP K 412 -52.47 11.73 -10.55
C ASP K 412 -53.96 11.42 -10.38
N PRO K 413 -54.41 10.23 -9.95
CA PRO K 413 -55.84 10.07 -9.66
C PRO K 413 -56.38 11.07 -8.66
N LEU K 414 -55.62 11.37 -7.60
CA LEU K 414 -56.07 12.31 -6.58
C LEU K 414 -56.27 13.70 -7.17
N LEU K 415 -55.26 14.22 -7.87
CA LEU K 415 -55.37 15.55 -8.46
C LEU K 415 -56.45 15.59 -9.53
N GLU K 416 -56.60 14.51 -10.30
CA GLU K 416 -57.59 14.49 -11.36
C GLU K 416 -59.01 14.53 -10.80
N ARG K 417 -59.30 13.71 -9.79
CA ARG K 417 -60.62 13.78 -9.17
C ARG K 417 -60.83 15.10 -8.43
N HIS K 418 -59.78 15.63 -7.81
CA HIS K 418 -59.90 16.91 -7.11
C HIS K 418 -60.22 18.04 -8.08
N TYR K 419 -59.55 18.07 -9.22
CA TYR K 419 -59.81 19.11 -10.21
C TYR K 419 -61.14 18.92 -10.91
N LEU K 420 -61.58 17.67 -11.11
CA LEU K 420 -62.94 17.44 -11.59
C LEU K 420 -63.96 18.01 -10.63
N LEU K 421 -63.89 17.60 -9.36
CA LEU K 421 -64.85 18.04 -8.35
C LEU K 421 -64.67 19.50 -7.95
N LEU K 422 -63.60 20.15 -8.37
CA LEU K 422 -63.48 21.58 -8.15
C LEU K 422 -64.02 22.37 -9.34
N ALA K 423 -63.46 22.12 -10.52
CA ALA K 423 -63.86 22.84 -11.73
C ALA K 423 -65.33 22.62 -12.03
N LYS K 424 -65.76 21.37 -12.23
CA LYS K 424 -67.12 21.11 -12.68
C LYS K 424 -68.13 21.55 -11.62
N SER K 425 -67.79 21.39 -10.34
CA SER K 425 -68.69 21.83 -9.28
C SER K 425 -68.84 23.34 -9.25
N GLU K 426 -67.75 24.08 -9.47
CA GLU K 426 -67.88 25.52 -9.56
C GLU K 426 -68.26 25.94 -10.98
N GLU K 427 -68.54 27.24 -11.14
CA GLU K 427 -68.96 27.76 -12.44
C GLU K 427 -67.73 27.97 -13.31
N ILE K 428 -67.51 27.03 -14.23
CA ILE K 428 -66.41 27.09 -15.19
C ILE K 428 -66.98 26.87 -16.58
N ASP K 429 -66.10 26.94 -17.58
CA ASP K 429 -66.50 26.71 -18.96
C ASP K 429 -65.67 25.62 -19.63
N VAL K 430 -64.40 25.52 -19.26
CA VAL K 430 -63.45 24.62 -19.91
C VAL K 430 -62.82 23.71 -18.86
N GLN K 431 -62.67 22.44 -19.21
CA GLN K 431 -62.11 21.45 -18.30
C GLN K 431 -60.62 21.72 -18.09
N LEU K 432 -60.03 20.93 -17.18
CA LEU K 432 -58.70 21.21 -16.66
C LEU K 432 -57.83 19.98 -16.76
N GLU K 433 -56.52 20.19 -16.84
CA GLU K 433 -55.58 19.07 -16.82
C GLU K 433 -54.26 19.55 -16.24
N ILE K 434 -53.45 18.58 -15.83
CA ILE K 434 -52.32 18.80 -14.93
C ILE K 434 -51.03 18.44 -15.66
N VAL K 435 -50.04 19.33 -15.60
CA VAL K 435 -48.70 19.05 -16.09
C VAL K 435 -47.74 19.08 -14.90
N TRP K 436 -46.80 18.15 -14.90
CA TRP K 436 -45.88 17.96 -13.79
C TRP K 436 -44.58 18.70 -14.04
N ASN K 437 -44.17 19.50 -13.07
CA ASN K 437 -42.88 20.18 -13.15
C ASN K 437 -41.75 19.16 -13.08
N PRO K 438 -40.63 19.41 -13.76
CA PRO K 438 -39.46 18.54 -13.61
C PRO K 438 -38.97 18.54 -12.18
N VAL K 439 -38.55 17.37 -11.71
CA VAL K 439 -38.06 17.20 -10.34
C VAL K 439 -36.59 16.81 -10.44
N ASP K 440 -35.73 17.83 -10.38
CA ASP K 440 -34.29 17.63 -10.41
C ASP K 440 -33.67 18.38 -9.24
N SER K 441 -34.28 19.50 -8.85
CA SER K 441 -33.83 20.34 -7.75
C SER K 441 -32.38 20.76 -7.92
N THR K 442 -32.01 21.08 -9.16
CA THR K 442 -30.63 21.41 -9.47
C THR K 442 -30.25 22.77 -8.89
N SER K 443 -28.94 22.97 -8.70
CA SER K 443 -28.44 24.18 -8.06
C SER K 443 -28.68 25.40 -8.94
N SER K 444 -28.38 26.58 -8.39
CA SER K 444 -28.59 27.83 -9.10
C SER K 444 -27.69 27.96 -10.32
N GLN K 445 -26.43 27.55 -10.19
CA GLN K 445 -25.50 27.63 -11.32
C GLN K 445 -25.95 26.72 -12.46
N GLN K 446 -26.35 25.50 -12.12
CA GLN K 446 -26.85 24.57 -13.11
C GLN K 446 -28.14 25.07 -13.74
N GLN K 447 -29.02 25.70 -12.94
CA GLN K 447 -30.25 26.26 -13.47
C GLN K 447 -29.96 27.39 -14.46
N ALA K 448 -28.98 28.24 -14.14
CA ALA K 448 -28.59 29.30 -15.06
C ALA K 448 -28.01 28.73 -16.35
N GLU K 449 -27.19 27.69 -16.26
CA GLU K 449 -26.66 27.05 -17.46
C GLU K 449 -27.78 26.43 -18.30
N LEU K 450 -28.76 25.81 -17.63
CA LEU K 450 -29.93 25.26 -18.30
C LEU K 450 -30.69 26.34 -19.06
N ASN K 451 -30.94 27.47 -18.38
CA ASN K 451 -31.64 28.58 -19.01
C ASN K 451 -30.86 29.15 -20.19
N ASN K 452 -29.54 29.26 -20.05
CA ASN K 452 -28.73 29.80 -21.15
C ASN K 452 -28.74 28.87 -22.35
N LYS K 453 -28.64 27.56 -22.13
CA LYS K 453 -28.68 26.64 -23.25
C LYS K 453 -30.04 26.65 -23.93
N LYS K 454 -31.12 26.73 -23.14
CA LYS K 454 -32.45 26.82 -23.73
C LYS K 454 -32.63 28.11 -24.51
N ALA K 455 -32.05 29.21 -24.02
CA ALA K 455 -32.09 30.47 -24.74
C ALA K 455 -31.32 30.39 -26.05
N ALA K 456 -30.20 29.67 -26.05
CA ALA K 456 -29.46 29.44 -27.29
C ALA K 456 -30.28 28.65 -28.29
N THR K 457 -31.00 27.62 -27.81
CA THR K 457 -31.90 26.87 -28.69
C THR K 457 -32.99 27.76 -29.26
N ASP K 458 -33.58 28.61 -28.40
CA ASP K 458 -34.62 29.53 -28.85
C ASP K 458 -34.09 30.48 -29.91
N GLU K 459 -32.90 31.04 -29.70
CA GLU K 459 -32.32 31.96 -30.67
C GLU K 459 -32.03 31.26 -31.99
N ILE K 460 -31.52 30.03 -31.93
CA ILE K 460 -31.24 29.27 -33.16
C ILE K 460 -32.52 29.01 -33.93
N TYR K 461 -33.58 28.57 -33.23
CA TYR K 461 -34.83 28.27 -33.90
C TYR K 461 -35.48 29.53 -34.50
N ILE K 462 -35.46 30.63 -33.75
CA ILE K 462 -36.05 31.87 -34.25
C ILE K 462 -35.29 32.38 -35.47
N ASN K 463 -33.95 32.35 -35.39
CA ASN K 463 -33.13 32.81 -36.51
C ASN K 463 -33.34 31.94 -37.74
N SER K 464 -33.44 30.63 -37.55
CA SER K 464 -33.76 29.75 -38.67
C SER K 464 -35.21 29.85 -39.11
N GLY K 465 -36.06 30.53 -38.35
CA GLY K 465 -37.45 30.69 -38.75
C GLY K 465 -38.32 29.49 -38.47
N VAL K 466 -38.07 28.81 -37.35
CA VAL K 466 -38.87 27.65 -36.99
C VAL K 466 -40.02 28.11 -36.10
N VAL K 467 -39.70 28.70 -34.95
CA VAL K 467 -40.71 29.13 -33.99
C VAL K 467 -40.62 30.64 -33.83
N SER K 468 -41.77 31.27 -33.65
CA SER K 468 -41.85 32.70 -33.42
C SER K 468 -41.43 33.03 -31.99
N PRO K 469 -40.99 34.27 -31.72
CA PRO K 469 -40.67 34.65 -30.34
C PRO K 469 -41.87 34.60 -29.39
N ASP K 470 -43.11 34.58 -29.91
CA ASP K 470 -44.27 34.48 -29.05
C ASP K 470 -44.30 33.15 -28.31
N GLU K 471 -43.92 32.05 -28.99
CA GLU K 471 -43.84 30.76 -28.32
C GLU K 471 -42.81 30.77 -27.20
N VAL K 472 -41.66 31.41 -27.45
CA VAL K 472 -40.64 31.50 -26.41
C VAL K 472 -41.14 32.35 -25.24
N ARG K 473 -41.85 33.43 -25.53
CA ARG K 473 -42.46 34.25 -24.49
C ARG K 473 -43.43 33.44 -23.64
N GLU K 474 -44.30 32.67 -24.29
CA GLU K 474 -45.27 31.85 -23.57
C GLU K 474 -44.59 30.75 -22.78
N ARG K 475 -43.52 30.16 -23.31
CA ARG K 475 -42.77 29.14 -22.58
C ARG K 475 -42.13 29.73 -21.32
N LEU K 476 -41.49 30.89 -21.45
CA LEU K 476 -40.90 31.54 -20.29
C LEU K 476 -41.96 31.91 -19.26
N ARG K 477 -43.12 32.40 -19.71
CA ARG K 477 -44.19 32.75 -18.79
C ARG K 477 -44.71 31.51 -18.06
N ASP K 478 -45.09 30.48 -18.82
CA ASP K 478 -45.53 29.21 -18.23
C ASP K 478 -44.38 28.21 -18.11
N ASP K 479 -43.27 28.66 -17.53
CA ASP K 479 -42.18 27.77 -17.14
C ASP K 479 -41.55 28.35 -15.87
N PRO K 480 -41.78 27.76 -14.72
CA PRO K 480 -41.07 28.18 -13.51
C PRO K 480 -39.60 27.83 -13.58
N ARG K 481 -38.81 28.46 -12.71
CA ARG K 481 -37.36 28.32 -12.66
C ARG K 481 -36.68 28.76 -13.96
N SER K 482 -37.36 29.58 -14.75
CA SER K 482 -36.82 30.07 -16.01
C SER K 482 -36.32 31.50 -15.94
N GLY K 483 -36.45 32.14 -14.77
CA GLY K 483 -35.94 33.50 -14.62
C GLY K 483 -37.01 34.56 -14.78
N TYR K 484 -37.93 34.34 -15.71
CA TYR K 484 -38.96 35.31 -16.05
C TYR K 484 -40.33 34.65 -15.94
N ASN K 485 -40.95 34.71 -14.76
CA ASN K 485 -42.32 34.26 -14.59
C ASN K 485 -43.28 35.41 -14.36
N ARG K 486 -42.85 36.65 -14.64
CA ARG K 486 -43.58 37.84 -14.23
C ARG K 486 -43.55 38.94 -15.30
N LEU K 487 -43.32 38.57 -16.56
CA LEU K 487 -42.88 39.54 -17.56
C LEU K 487 -43.85 40.68 -17.83
N THR K 488 -44.96 40.38 -18.52
CA THR K 488 -45.93 41.36 -19.01
C THR K 488 -47.17 40.60 -19.45
N ASP K 489 -48.12 41.34 -20.01
CA ASP K 489 -49.24 40.77 -20.75
C ASP K 489 -49.17 41.06 -22.24
N ASP K 490 -48.07 41.64 -22.72
CA ASP K 490 -47.94 42.02 -24.12
C ASP K 490 -47.75 40.79 -24.99
N GLN K 491 -47.63 41.02 -26.30
CA GLN K 491 -47.45 39.95 -27.27
C GLN K 491 -46.21 40.24 -28.11
N ALA K 492 -45.58 39.17 -28.57
CA ALA K 492 -44.43 39.27 -29.45
C ALA K 492 -44.90 39.43 -30.89
N GLU K 493 -43.98 39.22 -31.84
CA GLU K 493 -44.30 39.40 -33.26
C GLU K 493 -45.37 38.41 -33.72
N THR K 494 -45.31 37.16 -33.23
CA THR K 494 -46.20 36.04 -33.52
C THR K 494 -46.10 35.55 -34.97
N GLU K 495 -45.32 36.21 -35.81
CA GLU K 495 -45.06 35.75 -37.15
C GLU K 495 -43.98 34.67 -37.12
N PRO K 496 -44.10 33.61 -37.95
CA PRO K 496 -43.41 32.35 -37.65
C PRO K 496 -41.90 32.42 -37.77
N GLY K 497 -41.25 32.98 -36.74
CA GLY K 497 -39.80 32.99 -36.66
C GLY K 497 -39.18 34.20 -37.32
N MET K 498 -39.65 35.39 -36.99
CA MET K 498 -39.18 36.59 -37.67
C MET K 498 -37.98 37.22 -36.98
N SER K 499 -38.15 37.71 -35.74
CA SER K 499 -37.17 38.47 -34.94
C SER K 499 -36.87 39.82 -35.59
N PRO K 500 -36.42 40.83 -34.83
CA PRO K 500 -36.14 42.15 -35.45
C PRO K 500 -35.07 42.10 -36.52
N GLU K 501 -34.08 41.22 -36.38
CA GLU K 501 -33.00 41.15 -37.36
C GLU K 501 -33.54 40.74 -38.74
N ASN K 502 -34.27 39.63 -38.80
CA ASN K 502 -34.81 39.21 -40.09
C ASN K 502 -36.00 40.05 -40.50
N LEU K 503 -36.68 40.74 -39.57
CA LEU K 503 -37.70 41.70 -39.98
C LEU K 503 -37.09 42.85 -40.77
N ALA K 504 -36.02 43.45 -40.24
CA ALA K 504 -35.33 44.51 -40.96
C ALA K 504 -34.73 43.99 -42.25
N GLU K 505 -34.17 42.76 -42.21
CA GLU K 505 -33.60 42.17 -43.42
C GLU K 505 -34.68 41.95 -44.49
N PHE K 506 -35.85 41.46 -44.09
CA PHE K 506 -36.92 41.22 -45.05
C PHE K 506 -37.45 42.51 -45.65
N GLU K 507 -37.64 43.55 -44.81
CA GLU K 507 -38.11 44.83 -45.34
C GLU K 507 -37.09 45.44 -46.30
N LYS K 508 -35.81 45.44 -45.92
CA LYS K 508 -34.77 46.00 -46.77
C LYS K 508 -34.63 45.20 -48.06
N ALA K 509 -34.69 43.86 -47.97
CA ALA K 509 -34.57 43.02 -49.15
C ALA K 509 -35.76 43.21 -50.09
N GLY K 510 -36.97 43.30 -49.55
CA GLY K 510 -38.13 43.52 -50.40
C GLY K 510 -38.10 44.87 -51.11
N ALA K 511 -37.73 45.92 -50.38
CA ALA K 511 -37.64 47.23 -51.00
C ALA K 511 -36.52 47.28 -52.04
N GLN K 512 -35.37 46.69 -51.74
CA GLN K 512 -34.27 46.67 -52.69
C GLN K 512 -34.63 45.83 -53.92
N SER K 513 -35.42 44.77 -53.72
CA SER K 513 -35.91 44.00 -54.85
C SER K 513 -36.85 44.80 -55.72
N ALA K 514 -37.72 45.60 -55.10
CA ALA K 514 -38.59 46.49 -55.88
C ALA K 514 -37.77 47.49 -56.68
N LYS K 515 -36.74 48.07 -56.06
CA LYS K 515 -35.87 49.01 -56.75
C LYS K 515 -35.15 48.35 -57.92
N ALA K 516 -34.63 47.13 -57.71
CA ALA K 516 -33.89 46.44 -58.75
C ALA K 516 -34.82 46.02 -59.90
N LYS K 517 -36.02 45.56 -59.59
CA LYS K 517 -36.96 45.20 -60.65
C LYS K 517 -37.39 46.43 -61.44
N GLY K 518 -37.58 47.56 -60.77
CA GLY K 518 -37.88 48.79 -61.48
C GLY K 518 -36.74 49.23 -62.40
N GLU K 519 -35.50 49.14 -61.90
CA GLU K 519 -34.36 49.52 -62.72
C GLU K 519 -34.17 48.56 -63.89
N ALA K 520 -34.48 47.28 -63.69
CA ALA K 520 -34.45 46.32 -64.79
C ALA K 520 -35.50 46.64 -65.84
N GLU K 521 -36.71 47.02 -65.40
CA GLU K 521 -37.74 47.42 -66.35
C GLU K 521 -37.32 48.66 -67.12
N ARG K 522 -36.67 49.62 -66.44
CA ARG K 522 -36.10 50.77 -67.12
C ARG K 522 -35.06 50.36 -68.14
N ALA K 523 -34.24 49.36 -67.80
CA ALA K 523 -33.24 48.86 -68.74
C ALA K 523 -33.88 48.23 -69.97
N GLU K 524 -34.96 47.46 -69.78
CA GLU K 524 -35.72 46.94 -70.93
C GLU K 524 -36.26 48.06 -71.79
N ALA K 525 -36.84 49.09 -71.16
CA ALA K 525 -37.44 50.20 -71.90
C ALA K 525 -36.40 50.96 -72.70
N GLN K 526 -35.22 51.21 -72.11
CA GLN K 526 -34.20 51.97 -72.82
C GLN K 526 -33.48 51.12 -73.86
N ALA K 527 -33.38 49.81 -73.66
CA ALA K 527 -32.76 48.96 -74.65
C ALA K 527 -33.67 48.74 -75.85
N GLY K 528 -34.98 48.67 -75.61
CA GLY K 528 -35.93 48.46 -76.69
C GLY K 528 -36.04 49.63 -77.65
N VAL L 94 -21.50 -39.00 -22.42
CA VAL L 94 -22.82 -38.96 -21.84
C VAL L 94 -22.80 -38.04 -20.61
N VAL L 95 -23.96 -37.48 -20.28
CA VAL L 95 -24.07 -36.63 -19.09
C VAL L 95 -23.88 -37.49 -17.85
N PRO L 96 -23.17 -37.02 -16.82
CA PRO L 96 -23.07 -37.79 -15.59
C PRO L 96 -24.36 -37.74 -14.78
N THR L 97 -24.52 -38.72 -13.91
CA THR L 97 -25.74 -38.80 -13.10
C THR L 97 -25.85 -37.61 -12.13
N MET L 98 -24.73 -37.19 -11.54
CA MET L 98 -24.79 -36.12 -10.54
C MET L 98 -25.09 -34.77 -11.19
N LEU L 99 -24.41 -34.45 -12.29
CA LEU L 99 -24.73 -33.22 -13.01
C LEU L 99 -26.14 -33.29 -13.59
N GLN L 100 -26.54 -34.47 -14.05
CA GLN L 100 -27.85 -34.62 -14.68
C GLN L 100 -28.98 -34.35 -13.68
N ASP L 101 -28.94 -34.98 -12.51
CA ASP L 101 -30.03 -34.73 -11.57
C ASP L 101 -29.87 -33.40 -10.83
N TRP L 102 -28.65 -32.85 -10.76
CA TRP L 102 -28.51 -31.47 -10.26
C TRP L 102 -29.21 -30.49 -11.18
N TYR L 103 -29.11 -30.70 -12.50
CA TYR L 103 -29.83 -29.84 -13.43
C TYR L 103 -31.32 -30.15 -13.46
N ASN L 104 -31.68 -31.43 -13.27
CA ASN L 104 -33.08 -31.85 -13.35
C ASN L 104 -33.87 -31.44 -12.12
N SER L 105 -33.21 -31.24 -10.98
CA SER L 105 -33.93 -30.83 -9.76
C SER L 105 -34.56 -29.46 -9.88
N GLN L 106 -34.12 -28.62 -10.82
CA GLN L 106 -34.69 -27.29 -11.00
C GLN L 106 -35.93 -27.37 -11.89
N GLY L 107 -36.97 -28.00 -11.35
CA GLY L 107 -38.24 -28.12 -12.02
C GLY L 107 -39.14 -26.94 -11.72
N PHE L 108 -40.39 -27.07 -12.16
CA PHE L 108 -41.39 -26.02 -11.94
C PHE L 108 -41.90 -26.11 -10.51
N ILE L 109 -41.70 -25.03 -9.74
CA ILE L 109 -42.04 -25.06 -8.33
C ILE L 109 -43.55 -25.09 -8.13
N GLY L 110 -44.29 -24.29 -8.89
CA GLY L 110 -45.73 -24.24 -8.78
C GLY L 110 -46.23 -22.81 -8.61
N TYR L 111 -47.47 -22.58 -9.04
CA TYR L 111 -48.05 -21.25 -8.99
C TYR L 111 -48.26 -20.78 -7.55
N GLN L 112 -48.67 -21.69 -6.66
CA GLN L 112 -48.82 -21.35 -5.26
C GLN L 112 -47.48 -20.96 -4.64
N ALA L 113 -46.43 -21.71 -4.95
CA ALA L 113 -45.10 -21.38 -4.46
C ALA L 113 -44.63 -20.04 -5.00
N CYS L 114 -44.88 -19.77 -6.29
CA CYS L 114 -44.50 -18.49 -6.87
C CYS L 114 -45.20 -17.33 -6.18
N ALA L 115 -46.51 -17.48 -5.94
CA ALA L 115 -47.27 -16.43 -5.28
C ALA L 115 -46.79 -16.20 -3.85
N ILE L 116 -46.52 -17.29 -3.12
CA ILE L 116 -46.10 -17.13 -1.73
C ILE L 116 -44.68 -16.58 -1.63
N ILE L 117 -43.83 -16.84 -2.63
CA ILE L 117 -42.48 -16.30 -2.60
C ILE L 117 -42.47 -14.83 -3.05
N SER L 118 -43.41 -14.43 -3.91
CA SER L 118 -43.43 -13.08 -4.45
C SER L 118 -43.61 -12.01 -3.38
N GLN L 119 -44.02 -12.38 -2.17
CA GLN L 119 -44.16 -11.41 -1.09
C GLN L 119 -42.82 -10.78 -0.71
N HIS L 120 -41.71 -11.48 -0.93
CA HIS L 120 -40.41 -10.96 -0.54
C HIS L 120 -40.04 -9.73 -1.36
N TRP L 121 -39.26 -8.84 -0.76
CA TRP L 121 -38.98 -7.55 -1.37
C TRP L 121 -38.03 -7.67 -2.56
N LEU L 122 -37.04 -8.56 -2.47
CA LEU L 122 -36.07 -8.69 -3.56
C LEU L 122 -36.73 -9.20 -4.83
N VAL L 123 -37.51 -10.29 -4.72
CA VAL L 123 -38.15 -10.86 -5.89
C VAL L 123 -39.23 -9.92 -6.43
N ASP L 124 -39.94 -9.22 -5.54
CA ASP L 124 -40.95 -8.25 -5.98
C ASP L 124 -40.29 -7.11 -6.74
N LYS L 125 -39.16 -6.61 -6.24
CA LYS L 125 -38.43 -5.55 -6.94
C LYS L 125 -37.92 -6.03 -8.29
N ALA L 126 -37.39 -7.26 -8.33
CA ALA L 126 -36.86 -7.81 -9.58
C ALA L 126 -37.95 -7.96 -10.62
N CYS L 127 -39.13 -8.45 -10.22
CA CYS L 127 -40.25 -8.57 -11.16
C CYS L 127 -40.91 -7.23 -11.47
N SER L 128 -40.72 -6.22 -10.61
CA SER L 128 -41.43 -4.95 -10.77
C SER L 128 -40.65 -3.97 -11.65
N MET L 129 -39.44 -3.62 -11.24
CA MET L 129 -38.72 -2.54 -11.93
C MET L 129 -37.94 -3.02 -13.16
N SER L 130 -38.61 -3.83 -13.97
CA SER L 130 -38.07 -4.28 -15.24
C SER L 130 -38.85 -3.70 -16.42
N GLY L 131 -40.16 -3.94 -16.47
CA GLY L 131 -41.01 -3.32 -17.48
C GLY L 131 -41.67 -2.04 -17.07
N GLU L 132 -41.63 -1.74 -15.77
CA GLU L 132 -42.17 -0.48 -15.28
C GLU L 132 -41.40 0.70 -15.85
N ASP L 133 -40.07 0.57 -15.91
CA ASP L 133 -39.25 1.61 -16.53
C ASP L 133 -39.55 1.75 -18.02
N ALA L 134 -39.79 0.62 -18.71
CA ALA L 134 -40.18 0.67 -20.11
C ALA L 134 -41.51 1.39 -20.28
N ALA L 135 -42.46 1.14 -19.38
CA ALA L 135 -43.77 1.77 -19.46
C ALA L 135 -43.74 3.24 -19.03
N ARG L 136 -42.70 3.65 -18.33
CA ARG L 136 -42.63 5.00 -17.75
C ARG L 136 -42.82 6.09 -18.78
N ASN L 137 -41.95 6.13 -19.80
CA ASN L 137 -41.95 7.24 -20.75
C ASN L 137 -43.16 7.26 -21.67
N GLY L 138 -43.96 6.19 -21.70
CA GLY L 138 -45.17 6.20 -22.47
C GLY L 138 -44.95 6.01 -23.96
N TRP L 139 -46.00 6.27 -24.73
CA TRP L 139 -45.97 6.09 -26.17
C TRP L 139 -46.70 7.26 -26.82
N GLU L 140 -46.62 7.33 -28.14
CA GLU L 140 -47.34 8.31 -28.93
C GLU L 140 -48.09 7.65 -30.07
N LEU L 141 -49.16 8.32 -30.50
CA LEU L 141 -50.09 7.81 -31.49
C LEU L 141 -49.73 8.42 -32.83
N LYS L 142 -49.66 7.60 -33.88
CA LYS L 142 -49.18 8.10 -35.16
C LYS L 142 -50.24 8.09 -36.24
N SER L 143 -50.83 6.92 -36.52
CA SER L 143 -51.83 6.71 -37.58
C SER L 143 -51.27 6.99 -38.98
N ASP L 144 -52.06 6.69 -40.01
CA ASP L 144 -51.61 6.95 -41.37
C ASP L 144 -51.52 8.44 -41.66
N GLY L 145 -52.42 9.23 -41.08
CA GLY L 145 -52.42 10.66 -41.29
C GLY L 145 -51.28 11.35 -40.55
N ARG L 146 -51.15 12.64 -40.84
CA ARG L 146 -50.11 13.45 -40.20
C ARG L 146 -50.36 13.57 -38.70
N LYS L 147 -51.49 14.18 -38.33
CA LYS L 147 -51.88 14.36 -36.94
C LYS L 147 -53.32 13.91 -36.75
N LEU L 148 -53.57 13.20 -35.66
CA LEU L 148 -54.94 12.83 -35.31
C LEU L 148 -55.73 14.07 -34.93
N SER L 149 -57.01 14.08 -35.30
CA SER L 149 -57.88 15.20 -34.96
C SER L 149 -58.02 15.32 -33.45
N ASP L 150 -58.19 16.56 -32.98
CA ASP L 150 -58.11 16.85 -31.55
C ASP L 150 -59.23 16.17 -30.77
N GLU L 151 -60.44 16.13 -31.33
CA GLU L 151 -61.54 15.43 -30.66
C GLU L 151 -61.24 13.94 -30.56
N GLN L 152 -60.68 13.34 -31.61
CA GLN L 152 -60.30 11.94 -31.56
C GLN L 152 -59.21 11.69 -30.52
N SER L 153 -58.24 12.60 -30.44
CA SER L 153 -57.18 12.46 -29.44
C SER L 153 -57.71 12.57 -28.02
N ALA L 154 -58.63 13.51 -27.79
CA ALA L 154 -59.24 13.65 -26.47
C ALA L 154 -60.06 12.43 -26.11
N LEU L 155 -60.81 11.89 -27.07
CA LEU L 155 -61.57 10.67 -26.83
C LEU L 155 -60.64 9.50 -26.52
N ILE L 156 -59.53 9.39 -27.25
CA ILE L 156 -58.57 8.32 -27.02
C ILE L 156 -57.97 8.43 -25.63
N ALA L 157 -57.61 9.65 -25.22
CA ALA L 157 -57.07 9.87 -23.88
C ALA L 157 -58.09 9.51 -22.80
N ARG L 158 -59.34 9.91 -23.00
CA ARG L 158 -60.39 9.58 -22.02
C ARG L 158 -60.58 8.07 -21.91
N ARG L 159 -60.65 7.38 -23.04
CA ARG L 159 -60.85 5.93 -23.01
C ARG L 159 -59.65 5.22 -22.40
N ASP L 160 -58.43 5.65 -22.75
CA ASP L 160 -57.24 5.05 -22.16
C ASP L 160 -57.18 5.27 -20.65
N MET L 161 -57.60 6.45 -20.19
CA MET L 161 -57.56 6.71 -18.76
C MET L 161 -58.65 5.94 -18.02
N GLU L 162 -59.83 5.80 -18.63
CA GLU L 162 -60.87 4.99 -18.03
C GLU L 162 -60.49 3.50 -18.02
N PHE L 163 -59.69 3.06 -18.98
CA PHE L 163 -59.27 1.67 -19.03
C PHE L 163 -58.01 1.39 -18.22
N ARG L 164 -57.28 2.43 -17.81
CA ARG L 164 -56.05 2.32 -17.01
C ARG L 164 -55.02 1.44 -17.72
N VAL L 165 -54.68 1.85 -18.94
CA VAL L 165 -53.80 1.05 -19.79
C VAL L 165 -52.40 0.94 -19.20
N LYS L 166 -51.88 2.05 -18.68
CA LYS L 166 -50.54 2.07 -18.11
C LYS L 166 -50.40 1.09 -16.96
N ASP L 167 -51.30 1.18 -15.98
CA ASP L 167 -51.26 0.28 -14.83
C ASP L 167 -51.51 -1.16 -15.25
N ASN L 168 -52.39 -1.36 -16.22
CA ASN L 168 -52.69 -2.71 -16.71
C ASN L 168 -51.45 -3.37 -17.30
N LEU L 169 -50.73 -2.67 -18.17
CA LEU L 169 -49.58 -3.31 -18.78
C LEU L 169 -48.39 -3.40 -17.83
N VAL L 170 -48.27 -2.47 -16.87
CA VAL L 170 -47.27 -2.62 -15.82
C VAL L 170 -47.53 -3.88 -15.00
N GLU L 171 -48.78 -4.06 -14.57
CA GLU L 171 -49.14 -5.27 -13.83
C GLU L 171 -48.96 -6.52 -14.68
N LEU L 172 -49.25 -6.41 -15.97
CA LEU L 172 -49.06 -7.52 -16.90
C LEU L 172 -47.61 -7.99 -16.90
N ASN L 173 -46.68 -7.06 -17.10
CA ASN L 173 -45.26 -7.44 -17.10
C ASN L 173 -44.82 -7.95 -15.74
N ARG L 174 -45.27 -7.29 -14.67
CA ARG L 174 -44.85 -7.66 -13.32
C ARG L 174 -45.26 -9.09 -12.99
N PHE L 175 -46.54 -9.43 -13.17
CA PHE L 175 -46.97 -10.76 -12.83
C PHE L 175 -46.58 -11.79 -13.89
N LYS L 176 -46.28 -11.37 -15.12
CA LYS L 176 -45.67 -12.27 -16.08
C LYS L 176 -44.28 -12.68 -15.63
N ASN L 177 -43.54 -11.76 -15.00
CA ASN L 177 -42.27 -12.13 -14.39
C ASN L 177 -42.48 -12.98 -13.15
N VAL L 178 -43.50 -12.68 -12.35
CA VAL L 178 -43.76 -13.41 -11.11
C VAL L 178 -44.10 -14.87 -11.40
N PHE L 179 -45.19 -15.10 -12.14
CA PHE L 179 -45.56 -16.44 -12.54
C PHE L 179 -44.84 -16.82 -13.83
N GLY L 180 -45.21 -17.96 -14.40
CA GLY L 180 -44.64 -18.35 -15.68
C GLY L 180 -45.30 -17.72 -16.89
N VAL L 181 -46.52 -17.21 -16.73
CA VAL L 181 -47.31 -16.72 -17.86
C VAL L 181 -48.39 -15.80 -17.32
N ARG L 182 -48.84 -14.88 -18.16
CA ARG L 182 -49.98 -14.03 -17.83
C ARG L 182 -50.95 -14.02 -19.00
N ILE L 183 -52.24 -13.92 -18.69
CA ILE L 183 -53.31 -13.89 -19.68
C ILE L 183 -54.04 -12.57 -19.56
N ALA L 184 -54.14 -11.84 -20.66
CA ALA L 184 -54.91 -10.61 -20.73
C ALA L 184 -56.11 -10.83 -21.63
N LEU L 185 -57.30 -10.60 -21.08
CA LEU L 185 -58.55 -10.81 -21.79
C LEU L 185 -59.23 -9.47 -22.00
N PHE L 186 -59.54 -9.15 -23.25
CA PHE L 186 -60.22 -7.90 -23.60
C PHE L 186 -61.72 -8.15 -23.54
N VAL L 187 -62.37 -7.62 -22.51
CA VAL L 187 -63.79 -7.88 -22.33
C VAL L 187 -64.59 -7.03 -23.33
N VAL L 188 -65.52 -7.67 -24.02
CA VAL L 188 -66.36 -7.02 -25.01
C VAL L 188 -67.69 -7.75 -25.05
N GLU L 189 -68.77 -7.01 -25.29
CA GLU L 189 -70.12 -7.51 -25.14
C GLU L 189 -70.71 -7.86 -26.50
N SER L 190 -71.37 -9.01 -26.58
CA SER L 190 -72.06 -9.42 -27.80
C SER L 190 -73.28 -10.25 -27.41
N ASP L 191 -74.23 -10.34 -28.36
CA ASP L 191 -75.49 -11.03 -28.08
C ASP L 191 -75.28 -12.53 -27.94
N ASP L 192 -74.36 -13.10 -28.70
CA ASP L 192 -74.18 -14.55 -28.73
C ASP L 192 -73.53 -15.00 -27.42
N PRO L 193 -74.16 -15.90 -26.65
CA PRO L 193 -73.50 -16.39 -25.43
C PRO L 193 -72.34 -17.34 -25.70
N ASP L 194 -72.22 -17.86 -26.91
CA ASP L 194 -71.05 -18.62 -27.34
C ASP L 194 -70.06 -17.76 -28.10
N TYR L 195 -69.97 -16.47 -27.74
CA TYR L 195 -69.13 -15.54 -28.49
C TYR L 195 -67.65 -15.91 -28.36
N TYR L 196 -67.21 -16.26 -27.16
CA TYR L 196 -65.81 -16.61 -26.94
C TYR L 196 -65.54 -18.07 -27.27
N GLU L 197 -66.03 -18.51 -28.42
CA GLU L 197 -65.79 -19.86 -28.93
C GLU L 197 -65.19 -19.85 -30.32
N LYS L 198 -65.67 -18.95 -31.18
CA LYS L 198 -65.15 -18.80 -32.53
C LYS L 198 -63.80 -18.08 -32.49
N PRO L 199 -62.97 -18.26 -33.51
CA PRO L 199 -61.75 -17.45 -33.60
C PRO L 199 -62.09 -15.98 -33.70
N PHE L 200 -61.25 -15.16 -33.05
CA PHE L 200 -61.52 -13.73 -32.97
C PHE L 200 -61.53 -13.09 -34.34
N ASN L 201 -62.55 -12.28 -34.59
CA ASN L 201 -62.74 -11.61 -35.87
C ASN L 201 -62.83 -10.11 -35.66
N PRO L 202 -62.07 -9.31 -36.41
CA PRO L 202 -62.16 -7.85 -36.25
C PRO L 202 -63.49 -7.26 -36.69
N ASP L 203 -64.31 -8.01 -37.44
CA ASP L 203 -65.60 -7.51 -37.88
C ASP L 203 -66.69 -7.68 -36.83
N GLY L 204 -66.54 -8.61 -35.90
CA GLY L 204 -67.54 -8.85 -34.88
C GLY L 204 -67.46 -7.83 -33.76
N ILE L 205 -67.93 -6.61 -34.04
CA ILE L 205 -67.70 -5.47 -33.17
C ILE L 205 -68.94 -5.11 -32.35
N THR L 206 -70.07 -4.84 -33.01
CA THR L 206 -71.25 -4.21 -32.43
C THR L 206 -70.83 -2.93 -31.71
N PRO L 207 -70.56 -1.83 -32.47
CA PRO L 207 -69.86 -0.65 -31.92
C PRO L 207 -70.31 -0.13 -30.56
N GLY L 208 -69.38 0.48 -29.83
CA GLY L 208 -69.63 0.84 -28.44
C GLY L 208 -69.74 -0.35 -27.51
N SER L 209 -68.90 -1.37 -27.70
CA SER L 209 -68.95 -2.57 -26.89
C SER L 209 -67.67 -2.86 -26.13
N TYR L 210 -66.57 -2.18 -26.44
CA TYR L 210 -65.29 -2.40 -25.79
C TYR L 210 -65.34 -1.82 -24.38
N LYS L 211 -65.50 -2.69 -23.38
CA LYS L 211 -65.69 -2.24 -22.01
C LYS L 211 -64.40 -2.10 -21.23
N GLY L 212 -63.33 -2.79 -21.64
CA GLY L 212 -62.06 -2.70 -20.96
C GLY L 212 -61.30 -4.01 -21.09
N ILE L 213 -60.25 -4.14 -20.28
CA ILE L 213 -59.42 -5.33 -20.27
C ILE L 213 -59.31 -5.83 -18.83
N SER L 214 -58.98 -7.11 -18.71
CA SER L 214 -58.73 -7.74 -17.43
C SER L 214 -57.51 -8.64 -17.56
N GLN L 215 -56.87 -8.91 -16.43
CA GLN L 215 -55.73 -9.81 -16.38
C GLN L 215 -56.04 -10.95 -15.42
N ILE L 216 -55.81 -12.18 -15.87
CA ILE L 216 -56.23 -13.37 -15.17
C ILE L 216 -54.98 -14.14 -14.75
N ASP L 217 -54.90 -14.47 -13.47
CA ASP L 217 -53.76 -15.22 -12.95
C ASP L 217 -53.78 -16.64 -13.48
N PRO L 218 -52.61 -17.29 -13.60
CA PRO L 218 -52.56 -18.64 -14.21
C PRO L 218 -53.37 -19.69 -13.46
N TYR L 219 -53.46 -19.62 -12.13
CA TYR L 219 -54.20 -20.66 -11.43
C TYR L 219 -55.71 -20.55 -11.64
N TRP L 220 -56.20 -19.41 -12.13
CA TRP L 220 -57.60 -19.25 -12.47
C TRP L 220 -57.92 -19.71 -13.89
N ALA L 221 -56.94 -20.19 -14.63
CA ALA L 221 -57.14 -20.60 -16.01
C ALA L 221 -56.66 -22.02 -16.22
N MET L 222 -57.17 -22.64 -17.28
CA MET L 222 -56.80 -24.01 -17.65
C MET L 222 -56.68 -24.11 -19.17
N PRO L 223 -55.46 -24.22 -19.69
CA PRO L 223 -55.29 -24.40 -21.14
C PRO L 223 -55.85 -25.74 -21.60
N GLN L 224 -56.44 -25.73 -22.79
CA GLN L 224 -56.94 -26.95 -23.42
C GLN L 224 -56.36 -27.05 -24.82
N LEU L 225 -55.83 -28.21 -25.15
CA LEU L 225 -55.15 -28.43 -26.42
C LEU L 225 -56.00 -29.33 -27.31
N THR L 226 -56.20 -28.89 -28.54
CA THR L 226 -56.95 -29.69 -29.51
C THR L 226 -56.04 -30.74 -30.14
N ALA L 227 -56.68 -31.78 -30.70
CA ALA L 227 -55.95 -32.83 -31.37
C ALA L 227 -55.19 -32.30 -32.58
N GLY L 228 -55.74 -31.32 -33.29
CA GLY L 228 -55.02 -30.69 -34.36
C GLY L 228 -53.85 -29.84 -33.91
N SER L 229 -53.88 -29.36 -32.67
CA SER L 229 -52.77 -28.61 -32.10
C SER L 229 -51.83 -29.48 -31.29
N THR L 230 -52.06 -30.79 -31.24
CA THR L 230 -51.17 -31.70 -30.54
C THR L 230 -50.62 -32.82 -31.41
N ALA L 231 -51.27 -33.19 -32.51
CA ALA L 231 -50.83 -34.33 -33.29
C ALA L 231 -49.65 -34.03 -34.21
N ASP L 232 -49.56 -32.81 -34.73
CA ASP L 232 -48.60 -32.49 -35.78
C ASP L 232 -47.48 -31.60 -35.27
N PRO L 233 -46.26 -32.14 -35.11
CA PRO L 233 -45.11 -31.26 -34.81
C PRO L 233 -44.86 -30.22 -35.89
N SER L 234 -45.16 -30.55 -37.14
CA SER L 234 -44.99 -29.60 -38.25
C SER L 234 -45.94 -28.41 -38.14
N SER L 235 -47.06 -28.56 -37.43
CA SER L 235 -48.00 -27.47 -37.28
C SER L 235 -47.38 -26.33 -36.47
N GLU L 236 -47.65 -25.09 -36.91
CA GLU L 236 -47.12 -23.92 -36.22
C GLU L 236 -47.82 -23.64 -34.90
N HIS L 237 -48.95 -24.31 -34.62
CA HIS L 237 -49.64 -24.19 -33.35
C HIS L 237 -49.39 -25.39 -32.44
N PHE L 238 -48.37 -26.19 -32.71
CA PHE L 238 -48.04 -27.32 -31.86
C PHE L 238 -47.66 -26.86 -30.47
N TYR L 239 -48.28 -27.49 -29.47
CA TYR L 239 -48.10 -27.15 -28.05
C TYR L 239 -48.40 -25.68 -27.78
N GLU L 240 -49.37 -25.14 -28.51
CA GLU L 240 -49.89 -23.79 -28.28
C GLU L 240 -51.36 -23.92 -27.93
N PRO L 241 -51.74 -23.71 -26.65
CA PRO L 241 -53.14 -23.85 -26.25
C PRO L 241 -54.14 -23.07 -27.11
N ASP L 242 -55.01 -23.81 -27.79
CA ASP L 242 -56.03 -23.19 -28.62
C ASP L 242 -57.16 -22.60 -27.82
N PHE L 243 -57.35 -23.03 -26.58
CA PHE L 243 -58.42 -22.53 -25.73
C PHE L 243 -57.91 -22.39 -24.31
N TRP L 244 -58.62 -21.61 -23.50
CA TRP L 244 -58.29 -21.43 -22.10
C TRP L 244 -59.58 -21.43 -21.30
N ILE L 245 -59.79 -22.48 -20.51
CA ILE L 245 -60.94 -22.53 -19.59
C ILE L 245 -60.59 -21.66 -18.39
N ILE L 246 -61.35 -20.57 -18.22
CA ILE L 246 -61.07 -19.62 -17.16
C ILE L 246 -62.12 -19.73 -16.06
N SER L 247 -63.37 -19.47 -16.41
CA SER L 247 -64.51 -19.66 -15.50
C SER L 247 -65.56 -20.47 -16.25
N GLY L 248 -65.41 -21.79 -16.23
CA GLY L 248 -66.32 -22.67 -16.92
C GLY L 248 -66.20 -22.62 -18.43
N LYS L 249 -66.45 -21.44 -19.00
CA LYS L 249 -66.36 -21.25 -20.45
C LYS L 249 -64.91 -21.23 -20.90
N LYS L 250 -64.70 -21.53 -22.19
CA LYS L 250 -63.38 -21.72 -22.77
C LYS L 250 -63.10 -20.60 -23.78
N TYR L 251 -62.21 -19.68 -23.41
CA TYR L 251 -61.88 -18.58 -24.30
C TYR L 251 -60.88 -19.03 -25.35
N HIS L 252 -61.07 -18.58 -26.58
CA HIS L 252 -60.18 -18.96 -27.67
C HIS L 252 -58.85 -18.22 -27.54
N ARG L 253 -57.82 -18.81 -28.16
CA ARG L 253 -56.48 -18.23 -28.09
C ARG L 253 -56.44 -16.85 -28.75
N SER L 254 -57.11 -16.68 -29.88
CA SER L 254 -57.06 -15.42 -30.60
C SER L 254 -57.78 -14.30 -29.86
N HIS L 255 -58.79 -14.64 -29.05
CA HIS L 255 -59.56 -13.60 -28.35
C HIS L 255 -58.72 -12.90 -27.29
N LEU L 256 -57.81 -13.63 -26.66
CA LEU L 256 -57.01 -13.11 -25.56
C LEU L 256 -55.55 -12.98 -25.94
N VAL L 257 -54.81 -12.20 -25.16
CA VAL L 257 -53.40 -11.95 -25.40
C VAL L 257 -52.60 -12.60 -24.28
N VAL L 258 -51.65 -13.45 -24.67
CA VAL L 258 -50.86 -14.24 -23.73
C VAL L 258 -49.41 -13.78 -23.79
N VAL L 259 -48.85 -13.44 -22.65
CA VAL L 259 -47.44 -13.12 -22.50
C VAL L 259 -46.80 -14.17 -21.60
N ARG L 260 -45.69 -14.74 -22.05
CA ARG L 260 -45.07 -15.87 -21.38
C ARG L 260 -43.58 -15.64 -21.22
N GLY L 261 -42.97 -16.46 -20.38
CA GLY L 261 -41.56 -16.33 -20.07
C GLY L 261 -40.64 -16.83 -21.16
N PRO L 262 -39.51 -17.43 -20.76
CA PRO L 262 -38.48 -17.83 -21.73
C PRO L 262 -38.85 -19.00 -22.63
N GLN L 263 -40.08 -19.52 -22.54
CA GLN L 263 -40.59 -20.55 -23.45
C GLN L 263 -39.75 -21.82 -23.44
N PRO L 264 -39.91 -22.67 -22.43
CA PRO L 264 -39.09 -23.89 -22.31
C PRO L 264 -39.28 -24.81 -23.51
N PRO L 265 -38.39 -25.79 -23.70
CA PRO L 265 -38.52 -26.69 -24.86
C PRO L 265 -39.78 -27.53 -24.81
N ASP L 266 -40.03 -28.23 -25.92
CA ASP L 266 -41.33 -28.86 -26.14
C ASP L 266 -41.58 -30.02 -25.19
N ILE L 267 -40.57 -30.87 -24.94
CA ILE L 267 -40.79 -32.10 -24.18
C ILE L 267 -41.22 -31.80 -22.74
N LEU L 268 -40.80 -30.66 -22.20
CA LEU L 268 -41.22 -30.25 -20.86
C LEU L 268 -42.01 -28.94 -20.87
N LYS L 269 -42.53 -28.54 -22.04
CA LYS L 269 -43.50 -27.45 -22.08
C LYS L 269 -44.79 -27.75 -21.31
N PRO L 270 -45.40 -28.94 -21.43
CA PRO L 270 -46.59 -29.20 -20.57
C PRO L 270 -46.29 -29.20 -19.09
N THR L 271 -45.05 -29.48 -18.69
CA THR L 271 -44.70 -29.44 -17.27
C THR L 271 -44.80 -28.04 -16.68
N TYR L 272 -44.73 -27.00 -17.52
CA TYR L 272 -44.93 -25.62 -17.10
C TYR L 272 -46.35 -25.14 -17.38
N ILE L 273 -47.27 -26.07 -17.65
CA ILE L 273 -48.67 -25.79 -17.99
C ILE L 273 -48.70 -24.88 -19.21
N PHE L 274 -47.79 -25.14 -20.16
CA PHE L 274 -47.69 -24.40 -21.42
C PHE L 274 -47.52 -22.90 -21.20
N GLY L 275 -46.72 -22.56 -20.19
CA GLY L 275 -46.43 -21.16 -19.89
C GLY L 275 -44.99 -20.82 -20.15
N GLY L 276 -44.28 -20.40 -19.11
CA GLY L 276 -42.87 -20.08 -19.23
C GLY L 276 -42.14 -20.36 -17.94
N ILE L 277 -40.82 -20.19 -17.97
CA ILE L 277 -39.99 -20.38 -16.79
C ILE L 277 -40.14 -19.15 -15.90
N PRO L 278 -40.56 -19.31 -14.64
CA PRO L 278 -40.82 -18.15 -13.80
C PRO L 278 -39.57 -17.60 -13.13
N LEU L 279 -39.51 -16.26 -13.05
CA LEU L 279 -38.40 -15.59 -12.38
C LEU L 279 -38.39 -15.89 -10.89
N THR L 280 -39.53 -16.29 -10.31
CA THR L 280 -39.53 -16.75 -8.93
C THR L 280 -38.80 -18.08 -8.79
N GLN L 281 -39.00 -18.98 -9.75
CA GLN L 281 -38.20 -20.20 -9.78
C GLN L 281 -36.73 -19.89 -10.04
N ARG L 282 -36.45 -18.82 -10.79
CA ARG L 282 -35.05 -18.48 -11.07
C ARG L 282 -34.36 -17.89 -9.85
N ILE L 283 -35.12 -17.20 -8.97
CA ILE L 283 -34.42 -16.55 -7.82
C ILE L 283 -35.03 -16.84 -6.44
N TYR L 284 -35.65 -18.00 -6.17
CA TYR L 284 -36.04 -18.19 -4.80
C TYR L 284 -34.93 -18.74 -3.90
N GLU L 285 -33.90 -19.36 -4.48
CA GLU L 285 -32.79 -19.85 -3.66
C GLU L 285 -31.68 -18.82 -3.52
N ARG L 286 -31.34 -18.12 -4.61
CA ARG L 286 -30.28 -17.12 -4.57
C ARG L 286 -30.67 -15.95 -3.67
N VAL L 287 -31.93 -15.53 -3.72
CA VAL L 287 -32.41 -14.47 -2.84
C VAL L 287 -32.33 -14.90 -1.39
N TYR L 288 -32.70 -16.15 -1.10
CA TYR L 288 -32.60 -16.65 0.27
C TYR L 288 -31.16 -16.67 0.75
N ALA L 289 -30.24 -17.11 -0.09
CA ALA L 289 -28.82 -17.14 0.29
C ALA L 289 -28.30 -15.74 0.56
N ALA L 290 -28.65 -14.78 -0.32
CA ALA L 290 -28.22 -13.40 -0.12
C ALA L 290 -28.76 -12.82 1.18
N GLU L 291 -30.05 -13.05 1.45
CA GLU L 291 -30.66 -12.49 2.66
C GLU L 291 -30.11 -13.16 3.92
N ARG L 292 -29.84 -14.46 3.87
CA ARG L 292 -29.32 -15.13 5.06
C ARG L 292 -27.88 -14.72 5.33
N THR L 293 -27.08 -14.52 4.28
CA THR L 293 -25.74 -13.99 4.48
C THR L 293 -25.79 -12.57 5.04
N ALA L 294 -26.73 -11.76 4.57
CA ALA L 294 -26.92 -10.44 5.16
C ALA L 294 -27.37 -10.53 6.61
N ASN L 295 -28.08 -11.60 6.97
CA ASN L 295 -28.50 -11.81 8.35
C ASN L 295 -27.32 -12.18 9.24
N GLU L 296 -26.45 -13.07 8.76
CA GLU L 296 -25.49 -13.72 9.64
C GLU L 296 -24.48 -12.76 10.25
N ALA L 297 -24.07 -11.72 9.51
CA ALA L 297 -23.07 -10.80 10.06
C ALA L 297 -23.58 -10.02 11.27
N PRO L 298 -24.78 -9.41 11.27
CA PRO L 298 -25.29 -8.85 12.53
C PRO L 298 -25.46 -9.87 13.64
N LEU L 299 -26.03 -11.04 13.30
CA LEU L 299 -26.36 -12.03 14.32
C LEU L 299 -25.10 -12.58 14.96
N LEU L 300 -24.04 -12.79 14.16
CA LEU L 300 -22.77 -13.24 14.71
C LEU L 300 -22.04 -12.11 15.43
N ALA L 301 -22.20 -10.88 14.95
CA ALA L 301 -21.61 -9.72 15.61
C ALA L 301 -22.19 -9.50 17.00
N MET L 302 -23.45 -9.89 17.21
CA MET L 302 -24.00 -9.87 18.56
C MET L 302 -23.20 -10.76 19.50
N SER L 303 -22.95 -12.00 19.11
CA SER L 303 -22.09 -12.90 19.89
C SER L 303 -20.69 -12.94 19.30
N LYS L 304 -20.12 -11.75 19.10
CA LYS L 304 -18.72 -11.65 18.67
C LYS L 304 -17.77 -12.10 19.78
N ARG L 305 -17.79 -11.42 20.93
CA ARG L 305 -16.86 -11.72 22.01
C ARG L 305 -17.49 -12.71 22.98
N THR L 306 -16.70 -13.66 23.45
CA THR L 306 -17.16 -14.78 24.27
C THR L 306 -16.26 -14.98 25.48
N SER L 307 -16.02 -13.91 26.23
CA SER L 307 -15.19 -13.97 27.43
C SER L 307 -15.73 -15.01 28.41
N THR L 308 -14.83 -15.85 28.92
CA THR L 308 -15.21 -16.94 29.81
C THR L 308 -14.20 -17.07 30.93
N ILE L 309 -14.68 -17.53 32.09
CA ILE L 309 -13.90 -17.56 33.32
C ILE L 309 -13.88 -18.99 33.84
N HIS L 310 -12.71 -19.43 34.32
CA HIS L 310 -12.49 -20.79 34.78
C HIS L 310 -12.42 -20.81 36.30
N VAL L 311 -13.58 -20.86 36.95
CA VAL L 311 -13.69 -20.87 38.40
C VAL L 311 -14.04 -22.29 38.86
N ASP L 312 -13.54 -22.67 40.04
CA ASP L 312 -13.80 -24.01 40.58
C ASP L 312 -15.30 -24.19 40.81
N VAL L 313 -15.92 -24.94 39.89
CA VAL L 313 -17.36 -25.09 39.92
C VAL L 313 -17.80 -25.94 41.10
N GLU L 314 -17.00 -26.93 41.49
CA GLU L 314 -17.40 -27.77 42.62
C GLU L 314 -17.42 -26.98 43.94
N LYS L 315 -16.67 -25.88 44.01
CA LYS L 315 -16.76 -25.01 45.17
C LYS L 315 -17.86 -23.97 45.01
N ALA L 316 -18.06 -23.47 43.78
CA ALA L 316 -19.15 -22.52 43.54
C ALA L 316 -20.52 -23.18 43.74
N ILE L 317 -20.58 -24.52 43.61
CA ILE L 317 -21.81 -25.28 43.79
C ILE L 317 -22.36 -25.09 45.20
N ALA L 318 -21.48 -25.08 46.20
CA ALA L 318 -21.91 -25.02 47.59
C ALA L 318 -22.69 -23.75 47.90
N ASN L 319 -22.23 -22.61 47.38
CA ASN L 319 -22.93 -21.36 47.64
C ASN L 319 -24.01 -21.08 46.60
N GLU L 320 -23.62 -20.95 45.33
CA GLU L 320 -24.53 -20.89 44.18
C GLU L 320 -25.43 -19.66 44.14
N ASP L 321 -25.44 -18.86 45.21
CA ASP L 321 -26.23 -17.63 45.23
C ASP L 321 -25.37 -16.39 45.44
N ALA L 322 -24.44 -16.43 46.39
CA ALA L 322 -23.49 -15.34 46.53
C ALA L 322 -22.62 -15.23 45.29
N PHE L 323 -22.20 -16.38 44.74
CA PHE L 323 -21.33 -16.39 43.57
C PHE L 323 -22.01 -15.77 42.35
N ASN L 324 -23.21 -16.24 42.02
CA ASN L 324 -23.86 -15.71 40.83
C ASN L 324 -24.40 -14.30 41.05
N ALA L 325 -24.72 -13.94 42.30
CA ALA L 325 -25.03 -12.54 42.60
C ALA L 325 -23.84 -11.64 42.35
N ARG L 326 -22.65 -12.07 42.78
CA ARG L 326 -21.43 -11.29 42.57
C ARG L 326 -21.13 -11.16 41.08
N LEU L 327 -21.26 -12.24 40.33
CA LEU L 327 -20.97 -12.18 38.91
C LEU L 327 -22.02 -11.38 38.15
N ALA L 328 -23.29 -11.43 38.58
CA ALA L 328 -24.30 -10.58 38.00
C ALA L 328 -23.99 -9.11 38.24
N PHE L 329 -23.50 -8.79 39.45
CA PHE L 329 -23.07 -7.41 39.72
C PHE L 329 -21.91 -7.00 38.82
N TRP L 330 -20.96 -7.91 38.61
CA TRP L 330 -19.83 -7.62 37.72
C TRP L 330 -20.31 -7.35 36.30
N ILE L 331 -21.21 -8.19 35.78
CA ILE L 331 -21.71 -8.01 34.43
C ILE L 331 -22.52 -6.74 34.31
N ALA L 332 -23.29 -6.39 35.36
CA ALA L 332 -24.06 -5.17 35.34
C ALA L 332 -23.17 -3.94 35.35
N ASN L 333 -22.07 -3.98 36.09
CA ASN L 333 -21.19 -2.82 36.21
C ASN L 333 -19.91 -2.95 35.40
N ARG L 334 -19.91 -3.79 34.36
CA ARG L 334 -18.72 -3.96 33.52
C ARG L 334 -18.30 -2.66 32.85
N ASP L 335 -17.00 -2.37 32.91
CA ASP L 335 -16.44 -1.13 32.40
C ASP L 335 -14.97 -1.39 32.12
N ASN L 336 -14.35 -0.52 31.32
CA ASN L 336 -12.93 -0.63 31.00
C ASN L 336 -12.04 0.12 31.98
N HIS L 337 -12.49 0.33 33.22
CA HIS L 337 -11.64 0.91 34.25
C HIS L 337 -11.65 0.05 35.50
N GLY L 338 -12.76 -0.64 35.73
CA GLY L 338 -12.84 -1.54 36.86
C GLY L 338 -11.95 -2.75 36.67
N VAL L 339 -11.53 -3.33 37.79
CA VAL L 339 -10.67 -4.51 37.79
C VAL L 339 -11.41 -5.65 38.48
N LYS L 340 -11.29 -6.85 37.92
CA LYS L 340 -11.94 -8.03 38.46
C LYS L 340 -10.91 -8.88 39.19
N VAL L 341 -11.06 -8.98 40.51
CA VAL L 341 -10.20 -9.86 41.30
C VAL L 341 -10.68 -11.29 41.13
N LEU L 342 -9.75 -12.20 40.85
CA LEU L 342 -10.09 -13.62 40.75
C LEU L 342 -8.89 -14.44 41.19
N GLY L 343 -9.16 -15.50 41.93
CA GLY L 343 -8.10 -16.23 42.61
C GLY L 343 -7.18 -16.97 41.67
N THR L 344 -6.17 -17.59 42.27
CA THR L 344 -5.28 -18.47 41.53
C THR L 344 -6.04 -19.73 41.09
N ASP L 345 -5.43 -20.46 40.15
CA ASP L 345 -6.07 -21.56 39.44
C ASP L 345 -7.33 -21.10 38.71
N GLU L 346 -7.32 -19.86 38.23
CA GLU L 346 -8.41 -19.29 37.45
C GLU L 346 -7.80 -18.52 36.29
N SER L 347 -8.31 -18.75 35.07
CA SER L 347 -7.66 -18.20 33.89
C SER L 347 -8.42 -17.03 33.27
N MET L 348 -9.72 -17.19 33.02
CA MET L 348 -10.59 -16.17 32.41
C MET L 348 -10.07 -15.75 31.04
N GLU L 349 -10.19 -16.65 30.09
CA GLU L 349 -9.75 -16.33 28.74
C GLU L 349 -10.88 -15.63 27.97
N GLN L 350 -10.56 -15.20 26.75
CA GLN L 350 -11.51 -14.45 25.94
C GLN L 350 -11.28 -14.75 24.47
N PHE L 351 -12.37 -14.97 23.73
CA PHE L 351 -12.31 -15.25 22.31
C PHE L 351 -13.16 -14.25 21.55
N ASP L 352 -12.73 -13.92 20.33
CA ASP L 352 -13.49 -13.01 19.48
C ASP L 352 -13.47 -13.52 18.04
N THR L 353 -14.51 -13.18 17.30
CA THR L 353 -14.70 -13.67 15.94
C THR L 353 -14.33 -12.59 14.94
N ASN L 354 -13.86 -13.03 13.77
CA ASN L 354 -13.48 -12.14 12.68
C ASN L 354 -14.61 -12.09 11.66
N LEU L 355 -15.08 -10.88 11.35
CA LEU L 355 -16.25 -10.69 10.49
C LEU L 355 -15.94 -9.83 9.27
N ALA L 356 -14.67 -9.60 8.96
CA ALA L 356 -14.32 -8.72 7.86
C ALA L 356 -14.66 -9.31 6.50
N ASP L 357 -14.78 -10.63 6.41
CA ASP L 357 -14.99 -11.30 5.14
C ASP L 357 -16.47 -11.56 4.81
N PHE L 358 -17.40 -11.12 5.66
CA PHE L 358 -18.81 -11.35 5.38
C PHE L 358 -19.33 -10.38 4.32
N ASP L 359 -18.76 -9.19 4.24
CA ASP L 359 -19.21 -8.18 3.29
C ASP L 359 -19.02 -8.65 1.84
N SER L 360 -17.88 -9.27 1.55
CA SER L 360 -17.62 -9.78 0.22
C SER L 360 -18.65 -10.82 -0.19
N ILE L 361 -18.99 -11.72 0.74
CA ILE L 361 -20.00 -12.74 0.45
C ILE L 361 -21.35 -12.11 0.19
N ILE L 362 -21.76 -11.16 1.04
CA ILE L 362 -23.09 -10.55 0.93
C ILE L 362 -23.22 -9.82 -0.40
N MET L 363 -22.24 -8.98 -0.74
CA MET L 363 -22.38 -8.22 -1.98
C MET L 363 -21.94 -9.00 -3.21
N ASN L 364 -21.40 -10.21 -3.06
CA ASN L 364 -21.34 -11.11 -4.21
C ASN L 364 -22.70 -11.75 -4.47
N GLN L 365 -23.42 -12.13 -3.41
CA GLN L 365 -24.71 -12.78 -3.60
C GLN L 365 -25.75 -11.79 -4.12
N TYR L 366 -25.71 -10.54 -3.65
CA TYR L 366 -26.64 -9.55 -4.19
C TYR L 366 -26.33 -9.23 -5.66
N GLN L 367 -25.05 -9.24 -6.04
CA GLN L 367 -24.70 -9.10 -7.44
C GLN L 367 -25.24 -10.26 -8.27
N LEU L 368 -25.19 -11.47 -7.70
CA LEU L 368 -25.78 -12.61 -8.39
C LEU L 368 -27.29 -12.46 -8.55
N VAL L 369 -27.97 -11.92 -7.53
CA VAL L 369 -29.40 -11.66 -7.62
C VAL L 369 -29.69 -10.69 -8.77
N ALA L 370 -28.89 -9.62 -8.86
CA ALA L 370 -29.02 -8.69 -9.98
C ALA L 370 -28.79 -9.39 -11.32
N ALA L 371 -27.82 -10.30 -11.37
CA ALA L 371 -27.55 -11.06 -12.58
C ALA L 371 -28.76 -11.89 -12.99
N ILE L 372 -29.45 -12.50 -12.03
CA ILE L 372 -30.68 -13.22 -12.34
C ILE L 372 -31.72 -12.26 -12.89
N ALA L 373 -31.90 -11.14 -12.20
CA ALA L 373 -32.97 -10.21 -12.53
C ALA L 373 -32.73 -9.47 -13.84
N LYS L 374 -31.52 -9.55 -14.42
CA LYS L 374 -31.14 -8.83 -15.64
C LYS L 374 -31.24 -7.31 -15.45
N THR L 375 -31.20 -6.87 -14.21
CA THR L 375 -31.37 -5.50 -13.76
C THR L 375 -30.10 -5.07 -13.02
N PRO L 376 -29.62 -3.84 -13.23
CA PRO L 376 -28.40 -3.41 -12.55
C PRO L 376 -28.54 -3.41 -11.03
N ALA L 377 -27.43 -3.70 -10.36
CA ALA L 377 -27.39 -3.61 -8.91
C ALA L 377 -27.62 -2.19 -8.43
N THR L 378 -27.31 -1.20 -9.26
CA THR L 378 -27.68 0.18 -8.94
C THR L 378 -29.19 0.35 -8.85
N LYS L 379 -29.94 -0.41 -9.66
CA LYS L 379 -31.40 -0.33 -9.59
C LYS L 379 -31.95 -1.17 -8.44
N LEU L 380 -31.47 -2.41 -8.29
CA LEU L 380 -32.02 -3.27 -7.25
C LEU L 380 -31.49 -2.89 -5.88
N LEU L 381 -30.18 -3.02 -5.67
CA LEU L 381 -29.54 -2.74 -4.40
C LEU L 381 -29.43 -1.25 -4.11
N GLY L 382 -29.73 -0.39 -5.08
CA GLY L 382 -29.64 1.03 -4.88
C GLY L 382 -28.27 1.62 -5.20
N THR L 383 -27.24 0.79 -5.28
CA THR L 383 -25.90 1.22 -5.66
C THR L 383 -25.12 0.00 -6.11
N SER L 384 -23.95 0.25 -6.68
CA SER L 384 -23.05 -0.84 -7.03
C SER L 384 -22.60 -1.56 -5.77
N PRO L 385 -22.43 -2.89 -5.81
CA PRO L 385 -22.01 -3.62 -4.61
C PRO L 385 -20.55 -3.37 -4.25
N LYS L 386 -20.12 -3.92 -3.11
CA LYS L 386 -18.78 -3.69 -2.61
C LYS L 386 -17.71 -4.20 -3.56
N GLY L 387 -16.72 -3.34 -3.81
CA GLY L 387 -15.54 -3.74 -4.58
C GLY L 387 -15.71 -3.75 -6.07
N PHE L 388 -16.94 -3.93 -6.55
CA PHE L 388 -17.19 -3.98 -7.99
C PHE L 388 -16.94 -2.62 -8.62
N ASN L 389 -16.57 -2.64 -9.90
CA ASN L 389 -16.35 -1.41 -10.64
C ASN L 389 -17.63 -0.59 -10.73
N ALA L 390 -17.48 0.73 -10.71
CA ALA L 390 -18.63 1.62 -10.76
C ALA L 390 -19.41 1.42 -12.06
N THR L 391 -20.73 1.43 -11.95
CA THR L 391 -21.60 1.17 -13.08
C THR L 391 -21.43 2.25 -14.15
N GLY L 392 -21.38 1.82 -15.40
CA GLY L 392 -21.04 2.73 -16.48
C GLY L 392 -21.95 2.67 -17.68
N GLU L 393 -21.46 3.23 -18.80
CA GLU L 393 -22.25 3.33 -20.02
C GLU L 393 -22.61 1.95 -20.57
N HIS L 394 -21.75 0.96 -20.36
CA HIS L 394 -22.03 -0.39 -20.83
C HIS L 394 -23.25 -0.98 -20.15
N GLU L 395 -23.31 -0.89 -18.83
CA GLU L 395 -24.49 -1.36 -18.11
C GLU L 395 -25.71 -0.50 -18.41
N THR L 396 -25.49 0.81 -18.59
CA THR L 396 -26.60 1.71 -18.90
C THR L 396 -27.25 1.36 -20.23
N ILE L 397 -26.45 1.08 -21.26
CA ILE L 397 -27.04 0.68 -22.54
C ILE L 397 -27.56 -0.76 -22.48
N SER L 398 -26.94 -1.61 -21.65
CA SER L 398 -27.41 -2.99 -21.53
C SER L 398 -28.78 -3.05 -20.88
N TYR L 399 -29.10 -2.12 -19.99
CA TYR L 399 -30.40 -2.12 -19.34
C TYR L 399 -31.40 -1.21 -20.04
N HIS L 400 -31.05 0.06 -20.20
CA HIS L 400 -31.98 1.04 -20.74
C HIS L 400 -32.36 0.75 -22.19
N GLU L 401 -31.40 0.31 -22.99
CA GLU L 401 -31.69 0.10 -24.41
C GLU L 401 -32.15 -1.30 -24.74
N GLU L 402 -31.69 -2.32 -24.02
CA GLU L 402 -31.99 -3.69 -24.41
C GLU L 402 -33.24 -4.24 -23.71
N LEU L 403 -33.20 -4.33 -22.38
CA LEU L 403 -34.28 -4.98 -21.65
C LEU L 403 -35.57 -4.19 -21.76
N GLU L 404 -35.49 -2.86 -21.77
CA GLU L 404 -36.69 -2.05 -21.94
C GLU L 404 -37.28 -2.25 -23.33
N SER L 405 -36.44 -2.46 -24.34
CA SER L 405 -36.94 -2.79 -25.67
C SER L 405 -37.64 -4.15 -25.68
N ILE L 406 -37.10 -5.11 -24.94
CA ILE L 406 -37.77 -6.41 -24.81
C ILE L 406 -39.13 -6.26 -24.15
N GLN L 407 -39.20 -5.50 -23.06
CA GLN L 407 -40.49 -5.26 -22.41
C GLN L 407 -41.44 -4.49 -23.31
N GLU L 408 -40.91 -3.61 -24.16
CA GLU L 408 -41.78 -2.86 -25.06
C GLU L 408 -42.35 -3.75 -26.16
N HIS L 409 -41.56 -4.68 -26.69
CA HIS L 409 -42.13 -5.58 -27.69
C HIS L 409 -43.03 -6.62 -27.04
N ILE L 410 -42.88 -6.85 -25.73
CA ILE L 410 -43.88 -7.62 -25.00
C ILE L 410 -45.18 -6.85 -24.85
N PHE L 411 -45.08 -5.55 -24.55
CA PHE L 411 -46.26 -4.69 -24.43
C PHE L 411 -46.98 -4.52 -25.76
N ASP L 412 -46.24 -4.57 -26.87
CA ASP L 412 -46.80 -4.23 -28.18
C ASP L 412 -48.03 -5.05 -28.59
N PRO L 413 -48.11 -6.37 -28.39
CA PRO L 413 -49.40 -7.04 -28.65
C PRO L 413 -50.57 -6.48 -27.86
N LEU L 414 -50.35 -6.13 -26.60
CA LEU L 414 -51.43 -5.60 -25.77
C LEU L 414 -51.93 -4.27 -26.31
N LEU L 415 -51.01 -3.33 -26.58
CA LEU L 415 -51.42 -2.03 -27.09
C LEU L 415 -52.03 -2.16 -28.48
N GLU L 416 -51.50 -3.06 -29.31
CA GLU L 416 -52.03 -3.22 -30.66
C GLU L 416 -53.45 -3.74 -30.64
N ARG L 417 -53.73 -4.77 -29.83
CA ARG L 417 -55.09 -5.26 -29.73
C ARG L 417 -56.01 -4.24 -29.05
N HIS L 418 -55.49 -3.51 -28.06
CA HIS L 418 -56.30 -2.50 -27.39
C HIS L 418 -56.72 -1.40 -28.36
N TYR L 419 -55.79 -0.94 -29.22
CA TYR L 419 -56.14 0.08 -30.18
C TYR L 419 -57.00 -0.48 -31.32
N LEU L 420 -56.80 -1.74 -31.69
CA LEU L 420 -57.66 -2.38 -32.68
C LEU L 420 -59.10 -2.45 -32.18
N LEU L 421 -59.29 -2.77 -30.91
CA LEU L 421 -60.62 -2.88 -30.34
C LEU L 421 -61.12 -1.58 -29.74
N LEU L 422 -60.33 -0.50 -29.79
CA LEU L 422 -60.81 0.81 -29.40
C LEU L 422 -61.19 1.65 -30.63
N ALA L 423 -60.24 1.87 -31.53
CA ALA L 423 -60.48 2.72 -32.70
C ALA L 423 -61.55 2.12 -33.59
N LYS L 424 -61.34 0.89 -34.05
CA LYS L 424 -62.27 0.25 -34.97
C LYS L 424 -63.64 0.05 -34.31
N SER L 425 -63.67 -0.24 -33.01
CA SER L 425 -64.94 -0.38 -32.32
C SER L 425 -65.70 0.94 -32.26
N GLU L 426 -65.01 2.05 -32.04
CA GLU L 426 -65.68 3.35 -32.09
C GLU L 426 -65.72 3.86 -33.53
N GLU L 427 -66.36 5.00 -33.71
CA GLU L 427 -66.51 5.59 -35.04
C GLU L 427 -65.22 6.32 -35.40
N ILE L 428 -64.44 5.72 -36.30
CA ILE L 428 -63.19 6.28 -36.79
C ILE L 428 -63.17 6.15 -38.31
N ASP L 429 -62.11 6.67 -38.93
CA ASP L 429 -61.95 6.61 -40.37
C ASP L 429 -60.60 6.00 -40.75
N VAL L 430 -59.59 6.18 -39.92
CA VAL L 430 -58.22 5.79 -40.23
C VAL L 430 -57.68 4.92 -39.10
N GLN L 431 -56.94 3.88 -39.47
CA GLN L 431 -56.33 2.98 -38.50
C GLN L 431 -55.22 3.70 -37.73
N LEU L 432 -54.65 3.00 -36.75
CA LEU L 432 -53.80 3.63 -35.75
C LEU L 432 -52.56 2.79 -35.52
N GLU L 433 -51.46 3.43 -35.12
CA GLU L 433 -50.25 2.71 -34.81
C GLU L 433 -49.46 3.48 -33.75
N ILE L 434 -48.54 2.76 -33.11
CA ILE L 434 -47.92 3.19 -31.85
C ILE L 434 -46.43 3.38 -32.07
N VAL L 435 -45.91 4.51 -31.58
CA VAL L 435 -44.47 4.75 -31.56
C VAL L 435 -44.03 4.89 -30.11
N TRP L 436 -42.85 4.35 -29.81
CA TRP L 436 -42.35 4.27 -28.45
C TRP L 436 -41.41 5.44 -28.16
N ASN L 437 -41.63 6.11 -27.05
CA ASN L 437 -40.73 7.17 -26.63
C ASN L 437 -39.38 6.58 -26.21
N PRO L 438 -38.30 7.35 -26.37
CA PRO L 438 -37.01 6.88 -25.85
C PRO L 438 -37.05 6.72 -24.33
N VAL L 439 -36.36 5.70 -23.84
CA VAL L 439 -36.31 5.41 -22.41
C VAL L 439 -34.85 5.55 -21.97
N ASP L 440 -34.51 6.78 -21.58
CA ASP L 440 -33.17 7.07 -21.09
C ASP L 440 -33.27 7.77 -19.73
N SER L 441 -34.35 8.55 -19.56
CA SER L 441 -34.64 9.29 -18.33
C SER L 441 -33.45 10.17 -17.93
N THR L 442 -32.82 10.80 -18.92
CA THR L 442 -31.60 11.54 -18.69
C THR L 442 -31.90 12.86 -17.97
N SER L 443 -30.87 13.41 -17.33
CA SER L 443 -31.02 14.60 -16.49
C SER L 443 -31.41 15.81 -17.33
N SER L 444 -31.73 16.90 -16.62
CA SER L 444 -32.21 18.12 -17.27
C SER L 444 -31.12 18.77 -18.12
N GLN L 445 -29.89 18.84 -17.61
CA GLN L 445 -28.80 19.40 -18.39
C GLN L 445 -28.50 18.57 -19.63
N GLN L 446 -28.52 17.25 -19.50
CA GLN L 446 -28.31 16.41 -20.67
C GLN L 446 -29.45 16.57 -21.66
N GLN L 447 -30.67 16.74 -21.17
CA GLN L 447 -31.81 16.98 -22.06
C GLN L 447 -31.64 18.30 -22.81
N ALA L 448 -31.17 19.34 -22.11
CA ALA L 448 -30.94 20.63 -22.76
C ALA L 448 -29.82 20.54 -23.79
N GLU L 449 -28.74 19.83 -23.48
CA GLU L 449 -27.65 19.65 -24.43
C GLU L 449 -28.11 18.87 -25.66
N LEU L 450 -28.91 17.83 -25.44
CA LEU L 450 -29.49 17.06 -26.53
C LEU L 450 -30.37 17.92 -27.42
N ASN L 451 -31.21 18.75 -26.80
CA ASN L 451 -32.06 19.66 -27.56
C ASN L 451 -31.24 20.67 -28.35
N ASN L 452 -30.16 21.20 -27.75
CA ASN L 452 -29.32 22.15 -28.44
C ASN L 452 -28.62 21.52 -29.64
N LYS L 453 -28.13 20.29 -29.47
CA LYS L 453 -27.47 19.62 -30.59
C LYS L 453 -28.46 19.31 -31.71
N LYS L 454 -29.68 18.88 -31.34
CA LYS L 454 -30.70 18.66 -32.37
C LYS L 454 -31.07 19.95 -33.07
N ALA L 455 -31.11 21.08 -32.33
CA ALA L 455 -31.38 22.36 -32.95
C ALA L 455 -30.26 22.76 -33.90
N ALA L 456 -29.01 22.45 -33.54
CA ALA L 456 -27.90 22.69 -34.45
C ALA L 456 -28.03 21.87 -35.73
N THR L 457 -28.43 20.60 -35.60
CA THR L 457 -28.68 19.78 -36.79
C THR L 457 -29.79 20.36 -37.65
N ASP L 458 -30.87 20.82 -37.01
CA ASP L 458 -31.98 21.43 -37.74
C ASP L 458 -31.53 22.67 -38.49
N GLU L 459 -30.75 23.53 -37.83
CA GLU L 459 -30.28 24.75 -38.47
C GLU L 459 -29.36 24.43 -39.64
N ILE L 460 -28.47 23.45 -39.48
CA ILE L 460 -27.56 23.07 -40.55
C ILE L 460 -28.34 22.55 -41.75
N TYR L 461 -29.32 21.66 -41.49
CA TYR L 461 -30.09 21.09 -42.60
C TYR L 461 -30.93 22.14 -43.31
N ILE L 462 -31.57 23.04 -42.54
CA ILE L 462 -32.39 24.08 -43.16
C ILE L 462 -31.53 25.03 -43.98
N ASN L 463 -30.37 25.43 -43.44
CA ASN L 463 -29.49 26.35 -44.15
C ASN L 463 -28.95 25.70 -45.42
N SER L 464 -28.59 24.42 -45.36
CA SER L 464 -28.16 23.71 -46.56
C SER L 464 -29.32 23.39 -47.49
N GLY L 465 -30.56 23.58 -47.05
CA GLY L 465 -31.69 23.35 -47.92
C GLY L 465 -32.10 21.90 -48.04
N VAL L 466 -32.09 21.17 -46.93
CA VAL L 466 -32.48 19.77 -46.93
C VAL L 466 -33.92 19.66 -46.47
N VAL L 467 -34.20 20.09 -45.25
CA VAL L 467 -35.54 20.03 -44.68
C VAL L 467 -36.04 21.45 -44.45
N SER L 468 -37.34 21.63 -44.64
CA SER L 468 -37.97 22.91 -44.37
C SER L 468 -38.14 23.09 -42.87
N PRO L 469 -38.29 24.33 -42.39
CA PRO L 469 -38.61 24.52 -40.97
C PRO L 469 -39.94 23.92 -40.54
N ASP L 470 -40.84 23.60 -41.47
CA ASP L 470 -42.10 22.95 -41.11
C ASP L 470 -41.88 21.58 -40.50
N GLU L 471 -40.95 20.80 -41.05
CA GLU L 471 -40.63 19.50 -40.46
C GLU L 471 -40.07 19.65 -39.05
N VAL L 472 -39.23 20.65 -38.83
CA VAL L 472 -38.69 20.89 -37.50
C VAL L 472 -39.82 21.30 -36.54
N ARG L 473 -40.75 22.13 -37.02
CA ARG L 473 -41.91 22.51 -36.23
C ARG L 473 -42.73 21.29 -35.82
N GLU L 474 -43.02 20.41 -36.78
CA GLU L 474 -43.81 19.22 -36.49
C GLU L 474 -43.05 18.25 -35.59
N ARG L 475 -41.73 18.15 -35.73
CA ARG L 475 -40.94 17.31 -34.84
C ARG L 475 -41.00 17.82 -33.41
N LEU L 476 -40.85 19.14 -33.23
CA LEU L 476 -40.96 19.72 -31.89
C LEU L 476 -42.35 19.52 -31.31
N ARG L 477 -43.38 19.67 -32.14
CA ARG L 477 -44.75 19.47 -31.66
C ARG L 477 -44.98 18.01 -31.25
N ASP L 478 -44.67 17.07 -32.13
CA ASP L 478 -44.76 15.64 -31.83
C ASP L 478 -43.44 15.08 -31.35
N ASP L 479 -42.81 15.74 -30.38
CA ASP L 479 -41.65 15.20 -29.68
C ASP L 479 -41.71 15.71 -28.25
N PRO L 480 -42.09 14.86 -27.29
CA PRO L 480 -42.04 15.26 -25.89
C PRO L 480 -40.59 15.40 -25.42
N ARG L 481 -40.44 16.07 -24.27
CA ARG L 481 -39.13 16.37 -23.68
C ARG L 481 -38.25 17.19 -24.63
N SER L 482 -38.88 17.97 -25.51
CA SER L 482 -38.17 18.84 -26.43
C SER L 482 -38.25 20.31 -26.07
N GLY L 483 -39.03 20.66 -25.04
CA GLY L 483 -39.13 22.04 -24.61
C GLY L 483 -40.39 22.72 -25.10
N TYR L 484 -40.77 22.47 -26.35
CA TYR L 484 -41.94 23.09 -26.96
C TYR L 484 -42.95 22.00 -27.29
N ASN L 485 -44.07 22.00 -26.57
CA ASN L 485 -45.18 21.08 -26.85
C ASN L 485 -46.51 21.81 -26.88
N ARG L 486 -46.49 23.14 -26.94
CA ARG L 486 -47.75 23.91 -27.02
C ARG L 486 -47.37 25.13 -27.85
N LEU L 487 -46.92 24.89 -29.08
CA LEU L 487 -46.38 26.03 -29.82
C LEU L 487 -47.46 26.93 -30.41
N THR L 488 -48.14 26.46 -31.45
CA THR L 488 -49.22 27.11 -32.16
C THR L 488 -49.93 26.05 -33.00
N ASP L 489 -50.92 26.48 -33.77
CA ASP L 489 -51.47 25.70 -34.87
C ASP L 489 -51.04 26.23 -36.23
N ASP L 490 -50.14 27.22 -36.26
CA ASP L 490 -49.73 27.85 -37.50
C ASP L 490 -48.80 26.92 -38.30
N GLN L 491 -48.34 27.42 -39.44
CA GLN L 491 -47.47 26.67 -40.33
C GLN L 491 -46.23 27.49 -40.64
N ALA L 492 -45.12 26.79 -40.89
CA ALA L 492 -43.87 27.41 -41.28
C ALA L 492 -43.86 27.65 -42.79
N GLU L 493 -42.67 27.89 -43.34
CA GLU L 493 -42.55 28.19 -44.76
C GLU L 493 -43.02 27.03 -45.64
N THR L 494 -42.68 25.79 -45.25
CA THR L 494 -42.94 24.53 -45.94
C THR L 494 -42.23 24.42 -47.29
N GLU L 495 -41.54 25.46 -47.73
CA GLU L 495 -40.73 25.44 -48.94
C GLU L 495 -39.42 24.72 -48.65
N PRO L 496 -38.83 24.02 -49.66
CA PRO L 496 -37.81 23.02 -49.33
C PRO L 496 -36.51 23.60 -48.78
N GLY L 497 -36.54 23.96 -47.50
CA GLY L 497 -35.37 24.45 -46.80
C GLY L 497 -35.03 25.89 -47.10
N MET L 498 -36.05 26.77 -47.08
CA MET L 498 -35.81 28.16 -47.44
C MET L 498 -35.30 28.98 -46.26
N SER L 499 -36.12 29.13 -45.19
CA SER L 499 -35.85 29.94 -44.00
C SER L 499 -35.78 31.43 -44.35
N PRO L 500 -35.96 32.35 -43.39
CA PRO L 500 -35.93 33.79 -43.75
C PRO L 500 -34.63 34.26 -44.37
N GLU L 501 -33.48 33.71 -43.93
CA GLU L 501 -32.20 34.18 -44.45
C GLU L 501 -32.06 33.89 -45.95
N ASN L 502 -32.27 32.63 -46.35
CA ASN L 502 -32.18 32.32 -47.77
C ASN L 502 -33.40 32.80 -48.55
N LEU L 503 -34.53 33.05 -47.87
CA LEU L 503 -35.64 33.72 -48.54
C LEU L 503 -35.24 35.11 -49.01
N ALA L 504 -34.67 35.91 -48.09
CA ALA L 504 -34.20 37.24 -48.44
C ALA L 504 -33.08 37.18 -49.46
N GLU L 505 -32.17 36.21 -49.29
CA GLU L 505 -31.07 36.06 -50.25
C GLU L 505 -31.58 35.71 -51.64
N PHE L 506 -32.56 34.82 -51.74
CA PHE L 506 -33.12 34.43 -53.03
C PHE L 506 -33.84 35.60 -53.69
N GLU L 507 -34.63 36.35 -52.93
CA GLU L 507 -35.33 37.50 -53.50
C GLU L 507 -34.34 38.55 -53.99
N LYS L 508 -33.34 38.87 -53.17
CA LYS L 508 -32.34 39.86 -53.56
C LYS L 508 -31.53 39.39 -54.76
N ALA L 509 -31.17 38.11 -54.79
CA ALA L 509 -30.39 37.57 -55.90
C ALA L 509 -31.19 37.59 -57.19
N GLY L 510 -32.48 37.23 -57.13
CA GLY L 510 -33.31 37.30 -58.32
C GLY L 510 -33.48 38.71 -58.84
N ALA L 511 -33.68 39.67 -57.93
CA ALA L 511 -33.81 41.07 -58.35
C ALA L 511 -32.52 41.59 -58.96
N GLN L 512 -31.37 41.31 -58.34
CA GLN L 512 -30.10 41.73 -58.91
C GLN L 512 -29.82 41.02 -60.23
N SER L 513 -30.28 39.78 -60.38
CA SER L 513 -30.15 39.10 -61.66
C SER L 513 -30.97 39.79 -62.74
N ALA L 514 -32.18 40.23 -62.39
CA ALA L 514 -32.98 40.99 -63.34
C ALA L 514 -32.28 42.29 -63.73
N LYS L 515 -31.74 43.00 -62.74
CA LYS L 515 -30.99 44.22 -63.03
C LYS L 515 -29.81 43.96 -63.95
N ALA L 516 -29.03 42.93 -63.66
CA ALA L 516 -27.83 42.66 -64.43
C ALA L 516 -28.14 42.21 -65.85
N LYS L 517 -29.16 41.36 -66.01
CA LYS L 517 -29.58 40.95 -67.35
C LYS L 517 -30.11 42.14 -68.15
N GLY L 518 -30.87 43.01 -67.50
CA GLY L 518 -31.37 44.18 -68.20
C GLY L 518 -30.27 45.13 -68.63
N GLU L 519 -29.31 45.40 -67.75
CA GLU L 519 -28.21 46.28 -68.11
C GLU L 519 -27.30 45.64 -69.14
N ALA L 520 -27.17 44.30 -69.12
CA ALA L 520 -26.43 43.62 -70.18
C ALA L 520 -27.14 43.76 -71.53
N GLU L 521 -28.47 43.63 -71.55
CA GLU L 521 -29.21 43.81 -72.80
C GLU L 521 -29.09 45.24 -73.30
N ARG L 522 -29.10 46.21 -72.37
CA ARG L 522 -28.85 47.61 -72.74
C ARG L 522 -27.46 47.78 -73.33
N ALA L 523 -26.47 47.09 -72.76
CA ALA L 523 -25.12 47.15 -73.30
C ALA L 523 -25.05 46.58 -74.71
N GLU L 524 -25.74 45.45 -74.95
CA GLU L 524 -25.82 44.92 -76.32
C GLU L 524 -26.45 45.91 -77.27
N ALA L 525 -27.56 46.54 -76.84
CA ALA L 525 -28.27 47.48 -77.70
C ALA L 525 -27.42 48.70 -78.03
N GLN L 526 -26.70 49.23 -77.03
CA GLN L 526 -25.87 50.42 -77.28
C GLN L 526 -24.62 50.07 -78.08
N ALA L 527 -24.06 48.88 -77.88
CA ALA L 527 -22.88 48.48 -78.63
C ALA L 527 -23.22 48.20 -80.10
N GLY L 528 -24.39 47.62 -80.35
CA GLY L 528 -24.81 47.28 -81.70
C GLY L 528 -25.07 48.50 -82.58
N MET M 1 32.54 5.65 59.19
CA MET M 1 33.02 4.63 60.09
C MET M 1 32.12 4.48 61.31
N VAL M 2 32.08 3.27 61.87
CA VAL M 2 31.31 2.97 63.07
C VAL M 2 32.27 2.44 64.12
N ILE M 3 32.29 3.07 65.29
CA ILE M 3 33.15 2.64 66.38
C ILE M 3 32.55 1.37 67.00
N PHE M 4 33.39 0.37 67.21
CA PHE M 4 32.95 -0.92 67.74
C PHE M 4 33.32 -0.99 69.22
N ASP M 5 32.29 -1.10 70.06
CA ASP M 5 32.52 -1.27 71.51
C ASP M 5 32.36 -2.76 71.83
N GLU M 6 32.76 -3.17 73.03
CA GLU M 6 32.65 -4.58 73.42
C GLU M 6 31.51 -4.86 74.39
N HIS M 7 31.02 -3.85 75.11
CA HIS M 7 29.93 -4.08 76.06
C HIS M 7 28.67 -4.53 75.33
N LYS M 8 28.27 -3.79 74.28
CA LYS M 8 27.10 -4.15 73.51
C LYS M 8 27.26 -5.51 72.85
N PHE M 9 28.44 -5.79 72.30
CA PHE M 9 28.69 -7.06 71.64
C PHE M 9 28.60 -8.23 72.63
N ARG M 10 29.20 -8.07 73.81
CA ARG M 10 29.23 -9.17 74.76
C ARG M 10 27.87 -9.41 75.40
N THR M 11 27.09 -8.35 75.63
CA THR M 11 25.72 -8.57 76.12
C THR M 11 24.81 -9.09 75.01
N LEU M 12 25.10 -8.76 73.75
CA LEU M 12 24.30 -9.28 72.65
C LEU M 12 24.58 -10.75 72.39
N PHE M 13 25.83 -11.17 72.56
CA PHE M 13 26.22 -12.57 72.35
C PHE M 13 26.86 -13.07 73.64
N PRO M 14 26.05 -13.61 74.56
CA PRO M 14 26.59 -14.11 75.83
C PRO M 14 27.56 -15.27 75.67
N GLU M 15 27.54 -15.98 74.54
CA GLU M 15 28.54 -17.03 74.31
C GLU M 15 29.94 -16.45 74.23
N PHE M 16 30.08 -15.24 73.68
CA PHE M 16 31.38 -14.57 73.62
C PHE M 16 31.59 -13.67 74.82
N ALA M 17 31.45 -14.21 76.03
CA ALA M 17 31.54 -13.41 77.24
C ALA M 17 32.93 -13.40 77.86
N ASP M 18 33.68 -14.50 77.73
CA ASP M 18 34.97 -14.60 78.39
C ASP M 18 36.03 -13.83 77.63
N PRO M 19 36.65 -12.81 78.22
CA PRO M 19 37.77 -12.14 77.54
C PRO M 19 38.97 -13.04 77.30
N ALA M 20 39.18 -14.03 78.17
CA ALA M 20 40.27 -14.97 77.96
C ALA M 20 40.06 -15.80 76.70
N ALA M 21 38.83 -16.22 76.44
CA ALA M 21 38.54 -16.97 75.23
C ALA M 21 38.46 -16.06 74.00
N TYR M 22 37.92 -14.86 74.16
CA TYR M 22 37.73 -13.92 73.05
C TYR M 22 38.29 -12.55 73.43
N PRO M 23 39.59 -12.32 73.23
CA PRO M 23 40.21 -11.05 73.62
C PRO M 23 39.61 -9.84 72.92
N ASP M 24 40.03 -8.67 73.39
CA ASP M 24 39.61 -7.39 72.79
C ASP M 24 40.09 -7.28 71.34
N VAL M 25 41.37 -7.56 71.10
CA VAL M 25 41.96 -7.31 69.79
C VAL M 25 41.37 -8.25 68.74
N ARG M 26 40.97 -9.45 69.15
CA ARG M 26 40.33 -10.38 68.22
C ARG M 26 39.00 -9.82 67.72
N LEU M 27 38.18 -9.33 68.66
CA LEU M 27 36.89 -8.74 68.30
C LEU M 27 37.09 -7.51 67.42
N GLN M 28 38.07 -6.66 67.77
CA GLN M 28 38.31 -5.45 66.97
C GLN M 28 38.77 -5.81 65.57
N MET M 29 39.66 -6.78 65.44
CA MET M 29 40.15 -7.20 64.12
C MET M 29 39.04 -7.77 63.27
N TYR M 30 38.17 -8.59 63.88
CA TYR M 30 37.08 -9.16 63.08
C TYR M 30 36.03 -8.12 62.72
N PHE M 31 35.86 -7.08 63.55
CA PHE M 31 35.01 -5.97 63.13
C PHE M 31 35.60 -5.21 61.95
N ASP M 32 36.92 -4.97 62.00
CA ASP M 32 37.58 -4.32 60.87
C ASP M 32 37.45 -5.16 59.60
N ILE M 33 37.47 -6.48 59.75
CA ILE M 33 37.28 -7.37 58.59
C ILE M 33 35.85 -7.28 58.07
N ALA M 34 34.87 -7.31 58.98
CA ALA M 34 33.46 -7.27 58.58
C ALA M 34 33.08 -5.95 57.92
N CYS M 35 33.81 -4.88 58.25
CA CYS M 35 33.60 -3.59 57.58
C CYS M 35 33.84 -3.68 56.09
N GLU M 36 34.70 -4.61 55.65
CA GLU M 36 34.93 -4.78 54.22
C GLU M 36 33.73 -5.43 53.54
N PHE M 37 33.11 -6.43 54.17
CA PHE M 37 31.94 -7.06 53.59
C PHE M 37 30.77 -6.09 53.52
N ILE M 38 30.44 -5.44 54.65
CA ILE M 38 29.39 -4.43 54.66
C ILE M 38 30.03 -3.09 55.00
N SER M 39 29.94 -2.14 54.08
CA SER M 39 30.48 -0.82 54.30
C SER M 39 29.73 -0.11 55.41
N ASP M 40 30.47 0.43 56.38
CA ASP M 40 29.90 1.10 57.53
C ASP M 40 29.71 2.60 57.33
N ARG M 41 29.59 3.04 56.07
CA ARG M 41 29.35 4.46 55.78
C ARG M 41 27.91 4.78 56.14
N ASP M 42 27.71 5.35 57.33
CA ASP M 42 26.36 5.61 57.83
C ASP M 42 25.84 6.85 57.11
N SER M 43 24.71 6.71 56.44
CA SER M 43 24.06 7.80 55.73
C SER M 43 22.56 7.66 55.95
N PRO M 44 21.81 8.77 55.96
CA PRO M 44 20.36 8.68 56.17
C PRO M 44 19.59 8.28 54.93
N TYR M 45 20.23 8.20 53.77
CA TYR M 45 19.56 7.77 52.54
C TYR M 45 19.75 6.28 52.28
N ARG M 46 20.68 5.63 52.95
CA ARG M 46 20.87 4.20 52.79
C ARG M 46 19.67 3.45 53.39
N ILE M 47 19.32 2.33 52.77
CA ILE M 47 18.28 1.48 53.35
C ILE M 47 18.80 0.77 54.58
N LEU M 48 20.08 0.42 54.62
CA LEU M 48 20.73 0.02 55.87
C LEU M 48 21.31 1.27 56.50
N ASN M 49 20.62 1.80 57.50
CA ASN M 49 21.07 3.00 58.18
C ASN M 49 20.95 2.83 59.69
N GLY M 50 21.83 3.52 60.41
CA GLY M 50 21.78 3.54 61.86
C GLY M 50 22.00 2.19 62.50
N LYS M 51 21.21 1.94 63.55
CA LYS M 51 21.36 0.75 64.37
C LYS M 51 21.06 -0.53 63.62
N ALA M 52 20.31 -0.48 62.53
CA ALA M 52 20.17 -1.67 61.67
C ALA M 52 21.50 -2.03 61.03
N LEU M 53 22.21 -1.04 60.51
CA LEU M 53 23.55 -1.27 59.94
C LEU M 53 24.52 -1.75 61.01
N GLU M 54 24.44 -1.17 62.22
CA GLU M 54 25.29 -1.65 63.30
C GLU M 54 24.96 -3.10 63.66
N ALA M 55 23.68 -3.46 63.67
CA ALA M 55 23.30 -4.84 63.95
C ALA M 55 23.85 -5.80 62.89
N CYS M 56 23.76 -5.41 61.61
CA CYS M 56 24.32 -6.25 60.55
C CYS M 56 25.82 -6.43 60.72
N LEU M 57 26.54 -5.35 61.03
CA LEU M 57 27.98 -5.45 61.23
C LEU M 57 28.32 -6.37 62.40
N TYR M 58 27.62 -6.22 63.53
CA TYR M 58 27.87 -7.06 64.70
C TYR M 58 27.55 -8.52 64.41
N LEU M 59 26.47 -8.78 63.66
CA LEU M 59 26.15 -10.16 63.29
C LEU M 59 27.23 -10.78 62.43
N LEU M 60 27.80 -10.00 61.50
CA LEU M 60 28.88 -10.58 60.68
C LEU M 60 30.14 -10.81 61.51
N THR M 61 30.43 -9.92 62.46
CA THR M 61 31.54 -10.17 63.39
C THR M 61 31.33 -11.46 64.16
N ALA M 62 30.09 -11.70 64.62
CA ALA M 62 29.79 -12.95 65.31
C ALA M 62 29.98 -14.15 64.38
N HIS M 63 29.57 -14.02 63.12
CA HIS M 63 29.79 -15.07 62.12
C HIS M 63 31.27 -15.41 61.96
N LEU M 64 32.09 -14.38 61.73
CA LEU M 64 33.51 -14.59 61.51
C LEU M 64 34.18 -15.16 62.75
N LEU M 65 33.79 -14.66 63.93
CA LEU M 65 34.34 -15.18 65.18
C LEU M 65 33.97 -16.65 65.38
N SER M 66 32.73 -17.03 65.03
CA SER M 66 32.31 -18.41 65.18
C SER M 66 33.12 -19.34 64.27
N LEU M 67 33.31 -18.94 63.01
CA LEU M 67 34.17 -19.72 62.13
C LEU M 67 35.59 -19.83 62.68
N SER M 68 36.11 -18.73 63.22
CA SER M 68 37.48 -18.72 63.72
C SER M 68 37.65 -19.64 64.93
N THR M 69 36.72 -19.58 65.89
CA THR M 69 36.88 -20.46 67.06
C THR M 69 36.65 -21.91 66.67
N MET M 70 35.77 -22.16 65.68
CA MET M 70 35.64 -23.51 65.15
C MET M 70 36.97 -24.02 64.61
N GLN M 71 37.68 -23.17 63.86
CA GLN M 71 39.01 -23.53 63.37
C GLN M 71 39.99 -23.81 64.50
N VAL M 72 40.08 -22.90 65.47
CA VAL M 72 41.09 -23.03 66.51
C VAL M 72 40.83 -24.26 67.39
N GLN M 73 39.58 -24.47 67.79
CA GLN M 73 39.27 -25.62 68.63
C GLN M 73 39.39 -26.93 67.86
N GLY M 74 38.86 -26.99 66.64
CA GLY M 74 38.91 -28.24 65.87
C GLY M 74 37.65 -29.07 66.06
N ALA M 75 37.81 -30.29 66.58
CA ALA M 75 39.06 -30.94 66.99
C ALA M 75 39.16 -32.35 66.42
N ALA M 76 40.35 -32.72 65.96
CA ALA M 76 40.58 -34.07 65.45
C ALA M 76 41.14 -35.00 66.53
N GLY M 77 42.34 -34.67 67.02
CA GLY M 77 42.96 -35.46 68.07
C GLY M 77 43.58 -34.58 69.14
N GLY M 78 42.95 -33.43 69.37
CA GLY M 78 43.46 -32.44 70.29
C GLY M 78 44.07 -31.22 69.63
N GLY M 79 43.61 -30.85 68.44
CA GLY M 79 44.18 -29.72 67.75
C GLY M 79 43.48 -29.48 66.44
N VAL M 80 44.13 -28.72 65.56
CA VAL M 80 43.59 -28.37 64.25
C VAL M 80 44.12 -29.35 63.22
N THR M 81 43.22 -29.94 62.44
CA THR M 81 43.60 -30.90 61.41
C THR M 81 44.02 -30.18 60.13
N ALA M 82 44.64 -30.94 59.23
CA ALA M 82 45.10 -30.38 57.96
C ALA M 82 43.91 -30.06 57.06
N GLY M 83 43.96 -28.88 56.44
CA GLY M 83 42.90 -28.43 55.57
C GLY M 83 41.75 -27.73 56.27
N GLY M 84 41.77 -27.66 57.59
CA GLY M 84 40.73 -26.98 58.33
C GLY M 84 39.42 -27.74 58.30
N THR M 85 38.40 -27.12 58.92
CA THR M 85 37.05 -27.64 58.94
C THR M 85 36.13 -26.68 58.20
N GLN M 86 35.39 -27.19 57.24
CA GLN M 86 34.58 -26.37 56.35
C GLN M 86 33.25 -26.02 56.98
N GLY M 87 32.73 -24.85 56.60
CA GLY M 87 31.44 -24.40 57.09
C GLY M 87 30.29 -25.00 56.32
N GLY M 88 29.30 -24.18 55.98
CA GLY M 88 28.14 -24.65 55.26
C GLY M 88 27.03 -25.12 56.19
N PHE M 89 25.82 -25.15 55.64
CA PHE M 89 24.65 -25.53 56.41
C PHE M 89 24.52 -27.05 56.47
N ILE M 90 24.32 -27.57 57.68
CA ILE M 90 24.10 -29.00 57.88
C ILE M 90 22.64 -29.30 57.58
N THR M 91 22.39 -29.93 56.42
CA THR M 91 21.03 -30.31 56.08
C THR M 91 20.57 -31.51 56.89
N SER M 92 21.43 -32.50 57.07
CA SER M 92 21.09 -33.72 57.79
C SER M 92 22.25 -34.13 58.69
N ALA M 93 21.91 -34.52 59.91
CA ALA M 93 22.88 -35.00 60.88
C ALA M 93 22.33 -36.25 61.56
N THR M 94 23.24 -37.08 62.06
CA THR M 94 22.85 -38.30 62.76
C THR M 94 23.91 -38.63 63.78
N VAL M 95 23.51 -38.73 65.05
CA VAL M 95 24.39 -39.14 66.13
C VAL M 95 23.70 -40.28 66.87
N GLY M 96 24.31 -41.47 66.83
CA GLY M 96 23.73 -42.62 67.48
C GLY M 96 22.35 -42.93 66.91
N GLU M 97 21.38 -43.08 67.80
CA GLU M 97 19.99 -43.27 67.37
C GLU M 97 19.36 -41.97 66.91
N VAL M 98 19.80 -40.83 67.44
CA VAL M 98 19.16 -39.56 67.12
C VAL M 98 19.54 -39.14 65.71
N SER M 99 18.58 -38.59 64.99
CA SER M 99 18.83 -38.09 63.64
C SER M 99 17.93 -36.90 63.37
N VAL M 100 18.49 -35.90 62.68
CA VAL M 100 17.79 -34.66 62.35
C VAL M 100 17.98 -34.39 60.87
N ALA M 101 16.97 -33.80 60.24
CA ALA M 101 17.05 -33.42 58.82
C ALA M 101 16.36 -32.07 58.67
N LYS M 102 17.14 -31.04 58.37
CA LYS M 102 16.65 -29.68 58.31
C LYS M 102 16.42 -29.24 56.87
N LEU M 103 15.54 -28.25 56.71
CA LEU M 103 15.27 -27.68 55.40
C LEU M 103 16.47 -26.90 54.90
N ALA M 104 16.80 -27.09 53.62
CA ALA M 104 17.92 -26.37 53.04
C ALA M 104 17.51 -24.93 52.73
N PRO M 105 18.38 -23.96 53.03
CA PRO M 105 18.06 -22.56 52.71
C PRO M 105 18.09 -22.35 51.21
N PRO M 106 17.38 -21.34 50.70
CA PRO M 106 17.45 -21.03 49.26
C PRO M 106 18.71 -20.25 48.90
N ALA M 107 19.86 -20.88 49.09
CA ALA M 107 21.15 -20.25 48.84
C ALA M 107 21.47 -20.35 47.36
N LYS M 108 21.17 -19.29 46.62
CA LYS M 108 21.43 -19.24 45.19
C LYS M 108 22.79 -18.65 44.86
N ASN M 109 23.60 -18.32 45.86
CA ASN M 109 24.84 -17.60 45.64
C ASN M 109 25.78 -17.95 46.78
N GLY M 110 27.09 -17.85 46.49
CA GLY M 110 28.09 -18.23 47.47
C GLY M 110 28.06 -17.39 48.73
N TRP M 111 27.77 -16.09 48.59
CA TRP M 111 27.65 -15.22 49.76
C TRP M 111 26.49 -15.67 50.66
N GLN M 112 25.35 -16.00 50.05
CA GLN M 112 24.21 -16.49 50.81
C GLN M 112 24.52 -17.82 51.49
N TRP M 113 25.22 -18.71 50.78
CA TRP M 113 25.58 -20.01 51.35
C TRP M 113 26.52 -19.86 52.53
N TRP M 114 27.54 -19.00 52.38
CA TRP M 114 28.48 -18.75 53.47
C TRP M 114 27.77 -18.14 54.67
N LEU M 115 26.80 -17.25 54.41
CA LEU M 115 26.02 -16.67 55.50
C LEU M 115 25.20 -17.75 56.21
N SER M 116 24.52 -18.60 55.44
CA SER M 116 23.70 -19.65 56.04
C SER M 116 24.54 -20.70 56.76
N GLY M 117 25.85 -20.71 56.53
CA GLY M 117 26.72 -21.62 57.25
C GLY M 117 26.65 -21.53 58.76
N THR M 118 26.37 -20.34 59.30
CA THR M 118 26.31 -20.12 60.74
C THR M 118 25.02 -19.41 61.11
N PRO M 119 24.52 -19.64 62.33
CA PRO M 119 23.27 -18.97 62.75
C PRO M 119 23.34 -17.46 62.80
N TYR M 120 24.48 -16.88 63.19
CA TYR M 120 24.61 -15.43 63.14
C TYR M 120 24.54 -14.93 61.71
N GLY M 121 25.22 -15.62 60.79
CA GLY M 121 25.10 -15.31 59.38
C GLY M 121 23.70 -15.52 58.86
N GLN M 122 22.97 -16.50 59.39
CA GLN M 122 21.58 -16.70 59.00
C GLN M 122 20.73 -15.50 59.40
N GLU M 123 20.92 -14.99 60.63
CA GLU M 123 20.19 -13.81 61.07
C GLU M 123 20.54 -12.60 60.22
N LEU M 124 21.83 -12.41 59.92
CA LEU M 124 22.23 -11.29 59.10
C LEU M 124 21.67 -11.40 57.68
N TRP M 125 21.64 -12.61 57.13
CA TRP M 125 21.06 -12.84 55.81
C TRP M 125 19.57 -12.52 55.83
N ALA M 126 18.87 -12.93 56.88
CA ALA M 126 17.45 -12.62 57.00
C ALA M 126 17.21 -11.12 57.08
N LEU M 127 18.05 -10.41 57.85
CA LEU M 127 17.89 -8.97 57.96
C LEU M 127 18.17 -8.28 56.64
N LEU M 128 19.22 -8.70 55.94
CA LEU M 128 19.52 -8.14 54.62
C LEU M 128 18.39 -8.40 53.64
N SER M 129 17.83 -9.62 53.65
CA SER M 129 16.74 -9.95 52.75
C SER M 129 15.49 -9.14 53.05
N VAL M 130 15.14 -8.99 54.33
CA VAL M 130 13.92 -8.27 54.67
C VAL M 130 14.08 -6.77 54.41
N LYS M 131 15.29 -6.23 54.54
CA LYS M 131 15.50 -4.83 54.17
C LYS M 131 15.67 -4.64 52.67
N ALA M 132 15.96 -5.71 51.93
CA ALA M 132 16.14 -5.61 50.48
C ALA M 132 14.81 -5.85 49.80
N VAL M 133 14.02 -4.79 49.74
CA VAL M 133 12.69 -4.85 49.13
C VAL M 133 12.52 -3.65 48.22
N GLY M 134 11.97 -3.89 47.04
CA GLY M 134 11.81 -2.83 46.06
C GLY M 134 13.04 -2.63 45.20
N GLY M 135 13.85 -1.64 45.54
CA GLY M 135 15.07 -1.35 44.82
C GLY M 135 15.31 0.14 44.77
N PHE M 136 16.20 0.53 43.86
CA PHE M 136 16.60 1.92 43.71
C PHE M 136 16.21 2.41 42.33
N TYR M 137 16.28 3.73 42.16
CA TYR M 137 16.17 4.35 40.83
C TYR M 137 17.23 5.45 40.75
N ILE M 138 18.25 5.22 39.93
CA ILE M 138 19.39 6.11 39.81
C ILE M 138 19.34 6.79 38.46
N GLY M 139 19.60 8.09 38.44
CA GLY M 139 19.43 8.88 37.24
C GLY M 139 17.99 9.32 37.08
N GLY M 140 17.74 10.04 35.98
CA GLY M 140 16.41 10.52 35.71
C GLY M 140 16.08 11.80 36.44
N LEU M 141 15.43 12.72 35.76
CA LEU M 141 15.06 14.02 36.28
C LEU M 141 13.54 14.15 36.32
N PRO M 142 12.99 15.06 37.14
CA PRO M 142 11.53 15.20 37.19
C PRO M 142 10.95 15.75 35.90
N GLU M 143 10.90 14.90 34.88
CA GLU M 143 10.44 15.30 33.56
C GLU M 143 8.96 15.68 33.57
N ARG M 144 8.18 15.06 34.46
CA ARG M 144 6.75 15.27 34.50
C ARG M 144 6.34 16.60 35.11
N ARG M 145 7.24 17.28 35.82
CA ARG M 145 6.86 18.49 36.53
C ARG M 145 6.66 19.69 35.61
N GLY M 146 7.03 19.58 34.34
CA GLY M 146 6.83 20.67 33.42
C GLY M 146 5.60 20.51 32.54
N PHE M 147 4.70 19.60 32.91
CA PHE M 147 3.53 19.31 32.12
C PHE M 147 2.30 19.41 32.99
N ARG M 148 1.36 20.25 32.55
CA ARG M 148 0.09 20.44 33.31
C ARG M 148 -0.54 19.07 33.54
N LYS M 149 -1.43 18.99 34.52
CA LYS M 149 -2.11 17.73 34.82
C LYS M 149 -3.50 18.04 35.37
N VAL M 150 -4.19 16.98 35.79
CA VAL M 150 -5.57 17.13 36.27
C VAL M 150 -5.60 17.99 37.53
N GLY M 151 -6.58 18.89 37.58
CA GLY M 151 -6.71 19.79 38.71
C GLY M 151 -5.65 20.86 38.79
N GLY M 152 -4.97 21.14 37.68
CA GLY M 152 -3.92 22.14 37.68
C GLY M 152 -2.74 21.78 38.55
N THR M 153 -2.28 20.54 38.44
CA THR M 153 -1.19 20.04 39.26
C THR M 153 0.10 19.99 38.45
N PHE M 154 1.18 20.52 39.02
CA PHE M 154 2.48 20.62 38.36
C PHE M 154 2.34 21.32 37.00
N TRP M 155 1.71 22.49 37.04
CA TRP M 155 1.37 23.28 35.85
C TRP M 155 2.52 23.43 34.84
N MET N 1 54.92 -38.92 7.68
CA MET N 1 55.15 -40.04 8.59
C MET N 1 56.04 -39.62 9.76
N VAL N 2 55.85 -40.29 10.90
CA VAL N 2 56.66 -40.05 12.09
C VAL N 2 57.31 -41.37 12.48
N ILE N 3 58.63 -41.36 12.60
CA ILE N 3 59.37 -42.55 12.97
C ILE N 3 59.21 -42.79 14.48
N PHE N 4 58.88 -44.02 14.85
CA PHE N 4 58.64 -44.37 16.24
C PHE N 4 59.86 -45.08 16.80
N ASP N 5 60.37 -44.53 17.91
CA ASP N 5 61.56 -45.11 18.55
C ASP N 5 61.14 -45.88 19.81
N GLU N 6 62.09 -46.47 20.50
CA GLU N 6 61.85 -47.26 21.70
C GLU N 6 62.27 -46.55 22.97
N HIS N 7 63.37 -45.80 22.93
CA HIS N 7 63.89 -45.15 24.12
C HIS N 7 62.92 -44.14 24.69
N LYS N 8 62.40 -43.25 23.83
CA LYS N 8 61.48 -42.21 24.29
C LYS N 8 60.20 -42.83 24.85
N PHE N 9 59.67 -43.84 24.17
CA PHE N 9 58.45 -44.50 24.64
C PHE N 9 58.67 -45.19 25.98
N ARG N 10 59.80 -45.90 26.12
CA ARG N 10 60.02 -46.68 27.34
C ARG N 10 60.32 -45.79 28.53
N THR N 11 61.04 -44.68 28.32
CA THR N 11 61.25 -43.74 29.42
C THR N 11 59.99 -42.92 29.71
N LEU N 12 59.13 -42.70 28.71
CA LEU N 12 57.88 -42.00 28.95
C LEU N 12 56.90 -42.86 29.73
N PHE N 13 56.89 -44.16 29.48
CA PHE N 13 56.01 -45.09 30.17
C PHE N 13 56.86 -46.17 30.82
N PRO N 14 57.32 -45.94 32.06
CA PRO N 14 58.17 -46.93 32.73
C PRO N 14 57.49 -48.26 32.98
N GLU N 15 56.16 -48.31 32.98
CA GLU N 15 55.47 -49.59 33.11
C GLU N 15 55.73 -50.50 31.91
N PHE N 16 55.95 -49.93 30.73
CA PHE N 16 56.33 -50.72 29.55
C PHE N 16 57.85 -50.76 29.38
N ALA N 17 58.57 -51.18 30.42
CA ALA N 17 60.02 -51.18 30.37
C ALA N 17 60.63 -52.52 29.96
N ASP N 18 59.96 -53.62 30.27
CA ASP N 18 60.53 -54.94 30.01
C ASP N 18 60.32 -55.31 28.55
N PRO N 19 61.39 -55.50 27.76
CA PRO N 19 61.21 -55.96 26.38
C PRO N 19 60.63 -57.36 26.29
N ALA N 20 60.86 -58.21 27.30
CA ALA N 20 60.26 -59.54 27.31
C ALA N 20 58.75 -59.46 27.38
N ALA N 21 58.22 -58.57 28.23
CA ALA N 21 56.77 -58.40 28.33
C ALA N 21 56.22 -57.62 27.14
N TYR N 22 56.96 -56.62 26.65
CA TYR N 22 56.52 -55.76 25.56
C TYR N 22 57.60 -55.70 24.49
N PRO N 23 57.61 -56.64 23.55
CA PRO N 23 58.63 -56.63 22.49
C PRO N 23 58.55 -55.37 21.63
N ASP N 24 59.69 -55.06 20.99
CA ASP N 24 59.80 -53.85 20.18
C ASP N 24 58.87 -53.91 18.97
N VAL N 25 58.74 -55.08 18.35
CA VAL N 25 57.87 -55.22 17.18
C VAL N 25 56.41 -55.00 17.55
N ARG N 26 56.03 -55.35 18.78
CA ARG N 26 54.68 -55.06 19.25
C ARG N 26 54.44 -53.56 19.35
N LEU N 27 55.42 -52.83 19.90
CA LEU N 27 55.30 -51.38 20.00
C LEU N 27 55.21 -50.74 18.62
N GLN N 28 56.01 -51.24 17.68
CA GLN N 28 55.96 -50.73 16.32
C GLN N 28 54.61 -51.00 15.67
N MET N 29 54.07 -52.21 15.86
CA MET N 29 52.78 -52.56 15.28
C MET N 29 51.67 -51.68 15.84
N TYR N 30 51.69 -51.45 17.15
CA TYR N 30 50.63 -50.62 17.73
C TYR N 30 50.79 -49.16 17.35
N PHE N 31 52.03 -48.70 17.10
CA PHE N 31 52.20 -47.36 16.55
C PHE N 31 51.63 -47.26 15.15
N ASP N 32 51.88 -48.26 14.31
CA ASP N 32 51.28 -48.27 12.98
C ASP N 32 49.76 -48.26 13.06
N ILE N 33 49.20 -48.98 14.03
CA ILE N 33 47.74 -48.99 14.21
C ILE N 33 47.24 -47.60 14.63
N ALA N 34 47.94 -46.96 15.58
CA ALA N 34 47.52 -45.65 16.07
C ALA N 34 47.64 -44.56 15.00
N CYS N 35 48.52 -44.79 14.01
CA CYS N 35 48.63 -43.87 12.89
C CYS N 35 47.32 -43.74 12.12
N GLU N 36 46.49 -44.78 12.12
CA GLU N 36 45.18 -44.69 11.48
C GLU N 36 44.25 -43.74 12.22
N PHE N 37 44.21 -43.84 13.56
CA PHE N 37 43.33 -42.96 14.33
C PHE N 37 43.77 -41.51 14.22
N ILE N 38 45.04 -41.22 14.47
CA ILE N 38 45.57 -39.87 14.27
C ILE N 38 46.61 -39.92 13.16
N SER N 39 46.34 -39.17 12.08
CA SER N 39 47.27 -39.10 10.96
C SER N 39 48.56 -38.40 11.39
N ASP N 40 49.69 -39.05 11.11
CA ASP N 40 51.00 -38.55 11.50
C ASP N 40 51.61 -37.63 10.45
N ARG N 41 50.80 -37.11 9.54
CA ARG N 41 51.28 -36.13 8.56
C ARG N 41 51.65 -34.84 9.29
N ASP N 42 52.94 -34.57 9.41
CA ASP N 42 53.42 -33.41 10.16
C ASP N 42 53.48 -32.23 9.21
N SER N 43 52.77 -31.16 9.54
CA SER N 43 52.74 -29.94 8.77
C SER N 43 52.79 -28.76 9.73
N PRO N 44 53.36 -27.62 9.32
CA PRO N 44 53.40 -26.47 10.23
C PRO N 44 52.10 -25.69 10.30
N TYR N 45 51.18 -25.89 9.35
CA TYR N 45 49.87 -25.29 9.42
C TYR N 45 48.90 -26.11 10.26
N ARG N 46 49.19 -27.38 10.48
CA ARG N 46 48.39 -28.18 11.40
C ARG N 46 48.53 -27.65 12.82
N ILE N 47 47.44 -27.73 13.58
CA ILE N 47 47.48 -27.29 14.98
C ILE N 47 47.84 -28.43 15.93
N LEU N 48 47.74 -29.69 15.49
CA LEU N 48 48.54 -30.77 16.07
C LEU N 48 49.81 -30.89 15.23
N ASN N 49 50.86 -30.20 15.67
CA ASN N 49 52.11 -30.20 14.95
C ASN N 49 53.26 -30.52 15.88
N GLY N 50 54.31 -31.12 15.30
CA GLY N 50 55.52 -31.39 16.03
C GLY N 50 55.34 -32.38 17.17
N LYS N 51 56.05 -32.10 18.27
CA LYS N 51 56.07 -33.01 19.41
C LYS N 51 54.72 -33.12 20.11
N ALA N 52 53.79 -32.19 19.89
CA ALA N 52 52.42 -32.41 20.34
C ALA N 52 51.77 -33.58 19.61
N LEU N 53 51.92 -33.62 18.28
CA LEU N 53 51.41 -34.75 17.51
C LEU N 53 52.11 -36.04 17.88
N GLU N 54 53.43 -35.97 18.10
CA GLU N 54 54.15 -37.17 18.56
C GLU N 54 53.64 -37.64 19.91
N ALA N 55 53.36 -36.70 20.83
CA ALA N 55 52.83 -37.08 22.14
C ALA N 55 51.46 -37.72 22.03
N CYS N 56 50.59 -37.18 21.17
CA CYS N 56 49.28 -37.79 20.96
C CYS N 56 49.41 -39.22 20.42
N LEU N 57 50.29 -39.40 19.44
CA LEU N 57 50.48 -40.73 18.86
C LEU N 57 51.01 -41.71 19.91
N TYR N 58 52.01 -41.28 20.70
CA TYR N 58 52.56 -42.15 21.73
C TYR N 58 51.54 -42.50 22.80
N LEU N 59 50.70 -41.53 23.18
CA LEU N 59 49.65 -41.80 24.15
C LEU N 59 48.65 -42.82 23.60
N LEU N 60 48.32 -42.73 22.31
CA LEU N 60 47.39 -43.72 21.78
C LEU N 60 48.04 -45.10 21.70
N THR N 61 49.33 -45.17 21.38
CA THR N 61 50.04 -46.45 21.42
C THR N 61 50.00 -47.04 22.83
N ALA N 62 50.20 -46.20 23.85
CA ALA N 62 50.09 -46.68 25.23
C ALA N 62 48.69 -47.19 25.54
N HIS N 63 47.67 -46.47 25.06
CA HIS N 63 46.28 -46.89 25.25
C HIS N 63 46.01 -48.27 24.63
N LEU N 64 46.40 -48.43 23.37
CA LEU N 64 46.19 -49.71 22.67
C LEU N 64 46.96 -50.82 23.33
N LEU N 65 48.21 -50.55 23.74
CA LEU N 65 49.02 -51.56 24.41
C LEU N 65 48.39 -51.98 25.72
N SER N 66 47.86 -51.02 26.50
CA SER N 66 47.24 -51.35 27.78
C SER N 66 46.00 -52.22 27.58
N LEU N 67 45.18 -51.88 26.58
CA LEU N 67 44.02 -52.72 26.29
C LEU N 67 44.46 -54.13 25.86
N SER N 68 45.53 -54.20 25.06
CA SER N 68 46.01 -55.49 24.58
C SER N 68 46.54 -56.37 25.71
N THR N 69 47.31 -55.79 26.64
CA THR N 69 47.82 -56.62 27.73
C THR N 69 46.71 -57.00 28.69
N MET N 70 45.72 -56.11 28.88
CA MET N 70 44.51 -56.49 29.62
C MET N 70 43.86 -57.73 29.02
N GLN N 71 43.69 -57.72 27.70
CA GLN N 71 43.07 -58.86 27.02
C GLN N 71 43.92 -60.12 27.14
N VAL N 72 45.23 -59.99 26.99
CA VAL N 72 46.11 -61.15 26.99
C VAL N 72 46.18 -61.78 28.38
N GLN N 73 46.37 -60.97 29.42
CA GLN N 73 46.49 -61.51 30.77
C GLN N 73 45.15 -62.01 31.28
N GLY N 74 44.07 -61.25 31.10
CA GLY N 74 42.76 -61.64 31.61
C GLY N 74 42.48 -61.02 32.98
N ALA N 75 42.35 -61.86 34.00
CA ALA N 75 42.44 -63.31 33.99
C ALA N 75 41.23 -63.94 34.69
N ALA N 76 40.70 -65.03 34.12
CA ALA N 76 39.57 -65.73 34.73
C ALA N 76 40.04 -66.89 35.59
N GLY N 77 40.71 -67.87 34.99
CA GLY N 77 41.23 -69.01 35.72
C GLY N 77 42.64 -69.35 35.29
N GLY N 78 43.40 -68.33 34.92
CA GLY N 78 44.72 -68.50 34.37
C GLY N 78 44.82 -68.35 32.87
N GLY N 79 44.01 -67.47 32.27
CA GLY N 79 44.03 -67.31 30.83
C GLY N 79 42.99 -66.31 30.39
N VAL N 80 42.67 -66.36 29.11
CA VAL N 80 41.70 -65.43 28.52
C VAL N 80 40.33 -66.10 28.49
N THR N 81 39.33 -65.41 29.04
CA THR N 81 37.97 -65.93 29.07
C THR N 81 37.29 -65.72 27.72
N ALA N 82 36.14 -66.38 27.55
CA ALA N 82 35.39 -66.28 26.31
C ALA N 82 34.69 -64.93 26.22
N GLY N 83 34.82 -64.28 25.07
CA GLY N 83 34.24 -62.97 24.85
C GLY N 83 35.13 -61.81 25.22
N GLY N 84 36.17 -62.04 26.01
CA GLY N 84 37.11 -61.00 26.36
C GLY N 84 36.61 -59.99 27.37
N THR N 85 37.52 -59.39 28.12
CA THR N 85 37.16 -58.33 29.04
C THR N 85 37.02 -57.00 28.30
N GLN N 86 36.00 -56.24 28.68
CA GLN N 86 35.69 -54.99 28.00
C GLN N 86 36.33 -53.81 28.70
N GLY N 87 36.54 -52.73 27.94
CA GLY N 87 37.12 -51.52 28.48
C GLY N 87 36.10 -50.64 29.18
N GLY N 88 36.15 -49.34 28.92
CA GLY N 88 35.25 -48.41 29.54
C GLY N 88 35.77 -47.88 30.87
N PHE N 89 35.21 -46.74 31.26
CA PHE N 89 35.62 -46.09 32.50
C PHE N 89 34.89 -46.68 33.68
N ILE N 90 35.64 -47.12 34.69
CA ILE N 90 35.06 -47.67 35.91
C ILE N 90 34.52 -46.48 36.70
N THR N 91 33.20 -46.34 36.74
CA THR N 91 32.57 -45.23 37.45
C THR N 91 32.35 -45.52 38.93
N SER N 92 32.48 -46.79 39.34
CA SER N 92 32.30 -47.18 40.73
C SER N 92 32.87 -48.56 40.97
N ALA N 93 33.69 -48.72 42.01
CA ALA N 93 34.29 -49.99 42.34
C ALA N 93 34.14 -50.24 43.84
N THR N 94 34.16 -51.51 44.21
CA THR N 94 34.03 -51.91 45.61
C THR N 94 34.77 -53.21 45.81
N VAL N 95 35.79 -53.20 46.67
CA VAL N 95 36.54 -54.40 47.04
C VAL N 95 36.52 -54.51 48.56
N GLY N 96 35.89 -55.56 49.07
CA GLY N 96 35.77 -55.73 50.51
C GLY N 96 35.05 -54.57 51.15
N GLU N 97 35.66 -54.01 52.18
CA GLU N 97 35.12 -52.82 52.81
C GLU N 97 35.38 -51.57 51.99
N VAL N 98 36.46 -51.54 51.21
CA VAL N 98 36.83 -50.33 50.48
C VAL N 98 35.88 -50.13 49.31
N SER N 99 35.49 -48.88 49.07
CA SER N 99 34.63 -48.55 47.95
C SER N 99 35.00 -47.18 47.43
N VAL N 100 34.97 -47.03 46.11
CA VAL N 100 35.31 -45.78 45.43
C VAL N 100 34.22 -45.48 44.41
N ALA N 101 33.87 -44.21 44.28
CA ALA N 101 32.91 -43.77 43.27
C ALA N 101 33.48 -42.53 42.59
N LYS N 102 33.73 -42.62 41.30
CA LYS N 102 34.42 -41.57 40.56
C LYS N 102 33.45 -40.85 39.63
N LEU N 103 33.80 -39.60 39.32
CA LEU N 103 32.99 -38.78 38.42
C LEU N 103 33.07 -39.33 37.00
N ALA N 104 31.93 -39.40 36.35
CA ALA N 104 31.89 -39.89 34.97
C ALA N 104 32.39 -38.81 34.02
N PRO N 105 33.18 -39.17 33.01
CA PRO N 105 33.62 -38.19 32.02
C PRO N 105 32.47 -37.75 31.15
N PRO N 106 32.54 -36.56 30.56
CA PRO N 106 31.48 -36.12 29.62
C PRO N 106 31.65 -36.75 28.24
N ALA N 107 31.52 -38.07 28.19
CA ALA N 107 31.72 -38.83 26.95
C ALA N 107 30.43 -38.79 26.15
N LYS N 108 30.35 -37.87 25.20
CA LYS N 108 29.17 -37.71 24.35
C LYS N 108 29.26 -38.51 23.06
N ASN N 109 30.32 -39.29 22.89
CA ASN N 109 30.58 -39.95 21.61
C ASN N 109 31.39 -41.21 21.90
N GLY N 110 31.28 -42.17 20.98
CA GLY N 110 31.96 -43.46 21.16
C GLY N 110 33.47 -43.33 21.23
N TRP N 111 34.05 -42.43 20.42
CA TRP N 111 35.50 -42.24 20.43
C TRP N 111 35.96 -41.72 21.79
N GLN N 112 35.26 -40.73 22.34
CA GLN N 112 35.60 -40.20 23.65
C GLN N 112 35.40 -41.25 24.74
N TRP N 113 34.31 -42.01 24.66
CA TRP N 113 34.05 -43.05 25.67
C TRP N 113 35.12 -44.12 25.64
N TRP N 114 35.55 -44.53 24.45
CA TRP N 114 36.64 -45.51 24.35
C TRP N 114 37.94 -44.93 24.86
N LEU N 115 38.19 -43.64 24.59
CA LEU N 115 39.41 -43.00 25.08
C LEU N 115 39.44 -42.95 26.60
N SER N 116 38.29 -42.74 27.23
CA SER N 116 38.24 -42.67 28.69
C SER N 116 38.50 -44.00 29.38
N GLY N 117 38.65 -45.10 28.63
CA GLY N 117 38.87 -46.40 29.24
C GLY N 117 40.18 -46.49 30.00
N THR N 118 41.25 -45.92 29.44
CA THR N 118 42.55 -45.98 30.08
C THR N 118 43.07 -44.56 30.32
N PRO N 119 43.90 -44.36 31.36
CA PRO N 119 44.44 -43.01 31.61
C PRO N 119 45.31 -42.46 30.50
N TYR N 120 45.97 -43.32 29.72
CA TYR N 120 46.68 -42.83 28.54
C TYR N 120 45.70 -42.23 27.54
N GLY N 121 44.60 -42.93 27.30
CA GLY N 121 43.55 -42.38 26.45
C GLY N 121 42.91 -41.15 27.06
N GLN N 122 42.80 -41.12 28.39
CA GLN N 122 42.26 -39.94 29.06
C GLN N 122 43.16 -38.73 28.86
N GLU N 123 44.48 -38.92 28.99
CA GLU N 123 45.42 -37.83 28.76
C GLU N 123 45.39 -37.38 27.30
N LEU N 124 45.31 -38.33 26.36
CA LEU N 124 45.24 -37.96 24.95
C LEU N 124 43.96 -37.20 24.64
N TRP N 125 42.83 -37.62 25.24
CA TRP N 125 41.57 -36.91 25.07
C TRP N 125 41.66 -35.50 25.64
N ALA N 126 42.30 -35.35 26.79
CA ALA N 126 42.48 -34.02 27.37
C ALA N 126 43.32 -33.12 26.47
N LEU N 127 44.39 -33.67 25.89
CA LEU N 127 45.23 -32.89 25.01
C LEU N 127 44.48 -32.48 23.74
N LEU N 128 43.71 -33.41 23.17
CA LEU N 128 42.91 -33.09 21.98
C LEU N 128 41.88 -32.02 22.29
N SER N 129 41.21 -32.13 23.45
CA SER N 129 40.20 -31.15 23.82
C SER N 129 40.81 -29.78 24.08
N VAL N 130 41.95 -29.73 24.77
CA VAL N 130 42.56 -28.45 25.07
C VAL N 130 43.13 -27.79 23.82
N LYS N 131 43.52 -28.58 22.82
CA LYS N 131 43.99 -27.98 21.57
C LYS N 131 42.86 -27.76 20.57
N ALA N 132 41.67 -28.26 20.83
CA ALA N 132 40.51 -28.02 19.96
C ALA N 132 39.78 -26.77 20.43
N VAL N 133 40.19 -25.61 19.91
CA VAL N 133 39.57 -24.34 20.24
C VAL N 133 39.36 -23.55 18.96
N GLY N 134 38.20 -22.90 18.86
CA GLY N 134 37.95 -22.08 17.71
C GLY N 134 37.50 -22.92 16.53
N GLY N 135 38.45 -23.23 15.65
CA GLY N 135 38.16 -24.08 14.52
C GLY N 135 38.92 -23.66 13.28
N PHE N 136 38.32 -23.88 12.12
CA PHE N 136 38.93 -23.55 10.85
C PHE N 136 37.97 -22.71 10.02
N TYR N 137 38.52 -21.91 9.12
CA TYR N 137 37.73 -21.21 8.11
C TYR N 137 38.30 -21.62 6.75
N ILE N 138 37.57 -22.47 6.04
CA ILE N 138 38.00 -23.04 4.78
C ILE N 138 37.22 -22.38 3.67
N GLY N 139 37.91 -21.99 2.61
CA GLY N 139 37.31 -21.20 1.56
C GLY N 139 37.33 -19.72 1.92
N GLY N 140 36.76 -18.92 1.03
CA GLY N 140 36.76 -17.49 1.24
C GLY N 140 38.06 -16.83 0.84
N LEU N 141 37.96 -15.66 0.24
CA LEU N 141 39.08 -14.90 -0.27
C LEU N 141 39.18 -13.58 0.48
N PRO N 142 40.36 -12.93 0.49
CA PRO N 142 40.47 -11.64 1.19
C PRO N 142 39.69 -10.55 0.49
N GLU N 143 38.36 -10.66 0.52
CA GLU N 143 37.47 -9.79 -0.24
C GLU N 143 37.39 -8.39 0.34
N ARG N 144 37.76 -8.22 1.62
CA ARG N 144 37.78 -6.90 2.23
C ARG N 144 39.00 -6.09 1.85
N ARG N 145 40.03 -6.73 1.26
CA ARG N 145 41.26 -6.04 0.96
C ARG N 145 41.14 -5.12 -0.26
N GLY N 146 40.09 -5.26 -1.06
CA GLY N 146 39.86 -4.33 -2.14
C GLY N 146 38.91 -3.24 -1.73
N PHE N 147 38.67 -3.10 -0.43
CA PHE N 147 37.70 -2.14 0.09
C PHE N 147 38.38 -1.28 1.14
N ARG N 148 38.66 -0.04 0.74
CA ARG N 148 39.24 0.98 1.59
C ARG N 148 38.46 1.15 2.89
N LYS N 149 39.19 1.50 3.96
CA LYS N 149 38.60 1.58 5.29
C LYS N 149 39.10 2.85 5.97
N VAL N 150 38.90 2.91 7.29
CA VAL N 150 39.29 4.09 8.05
C VAL N 150 40.81 4.27 8.04
N GLY N 151 41.23 5.53 7.91
CA GLY N 151 42.65 5.84 7.93
C GLY N 151 43.41 5.43 6.69
N GLY N 152 42.71 5.23 5.57
CA GLY N 152 43.36 4.82 4.34
C GLY N 152 43.98 3.45 4.43
N THR N 153 43.27 2.50 5.01
CA THR N 153 43.77 1.15 5.19
C THR N 153 43.12 0.23 4.17
N PHE N 154 43.95 -0.56 3.50
CA PHE N 154 43.53 -1.49 2.44
C PHE N 154 42.71 -0.77 1.37
N TRP N 155 43.30 0.30 0.83
CA TRP N 155 42.65 1.20 -0.13
C TRP N 155 41.94 0.49 -1.29
N MET O 1 59.72 -19.69 24.94
CA MET O 1 60.30 -20.77 25.73
C MET O 1 60.53 -20.34 27.18
N VAL O 2 60.26 -21.25 28.11
CA VAL O 2 60.45 -21.01 29.53
C VAL O 2 61.39 -22.08 30.06
N ILE O 3 62.48 -21.66 30.71
CA ILE O 3 63.44 -22.60 31.27
C ILE O 3 62.88 -23.15 32.58
N PHE O 4 63.01 -24.45 32.78
CA PHE O 4 62.51 -25.12 33.97
C PHE O 4 63.68 -25.54 34.84
N ASP O 5 63.60 -25.21 36.13
CA ASP O 5 64.67 -25.57 37.10
C ASP O 5 64.09 -26.52 38.14
N GLU O 6 64.94 -27.37 38.73
CA GLU O 6 64.48 -28.30 39.75
C GLU O 6 64.13 -27.60 41.06
N HIS O 7 64.80 -26.48 41.35
CA HIS O 7 64.72 -25.90 42.69
C HIS O 7 63.34 -25.32 42.98
N LYS O 8 62.81 -24.51 42.05
CA LYS O 8 61.51 -23.91 42.25
C LYS O 8 60.41 -24.96 42.32
N PHE O 9 60.49 -25.97 41.45
CA PHE O 9 59.51 -27.05 41.47
C PHE O 9 59.57 -27.82 42.79
N ARG O 10 60.77 -28.10 43.29
CA ARG O 10 60.91 -28.87 44.51
C ARG O 10 60.44 -28.09 45.73
N THR O 11 60.72 -26.79 45.79
CA THR O 11 60.22 -26.02 46.93
C THR O 11 58.72 -25.76 46.80
N LEU O 12 58.19 -25.72 45.58
CA LEU O 12 56.75 -25.58 45.39
C LEU O 12 56.01 -26.83 45.86
N PHE O 13 56.55 -28.01 45.56
CA PHE O 13 55.91 -29.28 45.88
C PHE O 13 56.85 -30.10 46.75
N PRO O 14 56.72 -30.00 48.08
CA PRO O 14 57.61 -30.76 48.97
C PRO O 14 57.47 -32.27 48.83
N GLU O 15 56.34 -32.76 48.33
CA GLU O 15 56.20 -34.19 48.09
C GLU O 15 57.16 -34.68 47.02
N PHE O 16 57.47 -33.83 46.04
CA PHE O 16 58.44 -34.18 45.00
C PHE O 16 59.84 -33.68 45.34
N ALA O 17 60.33 -34.03 46.53
CA ALA O 17 61.61 -33.53 47.00
C ALA O 17 62.76 -34.51 46.84
N ASP O 18 62.49 -35.81 46.82
CA ASP O 18 63.55 -36.80 46.74
C ASP O 18 64.04 -36.91 45.30
N PRO O 19 65.31 -36.61 45.03
CA PRO O 19 65.83 -36.81 43.66
C PRO O 19 65.83 -38.27 43.23
N ALA O 20 66.04 -39.19 44.17
CA ALA O 20 65.97 -40.61 43.84
C ALA O 20 64.58 -41.03 43.41
N ALA O 21 63.55 -40.54 44.10
CA ALA O 21 62.18 -40.88 43.74
C ALA O 21 61.74 -40.16 42.47
N TYR O 22 62.16 -38.90 42.30
CA TYR O 22 61.78 -38.09 41.14
C TYR O 22 63.03 -37.47 40.52
N PRO O 23 63.72 -38.21 39.62
CA PRO O 23 64.91 -37.67 38.96
C PRO O 23 64.70 -36.36 38.22
N ASP O 24 65.79 -35.64 37.95
CA ASP O 24 65.70 -34.36 37.25
C ASP O 24 65.19 -34.53 35.83
N VAL O 25 65.66 -35.58 35.14
CA VAL O 25 65.29 -35.77 33.74
C VAL O 25 63.81 -36.09 33.60
N ARG O 26 63.22 -36.74 34.62
CA ARG O 26 61.78 -37.00 34.61
C ARG O 26 61.00 -35.69 34.66
N LEU O 27 61.40 -34.78 35.56
CA LEU O 27 60.75 -33.48 35.67
C LEU O 27 60.90 -32.68 34.39
N GLN O 28 62.10 -32.70 33.81
CA GLN O 28 62.34 -31.96 32.58
C GLN O 28 61.50 -32.51 31.43
N MET O 29 61.39 -33.84 31.32
CA MET O 29 60.58 -34.46 30.29
C MET O 29 59.11 -34.08 30.45
N TYR O 30 58.61 -34.09 31.69
CA TYR O 30 57.21 -33.71 31.89
C TYR O 30 57.00 -32.23 31.66
N PHE O 31 58.03 -31.40 31.84
CA PHE O 31 57.90 -29.99 31.50
C PHE O 31 57.80 -29.79 29.99
N ASP O 32 58.64 -30.51 29.23
CA ASP O 32 58.54 -30.45 27.77
C ASP O 32 57.18 -30.96 27.30
N ILE O 33 56.61 -31.93 28.02
CA ILE O 33 55.28 -32.42 27.64
C ILE O 33 54.21 -31.37 27.97
N ALA O 34 54.29 -30.75 29.15
CA ALA O 34 53.30 -29.75 29.56
C ALA O 34 53.33 -28.50 28.70
N CYS O 35 54.48 -28.23 28.06
CA CYS O 35 54.56 -27.13 27.10
C CYS O 35 53.57 -27.31 25.96
N GLU O 36 53.20 -28.54 25.64
CA GLU O 36 52.21 -28.75 24.58
C GLU O 36 50.81 -28.34 25.02
N PHE O 37 50.42 -28.71 26.24
CA PHE O 37 49.09 -28.31 26.72
C PHE O 37 48.99 -26.81 26.87
N ILE O 38 49.98 -26.18 27.50
CA ILE O 38 50.03 -24.72 27.56
C ILE O 38 51.31 -24.24 26.90
N SER O 39 51.16 -23.46 25.83
CA SER O 39 52.31 -22.93 25.12
C SER O 39 53.06 -21.94 26.00
N ASP O 40 54.38 -22.12 26.10
CA ASP O 40 55.22 -21.30 26.96
C ASP O 40 55.74 -20.04 26.28
N ARG O 41 55.12 -19.64 25.17
CA ARG O 41 55.46 -18.39 24.50
C ARG O 41 55.06 -17.22 25.41
N ASP O 42 56.04 -16.57 26.02
CA ASP O 42 55.78 -15.49 26.96
C ASP O 42 55.66 -14.19 26.17
N SER O 43 54.53 -13.53 26.29
CA SER O 43 54.27 -12.25 25.64
C SER O 43 53.59 -11.34 26.65
N PRO O 44 53.77 -10.02 26.53
CA PRO O 44 53.12 -9.10 27.47
C PRO O 44 51.66 -8.84 27.16
N TYR O 45 51.16 -9.28 26.01
CA TYR O 45 49.74 -9.13 25.67
C TYR O 45 48.93 -10.36 26.03
N ARG O 46 49.56 -11.43 26.51
CA ARG O 46 48.85 -12.64 26.88
C ARG O 46 48.19 -12.50 28.25
N ILE O 47 47.04 -13.15 28.41
CA ILE O 47 46.39 -13.20 29.71
C ILE O 47 47.20 -14.04 30.68
N LEU O 48 47.72 -15.19 30.24
CA LEU O 48 48.76 -15.91 30.98
C LEU O 48 50.10 -15.30 30.58
N ASN O 49 50.57 -14.35 31.38
CA ASN O 49 51.85 -13.71 31.13
C ASN O 49 52.70 -13.78 32.38
N GLY O 50 53.99 -14.10 32.17
CA GLY O 50 54.94 -14.12 33.27
C GLY O 50 54.61 -15.17 34.31
N LYS O 51 54.66 -14.73 35.58
CA LYS O 51 54.65 -15.64 36.73
C LYS O 51 53.39 -16.50 36.78
N ALA O 52 52.26 -15.95 36.33
CA ALA O 52 51.04 -16.76 36.25
C ALA O 52 51.21 -17.91 35.27
N LEU O 53 51.80 -17.63 34.10
CA LEU O 53 52.03 -18.67 33.11
C LEU O 53 53.01 -19.73 33.62
N GLU O 54 54.09 -19.30 34.28
CA GLU O 54 55.02 -20.27 34.84
C GLU O 54 54.37 -21.12 35.92
N ALA O 55 53.52 -20.50 36.76
CA ALA O 55 52.82 -21.26 37.78
C ALA O 55 51.87 -22.28 37.17
N CYS O 56 51.20 -21.90 36.07
CA CYS O 56 50.31 -22.82 35.38
C CYS O 56 51.08 -24.03 34.83
N LEU O 57 52.23 -23.77 34.21
CA LEU O 57 53.05 -24.84 33.68
C LEU O 57 53.56 -25.76 34.79
N TYR O 58 53.98 -25.17 35.91
CA TYR O 58 54.46 -25.98 37.03
C TYR O 58 53.36 -26.84 37.62
N LEU O 59 52.15 -26.29 37.73
CA LEU O 59 51.01 -27.08 38.21
C LEU O 59 50.70 -28.23 37.28
N LEU O 60 50.77 -28.01 35.97
CA LEU O 60 50.50 -29.12 35.06
C LEU O 60 51.59 -30.19 35.14
N THR O 61 52.84 -29.78 35.35
CA THR O 61 53.89 -30.78 35.52
C THR O 61 53.64 -31.61 36.76
N ALA O 62 53.19 -30.97 37.84
CA ALA O 62 52.82 -31.71 39.04
C ALA O 62 51.67 -32.69 38.77
N HIS O 63 50.69 -32.26 37.97
CA HIS O 63 49.59 -33.14 37.56
C HIS O 63 50.11 -34.38 36.84
N LEU O 64 50.95 -34.18 35.82
CA LEU O 64 51.46 -35.30 35.04
C LEU O 64 52.33 -36.21 35.89
N LEU O 65 53.15 -35.63 36.77
CA LEU O 65 53.98 -36.43 37.67
C LEU O 65 53.14 -37.25 38.62
N SER O 66 52.01 -36.69 39.09
CA SER O 66 51.12 -37.45 39.98
C SER O 66 50.51 -38.64 39.25
N LEU O 67 50.07 -38.45 38.00
CA LEU O 67 49.58 -39.59 37.22
C LEU O 67 50.68 -40.64 37.02
N SER O 68 51.90 -40.17 36.73
CA SER O 68 52.99 -41.11 36.48
C SER O 68 53.35 -41.91 37.72
N THR O 69 53.38 -41.26 38.89
CA THR O 69 53.70 -42.00 40.10
C THR O 69 52.57 -42.92 40.49
N MET O 70 51.31 -42.55 40.18
CA MET O 70 50.20 -43.47 40.34
C MET O 70 50.42 -44.73 39.52
N GLN O 71 50.83 -44.58 38.27
CA GLN O 71 51.04 -45.74 37.41
C GLN O 71 52.20 -46.60 37.87
N VAL O 72 53.36 -45.99 38.14
CA VAL O 72 54.54 -46.78 38.50
C VAL O 72 54.36 -47.47 39.84
N GLN O 73 53.85 -46.76 40.86
CA GLN O 73 53.70 -47.39 42.16
C GLN O 73 52.58 -48.42 42.16
N GLY O 74 51.44 -48.11 41.56
CA GLY O 74 50.32 -49.04 41.53
C GLY O 74 49.33 -48.76 42.65
N ALA O 75 49.11 -49.75 43.52
CA ALA O 75 49.69 -51.10 43.50
C ALA O 75 48.60 -52.15 43.71
N ALA O 76 48.66 -53.22 42.91
CA ALA O 76 47.68 -54.31 43.05
C ALA O 76 48.20 -55.41 43.96
N GLY O 77 49.31 -56.05 43.59
CA GLY O 77 49.91 -57.09 44.40
C GLY O 77 51.41 -56.93 44.49
N GLY O 78 51.87 -55.69 44.46
CA GLY O 78 53.29 -55.38 44.42
C GLY O 78 53.80 -54.92 43.08
N GLY O 79 52.97 -54.26 42.28
CA GLY O 79 53.40 -53.84 40.96
C GLY O 79 52.27 -53.14 40.23
N VAL O 80 52.43 -53.04 38.92
CA VAL O 80 51.45 -52.37 38.06
C VAL O 80 50.49 -53.42 37.50
N THR O 81 49.20 -53.16 37.63
CA THR O 81 48.18 -54.07 37.12
C THR O 81 48.02 -53.88 35.60
N ALA O 82 47.22 -54.76 35.01
CA ALA O 82 46.98 -54.72 33.58
C ALA O 82 46.05 -53.58 33.23
N GLY O 83 46.50 -52.71 32.33
CA GLY O 83 45.73 -51.55 31.93
C GLY O 83 45.85 -50.36 32.85
N GLY O 84 46.61 -50.47 33.93
CA GLY O 84 46.86 -49.35 34.81
C GLY O 84 45.66 -48.89 35.62
N THR O 85 45.86 -47.83 36.41
CA THR O 85 44.80 -47.24 37.21
C THR O 85 44.41 -45.89 36.62
N GLN O 86 43.11 -45.67 36.48
CA GLN O 86 42.61 -44.47 35.82
C GLN O 86 42.45 -43.33 36.81
N GLY O 87 42.56 -42.11 36.30
CA GLY O 87 42.41 -40.93 37.12
C GLY O 87 40.96 -40.56 37.35
N GLY O 88 40.66 -39.26 37.35
CA GLY O 88 39.31 -38.80 37.60
C GLY O 88 39.08 -38.45 39.06
N PHE O 89 38.08 -37.60 39.27
CA PHE O 89 37.78 -37.11 40.61
C PHE O 89 37.00 -38.14 41.41
N ILE O 90 37.45 -38.40 42.63
CA ILE O 90 36.77 -39.33 43.54
C ILE O 90 35.56 -38.61 44.10
N THR O 91 34.37 -38.91 43.56
CA THR O 91 33.14 -38.29 44.06
C THR O 91 32.81 -38.80 45.45
N SER O 92 32.93 -40.10 45.67
CA SER O 92 32.58 -40.70 46.95
C SER O 92 33.53 -41.86 47.25
N ALA O 93 33.96 -41.95 48.51
CA ALA O 93 34.84 -43.01 48.94
C ALA O 93 34.34 -43.56 50.27
N THR O 94 34.75 -44.80 50.57
CA THR O 94 34.35 -45.45 51.81
C THR O 94 35.42 -46.45 52.20
N VAL O 95 36.04 -46.24 53.36
CA VAL O 95 37.02 -47.16 53.92
C VAL O 95 36.55 -47.54 55.31
N GLY O 96 36.27 -48.83 55.51
CA GLY O 96 35.80 -49.29 56.81
C GLY O 96 34.49 -48.62 57.18
N GLU O 97 34.45 -48.05 58.39
CA GLU O 97 33.29 -47.30 58.86
C GLU O 97 33.28 -45.86 58.38
N VAL O 98 34.37 -45.39 57.78
CA VAL O 98 34.48 -44.00 57.36
C VAL O 98 33.96 -43.87 55.94
N SER O 99 33.11 -42.87 55.70
CA SER O 99 32.60 -42.59 54.36
C SER O 99 32.68 -41.10 54.10
N VAL O 100 33.05 -40.75 52.86
CA VAL O 100 33.18 -39.35 52.44
C VAL O 100 32.48 -39.20 51.10
N ALA O 101 31.73 -38.11 50.95
CA ALA O 101 31.04 -37.80 49.70
C ALA O 101 31.31 -36.33 49.37
N LYS O 102 32.01 -36.09 48.27
CA LYS O 102 32.43 -34.75 47.88
C LYS O 102 31.60 -34.23 46.71
N LEU O 103 31.51 -32.91 46.63
CA LEU O 103 30.80 -32.26 45.53
C LEU O 103 31.56 -32.50 44.22
N ALA O 104 30.81 -32.79 43.16
CA ALA O 104 31.43 -33.03 41.87
C ALA O 104 31.80 -31.69 41.22
N PRO O 105 32.94 -31.63 40.54
CA PRO O 105 33.31 -30.41 39.80
C PRO O 105 32.40 -30.21 38.61
N PRO O 106 32.23 -28.98 38.14
CA PRO O 106 31.41 -28.74 36.93
C PRO O 106 32.20 -29.01 35.64
N ALA O 107 32.71 -30.24 35.52
CA ALA O 107 33.52 -30.63 34.38
C ALA O 107 32.60 -30.90 33.20
N LYS O 108 32.54 -29.93 32.27
CA LYS O 108 31.73 -30.06 31.07
C LYS O 108 32.56 -30.49 29.87
N ASN O 109 33.83 -30.82 30.07
CA ASN O 109 34.75 -31.10 28.98
C ASN O 109 35.81 -32.08 29.47
N GLY O 110 36.37 -32.84 28.52
CA GLY O 110 37.37 -33.84 28.88
C GLY O 110 38.62 -33.23 29.50
N TRP O 111 39.04 -32.08 28.99
CA TRP O 111 40.21 -31.39 29.54
C TRP O 111 39.96 -30.98 30.99
N GLN O 112 38.78 -30.42 31.26
CA GLN O 112 38.43 -30.01 32.62
C GLN O 112 38.33 -31.22 33.55
N TRP O 113 37.76 -32.33 33.06
CA TRP O 113 37.64 -33.53 33.87
C TRP O 113 39.02 -34.11 34.20
N TRP O 114 39.90 -34.17 33.21
CA TRP O 114 41.25 -34.67 33.44
C TRP O 114 42.01 -33.78 34.41
N LEU O 115 41.80 -32.46 34.31
CA LEU O 115 42.42 -31.55 35.27
C LEU O 115 41.90 -31.78 36.67
N SER O 116 40.58 -31.89 36.82
CA SER O 116 39.98 -32.10 38.14
C SER O 116 40.34 -33.47 38.71
N GLY O 117 40.85 -34.39 37.88
CA GLY O 117 41.29 -35.67 38.39
C GLY O 117 42.31 -35.62 39.50
N THR O 118 43.18 -34.61 39.51
CA THR O 118 44.21 -34.46 40.52
C THR O 118 44.15 -33.07 41.14
N PRO O 119 44.56 -32.93 42.41
CA PRO O 119 44.52 -31.61 43.06
C PRO O 119 45.40 -30.55 42.40
N TYR O 120 46.57 -30.92 41.86
CA TYR O 120 47.36 -29.95 41.12
C TYR O 120 46.63 -29.47 39.88
N GLY O 121 46.03 -30.40 39.15
CA GLY O 121 45.20 -30.02 38.01
C GLY O 121 44.00 -29.20 38.41
N GLN O 122 43.47 -29.42 39.62
CA GLN O 122 42.38 -28.59 40.11
C GLN O 122 42.82 -27.14 40.30
N GLU O 123 44.01 -26.93 40.88
CA GLU O 123 44.53 -25.58 41.02
C GLU O 123 44.81 -24.95 39.66
N LEU O 124 45.33 -25.74 38.72
CA LEU O 124 45.56 -25.25 37.37
C LEU O 124 44.25 -24.83 36.71
N TRP O 125 43.20 -25.65 36.86
CA TRP O 125 41.89 -25.34 36.31
C TRP O 125 41.33 -24.07 36.94
N ALA O 126 41.51 -23.91 38.25
CA ALA O 126 41.03 -22.72 38.92
C ALA O 126 41.75 -21.47 38.42
N LEU O 127 43.07 -21.56 38.22
CA LEU O 127 43.83 -20.43 37.71
C LEU O 127 43.39 -20.07 36.30
N LEU O 128 43.22 -21.08 35.44
CA LEU O 128 42.78 -20.82 34.07
C LEU O 128 41.39 -20.20 34.04
N SER O 129 40.47 -20.71 34.86
CA SER O 129 39.12 -20.15 34.89
C SER O 129 39.11 -18.73 35.42
N VAL O 130 39.87 -18.46 36.48
CA VAL O 130 39.86 -17.11 37.05
C VAL O 130 40.55 -16.12 36.12
N LYS O 131 41.50 -16.56 35.30
CA LYS O 131 42.04 -15.67 34.30
C LYS O 131 41.18 -15.61 33.04
N ALA O 132 40.26 -16.54 32.86
CA ALA O 132 39.40 -16.57 31.67
C ALA O 132 38.10 -15.82 31.94
N VAL O 133 38.21 -14.50 31.95
CA VAL O 133 37.06 -13.62 32.13
C VAL O 133 37.08 -12.57 31.03
N GLY O 134 35.92 -12.33 30.42
CA GLY O 134 35.83 -11.40 29.32
C GLY O 134 35.99 -12.08 27.98
N GLY O 135 37.18 -11.97 27.40
CA GLY O 135 37.47 -12.59 26.12
C GLY O 135 38.33 -11.67 25.28
N PHE O 136 38.45 -12.00 24.00
CA PHE O 136 39.25 -11.23 23.06
C PHE O 136 38.34 -10.50 22.09
N TYR O 137 38.98 -9.83 21.13
CA TYR O 137 38.25 -9.23 20.01
C TYR O 137 39.23 -9.13 18.85
N ILE O 138 39.04 -9.97 17.83
CA ILE O 138 39.95 -10.07 16.70
C ILE O 138 39.39 -9.26 15.55
N GLY O 139 40.29 -8.66 14.76
CA GLY O 139 39.85 -7.80 13.69
C GLY O 139 39.36 -6.47 14.22
N GLY O 140 38.67 -5.74 13.33
CA GLY O 140 38.13 -4.45 13.71
C GLY O 140 39.16 -3.34 13.70
N LEU O 141 38.75 -2.15 13.28
CA LEU O 141 39.59 -0.98 13.18
C LEU O 141 38.92 0.17 13.90
N PRO O 142 39.67 1.20 14.33
CA PRO O 142 39.05 2.33 15.03
C PRO O 142 38.15 3.16 14.12
N GLU O 143 36.97 2.61 13.82
CA GLU O 143 36.05 3.29 12.91
C GLU O 143 35.50 4.56 13.53
N ARG O 144 35.28 4.57 14.84
CA ARG O 144 34.66 5.72 15.50
C ARG O 144 35.57 6.94 15.53
N ARG O 145 36.87 6.76 15.34
CA ARG O 145 37.80 7.89 15.44
C ARG O 145 37.68 8.84 14.27
N GLY O 146 36.97 8.48 13.21
CA GLY O 146 36.73 9.35 12.09
C GLY O 146 35.44 10.14 12.14
N PHE O 147 34.69 10.04 13.23
CA PHE O 147 33.39 10.70 13.33
C PHE O 147 33.36 11.55 14.59
N ARG O 148 32.98 12.82 14.42
CA ARG O 148 32.95 13.75 15.53
C ARG O 148 31.89 13.35 16.56
N LYS O 149 32.13 13.74 17.81
CA LYS O 149 31.34 13.29 18.94
C LYS O 149 31.14 14.47 19.90
N VAL O 150 30.53 14.18 21.05
CA VAL O 150 30.24 15.22 22.03
C VAL O 150 31.53 15.81 22.60
N GLY O 151 31.53 17.12 22.78
CA GLY O 151 32.65 17.80 23.41
C GLY O 151 33.89 17.93 22.56
N GLY O 152 33.76 17.85 21.24
CA GLY O 152 34.91 17.93 20.37
C GLY O 152 35.87 16.78 20.57
N THR O 153 35.33 15.57 20.63
CA THR O 153 36.12 14.38 20.91
C THR O 153 36.19 13.53 19.65
N PHE O 154 37.41 13.16 19.26
CA PHE O 154 37.68 12.33 18.09
C PHE O 154 37.02 12.91 16.84
N TRP O 155 37.40 14.13 16.49
CA TRP O 155 36.78 14.86 15.38
C TRP O 155 36.87 14.10 14.06
N MET P 1 51.37 -3.22 43.78
CA MET P 1 52.02 -4.23 44.62
C MET P 1 51.62 -4.05 46.08
N VAL P 2 51.42 -5.17 46.77
CA VAL P 2 51.09 -5.19 48.20
C VAL P 2 52.13 -6.03 48.91
N ILE P 3 52.77 -5.46 49.92
CA ILE P 3 53.78 -6.18 50.68
C ILE P 3 53.09 -7.12 51.66
N PHE P 4 53.69 -8.28 51.88
CA PHE P 4 53.12 -9.30 52.75
C PHE P 4 53.94 -9.37 54.03
N ASP P 5 53.28 -8.99 55.14
CA ASP P 5 53.93 -9.13 56.46
C ASP P 5 53.45 -10.44 57.06
N GLU P 6 54.02 -10.86 58.19
CA GLU P 6 53.65 -12.11 58.83
C GLU P 6 52.89 -11.91 60.13
N HIS P 7 53.02 -10.76 60.79
CA HIS P 7 52.31 -10.50 62.04
C HIS P 7 50.80 -10.51 61.80
N LYS P 8 50.34 -9.76 60.80
CA LYS P 8 48.91 -9.70 60.50
C LYS P 8 48.38 -11.08 60.10
N PHE P 9 49.13 -11.81 59.27
CA PHE P 9 48.69 -13.12 58.82
C PHE P 9 48.60 -14.10 59.99
N ARG P 10 49.59 -14.11 60.87
CA ARG P 10 49.60 -15.08 61.96
C ARG P 10 48.58 -14.73 63.04
N THR P 11 48.30 -13.45 63.26
CA THR P 11 47.23 -13.11 64.19
C THR P 11 45.84 -13.33 63.56
N LEU P 12 45.73 -13.19 62.24
CA LEU P 12 44.45 -13.43 61.58
C LEU P 12 44.13 -14.91 61.47
N PHE P 13 45.16 -15.76 61.35
CA PHE P 13 44.99 -17.21 61.27
C PHE P 13 45.83 -17.85 62.35
N PRO P 14 45.26 -18.02 63.55
CA PRO P 14 46.03 -18.60 64.67
C PRO P 14 46.53 -20.01 64.42
N GLU P 15 45.85 -20.79 63.57
CA GLU P 15 46.35 -22.14 63.27
C GLU P 15 47.69 -22.11 62.55
N PHE P 16 47.99 -21.04 61.82
CA PHE P 16 49.30 -20.88 61.20
C PHE P 16 50.24 -20.05 62.08
N ALA P 17 50.40 -20.46 63.34
CA ALA P 17 51.22 -19.68 64.28
C ALA P 17 52.64 -20.18 64.41
N ASP P 18 52.88 -21.48 64.23
CA ASP P 18 54.20 -22.04 64.47
C ASP P 18 55.12 -21.77 63.30
N PRO P 19 56.22 -21.04 63.50
CA PRO P 19 57.17 -20.85 62.39
C PRO P 19 57.81 -22.14 61.92
N ALA P 20 58.04 -23.10 62.82
CA ALA P 20 58.61 -24.37 62.43
C ALA P 20 57.68 -25.14 61.49
N ALA P 21 56.38 -25.12 61.78
CA ALA P 21 55.42 -25.80 60.93
C ALA P 21 55.17 -25.03 59.64
N TYR P 22 55.17 -23.69 59.71
CA TYR P 22 54.90 -22.84 58.55
C TYR P 22 55.99 -21.77 58.44
N PRO P 23 57.12 -22.09 57.76
CA PRO P 23 58.21 -21.11 57.59
C PRO P 23 57.80 -19.77 56.98
N ASP P 24 58.69 -18.79 57.11
CA ASP P 24 58.44 -17.47 56.52
C ASP P 24 58.41 -17.53 55.00
N VAL P 25 59.41 -18.17 54.40
CA VAL P 25 59.54 -18.19 52.95
C VAL P 25 58.38 -18.93 52.31
N ARG P 26 57.78 -19.89 53.02
CA ARG P 26 56.63 -20.61 52.49
C ARG P 26 55.43 -19.69 52.35
N LEU P 27 55.16 -18.91 53.41
CA LEU P 27 54.07 -17.94 53.37
C LEU P 27 54.33 -16.87 52.31
N GLN P 28 55.57 -16.41 52.20
CA GLN P 28 55.91 -15.42 51.19
C GLN P 28 55.69 -15.96 49.78
N MET P 29 56.13 -17.19 49.53
CA MET P 29 55.95 -17.80 48.21
C MET P 29 54.48 -17.99 47.89
N TYR P 30 53.67 -18.39 48.87
CA TYR P 30 52.26 -18.58 48.59
C TYR P 30 51.54 -17.25 48.40
N PHE P 31 52.02 -16.17 49.04
CA PHE P 31 51.48 -14.85 48.72
C PHE P 31 51.83 -14.44 47.30
N ASP P 32 53.07 -14.71 46.87
CA ASP P 32 53.44 -14.41 45.49
C ASP P 32 52.59 -15.20 44.51
N ILE P 33 52.24 -16.43 44.86
CA ILE P 33 51.37 -17.24 44.00
C ILE P 33 49.96 -16.66 43.98
N ALA P 34 49.43 -16.29 45.15
CA ALA P 34 48.08 -15.74 45.23
C ALA P 34 47.94 -14.41 44.49
N CYS P 35 49.05 -13.67 44.37
CA CYS P 35 49.05 -12.46 43.55
C CYS P 35 48.72 -12.77 42.09
N GLU P 36 49.00 -13.99 41.64
CA GLU P 36 48.68 -14.35 40.25
C GLU P 36 47.18 -14.51 40.06
N PHE P 37 46.50 -15.17 41.01
CA PHE P 37 45.05 -15.33 40.92
C PHE P 37 44.35 -13.98 41.05
N ILE P 38 44.66 -13.22 42.09
CA ILE P 38 44.06 -11.90 42.29
C ILE P 38 45.14 -10.84 42.15
N SER P 39 44.97 -9.95 41.19
CA SER P 39 45.94 -8.89 40.95
C SER P 39 45.98 -7.92 42.13
N ASP P 40 47.17 -7.69 42.67
CA ASP P 40 47.36 -6.84 43.83
C ASP P 40 47.62 -5.39 43.45
N ARG P 41 47.41 -5.01 42.19
CA ARG P 41 47.47 -3.61 41.78
C ARG P 41 46.39 -2.83 42.48
N ASP P 42 46.77 -1.97 43.42
CA ASP P 42 45.81 -1.24 44.25
C ASP P 42 45.50 0.08 43.54
N SER P 43 44.21 0.33 43.33
CA SER P 43 43.73 1.54 42.71
C SER P 43 42.48 1.99 43.45
N PRO P 44 42.20 3.30 43.50
CA PRO P 44 41.00 3.76 44.21
C PRO P 44 39.72 3.60 43.43
N TYR P 45 39.78 3.23 42.15
CA TYR P 45 38.59 2.99 41.35
C TYR P 45 38.21 1.51 41.29
N ARG P 46 39.01 0.63 41.84
CA ARG P 46 38.72 -0.80 41.83
C ARG P 46 37.59 -1.13 42.80
N ILE P 47 36.83 -2.18 42.47
CA ILE P 47 35.83 -2.68 43.40
C ILE P 47 36.51 -3.26 44.63
N LEU P 48 37.56 -4.05 44.43
CA LEU P 48 38.42 -4.52 45.52
C LEU P 48 39.55 -3.51 45.70
N ASN P 49 39.47 -2.72 46.76
CA ASN P 49 40.47 -1.69 47.01
C ASN P 49 40.87 -1.68 48.49
N GLY P 50 42.16 -1.50 48.72
CA GLY P 50 42.66 -1.38 50.09
C GLY P 50 42.48 -2.65 50.90
N LYS P 51 41.84 -2.49 52.06
CA LYS P 51 41.76 -3.58 53.03
C LYS P 51 40.95 -4.77 52.50
N ALA P 52 39.94 -4.51 51.66
CA ALA P 52 39.19 -5.62 51.06
C ALA P 52 40.09 -6.47 50.16
N LEU P 53 40.89 -5.82 49.31
CA LEU P 53 41.82 -6.54 48.46
C LEU P 53 42.88 -7.28 49.27
N GLU P 54 43.39 -6.63 50.33
CA GLU P 54 44.38 -7.27 51.19
C GLU P 54 43.80 -8.52 51.87
N ALA P 55 42.57 -8.42 52.38
CA ALA P 55 41.93 -9.57 52.99
C ALA P 55 41.68 -10.68 51.99
N CYS P 56 41.30 -10.32 50.75
CA CYS P 56 41.10 -11.32 49.71
C CYS P 56 42.40 -12.07 49.44
N LEU P 57 43.49 -11.32 49.29
CA LEU P 57 44.78 -11.95 49.02
C LEU P 57 45.21 -12.86 50.17
N TYR P 58 45.08 -12.37 51.42
CA TYR P 58 45.48 -13.17 52.58
C TYR P 58 44.65 -14.44 52.70
N LEU P 59 43.34 -14.35 52.43
CA LEU P 59 42.49 -15.53 52.44
C LEU P 59 42.93 -16.54 51.38
N LEU P 60 43.32 -16.05 50.21
CA LEU P 60 43.78 -16.97 49.16
C LEU P 60 45.09 -17.67 49.56
N THR P 61 46.03 -16.93 50.16
CA THR P 61 47.25 -17.59 50.65
C THR P 61 46.93 -18.62 51.73
N ALA P 62 45.96 -18.31 52.59
CA ALA P 62 45.53 -19.30 53.59
C ALA P 62 44.97 -20.54 52.92
N HIS P 63 44.16 -20.37 51.87
CA HIS P 63 43.62 -21.49 51.10
C HIS P 63 44.74 -22.35 50.52
N LEU P 64 45.70 -21.71 49.85
CA LEU P 64 46.80 -22.44 49.23
C LEU P 64 47.66 -23.15 50.27
N LEU P 65 47.95 -22.49 51.39
CA LEU P 65 48.74 -23.10 52.45
C LEU P 65 48.03 -24.29 53.07
N SER P 66 46.70 -24.18 53.27
CA SER P 66 45.95 -25.31 53.82
C SER P 66 45.99 -26.51 52.88
N LEU P 67 45.80 -26.27 51.57
CA LEU P 67 45.90 -27.36 50.61
C LEU P 67 47.29 -27.99 50.61
N SER P 68 48.33 -27.16 50.66
CA SER P 68 49.70 -27.67 50.64
C SER P 68 50.03 -28.47 51.89
N THR P 69 49.61 -28.00 53.07
CA THR P 69 49.87 -28.75 54.28
C THR P 69 49.05 -30.04 54.33
N MET P 70 47.86 -30.04 53.71
CA MET P 70 47.12 -31.29 53.55
C MET P 70 47.91 -32.27 52.69
N GLN P 71 48.50 -31.78 51.60
CA GLN P 71 49.32 -32.61 50.73
C GLN P 71 50.51 -33.20 51.49
N VAL P 72 51.19 -32.36 52.26
CA VAL P 72 52.41 -32.77 52.93
C VAL P 72 52.11 -33.78 54.03
N GLN P 73 51.11 -33.50 54.87
CA GLN P 73 50.80 -34.41 55.96
C GLN P 73 50.21 -35.73 55.46
N GLY P 74 49.30 -35.66 54.50
CA GLY P 74 48.68 -36.89 53.98
C GLY P 74 47.35 -37.20 54.70
N ALA P 75 47.30 -38.35 55.36
CA ALA P 75 48.33 -39.38 55.49
C ALA P 75 47.76 -40.76 55.18
N ALA P 76 48.53 -41.57 54.46
CA ALA P 76 48.12 -42.94 54.15
C ALA P 76 48.71 -43.94 55.15
N GLY P 77 50.03 -44.03 55.22
CA GLY P 77 50.69 -44.91 56.16
C GLY P 77 51.87 -44.23 56.82
N GLY P 78 51.75 -42.93 57.03
CA GLY P 78 52.83 -42.12 57.53
C GLY P 78 53.54 -41.27 56.51
N GLY P 79 52.85 -40.81 55.48
CA GLY P 79 53.48 -40.04 54.43
C GLY P 79 52.47 -39.62 53.39
N VAL P 80 52.98 -39.23 52.23
CA VAL P 80 52.15 -38.79 51.11
C VAL P 80 51.86 -39.97 50.20
N THR P 81 50.58 -40.17 49.89
CA THR P 81 50.19 -41.24 48.99
C THR P 81 50.44 -40.85 47.54
N ALA P 82 50.35 -41.84 46.65
CA ALA P 82 50.58 -41.60 45.24
C ALA P 82 49.47 -40.75 44.66
N GLY P 83 49.86 -39.66 43.99
CA GLY P 83 48.91 -38.76 43.37
C GLY P 83 48.30 -37.74 44.31
N GLY P 84 48.71 -37.72 45.57
CA GLY P 84 48.19 -36.75 46.51
C GLY P 84 46.74 -36.99 46.87
N THR P 85 46.20 -36.05 47.64
CA THR P 85 44.80 -36.07 48.07
C THR P 85 44.08 -34.87 47.48
N GLN P 86 42.91 -35.11 46.89
CA GLN P 86 42.18 -34.07 46.21
C GLN P 86 41.36 -33.24 47.18
N GLY P 87 41.07 -32.00 46.77
CA GLY P 87 40.30 -31.09 47.60
C GLY P 87 38.81 -31.24 47.37
N GLY P 88 38.11 -30.13 47.19
CA GLY P 88 36.68 -30.13 47.00
C GLY P 88 35.91 -30.07 48.30
N PHE P 89 34.63 -29.74 48.19
CA PHE P 89 33.77 -29.59 49.36
C PHE P 89 33.18 -30.93 49.73
N ILE P 90 33.32 -31.31 51.00
CA ILE P 90 32.78 -32.56 51.52
C ILE P 90 31.28 -32.36 51.71
N THR P 91 30.47 -32.87 50.79
CA THR P 91 29.02 -32.76 50.90
C THR P 91 28.51 -33.60 52.07
N SER P 92 28.97 -34.84 52.18
CA SER P 92 28.51 -35.75 53.23
C SER P 92 29.69 -36.56 53.76
N ALA P 93 29.72 -36.73 55.07
CA ALA P 93 30.75 -37.52 55.73
C ALA P 93 30.08 -38.41 56.77
N THR P 94 30.77 -39.49 57.12
CA THR P 94 30.25 -40.43 58.12
C THR P 94 31.43 -41.10 58.80
N VAL P 95 31.51 -40.95 60.12
CA VAL P 95 32.53 -41.59 60.93
C VAL P 95 31.83 -42.33 62.06
N GLY P 96 32.02 -43.65 62.11
CA GLY P 96 31.38 -44.45 63.14
C GLY P 96 29.87 -44.35 63.05
N GLU P 97 29.24 -44.01 64.17
CA GLU P 97 27.81 -43.79 64.22
C GLU P 97 27.42 -42.37 63.88
N VAL P 98 28.38 -41.46 63.76
CA VAL P 98 28.10 -40.05 63.47
C VAL P 98 28.06 -39.85 61.97
N SER P 99 27.09 -39.05 61.51
CA SER P 99 26.96 -38.75 60.10
C SER P 99 26.58 -37.28 59.94
N VAL P 100 27.15 -36.66 58.90
CA VAL P 100 26.94 -35.24 58.60
C VAL P 100 26.64 -35.13 57.11
N ALA P 101 25.68 -34.27 56.77
CA ALA P 101 25.31 -34.04 55.36
C ALA P 101 25.12 -32.54 55.18
N LYS P 102 26.09 -31.89 54.54
CA LYS P 102 26.08 -30.45 54.38
C LYS P 102 25.49 -30.06 53.03
N LEU P 103 25.08 -28.79 52.92
CA LEU P 103 24.52 -28.26 51.69
C LEU P 103 25.64 -27.96 50.69
N ALA P 104 25.41 -28.34 49.43
CA ALA P 104 26.40 -28.11 48.40
C ALA P 104 26.40 -26.64 47.98
N PRO P 105 27.58 -26.03 47.81
CA PRO P 105 27.64 -24.65 47.33
C PRO P 105 27.17 -24.55 45.89
N PRO P 106 26.69 -23.39 45.47
CA PRO P 106 26.33 -23.22 44.04
C PRO P 106 27.55 -22.99 43.17
N ALA P 107 28.38 -24.02 43.07
CA ALA P 107 29.64 -23.94 42.32
C ALA P 107 29.35 -24.24 40.86
N LYS P 108 29.11 -23.19 40.09
CA LYS P 108 28.83 -23.32 38.66
C LYS P 108 30.09 -23.23 37.82
N ASN P 109 31.26 -23.08 38.43
CA ASN P 109 32.49 -22.85 37.69
C ASN P 109 33.62 -23.49 38.50
N GLY P 110 34.68 -23.89 37.77
CA GLY P 110 35.80 -24.55 38.41
C GLY P 110 36.50 -23.70 39.45
N TRP P 111 36.58 -22.39 39.21
CA TRP P 111 37.20 -21.49 40.18
C TRP P 111 36.42 -21.47 41.49
N GLN P 112 35.09 -21.39 41.40
CA GLN P 112 34.26 -21.41 42.60
C GLN P 112 34.34 -22.76 43.30
N TRP P 113 34.34 -23.84 42.52
CA TRP P 113 34.42 -25.18 43.12
C TRP P 113 35.73 -25.38 43.85
N TRP P 114 36.85 -24.91 43.26
CA TRP P 114 38.14 -25.00 43.93
C TRP P 114 38.17 -24.13 45.18
N LEU P 115 37.57 -22.94 45.11
CA LEU P 115 37.52 -22.06 46.27
C LEU P 115 36.74 -22.69 47.42
N SER P 116 35.66 -23.41 47.11
CA SER P 116 34.83 -24.01 48.14
C SER P 116 35.52 -25.15 48.88
N GLY P 117 36.68 -25.60 48.41
CA GLY P 117 37.34 -26.74 49.04
C GLY P 117 37.75 -26.50 50.48
N THR P 118 38.22 -25.29 50.78
CA THR P 118 38.62 -24.95 52.13
C THR P 118 37.87 -23.73 52.62
N PRO P 119 37.61 -23.62 53.92
CA PRO P 119 36.83 -22.48 54.43
C PRO P 119 37.46 -21.12 54.20
N TYR P 120 38.80 -21.04 54.11
CA TYR P 120 39.42 -19.78 53.72
C TYR P 120 38.98 -19.38 52.32
N GLY P 121 39.00 -20.33 51.39
CA GLY P 121 38.49 -20.07 50.06
C GLY P 121 37.00 -19.79 50.04
N GLN P 122 36.25 -20.41 50.95
CA GLN P 122 34.83 -20.12 51.05
C GLN P 122 34.59 -18.68 51.47
N GLU P 123 35.35 -18.19 52.46
CA GLU P 123 35.24 -16.79 52.87
C GLU P 123 35.67 -15.85 51.75
N LEU P 124 36.73 -16.21 51.03
CA LEU P 124 37.18 -15.41 49.89
C LEU P 124 36.10 -15.33 48.81
N TRP P 125 35.47 -16.48 48.51
CA TRP P 125 34.39 -16.50 47.53
C TRP P 125 33.21 -15.66 48.00
N ALA P 126 32.89 -15.72 49.28
CA ALA P 126 31.81 -14.90 49.83
C ALA P 126 32.11 -13.42 49.68
N LEU P 127 33.35 -13.02 49.96
CA LEU P 127 33.74 -11.62 49.82
C LEU P 127 33.66 -11.18 48.36
N LEU P 128 34.15 -12.01 47.45
CA LEU P 128 34.07 -11.68 46.02
C LEU P 128 32.63 -11.54 45.55
N SER P 129 31.77 -12.47 45.96
CA SER P 129 30.37 -12.40 45.55
C SER P 129 29.67 -11.20 46.14
N VAL P 130 29.93 -10.87 47.40
CA VAL P 130 29.28 -9.71 48.01
C VAL P 130 29.79 -8.41 47.41
N LYS P 131 31.03 -8.41 46.91
CA LYS P 131 31.50 -7.21 46.20
C LYS P 131 31.05 -7.19 44.74
N ALA P 132 30.61 -8.32 44.20
CA ALA P 132 30.16 -8.39 42.81
C ALA P 132 28.69 -8.01 42.73
N VAL P 133 28.43 -6.73 42.49
CA VAL P 133 27.08 -6.22 42.26
C VAL P 133 27.11 -5.20 41.14
N GLY P 134 26.14 -5.28 40.24
CA GLY P 134 26.06 -4.29 39.19
C GLY P 134 27.01 -4.62 38.08
N GLY P 135 28.17 -3.97 38.08
CA GLY P 135 29.19 -4.23 37.10
C GLY P 135 29.89 -2.97 36.65
N PHE P 136 30.42 -2.98 35.44
CA PHE P 136 31.17 -1.86 34.90
C PHE P 136 30.51 -1.38 33.62
N TYR P 137 30.81 -0.15 33.24
CA TYR P 137 30.35 0.39 31.97
C TYR P 137 31.55 1.05 31.31
N ILE P 138 32.14 0.36 30.33
CA ILE P 138 33.37 0.79 29.69
C ILE P 138 33.04 1.38 28.33
N GLY P 139 33.64 2.52 28.02
CA GLY P 139 33.28 3.28 26.84
C GLY P 139 32.08 4.17 27.10
N GLY P 140 31.71 4.91 26.07
CA GLY P 140 30.56 5.77 26.17
C GLY P 140 30.89 7.15 26.69
N LEU P 141 30.55 8.17 25.93
CA LEU P 141 30.79 9.57 26.26
C LEU P 141 29.51 10.22 26.76
N PRO P 142 29.61 11.30 27.55
CA PRO P 142 28.38 11.95 28.05
C PRO P 142 27.61 12.67 26.95
N GLU P 143 26.89 11.89 26.13
CA GLU P 143 26.11 12.47 25.05
C GLU P 143 24.95 13.31 25.57
N ARG P 144 24.42 12.97 26.75
CA ARG P 144 23.28 13.69 27.28
C ARG P 144 23.64 15.08 27.78
N ARG P 145 24.92 15.40 27.92
CA ARG P 145 25.31 16.70 28.45
C ARG P 145 25.23 17.80 27.40
N GLY P 146 24.97 17.47 26.14
CA GLY P 146 24.78 18.45 25.10
C GLY P 146 23.35 18.74 24.73
N PHE P 147 22.38 18.23 25.47
CA PHE P 147 20.97 18.40 25.14
C PHE P 147 20.26 19.00 26.35
N ARG P 148 19.52 20.07 26.13
CA ARG P 148 18.85 20.75 27.24
C ARG P 148 17.73 19.88 27.80
N LYS P 149 17.46 20.05 29.09
CA LYS P 149 16.55 19.17 29.81
C LYS P 149 15.65 19.99 30.71
N VAL P 150 14.83 19.29 31.50
CA VAL P 150 13.84 19.94 32.35
C VAL P 150 14.53 20.78 33.42
N GLY P 151 13.99 21.98 33.64
CA GLY P 151 14.54 22.86 34.66
C GLY P 151 15.85 23.49 34.30
N GLY P 152 16.19 23.57 33.01
CA GLY P 152 17.44 24.16 32.60
C GLY P 152 18.65 23.38 33.06
N THR P 153 18.60 22.07 32.91
CA THR P 153 19.71 21.20 33.30
C THR P 153 20.48 20.75 32.08
N PHE P 154 21.80 20.89 32.14
CA PHE P 154 22.72 20.47 31.09
C PHE P 154 22.33 21.07 29.74
N TRP P 155 22.28 22.40 29.68
CA TRP P 155 21.86 23.10 28.46
C TRP P 155 22.62 22.68 27.21
N MET Q 1 7.27 4.96 67.04
CA MET Q 1 7.85 4.20 68.15
C MET Q 1 6.77 3.48 68.95
N VAL Q 2 7.06 2.24 69.36
CA VAL Q 2 6.15 1.45 70.17
C VAL Q 2 6.86 1.08 71.46
N ILE Q 3 6.26 1.41 72.60
CA ILE Q 3 6.83 1.07 73.89
C ILE Q 3 6.58 -0.40 74.17
N PHE Q 4 7.60 -1.10 74.63
CA PHE Q 4 7.51 -2.53 74.93
C PHE Q 4 7.40 -2.73 76.43
N ASP Q 5 6.30 -3.37 76.84
CA ASP Q 5 6.11 -3.72 78.26
C ASP Q 5 6.32 -5.23 78.38
N GLU Q 6 6.70 -5.70 79.56
CA GLU Q 6 6.95 -7.12 79.77
C GLU Q 6 5.71 -7.90 80.21
N HIS Q 7 4.69 -7.22 80.74
CA HIS Q 7 3.52 -7.93 81.23
C HIS Q 7 2.79 -8.64 80.09
N LYS Q 8 2.51 -7.92 79.00
CA LYS Q 8 1.86 -8.52 77.84
C LYS Q 8 2.72 -9.62 77.24
N PHE Q 9 4.02 -9.40 77.14
CA PHE Q 9 4.92 -10.39 76.57
C PHE Q 9 4.96 -11.67 77.40
N ARG Q 10 5.02 -11.54 78.73
CA ARG Q 10 5.14 -12.71 79.58
C ARG Q 10 3.83 -13.48 79.66
N THR Q 11 2.68 -12.79 79.72
CA THR Q 11 1.43 -13.53 79.67
C THR Q 11 1.12 -14.07 78.28
N LEU Q 12 1.71 -13.50 77.23
CA LEU Q 12 1.56 -14.06 75.89
C LEU Q 12 2.43 -15.29 75.68
N PHE Q 13 3.62 -15.32 76.29
CA PHE Q 13 4.55 -16.44 76.14
C PHE Q 13 4.89 -16.95 77.54
N PRO Q 14 4.12 -17.91 78.05
CA PRO Q 14 4.38 -18.45 79.39
C PRO Q 14 5.74 -19.10 79.54
N GLU Q 15 6.34 -19.58 78.45
CA GLU Q 15 7.69 -20.13 78.53
C GLU Q 15 8.70 -19.07 78.97
N PHE Q 16 8.48 -17.82 78.58
CA PHE Q 16 9.35 -16.71 79.00
C PHE Q 16 8.81 -16.02 80.25
N ALA Q 17 8.56 -16.79 81.31
CA ALA Q 17 7.96 -16.25 82.53
C ALA Q 17 8.95 -15.94 83.63
N ASP Q 18 10.08 -16.64 83.67
CA ASP Q 18 11.03 -16.45 84.76
C ASP Q 18 11.90 -15.22 84.51
N PRO Q 19 11.87 -14.22 85.39
CA PRO Q 19 12.79 -13.08 85.24
C PRO Q 19 14.24 -13.49 85.32
N ALA Q 20 14.58 -14.49 86.14
CA ALA Q 20 15.95 -14.96 86.25
C ALA Q 20 16.43 -15.55 84.94
N ALA Q 21 15.58 -16.32 84.26
CA ALA Q 21 15.96 -16.91 82.98
C ALA Q 21 15.95 -15.86 81.87
N TYR Q 22 15.01 -14.93 81.90
CA TYR Q 22 14.86 -13.92 80.85
C TYR Q 22 14.76 -12.54 81.49
N PRO Q 23 15.90 -11.89 81.75
CA PRO Q 23 15.90 -10.59 82.43
C PRO Q 23 15.15 -9.51 81.66
N ASP Q 24 15.02 -8.34 82.33
CA ASP Q 24 14.38 -7.18 81.73
C ASP Q 24 15.14 -6.70 80.50
N VAL Q 25 16.45 -6.47 80.65
CA VAL Q 25 17.23 -5.83 79.59
C VAL Q 25 17.35 -6.74 78.38
N ARG Q 26 17.29 -8.06 78.59
CA ARG Q 26 17.35 -8.99 77.47
C ARG Q 26 16.13 -8.83 76.56
N LEU Q 27 14.94 -8.83 77.16
CA LEU Q 27 13.71 -8.64 76.39
C LEU Q 27 13.70 -7.27 75.73
N GLN Q 28 14.11 -6.23 76.46
CA GLN Q 28 14.14 -4.89 75.89
C GLN Q 28 15.08 -4.81 74.70
N MET Q 29 16.27 -5.38 74.82
CA MET Q 29 17.25 -5.35 73.74
C MET Q 29 16.75 -6.11 72.51
N TYR Q 30 16.11 -7.26 72.73
CA TYR Q 30 15.64 -8.01 71.58
C TYR Q 30 14.44 -7.34 70.91
N PHE Q 31 13.59 -6.64 71.67
CA PHE Q 31 12.56 -5.81 71.04
C PHE Q 31 13.16 -4.69 70.22
N ASP Q 32 14.20 -4.03 70.76
CA ASP Q 32 14.87 -2.98 70.02
C ASP Q 32 15.47 -3.52 68.72
N ILE Q 33 16.03 -4.73 68.77
CA ILE Q 33 16.58 -5.34 67.56
C ILE Q 33 15.47 -5.67 66.56
N ALA Q 34 14.35 -6.19 67.04
CA ALA Q 34 13.22 -6.52 66.16
C ALA Q 34 12.64 -5.28 65.49
N CYS Q 35 12.82 -4.11 66.12
CA CYS Q 35 12.40 -2.86 65.50
C CYS Q 35 13.10 -2.61 64.16
N GLU Q 36 14.33 -3.12 63.99
CA GLU Q 36 14.99 -2.99 62.69
C GLU Q 36 14.32 -3.82 61.61
N PHE Q 37 13.94 -5.07 61.93
CA PHE Q 37 13.30 -5.91 60.94
C PHE Q 37 11.93 -5.36 60.55
N ILE Q 38 11.08 -5.06 61.54
CA ILE Q 38 9.81 -4.41 61.27
C ILE Q 38 9.81 -3.04 61.94
N SER Q 39 9.69 -1.98 61.13
CA SER Q 39 9.65 -0.64 61.67
C SER Q 39 8.38 -0.42 62.46
N ASP Q 40 8.55 0.10 63.69
CA ASP Q 40 7.43 0.33 64.59
C ASP Q 40 6.78 1.69 64.41
N ARG Q 41 6.93 2.31 63.25
CA ARG Q 41 6.26 3.56 62.93
C ARG Q 41 4.78 3.28 62.75
N ASP Q 42 3.98 3.60 63.76
CA ASP Q 42 2.55 3.29 63.73
C ASP Q 42 1.85 4.40 62.95
N SER Q 43 1.14 4.01 61.90
CA SER Q 43 0.37 4.93 61.08
C SER Q 43 -0.97 4.28 60.77
N PRO Q 44 -2.02 5.07 60.57
CA PRO Q 44 -3.32 4.48 60.25
C PRO Q 44 -3.48 4.06 58.80
N TYR Q 45 -2.55 4.43 57.92
CA TYR Q 45 -2.57 4.02 56.54
C TYR Q 45 -1.76 2.75 56.29
N ARG Q 46 -1.04 2.26 57.28
CA ARG Q 46 -0.27 1.04 57.13
C ARG Q 46 -1.17 -0.19 57.20
N ILE Q 47 -0.79 -1.23 56.47
CA ILE Q 47 -1.50 -2.50 56.57
C ILE Q 47 -1.22 -3.16 57.92
N LEU Q 48 0.03 -3.11 58.37
CA LEU Q 48 0.35 -3.45 59.76
C LEU Q 48 0.12 -2.19 60.60
N ASN Q 49 -1.07 -2.07 61.16
CA ASN Q 49 -1.42 -0.94 62.00
C ASN Q 49 -1.94 -1.44 63.34
N GLY Q 50 -1.54 -0.74 64.40
CA GLY Q 50 -2.04 -1.06 65.73
C GLY Q 50 -1.67 -2.45 66.19
N LYS Q 51 -2.69 -3.16 66.71
CA LYS Q 51 -2.48 -4.39 67.46
C LYS Q 51 -1.80 -5.46 66.61
N ALA Q 52 -2.09 -5.49 65.30
CA ALA Q 52 -1.42 -6.43 64.42
C ALA Q 52 0.08 -6.16 64.37
N LEU Q 53 0.46 -4.88 64.27
CA LEU Q 53 1.87 -4.52 64.23
C LEU Q 53 2.56 -4.84 65.55
N GLU Q 54 1.91 -4.54 66.68
CA GLU Q 54 2.52 -4.89 67.97
C GLU Q 54 2.66 -6.40 68.13
N ALA Q 55 1.65 -7.17 67.70
CA ALA Q 55 1.74 -8.61 67.78
C ALA Q 55 2.87 -9.14 66.91
N CYS Q 56 3.05 -8.56 65.73
CA CYS Q 56 4.16 -8.96 64.85
C CYS Q 56 5.51 -8.70 65.52
N LEU Q 57 5.65 -7.53 66.14
CA LEU Q 57 6.92 -7.19 66.81
C LEU Q 57 7.19 -8.13 67.99
N TYR Q 58 6.15 -8.43 68.79
CA TYR Q 58 6.33 -9.35 69.92
C TYR Q 58 6.67 -10.76 69.44
N LEU Q 59 6.05 -11.21 68.35
CA LEU Q 59 6.40 -12.51 67.80
C LEU Q 59 7.86 -12.55 67.35
N LEU Q 60 8.33 -11.48 66.72
CA LEU Q 60 9.72 -11.50 66.25
C LEU Q 60 10.69 -11.48 67.44
N THR Q 61 10.42 -10.69 68.48
CA THR Q 61 11.37 -10.70 69.58
C THR Q 61 11.32 -12.02 70.34
N ALA Q 62 10.16 -12.71 70.34
CA ALA Q 62 10.12 -14.08 70.86
C ALA Q 62 10.97 -15.01 70.01
N HIS Q 63 10.93 -14.85 68.68
CA HIS Q 63 11.79 -15.62 67.78
C HIS Q 63 13.27 -15.42 68.11
N LEU Q 64 13.69 -14.16 68.25
CA LEU Q 64 15.08 -13.85 68.55
C LEU Q 64 15.48 -14.39 69.92
N LEU Q 65 14.58 -14.28 70.90
CA LEU Q 65 14.85 -14.84 72.22
C LEU Q 65 15.01 -16.34 72.16
N SER Q 66 14.20 -17.02 71.32
CA SER Q 66 14.33 -18.47 71.20
C SER Q 66 15.68 -18.88 70.61
N LEU Q 67 16.13 -18.16 69.57
CA LEU Q 67 17.48 -18.40 69.07
C LEU Q 67 18.53 -18.16 70.14
N SER Q 68 18.35 -17.10 70.93
CA SER Q 68 19.35 -16.77 71.94
C SER Q 68 19.43 -17.81 73.03
N THR Q 69 18.28 -18.31 73.51
CA THR Q 69 18.34 -19.32 74.57
C THR Q 69 18.87 -20.63 74.01
N MET Q 70 18.55 -20.94 72.75
CA MET Q 70 19.18 -22.08 72.08
C MET Q 70 20.69 -21.97 72.12
N GLN Q 71 21.22 -20.78 71.83
CA GLN Q 71 22.66 -20.59 71.77
C GLN Q 71 23.31 -20.69 73.15
N VAL Q 72 22.76 -19.97 74.14
CA VAL Q 72 23.36 -19.97 75.46
C VAL Q 72 23.27 -21.34 76.12
N GLN Q 73 22.09 -21.98 76.06
CA GLN Q 73 21.94 -23.28 76.71
C GLN Q 73 22.74 -24.37 76.00
N GLY Q 74 22.69 -24.41 74.68
CA GLY Q 74 23.43 -25.43 73.94
C GLY Q 74 22.54 -26.63 73.61
N ALA Q 75 22.94 -27.81 74.05
CA ALA Q 75 24.16 -28.10 74.82
C ALA Q 75 24.89 -29.31 74.24
N ALA Q 76 26.21 -29.23 74.15
CA ALA Q 76 27.01 -30.35 73.65
C ALA Q 76 27.50 -31.25 74.79
N GLY Q 77 28.30 -30.68 75.69
CA GLY Q 77 28.80 -31.43 76.83
C GLY Q 77 28.71 -30.62 78.10
N GLY Q 78 27.69 -29.78 78.19
CA GLY Q 78 27.54 -28.86 79.29
C GLY Q 78 27.86 -27.42 78.98
N GLY Q 79 27.67 -26.99 77.74
CA GLY Q 79 28.01 -25.63 77.37
C GLY Q 79 27.74 -25.39 75.90
N VAL Q 80 28.32 -24.31 75.39
CA VAL Q 80 28.13 -23.91 73.99
C VAL Q 80 29.26 -24.48 73.16
N THR Q 81 28.91 -25.15 72.06
CA THR Q 81 29.90 -25.74 71.17
C THR Q 81 30.47 -24.67 70.24
N ALA Q 82 31.43 -25.07 69.41
CA ALA Q 82 32.07 -24.17 68.48
C ALA Q 82 31.22 -23.98 67.23
N GLY Q 83 30.94 -22.74 66.88
CA GLY Q 83 30.10 -22.43 65.74
C GLY Q 83 28.62 -22.37 66.04
N GLY Q 84 28.20 -22.69 67.26
CA GLY Q 84 26.81 -22.61 67.65
C GLY Q 84 25.91 -23.62 66.99
N THR Q 85 24.65 -23.66 67.40
CA THR Q 85 23.65 -24.54 66.81
C THR Q 85 22.80 -23.75 65.83
N GLN Q 86 22.73 -24.24 64.59
CA GLN Q 86 22.03 -23.51 63.54
C GLN Q 86 20.52 -23.67 63.69
N GLY Q 87 19.79 -22.71 63.12
CA GLY Q 87 18.34 -22.75 63.14
C GLY Q 87 17.78 -23.60 62.02
N GLY Q 88 16.74 -23.10 61.37
CA GLY Q 88 16.12 -23.82 60.27
C GLY Q 88 15.02 -24.75 60.73
N PHE Q 89 14.13 -25.08 59.79
CA PHE Q 89 12.99 -25.94 60.09
C PHE Q 89 13.40 -27.40 60.05
N ILE Q 90 13.03 -28.14 61.09
CA ILE Q 90 13.32 -29.57 61.16
C ILE Q 90 12.32 -30.29 60.24
N THR Q 91 12.79 -30.68 59.05
CA THR Q 91 11.93 -31.40 58.13
C THR Q 91 11.64 -32.80 58.62
N SER Q 92 12.65 -33.51 59.13
CA SER Q 92 12.49 -34.87 59.59
C SER Q 92 13.37 -35.09 60.81
N ALA Q 93 12.84 -35.83 61.79
CA ALA Q 93 13.57 -36.16 62.99
C ALA Q 93 13.33 -37.62 63.34
N THR Q 94 14.26 -38.19 64.10
CA THR Q 94 14.16 -39.58 64.52
C THR Q 94 14.88 -39.75 65.84
N VAL Q 95 14.13 -40.15 66.87
CA VAL Q 95 14.69 -40.45 68.19
C VAL Q 95 14.27 -41.87 68.55
N GLY Q 96 15.25 -42.75 68.69
CA GLY Q 96 14.95 -44.14 69.02
C GLY Q 96 14.11 -44.79 67.94
N GLU Q 97 12.99 -45.40 68.37
CA GLU Q 97 12.05 -46.00 67.45
C GLU Q 97 11.07 -44.98 66.88
N VAL Q 98 11.02 -43.77 67.40
CA VAL Q 98 10.06 -42.76 66.97
C VAL Q 98 10.66 -41.97 65.81
N SER Q 99 9.87 -41.77 64.76
CA SER Q 99 10.29 -40.97 63.62
C SER Q 99 9.15 -40.05 63.20
N VAL Q 100 9.50 -38.83 62.84
CA VAL Q 100 8.54 -37.81 62.41
C VAL Q 100 9.06 -37.17 61.14
N ALA Q 101 8.16 -36.96 60.17
CA ALA Q 101 8.51 -36.28 58.93
C ALA Q 101 7.44 -35.24 58.64
N LYS Q 102 7.84 -33.97 58.66
CA LYS Q 102 6.91 -32.86 58.51
C LYS Q 102 7.02 -32.23 57.14
N LEU Q 103 5.93 -31.60 56.70
CA LEU Q 103 5.91 -30.90 55.43
C LEU Q 103 6.82 -29.67 55.49
N ALA Q 104 7.59 -29.47 54.42
CA ALA Q 104 8.49 -28.33 54.38
C ALA Q 104 7.70 -27.05 54.07
N PRO Q 105 8.06 -25.93 54.69
CA PRO Q 105 7.41 -24.65 54.35
C PRO Q 105 7.81 -24.20 52.96
N PRO Q 106 6.99 -23.37 52.31
CA PRO Q 106 7.39 -22.84 50.99
C PRO Q 106 8.32 -21.64 51.10
N ALA Q 107 9.47 -21.86 51.76
CA ALA Q 107 10.44 -20.80 52.00
C ALA Q 107 11.21 -20.54 50.71
N LYS Q 108 10.81 -19.50 49.99
CA LYS Q 108 11.47 -19.10 48.75
C LYS Q 108 12.53 -18.04 48.98
N ASN Q 109 12.77 -17.64 50.23
CA ASN Q 109 13.64 -16.52 50.54
C ASN Q 109 14.30 -16.77 51.89
N GLY Q 110 15.47 -16.15 52.09
CA GLY Q 110 16.20 -16.35 53.33
C GLY Q 110 15.44 -15.83 54.55
N TRP Q 111 14.74 -14.71 54.39
CA TRP Q 111 13.94 -14.16 55.48
C TRP Q 111 12.82 -15.13 55.87
N GLN Q 112 12.14 -15.69 54.87
CA GLN Q 112 11.08 -16.65 55.14
C GLN Q 112 11.63 -17.92 55.79
N TRP Q 113 12.78 -18.38 55.33
CA TRP Q 113 13.39 -19.58 55.90
C TRP Q 113 13.79 -19.35 57.36
N TRP Q 114 14.41 -18.21 57.65
CA TRP Q 114 14.80 -17.89 59.01
C TRP Q 114 13.58 -17.76 59.91
N LEU Q 115 12.49 -17.18 59.38
CA LEU Q 115 11.25 -17.10 60.15
C LEU Q 115 10.70 -18.49 60.45
N SER Q 116 10.63 -19.36 59.43
CA SER Q 116 10.10 -20.70 59.61
C SER Q 116 10.99 -21.55 60.49
N GLY Q 117 12.23 -21.12 60.75
CA GLY Q 117 13.10 -21.85 61.66
C GLY Q 117 12.52 -22.08 63.04
N THR Q 118 11.71 -21.15 63.55
CA THR Q 118 11.12 -21.28 64.87
C THR Q 118 9.61 -21.08 64.80
N PRO Q 119 8.86 -21.69 65.72
CA PRO Q 119 7.40 -21.55 65.70
C PRO Q 119 6.88 -20.14 65.88
N TYR Q 120 7.55 -19.30 66.69
CA TYR Q 120 7.14 -17.90 66.77
C TYR Q 120 7.34 -17.19 65.44
N GLY Q 121 8.47 -17.43 64.79
CA GLY Q 121 8.69 -16.89 63.47
C GLY Q 121 7.70 -17.44 62.45
N GLN Q 122 7.25 -18.68 62.64
CA GLN Q 122 6.22 -19.23 61.76
C GLN Q 122 4.90 -18.46 61.89
N GLU Q 123 4.50 -18.13 63.11
CA GLU Q 123 3.29 -17.34 63.31
C GLU Q 123 3.47 -15.93 62.76
N LEU Q 124 4.66 -15.35 62.93
CA LEU Q 124 4.94 -14.03 62.36
C LEU Q 124 4.86 -14.06 60.83
N TRP Q 125 5.41 -15.11 60.22
CA TRP Q 125 5.35 -15.26 58.77
C TRP Q 125 3.92 -15.43 58.31
N ALA Q 126 3.12 -16.19 59.04
CA ALA Q 126 1.71 -16.36 58.70
C ALA Q 126 0.96 -15.04 58.77
N LEU Q 127 1.23 -14.24 59.81
CA LEU Q 127 0.58 -12.93 59.93
C LEU Q 127 0.98 -12.02 58.78
N LEU Q 128 2.28 -11.99 58.45
CA LEU Q 128 2.74 -11.13 57.36
C LEU Q 128 2.14 -11.56 56.03
N SER Q 129 2.07 -12.86 55.77
CA SER Q 129 1.50 -13.35 54.51
C SER Q 129 0.01 -13.04 54.43
N VAL Q 130 -0.72 -13.27 55.53
CA VAL Q 130 -2.17 -13.04 55.50
C VAL Q 130 -2.49 -11.55 55.40
N LYS Q 131 -1.60 -10.68 55.88
CA LYS Q 131 -1.80 -9.26 55.63
C LYS Q 131 -1.25 -8.81 54.29
N ALA Q 132 -0.43 -9.62 53.63
CA ALA Q 132 0.17 -9.25 52.36
C ALA Q 132 -0.68 -9.79 51.20
N VAL Q 133 -1.82 -9.14 51.00
CA VAL Q 133 -2.74 -9.47 49.93
C VAL Q 133 -3.10 -8.19 49.18
N GLY Q 134 -3.04 -8.25 47.85
CA GLY Q 134 -3.30 -7.08 47.04
C GLY Q 134 -2.03 -6.34 46.68
N GLY Q 135 -1.74 -5.26 47.39
CA GLY Q 135 -0.54 -4.50 47.15
C GLY Q 135 -0.84 -3.02 47.26
N PHE Q 136 0.13 -2.21 46.84
CA PHE Q 136 0.02 -0.76 46.91
C PHE Q 136 -0.12 -0.20 45.49
N TYR Q 137 -0.22 1.12 45.42
CA TYR Q 137 -0.21 1.82 44.13
C TYR Q 137 0.36 3.21 44.37
N ILE Q 138 1.58 3.43 43.90
CA ILE Q 138 2.30 4.68 44.15
C ILE Q 138 2.16 5.59 42.94
N GLY Q 139 2.06 6.88 43.20
CA GLY Q 139 1.87 7.83 42.12
C GLY Q 139 0.43 7.82 41.62
N GLY Q 140 0.25 8.42 40.45
CA GLY Q 140 -1.07 8.46 39.83
C GLY Q 140 -1.97 9.52 40.42
N LEU Q 141 -2.77 10.14 39.57
CA LEU Q 141 -3.68 11.21 39.94
C LEU Q 141 -5.07 10.88 39.42
N PRO Q 142 -6.14 11.44 40.03
CA PRO Q 142 -7.49 11.12 39.57
C PRO Q 142 -7.80 11.71 38.20
N GLU Q 143 -7.20 11.13 37.15
CA GLU Q 143 -7.42 11.62 35.80
C GLU Q 143 -8.85 11.40 35.35
N ARG Q 144 -9.51 10.36 35.86
CA ARG Q 144 -10.86 10.05 35.42
C ARG Q 144 -11.89 11.05 35.93
N ARG Q 145 -11.57 11.82 36.95
CA ARG Q 145 -12.54 12.74 37.53
C ARG Q 145 -12.80 13.96 36.65
N GLY Q 146 -12.01 14.17 35.60
CA GLY Q 146 -12.22 15.24 34.66
C GLY Q 146 -12.99 14.87 33.41
N PHE Q 147 -13.56 13.67 33.35
CA PHE Q 147 -14.25 13.20 32.14
C PHE Q 147 -15.62 12.69 32.52
N ARG Q 148 -16.65 13.19 31.82
CA ARG Q 148 -18.02 12.81 32.12
C ARG Q 148 -18.26 11.33 31.81
N LYS Q 149 -19.14 10.73 32.61
CA LYS Q 149 -19.39 9.30 32.54
C LYS Q 149 -20.89 9.02 32.51
N VAL Q 150 -21.26 7.74 32.60
CA VAL Q 150 -22.68 7.37 32.55
C VAL Q 150 -23.41 7.93 33.77
N GLY Q 151 -24.60 8.48 33.53
CA GLY Q 151 -25.41 9.01 34.60
C GLY Q 151 -24.95 10.33 35.16
N GLY Q 152 -24.14 11.08 34.42
CA GLY Q 152 -23.64 12.36 34.89
C GLY Q 152 -22.74 12.26 36.10
N THR Q 153 -21.82 11.30 36.09
CA THR Q 153 -20.95 11.02 37.21
C THR Q 153 -19.54 11.52 36.91
N PHE Q 154 -18.97 12.28 37.85
CA PHE Q 154 -17.63 12.85 37.74
C PHE Q 154 -17.49 13.66 36.45
N TRP Q 155 -18.34 14.68 36.32
CA TRP Q 155 -18.41 15.47 35.08
C TRP Q 155 -17.08 16.12 34.73
N MET R 1 -16.55 -5.23 65.37
CA MET R 1 -16.12 -6.03 66.52
C MET R 1 -17.11 -7.15 66.81
N VAL R 2 -16.59 -8.31 67.21
CA VAL R 2 -17.39 -9.46 67.60
C VAL R 2 -16.98 -9.86 69.01
N ILE R 3 -17.95 -9.97 69.90
CA ILE R 3 -17.67 -10.33 71.29
C ILE R 3 -17.42 -11.82 71.38
N PHE R 4 -16.54 -12.22 72.29
CA PHE R 4 -16.14 -13.61 72.48
C PHE R 4 -16.73 -14.11 73.79
N ASP R 5 -17.42 -15.26 73.69
CA ASP R 5 -18.06 -15.85 74.88
C ASP R 5 -17.41 -17.17 75.25
N GLU R 6 -17.75 -17.71 76.41
CA GLU R 6 -17.21 -18.98 76.89
C GLU R 6 -18.00 -20.18 76.43
N HIS R 7 -19.34 -20.11 76.49
CA HIS R 7 -20.16 -21.30 76.34
C HIS R 7 -20.05 -21.88 74.94
N LYS R 8 -20.15 -21.04 73.91
CA LYS R 8 -20.06 -21.51 72.53
C LYS R 8 -18.70 -22.16 72.26
N PHE R 9 -17.63 -21.49 72.67
CA PHE R 9 -16.29 -22.02 72.44
C PHE R 9 -16.06 -23.33 73.18
N ARG R 10 -16.49 -23.42 74.44
CA ARG R 10 -16.20 -24.60 75.25
C ARG R 10 -17.07 -25.79 74.84
N THR R 11 -18.29 -25.54 74.38
CA THR R 11 -19.08 -26.64 73.82
C THR R 11 -18.62 -27.03 72.42
N LEU R 12 -18.06 -26.08 71.66
CA LEU R 12 -17.56 -26.40 70.34
C LEU R 12 -16.27 -27.19 70.40
N PHE R 13 -15.44 -26.95 71.42
CA PHE R 13 -14.17 -27.65 71.59
C PHE R 13 -14.12 -28.24 72.98
N PRO R 14 -14.61 -29.46 73.15
CA PRO R 14 -14.59 -30.10 74.49
C PRO R 14 -13.20 -30.31 75.06
N GLU R 15 -12.17 -30.35 74.22
CA GLU R 15 -10.80 -30.42 74.74
C GLU R 15 -10.46 -29.19 75.57
N PHE R 16 -10.96 -28.02 75.17
CA PHE R 16 -10.73 -26.79 75.93
C PHE R 16 -11.87 -26.53 76.91
N ALA R 17 -12.19 -27.50 77.75
CA ALA R 17 -13.30 -27.38 78.68
C ALA R 17 -12.90 -27.11 80.12
N ASP R 18 -11.66 -27.43 80.49
CA ASP R 18 -11.26 -27.27 81.88
C ASP R 18 -10.76 -25.84 82.11
N PRO R 19 -11.48 -25.05 82.92
CA PRO R 19 -11.05 -23.65 83.13
C PRO R 19 -9.69 -23.52 83.80
N ALA R 20 -9.33 -24.46 84.68
CA ALA R 20 -8.02 -24.39 85.33
C ALA R 20 -6.90 -24.56 84.33
N ALA R 21 -7.07 -25.48 83.37
CA ALA R 21 -6.04 -25.67 82.35
C ALA R 21 -6.07 -24.57 81.31
N TYR R 22 -7.25 -24.05 80.98
CA TYR R 22 -7.39 -22.98 79.97
C TYR R 22 -8.19 -21.82 80.55
N PRO R 23 -7.52 -20.87 81.24
CA PRO R 23 -8.20 -19.69 81.81
C PRO R 23 -9.10 -18.90 80.87
N ASP R 24 -9.92 -18.02 81.47
CA ASP R 24 -10.73 -17.09 80.71
C ASP R 24 -9.87 -16.10 79.92
N VAL R 25 -8.92 -15.45 80.61
CA VAL R 25 -8.16 -14.37 80.00
C VAL R 25 -7.28 -14.90 78.87
N ARG R 26 -6.88 -16.17 78.93
CA ARG R 26 -6.08 -16.75 77.87
C ARG R 26 -6.89 -16.85 76.57
N LEU R 27 -8.12 -17.37 76.68
CA LEU R 27 -9.00 -17.46 75.53
C LEU R 27 -9.34 -16.08 74.99
N GLN R 28 -9.59 -15.13 75.89
CA GLN R 28 -9.92 -13.77 75.45
C GLN R 28 -8.75 -13.13 74.70
N MET R 29 -7.53 -13.29 75.24
CA MET R 29 -6.35 -12.73 74.59
C MET R 29 -6.13 -13.36 73.22
N TYR R 30 -6.33 -14.67 73.12
CA TYR R 30 -6.12 -15.31 71.82
C TYR R 30 -7.20 -14.93 70.83
N PHE R 31 -8.42 -14.64 71.30
CA PHE R 31 -9.44 -14.12 70.39
C PHE R 31 -9.07 -12.73 69.90
N ASP R 32 -8.58 -11.86 70.79
CA ASP R 32 -8.15 -10.54 70.35
C ASP R 32 -6.99 -10.63 69.35
N ILE R 33 -6.12 -11.63 69.51
CA ILE R 33 -5.02 -11.80 68.57
C ILE R 33 -5.53 -12.30 67.23
N ALA R 34 -6.45 -13.27 67.25
CA ALA R 34 -7.04 -13.79 66.00
C ALA R 34 -7.83 -12.73 65.26
N CYS R 35 -8.35 -11.73 65.99
CA CYS R 35 -8.98 -10.58 65.35
C CYS R 35 -7.99 -9.83 64.46
N GLU R 36 -6.69 -9.87 64.77
CA GLU R 36 -5.72 -9.21 63.93
C GLU R 36 -5.50 -9.98 62.63
N PHE R 37 -5.53 -11.30 62.67
CA PHE R 37 -5.41 -12.10 61.45
C PHE R 37 -6.64 -11.91 60.57
N ILE R 38 -7.83 -12.28 61.08
CA ILE R 38 -9.06 -12.08 60.34
C ILE R 38 -9.84 -10.93 60.97
N SER R 39 -10.12 -9.91 60.17
CA SER R 39 -10.85 -8.75 60.65
C SER R 39 -12.28 -9.15 61.01
N ASP R 40 -12.69 -8.79 62.22
CA ASP R 40 -14.01 -9.14 62.74
C ASP R 40 -15.06 -8.08 62.44
N ARG R 41 -14.74 -7.10 61.60
CA ARG R 41 -15.72 -6.12 61.14
C ARG R 41 -16.81 -6.83 60.36
N ASP R 42 -18.02 -6.87 60.92
CA ASP R 42 -19.12 -7.61 60.32
C ASP R 42 -19.94 -6.66 59.45
N SER R 43 -20.13 -7.05 58.20
CA SER R 43 -20.91 -6.30 57.23
C SER R 43 -21.77 -7.28 56.45
N PRO R 44 -22.93 -6.85 55.94
CA PRO R 44 -23.76 -7.77 55.15
C PRO R 44 -23.29 -7.96 53.72
N TYR R 45 -22.42 -7.09 53.21
CA TYR R 45 -21.82 -7.27 51.90
C TYR R 45 -20.57 -8.15 51.95
N ARG R 46 -20.05 -8.42 53.15
CA ARG R 46 -18.90 -9.30 53.29
C ARG R 46 -19.30 -10.73 52.97
N ILE R 47 -18.43 -11.45 52.25
CA ILE R 47 -18.77 -12.83 51.94
C ILE R 47 -18.33 -13.78 53.05
N LEU R 48 -17.57 -13.30 54.03
CA LEU R 48 -17.56 -13.88 55.37
C LEU R 48 -18.43 -12.97 56.24
N ASN R 49 -19.69 -13.36 56.41
CA ASN R 49 -20.62 -12.58 57.20
C ASN R 49 -21.28 -13.46 58.25
N GLY R 50 -21.58 -12.85 59.39
CA GLY R 50 -22.31 -13.52 60.43
C GLY R 50 -21.55 -14.69 61.05
N LYS R 51 -22.28 -15.77 61.29
CA LYS R 51 -21.76 -16.90 62.03
C LYS R 51 -20.66 -17.64 61.27
N ALA R 52 -20.58 -17.50 59.94
CA ALA R 52 -19.43 -18.05 59.23
C ALA R 52 -18.14 -17.34 59.65
N LEU R 53 -18.17 -16.01 59.70
CA LEU R 53 -17.02 -15.26 60.20
C LEU R 53 -16.74 -15.57 61.66
N GLU R 54 -17.80 -15.73 62.45
CA GLU R 54 -17.61 -16.08 63.86
C GLU R 54 -16.93 -17.44 64.01
N ALA R 55 -17.36 -18.43 63.22
CA ALA R 55 -16.74 -19.75 63.26
C ALA R 55 -15.29 -19.69 62.80
N CYS R 56 -15.01 -18.88 61.77
CA CYS R 56 -13.63 -18.72 61.32
C CYS R 56 -12.75 -18.17 62.43
N LEU R 57 -13.23 -17.14 63.12
CA LEU R 57 -12.47 -16.56 64.22
C LEU R 57 -12.26 -17.57 65.34
N TYR R 58 -13.32 -18.29 65.73
CA TYR R 58 -13.21 -19.27 66.80
C TYR R 58 -12.24 -20.40 66.45
N LEU R 59 -12.26 -20.84 65.19
CA LEU R 59 -11.31 -21.86 64.74
C LEU R 59 -9.88 -21.34 64.84
N LEU R 60 -9.66 -20.07 64.50
CA LEU R 60 -8.30 -19.54 64.60
C LEU R 60 -7.85 -19.44 66.05
N THR R 61 -8.73 -19.03 66.96
CA THR R 61 -8.35 -19.03 68.38
C THR R 61 -8.05 -20.43 68.87
N ALA R 62 -8.81 -21.42 68.39
CA ALA R 62 -8.50 -22.81 68.74
C ALA R 62 -7.12 -23.21 68.23
N HIS R 63 -6.79 -22.80 67.00
CA HIS R 63 -5.46 -23.07 66.44
C HIS R 63 -4.35 -22.47 67.30
N LEU R 64 -4.49 -21.18 67.64
CA LEU R 64 -3.49 -20.49 68.45
C LEU R 64 -3.38 -21.12 69.83
N LEU R 65 -4.51 -21.46 70.45
CA LEU R 65 -4.51 -22.06 71.77
C LEU R 65 -3.85 -23.44 71.76
N SER R 66 -4.10 -24.22 70.71
CA SER R 66 -3.47 -25.54 70.61
C SER R 66 -1.95 -25.39 70.47
N LEU R 67 -1.49 -24.46 69.63
CA LEU R 67 -0.05 -24.23 69.51
C LEU R 67 0.56 -23.78 70.83
N SER R 68 -0.12 -22.87 71.53
CA SER R 68 0.41 -22.37 72.80
C SER R 68 0.47 -23.45 73.86
N THR R 69 -0.57 -24.28 73.98
CA THR R 69 -0.55 -25.35 74.96
C THR R 69 0.48 -26.41 74.59
N MET R 70 0.75 -26.61 73.29
CA MET R 70 1.85 -27.47 72.88
C MET R 70 3.18 -26.91 73.36
N GLN R 71 3.36 -25.60 73.20
CA GLN R 71 4.57 -24.93 73.69
C GLN R 71 4.74 -25.11 75.18
N VAL R 72 3.67 -24.90 75.93
CA VAL R 72 3.75 -24.91 77.39
C VAL R 72 4.03 -26.32 77.90
N GLN R 73 3.31 -27.33 77.38
CA GLN R 73 3.51 -28.68 77.85
C GLN R 73 4.87 -29.23 77.43
N GLY R 74 5.26 -29.02 76.18
CA GLY R 74 6.54 -29.54 75.68
C GLY R 74 6.35 -30.89 75.00
N ALA R 75 7.00 -31.93 75.53
CA ALA R 75 7.89 -31.94 76.71
C ALA R 75 9.18 -32.66 76.40
N ALA R 76 10.30 -32.13 76.89
CA ALA R 76 11.61 -32.76 76.72
C ALA R 76 11.97 -33.64 77.91
N GLY R 77 12.10 -33.03 79.09
CA GLY R 77 12.41 -33.76 80.30
C GLY R 77 11.56 -33.29 81.46
N GLY R 78 10.32 -32.89 81.15
CA GLY R 78 9.43 -32.30 82.14
C GLY R 78 9.28 -30.80 82.04
N GLY R 79 9.42 -30.23 80.85
CA GLY R 79 9.31 -28.80 80.71
C GLY R 79 9.43 -28.38 79.26
N VAL R 80 9.70 -27.10 79.05
CA VAL R 80 9.84 -26.54 77.71
C VAL R 80 11.31 -26.56 77.30
N THR R 81 11.59 -27.10 76.12
CA THR R 81 12.94 -27.15 75.61
C THR R 81 13.32 -25.82 74.98
N ALA R 82 14.58 -25.70 74.56
CA ALA R 82 15.09 -24.48 73.98
C ALA R 82 14.55 -24.30 72.56
N GLY R 83 13.92 -23.16 72.31
CA GLY R 83 13.36 -22.86 71.01
C GLY R 83 11.97 -23.40 70.76
N GLY R 84 11.40 -24.11 71.72
CA GLY R 84 10.05 -24.65 71.57
C GLY R 84 9.94 -25.75 70.53
N THR R 85 8.74 -26.24 70.32
CA THR R 85 8.48 -27.27 69.31
C THR R 85 7.82 -26.63 68.10
N GLN R 86 8.41 -26.86 66.92
CA GLN R 86 7.90 -26.26 65.71
C GLN R 86 6.60 -26.92 65.26
N GLY R 87 5.77 -26.16 64.57
CA GLY R 87 4.51 -26.66 64.09
C GLY R 87 4.62 -27.42 62.79
N GLY R 88 3.71 -27.17 61.86
CA GLY R 88 3.73 -27.82 60.57
C GLY R 88 2.94 -29.12 60.55
N PHE R 89 2.62 -29.57 59.35
CA PHE R 89 1.82 -30.78 59.17
C PHE R 89 2.74 -31.99 59.15
N ILE R 90 2.41 -32.99 59.97
CA ILE R 90 3.19 -34.22 60.06
C ILE R 90 2.82 -35.06 58.85
N THR R 91 3.72 -35.11 57.85
CA THR R 91 3.46 -35.91 56.66
C THR R 91 3.53 -37.40 56.98
N SER R 92 4.58 -37.82 57.69
CA SER R 92 4.77 -39.22 58.00
C SER R 92 5.26 -39.36 59.44
N ALA R 93 4.72 -40.35 60.14
CA ALA R 93 5.11 -40.63 61.51
C ALA R 93 5.30 -42.14 61.66
N THR R 94 6.11 -42.51 62.65
CA THR R 94 6.38 -43.92 62.92
C THR R 94 6.66 -44.08 64.40
N VAL R 95 5.86 -44.91 65.08
CA VAL R 95 6.05 -45.23 66.48
C VAL R 95 6.07 -46.74 66.61
N GLY R 96 7.19 -47.29 67.09
CA GLY R 96 7.31 -48.73 67.22
C GLY R 96 7.18 -49.42 65.88
N GLU R 97 6.29 -50.41 65.82
CA GLU R 97 5.99 -51.10 64.58
C GLU R 97 4.93 -50.39 63.75
N VAL R 98 4.26 -49.39 64.30
CA VAL R 98 3.20 -48.68 63.60
C VAL R 98 3.79 -47.55 62.80
N SER R 99 3.31 -47.36 61.57
CA SER R 99 3.78 -46.27 60.73
C SER R 99 2.60 -45.74 59.91
N VAL R 100 2.52 -44.43 59.79
CA VAL R 100 1.45 -43.75 59.06
C VAL R 100 2.08 -42.73 58.13
N ALA R 101 1.54 -42.60 56.92
CA ALA R 101 1.95 -41.56 55.97
C ALA R 101 0.69 -40.88 55.45
N LYS R 102 0.70 -39.54 55.49
CA LYS R 102 -0.48 -38.76 55.12
C LYS R 102 -0.16 -37.89 53.91
N LEU R 103 -1.20 -37.60 53.13
CA LEU R 103 -1.07 -36.73 51.97
C LEU R 103 -0.73 -35.31 52.41
N ALA R 104 0.23 -34.69 51.73
CA ALA R 104 0.62 -33.34 52.06
C ALA R 104 -0.42 -32.34 51.54
N PRO R 105 -0.78 -31.33 52.34
CA PRO R 105 -1.71 -30.32 51.84
C PRO R 105 -1.09 -29.50 50.75
N PRO R 106 -1.88 -28.92 49.84
CA PRO R 106 -1.32 -28.03 48.81
C PRO R 106 -1.00 -26.65 49.38
N ALA R 107 -0.02 -26.61 50.28
CA ALA R 107 0.37 -25.38 50.97
C ALA R 107 1.37 -24.62 50.10
N LYS R 108 0.85 -23.75 49.25
CA LYS R 108 1.67 -22.94 48.36
C LYS R 108 2.12 -21.64 49.01
N ASN R 109 1.73 -21.38 50.25
CA ASN R 109 1.99 -20.11 50.89
C ASN R 109 2.21 -20.37 52.37
N GLY R 110 2.98 -19.49 53.01
CA GLY R 110 3.30 -19.67 54.42
C GLY R 110 2.08 -19.63 55.31
N TRP R 111 1.10 -18.80 54.97
CA TRP R 111 -0.13 -18.73 55.76
C TRP R 111 -0.88 -20.06 55.73
N GLN R 112 -0.99 -20.67 54.55
CA GLN R 112 -1.65 -21.97 54.43
C GLN R 112 -0.85 -23.05 55.13
N TRP R 113 0.47 -23.02 55.02
CA TRP R 113 1.32 -24.00 55.68
C TRP R 113 1.19 -23.92 57.19
N TRP R 114 1.15 -22.70 57.73
CA TRP R 114 0.96 -22.52 59.17
C TRP R 114 -0.43 -22.98 59.59
N LEU R 115 -1.44 -22.71 58.76
CA LEU R 115 -2.80 -23.15 59.07
C LEU R 115 -2.90 -24.66 59.13
N SER R 116 -2.19 -25.36 58.24
CA SER R 116 -2.27 -26.81 58.18
C SER R 116 -1.64 -27.50 59.38
N GLY R 117 -0.94 -26.76 60.24
CA GLY R 117 -0.24 -27.39 61.36
C GLY R 117 -1.17 -28.07 62.35
N THR R 118 -2.34 -27.48 62.59
CA THR R 118 -3.31 -28.06 63.52
C THR R 118 -4.64 -28.22 62.81
N PRO R 119 -5.43 -29.24 63.19
CA PRO R 119 -6.71 -29.48 62.50
C PRO R 119 -7.72 -28.36 62.64
N TYR R 120 -7.65 -27.55 63.69
CA TYR R 120 -8.49 -26.36 63.75
C TYR R 120 -8.13 -25.40 62.62
N GLY R 121 -6.84 -25.19 62.41
CA GLY R 121 -6.41 -24.41 61.27
C GLY R 121 -6.73 -25.05 59.95
N GLN R 122 -6.73 -26.39 59.90
CA GLN R 122 -7.11 -27.08 58.67
C GLN R 122 -8.58 -26.84 58.33
N GLU R 123 -9.45 -26.91 59.34
CA GLU R 123 -10.86 -26.60 59.13
C GLU R 123 -11.05 -25.15 58.74
N LEU R 124 -10.32 -24.24 59.37
CA LEU R 124 -10.38 -22.83 59.02
C LEU R 124 -9.96 -22.60 57.57
N TRP R 125 -8.87 -23.26 57.14
CA TRP R 125 -8.41 -23.16 55.77
C TRP R 125 -9.45 -23.71 54.79
N ALA R 126 -10.08 -24.82 55.16
CA ALA R 126 -11.13 -25.39 54.32
C ALA R 126 -12.30 -24.43 54.16
N LEU R 127 -12.71 -23.78 55.26
CA LEU R 127 -13.80 -22.82 55.20
C LEU R 127 -13.42 -21.62 54.33
N LEU R 128 -12.19 -21.12 54.49
CA LEU R 128 -11.74 -19.98 53.70
C LEU R 128 -11.70 -20.33 52.22
N SER R 129 -11.19 -21.51 51.88
CA SER R 129 -11.12 -21.92 50.48
C SER R 129 -12.50 -22.14 49.88
N VAL R 130 -13.42 -22.74 50.65
CA VAL R 130 -14.75 -22.98 50.11
C VAL R 130 -15.52 -21.68 49.96
N LYS R 131 -15.19 -20.65 50.77
CA LYS R 131 -15.80 -19.34 50.55
C LYS R 131 -15.10 -18.55 49.45
N ALA R 132 -13.85 -18.90 49.12
CA ALA R 132 -13.09 -18.16 48.10
C ALA R 132 -13.43 -18.71 46.73
N VAL R 133 -14.45 -18.13 46.09
CA VAL R 133 -14.84 -18.48 44.74
C VAL R 133 -15.16 -17.21 43.96
N GLY R 134 -14.70 -17.15 42.73
CA GLY R 134 -15.01 -15.99 41.91
C GLY R 134 -14.09 -14.84 42.24
N GLY R 135 -14.57 -13.92 43.06
CA GLY R 135 -13.77 -12.81 43.51
C GLY R 135 -14.58 -11.54 43.64
N PHE R 136 -13.93 -10.40 43.46
CA PHE R 136 -14.58 -9.11 43.57
C PHE R 136 -14.34 -8.32 42.30
N TYR R 137 -15.24 -7.37 42.03
CA TYR R 137 -15.08 -6.43 40.93
C TYR R 137 -15.23 -5.03 41.50
N ILE R 138 -14.11 -4.31 41.60
CA ILE R 138 -14.06 -3.01 42.24
C ILE R 138 -13.89 -1.94 41.18
N GLY R 139 -14.67 -0.87 41.29
CA GLY R 139 -14.73 0.13 40.26
C GLY R 139 -15.71 -0.27 39.17
N GLY R 140 -15.82 0.58 38.16
CA GLY R 140 -16.71 0.29 37.06
C GLY R 140 -18.12 0.77 37.30
N LEU R 141 -18.66 1.51 36.36
CA LEU R 141 -20.00 2.07 36.42
C LEU R 141 -20.92 1.34 35.47
N PRO R 142 -22.24 1.36 35.70
CA PRO R 142 -23.16 0.66 34.78
C PRO R 142 -23.26 1.34 33.43
N GLU R 143 -22.19 1.21 32.63
CA GLU R 143 -22.15 1.87 31.33
C GLU R 143 -23.15 1.27 30.36
N ARG R 144 -23.48 -0.01 30.52
CA ARG R 144 -24.43 -0.67 29.63
C ARG R 144 -25.86 -0.18 29.84
N ARG R 145 -26.14 0.49 30.95
CA ARG R 145 -27.50 0.93 31.23
C ARG R 145 -27.92 2.15 30.42
N GLY R 146 -26.98 2.78 29.72
CA GLY R 146 -27.28 3.87 28.82
C GLY R 146 -27.42 3.48 27.37
N PHE R 147 -27.40 2.18 27.05
CA PHE R 147 -27.46 1.72 25.68
C PHE R 147 -28.63 0.77 25.51
N ARG R 148 -29.53 1.11 24.60
CA ARG R 148 -30.70 0.29 24.32
C ARG R 148 -30.31 -1.07 23.77
N LYS R 149 -31.08 -2.09 24.14
CA LYS R 149 -30.75 -3.48 23.87
C LYS R 149 -31.97 -4.20 23.35
N VAL R 150 -31.84 -5.53 23.21
CA VAL R 150 -32.89 -6.34 22.61
C VAL R 150 -34.16 -6.28 23.46
N GLY R 151 -35.30 -6.15 22.79
CA GLY R 151 -36.57 -6.10 23.48
C GLY R 151 -36.80 -4.82 24.27
N GLY R 152 -36.10 -3.75 23.93
CA GLY R 152 -36.25 -2.49 24.64
C GLY R 152 -35.82 -2.55 26.09
N THR R 153 -34.66 -3.16 26.35
CA THR R 153 -34.13 -3.28 27.69
C THR R 153 -33.03 -2.25 27.90
N PHE R 154 -33.11 -1.54 29.02
CA PHE R 154 -32.16 -0.50 29.40
C PHE R 154 -31.99 0.52 28.28
N TRP R 155 -33.12 1.14 27.90
CA TRP R 155 -33.16 2.06 26.76
C TRP R 155 -32.13 3.19 26.84
N MET S 1 -33.55 -22.11 54.60
CA MET S 1 -33.08 -22.97 55.68
C MET S 1 -33.61 -24.40 55.54
N VAL S 2 -32.86 -25.37 56.06
CA VAL S 2 -33.27 -26.76 56.06
C VAL S 2 -33.29 -27.24 57.50
N ILE S 3 -34.43 -27.74 57.94
CA ILE S 3 -34.56 -28.28 59.29
C ILE S 3 -33.88 -29.64 59.33
N PHE S 4 -33.07 -29.87 60.37
CA PHE S 4 -32.31 -31.11 60.50
C PHE S 4 -32.95 -31.96 61.60
N ASP S 5 -33.33 -33.18 61.22
CA ASP S 5 -33.86 -34.15 62.21
C ASP S 5 -32.79 -35.23 62.37
N GLU S 6 -32.60 -35.76 63.58
CA GLU S 6 -31.57 -36.75 63.84
C GLU S 6 -32.01 -38.18 63.54
N HIS S 7 -33.31 -38.41 63.32
CA HIS S 7 -33.75 -39.77 62.98
C HIS S 7 -33.16 -40.21 61.65
N LYS S 8 -33.29 -39.38 60.62
CA LYS S 8 -32.71 -39.68 59.32
C LYS S 8 -31.19 -39.77 59.41
N PHE S 9 -30.57 -38.87 60.18
CA PHE S 9 -29.12 -38.89 60.35
C PHE S 9 -28.65 -40.19 61.00
N ARG S 10 -29.35 -40.65 62.03
CA ARG S 10 -28.91 -41.84 62.75
C ARG S 10 -29.16 -43.11 61.94
N THR S 11 -30.28 -43.19 61.21
CA THR S 11 -30.46 -44.33 60.33
C THR S 11 -29.51 -44.28 59.12
N LEU S 12 -29.08 -43.10 58.72
CA LEU S 12 -28.11 -43.00 57.63
C LEU S 12 -26.70 -43.36 58.06
N PHE S 13 -26.33 -43.01 59.29
CA PHE S 13 -25.00 -43.31 59.83
C PHE S 13 -25.19 -44.12 61.11
N PRO S 14 -25.26 -45.45 61.00
CA PRO S 14 -25.45 -46.27 62.21
C PRO S 14 -24.32 -46.18 63.22
N GLU S 15 -23.13 -45.72 62.82
CA GLU S 15 -22.06 -45.52 63.79
C GLU S 15 -22.43 -44.44 64.80
N PHE S 16 -23.17 -43.43 64.38
CA PHE S 16 -23.66 -42.37 65.29
C PHE S 16 -25.04 -42.71 65.84
N ALA S 17 -25.17 -43.90 66.44
CA ALA S 17 -26.48 -44.34 66.92
C ALA S 17 -26.72 -44.03 68.38
N ASP S 18 -25.68 -44.02 69.21
CA ASP S 18 -25.86 -43.85 70.64
C ASP S 18 -26.06 -42.39 70.98
N PRO S 19 -27.22 -41.99 71.54
CA PRO S 19 -27.38 -40.59 71.97
C PRO S 19 -26.47 -40.20 73.10
N ALA S 20 -26.00 -41.16 73.90
CA ALA S 20 -25.04 -40.84 74.96
C ALA S 20 -23.73 -40.34 74.37
N ALA S 21 -23.25 -40.99 73.31
CA ALA S 21 -22.01 -40.56 72.68
C ALA S 21 -22.24 -39.35 71.76
N TYR S 22 -23.38 -39.29 71.09
CA TYR S 22 -23.68 -38.24 70.11
C TYR S 22 -25.05 -37.64 70.42
N PRO S 23 -25.11 -36.65 71.33
CA PRO S 23 -26.40 -36.13 71.78
C PRO S 23 -27.14 -35.28 70.75
N ASP S 24 -28.33 -34.81 71.14
CA ASP S 24 -29.16 -33.97 70.27
C ASP S 24 -28.44 -32.68 69.90
N VAL S 25 -27.96 -31.95 70.91
CA VAL S 25 -27.46 -30.60 70.69
C VAL S 25 -26.15 -30.62 69.92
N ARG S 26 -25.36 -31.69 70.05
CA ARG S 26 -24.11 -31.79 69.31
C ARG S 26 -24.38 -31.91 67.81
N LEU S 27 -25.33 -32.78 67.45
CA LEU S 27 -25.72 -32.92 66.05
C LEU S 27 -26.32 -31.63 65.51
N GLN S 28 -27.15 -30.96 66.32
CA GLN S 28 -27.73 -29.69 65.91
C GLN S 28 -26.66 -28.64 65.65
N MET S 29 -25.69 -28.53 66.56
CA MET S 29 -24.63 -27.54 66.43
C MET S 29 -23.76 -27.82 65.22
N TYR S 30 -23.44 -29.09 64.96
CA TYR S 30 -22.62 -29.38 63.80
C TYR S 30 -23.38 -29.20 62.49
N PHE S 31 -24.70 -29.40 62.49
CA PHE S 31 -25.47 -29.05 61.30
C PHE S 31 -25.45 -27.55 61.06
N ASP S 32 -25.61 -26.75 62.13
CA ASP S 32 -25.51 -25.30 61.99
C ASP S 32 -24.15 -24.89 61.46
N ILE S 33 -23.08 -25.56 61.92
CA ILE S 33 -21.74 -25.25 61.45
C ILE S 33 -21.59 -25.59 59.97
N ALA S 34 -22.08 -26.77 59.57
CA ALA S 34 -21.96 -27.20 58.17
C ALA S 34 -22.78 -26.32 57.24
N CYS S 35 -23.83 -25.67 57.76
CA CYS S 35 -24.61 -24.73 56.98
C CYS S 35 -23.75 -23.58 56.45
N GLU S 36 -22.70 -23.20 57.18
CA GLU S 36 -21.82 -22.14 56.71
C GLU S 36 -20.94 -22.58 55.55
N PHE S 37 -20.42 -23.81 55.61
CA PHE S 37 -19.64 -24.32 54.48
C PHE S 37 -20.50 -24.47 53.24
N ILE S 38 -21.65 -25.14 53.36
CA ILE S 38 -22.55 -25.32 52.23
C ILE S 38 -23.86 -24.63 52.55
N SER S 39 -24.22 -23.61 51.76
CA SER S 39 -25.44 -22.86 51.99
C SER S 39 -26.67 -23.73 51.76
N ASP S 40 -27.59 -23.71 52.72
CA ASP S 40 -28.79 -24.52 52.68
C ASP S 40 -29.98 -23.79 52.06
N ARG S 41 -29.75 -22.69 51.35
CA ARG S 41 -30.82 -21.99 50.65
C ARG S 41 -31.33 -22.88 49.52
N ASP S 42 -32.52 -23.44 49.68
CA ASP S 42 -33.07 -24.40 48.74
C ASP S 42 -33.83 -23.62 47.68
N SER S 43 -33.38 -23.73 46.43
CA SER S 43 -34.00 -23.11 45.28
C SER S 43 -34.04 -24.12 44.16
N PRO S 44 -35.05 -24.04 43.28
CA PRO S 44 -35.13 -25.03 42.19
C PRO S 44 -34.21 -24.75 41.03
N TYR S 45 -33.49 -23.64 41.04
CA TYR S 45 -32.55 -23.32 39.97
C TYR S 45 -31.11 -23.70 40.32
N ARG S 46 -30.82 -23.99 41.59
CA ARG S 46 -29.51 -24.47 41.98
C ARG S 46 -29.25 -25.85 41.41
N ILE S 47 -27.97 -26.16 41.20
CA ILE S 47 -27.62 -27.52 40.79
C ILE S 47 -27.61 -28.46 42.00
N LEU S 48 -27.40 -27.93 43.20
CA LEU S 48 -27.70 -28.65 44.44
C LEU S 48 -29.09 -28.22 44.88
N ASN S 49 -30.07 -29.08 44.62
CA ASN S 49 -31.46 -28.77 44.96
C ASN S 49 -32.13 -30.02 45.51
N GLY S 50 -33.21 -29.79 46.25
CA GLY S 50 -33.96 -30.90 46.81
C GLY S 50 -33.15 -31.70 47.81
N LYS S 51 -33.37 -33.02 47.79
CA LYS S 51 -32.75 -33.90 48.75
C LYS S 51 -31.24 -34.08 48.54
N ALA S 52 -30.72 -33.72 47.36
CA ALA S 52 -29.27 -33.81 47.14
C ALA S 52 -28.52 -32.82 48.04
N LEU S 53 -29.04 -31.61 48.17
CA LEU S 53 -28.43 -30.63 49.07
C LEU S 53 -28.48 -31.10 50.51
N GLU S 54 -29.59 -31.74 50.90
CA GLU S 54 -29.69 -32.31 52.24
C GLU S 54 -28.68 -33.41 52.45
N ALA S 55 -28.46 -34.25 51.43
CA ALA S 55 -27.45 -35.30 51.52
C ALA S 55 -26.06 -34.71 51.69
N CYS S 56 -25.74 -33.65 50.93
CA CYS S 56 -24.44 -32.99 51.09
C CYS S 56 -24.27 -32.42 52.50
N LEU S 57 -25.32 -31.77 53.01
CA LEU S 57 -25.23 -31.19 54.34
C LEU S 57 -25.04 -32.26 55.40
N TYR S 58 -25.79 -33.37 55.31
CA TYR S 58 -25.67 -34.45 56.29
C TYR S 58 -24.29 -35.11 56.22
N LEU S 59 -23.75 -35.28 55.01
CA LEU S 59 -22.40 -35.83 54.89
C LEU S 59 -21.37 -34.90 55.53
N LEU S 60 -21.54 -33.58 55.37
CA LEU S 60 -20.60 -32.66 55.98
C LEU S 60 -20.72 -32.66 57.51
N THR S 61 -21.94 -32.80 58.02
CA THR S 61 -22.11 -32.95 59.47
C THR S 61 -21.41 -34.22 59.97
N ALA S 62 -21.53 -35.31 59.21
CA ALA S 62 -20.82 -36.54 59.58
C ALA S 62 -19.31 -36.33 59.58
N HIS S 63 -18.80 -35.60 58.59
CA HIS S 63 -17.38 -35.26 58.53
C HIS S 63 -16.93 -34.49 59.78
N LEU S 64 -17.65 -33.41 60.11
CA LEU S 64 -17.29 -32.61 61.27
C LEU S 64 -17.39 -33.41 62.55
N LEU S 65 -18.44 -34.22 62.68
CA LEU S 65 -18.61 -35.06 63.86
C LEU S 65 -17.48 -36.07 64.00
N SER S 66 -17.04 -36.65 62.88
CA SER S 66 -15.95 -37.63 62.92
C SER S 66 -14.65 -36.98 63.38
N LEU S 67 -14.34 -35.79 62.86
CA LEU S 67 -13.18 -35.06 63.35
C LEU S 67 -13.30 -34.75 64.83
N SER S 68 -14.49 -34.36 65.27
CA SER S 68 -14.69 -33.99 66.66
C SER S 68 -14.52 -35.18 67.60
N THR S 69 -15.09 -36.35 67.26
CA THR S 69 -14.92 -37.50 68.14
C THR S 69 -13.48 -38.00 68.12
N MET S 70 -12.80 -37.86 66.96
CA MET S 70 -11.38 -38.16 66.91
C MET S 70 -10.60 -37.31 67.91
N GLN S 71 -10.91 -36.01 67.94
CA GLN S 71 -10.26 -35.12 68.91
C GLN S 71 -10.59 -35.50 70.35
N VAL S 72 -11.86 -35.76 70.64
CA VAL S 72 -12.28 -36.01 72.02
C VAL S 72 -11.67 -37.31 72.54
N GLN S 73 -11.73 -38.38 71.74
CA GLN S 73 -11.20 -39.66 72.19
C GLN S 73 -9.67 -39.65 72.24
N GLY S 74 -9.02 -39.13 71.20
CA GLY S 74 -7.56 -39.14 71.15
C GLY S 74 -7.03 -40.34 70.37
N ALA S 75 -6.26 -41.20 71.04
CA ALA S 75 -5.85 -41.12 72.45
C ALA S 75 -4.35 -41.33 72.58
N ALA S 76 -3.70 -40.55 73.44
CA ALA S 76 -2.27 -40.69 73.69
C ALA S 76 -2.00 -41.58 74.90
N GLY S 77 -2.46 -41.15 76.07
CA GLY S 77 -2.29 -41.92 77.29
C GLY S 77 -3.56 -41.95 78.10
N GLY S 78 -4.70 -41.94 77.43
CA GLY S 78 -5.99 -41.84 78.07
C GLY S 78 -6.63 -40.48 77.99
N GLY S 79 -6.39 -39.71 76.93
CA GLY S 79 -6.93 -38.38 76.84
C GLY S 79 -6.51 -37.72 75.56
N VAL S 80 -6.67 -36.40 75.51
CA VAL S 80 -6.33 -35.60 74.34
C VAL S 80 -4.93 -35.03 74.52
N THR S 81 -4.09 -35.21 73.50
CA THR S 81 -2.72 -34.70 73.55
C THR S 81 -2.67 -33.26 73.07
N ALA S 82 -1.51 -32.63 73.27
CA ALA S 82 -1.32 -31.25 72.87
C ALA S 82 -1.20 -31.14 71.36
N GLY S 83 -1.92 -30.18 70.78
CA GLY S 83 -1.92 -29.96 69.35
C GLY S 83 -2.97 -30.74 68.59
N GLY S 84 -3.69 -31.65 69.25
CA GLY S 84 -4.74 -32.39 68.60
C GLY S 84 -4.26 -33.44 67.61
N THR S 85 -5.18 -34.20 67.04
CA THR S 85 -4.86 -35.18 66.02
C THR S 85 -5.19 -34.60 64.66
N GLN S 86 -4.17 -34.44 63.82
CA GLN S 86 -4.37 -33.84 62.51
C GLN S 86 -5.10 -34.79 61.58
N GLY S 87 -5.92 -34.22 60.69
CA GLY S 87 -6.68 -35.00 59.75
C GLY S 87 -5.87 -35.42 58.53
N GLY S 88 -6.45 -35.30 57.35
CA GLY S 88 -5.77 -35.66 56.13
C GLY S 88 -5.95 -37.12 55.76
N PHE S 89 -5.74 -37.40 54.48
CA PHE S 89 -5.91 -38.75 53.97
C PHE S 89 -4.65 -39.58 54.23
N ILE S 90 -4.83 -40.75 54.85
CA ILE S 90 -3.73 -41.65 55.13
C ILE S 90 -3.37 -42.33 53.81
N THR S 91 -2.24 -41.95 53.23
CA THR S 91 -1.82 -42.51 51.96
C THR S 91 -1.03 -43.81 52.11
N SER S 92 -0.60 -44.14 53.32
CA SER S 92 0.15 -45.36 53.58
C SER S 92 0.17 -45.67 55.08
N ALA S 93 -0.16 -46.91 55.44
CA ALA S 93 -0.16 -47.33 56.82
C ALA S 93 0.56 -48.67 56.95
N THR S 94 1.07 -48.93 58.14
CA THR S 94 1.77 -50.18 58.41
C THR S 94 1.61 -50.51 59.89
N VAL S 95 1.00 -51.66 60.17
CA VAL S 95 0.84 -52.15 61.53
C VAL S 95 1.40 -53.57 61.56
N GLY S 96 2.46 -53.76 62.33
CA GLY S 96 3.10 -55.07 62.40
C GLY S 96 3.57 -55.53 61.04
N GLU S 97 3.19 -56.74 60.67
CA GLU S 97 3.49 -57.26 59.34
C GLU S 97 2.59 -56.66 58.28
N VAL S 98 1.36 -56.27 58.65
CA VAL S 98 0.40 -55.79 57.67
C VAL S 98 0.79 -54.39 57.21
N SER S 99 0.64 -54.14 55.91
CA SER S 99 0.93 -52.82 55.36
C SER S 99 -0.02 -52.56 54.20
N VAL S 100 -0.47 -51.31 54.11
CA VAL S 100 -1.41 -50.88 53.08
C VAL S 100 -0.88 -49.58 52.48
N ALA S 101 -1.03 -49.44 51.16
CA ALA S 101 -0.66 -48.22 50.45
C ALA S 101 -1.79 -47.86 49.51
N LYS S 102 -2.39 -46.69 49.71
CA LYS S 102 -3.58 -46.30 48.99
C LYS S 102 -3.29 -45.16 48.01
N LEU S 103 -4.10 -45.09 46.96
CA LEU S 103 -3.95 -44.04 45.97
C LEU S 103 -4.32 -42.69 46.57
N ALA S 104 -3.50 -41.68 46.29
CA ALA S 104 -3.76 -40.35 46.79
C ALA S 104 -4.86 -39.68 45.98
N PRO S 105 -5.77 -38.96 46.63
CA PRO S 105 -6.81 -38.23 45.89
C PRO S 105 -6.21 -37.07 45.12
N PRO S 106 -6.86 -36.64 44.05
CA PRO S 106 -6.39 -35.45 43.32
C PRO S 106 -6.79 -34.15 44.01
N ALA S 107 -6.29 -33.96 45.23
CA ALA S 107 -6.64 -32.82 46.06
C ALA S 107 -5.77 -31.64 45.64
N LYS S 108 -6.30 -30.79 44.78
CA LYS S 108 -5.59 -29.61 44.30
C LYS S 108 -5.84 -28.38 45.16
N ASN S 109 -6.61 -28.51 46.24
CA ASN S 109 -7.03 -27.35 47.01
C ASN S 109 -7.27 -27.83 48.44
N GLY S 110 -7.13 -26.88 49.38
CA GLY S 110 -7.23 -27.22 50.79
C GLY S 110 -8.60 -27.74 51.18
N TRP S 111 -9.66 -27.20 50.58
CA TRP S 111 -11.01 -27.68 50.85
C TRP S 111 -11.17 -29.13 50.40
N GLN S 112 -10.65 -29.45 49.22
CA GLN S 112 -10.69 -30.82 48.72
C GLN S 112 -9.89 -31.76 49.62
N TRP S 113 -8.72 -31.31 50.07
CA TRP S 113 -7.88 -32.14 50.93
C TRP S 113 -8.56 -32.40 52.28
N TRP S 114 -9.16 -31.36 52.86
CA TRP S 114 -9.88 -31.51 54.12
C TRP S 114 -11.06 -32.46 53.96
N LEU S 115 -11.76 -32.37 52.83
CA LEU S 115 -12.85 -33.30 52.55
C LEU S 115 -12.34 -34.73 52.44
N SER S 116 -11.25 -34.93 51.69
CA SER S 116 -10.69 -36.26 51.52
C SER S 116 -10.11 -36.83 52.81
N GLY S 117 -9.91 -35.98 53.82
CA GLY S 117 -9.44 -36.46 55.10
C GLY S 117 -10.29 -37.54 55.74
N THR S 118 -11.61 -37.48 55.54
CA THR S 118 -12.53 -38.46 56.11
C THR S 118 -13.41 -39.06 55.03
N PRO S 119 -13.86 -40.31 55.23
CA PRO S 119 -14.73 -40.95 54.22
C PRO S 119 -16.05 -40.25 53.96
N TYR S 120 -16.68 -39.65 54.98
CA TYR S 120 -17.90 -38.89 54.72
C TYR S 120 -17.60 -37.68 53.85
N GLY S 121 -16.51 -36.97 54.15
CA GLY S 121 -16.08 -35.89 53.29
C GLY S 121 -15.69 -36.36 51.90
N GLN S 122 -15.16 -37.58 51.79
CA GLN S 122 -14.86 -38.14 50.47
C GLN S 122 -16.14 -38.33 49.66
N GLU S 123 -17.20 -38.84 50.29
CA GLU S 123 -18.48 -39.00 49.60
C GLU S 123 -19.07 -37.66 49.21
N LEU S 124 -18.99 -36.67 50.11
CA LEU S 124 -19.51 -35.34 49.78
C LEU S 124 -18.73 -34.70 48.65
N TRP S 125 -17.39 -34.86 48.65
CA TRP S 125 -16.57 -34.35 47.57
C TRP S 125 -16.91 -35.02 46.25
N ALA S 126 -17.15 -36.33 46.28
CA ALA S 126 -17.55 -37.04 45.07
C ALA S 126 -18.89 -36.54 44.55
N LEU S 127 -19.85 -36.29 45.43
CA LEU S 127 -21.16 -35.80 45.00
C LEU S 127 -21.03 -34.40 44.41
N LEU S 128 -20.24 -33.52 45.05
CA LEU S 128 -20.03 -32.18 44.52
C LEU S 128 -19.35 -32.24 43.15
N SER S 129 -18.34 -33.11 43.01
CA SER S 129 -17.64 -33.23 41.74
C SER S 129 -18.54 -33.76 40.64
N VAL S 130 -19.37 -34.77 40.94
CA VAL S 130 -20.23 -35.35 39.92
C VAL S 130 -21.36 -34.41 39.55
N LYS S 131 -21.75 -33.51 40.46
CA LYS S 131 -22.78 -32.53 40.10
C LYS S 131 -22.21 -31.23 39.55
N ALA S 132 -20.89 -31.06 39.60
CA ALA S 132 -20.25 -29.87 39.03
C ALA S 132 -19.83 -30.17 37.60
N VAL S 133 -20.74 -29.92 36.66
CA VAL S 133 -20.47 -30.12 35.24
C VAL S 133 -20.97 -28.91 34.47
N GLY S 134 -20.19 -28.50 33.48
CA GLY S 134 -20.61 -27.39 32.65
C GLY S 134 -20.31 -26.06 33.32
N GLY S 135 -21.32 -25.50 33.97
CA GLY S 135 -21.15 -24.26 34.69
C GLY S 135 -22.37 -23.36 34.61
N PHE S 136 -22.14 -22.06 34.61
CA PHE S 136 -23.23 -21.09 34.56
C PHE S 136 -22.94 -20.08 33.48
N TYR S 137 -23.98 -19.42 33.01
CA TYR S 137 -23.84 -18.25 32.14
C TYR S 137 -24.67 -17.13 32.74
N ILE S 138 -24.00 -16.17 33.37
CA ILE S 138 -24.65 -15.08 34.10
C ILE S 138 -24.54 -13.82 33.26
N GLY S 139 -25.65 -13.10 33.16
CA GLY S 139 -25.71 -11.96 32.26
C GLY S 139 -26.03 -12.41 30.85
N GLY S 140 -26.09 -11.43 29.95
CA GLY S 140 -26.41 -11.72 28.57
C GLY S 140 -27.91 -11.84 28.33
N LEU S 141 -28.37 -11.26 27.24
CA LEU S 141 -29.77 -11.23 26.86
C LEU S 141 -29.98 -11.98 25.56
N PRO S 142 -31.22 -12.43 25.26
CA PRO S 142 -31.43 -13.16 23.99
C PRO S 142 -31.29 -12.26 22.77
N GLU S 143 -30.04 -11.94 22.43
CA GLU S 143 -29.76 -11.12 21.27
C GLU S 143 -30.21 -11.79 19.98
N ARG S 144 -30.16 -13.12 19.94
CA ARG S 144 -30.44 -13.85 18.70
C ARG S 144 -31.91 -13.88 18.36
N ARG S 145 -32.80 -13.60 19.31
CA ARG S 145 -34.23 -13.74 19.06
C ARG S 145 -34.79 -12.64 18.17
N GLY S 146 -34.01 -11.60 17.88
CA GLY S 146 -34.48 -10.55 17.00
C GLY S 146 -33.94 -10.67 15.58
N PHE S 147 -33.37 -11.81 15.25
CA PHE S 147 -32.76 -12.01 13.94
C PHE S 147 -33.32 -13.27 13.30
N ARG S 148 -33.84 -13.14 12.09
CA ARG S 148 -34.48 -14.25 11.40
C ARG S 148 -33.46 -15.31 11.02
N LYS S 149 -33.91 -16.56 10.99
CA LYS S 149 -33.05 -17.72 10.79
C LYS S 149 -33.72 -18.67 9.80
N VAL S 150 -33.15 -19.87 9.67
CA VAL S 150 -33.67 -20.85 8.72
C VAL S 150 -35.09 -21.26 9.10
N GLY S 151 -35.95 -21.37 8.08
CA GLY S 151 -37.31 -21.82 8.31
C GLY S 151 -38.20 -20.82 9.01
N GLY S 152 -37.82 -19.55 9.00
CA GLY S 152 -38.60 -18.53 9.68
C GLY S 152 -38.65 -18.73 11.18
N THR S 153 -37.50 -19.05 11.78
CA THR S 153 -37.41 -19.29 13.20
C THR S 153 -36.85 -18.07 13.90
N PHE S 154 -37.53 -17.62 14.95
CA PHE S 154 -37.20 -16.41 15.69
C PHE S 154 -37.08 -15.21 14.74
N TRP S 155 -38.12 -15.03 13.94
CA TRP S 155 -38.29 -13.90 13.02
C TRP S 155 -37.87 -12.54 13.58
N MET T 1 -38.30 -41.44 37.35
CA MET T 1 -38.12 -42.28 38.53
C MET T 1 -38.00 -43.75 38.13
N VAL T 2 -37.17 -44.50 38.85
CA VAL T 2 -36.98 -45.92 38.64
C VAL T 2 -37.29 -46.65 39.93
N ILE T 3 -38.18 -47.61 39.87
CA ILE T 3 -38.55 -48.39 41.05
C ILE T 3 -37.45 -49.41 41.33
N PHE T 4 -37.06 -49.52 42.60
CA PHE T 4 -36.01 -50.43 43.02
C PHE T 4 -36.63 -51.61 43.76
N ASP T 5 -36.23 -52.81 43.37
CA ASP T 5 -36.75 -54.05 44.02
C ASP T 5 -35.57 -54.78 44.67
N GLU T 6 -35.84 -55.52 45.76
CA GLU T 6 -34.81 -56.28 46.45
C GLU T 6 -34.32 -57.46 45.63
N HIS T 7 -35.19 -58.02 44.78
CA HIS T 7 -34.90 -59.31 44.14
C HIS T 7 -33.75 -59.19 43.14
N LYS T 8 -33.84 -58.21 42.23
CA LYS T 8 -32.80 -58.05 41.22
C LYS T 8 -31.46 -57.69 41.86
N PHE T 9 -31.49 -56.81 42.88
CA PHE T 9 -30.27 -56.43 43.58
C PHE T 9 -29.64 -57.64 44.28
N ARG T 10 -30.45 -58.48 44.92
CA ARG T 10 -29.91 -59.59 45.68
C ARG T 10 -29.35 -60.68 44.79
N THR T 11 -30.03 -61.00 43.68
CA THR T 11 -29.43 -61.97 42.75
C THR T 11 -28.31 -61.37 41.91
N LEU T 12 -28.23 -60.05 41.80
CA LEU T 12 -27.10 -59.43 41.12
C LEU T 12 -25.86 -59.41 42.00
N PHE T 13 -26.03 -59.23 43.31
CA PHE T 13 -24.92 -59.20 44.26
C PHE T 13 -25.16 -60.26 45.33
N PRO T 14 -24.68 -61.48 45.11
CA PRO T 14 -24.89 -62.55 46.10
C PRO T 14 -24.27 -62.27 47.46
N GLU T 15 -23.27 -61.39 47.55
CA GLU T 15 -22.75 -61.00 48.85
C GLU T 15 -23.80 -60.28 49.70
N PHE T 16 -24.69 -59.51 49.05
CA PHE T 16 -25.78 -58.85 49.75
C PHE T 16 -27.05 -59.69 49.74
N ALA T 17 -26.95 -60.94 50.18
CA ALA T 17 -28.09 -61.86 50.11
C ALA T 17 -28.87 -61.97 51.41
N ASP T 18 -28.24 -61.75 52.56
CA ASP T 18 -28.90 -61.95 53.84
C ASP T 18 -29.78 -60.77 54.18
N PRO T 19 -31.10 -60.95 54.34
CA PRO T 19 -31.95 -59.82 54.78
C PRO T 19 -31.57 -59.29 56.15
N ALA T 20 -31.14 -60.17 57.05
CA ALA T 20 -30.74 -59.73 58.39
C ALA T 20 -29.52 -58.84 58.33
N ALA T 21 -28.53 -59.19 57.50
CA ALA T 21 -27.34 -58.38 57.40
C ALA T 21 -27.60 -57.10 56.61
N TYR T 22 -28.44 -57.17 55.58
CA TYR T 22 -28.76 -56.02 54.72
C TYR T 22 -30.28 -55.89 54.59
N PRO T 23 -30.93 -55.20 55.54
CA PRO T 23 -32.38 -55.00 55.48
C PRO T 23 -32.86 -54.32 54.21
N ASP T 24 -34.14 -54.50 53.88
CA ASP T 24 -34.71 -53.92 52.67
C ASP T 24 -34.72 -52.40 52.72
N VAL T 25 -35.02 -51.82 53.88
CA VAL T 25 -35.09 -50.37 54.01
C VAL T 25 -33.73 -49.73 53.81
N ARG T 26 -32.66 -50.44 54.18
CA ARG T 26 -31.30 -49.94 53.95
C ARG T 26 -31.02 -49.83 52.45
N LEU T 27 -31.38 -50.88 51.71
CA LEU T 27 -31.18 -50.87 50.26
C LEU T 27 -32.01 -49.79 49.60
N GLN T 28 -33.26 -49.62 50.05
CA GLN T 28 -34.12 -48.60 49.48
C GLN T 28 -33.57 -47.20 49.75
N MET T 29 -33.09 -46.97 50.98
CA MET T 29 -32.51 -45.67 51.32
C MET T 29 -31.28 -45.37 50.48
N TYR T 30 -30.43 -46.37 50.26
CA TYR T 30 -29.24 -46.12 49.45
C TYR T 30 -29.60 -45.95 47.98
N PHE T 31 -30.69 -46.55 47.52
CA PHE T 31 -31.15 -46.28 46.16
C PHE T 31 -31.63 -44.84 46.02
N ASP T 32 -32.41 -44.36 46.99
CA ASP T 32 -32.82 -42.97 46.99
C ASP T 32 -31.61 -42.04 47.00
N ILE T 33 -30.57 -42.41 47.75
CA ILE T 33 -29.38 -41.58 47.80
C ILE T 33 -28.64 -41.58 46.46
N ALA T 34 -28.52 -42.76 45.82
CA ALA T 34 -27.84 -42.86 44.53
C ALA T 34 -28.58 -42.13 43.43
N CYS T 35 -29.89 -41.91 43.61
CA CYS T 35 -30.66 -41.11 42.65
C CYS T 35 -30.08 -39.71 42.47
N GLU T 36 -29.51 -39.12 43.52
CA GLU T 36 -28.87 -37.81 43.37
C GLU T 36 -27.61 -37.87 42.51
N PHE T 37 -26.77 -38.88 42.71
CA PHE T 37 -25.55 -38.99 41.91
C PHE T 37 -25.88 -39.21 40.44
N ILE T 38 -26.73 -40.19 40.14
CA ILE T 38 -27.21 -40.38 38.77
C ILE T 38 -28.73 -40.20 38.77
N SER T 39 -29.20 -39.20 38.04
CA SER T 39 -30.63 -38.95 37.95
C SER T 39 -31.31 -40.10 37.21
N ASP T 40 -32.37 -40.64 37.82
CA ASP T 40 -33.09 -41.77 37.28
C ASP T 40 -34.20 -41.38 36.31
N ARG T 41 -34.13 -40.16 35.76
CA ARG T 41 -35.07 -39.74 34.72
C ARG T 41 -34.81 -40.53 33.46
N ASP T 42 -35.68 -41.47 33.14
CA ASP T 42 -35.50 -42.37 32.01
C ASP T 42 -36.07 -41.68 30.78
N SER T 43 -35.24 -41.49 29.77
CA SER T 43 -35.62 -40.88 28.51
C SER T 43 -34.98 -41.68 27.39
N PRO T 44 -35.59 -41.72 26.20
CA PRO T 44 -34.99 -42.47 25.09
C PRO T 44 -33.89 -41.73 24.37
N TYR T 45 -33.66 -40.46 24.66
CA TYR T 45 -32.59 -39.68 24.06
C TYR T 45 -31.33 -39.66 24.92
N ARG T 46 -31.36 -40.27 26.09
CA ARG T 46 -30.21 -40.28 26.98
C ARG T 46 -29.21 -41.36 26.56
N ILE T 47 -27.92 -41.10 26.81
CA ILE T 47 -26.94 -42.16 26.64
C ILE T 47 -27.14 -43.24 27.70
N LEU T 48 -27.37 -42.85 28.95
CA LEU T 48 -27.81 -43.80 29.97
C LEU T 48 -29.33 -43.90 29.86
N ASN T 49 -29.79 -44.86 29.05
CA ASN T 49 -31.22 -45.09 28.88
C ASN T 49 -31.56 -46.53 29.25
N GLY T 50 -32.68 -46.69 29.93
CA GLY T 50 -33.21 -48.02 30.20
C GLY T 50 -32.34 -48.84 31.13
N LYS T 51 -32.19 -50.12 30.77
CA LYS T 51 -31.56 -51.09 31.65
C LYS T 51 -30.09 -50.78 31.92
N ALA T 52 -29.42 -50.06 31.01
CA ALA T 52 -28.05 -49.61 31.29
C ALA T 52 -28.04 -48.61 32.44
N LEU T 53 -28.97 -47.66 32.43
CA LEU T 53 -29.09 -46.70 33.52
C LEU T 53 -29.48 -47.40 34.82
N GLU T 54 -30.38 -48.37 34.74
CA GLU T 54 -30.75 -49.12 35.94
C GLU T 54 -29.55 -49.88 36.50
N ALA T 55 -28.74 -50.49 35.63
CA ALA T 55 -27.55 -51.18 36.09
C ALA T 55 -26.55 -50.23 36.73
N CYS T 56 -26.42 -49.02 36.17
CA CYS T 56 -25.54 -48.02 36.76
C CYS T 56 -26.00 -47.66 38.17
N LEU T 57 -27.30 -47.44 38.35
CA LEU T 57 -27.83 -47.12 39.67
C LEU T 57 -27.63 -48.28 40.65
N TYR T 58 -27.84 -49.52 40.18
CA TYR T 58 -27.63 -50.68 41.05
C TYR T 58 -26.17 -50.80 41.48
N LEU T 59 -25.24 -50.56 40.56
CA LEU T 59 -23.83 -50.63 40.91
C LEU T 59 -23.46 -49.56 41.93
N LEU T 60 -24.01 -48.34 41.78
CA LEU T 60 -23.73 -47.31 42.76
C LEU T 60 -24.30 -47.67 44.13
N THR T 61 -25.50 -48.29 44.16
CA THR T 61 -26.06 -48.70 45.45
C THR T 61 -25.15 -49.73 46.10
N ALA T 62 -24.61 -50.66 45.31
CA ALA T 62 -23.65 -51.62 45.85
C ALA T 62 -22.41 -50.92 46.39
N HIS T 63 -21.93 -49.89 45.68
CA HIS T 63 -20.80 -49.09 46.16
C HIS T 63 -21.07 -48.47 47.53
N LEU T 64 -22.21 -47.77 47.65
CA LEU T 64 -22.55 -47.10 48.90
C LEU T 64 -22.76 -48.12 50.02
N LEU T 65 -23.39 -49.25 49.71
CA LEU T 65 -23.58 -50.29 50.69
C LEU T 65 -22.25 -50.86 51.17
N SER T 66 -21.28 -51.01 50.25
CA SER T 66 -19.98 -51.53 50.64
C SER T 66 -19.26 -50.56 51.58
N LEU T 67 -19.32 -49.27 51.29
CA LEU T 67 -18.76 -48.29 52.24
C LEU T 67 -19.46 -48.38 53.58
N SER T 68 -20.79 -48.53 53.57
CA SER T 68 -21.54 -48.56 54.81
C SER T 68 -21.19 -49.77 55.66
N THR T 69 -21.08 -50.96 55.05
CA THR T 69 -20.75 -52.12 55.86
C THR T 69 -19.30 -52.05 56.32
N MET T 70 -18.42 -51.45 55.52
CA MET T 70 -17.06 -51.17 55.98
C MET T 70 -17.08 -50.34 57.26
N GLN T 71 -17.93 -49.31 57.29
CA GLN T 71 -18.01 -48.42 58.44
C GLN T 71 -18.56 -49.12 59.66
N VAL T 72 -19.70 -49.81 59.51
CA VAL T 72 -20.35 -50.43 60.67
C VAL T 72 -19.51 -51.58 61.22
N GLN T 73 -18.98 -52.45 60.34
CA GLN T 73 -18.20 -53.58 60.82
C GLN T 73 -16.87 -53.14 61.40
N GLY T 74 -16.16 -52.24 60.73
CA GLY T 74 -14.86 -51.78 61.22
C GLY T 74 -13.71 -52.57 60.59
N ALA T 75 -12.92 -53.24 61.42
CA ALA T 75 -13.02 -53.31 62.88
C ALA T 75 -11.66 -53.07 63.53
N ALA T 76 -11.62 -52.28 64.60
CA ALA T 76 -10.38 -52.01 65.31
C ALA T 76 -10.19 -52.97 66.48
N GLY T 77 -11.10 -52.92 67.45
CA GLY T 77 -11.02 -53.81 68.60
C GLY T 77 -12.39 -54.38 68.95
N GLY T 78 -13.20 -54.61 67.92
CA GLY T 78 -14.56 -55.05 68.10
C GLY T 78 -15.61 -53.98 67.91
N GLY T 79 -15.37 -53.00 67.04
CA GLY T 79 -16.32 -51.92 66.85
C GLY T 79 -15.81 -50.95 65.82
N VAL T 80 -16.34 -49.73 65.88
CA VAL T 80 -15.99 -48.66 64.95
C VAL T 80 -15.01 -47.72 65.62
N THR T 81 -13.90 -47.44 64.95
CA THR T 81 -12.89 -46.54 65.48
C THR T 81 -13.28 -45.08 65.25
N ALA T 82 -12.47 -44.18 65.75
CA ALA T 82 -12.73 -42.76 65.63
C ALA T 82 -12.28 -42.24 64.26
N GLY T 83 -13.20 -41.57 63.56
CA GLY T 83 -12.92 -41.05 62.24
C GLY T 83 -13.24 -41.99 61.10
N GLY T 84 -13.57 -43.24 61.40
CA GLY T 84 -13.94 -44.20 60.37
C GLY T 84 -12.79 -44.66 59.49
N THR T 85 -13.00 -45.75 58.76
CA THR T 85 -12.01 -46.27 57.84
C THR T 85 -12.24 -45.63 56.47
N GLN T 86 -11.22 -44.98 55.94
CA GLN T 86 -11.34 -44.25 54.68
C GLN T 86 -11.31 -45.20 53.50
N GLY T 87 -11.97 -44.79 52.41
CA GLY T 87 -12.00 -45.59 51.21
C GLY T 87 -10.76 -45.41 50.36
N GLY T 88 -10.92 -45.40 49.05
CA GLY T 88 -9.80 -45.25 48.14
C GLY T 88 -9.25 -46.60 47.67
N PHE T 89 -8.57 -46.55 46.54
CA PHE T 89 -8.04 -47.75 45.92
C PHE T 89 -6.75 -48.17 46.61
N ILE T 90 -6.66 -49.46 46.94
CA ILE T 90 -5.46 -50.04 47.55
C ILE T 90 -4.43 -50.23 46.44
N THR T 91 -3.43 -49.35 46.38
CA THR T 91 -2.40 -49.47 45.36
C THR T 91 -1.46 -50.64 45.67
N SER T 92 -1.05 -50.77 46.92
CA SER T 92 -0.13 -51.82 47.33
C SER T 92 -0.50 -52.32 48.71
N ALA T 93 -0.43 -53.64 48.89
CA ALA T 93 -0.73 -54.26 50.16
C ALA T 93 0.33 -55.31 50.47
N THR T 94 0.48 -55.62 51.75
CA THR T 94 1.45 -56.61 52.19
C THR T 94 0.95 -57.25 53.47
N VAL T 95 0.72 -58.56 53.43
CA VAL T 95 0.34 -59.34 54.60
C VAL T 95 1.34 -60.47 54.75
N GLY T 96 2.07 -60.47 55.85
CA GLY T 96 3.08 -61.50 56.09
C GLY T 96 4.14 -61.48 55.00
N GLU T 97 4.37 -62.66 54.41
CA GLU T 97 5.32 -62.77 53.31
C GLU T 97 4.70 -62.43 51.96
N VAL T 98 3.38 -62.25 51.90
CA VAL T 98 2.69 -62.00 50.63
C VAL T 98 2.64 -60.49 50.40
N SER T 99 2.99 -60.06 49.19
CA SER T 99 2.91 -58.67 48.81
C SER T 99 2.26 -58.55 47.44
N VAL T 100 1.40 -57.54 47.28
CA VAL T 100 0.70 -57.28 46.03
C VAL T 100 0.84 -55.80 45.70
N ALA T 101 1.09 -55.50 44.43
CA ALA T 101 1.19 -54.11 43.96
C ALA T 101 0.37 -53.99 42.69
N LYS T 102 -0.71 -53.22 42.73
CA LYS T 102 -1.63 -53.09 41.62
C LYS T 102 -1.44 -51.76 40.90
N LEU T 103 -1.83 -51.75 39.63
CA LEU T 103 -1.76 -50.53 38.84
C LEU T 103 -2.77 -49.51 39.35
N ALA T 104 -2.35 -48.26 39.42
CA ALA T 104 -3.23 -47.20 39.89
C ALA T 104 -4.22 -46.81 38.79
N PRO T 105 -5.47 -46.54 39.14
CA PRO T 105 -6.44 -46.06 38.15
C PRO T 105 -6.10 -44.66 37.70
N PRO T 106 -6.52 -44.26 36.51
CA PRO T 106 -6.29 -42.87 36.05
C PRO T 106 -7.32 -41.89 36.62
N ALA T 107 -7.41 -41.84 37.94
CA ALA T 107 -8.38 -40.99 38.63
C ALA T 107 -7.87 -39.56 38.62
N LYS T 108 -8.41 -38.76 37.70
CA LYS T 108 -8.06 -37.35 37.60
C LYS T 108 -9.04 -36.45 38.32
N ASN T 109 -10.01 -37.02 39.02
CA ASN T 109 -11.10 -36.25 39.59
C ASN T 109 -11.56 -36.94 40.87
N GLY T 110 -12.16 -36.16 41.78
CA GLY T 110 -12.61 -36.70 43.04
C GLY T 110 -13.69 -37.77 42.89
N TRP T 111 -14.61 -37.55 41.94
CA TRP T 111 -15.67 -38.52 41.69
C TRP T 111 -15.09 -39.86 41.21
N GLN T 112 -14.14 -39.80 40.27
CA GLN T 112 -13.50 -41.01 39.77
C GLN T 112 -12.70 -41.70 40.87
N TRP T 113 -11.99 -40.92 41.68
CA TRP T 113 -11.19 -41.49 42.77
C TRP T 113 -12.07 -42.17 43.80
N TRP T 114 -13.21 -41.56 44.14
CA TRP T 114 -14.14 -42.19 45.06
C TRP T 114 -14.75 -43.46 44.47
N LEU T 115 -15.04 -43.43 43.16
CA LEU T 115 -15.57 -44.62 42.50
C LEU T 115 -14.57 -45.76 42.52
N SER T 116 -13.28 -45.46 42.29
CA SER T 116 -12.27 -46.51 42.23
C SER T 116 -12.04 -47.21 43.57
N GLY T 117 -12.59 -46.69 44.66
CA GLY T 117 -12.37 -47.30 45.96
C GLY T 117 -12.95 -48.70 46.09
N THR T 118 -14.10 -48.95 45.46
CA THR T 118 -14.72 -50.26 45.51
C THR T 118 -14.95 -50.78 44.10
N PRO T 119 -14.93 -52.10 43.91
CA PRO T 119 -15.15 -52.67 42.57
C PRO T 119 -16.51 -52.35 41.97
N TYR T 120 -17.55 -52.21 42.80
CA TYR T 120 -18.84 -51.75 42.28
C TYR T 120 -18.72 -50.34 41.73
N GLY T 121 -17.98 -49.48 42.42
CA GLY T 121 -17.68 -48.17 41.89
C GLY T 121 -16.81 -48.25 40.64
N GLN T 122 -15.90 -49.23 40.60
CA GLN T 122 -15.11 -49.45 39.38
C GLN T 122 -16.01 -49.93 38.24
N GLU T 123 -16.98 -50.80 38.55
CA GLU T 123 -18.00 -51.20 37.59
C GLU T 123 -18.70 -49.98 37.00
N LEU T 124 -19.18 -49.10 37.89
CA LEU T 124 -19.90 -47.89 37.48
C LEU T 124 -19.02 -46.98 36.65
N TRP T 125 -17.77 -46.79 37.07
CA TRP T 125 -16.85 -45.93 36.35
C TRP T 125 -16.57 -46.46 34.95
N ALA T 126 -16.38 -47.77 34.83
CA ALA T 126 -16.15 -48.37 33.52
C ALA T 126 -17.36 -48.21 32.62
N LEU T 127 -18.56 -48.41 33.17
CA LEU T 127 -19.78 -48.27 32.36
C LEU T 127 -19.95 -46.83 31.89
N LEU T 128 -19.75 -45.87 32.80
CA LEU T 128 -19.89 -44.46 32.44
C LEU T 128 -18.85 -44.05 31.40
N SER T 129 -17.60 -44.50 31.55
CA SER T 129 -16.56 -44.15 30.60
C SER T 129 -16.84 -44.75 29.23
N VAL T 130 -17.27 -46.02 29.18
CA VAL T 130 -17.52 -46.64 27.89
C VAL T 130 -18.74 -46.04 27.22
N LYS T 131 -19.71 -45.54 27.98
CA LYS T 131 -20.83 -44.84 27.37
C LYS T 131 -20.50 -43.39 27.05
N ALA T 132 -19.43 -42.85 27.61
CA ALA T 132 -19.07 -41.44 27.40
C ALA T 132 -18.06 -41.32 26.26
N VAL T 133 -18.57 -41.45 25.04
CA VAL T 133 -17.77 -41.31 23.84
C VAL T 133 -18.48 -40.36 22.89
N GLY T 134 -17.73 -39.41 22.34
CA GLY T 134 -18.31 -38.42 21.45
C GLY T 134 -18.70 -37.15 22.18
N GLY T 135 -19.98 -37.02 22.50
CA GLY T 135 -20.48 -35.88 23.22
C GLY T 135 -21.81 -35.44 22.65
N PHE T 136 -22.24 -34.25 23.04
CA PHE T 136 -23.50 -33.68 22.62
C PHE T 136 -23.26 -32.50 21.69
N TYR T 137 -24.36 -31.84 21.31
CA TYR T 137 -24.30 -30.58 20.56
C TYR T 137 -25.58 -29.83 20.85
N ILE T 138 -25.46 -28.75 21.61
CA ILE T 138 -26.62 -27.96 22.06
C ILE T 138 -26.78 -26.76 21.15
N GLY T 139 -28.02 -26.36 20.91
CA GLY T 139 -28.27 -25.27 20.01
C GLY T 139 -28.08 -25.70 18.57
N GLY T 140 -27.99 -24.69 17.69
CA GLY T 140 -27.80 -24.96 16.28
C GLY T 140 -29.07 -25.35 15.56
N LEU T 141 -29.21 -24.89 14.32
CA LEU T 141 -30.36 -25.14 13.48
C LEU T 141 -29.89 -25.66 12.14
N PRO T 142 -30.75 -26.37 11.39
CA PRO T 142 -30.32 -26.89 10.09
C PRO T 142 -30.11 -25.79 9.06
N GLU T 143 -29.00 -25.06 9.21
CA GLU T 143 -28.68 -24.00 8.26
C GLU T 143 -28.41 -24.54 6.87
N ARG T 144 -27.84 -25.75 6.77
CA ARG T 144 -27.44 -26.28 5.48
C ARG T 144 -28.62 -26.73 4.63
N ARG T 145 -29.79 -26.93 5.22
CA ARG T 145 -30.93 -27.42 4.47
C ARG T 145 -31.54 -26.37 3.56
N GLY T 146 -31.13 -25.11 3.67
CA GLY T 146 -31.58 -24.06 2.80
C GLY T 146 -30.67 -23.74 1.64
N PHE T 147 -29.63 -24.53 1.40
CA PHE T 147 -28.66 -24.23 0.37
C PHE T 147 -28.49 -25.45 -0.53
N ARG T 148 -28.62 -25.24 -1.84
CA ARG T 148 -28.52 -26.33 -2.79
C ARG T 148 -27.12 -26.93 -2.81
N LYS T 149 -27.06 -28.24 -3.04
CA LYS T 149 -25.83 -29.00 -2.94
C LYS T 149 -25.71 -29.93 -4.14
N VAL T 150 -24.68 -30.78 -4.11
CA VAL T 150 -24.43 -31.69 -5.23
C VAL T 150 -25.56 -32.70 -5.37
N GLY T 151 -25.95 -32.97 -6.61
CA GLY T 151 -26.95 -33.98 -6.90
C GLY T 151 -28.37 -33.60 -6.56
N GLY T 152 -28.68 -32.31 -6.48
CA GLY T 152 -30.01 -31.89 -6.14
C GLY T 152 -30.43 -32.30 -4.74
N THR T 153 -29.54 -32.09 -3.78
CA THR T 153 -29.76 -32.52 -2.41
C THR T 153 -29.95 -31.29 -1.54
N PHE T 154 -31.04 -31.30 -0.74
CA PHE T 154 -31.38 -30.22 0.19
C PHE T 154 -31.41 -28.87 -0.51
N TRP T 155 -32.27 -28.75 -1.52
CA TRP T 155 -32.30 -27.56 -2.37
C TRP T 155 -32.54 -26.29 -1.57
N MET U 1 -29.96 -57.78 18.30
CA MET U 1 -29.94 -58.71 19.44
C MET U 1 -29.16 -59.97 19.11
N VAL U 2 -28.40 -60.46 20.08
CA VAL U 2 -27.62 -61.68 19.94
C VAL U 2 -28.02 -62.63 21.07
N ILE U 3 -28.38 -63.86 20.71
CA ILE U 3 -28.81 -64.84 21.70
C ILE U 3 -27.58 -65.49 22.32
N PHE U 4 -27.70 -65.89 23.59
CA PHE U 4 -26.59 -66.47 24.34
C PHE U 4 -26.89 -67.93 24.66
N ASP U 5 -25.89 -68.78 24.41
CA ASP U 5 -26.06 -70.23 24.68
C ASP U 5 -24.93 -70.70 25.60
N GLU U 6 -25.10 -71.88 26.23
CA GLU U 6 -24.07 -72.43 27.10
C GLU U 6 -22.97 -73.15 26.36
N HIS U 7 -23.26 -73.81 25.24
CA HIS U 7 -22.28 -74.70 24.62
C HIS U 7 -21.05 -73.93 24.15
N LYS U 8 -21.26 -72.86 23.37
CA LYS U 8 -20.15 -72.07 22.86
C LYS U 8 -19.37 -71.43 24.01
N PHE U 9 -20.07 -70.87 24.99
CA PHE U 9 -19.41 -70.20 26.12
C PHE U 9 -18.58 -71.17 26.95
N ARG U 10 -19.15 -72.35 27.25
CA ARG U 10 -18.46 -73.29 28.13
C ARG U 10 -17.32 -74.00 27.41
N THR U 11 -17.41 -74.20 26.09
CA THR U 11 -16.26 -74.72 25.37
C THR U 11 -15.20 -73.65 25.17
N LEU U 12 -15.59 -72.38 25.07
CA LEU U 12 -14.61 -71.30 24.95
C LEU U 12 -13.89 -71.06 26.27
N PHE U 13 -14.58 -71.27 27.40
CA PHE U 13 -14.00 -71.07 28.73
C PHE U 13 -14.19 -72.34 29.54
N PRO U 14 -13.24 -73.27 29.46
CA PRO U 14 -13.36 -74.53 30.22
C PRO U 14 -13.44 -74.36 31.72
N GLU U 15 -12.88 -73.28 32.29
CA GLU U 15 -12.98 -73.07 33.74
C GLU U 15 -14.42 -72.83 34.18
N PHE U 16 -15.27 -72.31 33.30
CA PHE U 16 -16.70 -72.18 33.60
C PHE U 16 -17.49 -73.37 33.11
N ALA U 17 -17.09 -74.57 33.50
CA ALA U 17 -17.74 -75.79 33.01
C ALA U 17 -18.82 -76.32 33.95
N ASP U 18 -18.67 -76.14 35.25
CA ASP U 18 -19.59 -76.74 36.21
C ASP U 18 -20.89 -75.94 36.26
N PRO U 19 -22.04 -76.54 35.91
CA PRO U 19 -23.31 -75.81 36.06
C PRO U 19 -23.66 -75.48 37.50
N ALA U 20 -23.22 -76.31 38.45
CA ALA U 20 -23.48 -76.03 39.86
C ALA U 20 -22.80 -74.75 40.29
N ALA U 21 -21.55 -74.53 39.86
CA ALA U 21 -20.85 -73.30 40.19
C ALA U 21 -21.30 -72.13 39.32
N TYR U 22 -21.65 -72.37 38.06
CA TYR U 22 -22.04 -71.31 37.13
C TYR U 22 -23.35 -71.67 36.43
N PRO U 23 -24.50 -71.41 37.09
CA PRO U 23 -25.79 -71.82 36.53
C PRO U 23 -26.21 -71.12 35.24
N ASP U 24 -27.40 -71.48 34.73
CA ASP U 24 -27.98 -70.84 33.56
C ASP U 24 -28.19 -69.35 33.78
N VAL U 25 -28.90 -69.00 34.86
CA VAL U 25 -29.40 -67.64 35.02
C VAL U 25 -28.25 -66.66 35.29
N ARG U 26 -27.17 -67.12 35.91
CA ARG U 26 -26.03 -66.24 36.18
C ARG U 26 -25.36 -65.82 34.87
N LEU U 27 -25.07 -66.79 34.01
CA LEU U 27 -24.46 -66.49 32.72
C LEU U 27 -25.39 -65.65 31.85
N GLN U 28 -26.69 -65.96 31.87
CA GLN U 28 -27.64 -65.18 31.07
C GLN U 28 -27.72 -63.74 31.55
N MET U 29 -27.77 -63.53 32.88
CA MET U 29 -27.83 -62.19 33.43
C MET U 29 -26.56 -61.40 33.10
N TYR U 30 -25.40 -62.04 33.19
CA TYR U 30 -24.18 -61.33 32.89
C TYR U 30 -24.04 -61.03 31.40
N PHE U 31 -24.62 -61.88 30.53
CA PHE U 31 -24.68 -61.53 29.12
C PHE U 31 -25.59 -60.33 28.88
N ASP U 32 -26.75 -60.28 29.56
CA ASP U 32 -27.62 -59.13 29.42
C ASP U 32 -26.94 -57.86 29.90
N ILE U 33 -26.11 -57.97 30.94
CA ILE U 33 -25.37 -56.80 31.42
C ILE U 33 -24.29 -56.39 30.43
N ALA U 34 -23.56 -57.37 29.87
CA ALA U 34 -22.51 -57.08 28.90
C ALA U 34 -23.05 -56.43 27.63
N CYS U 35 -24.31 -56.74 27.30
CA CYS U 35 -24.99 -56.05 26.21
C CYS U 35 -25.06 -54.55 26.43
N GLU U 36 -25.02 -54.09 27.68
CA GLU U 36 -25.09 -52.66 27.95
C GLU U 36 -23.76 -51.98 27.64
N PHE U 37 -22.63 -52.61 28.00
CA PHE U 37 -21.34 -52.04 27.67
C PHE U 37 -21.09 -52.06 26.17
N ILE U 38 -21.30 -53.21 25.52
CA ILE U 38 -21.16 -53.30 24.07
C ILE U 38 -22.52 -53.61 23.47
N SER U 39 -23.01 -52.71 22.62
CA SER U 39 -24.31 -52.89 21.98
C SER U 39 -24.26 -54.09 21.03
N ASP U 40 -25.22 -54.99 21.19
CA ASP U 40 -25.30 -56.23 20.41
C ASP U 40 -26.11 -56.07 19.13
N ARG U 41 -26.48 -54.84 18.78
CA ARG U 41 -27.12 -54.58 17.49
C ARG U 41 -26.19 -54.94 16.36
N ASP U 42 -26.50 -56.00 15.61
CA ASP U 42 -25.63 -56.50 14.56
C ASP U 42 -26.02 -55.87 13.24
N SER U 43 -25.05 -55.30 12.56
CA SER U 43 -25.24 -54.65 11.26
C SER U 43 -24.04 -55.01 10.40
N PRO U 44 -24.22 -55.05 9.06
CA PRO U 44 -23.07 -55.36 8.19
C PRO U 44 -22.14 -54.19 7.96
N TYR U 45 -22.58 -52.96 8.25
CA TYR U 45 -21.71 -51.80 8.18
C TYR U 45 -20.93 -51.57 9.47
N ARG U 46 -21.30 -52.26 10.55
CA ARG U 46 -20.55 -52.17 11.79
C ARG U 46 -19.18 -52.84 11.61
N ILE U 47 -18.14 -52.23 12.19
CA ILE U 47 -16.83 -52.85 12.10
C ILE U 47 -16.61 -53.90 13.19
N LEU U 48 -17.47 -53.94 14.21
CA LEU U 48 -17.67 -55.16 15.00
C LEU U 48 -18.92 -55.83 14.44
N ASN U 49 -18.72 -56.74 13.51
CA ASN U 49 -19.82 -57.40 12.82
C ASN U 49 -19.65 -58.91 12.93
N GLY U 50 -20.80 -59.60 12.85
CA GLY U 50 -20.80 -61.04 12.86
C GLY U 50 -20.23 -61.62 14.15
N LYS U 51 -19.36 -62.61 13.98
CA LYS U 51 -18.84 -63.36 15.12
C LYS U 51 -17.82 -62.58 15.95
N ALA U 52 -17.22 -61.52 15.40
CA ALA U 52 -16.30 -60.72 16.19
C ALA U 52 -17.01 -60.02 17.34
N LEU U 53 -18.19 -59.45 17.06
CA LEU U 53 -18.99 -58.82 18.12
C LEU U 53 -19.44 -59.86 19.14
N GLU U 54 -19.78 -61.06 18.68
CA GLU U 54 -20.17 -62.14 19.59
C GLU U 54 -19.02 -62.52 20.51
N ALA U 55 -17.81 -62.63 19.95
CA ALA U 55 -16.64 -62.94 20.77
C ALA U 55 -16.37 -61.84 21.77
N CYS U 56 -16.52 -60.57 21.35
CA CYS U 56 -16.33 -59.45 22.26
C CYS U 56 -17.31 -59.52 23.43
N LEU U 57 -18.58 -59.77 23.12
CA LEU U 57 -19.60 -59.88 24.18
C LEU U 57 -19.31 -61.04 25.12
N TYR U 58 -18.96 -62.20 24.57
CA TYR U 58 -18.68 -63.37 25.41
C TYR U 58 -17.48 -63.14 26.33
N LEU U 59 -16.44 -62.49 25.81
CA LEU U 59 -15.29 -62.16 26.64
C LEU U 59 -15.68 -61.19 27.76
N LEU U 60 -16.57 -60.24 27.45
CA LEU U 60 -17.03 -59.34 28.51
C LEU U 60 -17.83 -60.06 29.59
N THR U 61 -18.70 -61.00 29.20
CA THR U 61 -19.41 -61.78 30.21
C THR U 61 -18.45 -62.61 31.04
N ALA U 62 -17.41 -63.16 30.40
CA ALA U 62 -16.39 -63.89 31.15
C ALA U 62 -15.68 -63.00 32.16
N HIS U 63 -15.37 -61.76 31.75
CA HIS U 63 -14.76 -60.78 32.66
C HIS U 63 -15.65 -60.51 33.87
N LEU U 64 -16.93 -60.22 33.61
CA LEU U 64 -17.88 -59.93 34.69
C LEU U 64 -18.07 -61.13 35.61
N LEU U 65 -18.17 -62.33 35.03
CA LEU U 65 -18.33 -63.53 35.82
C LEU U 65 -17.10 -63.82 36.68
N SER U 66 -15.91 -63.56 36.15
CA SER U 66 -14.70 -63.75 36.94
C SER U 66 -14.66 -62.80 38.12
N LEU U 67 -15.01 -61.53 37.89
CA LEU U 67 -15.06 -60.58 39.00
C LEU U 67 -16.10 -61.00 40.05
N SER U 68 -17.27 -61.44 39.59
CA SER U 68 -18.33 -61.84 40.51
C SER U 68 -17.94 -63.07 41.33
N THR U 69 -17.33 -64.07 40.68
CA THR U 69 -16.92 -65.26 41.42
C THR U 69 -15.77 -64.95 42.38
N MET U 70 -14.91 -63.98 42.03
CA MET U 70 -13.93 -63.50 42.99
C MET U 70 -14.62 -62.90 44.21
N GLN U 71 -15.68 -62.11 43.98
CA GLN U 71 -16.43 -61.53 45.08
C GLN U 71 -17.04 -62.60 45.98
N VAL U 72 -17.71 -63.59 45.39
CA VAL U 72 -18.40 -64.61 46.17
C VAL U 72 -17.40 -65.46 46.95
N GLN U 73 -16.30 -65.88 46.31
CA GLN U 73 -15.34 -66.73 47.01
C GLN U 73 -14.58 -65.97 48.09
N GLY U 74 -14.11 -64.77 47.78
CA GLY U 74 -13.35 -63.99 48.75
C GLY U 74 -11.84 -64.20 48.57
N ALA U 75 -11.19 -64.70 49.62
CA ALA U 75 -11.73 -65.08 50.93
C ALA U 75 -10.87 -64.51 52.05
N ALA U 76 -11.52 -64.00 53.09
CA ALA U 76 -10.82 -63.46 54.26
C ALA U 76 -10.66 -64.52 55.36
N GLY U 77 -11.78 -65.01 55.88
CA GLY U 77 -11.75 -66.04 56.90
C GLY U 77 -12.79 -67.12 56.63
N GLY U 78 -13.04 -67.38 55.35
CA GLY U 78 -14.09 -68.27 54.93
C GLY U 78 -15.33 -67.61 54.39
N GLY U 79 -15.21 -66.41 53.82
CA GLY U 79 -16.37 -65.71 53.33
C GLY U 79 -15.97 -64.43 52.64
N VAL U 80 -16.95 -63.54 52.46
CA VAL U 80 -16.73 -62.26 51.80
C VAL U 80 -16.43 -61.20 52.85
N THR U 81 -15.37 -60.43 52.63
CA THR U 81 -14.97 -59.39 53.55
C THR U 81 -15.79 -58.12 53.29
N ALA U 82 -15.56 -57.10 54.11
CA ALA U 82 -16.29 -55.85 53.99
C ALA U 82 -15.73 -55.04 52.83
N GLY U 83 -16.60 -54.68 51.89
CA GLY U 83 -16.21 -53.93 50.71
C GLY U 83 -15.68 -54.75 49.56
N GLY U 84 -15.59 -56.07 49.72
CA GLY U 84 -15.12 -56.93 48.65
C GLY U 84 -13.66 -56.74 48.30
N THR U 85 -13.19 -57.46 47.28
CA THR U 85 -11.82 -57.35 46.81
C THR U 85 -11.82 -56.51 45.53
N GLN U 86 -11.00 -55.47 45.51
CA GLN U 86 -10.93 -54.60 44.35
C GLN U 86 -10.20 -55.28 43.21
N GLY U 87 -10.55 -54.87 41.98
CA GLY U 87 -9.94 -55.43 40.80
C GLY U 87 -8.61 -54.80 40.45
N GLY U 88 -8.40 -54.51 39.18
CA GLY U 88 -7.17 -53.90 38.72
C GLY U 88 -6.10 -54.92 38.36
N PHE U 89 -5.10 -54.44 37.61
CA PHE U 89 -4.02 -55.28 37.15
C PHE U 89 -2.92 -55.34 38.19
N ILE U 90 -2.52 -56.57 38.56
CA ILE U 90 -1.45 -56.78 39.52
C ILE U 90 -0.13 -56.49 38.82
N THR U 91 0.46 -55.33 39.11
CA THR U 91 1.74 -54.99 38.51
C THR U 91 2.86 -55.86 39.07
N SER U 92 2.90 -56.01 40.40
CA SER U 92 3.95 -56.78 41.05
C SER U 92 3.35 -57.60 42.19
N ALA U 93 3.81 -58.85 42.30
CA ALA U 93 3.37 -59.75 43.35
C ALA U 93 4.59 -60.45 43.93
N THR U 94 4.45 -60.91 45.17
CA THR U 94 5.53 -61.61 45.84
C THR U 94 4.93 -62.59 46.84
N VAL U 95 5.25 -63.87 46.68
CA VAL U 95 4.82 -64.92 47.59
C VAL U 95 6.05 -65.70 48.02
N GLY U 96 6.33 -65.71 49.31
CA GLY U 96 7.50 -66.40 49.82
C GLY U 96 8.78 -65.83 49.22
N GLU U 97 9.59 -66.72 48.65
CA GLU U 97 10.81 -66.31 47.97
C GLU U 97 10.58 -65.97 46.50
N VAL U 98 9.38 -66.23 45.98
CA VAL U 98 9.09 -65.98 44.57
C VAL U 98 8.55 -64.57 44.41
N SER U 99 9.02 -63.88 43.37
CA SER U 99 8.55 -62.52 43.09
C SER U 99 8.38 -62.35 41.58
N VAL U 100 7.33 -61.63 41.20
CA VAL U 100 6.99 -61.36 39.81
C VAL U 100 6.69 -59.88 39.67
N ALA U 101 7.17 -59.28 38.58
CA ALA U 101 6.93 -57.86 38.31
C ALA U 101 6.55 -57.73 36.84
N LYS U 102 5.27 -57.53 36.57
CA LYS U 102 4.77 -57.47 35.21
C LYS U 102 4.72 -56.04 34.70
N LEU U 103 4.59 -55.91 33.38
CA LEU U 103 4.53 -54.59 32.74
C LEU U 103 3.13 -54.02 32.87
N ALA U 104 3.06 -52.73 33.19
CA ALA U 104 1.76 -52.08 33.36
C ALA U 104 1.14 -51.79 31.99
N PRO U 105 -0.14 -52.06 31.82
CA PRO U 105 -0.82 -51.75 30.55
C PRO U 105 -0.92 -50.25 30.36
N PRO U 106 -1.01 -49.79 29.11
CA PRO U 106 -1.22 -48.35 28.87
C PRO U 106 -2.67 -47.94 29.09
N ALA U 107 -3.11 -48.03 30.35
CA ALA U 107 -4.50 -47.74 30.71
C ALA U 107 -4.63 -46.25 30.96
N LYS U 108 -5.01 -45.52 29.91
CA LYS U 108 -5.20 -44.08 30.00
C LYS U 108 -6.63 -43.68 30.37
N ASN U 109 -7.50 -44.66 30.61
CA ASN U 109 -8.90 -44.39 30.83
C ASN U 109 -9.44 -45.45 31.78
N GLY U 110 -10.48 -45.08 32.53
CA GLY U 110 -11.05 -46.00 33.51
C GLY U 110 -11.59 -47.28 32.89
N TRP U 111 -12.17 -47.18 31.69
CA TRP U 111 -12.68 -48.36 31.00
C TRP U 111 -11.55 -49.34 30.69
N GLN U 112 -10.43 -48.84 30.18
CA GLN U 112 -9.29 -49.70 29.88
C GLN U 112 -8.68 -50.26 31.15
N TRP U 113 -8.61 -49.45 32.21
CA TRP U 113 -8.06 -49.92 33.48
C TRP U 113 -8.92 -51.03 34.08
N TRP U 114 -10.23 -50.88 34.01
CA TRP U 114 -11.13 -51.93 34.50
C TRP U 114 -11.02 -53.18 33.64
N LEU U 115 -10.86 -53.00 32.32
CA LEU U 115 -10.70 -54.15 31.43
C LEU U 115 -9.43 -54.93 31.75
N SER U 116 -8.34 -54.23 32.08
CA SER U 116 -7.07 -54.88 32.33
C SER U 116 -7.07 -55.75 33.58
N GLY U 117 -8.10 -55.67 34.42
CA GLY U 117 -8.10 -56.40 35.68
C GLY U 117 -8.08 -57.90 35.51
N THR U 118 -8.79 -58.42 34.51
CA THR U 118 -8.85 -59.85 34.27
C THR U 118 -8.45 -60.15 32.83
N PRO U 119 -7.87 -61.33 32.57
CA PRO U 119 -7.43 -61.64 31.20
C PRO U 119 -8.54 -61.66 30.17
N TYR U 120 -9.76 -61.98 30.56
CA TYR U 120 -10.88 -61.88 29.62
C TYR U 120 -11.10 -60.44 29.22
N GLY U 121 -10.99 -59.52 30.17
CA GLY U 121 -11.01 -58.11 29.82
C GLY U 121 -9.82 -57.69 28.99
N GLN U 122 -8.65 -58.30 29.23
CA GLN U 122 -7.49 -58.04 28.38
C GLN U 122 -7.72 -58.56 26.97
N GLU U 123 -8.34 -59.74 26.85
CA GLU U 123 -8.80 -60.25 25.56
C GLU U 123 -9.69 -59.24 24.84
N LEU U 124 -10.71 -58.75 25.54
CA LEU U 124 -11.65 -57.81 24.94
C LEU U 124 -10.96 -56.51 24.55
N TRP U 125 -10.09 -56.00 25.40
CA TRP U 125 -9.37 -54.76 25.11
C TRP U 125 -8.48 -54.92 23.90
N ALA U 126 -7.77 -56.05 23.79
CA ALA U 126 -6.92 -56.30 22.64
C ALA U 126 -7.74 -56.37 21.36
N LEU U 127 -8.88 -57.05 21.41
CA LEU U 127 -9.73 -57.15 20.21
C LEU U 127 -10.26 -55.78 19.81
N LEU U 128 -10.72 -54.98 20.78
CA LEU U 128 -11.23 -53.65 20.49
C LEU U 128 -10.13 -52.77 19.90
N SER U 129 -8.92 -52.83 20.48
CA SER U 129 -7.82 -52.01 20.00
C SER U 129 -7.40 -52.40 18.59
N VAL U 130 -7.34 -53.70 18.30
CA VAL U 130 -6.95 -54.13 16.96
C VAL U 130 -8.02 -53.81 15.93
N LYS U 131 -9.30 -53.76 16.35
CA LYS U 131 -10.33 -53.37 15.41
C LYS U 131 -10.49 -51.85 15.30
N ALA U 132 -9.93 -51.08 16.23
CA ALA U 132 -10.05 -49.62 16.20
C ALA U 132 -8.89 -49.03 15.41
N VAL U 133 -9.10 -48.84 14.11
CA VAL U 133 -8.10 -48.22 13.24
C VAL U 133 -8.80 -47.25 12.31
N GLY U 134 -8.20 -46.09 12.10
CA GLY U 134 -8.75 -45.14 11.16
C GLY U 134 -9.86 -44.34 11.82
N GLY U 135 -11.09 -44.77 11.61
CA GLY U 135 -12.23 -44.13 12.23
C GLY U 135 -13.43 -44.06 11.30
N PHE U 136 -14.26 -43.05 11.50
CA PHE U 136 -15.46 -42.87 10.69
C PHE U 136 -15.44 -41.47 10.10
N TYR U 137 -16.20 -41.30 9.02
CA TYR U 137 -16.42 -40.00 8.41
C TYR U 137 -17.92 -39.84 8.22
N ILE U 138 -18.53 -39.03 9.08
CA ILE U 138 -19.98 -38.87 9.12
C ILE U 138 -20.34 -37.53 8.49
N GLY U 139 -21.34 -37.52 7.63
CA GLY U 139 -21.68 -36.37 6.85
C GLY U 139 -20.81 -36.27 5.61
N GLY U 140 -21.07 -35.22 4.83
CA GLY U 140 -20.30 -35.01 3.63
C GLY U 140 -20.87 -35.72 2.42
N LEU U 141 -21.15 -34.96 1.38
CA LEU U 141 -21.71 -35.47 0.13
C LEU U 141 -20.62 -35.58 -0.93
N PRO U 142 -20.79 -36.44 -1.94
CA PRO U 142 -19.76 -36.56 -2.98
C PRO U 142 -19.68 -35.35 -3.88
N GLU U 143 -19.09 -34.26 -3.37
CA GLU U 143 -18.97 -33.04 -4.15
C GLU U 143 -18.01 -33.20 -5.31
N ARG U 144 -17.05 -34.12 -5.20
CA ARG U 144 -16.07 -34.31 -6.26
C ARG U 144 -16.66 -35.00 -7.48
N ARG U 145 -17.85 -35.60 -7.37
CA ARG U 145 -18.44 -36.32 -8.49
C ARG U 145 -19.07 -35.40 -9.52
N GLY U 146 -19.15 -34.10 -9.24
CA GLY U 146 -19.64 -33.14 -10.19
C GLY U 146 -18.59 -32.35 -10.92
N PHE U 147 -17.32 -32.72 -10.80
CA PHE U 147 -16.23 -31.98 -11.41
C PHE U 147 -15.39 -32.91 -12.27
N ARG U 148 -15.21 -32.54 -13.54
CA ARG U 148 -14.42 -33.35 -14.46
C ARG U 148 -12.97 -33.42 -14.02
N LYS U 149 -12.36 -34.58 -14.23
CA LYS U 149 -11.02 -34.85 -13.73
C LYS U 149 -10.17 -35.45 -14.84
N VAL U 150 -8.96 -35.86 -14.47
CA VAL U 150 -8.00 -36.39 -15.44
C VAL U 150 -8.55 -37.67 -16.08
N GLY U 151 -8.39 -37.77 -17.39
CA GLY U 151 -8.89 -38.93 -18.11
C GLY U 151 -10.39 -38.98 -18.25
N GLY U 152 -11.08 -37.84 -18.08
CA GLY U 152 -12.52 -37.81 -18.18
C GLY U 152 -13.23 -38.64 -17.13
N THR U 153 -12.80 -38.52 -15.88
CA THR U 153 -13.37 -39.28 -14.78
C THR U 153 -14.30 -38.39 -13.97
N PHE U 154 -15.49 -38.92 -13.68
CA PHE U 154 -16.53 -38.21 -12.93
C PHE U 154 -16.84 -36.85 -13.56
N TRP U 155 -17.22 -36.89 -14.84
CA TRP U 155 -17.44 -35.68 -15.63
C TRP U 155 -18.39 -34.68 -14.98
N MET V 1 -11.06 -66.74 3.12
CA MET V 1 -10.95 -67.77 4.15
C MET V 1 -9.66 -68.57 3.97
N VAL V 2 -9.10 -69.05 5.08
CA VAL V 2 -7.91 -69.88 5.07
C VAL V 2 -8.22 -71.16 5.84
N ILE V 3 -8.07 -72.30 5.19
CA ILE V 3 -8.33 -73.58 5.85
C ILE V 3 -7.18 -73.89 6.79
N PHE V 4 -7.51 -74.28 8.02
CA PHE V 4 -6.51 -74.56 9.05
C PHE V 4 -6.37 -76.07 9.22
N ASP V 5 -5.13 -76.53 9.04
CA ASP V 5 -4.83 -77.97 9.28
C ASP V 5 -3.99 -78.05 10.56
N GLU V 6 -4.01 -79.17 11.25
CA GLU V 6 -3.27 -79.34 12.48
C GLU V 6 -1.86 -79.87 12.28
N HIS V 7 -1.56 -80.49 11.13
CA HIS V 7 -0.24 -81.06 10.92
C HIS V 7 0.84 -79.98 10.90
N LYS V 8 0.63 -78.93 10.10
CA LYS V 8 1.58 -77.83 10.05
C LYS V 8 1.68 -77.13 11.40
N PHE V 9 0.55 -76.94 12.07
CA PHE V 9 0.55 -76.29 13.38
C PHE V 9 1.34 -77.09 14.40
N ARG V 10 1.17 -78.42 14.42
CA ARG V 10 1.83 -79.24 15.41
C ARG V 10 3.32 -79.38 15.13
N THR V 11 3.71 -79.46 13.86
CA THR V 11 5.15 -79.45 13.55
C THR V 11 5.77 -78.07 13.81
N LEU V 12 4.99 -77.00 13.65
CA LEU V 12 5.50 -75.66 13.92
C LEU V 12 5.68 -75.44 15.41
N PHE V 13 4.76 -75.95 16.22
CA PHE V 13 4.80 -75.79 17.68
C PHE V 13 4.83 -77.18 18.30
N PRO V 14 6.01 -77.76 18.51
CA PRO V 14 6.09 -79.10 19.11
C PRO V 14 5.55 -79.18 20.52
N GLU V 15 5.45 -78.07 21.24
CA GLU V 15 4.85 -78.08 22.57
C GLU V 15 3.37 -78.46 22.51
N PHE V 16 2.69 -78.09 21.43
CA PHE V 16 1.30 -78.51 21.23
C PHE V 16 1.20 -79.79 20.40
N ALA V 17 1.89 -80.84 20.84
CA ALA V 17 1.93 -82.08 20.07
C ALA V 17 0.89 -83.10 20.50
N ASP V 18 0.55 -83.14 21.78
CA ASP V 18 -0.35 -84.18 22.29
C ASP V 18 -1.79 -83.85 21.95
N PRO V 19 -2.48 -84.69 21.16
CA PRO V 19 -3.91 -84.44 20.91
C PRO V 19 -4.76 -84.54 22.17
N ALA V 20 -4.33 -85.33 23.16
CA ALA V 20 -5.07 -85.41 24.41
C ALA V 20 -5.08 -84.07 25.13
N ALA V 21 -3.94 -83.38 25.17
CA ALA V 21 -3.88 -82.08 25.81
C ALA V 21 -4.48 -80.98 24.93
N TYR V 22 -4.28 -81.07 23.60
CA TYR V 22 -4.72 -80.03 22.67
C TYR V 22 -5.49 -80.68 21.53
N PRO V 23 -6.80 -80.92 21.71
CA PRO V 23 -7.57 -81.67 20.71
C PRO V 23 -7.80 -80.93 19.39
N ASP V 24 -8.45 -81.62 18.46
CA ASP V 24 -8.75 -81.04 17.15
C ASP V 24 -9.67 -79.83 17.27
N VAL V 25 -10.79 -79.98 17.98
CA VAL V 25 -11.81 -78.93 18.00
C VAL V 25 -11.30 -77.71 18.76
N ARG V 26 -10.41 -77.88 19.72
CA ARG V 26 -9.82 -76.74 20.41
C ARG V 26 -8.98 -75.90 19.47
N LEU V 27 -8.12 -76.57 18.68
CA LEU V 27 -7.30 -75.87 17.71
C LEU V 27 -8.15 -75.17 16.66
N GLN V 28 -9.19 -75.86 16.17
CA GLN V 28 -10.04 -75.27 15.15
C GLN V 28 -10.80 -74.06 15.70
N MET V 29 -11.32 -74.17 16.92
CA MET V 29 -12.07 -73.07 17.53
C MET V 29 -11.16 -71.87 17.77
N TYR V 30 -9.92 -72.12 18.21
CA TYR V 30 -9.03 -70.98 18.44
C TYR V 30 -8.55 -70.37 17.13
N PHE V 31 -8.46 -71.17 16.06
CA PHE V 31 -8.19 -70.57 14.75
C PHE V 31 -9.36 -69.69 14.30
N ASP V 32 -10.59 -70.16 14.51
CA ASP V 32 -11.75 -69.34 14.16
C ASP V 32 -11.78 -68.05 14.97
N ILE V 33 -11.43 -68.12 16.25
CA ILE V 33 -11.38 -66.92 17.09
C ILE V 33 -10.26 -65.99 16.60
N ALA V 34 -9.10 -66.55 16.26
CA ALA V 34 -7.98 -65.75 15.78
C ALA V 34 -8.28 -65.09 14.43
N CYS V 35 -9.23 -65.65 13.67
CA CYS V 35 -9.61 -65.06 12.39
C CYS V 35 -10.15 -63.64 12.54
N GLU V 36 -10.75 -63.32 13.68
CA GLU V 36 -11.32 -61.98 13.87
C GLU V 36 -10.25 -60.90 13.98
N PHE V 37 -9.18 -61.17 14.73
CA PHE V 37 -8.16 -60.14 14.98
C PHE V 37 -7.46 -59.74 13.68
N ILE V 38 -6.94 -60.71 12.94
CA ILE V 38 -6.35 -60.50 11.63
C ILE V 38 -7.23 -61.19 10.60
N SER V 39 -7.80 -60.40 9.70
CA SER V 39 -8.68 -60.94 8.67
C SER V 39 -7.92 -61.84 7.71
N ASP V 40 -8.46 -63.04 7.49
CA ASP V 40 -7.82 -64.03 6.63
C ASP V 40 -8.22 -63.89 5.16
N ARG V 41 -8.67 -62.71 4.74
CA ARG V 41 -9.01 -62.46 3.34
C ARG V 41 -7.72 -62.36 2.55
N ASP V 42 -7.32 -63.46 1.92
CA ASP V 42 -6.05 -63.51 1.20
C ASP V 42 -6.24 -62.78 -0.12
N SER V 43 -5.44 -61.74 -0.32
CA SER V 43 -5.44 -60.95 -1.54
C SER V 43 -3.99 -60.68 -1.92
N PRO V 44 -3.70 -60.53 -3.22
CA PRO V 44 -2.31 -60.26 -3.63
C PRO V 44 -1.91 -58.80 -3.48
N TYR V 45 -2.84 -57.92 -3.15
CA TYR V 45 -2.53 -56.51 -2.92
C TYR V 45 -2.29 -56.19 -1.45
N ARG V 46 -2.70 -57.07 -0.55
CA ARG V 46 -2.46 -56.87 0.87
C ARG V 46 -0.97 -56.99 1.17
N ILE V 47 -0.51 -56.22 2.15
CA ILE V 47 0.89 -56.33 2.58
C ILE V 47 1.14 -57.66 3.28
N LEU V 48 0.16 -58.14 4.05
CA LEU V 48 0.19 -59.53 4.51
C LEU V 48 -0.49 -60.37 3.44
N ASN V 49 0.29 -61.18 2.74
CA ASN V 49 -0.26 -62.01 1.68
C ASN V 49 0.47 -63.33 1.65
N GLY V 50 -0.18 -64.33 1.06
CA GLY V 50 0.40 -65.66 0.97
C GLY V 50 0.63 -66.27 2.34
N LYS V 51 1.76 -66.97 2.47
CA LYS V 51 2.09 -67.71 3.67
C LYS V 51 2.43 -66.82 4.87
N ALA V 52 2.74 -65.54 4.64
CA ALA V 52 2.99 -64.64 5.77
C ALA V 52 1.73 -64.43 6.61
N LEU V 53 0.59 -64.25 5.96
CA LEU V 53 -0.68 -64.11 6.67
C LEU V 53 -1.02 -65.39 7.43
N GLU V 54 -0.75 -66.54 6.82
CA GLU V 54 -0.94 -67.81 7.50
C GLU V 54 -0.05 -67.93 8.74
N ALA V 55 1.19 -67.47 8.63
CA ALA V 55 2.09 -67.48 9.78
C ALA V 55 1.56 -66.59 10.90
N CYS V 56 1.06 -65.40 10.54
CA CYS V 56 0.47 -64.50 11.55
C CYS V 56 -0.72 -65.16 12.24
N LEU V 57 -1.60 -65.78 11.44
CA LEU V 57 -2.78 -66.42 12.02
C LEU V 57 -2.40 -67.57 12.95
N TYR V 58 -1.44 -68.40 12.52
CA TYR V 58 -1.00 -69.52 13.35
C TYR V 58 -0.34 -69.05 14.64
N LEU V 59 0.45 -67.97 14.55
CA LEU V 59 1.04 -67.41 15.76
C LEU V 59 -0.02 -66.90 16.72
N LEU V 60 -1.07 -66.28 16.19
CA LEU V 60 -2.15 -65.81 17.08
C LEU V 60 -2.89 -66.98 17.71
N THR V 61 -3.11 -68.07 16.96
CA THR V 61 -3.71 -69.27 17.54
C THR V 61 -2.83 -69.83 18.66
N ALA V 62 -1.52 -69.84 18.45
CA ALA V 62 -0.62 -70.31 19.50
C ALA V 62 -0.69 -69.40 20.73
N HIS V 63 -0.78 -68.09 20.52
CA HIS V 63 -0.93 -67.13 21.61
C HIS V 63 -2.20 -67.41 22.42
N LEU V 64 -3.33 -67.53 21.74
CA LEU V 64 -4.60 -67.79 22.42
C LEU V 64 -4.59 -69.14 23.14
N LEU V 65 -3.99 -70.15 22.49
CA LEU V 65 -3.88 -71.46 23.11
C LEU V 65 -3.04 -71.42 24.38
N SER V 66 -1.93 -70.67 24.34
CA SER V 66 -1.07 -70.57 25.51
C SER V 66 -1.79 -69.90 26.68
N LEU V 67 -2.52 -68.81 26.40
CA LEU V 67 -3.32 -68.19 27.44
C LEU V 67 -4.37 -69.15 27.99
N SER V 68 -4.99 -69.93 27.11
CA SER V 68 -6.05 -70.84 27.53
C SER V 68 -5.50 -71.97 28.41
N THR V 69 -4.37 -72.56 28.03
CA THR V 69 -3.83 -73.64 28.87
C THR V 69 -3.30 -73.08 30.18
N MET V 70 -2.76 -71.85 30.16
CA MET V 70 -2.40 -71.19 31.41
C MET V 70 -3.59 -71.08 32.35
N GLN V 71 -4.73 -70.65 31.80
CA GLN V 71 -5.96 -70.55 32.60
C GLN V 71 -6.41 -71.91 33.12
N VAL V 72 -6.40 -72.92 32.25
CA VAL V 72 -6.93 -74.23 32.62
C VAL V 72 -6.07 -74.88 33.69
N GLN V 73 -4.75 -74.87 33.51
CA GLN V 73 -3.86 -75.50 34.48
C GLN V 73 -3.81 -74.71 35.79
N GLY V 74 -3.66 -73.39 35.71
CA GLY V 74 -3.54 -72.58 36.92
C GLY V 74 -2.09 -72.31 37.30
N ALA V 75 -1.68 -72.78 38.47
CA ALA V 75 -2.46 -73.52 39.47
C ALA V 75 -2.27 -72.93 40.86
N ALA V 76 -3.35 -72.85 41.63
CA ALA V 76 -3.27 -72.34 43.00
C ALA V 76 -3.12 -73.48 44.01
N GLY V 77 -4.11 -74.37 44.07
CA GLY V 77 -4.07 -75.51 44.96
C GLY V 77 -4.53 -76.78 44.29
N GLY V 78 -4.25 -76.88 43.00
CA GLY V 78 -4.72 -77.98 42.18
C GLY V 78 -5.88 -77.64 41.27
N GLY V 79 -5.97 -76.40 40.80
CA GLY V 79 -7.09 -76.01 39.95
C GLY V 79 -6.99 -74.55 39.57
N VAL V 80 -8.09 -74.02 39.07
CA VAL V 80 -8.17 -72.63 38.63
C VAL V 80 -8.64 -71.78 39.79
N THR V 81 -7.91 -70.70 40.07
CA THR V 81 -8.27 -69.80 41.15
C THR V 81 -9.33 -68.80 40.70
N ALA V 82 -9.89 -68.08 41.67
CA ALA V 82 -10.92 -67.10 41.37
C ALA V 82 -10.31 -65.87 40.71
N GLY V 83 -10.93 -65.42 39.62
CA GLY V 83 -10.45 -64.27 38.88
C GLY V 83 -9.44 -64.59 37.81
N GLY V 84 -8.97 -65.84 37.73
CA GLY V 84 -8.01 -66.23 36.70
C GLY V 84 -6.63 -65.66 36.95
N THR V 85 -5.72 -65.99 36.05
CA THR V 85 -4.35 -65.50 36.07
C THR V 85 -4.12 -64.61 34.85
N GLN V 86 -3.59 -63.42 35.10
CA GLN V 86 -3.46 -62.41 34.06
C GLN V 86 -2.16 -62.59 33.27
N GLY V 87 -2.19 -62.16 32.02
CA GLY V 87 -1.03 -62.23 31.16
C GLY V 87 -0.07 -61.09 31.37
N GLY V 88 0.43 -60.52 30.28
CA GLY V 88 1.37 -59.42 30.36
C GLY V 88 2.82 -59.89 30.42
N PHE V 89 3.71 -58.99 30.03
CA PHE V 89 5.13 -59.31 29.99
C PHE V 89 5.74 -59.23 31.38
N ILE V 90 6.56 -60.22 31.71
CA ILE V 90 7.24 -60.26 33.00
C ILE V 90 8.53 -59.47 32.86
N THR V 91 8.54 -58.25 33.42
CA THR V 91 9.74 -57.43 33.34
C THR V 91 10.81 -57.94 34.31
N SER V 92 10.42 -58.35 35.50
CA SER V 92 11.35 -58.81 36.51
C SER V 92 10.77 -60.02 37.25
N ALA V 93 11.60 -61.03 37.45
CA ALA V 93 11.22 -62.23 38.19
C ALA V 93 12.34 -62.59 39.14
N THR V 94 11.97 -63.31 40.21
CA THR V 94 12.94 -63.74 41.20
C THR V 94 12.45 -65.02 41.84
N VAL V 95 13.25 -66.07 41.75
CA VAL V 95 12.97 -67.36 42.39
C VAL V 95 14.19 -67.74 43.20
N GLY V 96 14.03 -67.82 44.52
CA GLY V 96 15.15 -68.14 45.39
C GLY V 96 16.26 -67.13 45.25
N GLU V 97 17.47 -67.64 45.03
CA GLU V 97 18.61 -66.77 44.79
C GLU V 97 18.61 -66.22 43.36
N VAL V 98 18.00 -66.95 42.41
CA VAL V 98 18.06 -66.55 41.02
C VAL V 98 17.11 -65.37 40.79
N SER V 99 17.56 -64.41 39.99
CA SER V 99 16.72 -63.27 39.64
C SER V 99 17.05 -62.82 38.22
N VAL V 100 16.01 -62.41 37.50
CA VAL V 100 16.11 -61.97 36.11
C VAL V 100 15.35 -60.66 35.97
N ALA V 101 15.87 -59.76 35.14
CA ALA V 101 15.22 -58.49 34.85
C ALA V 101 15.31 -58.25 33.35
N LYS V 102 14.18 -58.27 32.66
CA LYS V 102 14.14 -58.17 31.22
C LYS V 102 13.73 -56.77 30.77
N LEU V 103 14.15 -56.41 29.57
CA LEU V 103 13.77 -55.13 29.00
C LEU V 103 12.29 -55.10 28.67
N ALA V 104 11.64 -53.99 29.01
CA ALA V 104 10.23 -53.84 28.72
C ALA V 104 10.01 -53.54 27.23
N PRO V 105 9.03 -54.17 26.60
CA PRO V 105 8.75 -53.88 25.20
C PRO V 105 8.15 -52.49 25.05
N PRO V 106 8.29 -51.87 23.88
CA PRO V 106 7.66 -50.54 23.67
C PRO V 106 6.17 -50.67 23.35
N ALA V 107 5.42 -51.15 24.33
CA ALA V 107 3.98 -51.38 24.18
C ALA V 107 3.25 -50.07 24.44
N LYS V 108 2.92 -49.36 23.36
CA LYS V 108 2.22 -48.09 23.45
C LYS V 108 0.71 -48.24 23.34
N ASN V 109 0.21 -49.47 23.23
CA ASN V 109 -1.20 -49.69 22.95
C ASN V 109 -1.58 -51.02 23.59
N GLY V 110 -2.88 -51.16 23.89
CA GLY V 110 -3.36 -52.37 24.56
C GLY V 110 -3.16 -53.63 23.74
N TRP V 111 -3.36 -53.54 22.43
CA TRP V 111 -3.15 -54.70 21.56
C TRP V 111 -1.69 -55.15 21.57
N GLN V 112 -0.76 -54.19 21.50
CA GLN V 112 0.66 -54.52 21.57
C GLN V 112 1.02 -55.10 22.92
N TRP V 113 0.49 -54.53 24.00
CA TRP V 113 0.79 -55.03 25.34
C TRP V 113 0.26 -56.45 25.54
N TRP V 114 -0.95 -56.73 25.05
CA TRP V 114 -1.49 -58.07 25.13
C TRP V 114 -0.67 -59.05 24.29
N LEU V 115 -0.21 -58.61 23.11
CA LEU V 115 0.63 -59.45 22.28
C LEU V 115 1.95 -59.79 22.97
N SER V 116 2.54 -58.83 23.66
CA SER V 116 3.84 -59.03 24.30
C SER V 116 3.79 -60.02 25.45
N GLY V 117 2.60 -60.41 25.92
CA GLY V 117 2.50 -61.29 27.08
C GLY V 117 2.95 -62.71 26.85
N THR V 118 2.98 -63.17 25.60
CA THR V 118 3.42 -64.52 25.28
C THR V 118 4.45 -64.47 24.16
N PRO V 119 5.36 -65.45 24.12
CA PRO V 119 6.37 -65.47 23.04
C PRO V 119 5.78 -65.59 21.65
N TYR V 120 4.68 -66.30 21.48
CA TYR V 120 4.04 -66.38 20.16
C TYR V 120 3.49 -65.02 19.76
N GLY V 121 2.85 -64.34 20.70
CA GLY V 121 2.38 -62.98 20.44
C GLY V 121 3.51 -62.01 20.17
N GLN V 122 4.65 -62.22 20.83
CA GLN V 122 5.82 -61.38 20.57
C GLN V 122 6.32 -61.57 19.14
N GLU V 123 6.37 -62.81 18.67
CA GLU V 123 6.77 -63.06 17.28
C GLU V 123 5.77 -62.47 16.31
N LEU V 124 4.48 -62.60 16.61
CA LEU V 124 3.46 -62.01 15.75
C LEU V 124 3.57 -60.50 15.70
N TRP V 125 3.83 -59.86 16.85
CA TRP V 125 4.01 -58.42 16.90
C TRP V 125 5.23 -57.99 16.10
N ALA V 126 6.32 -58.75 16.21
CA ALA V 126 7.52 -58.45 15.44
C ALA V 126 7.25 -58.56 13.94
N LEU V 127 6.53 -59.60 13.53
CA LEU V 127 6.22 -59.76 12.10
C LEU V 127 5.32 -58.64 11.60
N LEU V 128 4.31 -58.26 12.39
CA LEU V 128 3.43 -57.16 11.99
C LEU V 128 4.20 -55.85 11.89
N SER V 129 5.09 -55.58 12.85
CA SER V 129 5.86 -54.34 12.80
C SER V 129 6.83 -54.33 11.62
N VAL V 130 7.49 -55.45 11.35
CA VAL V 130 8.46 -55.48 10.26
C VAL V 130 7.76 -55.44 8.90
N LYS V 131 6.50 -55.88 8.83
CA LYS V 131 5.76 -55.71 7.59
C LYS V 131 5.06 -54.35 7.49
N ALA V 132 4.92 -53.65 8.61
CA ALA V 132 4.27 -52.34 8.62
C ALA V 132 5.31 -51.27 8.33
N VAL V 133 5.62 -51.08 7.05
CA VAL V 133 6.60 -50.08 6.62
C VAL V 133 5.96 -49.19 5.56
N GLY V 134 6.12 -47.89 5.74
CA GLY V 134 5.57 -46.94 4.79
C GLY V 134 4.11 -46.63 5.06
N GLY V 135 3.23 -47.25 4.31
CA GLY V 135 1.82 -47.05 4.48
C GLY V 135 1.10 -47.18 3.15
N PHE V 136 -0.07 -46.56 3.08
CA PHE V 136 -0.94 -46.65 1.92
C PHE V 136 -1.19 -45.26 1.37
N TYR V 137 -1.71 -45.21 0.15
CA TYR V 137 -2.24 -43.98 -0.43
C TYR V 137 -3.56 -44.33 -1.10
N ILE V 138 -4.67 -43.93 -0.48
CA ILE V 138 -6.01 -44.27 -0.93
C ILE V 138 -6.63 -43.02 -1.54
N GLY V 139 -7.27 -43.18 -2.69
CA GLY V 139 -7.76 -42.06 -3.46
C GLY V 139 -6.67 -41.48 -4.33
N GLY V 140 -7.02 -40.42 -5.04
CA GLY V 140 -6.07 -39.80 -5.94
C GLY V 140 -5.99 -40.53 -7.27
N LEU V 141 -5.90 -39.76 -8.35
CA LEU V 141 -5.87 -40.25 -9.70
C LEU V 141 -4.53 -39.88 -10.34
N PRO V 142 -4.11 -40.55 -11.43
CA PRO V 142 -2.84 -40.17 -12.07
C PRO V 142 -2.94 -38.81 -12.73
N GLU V 143 -2.99 -37.79 -11.88
CA GLU V 143 -3.31 -36.45 -12.35
C GLU V 143 -2.10 -35.80 -13.01
N ARG V 144 -0.90 -36.32 -12.73
CA ARG V 144 0.32 -35.84 -13.39
C ARG V 144 0.45 -36.31 -14.83
N ARG V 145 -0.28 -37.35 -15.22
CA ARG V 145 -0.06 -37.98 -16.52
C ARG V 145 -0.54 -37.14 -17.70
N GLY V 146 -1.27 -36.06 -17.45
CA GLY V 146 -1.73 -35.23 -18.54
C GLY V 146 -0.86 -34.02 -18.79
N PHE V 147 0.36 -34.03 -18.25
CA PHE V 147 1.26 -32.89 -18.34
C PHE V 147 2.61 -33.35 -18.85
N ARG V 148 3.09 -32.70 -19.90
CA ARG V 148 4.39 -33.01 -20.50
C ARG V 148 5.50 -32.80 -19.47
N LYS V 149 6.60 -33.54 -19.63
CA LYS V 149 7.69 -33.48 -18.68
C LYS V 149 9.00 -33.54 -19.45
N VAL V 150 10.11 -33.68 -18.71
CA VAL V 150 11.43 -33.67 -19.33
C VAL V 150 11.59 -34.89 -20.23
N GLY V 151 12.14 -34.66 -21.42
CA GLY V 151 12.31 -35.74 -22.38
C GLY V 151 11.02 -36.21 -23.02
N GLY V 152 9.97 -35.40 -22.98
CA GLY V 152 8.70 -35.77 -23.57
C GLY V 152 8.05 -36.96 -22.90
N THR V 153 8.04 -36.97 -21.58
CA THR V 153 7.53 -38.09 -20.80
C THR V 153 6.14 -37.74 -20.28
N PHE V 154 5.21 -38.70 -20.43
CA PHE V 154 3.80 -38.52 -20.06
C PHE V 154 3.21 -37.27 -20.72
N TRP V 155 3.45 -37.17 -22.02
CA TRP V 155 3.04 -36.04 -22.87
C TRP V 155 1.61 -35.56 -22.67
N MET W 1 14.11 -65.94 -4.90
CA MET W 1 14.21 -67.12 -4.04
C MET W 1 15.67 -67.47 -3.76
N VAL W 2 15.95 -67.86 -2.53
CA VAL W 2 17.29 -68.26 -2.11
C VAL W 2 17.20 -69.68 -1.57
N ILE W 3 18.00 -70.58 -2.13
CA ILE W 3 18.02 -71.96 -1.68
C ILE W 3 18.81 -72.04 -0.38
N PHE W 4 18.26 -72.73 0.61
CA PHE W 4 18.88 -72.87 1.92
C PHE W 4 19.57 -74.22 1.99
N ASP W 5 20.90 -74.18 2.08
CA ASP W 5 21.67 -75.43 2.27
C ASP W 5 21.88 -75.55 3.78
N GLU W 6 22.46 -76.66 4.23
CA GLU W 6 22.68 -76.90 5.65
C GLU W 6 24.14 -76.94 6.05
N HIS W 7 25.07 -77.20 5.14
CA HIS W 7 26.49 -77.18 5.47
C HIS W 7 26.91 -75.80 5.95
N LYS W 8 26.52 -74.76 5.21
CA LYS W 8 26.86 -73.40 5.59
C LYS W 8 26.25 -73.03 6.93
N PHE W 9 24.98 -73.39 7.15
CA PHE W 9 24.31 -73.06 8.41
C PHE W 9 24.97 -73.77 9.59
N ARG W 10 25.31 -75.04 9.42
CA ARG W 10 25.87 -75.81 10.53
C ARG W 10 27.30 -75.39 10.83
N THR W 11 28.09 -75.08 9.81
CA THR W 11 29.44 -74.57 10.07
C THR W 11 29.41 -73.13 10.57
N LEU W 12 28.35 -72.37 10.27
CA LEU W 12 28.23 -71.02 10.79
C LEU W 12 27.79 -71.01 12.25
N PHE W 13 26.96 -71.97 12.65
CA PHE W 13 26.47 -72.05 14.02
C PHE W 13 26.80 -73.44 14.56
N PRO W 14 27.96 -73.59 15.18
CA PRO W 14 28.34 -74.92 15.72
C PRO W 14 27.42 -75.43 16.79
N GLU W 15 26.68 -74.56 17.50
CA GLU W 15 25.69 -75.04 18.45
C GLU W 15 24.60 -75.85 17.76
N PHE W 16 24.24 -75.50 16.52
CA PHE W 16 23.26 -76.25 15.75
C PHE W 16 23.93 -77.30 14.85
N ALA W 17 24.77 -78.15 15.45
CA ALA W 17 25.52 -79.13 14.67
C ALA W 17 24.92 -80.52 14.71
N ASP W 18 24.15 -80.85 15.75
CA ASP W 18 23.62 -82.20 15.89
C ASP W 18 22.36 -82.36 15.06
N PRO W 19 22.35 -83.26 14.06
CA PRO W 19 21.12 -83.50 13.29
C PRO W 19 19.98 -84.04 14.15
N ALA W 20 20.30 -84.84 15.17
CA ALA W 20 19.26 -85.37 16.06
C ALA W 20 18.57 -84.24 16.83
N ALA W 21 19.34 -83.27 17.30
CA ALA W 21 18.76 -82.16 18.05
C ALA W 21 18.07 -81.18 17.10
N TYR W 22 18.63 -80.96 15.91
CA TYR W 22 18.10 -79.99 14.95
C TYR W 22 17.93 -80.68 13.60
N PRO W 23 16.79 -81.33 13.36
CA PRO W 23 16.59 -82.08 12.11
C PRO W 23 16.64 -81.19 10.88
N ASP W 24 16.64 -81.86 9.71
CA ASP W 24 16.68 -81.17 8.42
C ASP W 24 15.43 -80.33 8.21
N VAL W 25 14.25 -80.93 8.38
CA VAL W 25 13.01 -80.27 8.04
C VAL W 25 12.74 -79.11 9.00
N ARG W 26 13.28 -79.17 10.22
CA ARG W 26 13.14 -78.06 11.16
C ARG W 26 13.84 -76.81 10.62
N LEU W 27 15.10 -76.97 10.22
CA LEU W 27 15.86 -75.85 9.66
C LEU W 27 15.22 -75.34 8.37
N GLN W 28 14.76 -76.26 7.51
CA GLN W 28 14.13 -75.85 6.27
C GLN W 28 12.85 -75.06 6.52
N MET W 29 12.02 -75.53 7.45
CA MET W 29 10.79 -74.83 7.77
C MET W 29 11.05 -73.46 8.36
N TYR W 30 12.07 -73.35 9.23
CA TYR W 30 12.35 -72.04 9.80
C TYR W 30 12.94 -71.10 8.76
N PHE W 31 13.66 -71.61 7.76
CA PHE W 31 14.09 -70.75 6.66
C PHE W 31 12.91 -70.26 5.85
N ASP W 32 11.96 -71.16 5.56
CA ASP W 32 10.75 -70.75 4.85
C ASP W 32 10.00 -69.68 5.63
N ILE W 33 10.00 -69.78 6.96
CA ILE W 33 9.32 -68.79 7.78
C ILE W 33 10.07 -67.46 7.75
N ALA W 34 11.40 -67.50 7.86
CA ALA W 34 12.22 -66.29 7.85
C ALA W 34 12.13 -65.55 6.52
N CYS W 35 11.82 -66.26 5.44
CA CYS W 35 11.57 -65.62 4.15
C CYS W 35 10.43 -64.60 4.23
N GLU W 36 9.47 -64.80 5.14
CA GLU W 36 8.39 -63.84 5.30
C GLU W 36 8.86 -62.55 5.95
N PHE W 37 9.69 -62.64 6.98
CA PHE W 37 10.21 -61.43 7.62
C PHE W 37 11.10 -60.66 6.65
N ILE W 38 12.09 -61.31 6.05
CA ILE W 38 12.91 -60.67 5.03
C ILE W 38 12.72 -61.39 3.71
N SER W 39 12.24 -60.65 2.71
CA SER W 39 12.02 -61.22 1.39
C SER W 39 13.35 -61.59 0.74
N ASP W 40 13.44 -62.81 0.23
CA ASP W 40 14.66 -63.33 -0.37
C ASP W 40 14.76 -63.04 -1.86
N ARG W 41 14.01 -62.06 -2.35
CA ARG W 41 14.12 -61.62 -3.73
C ARG W 41 15.47 -60.95 -3.93
N ASP W 42 16.39 -61.65 -4.60
CA ASP W 42 17.75 -61.16 -4.77
C ASP W 42 17.79 -60.28 -6.01
N SER W 43 18.16 -59.03 -5.83
CA SER W 43 18.28 -58.06 -6.91
C SER W 43 19.58 -57.29 -6.72
N PRO W 44 20.19 -56.81 -7.80
CA PRO W 44 21.43 -56.04 -7.65
C PRO W 44 21.22 -54.59 -7.25
N TYR W 45 19.98 -54.11 -7.24
CA TYR W 45 19.68 -52.75 -6.80
C TYR W 45 19.29 -52.68 -5.34
N ARG W 46 19.14 -53.82 -4.67
CA ARG W 46 18.75 -53.84 -3.26
C ARG W 46 19.95 -53.54 -2.37
N ILE W 47 19.68 -52.95 -1.20
CA ILE W 47 20.74 -52.72 -0.22
C ILE W 47 21.20 -54.02 0.40
N LEU W 48 20.25 -54.92 0.74
CA LEU W 48 20.61 -56.30 1.04
C LEU W 48 20.63 -57.05 -0.28
N ASN W 49 21.84 -57.22 -0.83
CA ASN W 49 22.01 -57.97 -2.06
C ASN W 49 23.07 -59.05 -1.85
N GLY W 50 22.77 -60.24 -2.37
CA GLY W 50 23.71 -61.34 -2.32
C GLY W 50 24.03 -61.77 -0.91
N LYS W 51 25.35 -61.91 -0.66
CA LYS W 51 25.85 -62.58 0.54
C LYS W 51 25.39 -61.91 1.82
N ALA W 52 25.25 -60.58 1.81
CA ALA W 52 24.70 -59.88 2.97
C ALA W 52 23.26 -60.32 3.24
N LEU W 53 22.45 -60.42 2.19
CA LEU W 53 21.06 -60.86 2.35
C LEU W 53 20.99 -62.30 2.85
N GLU W 54 21.82 -63.19 2.30
CA GLU W 54 21.84 -64.57 2.78
C GLU W 54 22.27 -64.64 4.24
N ALA W 55 23.27 -63.84 4.63
CA ALA W 55 23.70 -63.82 6.03
C ALA W 55 22.59 -63.34 6.94
N CYS W 56 21.84 -62.32 6.50
CA CYS W 56 20.72 -61.81 7.30
C CYS W 56 19.65 -62.88 7.49
N LEU W 57 19.32 -63.59 6.41
CA LEU W 57 18.33 -64.67 6.51
C LEU W 57 18.81 -65.78 7.43
N TYR W 58 20.09 -66.15 7.34
CA TYR W 58 20.62 -67.20 8.20
C TYR W 58 20.61 -66.79 9.67
N LEU W 59 20.94 -65.53 9.95
CA LEU W 59 20.88 -65.04 11.32
C LEU W 59 19.46 -65.08 11.86
N LEU W 60 18.47 -64.71 11.03
CA LEU W 60 17.09 -64.78 11.49
C LEU W 60 16.66 -66.21 11.76
N THR W 61 17.10 -67.15 10.91
CA THR W 61 16.75 -68.55 11.15
C THR W 61 17.35 -69.04 12.46
N ALA W 62 18.57 -68.62 12.76
CA ALA W 62 19.18 -68.96 14.05
C ALA W 62 18.38 -68.37 15.19
N HIS W 63 17.91 -67.14 15.04
CA HIS W 63 17.03 -66.51 16.04
C HIS W 63 15.78 -67.34 16.31
N LEU W 64 15.07 -67.71 15.24
CA LEU W 64 13.84 -68.49 15.39
C LEU W 64 14.12 -69.86 15.99
N LEU W 65 15.21 -70.50 15.56
CA LEU W 65 15.56 -71.81 16.11
C LEU W 65 15.92 -71.70 17.59
N SER W 66 16.56 -70.61 17.99
CA SER W 66 16.87 -70.42 19.41
C SER W 66 15.59 -70.28 20.24
N LEU W 67 14.62 -69.51 19.74
CA LEU W 67 13.33 -69.45 20.45
C LEU W 67 12.68 -70.82 20.52
N SER W 68 12.72 -71.57 19.43
CA SER W 68 12.05 -72.87 19.40
C SER W 68 12.71 -73.86 20.35
N THR W 69 14.04 -73.87 20.40
CA THR W 69 14.71 -74.79 21.31
C THR W 69 14.50 -74.37 22.75
N MET W 70 14.42 -73.06 23.02
CA MET W 70 14.04 -72.58 24.34
C MET W 70 12.68 -73.13 24.74
N GLN W 71 11.72 -73.12 23.82
CA GLN W 71 10.36 -73.51 24.16
C GLN W 71 10.24 -75.02 24.34
N VAL W 72 10.84 -75.80 23.43
CA VAL W 72 10.76 -77.25 23.53
C VAL W 72 11.50 -77.76 24.76
N GLN W 73 12.72 -77.28 25.00
CA GLN W 73 13.48 -77.78 26.15
C GLN W 73 12.89 -77.30 27.47
N GLY W 74 12.49 -76.04 27.56
CA GLY W 74 11.92 -75.51 28.79
C GLY W 74 12.98 -74.81 29.64
N ALA W 75 13.14 -75.25 30.88
CA ALA W 75 12.40 -76.32 31.54
C ALA W 75 11.98 -75.92 32.94
N ALA W 76 10.75 -76.26 33.32
CA ALA W 76 10.26 -75.96 34.66
C ALA W 76 10.49 -77.12 35.63
N GLY W 77 9.90 -78.27 35.33
CA GLY W 77 10.06 -79.45 36.15
C GLY W 77 10.30 -80.68 35.31
N GLY W 78 10.95 -80.50 34.17
CA GLY W 78 11.15 -81.56 33.21
C GLY W 78 10.29 -81.48 31.97
N GLY W 79 9.90 -80.28 31.55
CA GLY W 79 9.03 -80.14 30.39
C GLY W 79 8.72 -78.69 30.14
N VAL W 80 7.69 -78.46 29.32
CA VAL W 80 7.26 -77.13 28.94
C VAL W 80 6.19 -76.65 29.92
N THR W 81 6.37 -75.45 30.46
CA THR W 81 5.42 -74.88 31.39
C THR W 81 4.22 -74.27 30.64
N ALA W 82 3.23 -73.85 31.41
CA ALA W 82 2.02 -73.26 30.83
C ALA W 82 2.29 -71.83 30.40
N GLY W 83 1.98 -71.52 29.14
CA GLY W 83 2.23 -70.21 28.58
C GLY W 83 3.62 -70.01 28.03
N GLY W 84 4.50 -71.00 28.14
CA GLY W 84 5.82 -70.93 27.58
C GLY W 84 6.74 -69.94 28.27
N THR W 85 7.96 -69.81 27.77
CA THR W 85 8.93 -68.86 28.28
C THR W 85 9.12 -67.75 27.26
N GLN W 86 9.07 -66.50 27.73
CA GLN W 86 9.12 -65.34 26.85
C GLN W 86 10.56 -64.91 26.61
N GLY W 87 10.79 -64.30 25.45
CA GLY W 87 12.12 -63.82 25.10
C GLY W 87 12.44 -62.48 25.72
N GLY W 88 13.04 -61.60 24.94
CA GLY W 88 13.43 -60.29 25.42
C GLY W 88 14.86 -60.27 25.95
N PHE W 89 15.44 -59.08 25.97
CA PHE W 89 16.82 -58.92 26.40
C PHE W 89 16.89 -58.92 27.93
N ILE W 90 17.81 -59.71 28.47
CA ILE W 90 18.04 -59.78 29.90
C ILE W 90 18.83 -58.54 30.30
N THR W 91 18.15 -57.54 30.86
CA THR W 91 18.83 -56.32 31.28
C THR W 91 19.72 -56.59 32.50
N SER W 92 19.21 -57.33 33.47
CA SER W 92 19.95 -57.63 34.69
C SER W 92 19.65 -59.04 35.14
N ALA W 93 20.68 -59.74 35.61
CA ALA W 93 20.55 -61.09 36.11
C ALA W 93 21.35 -61.24 37.39
N THR W 94 20.96 -62.22 38.20
CA THR W 94 21.63 -62.47 39.47
C THR W 94 21.50 -63.95 39.82
N VAL W 95 22.62 -64.64 39.90
CA VAL W 95 22.66 -66.03 40.32
C VAL W 95 23.61 -66.15 41.50
N GLY W 96 23.08 -66.54 42.66
CA GLY W 96 23.90 -66.64 43.85
C GLY W 96 24.50 -65.31 44.23
N GLU W 97 25.82 -65.29 44.42
CA GLU W 97 26.54 -64.06 44.70
C GLU W 97 26.89 -63.28 43.45
N VAL W 98 26.73 -63.86 42.26
CA VAL W 98 27.11 -63.21 41.02
C VAL W 98 25.94 -62.38 40.52
N SER W 99 26.23 -61.14 40.12
CA SER W 99 25.22 -60.26 39.54
C SER W 99 25.79 -59.57 38.31
N VAL W 100 24.95 -59.43 37.28
CA VAL W 100 25.34 -58.81 36.02
C VAL W 100 24.25 -57.81 35.65
N ALA W 101 24.66 -56.63 35.18
CA ALA W 101 23.74 -55.61 34.72
C ALA W 101 24.24 -55.09 33.38
N LYS W 102 23.47 -55.31 32.32
CA LYS W 102 23.88 -54.97 30.97
C LYS W 102 23.13 -53.74 30.47
N LEU W 103 23.75 -53.03 29.54
CA LEU W 103 23.11 -51.88 28.91
C LEU W 103 21.94 -52.32 28.06
N ALA W 104 20.84 -51.58 28.16
CA ALA W 104 19.65 -51.91 27.38
C ALA W 104 19.83 -51.45 25.93
N PRO W 105 19.35 -52.24 24.96
CA PRO W 105 19.41 -51.82 23.57
C PRO W 105 18.45 -50.67 23.33
N PRO W 106 18.69 -49.85 22.30
CA PRO W 106 17.73 -48.78 21.96
C PRO W 106 16.55 -49.28 21.14
N ALA W 107 15.82 -50.24 21.70
CA ALA W 107 14.70 -50.86 21.02
C ALA W 107 13.50 -49.91 21.08
N LYS W 108 13.26 -49.21 19.98
CA LYS W 108 12.14 -48.29 19.86
C LYS W 108 10.93 -48.92 19.20
N ASN W 109 11.01 -50.21 18.89
CA ASN W 109 9.97 -50.87 18.09
C ASN W 109 9.93 -52.34 18.50
N GLY W 110 8.76 -52.96 18.29
CA GLY W 110 8.59 -54.35 18.65
C GLY W 110 9.49 -55.29 17.88
N TRP W 111 9.71 -54.99 16.60
CA TRP W 111 10.62 -55.79 15.77
C TRP W 111 12.03 -55.72 16.30
N GLN W 112 12.50 -54.52 16.64
CA GLN W 112 13.85 -54.36 17.19
C GLN W 112 13.98 -55.04 18.54
N TRP W 113 12.95 -54.95 19.39
CA TRP W 113 12.99 -55.59 20.69
C TRP W 113 13.04 -57.12 20.56
N TRP W 114 12.21 -57.67 19.67
CA TRP W 114 12.21 -59.12 19.44
C TRP W 114 13.55 -59.57 18.89
N LEU W 115 14.16 -58.76 18.01
CA LEU W 115 15.48 -59.10 17.50
C LEU W 115 16.52 -59.09 18.63
N SER W 116 16.52 -58.03 19.44
CA SER W 116 17.49 -57.92 20.53
C SER W 116 17.28 -58.99 21.59
N GLY W 117 16.11 -59.65 21.60
CA GLY W 117 15.87 -60.74 22.54
C GLY W 117 16.91 -61.85 22.50
N THR W 118 17.49 -62.12 21.34
CA THR W 118 18.50 -63.18 21.20
C THR W 118 19.74 -62.64 20.52
N PRO W 119 20.91 -63.22 20.82
CA PRO W 119 22.16 -62.74 20.20
C PRO W 119 22.21 -62.84 18.68
N TYR W 120 21.61 -63.89 18.08
CA TYR W 120 21.56 -63.94 16.62
C TYR W 120 20.72 -62.80 16.06
N GLY W 121 19.57 -62.54 16.69
CA GLY W 121 18.77 -61.40 16.31
C GLY W 121 19.48 -60.08 16.54
N GLN W 122 20.36 -60.02 17.55
CA GLN W 122 21.16 -58.82 17.77
C GLN W 122 22.11 -58.57 16.60
N GLU W 123 22.76 -59.62 16.11
CA GLU W 123 23.64 -59.47 14.96
C GLU W 123 22.85 -59.11 13.71
N LEU W 124 21.65 -59.70 13.54
CA LEU W 124 20.79 -59.35 12.42
C LEU W 124 20.38 -57.89 12.49
N TRP W 125 20.01 -57.41 13.68
CA TRP W 125 19.65 -56.01 13.86
C TRP W 125 20.82 -55.10 13.56
N ALA W 126 22.02 -55.48 13.99
CA ALA W 126 23.21 -54.69 13.70
C ALA W 126 23.47 -54.61 12.20
N LEU W 127 23.32 -55.74 11.49
CA LEU W 127 23.50 -55.74 10.05
C LEU W 127 22.48 -54.84 9.36
N LEU W 128 21.21 -54.96 9.76
CA LEU W 128 20.17 -54.13 9.16
C LEU W 128 20.41 -52.65 9.42
N SER W 129 20.80 -52.29 10.65
CA SER W 129 21.05 -50.89 10.96
C SER W 129 22.25 -50.35 10.19
N VAL W 130 23.33 -51.13 10.12
CA VAL W 130 24.53 -50.64 9.44
C VAL W 130 24.31 -50.56 7.93
N LYS W 131 23.41 -51.38 7.38
CA LYS W 131 23.06 -51.24 5.97
C LYS W 131 22.00 -50.17 5.74
N ALA W 132 21.29 -49.77 6.78
CA ALA W 132 20.21 -48.79 6.64
C ALA W 132 20.75 -47.39 6.92
N VAL W 133 21.46 -46.85 5.95
CA VAL W 133 21.99 -45.50 6.02
C VAL W 133 21.64 -44.78 4.73
N GLY W 134 21.23 -43.51 4.86
CA GLY W 134 20.79 -42.75 3.71
C GLY W 134 19.31 -42.88 3.46
N GLY W 135 18.93 -43.73 2.51
CA GLY W 135 17.54 -43.97 2.18
C GLY W 135 17.36 -44.09 0.69
N PHE W 136 16.11 -44.02 0.26
CA PHE W 136 15.75 -44.13 -1.15
C PHE W 136 15.28 -42.78 -1.68
N TYR W 137 14.87 -42.79 -2.94
CA TYR W 137 14.19 -41.64 -3.54
C TYR W 137 13.31 -42.17 -4.66
N ILE W 138 12.01 -42.17 -4.44
CA ILE W 138 11.05 -42.74 -5.38
C ILE W 138 10.48 -41.63 -6.24
N GLY W 139 10.21 -41.93 -7.50
CA GLY W 139 9.73 -40.92 -8.42
C GLY W 139 10.84 -39.98 -8.84
N GLY W 140 10.43 -38.87 -9.44
CA GLY W 140 11.37 -37.87 -9.88
C GLY W 140 12.03 -38.22 -11.20
N LEU W 141 12.26 -37.20 -12.03
CA LEU W 141 12.83 -37.34 -13.36
C LEU W 141 14.04 -36.42 -13.49
N PRO W 142 14.97 -36.70 -14.41
CA PRO W 142 16.16 -35.83 -14.55
C PRO W 142 15.79 -34.47 -15.11
N GLU W 143 15.16 -33.64 -14.28
CA GLU W 143 14.70 -32.34 -14.73
C GLU W 143 15.87 -31.39 -15.03
N ARG W 144 16.98 -31.54 -14.30
CA ARG W 144 18.10 -30.63 -14.46
C ARG W 144 18.84 -30.84 -15.77
N ARG W 145 18.65 -31.98 -16.43
CA ARG W 145 19.40 -32.28 -17.65
C ARG W 145 18.94 -31.47 -18.84
N GLY W 146 17.82 -30.75 -18.74
CA GLY W 146 17.34 -29.89 -19.78
C GLY W 146 17.71 -28.42 -19.63
N PHE W 147 18.56 -28.08 -18.66
CA PHE W 147 18.91 -26.69 -18.40
C PHE W 147 20.42 -26.54 -18.39
N ARG W 148 20.92 -25.59 -19.17
CA ARG W 148 22.36 -25.38 -19.29
C ARG W 148 22.96 -24.91 -17.96
N LYS W 149 24.23 -25.27 -17.75
CA LYS W 149 24.91 -25.06 -16.49
C LYS W 149 26.32 -24.55 -16.76
N VAL W 150 27.11 -24.41 -15.68
CA VAL W 150 28.46 -23.90 -15.80
C VAL W 150 29.32 -24.88 -16.59
N GLY W 151 30.17 -24.34 -17.46
CA GLY W 151 31.12 -25.15 -18.20
C GLY W 151 30.55 -25.96 -19.33
N GLY W 152 29.38 -25.59 -19.84
CA GLY W 152 28.76 -26.33 -20.93
C GLY W 152 28.37 -27.73 -20.52
N THR W 153 27.74 -27.86 -19.36
CA THR W 153 27.37 -29.15 -18.81
C THR W 153 25.85 -29.30 -18.83
N PHE W 154 25.38 -30.42 -19.39
CA PHE W 154 23.96 -30.76 -19.47
C PHE W 154 23.17 -29.64 -20.13
N TRP W 155 23.55 -29.32 -21.37
CA TRP W 155 22.95 -28.19 -22.09
C TRP W 155 21.43 -28.32 -22.23
N MET X 1 37.95 -55.86 -3.16
CA MET X 1 38.21 -57.01 -2.30
C MET X 1 39.56 -56.89 -1.60
N VAL X 2 39.61 -57.32 -0.34
CA VAL X 2 40.84 -57.35 0.45
C VAL X 2 41.07 -58.78 0.90
N ILE X 3 42.26 -59.29 0.63
CA ILE X 3 42.59 -60.66 1.01
C ILE X 3 42.87 -60.72 2.51
N PHE X 4 42.46 -61.82 3.14
CA PHE X 4 42.61 -62.00 4.57
C PHE X 4 43.78 -62.97 4.83
N ASP X 5 44.76 -62.45 5.55
CA ASP X 5 45.95 -63.27 5.86
C ASP X 5 45.83 -63.83 7.27
N GLU X 6 46.79 -64.66 7.67
CA GLU X 6 46.83 -65.29 8.98
C GLU X 6 47.78 -64.61 9.95
N HIS X 7 48.97 -64.24 9.48
CA HIS X 7 50.04 -63.82 10.37
C HIS X 7 49.70 -62.51 11.06
N LYS X 8 49.20 -61.54 10.29
CA LYS X 8 48.84 -60.24 10.87
C LYS X 8 47.74 -60.39 11.91
N PHE X 9 46.70 -61.17 11.60
CA PHE X 9 45.60 -61.36 12.53
C PHE X 9 46.06 -62.06 13.81
N ARG X 10 46.87 -63.12 13.67
CA ARG X 10 47.25 -63.89 14.85
C ARG X 10 48.25 -63.16 15.71
N THR X 11 49.14 -62.35 15.12
CA THR X 11 50.02 -61.52 15.94
C THR X 11 49.29 -60.32 16.52
N LEU X 12 48.23 -59.85 15.86
CA LEU X 12 47.46 -58.74 16.40
C LEU X 12 46.57 -59.17 17.56
N PHE X 13 46.09 -60.41 17.55
CA PHE X 13 45.24 -60.93 18.61
C PHE X 13 45.81 -62.26 19.12
N PRO X 14 46.69 -62.21 20.13
CA PRO X 14 47.27 -63.45 20.67
C PRO X 14 46.25 -64.37 21.31
N GLU X 15 45.09 -63.86 21.71
CA GLU X 15 44.03 -64.75 22.18
C GLU X 15 43.60 -65.72 21.08
N PHE X 16 43.63 -65.27 19.83
CA PHE X 16 43.30 -66.13 18.70
C PHE X 16 44.56 -66.73 18.07
N ALA X 17 45.40 -67.38 18.87
CA ALA X 17 46.67 -67.89 18.38
C ALA X 17 46.70 -69.39 18.15
N ASP X 18 45.84 -70.15 18.83
CA ASP X 18 45.87 -71.60 18.72
C ASP X 18 45.03 -72.05 17.52
N PRO X 19 45.67 -72.66 16.51
CA PRO X 19 44.88 -73.13 15.35
C PRO X 19 43.88 -74.21 15.69
N ALA X 20 44.21 -75.09 16.65
CA ALA X 20 43.29 -76.15 17.03
C ALA X 20 42.03 -75.59 17.67
N ALA X 21 42.19 -74.59 18.54
CA ALA X 21 41.02 -73.98 19.16
C ALA X 21 40.26 -73.09 18.19
N TYR X 22 40.97 -72.33 17.36
CA TYR X 22 40.35 -71.41 16.39
C TYR X 22 40.84 -71.78 14.99
N PRO X 23 40.08 -72.60 14.26
CA PRO X 23 40.54 -73.06 12.93
C PRO X 23 40.71 -71.97 11.89
N ASP X 24 41.17 -72.37 10.70
CA ASP X 24 41.48 -71.43 9.62
C ASP X 24 40.23 -71.01 8.86
N VAL X 25 39.44 -71.98 8.40
CA VAL X 25 38.23 -71.66 7.64
C VAL X 25 37.24 -70.88 8.48
N ARG X 26 37.31 -71.01 9.81
CA ARG X 26 36.47 -70.21 10.68
C ARG X 26 36.82 -68.74 10.55
N LEU X 27 38.12 -68.42 10.64
CA LEU X 27 38.57 -67.03 10.49
C LEU X 27 38.26 -66.50 9.10
N GLN X 28 38.46 -67.33 8.08
CA GLN X 28 38.19 -66.89 6.71
C GLN X 28 36.70 -66.59 6.52
N MET X 29 35.83 -67.47 7.04
CA MET X 29 34.39 -67.26 6.94
C MET X 29 33.96 -66.00 7.67
N TYR X 30 34.55 -65.75 8.85
CA TYR X 30 34.16 -64.56 9.58
C TYR X 30 34.68 -63.29 8.92
N PHE X 31 35.82 -63.36 8.22
CA PHE X 31 36.24 -62.22 7.41
C PHE X 31 35.29 -61.98 6.26
N ASP X 32 34.85 -63.05 5.58
CA ASP X 32 33.87 -62.89 4.52
C ASP X 32 32.57 -62.28 5.04
N ILE X 33 32.19 -62.63 6.27
CA ILE X 33 30.98 -62.06 6.86
C ILE X 33 31.19 -60.58 7.20
N ALA X 34 32.34 -60.24 7.79
CA ALA X 34 32.63 -58.85 8.11
C ALA X 34 32.73 -57.98 6.86
N CYS X 35 33.07 -58.59 5.72
CA CYS X 35 33.01 -57.89 4.44
C CYS X 35 31.59 -57.43 4.13
N GLU X 36 30.58 -58.13 4.63
CA GLU X 36 29.21 -57.70 4.41
C GLU X 36 28.88 -56.46 5.25
N PHE X 37 29.33 -56.44 6.50
CA PHE X 37 29.06 -55.29 7.35
C PHE X 37 29.80 -54.05 6.86
N ILE X 38 31.10 -54.16 6.61
CA ILE X 38 31.88 -53.06 6.04
C ILE X 38 32.39 -53.49 4.68
N SER X 39 32.04 -52.72 3.64
CA SER X 39 32.48 -53.03 2.30
C SER X 39 33.98 -52.86 2.18
N ASP X 40 34.65 -53.89 1.66
CA ASP X 40 36.09 -53.91 1.53
C ASP X 40 36.59 -53.32 0.21
N ARG X 41 35.71 -52.68 -0.55
CA ARG X 41 36.11 -52.00 -1.78
C ARG X 41 37.06 -50.86 -1.45
N ASP X 42 38.33 -51.03 -1.81
CA ASP X 42 39.35 -50.06 -1.44
C ASP X 42 39.45 -49.03 -2.56
N SER X 43 39.31 -47.76 -2.19
CA SER X 43 39.41 -46.64 -3.10
C SER X 43 40.21 -45.54 -2.41
N PRO X 44 40.92 -44.70 -3.17
CA PRO X 44 41.70 -43.63 -2.55
C PRO X 44 40.88 -42.42 -2.14
N TYR X 45 39.60 -42.36 -2.52
CA TYR X 45 38.73 -41.27 -2.13
C TYR X 45 37.88 -41.59 -0.90
N ARG X 46 37.94 -42.82 -0.41
CA ARG X 46 37.15 -43.21 0.75
C ARG X 46 37.74 -42.62 2.03
N ILE X 47 36.86 -42.37 3.01
CA ILE X 47 37.33 -41.98 4.34
C ILE X 47 38.10 -43.12 4.98
N LEU X 48 37.56 -44.34 4.89
CA LEU X 48 38.29 -45.55 5.29
C LEU X 48 39.01 -46.07 4.07
N ASN X 49 40.33 -45.84 4.01
CA ASN X 49 41.12 -46.29 2.88
C ASN X 49 42.39 -46.97 3.39
N GLY X 50 42.84 -47.97 2.65
CA GLY X 50 44.06 -48.67 2.96
C GLY X 50 44.00 -49.42 4.28
N LYS X 51 45.11 -49.34 5.02
CA LYS X 51 45.28 -50.11 6.24
C LYS X 51 44.31 -49.72 7.34
N ALA X 52 43.73 -48.51 7.30
CA ALA X 52 42.66 -48.19 8.23
C ALA X 52 41.43 -49.06 7.99
N LEU X 53 41.03 -49.20 6.72
CA LEU X 53 39.93 -50.10 6.37
C LEU X 53 40.27 -51.54 6.70
N GLU X 54 41.53 -51.93 6.45
CA GLU X 54 41.95 -53.30 6.78
C GLU X 54 41.84 -53.56 8.28
N ALA X 55 42.29 -52.61 9.10
CA ALA X 55 42.21 -52.76 10.55
C ALA X 55 40.76 -52.80 11.01
N CYS X 56 39.90 -51.99 10.39
CA CYS X 56 38.47 -52.00 10.72
C CYS X 56 37.87 -53.38 10.46
N LEU X 57 38.17 -53.95 9.29
CA LEU X 57 37.67 -55.27 8.96
C LEU X 57 38.19 -56.32 9.93
N TYR X 58 39.49 -56.29 10.24
CA TYR X 58 40.07 -57.27 11.13
C TYR X 58 39.46 -57.19 12.53
N LEU X 59 39.23 -55.97 13.03
CA LEU X 59 38.59 -55.82 14.33
C LEU X 59 37.17 -56.36 14.31
N LEU X 60 36.45 -56.19 13.19
CA LEU X 60 35.11 -56.75 13.13
C LEU X 60 35.13 -58.28 13.13
N THR X 61 36.08 -58.89 12.40
CA THR X 61 36.20 -60.35 12.47
C THR X 61 36.55 -60.81 13.88
N ALA X 62 37.39 -60.05 14.58
CA ALA X 62 37.69 -60.38 15.97
C ALA X 62 36.44 -60.31 16.83
N HIS X 63 35.60 -59.28 16.61
CA HIS X 63 34.33 -59.15 17.32
C HIS X 63 33.43 -60.37 17.09
N LEU X 64 33.23 -60.73 15.82
CA LEU X 64 32.37 -61.86 15.48
C LEU X 64 32.91 -63.16 16.04
N LEU X 65 34.23 -63.35 15.96
CA LEU X 65 34.86 -64.57 16.47
C LEU X 65 34.73 -64.66 17.99
N SER X 66 34.87 -63.54 18.69
CA SER X 66 34.70 -63.55 20.14
C SER X 66 33.27 -63.90 20.52
N LEU X 67 32.29 -63.33 19.82
CA LEU X 67 30.90 -63.70 20.10
C LEU X 67 30.64 -65.18 19.84
N SER X 68 31.16 -65.69 18.72
CA SER X 68 30.95 -67.09 18.37
C SER X 68 31.62 -68.04 19.37
N THR X 69 32.84 -67.73 19.81
CA THR X 69 33.49 -68.59 20.79
C THR X 69 32.81 -68.50 22.15
N MET X 70 32.22 -67.35 22.47
CA MET X 70 31.38 -67.24 23.67
C MET X 70 30.18 -68.19 23.56
N GLN X 71 29.55 -68.21 22.38
CA GLN X 71 28.41 -69.09 22.14
C GLN X 71 28.82 -70.55 22.30
N VAL X 72 29.95 -70.92 21.71
CA VAL X 72 30.37 -72.33 21.67
C VAL X 72 30.76 -72.80 23.07
N GLN X 73 31.56 -72.00 23.79
CA GLN X 73 31.99 -72.42 25.12
C GLN X 73 30.84 -72.41 26.11
N GLY X 74 30.01 -71.39 26.09
CA GLY X 74 28.89 -71.30 27.04
C GLY X 74 29.28 -70.53 28.28
N ALA X 75 29.17 -71.17 29.45
CA ALA X 75 28.73 -72.55 29.68
C ALA X 75 27.71 -72.61 30.82
N ALA X 76 26.71 -73.48 30.67
CA ALA X 76 25.71 -73.67 31.72
C ALA X 76 26.06 -74.85 32.62
N GLY X 77 26.15 -76.04 32.06
CA GLY X 77 26.52 -77.23 32.82
C GLY X 77 27.50 -78.09 32.05
N GLY X 78 28.35 -77.45 31.26
CA GLY X 78 29.26 -78.15 30.38
C GLY X 78 28.88 -78.11 28.92
N GLY X 79 28.22 -77.05 28.46
CA GLY X 79 27.78 -76.98 27.08
C GLY X 79 27.05 -75.69 26.81
N VAL X 80 26.39 -75.65 25.67
CA VAL X 80 25.63 -74.47 25.25
C VAL X 80 24.21 -74.57 25.78
N THR X 81 23.75 -73.51 26.42
CA THR X 81 22.40 -73.46 26.95
C THR X 81 21.39 -73.16 25.84
N ALA X 82 20.11 -73.28 26.19
CA ALA X 82 19.04 -73.05 25.22
C ALA X 82 18.94 -71.57 24.89
N GLY X 83 19.01 -71.25 23.60
CA GLY X 83 18.94 -69.88 23.14
C GLY X 83 20.23 -69.11 23.21
N GLY X 84 21.33 -69.75 23.60
CA GLY X 84 22.62 -69.09 23.68
C GLY X 84 22.70 -68.02 24.74
N THR X 85 23.82 -67.30 24.77
CA THR X 85 24.03 -66.20 25.68
C THR X 85 24.16 -64.90 24.89
N GLN X 86 23.45 -63.87 25.33
CA GLN X 86 23.40 -62.61 24.61
C GLN X 86 24.59 -61.73 24.96
N GLY X 87 24.94 -60.85 24.01
CA GLY X 87 26.06 -59.95 24.19
C GLY X 87 25.69 -58.69 24.95
N GLY X 88 26.10 -57.54 24.44
CA GLY X 88 25.84 -56.28 25.09
C GLY X 88 26.93 -55.89 26.07
N PHE X 89 26.94 -54.61 26.43
CA PHE X 89 27.95 -54.06 27.33
C PHE X 89 27.53 -54.26 28.78
N ILE X 90 28.40 -54.88 29.57
CA ILE X 90 28.13 -55.11 30.99
C ILE X 90 28.33 -53.78 31.70
N THR X 91 27.22 -53.13 32.07
CA THR X 91 27.31 -51.87 32.79
C THR X 91 27.83 -52.06 34.20
N SER X 92 27.30 -53.05 34.92
CA SER X 92 27.68 -53.31 36.29
C SER X 92 27.76 -54.81 36.52
N ALA X 93 28.80 -55.23 37.25
CA ALA X 93 29.00 -56.63 37.60
C ALA X 93 29.37 -56.73 39.07
N THR X 94 29.10 -57.89 39.65
CA THR X 94 29.40 -58.13 41.06
C THR X 94 29.71 -59.62 41.24
N VAL X 95 30.91 -59.91 41.73
CA VAL X 95 31.31 -61.28 42.04
C VAL X 95 31.83 -61.29 43.47
N GLY X 96 31.18 -62.06 44.34
CA GLY X 96 31.56 -62.12 45.73
C GLY X 96 31.46 -60.75 46.39
N GLU X 97 32.55 -60.34 47.03
CA GLU X 97 32.62 -59.02 47.64
C GLU X 97 33.06 -57.94 46.65
N VAL X 98 33.50 -58.32 45.45
CA VAL X 98 33.99 -57.36 44.46
C VAL X 98 32.81 -56.88 43.62
N SER X 99 32.76 -55.58 43.37
CA SER X 99 31.73 -54.99 42.53
C SER X 99 32.33 -53.90 41.66
N VAL X 100 31.94 -53.88 40.39
CA VAL X 100 32.43 -52.90 39.42
C VAL X 100 31.24 -52.30 38.71
N ALA X 101 31.29 -51.00 38.45
CA ALA X 101 30.28 -50.31 37.65
C ALA X 101 30.99 -49.46 36.62
N LYS X 102 30.58 -49.60 35.36
CA LYS X 102 31.23 -48.94 34.24
C LYS X 102 30.28 -47.95 33.57
N LEU X 103 30.86 -46.93 32.96
CA LEU X 103 30.06 -45.93 32.25
C LEU X 103 29.45 -46.55 31.01
N ALA X 104 28.16 -46.26 30.79
CA ALA X 104 27.46 -46.79 29.63
C ALA X 104 27.89 -46.04 28.38
N PRO X 105 28.14 -46.74 27.27
CA PRO X 105 28.48 -46.06 26.02
C PRO X 105 27.30 -45.29 25.49
N PRO X 106 27.54 -44.24 24.70
CA PRO X 106 26.41 -43.52 24.08
C PRO X 106 25.87 -44.25 22.87
N ALA X 107 25.28 -45.42 23.12
CA ALA X 107 24.77 -46.29 22.05
C ALA X 107 23.35 -45.85 21.71
N LYS X 108 23.25 -44.95 20.73
CA LYS X 108 21.96 -44.44 20.28
C LYS X 108 21.36 -45.29 19.17
N ASN X 109 22.03 -46.37 18.77
CA ASN X 109 21.61 -47.14 17.62
C ASN X 109 21.99 -48.60 17.87
N GLY X 110 21.24 -49.51 17.26
CA GLY X 110 21.48 -50.93 17.48
C GLY X 110 22.85 -51.38 17.01
N TRP X 111 23.35 -50.80 15.92
CA TRP X 111 24.68 -51.14 15.43
C TRP X 111 25.75 -50.78 16.45
N GLN X 112 25.66 -49.58 17.02
CA GLN X 112 26.61 -49.16 18.04
C GLN X 112 26.48 -50.00 19.31
N TRP X 113 25.24 -50.33 19.70
CA TRP X 113 25.04 -51.15 20.89
C TRP X 113 25.62 -52.54 20.70
N TRP X 114 25.44 -53.13 19.52
CA TRP X 114 26.04 -54.43 19.24
C TRP X 114 27.56 -54.35 19.22
N LEU X 115 28.10 -53.26 18.68
CA LEU X 115 29.54 -53.07 18.65
C LEU X 115 30.12 -52.99 20.06
N SER X 116 29.41 -52.31 20.97
CA SER X 116 29.93 -52.10 22.31
C SER X 116 30.04 -53.38 23.14
N GLY X 117 29.47 -54.49 22.66
CA GLY X 117 29.47 -55.71 23.46
C GLY X 117 30.85 -56.29 23.72
N THR X 118 31.76 -56.16 22.77
CA THR X 118 33.10 -56.72 22.90
C THR X 118 34.13 -55.62 22.69
N PRO X 119 35.33 -55.75 23.29
CA PRO X 119 36.36 -54.72 23.10
C PRO X 119 36.79 -54.52 21.65
N TYR X 120 36.78 -55.58 20.85
CA TYR X 120 37.10 -55.44 19.43
C TYR X 120 36.06 -54.59 18.73
N GLY X 121 34.79 -54.79 19.07
CA GLY X 121 33.75 -53.92 18.56
C GLY X 121 33.89 -52.49 19.07
N GLN X 122 34.36 -52.31 20.30
CA GLN X 122 34.62 -50.96 20.80
C GLN X 122 35.78 -50.32 20.03
N GLU X 123 36.81 -51.11 19.72
CA GLU X 123 37.88 -50.66 18.81
C GLU X 123 37.31 -50.17 17.48
N LEU X 124 36.46 -51.00 16.86
CA LEU X 124 35.87 -50.66 15.56
C LEU X 124 35.02 -49.39 15.66
N TRP X 125 34.21 -49.29 16.71
CA TRP X 125 33.35 -48.14 16.89
C TRP X 125 34.16 -46.86 17.09
N ALA X 126 35.23 -46.95 17.88
CA ALA X 126 36.08 -45.79 18.10
C ALA X 126 36.76 -45.35 16.81
N LEU X 127 37.25 -46.30 16.01
CA LEU X 127 37.89 -45.95 14.75
C LEU X 127 36.90 -45.30 13.79
N LEU X 128 35.69 -45.87 13.68
CA LEU X 128 34.67 -45.28 12.81
C LEU X 128 34.27 -43.88 13.29
N SER X 129 34.13 -43.71 14.61
CA SER X 129 33.73 -42.42 15.15
C SER X 129 34.81 -41.37 14.92
N VAL X 130 36.08 -41.73 15.11
CA VAL X 130 37.15 -40.76 14.89
C VAL X 130 37.33 -40.47 13.40
N LYS X 131 36.95 -41.39 12.52
CA LYS X 131 36.99 -41.10 11.10
C LYS X 131 35.75 -40.34 10.62
N ALA X 132 34.67 -40.34 11.40
CA ALA X 132 33.43 -39.68 11.02
C ALA X 132 33.48 -38.22 11.45
N VAL X 133 33.96 -37.35 10.57
CA VAL X 133 33.98 -35.91 10.81
C VAL X 133 33.59 -35.20 9.51
N GLY X 134 32.78 -34.16 9.64
CA GLY X 134 32.42 -33.38 8.47
C GLY X 134 31.33 -34.07 7.69
N GLY X 135 31.71 -34.77 6.64
CA GLY X 135 30.75 -35.51 5.84
C GLY X 135 31.10 -35.47 4.37
N PHE X 136 30.09 -35.60 3.52
CA PHE X 136 30.29 -35.62 2.08
C PHE X 136 29.39 -34.56 1.44
N TYR X 137 29.78 -34.12 0.26
CA TYR X 137 28.97 -33.20 -0.54
C TYR X 137 28.85 -33.80 -1.92
N ILE X 138 27.66 -34.32 -2.24
CA ILE X 138 27.41 -35.05 -3.48
C ILE X 138 26.56 -34.18 -4.39
N GLY X 139 26.93 -34.12 -5.66
CA GLY X 139 26.33 -33.19 -6.58
C GLY X 139 26.96 -31.81 -6.48
N GLY X 140 26.44 -30.89 -7.27
CA GLY X 140 26.95 -29.54 -7.26
C GLY X 140 28.13 -29.34 -8.18
N LEU X 141 28.04 -28.32 -9.02
CA LEU X 141 29.06 -27.97 -10.00
C LEU X 141 29.79 -26.71 -9.57
N PRO X 142 31.03 -26.49 -10.04
CA PRO X 142 31.74 -25.27 -9.65
C PRO X 142 31.15 -24.02 -10.28
N GLU X 143 29.99 -23.60 -9.76
CA GLU X 143 29.32 -22.41 -10.28
C GLU X 143 30.13 -21.15 -10.02
N ARG X 144 30.90 -21.12 -8.94
CA ARG X 144 31.67 -19.94 -8.59
C ARG X 144 32.85 -19.71 -9.53
N ARG X 145 33.23 -20.71 -10.33
CA ARG X 145 34.39 -20.56 -11.20
C ARG X 145 34.10 -19.73 -12.45
N GLY X 146 32.84 -19.37 -12.68
CA GLY X 146 32.48 -18.51 -13.79
C GLY X 146 32.24 -17.06 -13.44
N PHE X 147 32.52 -16.65 -12.21
CA PHE X 147 32.24 -15.29 -11.76
C PHE X 147 33.52 -14.67 -11.23
N ARG X 148 33.86 -13.48 -11.73
CA ARG X 148 35.07 -12.81 -11.32
C ARG X 148 35.00 -12.39 -9.86
N LYS X 149 36.15 -12.45 -9.18
CA LYS X 149 36.21 -12.23 -7.74
C LYS X 149 37.36 -11.27 -7.44
N VAL X 150 37.59 -11.06 -6.15
CA VAL X 150 38.60 -10.10 -5.70
C VAL X 150 39.99 -10.54 -6.18
N GLY X 151 40.76 -9.56 -6.67
CA GLY X 151 42.10 -9.84 -7.16
C GLY X 151 42.16 -10.58 -8.46
N GLY X 152 41.09 -10.57 -9.26
CA GLY X 152 41.07 -11.25 -10.53
C GLY X 152 41.17 -12.76 -10.43
N THR X 153 40.41 -13.34 -9.51
CA THR X 153 40.43 -14.78 -9.27
C THR X 153 39.20 -15.42 -9.88
N PHE X 154 39.41 -16.50 -10.63
CA PHE X 154 38.35 -17.24 -11.31
C PHE X 154 37.50 -16.32 -12.17
N TRP X 155 38.15 -15.66 -13.12
CA TRP X 155 37.50 -14.65 -13.96
C TRP X 155 36.28 -15.18 -14.70
#